data_8QX4
#
_entry.id   8QX4
#
_cell.length_a   1.00
_cell.length_b   1.00
_cell.length_c   1.00
_cell.angle_alpha   90.00
_cell.angle_beta   90.00
_cell.angle_gamma   90.00
#
_symmetry.space_group_name_H-M   'P 1'
#
loop_
_entity.id
_entity.type
_entity.pdbx_description
1 polymer Flagellin
2 branched 6-deoxy-6-sulfo-beta-D-glucopyranose-(1-3)-[alpha-D-mannopyranose-(1-4)][alpha-D-mannopyranose-(1-6)]2-acetamido-2-deoxy-beta-D-glucopyranose-(1-4)-2-acetamido-2-deoxy-beta-D-glucopyranose
3 branched beta-D-glucopyranose-(1-4)-6-deoxy-6-sulfo-beta-D-glucopyranose-(1-3)-[alpha-D-mannopyranose-(1-4)][alpha-D-mannopyranose-(1-6)]2-acetamido-2-deoxy-beta-D-glucopyranose-(1-4)-2-acetamido-2-deoxy-beta-D-glucopyranose
4 branched 2-acetamido-2-deoxy-beta-D-glucopyranose-(1-4)-2-acetamido-2-deoxy-beta-D-glucopyranose
#
_entity_poly.entity_id   1
_entity_poly.type   'polypeptide(L)'
_entity_poly.pdbx_seq_one_letter_code
;LAGLDTAIILIAFIITAAVLAYVAVNMGLFVTQKAKTTINKGEETASTALSLSGNVLYAVNYPTNTKSYWMYFTVSPSSG
VSSVDLSPSTTAISFTAASRGVSLSNIYQFSLLSVLPSQVNNKVQVKLGTSIINLTLAFSSNSAGQTYVYYSDPNYALLA
LNYTLGQEVKGGQLTSSPLYIISNTSIVASKPWLKNDNVFTFNISVNGTEVEYYAYVNKTFAFTYPVSGFPLAGSDIAPA
GSVIGVMILFGPGEATNVFQYETVTIQITPNIGSPLTISQYIYQPDGKVTVIG
;
_entity_poly.pdbx_strand_id   H,A,B,C,D,E,F,G,I,J,K,L,M,N,O,P,Q,R,S,T
#
# COMPACT_ATOMS: atom_id res chain seq x y z
N LEU A 1 50.08 -21.75 -70.81
CA LEU A 1 50.67 -20.57 -70.08
C LEU A 1 49.83 -20.21 -68.85
N ALA A 2 48.60 -19.72 -69.05
CA ALA A 2 47.79 -19.20 -67.95
C ALA A 2 47.26 -20.31 -67.04
N GLY A 3 47.32 -21.58 -67.47
CA GLY A 3 46.82 -22.71 -66.69
C GLY A 3 47.69 -23.08 -65.49
N LEU A 4 48.66 -22.21 -65.12
CA LEU A 4 49.61 -22.49 -64.06
C LEU A 4 49.71 -21.32 -63.07
N ASP A 5 49.97 -20.10 -63.55
CA ASP A 5 50.10 -18.92 -62.69
C ASP A 5 48.82 -18.68 -61.89
N THR A 6 47.66 -18.83 -62.55
CA THR A 6 46.34 -18.77 -61.93
C THR A 6 46.16 -19.81 -60.82
N ALA A 7 46.65 -21.04 -61.05
CA ALA A 7 46.52 -22.15 -60.10
C ALA A 7 47.30 -21.87 -58.81
N ILE A 8 48.49 -21.27 -58.93
CA ILE A 8 49.33 -20.88 -57.81
C ILE A 8 48.61 -19.83 -56.94
N ILE A 9 48.04 -18.80 -57.58
CA ILE A 9 47.33 -17.75 -56.85
C ILE A 9 46.10 -18.31 -56.15
N LEU A 10 45.37 -19.24 -56.81
CA LEU A 10 44.26 -19.94 -56.21
C LEU A 10 44.70 -20.67 -54.92
N ILE A 11 45.78 -21.47 -54.99
CA ILE A 11 46.34 -22.16 -53.83
C ILE A 11 46.57 -21.17 -52.66
N ALA A 12 47.25 -20.05 -52.95
CA ALA A 12 47.58 -19.03 -51.97
C ALA A 12 46.33 -18.39 -51.34
N PHE A 13 45.33 -18.07 -52.17
CA PHE A 13 44.10 -17.43 -51.72
C PHE A 13 43.26 -18.37 -50.86
N ILE A 14 43.25 -19.67 -51.20
CA ILE A 14 42.59 -20.70 -50.39
C ILE A 14 43.23 -20.74 -49.00
N ILE A 15 44.57 -20.87 -48.94
CA ILE A 15 45.31 -20.90 -47.69
C ILE A 15 45.03 -19.65 -46.85
N THR A 16 45.00 -18.47 -47.50
CA THR A 16 44.71 -17.19 -46.86
C THR A 16 43.33 -17.20 -46.20
N ALA A 17 42.30 -17.67 -46.92
CA ALA A 17 40.94 -17.80 -46.41
C ALA A 17 40.86 -18.83 -45.28
N ALA A 18 41.54 -19.98 -45.42
CA ALA A 18 41.59 -21.03 -44.41
C ALA A 18 42.19 -20.52 -43.10
N VAL A 19 43.23 -19.66 -43.18
CA VAL A 19 43.85 -19.02 -42.04
C VAL A 19 42.85 -18.11 -41.31
N LEU A 20 42.09 -17.28 -42.04
CA LEU A 20 41.04 -16.47 -41.41
C LEU A 20 39.97 -17.36 -40.77
N ALA A 21 39.54 -18.41 -41.47
CA ALA A 21 38.57 -19.38 -40.97
C ALA A 21 39.02 -19.97 -39.63
N TYR A 22 40.27 -20.46 -39.57
CA TYR A 22 40.91 -21.02 -38.40
C TYR A 22 40.84 -20.06 -37.21
N VAL A 23 41.25 -18.81 -37.41
CA VAL A 23 41.29 -17.78 -36.38
C VAL A 23 39.87 -17.40 -35.92
N ALA A 24 38.96 -17.14 -36.87
CA ALA A 24 37.60 -16.71 -36.58
C ALA A 24 36.84 -17.74 -35.74
N VAL A 25 36.94 -19.03 -36.09
CA VAL A 25 36.25 -20.09 -35.36
C VAL A 25 36.81 -20.23 -33.94
N ASN A 26 38.14 -20.30 -33.81
CA ASN A 26 38.82 -20.36 -32.51
C ASN A 26 38.39 -19.21 -31.60
N MET A 27 38.42 -17.98 -32.15
CA MET A 27 38.12 -16.80 -31.37
C MET A 27 36.63 -16.70 -31.01
N GLY A 28 35.74 -17.17 -31.90
CA GLY A 28 34.31 -17.32 -31.60
C GLY A 28 34.06 -18.29 -30.45
N LEU A 29 34.70 -19.47 -30.48
CA LEU A 29 34.63 -20.43 -29.39
C LEU A 29 35.11 -19.81 -28.07
N PHE A 30 36.22 -19.08 -28.11
CA PHE A 30 36.76 -18.39 -26.95
C PHE A 30 35.77 -17.37 -26.38
N VAL A 31 35.35 -16.39 -27.19
CA VAL A 31 34.52 -15.27 -26.73
C VAL A 31 33.16 -15.76 -26.24
N THR A 32 32.53 -16.72 -26.93
CA THR A 32 31.24 -17.25 -26.52
C THR A 32 31.33 -17.94 -25.16
N GLN A 33 32.45 -18.59 -24.84
CA GLN A 33 32.66 -19.16 -23.52
C GLN A 33 32.85 -18.08 -22.44
N LYS A 34 33.55 -16.99 -22.75
CA LYS A 34 33.65 -15.82 -21.88
C LYS A 34 32.26 -15.26 -21.57
N ALA A 35 31.40 -15.18 -22.60
CA ALA A 35 30.00 -14.78 -22.46
C ALA A 35 29.24 -15.73 -21.53
N LYS A 36 29.34 -17.05 -21.74
CA LYS A 36 28.73 -18.06 -20.87
C LYS A 36 29.11 -17.84 -19.41
N THR A 37 30.42 -17.71 -19.13
CA THR A 37 30.97 -17.48 -17.81
C THR A 37 30.40 -16.21 -17.19
N THR A 38 30.36 -15.12 -17.98
CA THR A 38 29.83 -13.82 -17.56
C THR A 38 28.35 -13.93 -17.17
N ILE A 39 27.53 -14.60 -17.98
CA ILE A 39 26.11 -14.78 -17.72
C ILE A 39 25.90 -15.51 -16.38
N ASN A 40 26.69 -16.57 -16.13
CA ASN A 40 26.67 -17.28 -14.86
C ASN A 40 27.02 -16.36 -13.68
N LYS A 41 28.11 -15.59 -13.80
CA LYS A 41 28.54 -14.65 -12.76
C LYS A 41 27.52 -13.54 -12.51
N GLY A 42 26.81 -13.09 -13.56
CA GLY A 42 25.72 -12.13 -13.43
C GLY A 42 24.54 -12.68 -12.61
N GLU A 43 24.16 -13.92 -12.86
CA GLU A 43 23.09 -14.60 -12.12
C GLU A 43 23.50 -14.84 -10.66
N GLU A 44 24.74 -15.29 -10.43
CA GLU A 44 25.30 -15.42 -9.08
C GLU A 44 25.27 -14.09 -8.34
N THR A 45 25.64 -12.99 -9.01
CA THR A 45 25.67 -11.65 -8.43
C THR A 45 24.27 -11.16 -8.06
N ALA A 46 23.26 -11.43 -8.90
CA ALA A 46 21.89 -11.02 -8.64
C ALA A 46 21.22 -11.86 -7.54
N SER A 47 21.58 -13.15 -7.44
CA SER A 47 20.97 -14.08 -6.50
C SER A 47 21.58 -13.99 -5.10
N THR A 48 22.92 -13.97 -4.99
CA THR A 48 23.61 -14.07 -3.70
C THR A 48 23.46 -12.79 -2.86
N ALA A 49 22.96 -12.94 -1.62
CA ALA A 49 22.80 -11.86 -0.67
C ALA A 49 22.63 -12.39 0.75
N LEU A 50 22.94 -11.55 1.76
CA LEU A 50 22.70 -11.86 3.17
C LEU A 50 21.58 -10.97 3.70
N SER A 51 20.69 -11.56 4.52
CA SER A 51 19.71 -10.83 5.30
C SER A 51 20.11 -10.83 6.77
N LEU A 52 19.89 -9.71 7.45
CA LEU A 52 19.87 -9.69 8.90
C LEU A 52 18.67 -10.51 9.39
N SER A 53 18.94 -11.57 10.17
CA SER A 53 17.91 -12.55 10.53
C SER A 53 17.79 -12.77 12.04
N GLY A 54 18.11 -11.71 12.81
CA GLY A 54 17.86 -11.63 14.23
C GLY A 54 17.99 -10.18 14.70
N ASN A 55 17.74 -9.93 15.99
CA ASN A 55 18.00 -8.61 16.54
C ASN A 55 19.51 -8.38 16.69
N VAL A 56 19.91 -7.10 16.75
CA VAL A 56 21.29 -6.71 17.02
C VAL A 56 21.42 -6.42 18.51
N LEU A 57 22.35 -7.12 19.17
CA LEU A 57 22.59 -7.03 20.60
C LEU A 57 23.90 -6.27 20.85
N TYR A 58 23.90 -5.45 21.90
CA TYR A 58 25.05 -4.61 22.24
C TYR A 58 25.34 -4.76 23.74
N ALA A 59 26.63 -4.85 24.13
CA ALA A 59 27.03 -5.11 25.51
C ALA A 59 28.02 -4.05 26.00
N VAL A 60 27.83 -3.59 27.25
CA VAL A 60 28.58 -2.50 27.87
C VAL A 60 28.80 -2.80 29.35
N ASN A 61 29.68 -2.02 30.01
CA ASN A 61 29.95 -2.14 31.44
C ASN A 61 28.84 -1.52 32.30
N TYR A 62 27.61 -1.98 32.05
CA TYR A 62 26.41 -1.50 32.73
C TYR A 62 26.48 -1.79 34.23
N PRO A 63 25.96 -0.90 35.12
CA PRO A 63 25.32 0.37 34.76
C PRO A 63 26.24 1.55 34.51
N THR A 64 27.55 1.38 34.76
CA THR A 64 28.51 2.49 34.75
C THR A 64 28.67 3.14 33.37
N ASN A 65 28.49 2.36 32.29
CA ASN A 65 28.41 2.83 30.90
C ASN A 65 29.64 3.64 30.44
N THR A 66 30.81 3.39 31.04
CA THR A 66 32.04 4.05 30.60
C THR A 66 32.75 3.28 29.48
N LYS A 67 32.37 2.02 29.21
CA LYS A 67 33.14 1.15 28.32
C LYS A 67 32.26 0.17 27.54
N SER A 68 32.71 -0.16 26.32
CA SER A 68 31.95 -0.93 25.33
C SER A 68 32.62 -2.30 25.10
N TYR A 69 31.84 -3.40 25.07
CA TYR A 69 32.39 -4.74 25.09
C TYR A 69 32.27 -5.47 23.75
N TRP A 70 31.03 -5.70 23.29
CA TRP A 70 30.79 -6.42 22.05
C TRP A 70 29.43 -6.11 21.44
N MET A 71 29.28 -6.44 20.15
CA MET A 71 28.00 -6.50 19.47
C MET A 71 27.82 -7.89 18.86
N TYR A 72 26.58 -8.39 18.87
CA TYR A 72 26.24 -9.68 18.30
C TYR A 72 25.01 -9.51 17.40
N PHE A 73 25.01 -10.18 16.23
CA PHE A 73 23.83 -10.27 15.39
C PHE A 73 23.90 -11.55 14.56
N THR A 74 22.81 -11.87 13.86
CA THR A 74 22.70 -13.12 13.14
C THR A 74 22.34 -12.85 11.68
N VAL A 75 22.93 -13.60 10.74
CA VAL A 75 22.68 -13.43 9.32
C VAL A 75 22.37 -14.77 8.64
N SER A 76 21.66 -14.72 7.51
CA SER A 76 21.36 -15.89 6.71
C SER A 76 21.22 -15.48 5.24
N PRO A 77 21.54 -16.35 4.25
CA PRO A 77 21.28 -16.03 2.85
C PRO A 77 19.82 -15.69 2.56
N SER A 78 19.62 -14.62 1.78
CA SER A 78 18.31 -14.02 1.52
C SER A 78 17.39 -14.96 0.76
N SER A 79 16.16 -15.14 1.27
CA SER A 79 15.07 -15.83 0.59
C SER A 79 15.42 -17.27 0.19
N GLY A 80 16.50 -17.83 0.76
CA GLY A 80 16.94 -19.20 0.53
C GLY A 80 17.38 -19.52 -0.90
N VAL A 81 17.85 -18.50 -1.65
CA VAL A 81 18.05 -18.67 -3.09
C VAL A 81 19.38 -19.34 -3.44
N SER A 82 20.48 -18.98 -2.75
CA SER A 82 21.82 -19.49 -3.03
C SER A 82 22.77 -19.29 -1.85
N SER A 83 23.92 -19.99 -1.86
CA SER A 83 24.91 -19.97 -0.79
C SER A 83 25.80 -18.73 -0.84
N VAL A 84 26.45 -18.39 0.30
CA VAL A 84 27.34 -17.23 0.41
C VAL A 84 28.69 -17.69 0.98
N ASP A 85 29.79 -17.33 0.28
CA ASP A 85 31.15 -17.53 0.77
C ASP A 85 31.45 -16.51 1.87
N LEU A 86 31.78 -16.98 3.09
CA LEU A 86 32.10 -16.11 4.22
C LEU A 86 33.55 -16.25 4.68
N SER A 87 34.46 -16.72 3.81
CA SER A 87 35.85 -16.86 4.26
C SER A 87 36.46 -15.51 4.60
N PRO A 88 37.13 -15.34 5.77
CA PRO A 88 37.65 -14.04 6.17
C PRO A 88 38.83 -13.50 5.36
N SER A 89 39.44 -14.33 4.50
CA SER A 89 40.45 -13.83 3.58
C SER A 89 39.83 -13.06 2.40
N THR A 90 38.57 -13.40 2.05
CA THR A 90 37.90 -12.83 0.88
C THR A 90 36.87 -11.78 1.29
N THR A 91 36.11 -12.05 2.36
CA THR A 91 35.04 -11.19 2.84
C THR A 91 35.61 -10.03 3.67
N ALA A 92 34.97 -8.85 3.63
CA ALA A 92 35.26 -7.78 4.58
C ALA A 92 34.06 -7.51 5.48
N ILE A 93 34.30 -7.15 6.74
CA ILE A 93 33.28 -6.53 7.57
C ILE A 93 33.81 -5.17 8.00
N SER A 94 33.13 -4.09 7.61
CA SER A 94 33.50 -2.74 8.00
C SER A 94 32.63 -2.27 9.18
N PHE A 95 33.17 -1.34 9.97
CA PHE A 95 32.47 -0.77 11.11
C PHE A 95 32.71 0.73 11.15
N THR A 96 31.64 1.54 11.17
CA THR A 96 31.78 2.99 11.25
C THR A 96 30.83 3.59 12.30
N ALA A 97 31.35 4.57 13.04
CA ALA A 97 30.55 5.41 13.93
C ALA A 97 30.87 6.85 13.57
N ALA A 98 30.13 7.38 12.58
CA ALA A 98 30.46 8.58 11.85
C ALA A 98 30.61 9.80 12.76
N SER A 99 29.69 9.92 13.75
CA SER A 99 29.63 11.03 14.68
C SER A 99 30.95 11.26 15.42
N ARG A 100 31.65 10.17 15.77
CA ARG A 100 32.91 10.22 16.49
C ARG A 100 34.14 9.95 15.60
N GLY A 101 33.92 9.83 14.29
CA GLY A 101 35.00 9.71 13.32
C GLY A 101 35.70 8.34 13.32
N VAL A 102 35.08 7.33 13.94
CA VAL A 102 35.58 5.97 13.87
C VAL A 102 35.17 5.35 12.54
N SER A 103 36.16 4.84 11.80
CA SER A 103 35.91 4.18 10.53
C SER A 103 36.93 3.07 10.32
N LEU A 104 36.47 1.82 10.38
CA LEU A 104 37.30 0.65 10.20
C LEU A 104 36.87 -0.03 8.90
N SER A 105 37.82 -0.19 7.97
CA SER A 105 37.50 -0.71 6.64
C SER A 105 37.33 -2.23 6.65
N ASN A 106 38.08 -2.95 7.50
CA ASN A 106 37.91 -4.41 7.61
C ASN A 106 38.36 -4.94 8.96
N ILE A 107 37.41 -5.49 9.73
CA ILE A 107 37.66 -6.05 11.06
C ILE A 107 37.49 -7.58 11.08
N TYR A 108 37.08 -8.20 9.97
CA TYR A 108 36.80 -9.63 9.95
C TYR A 108 38.11 -10.42 9.91
N GLN A 109 38.27 -11.39 10.82
CA GLN A 109 39.55 -12.09 10.95
C GLN A 109 39.40 -13.62 11.00
N PHE A 110 38.35 -14.13 11.67
CA PHE A 110 38.27 -15.56 11.99
C PHE A 110 36.87 -16.10 11.75
N SER A 111 36.78 -17.40 11.45
CA SER A 111 35.50 -18.08 11.37
C SER A 111 35.58 -19.47 11.97
N LEU A 112 34.56 -19.83 12.77
CA LEU A 112 34.42 -21.19 13.27
C LEU A 112 33.73 -22.11 12.25
N LEU A 113 33.24 -21.56 11.12
CA LEU A 113 32.72 -22.38 10.03
C LEU A 113 33.80 -23.34 9.49
N SER A 114 35.07 -22.94 9.60
CA SER A 114 36.25 -23.70 9.20
C SER A 114 36.52 -24.91 10.11
N VAL A 115 35.89 -24.98 11.29
CA VAL A 115 36.36 -25.82 12.39
C VAL A 115 35.42 -27.03 12.58
N LEU A 116 36.00 -28.24 12.60
CA LEU A 116 35.26 -29.46 12.90
C LEU A 116 35.09 -29.62 14.41
N PRO A 117 33.95 -30.17 14.91
CA PRO A 117 33.74 -30.35 16.36
C PRO A 117 34.88 -31.03 17.12
N SER A 118 35.53 -32.02 16.50
CA SER A 118 36.64 -32.78 17.10
C SER A 118 37.86 -31.91 17.41
N GLN A 119 37.93 -30.70 16.82
CA GLN A 119 39.04 -29.78 17.04
C GLN A 119 38.84 -28.93 18.30
N VAL A 120 37.62 -28.89 18.86
CA VAL A 120 37.28 -28.02 19.99
C VAL A 120 36.68 -28.76 21.18
N ASN A 121 35.85 -29.78 20.91
CA ASN A 121 35.24 -30.58 21.98
C ASN A 121 36.30 -31.37 22.74
N ASN A 122 36.15 -31.43 24.07
CA ASN A 122 37.05 -32.14 25.00
C ASN A 122 38.46 -31.57 25.03
N LYS A 123 38.66 -30.31 24.58
CA LYS A 123 39.99 -29.74 24.46
C LYS A 123 40.23 -28.50 25.32
N VAL A 124 39.16 -27.95 25.92
CA VAL A 124 39.27 -27.01 27.03
C VAL A 124 38.59 -27.61 28.25
N GLN A 125 39.16 -27.36 29.44
CA GLN A 125 38.77 -28.09 30.64
C GLN A 125 38.78 -27.17 31.88
N VAL A 126 37.92 -27.51 32.84
CA VAL A 126 37.71 -26.73 34.05
C VAL A 126 38.14 -27.56 35.25
N LYS A 127 38.86 -26.92 36.18
CA LYS A 127 39.28 -27.56 37.43
C LYS A 127 38.38 -27.08 38.56
N LEU A 128 37.70 -28.03 39.23
CA LEU A 128 36.85 -27.77 40.38
C LEU A 128 37.35 -28.59 41.57
N GLY A 129 38.19 -27.98 42.40
CA GLY A 129 38.98 -28.71 43.38
C GLY A 129 39.92 -29.71 42.69
N THR A 130 39.87 -30.98 43.14
CA THR A 130 40.64 -32.08 42.56
C THR A 130 40.10 -32.48 41.18
N SER A 131 38.78 -32.36 40.99
CA SER A 131 38.08 -32.84 39.79
C SER A 131 38.36 -31.96 38.57
N ILE A 132 38.42 -32.58 37.38
CA ILE A 132 38.64 -31.88 36.12
C ILE A 132 37.61 -32.32 35.08
N ILE A 133 36.95 -31.33 34.43
CA ILE A 133 35.83 -31.58 33.53
C ILE A 133 36.15 -31.04 32.14
N ASN A 134 36.01 -31.90 31.12
CA ASN A 134 36.18 -31.49 29.73
C ASN A 134 34.88 -30.88 29.24
N LEU A 135 34.97 -29.78 28.49
CA LEU A 135 33.80 -29.08 27.94
C LEU A 135 33.45 -29.54 26.52
N THR A 136 32.14 -29.59 26.24
CA THR A 136 31.60 -29.71 24.90
C THR A 136 31.09 -28.34 24.46
N LEU A 137 31.54 -27.84 23.30
CA LEU A 137 31.29 -26.47 22.88
C LEU A 137 30.53 -26.45 21.54
N ALA A 138 30.97 -27.27 20.58
CA ALA A 138 30.28 -27.46 19.32
C ALA A 138 29.25 -28.59 19.48
N PHE A 139 27.96 -28.24 19.36
CA PHE A 139 26.91 -29.25 19.37
C PHE A 139 26.67 -29.74 17.95
N SER A 140 26.07 -30.93 17.83
CA SER A 140 25.86 -31.56 16.53
C SER A 140 24.61 -32.46 16.52
N SER A 141 23.98 -32.57 15.33
CA SER A 141 22.85 -33.46 15.09
C SER A 141 22.90 -34.00 13.65
N ASN A 142 22.23 -35.13 13.41
CA ASN A 142 22.25 -35.81 12.12
C ASN A 142 20.89 -35.74 11.44
N SER A 143 20.88 -35.32 10.17
CA SER A 143 19.73 -35.47 9.27
C SER A 143 20.21 -35.91 7.89
N ALA A 144 19.56 -36.93 7.32
CA ALA A 144 19.84 -37.43 5.97
C ALA A 144 21.33 -37.69 5.72
N GLY A 145 22.03 -38.22 6.74
CA GLY A 145 23.43 -38.62 6.61
C GLY A 145 24.43 -37.48 6.67
N GLN A 146 23.96 -36.25 6.89
CA GLN A 146 24.81 -35.07 7.11
C GLN A 146 24.85 -34.74 8.61
N THR A 147 26.04 -34.35 9.10
CA THR A 147 26.18 -33.83 10.46
C THR A 147 26.11 -32.31 10.43
N TYR A 148 25.07 -31.75 11.07
CA TYR A 148 24.93 -30.32 11.29
C TYR A 148 25.74 -29.92 12.51
N VAL A 149 26.32 -28.71 12.51
CA VAL A 149 27.19 -28.25 13.59
C VAL A 149 26.79 -26.82 13.97
N TYR A 150 26.78 -26.53 15.28
CA TYR A 150 26.45 -25.19 15.76
C TYR A 150 26.97 -24.96 17.18
N TYR A 151 27.00 -23.68 17.59
CA TYR A 151 27.29 -23.27 18.95
C TYR A 151 26.00 -22.71 19.56
N SER A 152 25.65 -23.17 20.77
CA SER A 152 24.37 -22.84 21.38
C SER A 152 24.31 -21.38 21.82
N ASP A 153 25.46 -20.78 22.13
CA ASP A 153 25.54 -19.39 22.58
C ASP A 153 26.86 -18.73 22.20
N PRO A 154 26.98 -17.38 22.27
CA PRO A 154 28.26 -16.69 22.07
C PRO A 154 29.37 -17.10 23.03
N ASN A 155 29.04 -17.54 24.25
CA ASN A 155 30.03 -17.89 25.26
C ASN A 155 30.83 -19.15 24.85
N TYR A 156 30.14 -20.20 24.40
CA TYR A 156 30.80 -21.39 23.89
C TYR A 156 31.55 -21.11 22.59
N ALA A 157 31.02 -20.20 21.75
CA ALA A 157 31.73 -19.77 20.55
C ALA A 157 33.05 -19.06 20.90
N LEU A 158 33.04 -18.17 21.90
CA LEU A 158 34.23 -17.47 22.37
C LEU A 158 35.29 -18.44 22.88
N LEU A 159 34.90 -19.43 23.71
CA LEU A 159 35.83 -20.41 24.23
C LEU A 159 36.45 -21.25 23.11
N ALA A 160 35.62 -21.69 22.14
CA ALA A 160 36.06 -22.42 20.97
C ALA A 160 37.03 -21.61 20.11
N LEU A 161 36.76 -20.31 19.93
CA LEU A 161 37.64 -19.41 19.20
C LEU A 161 38.96 -19.22 19.95
N ASN A 162 38.89 -18.93 21.25
CA ASN A 162 40.09 -18.78 22.05
C ASN A 162 41.03 -19.96 21.84
N TYR A 163 40.51 -21.19 22.00
CA TYR A 163 41.30 -22.41 21.83
C TYR A 163 41.90 -22.49 20.42
N THR A 164 41.06 -22.31 19.39
CA THR A 164 41.46 -22.35 17.99
C THR A 164 42.62 -21.40 17.71
N LEU A 165 42.52 -20.15 18.17
CA LEU A 165 43.56 -19.15 17.96
C LEU A 165 44.83 -19.48 18.75
N GLY A 166 44.70 -19.92 20.01
CA GLY A 166 45.84 -20.38 20.79
C GLY A 166 46.61 -21.51 20.10
N GLN A 167 45.86 -22.44 19.49
CA GLN A 167 46.41 -23.57 18.75
C GLN A 167 47.10 -23.12 17.46
N GLU A 168 46.53 -22.14 16.74
CA GLU A 168 47.12 -21.57 15.53
C GLU A 168 48.43 -20.81 15.83
N VAL A 169 48.49 -20.11 16.97
CA VAL A 169 49.72 -19.46 17.43
C VAL A 169 50.79 -20.52 17.76
N LYS A 170 50.41 -21.58 18.48
CA LYS A 170 51.29 -22.67 18.86
C LYS A 170 51.86 -23.38 17.62
N GLY A 171 51.03 -23.54 16.58
CA GLY A 171 51.43 -24.12 15.31
C GLY A 171 52.17 -23.16 14.37
N GLY A 172 52.37 -21.91 14.80
CA GLY A 172 53.12 -20.92 14.02
C GLY A 172 52.36 -20.34 12.82
N GLN A 173 51.06 -20.67 12.69
CA GLN A 173 50.22 -20.22 11.58
C GLN A 173 49.75 -18.78 11.78
N LEU A 174 49.77 -18.30 13.04
CA LEU A 174 49.31 -16.97 13.43
C LEU A 174 50.35 -16.34 14.37
N THR A 175 50.63 -15.04 14.24
CA THR A 175 51.71 -14.41 15.00
C THR A 175 51.34 -14.21 16.47
N SER A 176 50.14 -13.68 16.72
CA SER A 176 49.55 -13.47 18.04
C SER A 176 48.03 -13.61 17.96
N SER A 177 47.41 -14.11 19.04
CA SER A 177 45.97 -14.09 19.17
C SER A 177 45.53 -12.71 19.68
N PRO A 178 44.52 -12.04 19.07
CA PRO A 178 43.95 -10.81 19.63
C PRO A 178 43.03 -11.06 20.82
N LEU A 179 42.65 -12.33 21.05
CA LEU A 179 41.76 -12.73 22.12
C LEU A 179 42.50 -13.67 23.09
N TYR A 180 42.31 -13.43 24.39
CA TYR A 180 42.89 -14.29 25.42
C TYR A 180 41.90 -14.45 26.58
N ILE A 181 41.43 -15.68 26.81
CA ILE A 181 40.42 -15.95 27.83
C ILE A 181 41.02 -16.78 28.98
N ILE A 182 40.78 -16.34 30.22
CA ILE A 182 41.25 -16.99 31.44
C ILE A 182 40.15 -16.97 32.52
N SER A 183 40.19 -17.95 33.43
CA SER A 183 39.32 -17.97 34.61
C SER A 183 40.05 -17.41 35.84
N ASN A 184 41.37 -17.61 35.86
CA ASN A 184 42.25 -17.19 36.92
C ASN A 184 42.73 -15.77 36.64
N THR A 185 42.38 -14.82 37.52
CA THR A 185 42.84 -13.45 37.37
C THR A 185 44.26 -13.23 37.89
N SER A 186 44.78 -14.13 38.75
CA SER A 186 46.09 -14.02 39.37
C SER A 186 47.22 -13.93 38.34
N ILE A 187 47.01 -14.56 37.18
CA ILE A 187 47.97 -14.66 36.08
C ILE A 187 48.37 -13.28 35.54
N VAL A 188 47.43 -12.33 35.58
CA VAL A 188 47.51 -11.02 34.91
C VAL A 188 48.72 -10.22 35.36
N ALA A 189 49.10 -10.31 36.65
CA ALA A 189 50.23 -9.60 37.21
C ALA A 189 51.55 -9.92 36.48
N SER A 190 51.66 -11.17 35.97
CA SER A 190 52.85 -11.66 35.27
C SER A 190 52.84 -11.37 33.76
N LYS A 191 51.73 -10.82 33.25
CA LYS A 191 51.48 -10.60 31.82
C LYS A 191 51.02 -9.15 31.59
N PRO A 192 51.92 -8.15 31.73
CA PRO A 192 51.52 -6.74 31.77
C PRO A 192 50.84 -6.21 30.52
N TRP A 193 51.02 -6.86 29.37
CA TRP A 193 50.31 -6.50 28.15
C TRP A 193 48.79 -6.65 28.30
N LEU A 194 48.33 -7.55 29.20
CA LEU A 194 46.90 -7.71 29.49
C LEU A 194 46.31 -6.56 30.32
N LYS A 195 47.14 -5.68 30.91
CA LYS A 195 46.68 -4.64 31.81
C LYS A 195 45.90 -3.56 31.07
N ASN A 196 46.24 -3.30 29.80
CA ASN A 196 45.86 -2.08 29.09
C ASN A 196 44.81 -2.33 28.00
N ASP A 197 44.66 -3.58 27.53
CA ASP A 197 43.65 -3.90 26.51
C ASP A 197 42.25 -4.10 27.13
N ASN A 198 41.24 -4.24 26.26
CA ASN A 198 39.84 -4.25 26.70
C ASN A 198 39.49 -5.58 27.37
N VAL A 199 38.74 -5.55 28.48
CA VAL A 199 38.36 -6.77 29.18
C VAL A 199 36.86 -6.78 29.52
N PHE A 200 36.21 -7.92 29.25
CA PHE A 200 34.84 -8.20 29.65
C PHE A 200 34.76 -9.61 30.23
N THR A 201 33.65 -9.93 30.92
CA THR A 201 33.51 -11.25 31.54
C THR A 201 32.21 -11.94 31.10
N PHE A 202 32.22 -13.27 31.18
CA PHE A 202 31.04 -14.09 30.95
C PHE A 202 31.09 -15.32 31.85
N ASN A 203 29.91 -15.91 32.10
CA ASN A 203 29.80 -17.05 33.01
C ASN A 203 29.15 -18.25 32.33
N ILE A 204 29.74 -19.44 32.55
CA ILE A 204 29.14 -20.71 32.13
C ILE A 204 28.89 -21.57 33.37
N SER A 205 27.96 -22.52 33.26
CA SER A 205 27.69 -23.49 34.33
C SER A 205 28.36 -24.82 34.02
N VAL A 206 29.26 -25.27 34.92
CA VAL A 206 29.95 -26.54 34.80
C VAL A 206 29.76 -27.29 36.12
N ASN A 207 29.24 -28.52 36.04
CA ASN A 207 28.97 -29.25 37.26
C ASN A 207 28.14 -28.37 38.19
N GLY A 208 27.06 -27.79 37.62
CA GLY A 208 26.11 -26.93 38.33
C GLY A 208 26.73 -25.71 39.02
N THR A 209 28.03 -25.45 38.78
CA THR A 209 28.78 -24.38 39.42
C THR A 209 29.02 -23.26 38.40
N GLU A 210 28.84 -22.00 38.81
CA GLU A 210 29.15 -20.84 37.98
C GLU A 210 30.67 -20.66 37.86
N VAL A 211 31.17 -20.68 36.62
CA VAL A 211 32.56 -20.39 36.30
C VAL A 211 32.59 -19.06 35.56
N GLU A 212 33.38 -18.09 36.06
CA GLU A 212 33.54 -16.81 35.40
C GLU A 212 34.84 -16.79 34.59
N TYR A 213 34.71 -16.36 33.33
CA TYR A 213 35.83 -16.17 32.43
C TYR A 213 35.99 -14.69 32.10
N TYR A 214 37.27 -14.27 32.02
CA TYR A 214 37.69 -12.93 31.67
C TYR A 214 38.29 -12.99 30.27
N ALA A 215 37.72 -12.22 29.34
CA ALA A 215 38.15 -12.18 27.94
C ALA A 215 38.90 -10.88 27.68
N TYR A 216 40.19 -11.00 27.31
CA TYR A 216 41.06 -9.87 27.01
C TYR A 216 41.15 -9.71 25.50
N VAL A 217 40.78 -8.53 25.00
CA VAL A 217 40.75 -8.27 23.56
C VAL A 217 41.78 -7.20 23.22
N ASN A 218 42.58 -7.45 22.18
CA ASN A 218 43.65 -6.55 21.75
C ASN A 218 43.12 -5.40 20.90
N LYS A 219 42.49 -5.77 19.77
CA LYS A 219 42.02 -4.81 18.79
C LYS A 219 40.59 -5.20 18.43
N THR A 220 39.82 -4.22 17.93
CA THR A 220 38.47 -4.49 17.45
C THR A 220 38.53 -5.50 16.30
N PHE A 221 37.80 -6.62 16.45
CA PHE A 221 37.73 -7.63 15.41
C PHE A 221 36.36 -8.30 15.39
N ALA A 222 36.06 -8.97 14.27
CA ALA A 222 34.83 -9.72 14.11
C ALA A 222 35.15 -11.18 13.78
N PHE A 223 34.26 -12.08 14.23
CA PHE A 223 34.31 -13.48 13.84
C PHE A 223 32.91 -14.01 13.60
N THR A 224 32.81 -15.12 12.83
CA THR A 224 31.53 -15.74 12.53
C THR A 224 31.51 -17.19 13.02
N TYR A 225 30.31 -17.68 13.36
CA TYR A 225 30.14 -19.05 13.81
C TYR A 225 28.77 -19.59 13.40
N PRO A 226 28.61 -20.92 13.22
CA PRO A 226 27.32 -21.48 12.83
C PRO A 226 26.31 -21.55 13.98
N VAL A 227 25.05 -21.25 13.67
CA VAL A 227 23.96 -21.22 14.64
C VAL A 227 22.91 -22.29 14.33
N SER A 228 22.55 -22.49 13.04
CA SER A 228 21.73 -23.62 12.61
C SER A 228 21.86 -23.86 11.11
N GLY A 229 21.42 -25.04 10.63
CA GLY A 229 21.30 -25.33 9.22
C GLY A 229 22.64 -25.35 8.48
N PHE A 230 23.72 -25.65 9.21
CA PHE A 230 25.07 -25.66 8.67
C PHE A 230 25.67 -27.06 8.68
N PRO A 231 25.53 -27.85 7.58
CA PRO A 231 26.19 -29.15 7.46
C PRO A 231 27.60 -29.10 6.87
N LEU A 232 28.03 -27.92 6.39
CA LEU A 232 29.27 -27.79 5.63
C LEU A 232 30.49 -27.47 6.51
N ALA A 233 30.59 -28.10 7.69
CA ALA A 233 31.70 -27.87 8.60
C ALA A 233 33.05 -28.11 7.91
N GLY A 234 33.94 -27.12 8.01
CA GLY A 234 35.23 -27.12 7.33
C GLY A 234 35.36 -26.11 6.17
N SER A 235 34.25 -25.46 5.74
CA SER A 235 34.19 -24.87 4.40
C SER A 235 34.20 -23.33 4.33
N ASP A 236 33.78 -22.62 5.39
CA ASP A 236 33.49 -21.18 5.35
C ASP A 236 32.31 -20.79 4.43
N ILE A 237 31.51 -21.75 3.93
CA ILE A 237 30.39 -21.42 3.06
C ILE A 237 29.08 -21.53 3.85
N ALA A 238 28.28 -20.45 3.87
CA ALA A 238 26.94 -20.49 4.44
C ALA A 238 25.96 -20.97 3.37
N PRO A 239 25.39 -22.20 3.47
CA PRO A 239 24.42 -22.65 2.46
C PRO A 239 23.08 -21.96 2.66
N ALA A 240 22.25 -21.99 1.61
CA ALA A 240 20.89 -21.46 1.70
C ALA A 240 20.10 -22.20 2.79
N GLY A 241 19.46 -21.45 3.69
CA GLY A 241 18.74 -22.01 4.82
C GLY A 241 19.63 -22.32 6.04
N SER A 242 20.84 -21.74 6.09
CA SER A 242 21.68 -21.73 7.29
C SER A 242 21.51 -20.42 8.06
N VAL A 243 21.96 -20.39 9.32
CA VAL A 243 21.94 -19.21 10.17
C VAL A 243 23.33 -19.07 10.79
N ILE A 244 23.94 -17.88 10.63
CA ILE A 244 25.32 -17.62 11.00
C ILE A 244 25.36 -16.50 12.05
N GLY A 245 26.00 -16.75 13.19
CA GLY A 245 26.23 -15.71 14.17
C GLY A 245 27.43 -14.85 13.79
N VAL A 246 27.29 -13.53 13.90
CA VAL A 246 28.37 -12.58 13.69
C VAL A 246 28.61 -11.86 15.01
N MET A 247 29.85 -11.90 15.51
CA MET A 247 30.16 -11.22 16.76
C MET A 247 31.34 -10.28 16.56
N ILE A 248 31.17 -9.02 17.00
CA ILE A 248 32.20 -7.99 16.96
C ILE A 248 32.64 -7.74 18.39
N LEU A 249 33.95 -7.91 18.67
CA LEU A 249 34.52 -7.57 19.96
C LEU A 249 35.31 -6.28 19.84
N PHE A 250 35.09 -5.33 20.76
CA PHE A 250 35.78 -4.04 20.70
C PHE A 250 37.11 -4.09 21.44
N GLY A 251 38.15 -3.53 20.81
CA GLY A 251 39.45 -3.35 21.46
C GLY A 251 39.53 -2.02 22.22
N PRO A 252 40.68 -1.70 22.85
CA PRO A 252 40.79 -0.51 23.71
C PRO A 252 40.59 0.82 22.99
N GLY A 253 40.84 0.87 21.68
CA GLY A 253 40.58 2.05 20.86
C GLY A 253 39.09 2.41 20.79
N GLU A 254 38.27 1.48 20.26
CA GLU A 254 36.85 1.73 20.04
C GLU A 254 36.02 1.59 21.32
N ALA A 255 36.54 0.91 22.34
CA ALA A 255 35.83 0.65 23.59
C ALA A 255 35.65 1.91 24.45
N THR A 256 36.43 2.97 24.20
CA THR A 256 36.80 4.01 25.16
C THR A 256 35.63 4.73 25.84
N ASN A 257 34.52 4.94 25.10
CA ASN A 257 33.23 5.30 25.71
C ASN A 257 32.06 4.77 24.89
N VAL A 258 30.92 4.60 25.55
CA VAL A 258 29.73 3.91 25.05
C VAL A 258 29.08 4.70 23.90
N PHE A 259 28.43 4.00 22.96
CA PHE A 259 27.65 4.65 21.91
C PHE A 259 26.36 5.23 22.49
N GLN A 260 26.18 6.56 22.39
CA GLN A 260 24.96 7.24 22.82
C GLN A 260 24.64 8.38 21.86
N TYR A 261 23.37 8.48 21.42
CA TYR A 261 22.90 9.56 20.56
C TYR A 261 23.74 9.59 19.27
N GLU A 262 24.00 8.40 18.71
CA GLU A 262 24.95 8.20 17.62
C GLU A 262 24.42 7.15 16.64
N THR A 263 24.81 7.28 15.36
CA THR A 263 24.54 6.23 14.39
C THR A 263 25.77 5.33 14.26
N VAL A 264 25.55 4.02 14.33
CA VAL A 264 26.56 3.00 14.04
C VAL A 264 26.16 2.24 12.77
N THR A 265 27.14 1.98 11.89
CA THR A 265 26.93 1.24 10.65
C THR A 265 27.92 0.08 10.55
N ILE A 266 27.40 -1.10 10.17
CA ILE A 266 28.21 -2.28 9.89
C ILE A 266 27.89 -2.71 8.46
N GLN A 267 28.91 -3.12 7.70
CA GLN A 267 28.65 -3.68 6.38
C GLN A 267 29.44 -4.97 6.19
N ILE A 268 28.76 -6.01 5.69
CA ILE A 268 29.41 -7.27 5.34
C ILE A 268 29.45 -7.34 3.81
N THR A 269 30.65 -7.53 3.24
CA THR A 269 30.82 -7.57 1.79
C THR A 269 31.53 -8.87 1.38
N PRO A 270 30.79 -9.93 0.99
CA PRO A 270 31.41 -11.13 0.45
C PRO A 270 31.93 -10.90 -0.98
N ASN A 271 32.70 -11.87 -1.50
CA ASN A 271 33.41 -11.73 -2.76
C ASN A 271 32.50 -11.80 -3.99
N ILE A 272 31.28 -12.34 -3.82
CA ILE A 272 30.26 -12.42 -4.85
C ILE A 272 28.94 -11.94 -4.23
N GLY A 273 28.15 -11.19 -5.00
CA GLY A 273 26.83 -10.77 -4.56
C GLY A 273 26.84 -9.42 -3.83
N SER A 274 25.64 -8.94 -3.48
CA SER A 274 25.48 -7.63 -2.88
C SER A 274 25.84 -7.66 -1.39
N PRO A 275 26.43 -6.58 -0.85
CA PRO A 275 26.74 -6.49 0.57
C PRO A 275 25.50 -6.24 1.42
N LEU A 276 25.58 -6.62 2.69
CA LEU A 276 24.54 -6.33 3.68
C LEU A 276 24.97 -5.13 4.50
N THR A 277 24.15 -4.07 4.50
CA THR A 277 24.42 -2.86 5.26
C THR A 277 23.44 -2.73 6.42
N ILE A 278 23.98 -2.60 7.63
CA ILE A 278 23.24 -2.55 8.89
C ILE A 278 23.49 -1.18 9.52
N SER A 279 22.42 -0.43 9.86
CA SER A 279 22.53 0.88 10.51
C SER A 279 21.54 1.04 11.66
N GLN A 280 22.03 1.54 12.82
CA GLN A 280 21.21 1.81 13.99
C GLN A 280 21.55 3.17 14.58
N TYR A 281 20.52 3.97 14.90
CA TYR A 281 20.71 5.07 15.84
C TYR A 281 20.58 4.53 17.25
N ILE A 282 21.67 4.64 18.03
CA ILE A 282 21.75 4.04 19.34
C ILE A 282 21.42 5.10 20.39
N TYR A 283 20.26 4.93 21.04
CA TYR A 283 19.97 5.58 22.32
C TYR A 283 20.81 4.93 23.43
N GLN A 284 20.81 5.56 24.62
CA GLN A 284 21.48 5.03 25.81
C GLN A 284 21.21 3.53 26.03
N PRO A 285 22.24 2.72 26.39
CA PRO A 285 22.03 1.30 26.69
C PRO A 285 21.38 1.10 28.05
N ASP A 286 20.45 0.13 28.12
CA ASP A 286 19.48 0.01 29.21
C ASP A 286 19.72 -1.20 30.13
N GLY A 287 20.67 -2.07 29.79
CA GLY A 287 21.03 -3.26 30.56
C GLY A 287 22.41 -3.81 30.16
N LYS A 288 22.82 -4.91 30.82
CA LYS A 288 24.09 -5.60 30.55
C LYS A 288 24.23 -5.91 29.06
N VAL A 289 23.13 -6.38 28.45
CA VAL A 289 22.95 -6.43 27.02
C VAL A 289 21.76 -5.53 26.69
N THR A 290 21.83 -4.82 25.55
CA THR A 290 20.75 -3.96 25.09
C THR A 290 20.43 -4.32 23.64
N VAL A 291 19.13 -4.24 23.27
CA VAL A 291 18.70 -4.54 21.92
C VAL A 291 18.69 -3.23 21.12
N ILE A 292 19.55 -3.13 20.10
CA ILE A 292 19.73 -1.86 19.39
C ILE A 292 19.08 -1.87 18.00
N GLY A 293 18.77 -3.06 17.45
CA GLY A 293 18.26 -3.16 16.09
C GLY A 293 17.50 -4.45 15.83
N LEU B 1 68.71 -28.07 -103.43
CA LEU B 1 69.59 -27.61 -102.30
C LEU B 1 68.78 -27.31 -101.04
N ALA B 2 67.94 -26.26 -101.07
CA ALA B 2 67.24 -25.76 -99.89
C ALA B 2 66.11 -26.71 -99.43
N GLY B 3 65.70 -27.66 -100.29
CA GLY B 3 64.61 -28.58 -99.97
C GLY B 3 64.99 -29.68 -98.98
N LEU B 4 66.15 -29.53 -98.30
CA LEU B 4 66.66 -30.54 -97.37
C LEU B 4 67.07 -29.93 -96.03
N ASP B 5 67.94 -28.90 -96.05
CA ASP B 5 68.40 -28.25 -94.82
C ASP B 5 67.24 -27.68 -94.02
N THR B 6 66.28 -27.04 -94.71
CA THR B 6 65.03 -26.55 -94.13
C THR B 6 64.20 -27.65 -93.47
N ALA B 7 64.13 -28.83 -94.11
CA ALA B 7 63.34 -29.96 -93.61
C ALA B 7 63.91 -30.49 -92.28
N ILE B 8 65.24 -30.54 -92.16
CA ILE B 8 65.94 -30.96 -90.96
C ILE B 8 65.62 -30.00 -89.79
N ILE B 9 65.69 -28.69 -90.04
CA ILE B 9 65.40 -27.70 -89.01
C ILE B 9 63.94 -27.77 -88.56
N LEU B 10 63.03 -27.99 -89.53
CA LEU B 10 61.62 -28.21 -89.24
C LEU B 10 61.44 -29.41 -88.29
N ILE B 11 62.04 -30.57 -88.60
CA ILE B 11 62.01 -31.75 -87.75
C ILE B 11 62.43 -31.40 -86.31
N ALA B 12 63.57 -30.72 -86.16
CA ALA B 12 64.13 -30.33 -84.88
C ALA B 12 63.22 -29.38 -84.10
N PHE B 13 62.63 -28.38 -84.78
CA PHE B 13 61.76 -27.40 -84.16
C PHE B 13 60.45 -28.04 -83.71
N ILE B 14 59.91 -29.00 -84.49
CA ILE B 14 58.74 -29.77 -84.11
C ILE B 14 59.01 -30.53 -82.81
N ILE B 15 60.11 -31.29 -82.75
CA ILE B 15 60.51 -32.06 -81.58
C ILE B 15 60.66 -31.14 -80.37
N THR B 16 61.28 -29.96 -80.56
CA THR B 16 61.48 -28.96 -79.52
C THR B 16 60.14 -28.49 -78.93
N ALA B 17 59.16 -28.17 -79.80
CA ALA B 17 57.82 -27.77 -79.40
C ALA B 17 57.08 -28.92 -78.70
N ALA B 18 57.19 -30.15 -79.23
CA ALA B 18 56.57 -31.33 -78.65
C ALA B 18 57.07 -31.60 -77.23
N VAL B 19 58.37 -31.37 -76.98
CA VAL B 19 59.00 -31.48 -75.67
C VAL B 19 58.39 -30.47 -74.68
N LEU B 20 58.22 -29.20 -75.09
CA LEU B 20 57.56 -28.22 -74.24
C LEU B 20 56.11 -28.61 -73.98
N ALA B 21 55.39 -29.07 -75.02
CA ALA B 21 54.02 -29.53 -74.92
C ALA B 21 53.88 -30.63 -73.85
N TYR B 22 54.75 -31.65 -73.95
CA TYR B 22 54.83 -32.79 -73.04
C TYR B 22 54.97 -32.32 -71.59
N VAL B 23 55.93 -31.42 -71.33
CA VAL B 23 56.22 -30.91 -70.00
C VAL B 23 55.07 -30.05 -69.47
N ALA B 24 54.57 -29.11 -70.29
CA ALA B 24 53.53 -28.18 -69.89
C ALA B 24 52.24 -28.91 -69.48
N VAL B 25 51.81 -29.91 -70.27
CA VAL B 25 50.60 -30.66 -69.97
C VAL B 25 50.75 -31.47 -68.67
N ASN B 26 51.87 -32.21 -68.54
CA ASN B 26 52.19 -32.98 -67.35
C ASN B 26 52.16 -32.09 -66.10
N MET B 27 52.83 -30.95 -66.17
CA MET B 27 52.95 -30.06 -65.03
C MET B 27 51.62 -29.34 -64.70
N GLY B 28 50.80 -29.05 -65.72
CA GLY B 28 49.44 -28.57 -65.53
C GLY B 28 48.55 -29.58 -64.80
N LEU B 29 48.60 -30.86 -65.22
CA LEU B 29 47.91 -31.94 -64.55
C LEU B 29 48.34 -32.05 -63.08
N PHE B 30 49.66 -31.98 -62.83
CA PHE B 30 50.22 -32.01 -61.50
C PHE B 30 49.69 -30.87 -60.63
N VAL B 31 49.93 -29.61 -61.05
CA VAL B 31 49.62 -28.43 -60.25
C VAL B 31 48.11 -28.30 -59.98
N THR B 32 47.27 -28.59 -60.98
CA THR B 32 45.82 -28.52 -60.81
C THR B 32 45.32 -29.53 -59.78
N GLN B 33 45.97 -30.70 -59.69
CA GLN B 33 45.64 -31.67 -58.64
C GLN B 33 46.08 -31.20 -57.26
N LYS B 34 47.25 -30.54 -57.15
CA LYS B 34 47.68 -29.91 -55.91
C LYS B 34 46.67 -28.86 -55.46
N ALA B 35 46.15 -28.06 -56.41
CA ALA B 35 45.08 -27.10 -56.16
C ALA B 35 43.81 -27.78 -55.65
N LYS B 36 43.34 -28.86 -56.31
CA LYS B 36 42.19 -29.65 -55.87
C LYS B 36 42.35 -30.08 -54.41
N THR B 37 43.49 -30.70 -54.09
CA THR B 37 43.82 -31.18 -52.75
C THR B 37 43.78 -30.03 -51.74
N THR B 38 44.38 -28.89 -52.08
CA THR B 38 44.43 -27.69 -51.25
C THR B 38 43.02 -27.18 -50.95
N ILE B 39 42.15 -27.09 -51.97
CA ILE B 39 40.78 -26.62 -51.81
C ILE B 39 40.02 -27.52 -50.84
N ASN B 40 40.19 -28.83 -50.95
CA ASN B 40 39.60 -29.79 -50.02
C ASN B 40 40.09 -29.57 -48.58
N LYS B 41 41.42 -29.43 -48.39
CA LYS B 41 42.02 -29.18 -47.08
C LYS B 41 41.57 -27.85 -46.48
N GLY B 42 41.36 -26.81 -47.32
CA GLY B 42 40.81 -25.53 -46.88
C GLY B 42 39.39 -25.65 -46.33
N GLU B 43 38.53 -26.42 -47.02
CA GLU B 43 37.17 -26.66 -46.58
C GLU B 43 37.13 -27.50 -45.30
N GLU B 44 37.97 -28.55 -45.21
CA GLU B 44 38.13 -29.33 -43.99
C GLU B 44 38.57 -28.44 -42.82
N THR B 45 39.51 -27.53 -43.06
CA THR B 45 40.03 -26.61 -42.03
C THR B 45 38.94 -25.64 -41.55
N ALA B 46 38.12 -25.12 -42.46
CA ALA B 46 37.06 -24.19 -42.09
C ALA B 46 35.90 -24.88 -41.37
N SER B 47 35.60 -26.14 -41.74
CA SER B 47 34.46 -26.89 -41.20
C SER B 47 34.77 -27.54 -39.84
N THR B 48 35.92 -28.20 -39.70
CA THR B 48 36.23 -29.00 -38.52
C THR B 48 36.52 -28.13 -37.29
N ALA B 49 35.78 -28.39 -36.19
CA ALA B 49 35.95 -27.70 -34.91
C ALA B 49 35.29 -28.48 -33.78
N LEU B 50 35.74 -28.24 -32.54
CA LEU B 50 35.13 -28.79 -31.34
C LEU B 50 34.44 -27.68 -30.54
N SER B 51 33.24 -27.98 -30.02
CA SER B 51 32.56 -27.13 -29.04
C SER B 51 32.63 -27.77 -27.65
N LEU B 52 32.81 -26.94 -26.63
CA LEU B 52 32.53 -27.35 -25.26
C LEU B 52 31.03 -27.58 -25.13
N SER B 53 30.62 -28.82 -24.77
CA SER B 53 29.22 -29.23 -24.80
C SER B 53 28.74 -29.79 -23.46
N GLY B 54 29.35 -29.31 -22.37
CA GLY B 54 28.89 -29.55 -21.01
C GLY B 54 29.56 -28.57 -20.05
N ASN B 55 29.21 -28.63 -18.77
CA ASN B 55 29.93 -27.83 -17.78
C ASN B 55 31.33 -28.42 -17.52
N VAL B 56 32.24 -27.58 -17.01
CA VAL B 56 33.57 -28.01 -16.59
C VAL B 56 33.53 -28.29 -15.09
N LEU B 57 33.88 -29.52 -14.71
CA LEU B 57 33.88 -29.99 -13.33
C LEU B 57 35.31 -30.07 -12.81
N TYR B 58 35.49 -29.72 -11.53
CA TYR B 58 36.79 -29.69 -10.88
C TYR B 58 36.71 -30.40 -9.53
N ALA B 59 37.71 -31.22 -9.18
CA ALA B 59 37.68 -32.03 -7.96
C ALA B 59 38.92 -31.81 -7.10
N VAL B 60 38.72 -31.70 -5.77
CA VAL B 60 39.75 -31.37 -4.80
C VAL B 60 39.53 -32.16 -3.51
N ASN B 61 40.52 -32.15 -2.60
CA ASN B 61 40.43 -32.80 -1.30
C ASN B 61 39.58 -32.01 -0.31
N TYR B 62 38.34 -31.71 -0.72
CA TYR B 62 37.38 -30.94 0.06
C TYR B 62 37.03 -31.66 1.36
N PRO B 63 36.80 -30.94 2.49
CA PRO B 63 36.88 -29.48 2.59
C PRO B 63 38.27 -28.88 2.80
N THR B 64 39.29 -29.73 2.99
CA THR B 64 40.62 -29.29 3.40
C THR B 64 41.31 -28.43 2.34
N ASN B 65 41.02 -28.64 1.05
CA ASN B 65 41.43 -27.81 -0.07
C ASN B 65 42.95 -27.61 -0.19
N THR B 66 43.74 -28.56 0.29
CA THR B 66 45.20 -28.50 0.15
C THR B 66 45.69 -29.14 -1.15
N LYS B 67 44.84 -29.91 -1.86
CA LYS B 67 45.29 -30.72 -2.98
C LYS B 67 44.23 -30.87 -4.09
N SER B 68 44.70 -30.99 -5.33
CA SER B 68 43.89 -30.97 -6.54
C SER B 68 43.90 -32.35 -7.23
N TYR B 69 42.73 -32.85 -7.66
CA TYR B 69 42.61 -34.23 -8.11
C TYR B 69 42.42 -34.36 -9.62
N TRP B 70 41.32 -33.81 -10.16
CA TRP B 70 41.02 -33.91 -11.58
C TRP B 70 40.09 -32.81 -12.06
N MET B 71 40.07 -32.63 -13.40
CA MET B 71 39.05 -31.85 -14.08
C MET B 71 38.39 -32.72 -15.14
N TYR B 72 37.08 -32.53 -15.34
CA TYR B 72 36.30 -33.26 -16.34
C TYR B 72 35.48 -32.25 -17.14
N PHE B 73 35.41 -32.45 -18.46
CA PHE B 73 34.49 -31.69 -19.32
C PHE B 73 34.13 -32.54 -20.54
N THR B 74 33.18 -32.05 -21.34
CA THR B 74 32.65 -32.82 -22.45
C THR B 74 32.74 -31.98 -23.72
N VAL B 75 33.10 -32.60 -24.86
CA VAL B 75 33.23 -31.91 -26.14
C VAL B 75 32.48 -32.66 -27.24
N SER B 76 32.10 -31.94 -28.30
CA SER B 76 31.47 -32.52 -29.48
C SER B 76 31.81 -31.67 -30.71
N PRO B 77 31.89 -32.24 -31.93
CA PRO B 77 32.06 -31.44 -33.14
C PRO B 77 31.00 -30.35 -33.31
N SER B 78 31.46 -29.14 -33.68
CA SER B 78 30.64 -27.94 -33.73
C SER B 78 29.55 -28.03 -34.80
N SER B 79 28.30 -27.74 -34.42
CA SER B 79 27.17 -27.56 -35.32
C SER B 79 26.91 -28.80 -36.19
N GLY B 80 27.49 -29.95 -35.84
CA GLY B 80 27.28 -31.22 -36.53
C GLY B 80 27.82 -31.26 -37.97
N VAL B 81 28.83 -30.45 -38.30
CA VAL B 81 29.20 -30.25 -39.70
C VAL B 81 30.12 -31.35 -40.24
N SER B 82 31.12 -31.78 -39.44
CA SER B 82 32.11 -32.77 -39.86
C SER B 82 32.80 -33.43 -38.66
N SER B 83 33.49 -34.56 -38.89
CA SER B 83 34.16 -35.35 -37.86
C SER B 83 35.50 -34.75 -37.44
N VAL B 84 36.00 -35.13 -36.24
CA VAL B 84 37.28 -34.65 -35.72
C VAL B 84 38.15 -35.85 -35.31
N ASP B 85 39.40 -35.88 -35.81
CA ASP B 85 40.41 -36.85 -35.40
C ASP B 85 40.92 -36.49 -33.99
N LEU B 86 40.77 -37.41 -33.01
CA LEU B 86 41.21 -37.18 -31.65
C LEU B 86 42.32 -38.15 -31.23
N SER B 87 43.08 -38.72 -32.18
CA SER B 87 44.14 -39.65 -31.78
C SER B 87 45.22 -38.94 -30.97
N PRO B 88 45.65 -39.48 -29.81
CA PRO B 88 46.61 -38.79 -28.96
C PRO B 88 48.04 -38.68 -29.51
N SER B 89 48.36 -39.40 -30.58
CA SER B 89 49.65 -39.21 -31.24
C SER B 89 49.68 -37.92 -32.09
N THR B 90 48.50 -37.47 -32.57
CA THR B 90 48.39 -36.33 -33.47
C THR B 90 47.88 -35.09 -32.75
N THR B 91 46.89 -35.25 -31.86
CA THR B 91 46.25 -34.18 -31.12
C THR B 91 47.11 -33.75 -29.92
N ALA B 92 47.09 -32.46 -29.56
CA ALA B 92 47.65 -32.01 -28.29
C ALA B 92 46.54 -31.47 -27.39
N ILE B 93 46.69 -31.66 -26.07
CA ILE B 93 45.91 -30.91 -25.09
C ILE B 93 46.91 -30.18 -24.20
N SER B 94 46.86 -28.84 -24.21
CA SER B 94 47.72 -28.03 -23.34
C SER B 94 46.96 -27.58 -22.11
N PHE B 95 47.69 -27.32 -21.01
CA PHE B 95 47.11 -26.84 -19.77
C PHE B 95 48.00 -25.74 -19.19
N THR B 96 47.42 -24.56 -18.92
CA THR B 96 48.18 -23.48 -18.32
C THR B 96 47.42 -22.83 -17.15
N ALA B 97 48.18 -22.49 -16.10
CA ALA B 97 47.68 -21.67 -14.99
C ALA B 97 48.69 -20.54 -14.81
N ALA B 98 48.47 -19.46 -15.58
CA ALA B 98 49.44 -18.40 -15.83
C ALA B 98 49.93 -17.74 -14.53
N SER B 99 49.00 -17.49 -13.60
CA SER B 99 49.26 -16.83 -12.32
C SER B 99 50.38 -17.50 -11.53
N ARG B 100 50.43 -18.85 -11.57
CA ARG B 100 51.43 -19.65 -10.85
C ARG B 100 52.54 -20.19 -11.75
N GLY B 101 52.55 -19.79 -13.03
CA GLY B 101 53.62 -20.14 -13.96
C GLY B 101 53.61 -21.59 -14.42
N VAL B 102 52.50 -22.31 -14.21
CA VAL B 102 52.34 -23.66 -14.74
C VAL B 102 51.95 -23.57 -16.21
N SER B 103 52.73 -24.26 -17.06
CA SER B 103 52.45 -24.28 -18.49
C SER B 103 52.90 -25.63 -19.07
N LEU B 104 51.91 -26.46 -19.45
CA LEU B 104 52.15 -27.76 -20.01
C LEU B 104 51.71 -27.73 -21.48
N SER B 105 52.65 -28.04 -22.38
CA SER B 105 52.39 -27.92 -23.82
C SER B 105 51.55 -29.08 -24.35
N ASN B 106 51.71 -30.30 -23.80
CA ASN B 106 50.90 -31.43 -24.21
C ASN B 106 50.79 -32.50 -23.11
N ILE B 107 49.57 -32.71 -22.61
CA ILE B 107 49.28 -33.70 -21.57
C ILE B 107 48.44 -34.87 -22.09
N TYR B 108 48.01 -34.84 -23.35
CA TYR B 108 47.13 -35.88 -23.89
C TYR B 108 47.92 -37.15 -24.18
N GLN B 109 47.45 -38.30 -23.67
CA GLN B 109 48.22 -39.54 -23.75
C GLN B 109 47.41 -40.73 -24.25
N PHE B 110 46.13 -40.84 -23.84
CA PHE B 110 45.36 -42.06 -24.04
C PHE B 110 43.93 -41.76 -24.49
N SER B 111 43.34 -42.69 -25.23
CA SER B 111 41.93 -42.59 -25.57
C SER B 111 41.25 -43.96 -25.50
N LEU B 112 40.05 -44.00 -24.90
CA LEU B 112 39.22 -45.19 -24.93
C LEU B 112 38.39 -45.30 -26.22
N LEU B 113 38.44 -44.28 -27.10
CA LEU B 113 37.82 -44.37 -28.42
C LEU B 113 38.44 -45.52 -29.24
N SER B 114 39.70 -45.84 -28.97
CA SER B 114 40.47 -46.93 -29.57
C SER B 114 39.99 -48.33 -29.16
N VAL B 115 39.18 -48.42 -28.08
CA VAL B 115 39.00 -49.67 -27.35
C VAL B 115 37.60 -50.27 -27.61
N LEU B 116 37.56 -51.54 -28.02
CA LEU B 116 36.31 -52.27 -28.18
C LEU B 116 35.79 -52.77 -26.83
N PRO B 117 34.47 -52.81 -26.57
CA PRO B 117 33.92 -53.29 -25.30
C PRO B 117 34.46 -54.64 -24.81
N SER B 118 34.70 -55.59 -25.72
CA SER B 118 35.21 -56.91 -25.40
C SER B 118 36.62 -56.89 -24.78
N GLN B 119 37.33 -55.76 -24.89
CA GLN B 119 38.68 -55.62 -24.34
C GLN B 119 38.64 -55.20 -22.87
N VAL B 120 37.48 -54.74 -22.35
CA VAL B 120 37.38 -54.19 -21.00
C VAL B 120 36.28 -54.87 -20.17
N ASN B 121 35.14 -55.22 -20.79
CA ASN B 121 34.06 -55.88 -20.09
C ASN B 121 34.48 -57.29 -19.63
N ASN B 122 34.07 -57.67 -18.41
CA ASN B 122 34.35 -58.96 -17.78
C ASN B 122 35.85 -59.19 -17.52
N LYS B 123 36.66 -58.12 -17.49
CA LYS B 123 38.11 -58.26 -17.37
C LYS B 123 38.71 -57.62 -16.12
N VAL B 124 37.91 -56.82 -15.39
CA VAL B 124 38.21 -56.45 -14.01
C VAL B 124 37.11 -56.98 -13.10
N GLN B 125 37.50 -57.41 -11.89
CA GLN B 125 36.60 -58.16 -11.03
C GLN B 125 36.79 -57.78 -9.56
N VAL B 126 35.71 -57.93 -8.79
CA VAL B 126 35.64 -57.54 -7.38
C VAL B 126 35.41 -58.80 -6.55
N LYS B 127 36.16 -58.91 -5.43
CA LYS B 127 36.00 -60.00 -4.49
C LYS B 127 35.21 -59.51 -3.27
N LEU B 128 34.06 -60.16 -3.01
CA LEU B 128 33.21 -59.87 -1.85
C LEU B 128 33.06 -61.15 -1.04
N GLY B 129 33.90 -61.30 -0.01
CA GLY B 129 34.08 -62.59 0.66
C GLY B 129 34.58 -63.65 -0.32
N THR B 130 33.89 -64.81 -0.35
CA THR B 130 34.18 -65.91 -1.26
C THR B 130 33.79 -65.56 -2.71
N SER B 131 32.72 -64.76 -2.87
CA SER B 131 32.13 -64.45 -4.17
C SER B 131 33.00 -63.50 -5.00
N ILE B 132 33.00 -63.69 -6.33
CA ILE B 132 33.75 -62.84 -7.26
C ILE B 132 32.84 -62.39 -8.41
N ILE B 133 32.83 -61.08 -8.68
CA ILE B 133 31.92 -60.46 -9.63
C ILE B 133 32.71 -59.76 -10.74
N ASN B 134 32.39 -60.08 -12.00
CA ASN B 134 32.99 -59.41 -13.15
C ASN B 134 32.21 -58.13 -13.42
N LEU B 135 32.94 -57.04 -13.73
CA LEU B 135 32.33 -55.74 -14.01
C LEU B 135 32.09 -55.54 -15.52
N THR B 136 30.98 -54.84 -15.82
CA THR B 136 30.71 -54.27 -17.14
C THR B 136 30.97 -52.77 -17.06
N LEU B 137 31.81 -52.23 -17.96
CA LEU B 137 32.28 -50.86 -17.88
C LEU B 137 31.88 -50.08 -19.14
N ALA B 138 32.09 -50.67 -20.32
CA ALA B 138 31.63 -50.12 -21.58
C ALA B 138 30.20 -50.60 -21.85
N PHE B 139 29.25 -49.64 -21.87
CA PHE B 139 27.88 -49.95 -22.24
C PHE B 139 27.71 -49.82 -23.75
N SER B 140 26.69 -50.48 -24.31
CA SER B 140 26.47 -50.49 -25.74
C SER B 140 24.98 -50.62 -26.10
N SER B 141 24.61 -50.06 -27.26
CA SER B 141 23.27 -50.15 -27.83
C SER B 141 23.35 -50.20 -29.36
N ASN B 142 22.29 -50.73 -30.00
CA ASN B 142 22.26 -50.90 -31.45
C ASN B 142 21.22 -49.97 -32.09
N SER B 143 21.65 -49.23 -33.13
CA SER B 143 20.75 -48.52 -34.04
C SER B 143 21.23 -48.71 -35.48
N ALA B 144 20.33 -49.05 -36.40
CA ALA B 144 20.60 -49.19 -37.82
C ALA B 144 21.83 -50.07 -38.12
N GLY B 145 22.00 -51.15 -37.35
CA GLY B 145 23.07 -52.12 -37.58
C GLY B 145 24.45 -51.70 -37.09
N GLN B 146 24.55 -50.51 -36.45
CA GLN B 146 25.77 -50.04 -35.81
C GLN B 146 25.68 -50.24 -34.30
N THR B 147 26.79 -50.64 -33.67
CA THR B 147 26.89 -50.69 -32.22
C THR B 147 27.51 -49.40 -31.71
N TYR B 148 26.73 -48.63 -30.93
CA TYR B 148 27.21 -47.45 -30.23
C TYR B 148 27.87 -47.90 -28.92
N VAL B 149 28.92 -47.18 -28.48
CA VAL B 149 29.68 -47.54 -27.28
C VAL B 149 29.89 -46.30 -26.43
N TYR B 150 29.77 -46.44 -25.10
CA TYR B 150 30.00 -45.32 -24.19
C TYR B 150 30.28 -45.81 -22.76
N TYR B 151 30.80 -44.90 -21.93
CA TYR B 151 30.97 -45.11 -20.50
C TYR B 151 29.99 -44.21 -19.77
N SER B 152 29.25 -44.77 -18.81
CA SER B 152 28.16 -44.07 -18.14
C SER B 152 28.68 -42.96 -17.23
N ASP B 153 29.90 -43.13 -16.70
CA ASP B 153 30.50 -42.15 -15.78
C ASP B 153 32.03 -42.15 -15.88
N PRO B 154 32.73 -41.13 -15.33
CA PRO B 154 34.19 -41.12 -15.25
C PRO B 154 34.79 -42.29 -14.47
N ASN B 155 34.07 -42.85 -13.48
CA ASN B 155 34.59 -43.93 -12.65
C ASN B 155 34.81 -45.21 -13.46
N TYR B 156 33.81 -45.61 -14.26
CA TYR B 156 33.95 -46.76 -15.14
C TYR B 156 34.97 -46.50 -16.25
N ALA B 157 35.08 -45.25 -16.73
CA ALA B 157 36.12 -44.89 -17.67
C ALA B 157 37.52 -45.05 -17.07
N LEU B 158 37.73 -44.60 -15.81
CA LEU B 158 39.00 -44.77 -15.11
C LEU B 158 39.39 -46.23 -14.95
N LEU B 159 38.44 -47.08 -14.53
CA LEU B 159 38.71 -48.52 -14.37
C LEU B 159 39.09 -49.17 -15.71
N ALA B 160 38.35 -48.83 -16.77
CA ALA B 160 38.63 -49.30 -18.13
C ALA B 160 40.01 -48.85 -18.63
N LEU B 161 40.38 -47.59 -18.33
CA LEU B 161 41.70 -47.08 -18.68
C LEU B 161 42.78 -47.78 -17.88
N ASN B 162 42.62 -47.90 -16.56
CA ASN B 162 43.57 -48.59 -15.73
C ASN B 162 43.91 -49.97 -16.33
N TYR B 163 42.88 -50.77 -16.63
CA TYR B 163 43.03 -52.09 -17.20
C TYR B 163 43.79 -52.04 -18.54
N THR B 164 43.34 -51.18 -19.45
CA THR B 164 43.94 -50.99 -20.77
C THR B 164 45.44 -50.70 -20.66
N LEU B 165 45.83 -49.75 -19.80
CA LEU B 165 47.21 -49.37 -19.62
C LEU B 165 48.03 -50.49 -18.97
N GLY B 166 47.48 -51.17 -17.94
CA GLY B 166 48.11 -52.34 -17.36
C GLY B 166 48.41 -53.44 -18.39
N GLN B 167 47.46 -53.65 -19.31
CA GLN B 167 47.58 -54.62 -20.39
C GLN B 167 48.62 -54.21 -21.42
N GLU B 168 48.70 -52.91 -21.76
CA GLU B 168 49.71 -52.37 -22.67
C GLU B 168 51.12 -52.47 -22.09
N VAL B 169 51.28 -52.28 -20.78
CA VAL B 169 52.55 -52.48 -20.09
C VAL B 169 52.94 -53.96 -20.13
N LYS B 170 52.00 -54.86 -19.84
CA LYS B 170 52.21 -56.30 -19.86
C LYS B 170 52.62 -56.79 -21.25
N GLY B 171 52.02 -56.21 -22.30
CA GLY B 171 52.36 -56.50 -23.69
C GLY B 171 53.62 -55.79 -24.21
N GLY B 172 54.28 -54.99 -23.37
CA GLY B 172 55.52 -54.30 -23.72
C GLY B 172 55.35 -53.11 -24.66
N GLN B 173 54.09 -52.71 -24.92
CA GLN B 173 53.77 -51.60 -25.82
C GLN B 173 53.97 -50.24 -25.13
N LEU B 174 53.96 -50.23 -23.79
CA LEU B 174 54.09 -49.04 -22.96
C LEU B 174 55.09 -49.32 -21.83
N THR B 175 55.95 -48.35 -21.49
CA THR B 175 57.04 -48.57 -20.54
C THR B 175 56.52 -48.68 -19.10
N SER B 176 55.66 -47.73 -18.70
CA SER B 176 54.99 -47.67 -17.41
C SER B 176 53.61 -47.02 -17.56
N SER B 177 52.64 -47.45 -16.74
CA SER B 177 51.37 -46.76 -16.63
C SER B 177 51.51 -45.56 -15.68
N PRO B 178 51.05 -44.35 -16.06
CA PRO B 178 51.00 -43.23 -15.11
C PRO B 178 49.85 -43.34 -14.10
N LEU B 179 48.91 -44.26 -14.35
CA LEU B 179 47.74 -44.48 -13.50
C LEU B 179 47.78 -45.89 -12.91
N TYR B 180 47.48 -46.00 -11.61
CA TYR B 180 47.39 -47.29 -10.94
C TYR B 180 46.25 -47.29 -9.94
N ILE B 181 45.23 -48.14 -10.16
CA ILE B 181 44.03 -48.17 -9.34
C ILE B 181 43.97 -49.48 -8.54
N ILE B 182 43.72 -49.36 -7.21
CA ILE B 182 43.60 -50.50 -6.30
C ILE B 182 42.45 -50.28 -5.31
N SER B 183 41.87 -51.36 -4.81
CA SER B 183 40.89 -51.31 -3.73
C SER B 183 41.54 -51.58 -2.36
N ASN B 184 42.59 -52.39 -2.39
CA ASN B 184 43.34 -52.79 -1.22
C ASN B 184 44.45 -51.78 -0.97
N THR B 185 44.41 -51.09 0.18
CA THR B 185 45.46 -50.15 0.53
C THR B 185 46.70 -50.81 1.13
N SER B 186 46.58 -52.06 1.61
CA SER B 186 47.66 -52.79 2.27
C SER B 186 48.88 -52.97 1.36
N ILE B 187 48.63 -53.04 0.04
CA ILE B 187 49.64 -53.27 -0.99
C ILE B 187 50.71 -52.16 -1.00
N VAL B 188 50.30 -50.93 -0.66
CA VAL B 188 51.09 -49.71 -0.82
C VAL B 188 52.42 -49.77 -0.07
N ALA B 189 52.46 -50.41 1.11
CA ALA B 189 53.67 -50.55 1.90
C ALA B 189 54.80 -51.25 1.13
N SER B 190 54.45 -52.16 0.21
CA SER B 190 55.38 -52.94 -0.58
C SER B 190 55.80 -52.25 -1.89
N LYS B 191 55.18 -51.10 -2.20
CA LYS B 191 55.34 -50.38 -3.46
C LYS B 191 55.63 -48.90 -3.18
N PRO B 192 56.84 -48.55 -2.68
CA PRO B 192 57.11 -47.21 -2.14
C PRO B 192 57.00 -46.06 -3.14
N TRP B 193 57.08 -46.34 -4.44
CA TRP B 193 56.85 -45.34 -5.47
C TRP B 193 55.43 -44.77 -5.43
N LEU B 194 54.46 -45.54 -4.90
CA LEU B 194 53.08 -45.07 -4.73
C LEU B 194 52.92 -44.09 -3.56
N LYS B 195 53.94 -43.95 -2.69
CA LYS B 195 53.83 -43.14 -1.48
C LYS B 195 53.78 -41.64 -1.79
N ASN B 196 54.44 -41.23 -2.89
CA ASN B 196 54.79 -39.83 -3.13
C ASN B 196 53.97 -39.20 -4.26
N ASP B 197 53.35 -40.00 -5.14
CA ASP B 197 52.54 -39.47 -6.23
C ASP B 197 51.11 -39.13 -5.76
N ASN B 198 50.31 -38.49 -6.63
CA ASN B 198 49.01 -37.95 -6.26
C ASN B 198 47.98 -39.07 -6.12
N VAL B 199 47.12 -39.00 -5.08
CA VAL B 199 46.11 -40.03 -4.86
C VAL B 199 44.73 -39.41 -4.58
N PHE B 200 43.71 -39.95 -5.25
CA PHE B 200 42.31 -39.63 -5.01
C PHE B 200 41.49 -40.92 -4.97
N THR B 201 40.26 -40.85 -4.46
CA THR B 201 39.41 -42.04 -4.35
C THR B 201 38.06 -41.84 -5.03
N PHE B 202 37.45 -42.97 -5.42
CA PHE B 202 36.10 -42.99 -5.95
C PHE B 202 35.41 -44.30 -5.56
N ASN B 203 34.07 -44.29 -5.56
CA ASN B 203 33.29 -45.43 -5.10
C ASN B 203 32.31 -45.90 -6.19
N ILE B 204 32.24 -47.23 -6.38
CA ILE B 204 31.24 -47.86 -7.24
C ILE B 204 30.40 -48.81 -6.40
N SER B 205 29.17 -49.11 -6.85
CA SER B 205 28.30 -50.08 -6.21
C SER B 205 28.35 -51.42 -6.95
N VAL B 206 28.76 -52.49 -6.25
CA VAL B 206 28.81 -53.83 -6.79
C VAL B 206 28.05 -54.74 -5.84
N ASN B 207 27.06 -55.48 -6.36
CA ASN B 207 26.26 -56.31 -5.47
C ASN B 207 25.76 -55.45 -4.31
N GLY B 208 25.19 -54.29 -4.66
CA GLY B 208 24.61 -53.34 -3.72
C GLY B 208 25.57 -52.84 -2.63
N THR B 209 26.86 -53.19 -2.73
CA THR B 209 27.88 -52.86 -1.74
C THR B 209 28.80 -51.77 -2.29
N GLU B 210 29.11 -50.76 -1.46
CA GLU B 210 30.06 -49.72 -1.82
C GLU B 210 31.50 -50.27 -1.83
N VAL B 211 32.17 -50.16 -2.99
CA VAL B 211 33.57 -50.51 -3.15
C VAL B 211 34.34 -49.21 -3.38
N GLU B 212 35.36 -48.94 -2.55
CA GLU B 212 36.20 -47.78 -2.70
C GLU B 212 37.50 -48.15 -3.43
N TYR B 213 37.82 -47.37 -4.45
CA TYR B 213 39.06 -47.48 -5.20
C TYR B 213 39.93 -46.24 -4.98
N TYR B 214 41.24 -46.50 -4.89
CA TYR B 214 42.28 -45.50 -4.73
C TYR B 214 43.05 -45.42 -6.05
N ALA B 215 43.07 -44.24 -6.66
CA ALA B 215 43.73 -44.00 -7.94
C ALA B 215 45.02 -43.22 -7.71
N TYR B 216 46.16 -43.84 -8.06
CA TYR B 216 47.48 -43.25 -7.93
C TYR B 216 47.92 -42.71 -9.28
N VAL B 217 48.23 -41.41 -9.34
CA VAL B 217 48.59 -40.76 -10.60
C VAL B 217 50.04 -40.28 -10.52
N ASN B 218 50.83 -40.56 -11.56
CA ASN B 218 52.25 -40.21 -11.62
C ASN B 218 52.46 -38.76 -12.02
N LYS B 219 51.97 -38.42 -13.21
CA LYS B 219 52.17 -37.11 -13.80
C LYS B 219 50.82 -36.62 -14.31
N THR B 220 50.68 -35.29 -14.45
CA THR B 220 49.47 -34.71 -15.02
C THR B 220 49.28 -35.22 -16.45
N PHE B 221 48.12 -35.83 -16.72
CA PHE B 221 47.80 -36.33 -18.05
C PHE B 221 46.31 -36.20 -18.33
N ALA B 222 45.96 -36.26 -19.62
CA ALA B 222 44.58 -36.24 -20.07
C ALA B 222 44.26 -37.48 -20.89
N PHE B 223 42.99 -37.92 -20.81
CA PHE B 223 42.49 -38.98 -21.67
C PHE B 223 41.06 -38.67 -22.11
N THR B 224 40.63 -39.30 -23.21
CA THR B 224 39.29 -39.09 -23.75
C THR B 224 38.54 -40.42 -23.80
N TYR B 225 37.20 -40.33 -23.69
CA TYR B 225 36.34 -41.50 -23.75
C TYR B 225 34.98 -41.16 -24.36
N PRO B 226 34.29 -42.12 -25.01
CA PRO B 226 32.98 -41.83 -25.59
C PRO B 226 31.86 -41.75 -24.57
N VAL B 227 30.94 -40.78 -24.78
CA VAL B 227 29.81 -40.51 -23.89
C VAL B 227 28.47 -40.79 -24.58
N SER B 228 28.33 -40.39 -25.86
CA SER B 228 27.18 -40.80 -26.68
C SER B 228 27.48 -40.61 -28.17
N GLY B 229 26.66 -41.21 -29.04
CA GLY B 229 26.69 -40.96 -30.47
C GLY B 229 27.99 -41.42 -31.14
N PHE B 230 28.65 -42.42 -30.54
CA PHE B 230 29.94 -42.92 -31.02
C PHE B 230 29.83 -44.37 -31.49
N PRO B 231 29.56 -44.62 -32.79
CA PRO B 231 29.57 -45.97 -33.36
C PRO B 231 30.94 -46.44 -33.86
N LEU B 232 31.94 -45.54 -33.88
CA LEU B 232 33.22 -45.81 -34.53
C LEU B 232 34.26 -46.39 -33.57
N ALA B 233 33.84 -47.32 -32.68
CA ALA B 233 34.74 -47.95 -31.71
C ALA B 233 35.94 -48.59 -32.42
N GLY B 234 37.16 -48.25 -31.95
CA GLY B 234 38.40 -48.67 -32.56
C GLY B 234 39.18 -47.57 -33.29
N SER B 235 38.60 -46.37 -33.48
CA SER B 235 39.07 -45.44 -34.53
C SER B 235 39.78 -44.16 -34.05
N ASP B 236 39.52 -43.69 -32.82
CA ASP B 236 39.92 -42.36 -32.35
C ASP B 236 39.25 -41.20 -33.11
N ILE B 237 38.21 -41.45 -33.93
CA ILE B 237 37.55 -40.36 -34.65
C ILE B 237 36.21 -40.05 -33.97
N ALA B 238 36.01 -38.78 -33.59
CA ALA B 238 34.70 -38.33 -33.10
C ALA B 238 33.83 -37.93 -34.29
N PRO B 239 32.76 -38.68 -34.66
CA PRO B 239 31.90 -38.28 -35.77
C PRO B 239 31.01 -37.12 -35.38
N ALA B 240 30.47 -36.41 -36.38
CA ALA B 240 29.51 -35.35 -36.13
C ALA B 240 28.28 -35.90 -35.41
N GLY B 241 27.88 -35.24 -34.32
CA GLY B 241 26.80 -35.69 -33.46
C GLY B 241 27.20 -36.74 -32.42
N SER B 242 28.50 -36.87 -32.14
CA SER B 242 29.02 -37.63 -30.99
C SER B 242 29.29 -36.70 -29.81
N VAL B 243 29.46 -37.27 -28.61
CA VAL B 243 29.81 -36.55 -27.40
C VAL B 243 30.97 -37.29 -26.74
N ILE B 244 32.07 -36.57 -26.45
CA ILE B 244 33.32 -37.14 -25.99
C ILE B 244 33.66 -36.56 -24.61
N GLY B 245 33.89 -37.42 -23.62
CA GLY B 245 34.36 -36.96 -22.32
C GLY B 245 35.87 -36.73 -22.35
N VAL B 246 36.33 -35.61 -21.78
CA VAL B 246 37.73 -35.30 -21.62
C VAL B 246 38.01 -35.22 -20.12
N MET B 247 38.98 -36.00 -19.64
CA MET B 247 39.33 -35.98 -18.23
C MET B 247 40.82 -35.72 -18.05
N ILE B 248 41.14 -34.74 -17.20
CA ILE B 248 42.51 -34.38 -16.86
C ILE B 248 42.75 -34.82 -15.42
N LEU B 249 43.76 -35.68 -15.19
CA LEU B 249 44.16 -36.06 -13.85
C LEU B 249 45.46 -35.35 -13.49
N PHE B 250 45.52 -34.74 -12.30
CA PHE B 250 46.71 -33.99 -11.89
C PHE B 250 47.70 -34.90 -11.19
N GLY B 251 48.99 -34.77 -11.54
CA GLY B 251 50.07 -35.45 -10.85
C GLY B 251 50.60 -34.63 -9.66
N PRO B 252 51.63 -35.12 -8.93
CA PRO B 252 52.10 -34.46 -7.71
C PRO B 252 52.64 -33.05 -7.92
N GLY B 253 53.15 -32.74 -9.12
CA GLY B 253 53.60 -31.40 -9.47
C GLY B 253 52.49 -30.35 -9.45
N GLU B 254 51.46 -30.56 -10.28
CA GLU B 254 50.37 -29.60 -10.44
C GLU B 254 49.33 -29.68 -9.31
N ALA B 255 49.29 -30.80 -8.58
CA ALA B 255 48.31 -31.04 -7.52
C ALA B 255 48.56 -30.19 -6.27
N THR B 256 49.76 -29.61 -6.12
CA THR B 256 50.37 -29.23 -4.84
C THR B 256 49.54 -28.26 -3.99
N ASN B 257 48.80 -27.33 -4.62
CA ASN B 257 47.73 -26.60 -3.96
C ASN B 257 46.64 -26.20 -4.94
N VAL B 258 45.43 -25.99 -4.40
CA VAL B 258 44.17 -25.82 -5.15
C VAL B 258 44.19 -24.51 -5.95
N PHE B 259 43.48 -24.49 -7.10
CA PHE B 259 43.30 -23.26 -7.86
C PHE B 259 42.32 -22.33 -7.15
N GLN B 260 42.77 -21.12 -6.77
CA GLN B 260 41.93 -20.10 -6.17
C GLN B 260 42.35 -18.71 -6.66
N TYR B 261 41.37 -17.89 -7.06
CA TYR B 261 41.61 -16.52 -7.51
C TYR B 261 42.60 -16.51 -8.68
N GLU B 262 42.40 -17.44 -9.62
CA GLU B 262 43.35 -17.75 -10.69
C GLU B 262 42.61 -18.06 -11.98
N THR B 263 43.25 -17.76 -13.12
CA THR B 263 42.73 -18.20 -14.41
C THR B 263 43.42 -19.50 -14.82
N VAL B 264 42.61 -20.49 -15.23
CA VAL B 264 43.11 -21.74 -15.83
C VAL B 264 42.64 -21.79 -17.29
N THR B 265 43.55 -22.22 -18.18
CA THR B 265 43.28 -22.35 -19.61
C THR B 265 43.63 -23.76 -20.09
N ILE B 266 42.73 -24.36 -20.88
CA ILE B 266 42.95 -25.64 -21.53
C ILE B 266 42.75 -25.42 -23.03
N GLN B 267 43.60 -26.02 -23.87
CA GLN B 267 43.38 -25.95 -25.30
C GLN B 267 43.52 -27.34 -25.92
N ILE B 268 42.56 -27.72 -26.77
CA ILE B 268 42.62 -28.95 -27.53
C ILE B 268 42.91 -28.58 -28.99
N THR B 269 43.99 -29.16 -29.55
CA THR B 269 44.40 -28.84 -30.91
C THR B 269 44.52 -30.12 -31.74
N PRO B 270 43.46 -30.52 -32.50
CA PRO B 270 43.57 -31.64 -33.43
C PRO B 270 44.40 -31.28 -34.66
N ASN B 271 44.74 -32.29 -35.47
CA ASN B 271 45.66 -32.16 -36.59
C ASN B 271 45.07 -31.40 -37.78
N ILE B 272 43.74 -31.28 -37.84
CA ILE B 272 43.00 -30.56 -38.86
C ILE B 272 41.95 -29.71 -38.14
N GLY B 273 41.74 -28.47 -38.62
CA GLY B 273 40.70 -27.61 -38.08
C GLY B 273 41.18 -26.73 -36.92
N SER B 274 40.28 -25.86 -36.45
CA SER B 274 40.61 -24.88 -35.44
C SER B 274 40.62 -25.52 -34.04
N PRO B 275 41.52 -25.08 -33.14
CA PRO B 275 41.55 -25.60 -31.77
C PRO B 275 40.43 -25.02 -30.91
N LEU B 276 40.08 -25.77 -29.86
CA LEU B 276 39.11 -25.32 -28.87
C LEU B 276 39.88 -24.79 -27.66
N THR B 277 39.63 -23.51 -27.31
CA THR B 277 40.27 -22.87 -26.16
C THR B 277 39.25 -22.63 -25.05
N ILE B 278 39.56 -23.16 -23.86
CA ILE B 278 38.69 -23.14 -22.69
C ILE B 278 39.40 -22.32 -21.61
N SER B 279 38.74 -21.28 -21.04
CA SER B 279 39.31 -20.45 -19.97
C SER B 279 38.29 -20.18 -18.86
N GLN B 280 38.72 -20.37 -17.59
CA GLN B 280 37.89 -20.08 -16.42
C GLN B 280 38.70 -19.31 -15.38
N TYR B 281 38.10 -18.25 -14.82
CA TYR B 281 38.58 -17.71 -13.55
C TYR B 281 37.96 -18.52 -12.42
N ILE B 282 38.81 -19.19 -11.64
CA ILE B 282 38.37 -20.11 -10.60
C ILE B 282 38.35 -19.40 -9.25
N TYR B 283 37.14 -19.17 -8.73
CA TYR B 283 36.94 -18.88 -7.32
C TYR B 283 37.16 -20.15 -6.49
N GLN B 284 37.22 -19.99 -5.17
CA GLN B 284 37.33 -21.10 -4.22
C GLN B 284 36.38 -22.27 -4.56
N PRO B 285 36.85 -23.54 -4.47
CA PRO B 285 35.97 -24.70 -4.70
C PRO B 285 35.05 -24.95 -3.51
N ASP B 286 33.79 -25.31 -3.81
CA ASP B 286 32.69 -25.27 -2.87
C ASP B 286 32.18 -26.65 -2.41
N GLY B 287 32.69 -27.73 -3.02
CA GLY B 287 32.32 -29.11 -2.71
C GLY B 287 33.34 -30.12 -3.25
N LYS B 288 33.08 -31.42 -3.01
CA LYS B 288 33.94 -32.51 -3.48
C LYS B 288 34.20 -32.39 -4.99
N VAL B 289 33.14 -32.06 -5.73
CA VAL B 289 33.23 -31.58 -7.10
C VAL B 289 32.66 -30.16 -7.12
N THR B 290 33.27 -29.28 -7.93
CA THR B 290 32.79 -27.91 -8.09
C THR B 290 32.62 -27.61 -9.58
N VAL B 291 31.61 -26.81 -9.92
CA VAL B 291 31.34 -26.43 -11.30
C VAL B 291 32.07 -25.12 -11.58
N ILE B 292 33.06 -25.15 -12.48
CA ILE B 292 33.92 -23.99 -12.70
C ILE B 292 33.62 -23.26 -14.02
N GLY B 293 32.92 -23.92 -14.96
CA GLY B 293 32.69 -23.35 -16.27
C GLY B 293 31.50 -23.96 -16.99
N LEU C 1 72.20 -23.13 -95.59
CA LEU C 1 71.40 -21.87 -95.81
C LEU C 1 70.52 -21.57 -94.60
N ALA C 2 69.51 -22.41 -94.33
CA ALA C 2 68.49 -22.12 -93.31
C ALA C 2 69.05 -22.26 -91.88
N GLY C 3 70.21 -22.89 -91.71
CA GLY C 3 70.81 -23.12 -90.41
C GLY C 3 71.41 -21.87 -89.77
N LEU C 4 71.11 -20.68 -90.33
CA LEU C 4 71.68 -19.42 -89.88
C LEU C 4 70.61 -18.34 -89.65
N ASP C 5 69.77 -18.08 -90.67
CA ASP C 5 68.73 -17.06 -90.58
C ASP C 5 67.75 -17.38 -89.44
N THR C 6 67.38 -18.66 -89.30
CA THR C 6 66.55 -19.17 -88.20
C THR C 6 67.20 -18.92 -86.82
N ALA C 7 68.53 -19.12 -86.72
CA ALA C 7 69.26 -18.96 -85.47
C ALA C 7 69.24 -17.50 -84.99
N ILE C 8 69.36 -16.55 -85.93
CA ILE C 8 69.31 -15.13 -85.66
C ILE C 8 67.93 -14.73 -85.09
N ILE C 9 66.86 -15.22 -85.72
CA ILE C 9 65.50 -14.91 -85.28
C ILE C 9 65.24 -15.50 -83.89
N LEU C 10 65.75 -16.72 -83.65
CA LEU C 10 65.68 -17.35 -82.33
C LEU C 10 66.35 -16.47 -81.27
N ILE C 11 67.59 -16.00 -81.51
CA ILE C 11 68.30 -15.09 -80.62
C ILE C 11 67.43 -13.88 -80.28
N ALA C 12 66.87 -13.22 -81.30
CA ALA C 12 66.03 -12.03 -81.16
C ALA C 12 64.76 -12.30 -80.34
N PHE C 13 64.09 -13.43 -80.60
CA PHE C 13 62.85 -13.79 -79.92
C PHE C 13 63.11 -14.13 -78.46
N ILE C 14 64.25 -14.78 -78.15
CA ILE C 14 64.67 -15.06 -76.78
C ILE C 14 64.84 -13.74 -76.02
N ILE C 15 65.61 -12.81 -76.59
CA ILE C 15 65.86 -11.50 -75.99
C ILE C 15 64.54 -10.76 -75.75
N THR C 16 63.62 -10.80 -76.73
CA THR C 16 62.30 -10.19 -76.64
C THR C 16 61.51 -10.74 -75.46
N ALA C 17 61.48 -12.07 -75.29
CA ALA C 17 60.81 -12.73 -74.18
C ALA C 17 61.48 -12.40 -72.84
N ALA C 18 62.82 -12.40 -72.80
CA ALA C 18 63.59 -12.06 -71.61
C ALA C 18 63.30 -10.63 -71.12
N VAL C 19 63.12 -9.68 -72.06
CA VAL C 19 62.74 -8.31 -71.78
C VAL C 19 61.35 -8.25 -71.13
N LEU C 20 60.35 -8.99 -71.65
CA LEU C 20 59.05 -9.04 -71.00
C LEU C 20 59.15 -9.68 -69.61
N ALA C 21 59.92 -10.77 -69.49
CA ALA C 21 60.16 -11.44 -68.21
C ALA C 21 60.71 -10.46 -67.17
N TYR C 22 61.75 -9.72 -67.53
CA TYR C 22 62.41 -8.71 -66.71
C TYR C 22 61.39 -7.69 -66.18
N VAL C 23 60.59 -7.12 -67.08
CA VAL C 23 59.58 -6.11 -66.74
C VAL C 23 58.47 -6.69 -65.87
N ALA C 24 57.91 -7.84 -66.25
CA ALA C 24 56.80 -8.46 -65.54
C ALA C 24 57.16 -8.80 -64.09
N VAL C 25 58.35 -9.37 -63.85
CA VAL C 25 58.78 -9.74 -62.50
C VAL C 25 58.99 -8.48 -61.64
N ASN C 26 59.72 -7.48 -62.16
CA ASN C 26 59.95 -6.21 -61.50
C ASN C 26 58.62 -5.55 -61.10
N MET C 27 57.68 -5.48 -62.04
CA MET C 27 56.42 -4.81 -61.80
C MET C 27 55.52 -5.60 -60.85
N GLY C 28 55.57 -6.94 -60.87
CA GLY C 28 54.93 -7.80 -59.88
C GLY C 28 55.45 -7.56 -58.46
N LEU C 29 56.79 -7.51 -58.31
CA LEU C 29 57.42 -7.17 -57.03
C LEU C 29 56.95 -5.81 -56.54
N PHE C 30 56.92 -4.80 -57.43
CA PHE C 30 56.45 -3.47 -57.11
C PHE C 30 54.99 -3.47 -56.61
N VAL C 31 54.06 -3.96 -57.45
CA VAL C 31 52.63 -3.89 -57.18
C VAL C 31 52.26 -4.69 -55.91
N THR C 32 52.85 -5.87 -55.73
CA THR C 32 52.57 -6.68 -54.55
C THR C 32 53.00 -5.98 -53.26
N GLN C 33 54.09 -5.20 -53.31
CA GLN C 33 54.49 -4.41 -52.16
C GLN C 33 53.53 -3.23 -51.89
N LYS C 34 53.02 -2.59 -52.95
CA LYS C 34 51.97 -1.58 -52.82
C LYS C 34 50.73 -2.17 -52.15
N ALA C 35 50.35 -3.40 -52.54
CA ALA C 35 49.27 -4.16 -51.91
C ALA C 35 49.55 -4.41 -50.42
N LYS C 36 50.76 -4.90 -50.07
CA LYS C 36 51.17 -5.11 -48.68
C LYS C 36 50.98 -3.83 -47.85
N THR C 37 51.51 -2.71 -48.35
CA THR C 37 51.42 -1.41 -47.71
C THR C 37 49.97 -1.00 -47.50
N THR C 38 49.13 -1.18 -48.54
CA THR C 38 47.71 -0.85 -48.51
C THR C 38 46.98 -1.67 -47.44
N ILE C 39 47.24 -2.98 -47.37
CA ILE C 39 46.60 -3.86 -46.39
C ILE C 39 46.93 -3.40 -44.97
N ASN C 40 48.19 -3.02 -44.72
CA ASN C 40 48.61 -2.47 -43.44
C ASN C 40 47.86 -1.17 -43.11
N LYS C 41 47.78 -0.23 -44.06
CA LYS C 41 47.08 1.03 -43.88
C LYS C 41 45.57 0.84 -43.67
N GLY C 42 44.98 -0.17 -44.30
CA GLY C 42 43.58 -0.54 -44.08
C GLY C 42 43.32 -1.01 -42.65
N GLU C 43 44.21 -1.86 -42.11
CA GLU C 43 44.11 -2.35 -40.74
C GLU C 43 44.33 -1.22 -39.73
N GLU C 44 45.33 -0.35 -39.97
CA GLU C 44 45.54 0.85 -39.16
C GLU C 44 44.30 1.74 -39.15
N THR C 45 43.66 1.94 -40.32
CA THR C 45 42.46 2.76 -40.46
C THR C 45 41.27 2.17 -39.69
N ALA C 46 41.09 0.85 -39.73
CA ALA C 46 40.00 0.18 -39.03
C ALA C 46 40.21 0.17 -37.51
N SER C 47 41.47 0.05 -37.05
CA SER C 47 41.81 -0.08 -35.64
C SER C 47 41.86 1.26 -34.91
N THR C 48 42.52 2.27 -35.50
CA THR C 48 42.78 3.54 -34.81
C THR C 48 41.52 4.39 -34.66
N ALA C 49 41.22 4.78 -33.40
CA ALA C 49 40.08 5.63 -33.07
C ALA C 49 40.24 6.23 -31.67
N LEU C 50 39.56 7.36 -31.42
CA LEU C 50 39.50 7.99 -30.10
C LEU C 50 38.09 7.84 -29.51
N SER C 51 38.02 7.54 -28.21
CA SER C 51 36.79 7.59 -27.44
C SER C 51 36.80 8.81 -26.52
N LEU C 52 35.64 9.45 -26.37
CA LEU C 52 35.40 10.37 -25.27
C LEU C 52 35.42 9.58 -23.97
N SER C 53 36.34 9.91 -23.05
CA SER C 53 36.58 9.10 -21.85
C SER C 53 36.49 9.91 -20.56
N GLY C 54 35.66 10.97 -20.59
CA GLY C 54 35.27 11.73 -19.42
C GLY C 54 34.05 12.59 -19.74
N ASN C 55 33.54 13.33 -18.76
CA ASN C 55 32.48 14.29 -19.01
C ASN C 55 33.05 15.51 -19.74
N VAL C 56 32.17 16.25 -20.45
CA VAL C 56 32.51 17.51 -21.09
C VAL C 56 32.13 18.65 -20.15
N LEU C 57 33.12 19.47 -19.80
CA LEU C 57 32.97 20.59 -18.87
C LEU C 57 32.98 21.90 -19.65
N TYR C 58 32.15 22.86 -19.21
CA TYR C 58 31.98 24.14 -19.87
C TYR C 58 32.05 25.25 -18.82
N ALA C 59 32.75 26.37 -19.12
CA ALA C 59 32.99 27.45 -18.16
C ALA C 59 32.54 28.79 -18.72
N VAL C 60 31.87 29.60 -17.87
CA VAL C 60 31.27 30.87 -18.24
C VAL C 60 31.43 31.89 -17.09
N ASN C 61 31.14 33.17 -17.36
CA ASN C 61 31.18 34.23 -16.36
C ASN C 61 29.97 34.20 -15.43
N TYR C 62 29.74 33.04 -14.81
CA TYR C 62 28.63 32.79 -13.91
C TYR C 62 28.70 33.70 -12.69
N PRO C 63 27.56 34.19 -12.13
CA PRO C 63 26.20 33.93 -12.64
C PRO C 63 25.71 34.80 -13.78
N THR C 64 26.50 35.82 -14.16
CA THR C 64 26.08 36.84 -15.11
C THR C 64 25.80 36.29 -16.51
N ASN C 65 26.51 35.22 -16.91
CA ASN C 65 26.26 34.44 -18.13
C ASN C 65 26.28 35.27 -19.43
N THR C 66 27.02 36.38 -19.45
CA THR C 66 27.17 37.17 -20.67
C THR C 66 28.33 36.71 -21.54
N LYS C 67 29.24 35.86 -21.01
CA LYS C 67 30.49 35.55 -21.70
C LYS C 67 30.97 34.11 -21.45
N SER C 68 31.64 33.54 -22.45
CA SER C 68 32.04 32.13 -22.49
C SER C 68 33.57 32.01 -22.42
N TYR C 69 34.10 31.09 -21.59
CA TYR C 69 35.51 31.04 -21.27
C TYR C 69 36.25 29.86 -21.92
N TRP C 70 35.86 28.63 -21.55
CA TRP C 70 36.51 27.44 -22.07
C TRP C 70 35.62 26.20 -21.99
N MET C 71 36.01 25.17 -22.76
CA MET C 71 35.49 23.81 -22.62
C MET C 71 36.66 22.86 -22.40
N TYR C 72 36.43 21.83 -21.57
CA TYR C 72 37.42 20.81 -21.28
C TYR C 72 36.76 19.44 -21.43
N PHE C 73 37.48 18.47 -22.03
CA PHE C 73 37.06 17.07 -22.05
C PHE C 73 38.29 16.18 -22.16
N THR C 74 38.09 14.87 -22.03
CA THR C 74 39.19 13.93 -21.98
C THR C 74 38.97 12.84 -23.03
N VAL C 75 40.05 12.40 -23.72
CA VAL C 75 39.97 11.38 -24.75
C VAL C 75 41.03 10.31 -24.53
N SER C 76 40.77 9.10 -25.06
CA SER C 76 41.72 8.00 -25.03
C SER C 76 41.50 7.10 -26.25
N PRO C 77 42.54 6.41 -26.78
CA PRO C 77 42.34 5.44 -27.86
C PRO C 77 41.31 4.35 -27.50
N SER C 78 40.41 4.06 -28.47
CA SER C 78 39.26 3.17 -28.26
C SER C 78 39.69 1.73 -28.00
N SER C 79 39.13 1.14 -26.92
CA SER C 79 39.24 -0.28 -26.61
C SER C 79 40.69 -0.76 -26.47
N GLY C 80 41.66 0.18 -26.33
CA GLY C 80 43.07 -0.12 -26.14
C GLY C 80 43.76 -0.82 -27.31
N VAL C 81 43.25 -0.63 -28.54
CA VAL C 81 43.70 -1.47 -29.66
C VAL C 81 45.00 -0.98 -30.29
N SER C 82 45.16 0.35 -30.47
CA SER C 82 46.33 0.94 -31.12
C SER C 82 46.49 2.42 -30.78
N SER C 83 47.68 2.99 -31.04
CA SER C 83 48.03 4.37 -30.73
C SER C 83 47.46 5.37 -31.73
N VAL C 84 47.34 6.65 -31.33
CA VAL C 84 46.82 7.73 -32.18
C VAL C 84 47.83 8.89 -32.23
N ASP C 85 48.19 9.33 -33.44
CA ASP C 85 49.00 10.52 -33.65
C ASP C 85 48.14 11.77 -33.41
N LEU C 86 48.55 12.62 -32.44
CA LEU C 86 47.82 13.84 -32.11
C LEU C 86 48.63 15.09 -32.41
N SER C 87 49.62 15.05 -33.31
CA SER C 87 50.39 16.24 -33.59
C SER C 87 49.53 17.33 -34.22
N PRO C 88 49.57 18.60 -33.73
CA PRO C 88 48.69 19.65 -34.23
C PRO C 88 48.96 20.13 -35.66
N SER C 89 50.10 19.73 -36.26
CA SER C 89 50.32 20.02 -37.68
C SER C 89 49.52 19.08 -38.59
N THR C 90 49.20 17.88 -38.10
CA THR C 90 48.53 16.84 -38.89
C THR C 90 47.05 16.72 -38.53
N THR C 91 46.73 16.78 -37.23
CA THR C 91 45.39 16.62 -36.70
C THR C 91 44.59 17.93 -36.83
N ALA C 92 43.27 17.84 -37.06
CA ALA C 92 42.40 19.01 -36.95
C ALA C 92 41.41 18.82 -35.78
N ILE C 93 41.07 19.91 -35.11
CA ILE C 93 39.89 19.93 -34.23
C ILE C 93 38.96 21.02 -34.75
N SER C 94 37.75 20.64 -35.17
CA SER C 94 36.75 21.60 -35.63
C SER C 94 35.74 21.89 -34.52
N PHE C 95 35.13 23.07 -34.58
CA PHE C 95 34.13 23.48 -33.61
C PHE C 95 32.98 24.18 -34.34
N THR C 96 31.74 23.71 -34.13
CA THR C 96 30.58 24.33 -34.76
C THR C 96 29.44 24.53 -33.76
N ALA C 97 28.77 25.69 -33.87
CA ALA C 97 27.54 25.96 -33.17
C ALA C 97 26.53 26.43 -34.22
N ALA C 98 25.85 25.46 -34.82
CA ALA C 98 25.09 25.61 -36.06
C ALA C 98 24.01 26.69 -35.95
N SER C 99 23.30 26.72 -34.82
CA SER C 99 22.20 27.63 -34.54
C SER C 99 22.59 29.10 -34.73
N ARG C 100 23.82 29.46 -34.34
CA ARG C 100 24.34 30.82 -34.43
C ARG C 100 25.32 31.01 -35.61
N GLY C 101 25.50 29.98 -36.45
CA GLY C 101 26.30 30.08 -37.66
C GLY C 101 27.81 30.13 -37.41
N VAL C 102 28.26 29.76 -36.20
CA VAL C 102 29.69 29.63 -35.92
C VAL C 102 30.17 28.29 -36.47
N SER C 103 31.23 28.34 -37.29
CA SER C 103 31.82 27.14 -37.85
C SER C 103 33.31 27.36 -38.06
N LEU C 104 34.12 26.67 -37.24
CA LEU C 104 35.57 26.75 -37.28
C LEU C 104 36.10 25.40 -37.76
N SER C 105 36.86 25.42 -38.87
CA SER C 105 37.30 24.19 -39.49
C SER C 105 38.50 23.57 -38.75
N ASN C 106 39.38 24.39 -38.18
CA ASN C 106 40.49 23.88 -37.39
C ASN C 106 41.00 24.88 -36.36
N ILE C 107 40.87 24.52 -35.07
CA ILE C 107 41.28 25.37 -33.95
C ILE C 107 42.48 24.76 -33.19
N TYR C 108 42.93 23.57 -33.57
CA TYR C 108 44.01 22.89 -32.84
C TYR C 108 45.36 23.52 -33.17
N GLN C 109 46.14 23.89 -32.14
CA GLN C 109 47.37 24.65 -32.37
C GLN C 109 48.58 24.08 -31.62
N PHE C 110 48.37 23.60 -30.37
CA PHE C 110 49.49 23.28 -29.48
C PHE C 110 49.26 21.97 -28.73
N SER C 111 50.35 21.30 -28.37
CA SER C 111 50.26 20.14 -27.51
C SER C 111 51.40 20.11 -26.49
N LEU C 112 51.07 19.80 -25.24
CA LEU C 112 52.07 19.57 -24.21
C LEU C 112 52.62 18.14 -24.26
N LEU C 113 52.07 17.25 -25.11
CA LEU C 113 52.64 15.93 -25.33
C LEU C 113 54.08 16.01 -25.86
N SER C 114 54.38 17.11 -26.57
CA SER C 114 55.69 17.45 -27.13
C SER C 114 56.74 17.81 -26.06
N VAL C 115 56.30 18.09 -24.83
CA VAL C 115 57.10 18.84 -23.85
C VAL C 115 57.61 17.92 -22.75
N LEU C 116 58.93 17.94 -22.50
CA LEU C 116 59.53 17.21 -21.38
C LEU C 116 59.37 18.01 -20.08
N PRO C 117 59.17 17.36 -18.91
CA PRO C 117 59.02 18.07 -17.63
C PRO C 117 60.08 19.12 -17.32
N SER C 118 61.34 18.85 -17.69
CA SER C 118 62.47 19.76 -17.46
C SER C 118 62.33 21.10 -18.20
N GLN C 119 61.43 21.17 -19.19
CA GLN C 119 61.19 22.39 -19.97
C GLN C 119 60.21 23.33 -19.28
N VAL C 120 59.46 22.84 -18.26
CA VAL C 120 58.40 23.61 -17.62
C VAL C 120 58.55 23.70 -16.10
N ASN C 121 59.01 22.63 -15.45
CA ASN C 121 59.22 22.61 -14.01
C ASN C 121 60.34 23.58 -13.62
N ASN C 122 60.13 24.31 -12.51
CA ASN C 122 61.06 25.29 -11.94
C ASN C 122 61.31 26.48 -12.86
N LYS C 123 60.41 26.74 -13.82
CA LYS C 123 60.64 27.78 -14.83
C LYS C 123 59.60 28.91 -14.81
N VAL C 124 58.49 28.72 -14.07
CA VAL C 124 57.61 29.81 -13.68
C VAL C 124 57.60 29.92 -12.15
N GLN C 125 57.53 31.16 -11.65
CA GLN C 125 57.76 31.41 -10.23
C GLN C 125 56.84 32.50 -9.70
N VAL C 126 56.54 32.40 -8.39
CA VAL C 126 55.60 33.28 -7.70
C VAL C 126 56.36 34.07 -6.65
N LYS C 127 56.07 35.38 -6.57
CA LYS C 127 56.65 36.25 -5.55
C LYS C 127 55.62 36.51 -4.45
N LEU C 128 55.98 36.14 -3.21
CA LEU C 128 55.15 36.37 -2.03
C LEU C 128 55.96 37.20 -1.03
N GLY C 129 55.76 38.52 -1.07
CA GLY C 129 56.66 39.45 -0.40
C GLY C 129 58.07 39.34 -0.95
N THR C 130 59.06 39.18 -0.06
CA THR C 130 60.46 39.00 -0.41
C THR C 130 60.71 37.61 -1.02
N SER C 131 59.95 36.60 -0.56
CA SER C 131 60.16 35.20 -0.92
C SER C 131 59.72 34.90 -2.37
N ILE C 132 60.44 33.98 -3.03
CA ILE C 132 60.14 33.56 -4.40
C ILE C 132 60.13 32.03 -4.48
N ILE C 133 59.05 31.48 -5.07
CA ILE C 133 58.78 30.05 -5.10
C ILE C 133 58.69 29.56 -6.55
N ASN C 134 59.49 28.54 -6.88
CA ASN C 134 59.42 27.91 -8.20
C ASN C 134 58.30 26.87 -8.19
N LEU C 135 57.51 26.83 -9.28
CA LEU C 135 56.40 25.89 -9.41
C LEU C 135 56.80 24.60 -10.11
N THR C 136 56.19 23.49 -9.67
CA THR C 136 56.19 22.21 -10.38
C THR C 136 54.83 22.03 -11.03
N LEU C 137 54.81 21.77 -12.36
CA LEU C 137 53.58 21.77 -13.13
C LEU C 137 53.35 20.40 -13.78
N ALA C 138 54.40 19.83 -14.38
CA ALA C 138 54.38 18.47 -14.91
C ALA C 138 54.77 17.49 -13.81
N PHE C 139 53.83 16.63 -13.40
CA PHE C 139 54.13 15.57 -12.45
C PHE C 139 54.61 14.32 -13.21
N SER C 140 55.34 13.44 -12.49
CA SER C 140 55.92 12.27 -13.12
C SER C 140 56.04 11.10 -12.12
N SER C 141 55.98 9.87 -12.66
CA SER C 141 56.17 8.63 -11.91
C SER C 141 56.85 7.58 -12.80
N ASN C 142 57.49 6.59 -12.16
CA ASN C 142 58.25 5.56 -12.88
C ASN C 142 57.57 4.19 -12.75
N SER C 143 57.37 3.52 -13.89
CA SER C 143 57.03 2.10 -13.93
C SER C 143 57.84 1.41 -15.03
N ALA C 144 58.44 0.25 -14.73
CA ALA C 144 59.19 -0.58 -15.68
C ALA C 144 60.22 0.22 -16.48
N GLY C 145 60.89 1.18 -15.83
CA GLY C 145 61.98 1.94 -16.44
C GLY C 145 61.52 3.06 -17.38
N GLN C 146 60.21 3.28 -17.49
CA GLN C 146 59.63 4.40 -18.24
C GLN C 146 59.17 5.49 -17.27
N THR C 147 59.39 6.76 -17.65
CA THR C 147 58.83 7.89 -16.92
C THR C 147 57.52 8.32 -17.55
N TYR C 148 56.43 8.18 -16.79
CA TYR C 148 55.11 8.69 -17.16
C TYR C 148 55.03 10.17 -16.80
N VAL C 149 54.32 10.97 -17.60
CA VAL C 149 54.22 12.41 -17.40
C VAL C 149 52.76 12.84 -17.51
N TYR C 150 52.32 13.77 -16.64
CA TYR C 150 50.96 14.28 -16.70
C TYR C 150 50.83 15.62 -15.97
N TYR C 151 49.72 16.31 -16.23
CA TYR C 151 49.34 17.52 -15.50
C TYR C 151 48.11 17.19 -14.65
N SER C 152 48.16 17.56 -13.36
CA SER C 152 47.13 17.17 -12.41
C SER C 152 45.80 17.88 -12.68
N ASP C 153 45.85 19.09 -13.25
CA ASP C 153 44.66 19.87 -13.54
C ASP C 153 44.84 20.77 -14.77
N PRO C 154 43.76 21.34 -15.34
CA PRO C 154 43.87 22.33 -16.42
C PRO C 154 44.66 23.59 -16.07
N ASN C 155 44.69 23.99 -14.79
CA ASN C 155 45.37 25.21 -14.36
C ASN C 155 46.88 25.10 -14.54
N TYR C 156 47.48 23.98 -14.08
CA TYR C 156 48.89 23.73 -14.29
C TYR C 156 49.23 23.52 -15.76
N ALA C 157 48.30 22.91 -16.53
CA ALA C 157 48.47 22.78 -17.97
C ALA C 157 48.50 24.16 -18.66
N LEU C 158 47.61 25.09 -18.27
CA LEU C 158 47.58 26.44 -18.81
C LEU C 158 48.88 27.19 -18.52
N LEU C 159 49.39 27.12 -17.28
CA LEU C 159 50.64 27.79 -16.93
C LEU C 159 51.82 27.21 -17.72
N ALA C 160 51.88 25.89 -17.86
CA ALA C 160 52.90 25.21 -18.66
C ALA C 160 52.84 25.61 -20.14
N LEU C 161 51.62 25.73 -20.69
CA LEU C 161 51.43 26.17 -22.06
C LEU C 161 51.85 27.63 -22.22
N ASN C 162 51.38 28.50 -21.32
CA ASN C 162 51.77 29.91 -21.37
C ASN C 162 53.29 30.04 -21.49
N TYR C 163 54.03 29.38 -20.59
CA TYR C 163 55.49 29.41 -20.58
C TYR C 163 56.07 28.91 -21.91
N THR C 164 55.62 27.73 -22.36
CA THR C 164 56.06 27.11 -23.60
C THR C 164 55.90 28.06 -24.79
N LEU C 165 54.73 28.68 -24.92
CA LEU C 165 54.44 29.60 -26.02
C LEU C 165 55.28 30.88 -25.91
N GLY C 166 55.41 31.45 -24.71
CA GLY C 166 56.28 32.59 -24.48
C GLY C 166 57.73 32.32 -24.90
N GLN C 167 58.21 31.11 -24.60
CA GLN C 167 59.55 30.65 -24.95
C GLN C 167 59.70 30.46 -26.46
N GLU C 168 58.68 29.91 -27.14
CA GLU C 168 58.69 29.75 -28.60
C GLU C 168 58.67 31.10 -29.32
N VAL C 169 57.96 32.10 -28.79
CA VAL C 169 57.99 33.47 -29.31
C VAL C 169 59.38 34.08 -29.16
N LYS C 170 59.98 33.93 -27.96
CA LYS C 170 61.31 34.43 -27.65
C LYS C 170 62.37 33.80 -28.56
N GLY C 171 62.22 32.50 -28.88
CA GLY C 171 63.09 31.79 -29.79
C GLY C 171 62.80 32.03 -31.28
N GLY C 172 61.78 32.84 -31.59
CA GLY C 172 61.44 33.20 -32.96
C GLY C 172 60.73 32.09 -33.74
N GLN C 173 60.36 31.00 -33.07
CA GLN C 173 59.69 29.85 -33.69
C GLN C 173 58.20 30.12 -33.93
N LEU C 174 57.63 31.08 -33.18
CA LEU C 174 56.22 31.46 -33.24
C LEU C 174 56.10 32.98 -33.28
N THR C 175 55.17 33.53 -34.08
CA THR C 175 55.09 34.97 -34.31
C THR C 175 54.53 35.71 -33.09
N SER C 176 53.42 35.19 -32.54
CA SER C 176 52.76 35.69 -31.33
C SER C 176 52.11 34.53 -30.59
N SER C 177 52.06 34.63 -29.25
CA SER C 177 51.26 33.71 -28.45
C SER C 177 49.80 34.17 -28.44
N PRO C 178 48.80 33.30 -28.69
CA PRO C 178 47.40 33.66 -28.51
C PRO C 178 46.96 33.69 -27.05
N LEU C 179 47.80 33.16 -26.15
CA LEU C 179 47.54 33.09 -24.72
C LEU C 179 48.57 33.91 -23.96
N TYR C 180 48.10 34.69 -22.97
CA TYR C 180 48.98 35.46 -22.10
C TYR C 180 48.44 35.46 -20.68
N ILE C 181 49.21 34.88 -19.74
CA ILE C 181 48.78 34.73 -18.35
C ILE C 181 49.62 35.61 -17.43
N ILE C 182 48.94 36.39 -16.55
CA ILE C 182 49.58 37.27 -15.57
C ILE C 182 48.84 37.20 -14.23
N SER C 183 49.56 37.49 -13.14
CA SER C 183 48.96 37.62 -11.81
C SER C 183 48.71 39.09 -11.47
N ASN C 184 49.56 39.96 -12.02
CA ASN C 184 49.52 41.40 -11.83
C ASN C 184 48.60 42.02 -12.88
N THR C 185 47.50 42.64 -12.44
CA THR C 185 46.61 43.32 -13.38
C THR C 185 47.09 44.71 -13.77
N SER C 186 47.99 45.32 -12.99
CA SER C 186 48.50 46.67 -13.21
C SER C 186 49.15 46.83 -14.59
N ILE C 187 49.73 45.74 -15.10
CA ILE C 187 50.47 45.69 -16.36
C ILE C 187 49.58 46.07 -17.56
N VAL C 188 48.29 45.74 -17.47
CA VAL C 188 47.33 45.80 -18.57
C VAL C 188 47.21 47.20 -19.16
N ALA C 189 47.31 48.25 -18.33
CA ALA C 189 47.22 49.64 -18.77
C ALA C 189 48.27 49.98 -19.83
N SER C 190 49.45 49.33 -19.76
CA SER C 190 50.58 49.56 -20.65
C SER C 190 50.55 48.69 -21.91
N LYS C 191 49.56 47.76 -21.99
CA LYS C 191 49.45 46.75 -23.05
C LYS C 191 48.03 46.76 -23.61
N PRO C 192 47.62 47.80 -24.38
CA PRO C 192 46.22 48.01 -24.75
C PRO C 192 45.59 46.92 -25.61
N TRP C 193 46.39 46.09 -26.28
CA TRP C 193 45.89 44.93 -27.00
C TRP C 193 45.21 43.91 -26.08
N LEU C 194 45.59 43.88 -24.80
CA LEU C 194 44.96 43.01 -23.81
C LEU C 194 43.57 43.50 -23.37
N LYS C 195 43.18 44.74 -23.71
CA LYS C 195 41.93 45.33 -23.24
C LYS C 195 40.70 44.67 -23.89
N ASN C 196 40.86 44.18 -25.13
CA ASN C 196 39.73 43.86 -25.99
C ASN C 196 39.54 42.35 -26.21
N ASP C 197 40.57 41.54 -25.94
CA ASP C 197 40.46 40.09 -26.08
C ASP C 197 39.82 39.44 -24.85
N ASN C 198 39.53 38.12 -24.94
CA ASN C 198 38.75 37.43 -23.92
C ASN C 198 39.60 37.17 -22.68
N VAL C 199 39.03 37.36 -21.47
CA VAL C 199 39.76 37.15 -20.22
C VAL C 199 38.95 36.31 -19.24
N PHE C 200 39.62 35.32 -18.63
CA PHE C 200 39.09 34.53 -17.53
C PHE C 200 40.16 34.38 -16.45
N THR C 201 39.76 33.94 -15.25
CA THR C 201 40.70 33.80 -14.15
C THR C 201 40.67 32.40 -13.55
N PHE C 202 41.79 32.02 -12.92
CA PHE C 202 41.88 30.78 -12.16
C PHE C 202 42.83 30.98 -10.98
N ASN C 203 42.70 30.12 -9.96
CA ASN C 203 43.46 30.25 -8.73
C ASN C 203 44.24 28.98 -8.43
N ILE C 204 45.51 29.14 -8.03
CA ILE C 204 46.34 28.04 -7.52
C ILE C 204 46.77 28.37 -6.08
N SER C 205 47.09 27.33 -5.30
CA SER C 205 47.62 27.51 -3.96
C SER C 205 49.15 27.36 -3.95
N VAL C 206 49.86 28.41 -3.51
CA VAL C 206 51.31 28.39 -3.40
C VAL C 206 51.66 28.85 -1.99
N ASN C 207 52.44 28.04 -1.27
CA ASN C 207 52.75 28.39 0.11
C ASN C 207 51.44 28.68 0.85
N GLY C 208 50.47 27.77 0.70
CA GLY C 208 49.17 27.83 1.34
C GLY C 208 48.35 29.10 1.03
N THR C 209 48.85 29.93 0.10
CA THR C 209 48.24 31.22 -0.25
C THR C 209 47.56 31.11 -1.61
N GLU C 210 46.35 31.65 -1.74
CA GLU C 210 45.65 31.72 -3.02
C GLU C 210 46.31 32.77 -3.93
N VAL C 211 46.75 32.32 -5.12
CA VAL C 211 47.27 33.19 -6.16
C VAL C 211 46.26 33.17 -7.31
N GLU C 212 45.78 34.36 -7.73
CA GLU C 212 44.88 34.46 -8.86
C GLU C 212 45.65 34.86 -10.11
N TYR C 213 45.39 34.12 -11.20
CA TYR C 213 45.94 34.39 -12.51
C TYR C 213 44.81 34.78 -13.48
N TYR C 214 45.14 35.74 -14.35
CA TYR C 214 44.27 36.26 -15.39
C TYR C 214 44.83 35.77 -16.73
N ALA C 215 44.01 35.02 -17.48
CA ALA C 215 44.39 34.46 -18.76
C ALA C 215 43.72 35.24 -19.88
N TYR C 216 44.54 35.86 -20.75
CA TYR C 216 44.08 36.66 -21.88
C TYR C 216 44.20 35.80 -23.14
N VAL C 217 43.08 35.61 -23.85
CA VAL C 217 43.05 34.75 -25.04
C VAL C 217 42.73 35.60 -26.26
N ASN C 218 43.50 35.42 -27.34
CA ASN C 218 43.34 36.19 -28.57
C ASN C 218 42.23 35.65 -29.44
N LYS C 219 42.35 34.38 -29.84
CA LYS C 219 41.45 33.74 -30.76
C LYS C 219 41.07 32.38 -30.16
N THR C 220 39.92 31.85 -30.58
CA THR C 220 39.51 30.52 -30.16
C THR C 220 40.55 29.49 -30.63
N PHE C 221 41.09 28.71 -29.68
CA PHE C 221 42.06 27.67 -30.00
C PHE C 221 41.91 26.48 -29.05
N ALA C 222 42.47 25.34 -29.47
CA ALA C 222 42.50 24.13 -28.67
C ALA C 222 43.93 23.67 -28.46
N PHE C 223 44.17 23.04 -27.30
CA PHE C 223 45.43 22.37 -27.01
C PHE C 223 45.18 21.06 -26.28
N THR C 224 46.17 20.15 -26.34
CA THR C 224 46.08 18.86 -25.68
C THR C 224 47.22 18.69 -24.68
N TYR C 225 46.96 17.90 -23.62
CA TYR C 225 47.97 17.62 -22.60
C TYR C 225 47.76 16.23 -22.02
N PRO C 226 48.83 15.57 -21.51
CA PRO C 226 48.68 14.23 -20.93
C PRO C 226 48.06 14.24 -19.53
N VAL C 227 47.19 13.24 -19.27
CA VAL C 227 46.47 13.12 -18.01
C VAL C 227 46.87 11.83 -17.27
N SER C 228 47.03 10.71 -17.99
CA SER C 228 47.63 9.49 -17.43
C SER C 228 48.10 8.55 -18.53
N GLY C 229 48.93 7.56 -18.18
CA GLY C 229 49.30 6.47 -19.08
C GLY C 229 50.12 6.93 -20.28
N PHE C 230 50.84 8.05 -20.13
CA PHE C 230 51.62 8.65 -21.20
C PHE C 230 53.11 8.62 -20.89
N PRO C 231 53.85 7.56 -21.32
CA PRO C 231 55.30 7.52 -21.17
C PRO C 231 56.08 8.15 -22.34
N LEU C 232 55.37 8.53 -23.42
CA LEU C 232 56.01 8.94 -24.67
C LEU C 232 56.25 10.46 -24.73
N ALA C 233 56.68 11.07 -23.62
CA ALA C 233 56.93 12.51 -23.57
C ALA C 233 57.92 12.93 -24.66
N GLY C 234 57.54 13.95 -25.45
CA GLY C 234 58.31 14.42 -26.60
C GLY C 234 57.69 14.09 -27.96
N SER C 235 56.62 13.26 -28.03
CA SER C 235 56.28 12.57 -29.27
C SER C 235 55.00 13.02 -29.99
N ASP C 236 54.02 13.63 -29.28
CA ASP C 236 52.66 13.88 -29.77
C ASP C 236 51.86 12.59 -30.06
N ILE C 237 52.31 11.39 -29.63
CA ILE C 237 51.57 10.17 -29.88
C ILE C 237 50.88 9.72 -28.60
N ALA C 238 49.55 9.54 -28.64
CA ALA C 238 48.81 8.95 -27.53
C ALA C 238 48.85 7.43 -27.66
N PRO C 239 49.57 6.68 -26.78
CA PRO C 239 49.59 5.22 -26.88
C PRO C 239 48.29 4.63 -26.36
N ALA C 240 48.02 3.38 -26.74
CA ALA C 240 46.86 2.66 -26.23
C ALA C 240 46.93 2.56 -24.69
N GLY C 241 45.83 2.93 -24.02
CA GLY C 241 45.78 2.97 -22.56
C GLY C 241 46.33 4.26 -21.95
N SER C 242 46.47 5.34 -22.76
CA SER C 242 46.73 6.68 -22.26
C SER C 242 45.42 7.48 -22.14
N VAL C 243 45.46 8.61 -21.42
CA VAL C 243 44.34 9.51 -21.26
C VAL C 243 44.85 10.94 -21.55
N ILE C 244 44.18 11.65 -22.47
CA ILE C 244 44.64 12.93 -22.98
C ILE C 244 43.57 13.99 -22.68
N GLY C 245 43.97 15.08 -22.02
CA GLY C 245 43.06 16.20 -21.83
C GLY C 245 43.02 17.08 -23.08
N VAL C 246 41.81 17.48 -23.49
CA VAL C 246 41.61 18.42 -24.59
C VAL C 246 40.94 19.67 -24.01
N MET C 247 41.55 20.83 -24.22
CA MET C 247 40.96 22.07 -23.72
C MET C 247 40.82 23.08 -24.86
N ILE C 248 39.61 23.65 -24.97
CA ILE C 248 39.27 24.67 -25.95
C ILE C 248 39.10 25.98 -25.19
N LEU C 249 39.87 27.01 -25.56
CA LEU C 249 39.71 28.34 -24.99
C LEU C 249 39.04 29.24 -26.03
N PHE C 250 38.00 29.98 -25.63
CA PHE C 250 37.28 30.84 -26.56
C PHE C 250 37.91 32.23 -26.64
N GLY C 251 38.07 32.74 -27.86
CA GLY C 251 38.50 34.12 -28.09
C GLY C 251 37.33 35.10 -28.11
N PRO C 252 37.56 36.41 -28.34
CA PRO C 252 36.50 37.42 -28.25
C PRO C 252 35.37 37.25 -29.26
N GLY C 253 35.64 36.60 -30.41
CA GLY C 253 34.62 36.30 -31.41
C GLY C 253 33.56 35.32 -30.88
N GLU C 254 33.98 34.12 -30.49
CA GLU C 254 33.07 33.06 -30.06
C GLU C 254 32.58 33.24 -28.62
N ALA C 255 33.29 34.04 -27.81
CA ALA C 255 32.96 34.25 -26.40
C ALA C 255 31.69 35.10 -26.18
N THR C 256 31.23 35.82 -27.22
CA THR C 256 30.42 37.03 -27.11
C THR C 256 29.11 36.87 -26.33
N ASN C 257 28.45 35.70 -26.43
CA ASN C 257 27.40 35.31 -25.49
C ASN C 257 27.34 33.78 -25.33
N VAL C 258 26.81 33.35 -24.18
CA VAL C 258 26.84 31.98 -23.70
C VAL C 258 26.00 31.06 -24.57
N PHE C 259 26.37 29.77 -24.67
CA PHE C 259 25.56 28.77 -25.36
C PHE C 259 24.33 28.43 -24.53
N GLN C 260 23.13 28.67 -25.08
CA GLN C 260 21.86 28.31 -24.45
C GLN C 260 20.86 27.85 -25.51
N TYR C 261 20.18 26.72 -25.25
CA TYR C 261 19.16 26.19 -26.14
C TYR C 261 19.73 25.97 -27.55
N GLU C 262 20.95 25.40 -27.59
CA GLU C 262 21.76 25.31 -28.79
C GLU C 262 22.51 23.98 -28.83
N THR C 263 22.78 23.48 -30.05
CA THR C 263 23.65 22.32 -30.21
C THR C 263 25.07 22.81 -30.53
N VAL C 264 26.06 22.26 -29.81
CA VAL C 264 27.47 22.46 -30.09
C VAL C 264 28.08 21.13 -30.53
N THR C 265 28.93 21.16 -31.57
CA THR C 265 29.61 19.99 -32.09
C THR C 265 31.12 20.23 -32.15
N ILE C 266 31.90 19.26 -31.69
CA ILE C 266 33.36 19.25 -31.78
C ILE C 266 33.75 17.98 -32.53
N GLN C 267 34.73 18.07 -33.43
CA GLN C 267 35.24 16.87 -34.08
C GLN C 267 36.77 16.87 -34.05
N ILE C 268 37.37 15.74 -33.66
CA ILE C 268 38.81 15.55 -33.71
C ILE C 268 39.11 14.59 -34.85
N THR C 269 39.97 15.00 -35.79
CA THR C 269 40.29 14.20 -36.97
C THR C 269 41.80 14.01 -37.07
N PRO C 270 42.37 12.89 -36.55
CA PRO C 270 43.78 12.58 -36.77
C PRO C 270 44.05 12.12 -38.19
N ASN C 271 45.34 12.02 -38.55
CA ASN C 271 45.77 11.75 -39.93
C ASN C 271 45.53 10.31 -40.38
N ILE C 272 45.32 9.40 -39.42
CA ILE C 272 45.00 7.99 -39.67
C ILE C 272 43.83 7.63 -38.76
N GLY C 273 42.89 6.82 -39.26
CA GLY C 273 41.79 6.32 -38.46
C GLY C 273 40.56 7.24 -38.49
N SER C 274 39.48 6.77 -37.85
CA SER C 274 38.21 7.47 -37.86
C SER C 274 38.22 8.66 -36.90
N PRO C 275 37.53 9.77 -37.24
CA PRO C 275 37.43 10.92 -36.34
C PRO C 275 36.45 10.67 -35.20
N LEU C 276 36.64 11.41 -34.10
CA LEU C 276 35.73 11.40 -32.97
C LEU C 276 34.82 12.62 -33.07
N THR C 277 33.50 12.39 -33.11
CA THR C 277 32.51 13.46 -33.20
C THR C 277 31.74 13.55 -31.89
N ILE C 278 31.73 14.75 -31.29
CA ILE C 278 31.15 15.05 -29.99
C ILE C 278 30.02 16.07 -30.22
N SER C 279 28.79 15.78 -29.75
CA SER C 279 27.65 16.70 -29.88
C SER C 279 26.84 16.80 -28.58
N GLN C 280 26.52 18.04 -28.17
CA GLN C 280 25.71 18.29 -26.99
C GLN C 280 24.65 19.36 -27.29
N TYR C 281 23.40 19.11 -26.88
CA TYR C 281 22.43 20.18 -26.73
C TYR C 281 22.64 20.82 -25.36
N ILE C 282 23.00 22.11 -25.37
CA ILE C 282 23.37 22.82 -24.14
C ILE C 282 22.15 23.60 -23.64
N TYR C 283 21.61 23.15 -22.50
CA TYR C 283 20.74 23.98 -21.67
C TYR C 283 21.57 25.05 -20.96
N GLN C 284 20.88 26.01 -20.33
CA GLN C 284 21.50 27.06 -19.52
C GLN C 284 22.60 26.52 -18.60
N PRO C 285 23.77 27.21 -18.46
CA PRO C 285 24.81 26.80 -17.54
C PRO C 285 24.46 27.14 -16.09
N ASP C 286 24.80 26.22 -15.18
CA ASP C 286 24.24 26.21 -13.83
C ASP C 286 25.25 26.56 -12.72
N GLY C 287 26.53 26.72 -13.08
CA GLY C 287 27.61 27.08 -12.17
C GLY C 287 28.85 27.61 -12.90
N LYS C 288 29.90 27.95 -12.15
CA LYS C 288 31.17 28.44 -12.68
C LYS C 288 31.71 27.49 -13.75
N VAL C 289 31.62 26.18 -13.46
CA VAL C 289 31.76 25.12 -14.44
C VAL C 289 30.43 24.37 -14.48
N THR C 290 30.03 23.94 -15.69
CA THR C 290 28.81 23.17 -15.87
C THR C 290 29.14 21.90 -16.66
N VAL C 291 28.46 20.79 -16.33
CA VAL C 291 28.66 19.52 -17.03
C VAL C 291 27.67 19.44 -18.18
N ILE C 292 28.16 19.41 -19.43
CA ILE C 292 27.29 19.50 -20.59
C ILE C 292 27.15 18.16 -21.32
N GLY C 293 28.06 17.21 -21.08
CA GLY C 293 28.07 15.96 -21.82
C GLY C 293 28.81 14.84 -21.10
N LEU D 1 64.68 -16.54 -95.56
CA LEU D 1 63.56 -17.53 -95.51
C LEU D 1 62.69 -17.34 -94.27
N ALA D 2 63.23 -17.58 -93.07
CA ALA D 2 62.46 -17.56 -91.84
C ALA D 2 62.04 -16.15 -91.41
N GLY D 3 62.66 -15.11 -92.00
CA GLY D 3 62.38 -13.72 -91.65
C GLY D 3 61.05 -13.21 -92.18
N LEU D 4 60.17 -14.12 -92.67
CA LEU D 4 58.90 -13.75 -93.29
C LEU D 4 57.73 -14.56 -92.71
N ASP D 5 57.83 -15.90 -92.72
CA ASP D 5 56.78 -16.77 -92.21
C ASP D 5 56.49 -16.49 -90.73
N THR D 6 57.55 -16.28 -89.93
CA THR D 6 57.47 -15.87 -88.53
C THR D 6 56.75 -14.54 -88.35
N ALA D 7 57.01 -13.57 -89.23
CA ALA D 7 56.42 -12.23 -89.17
C ALA D 7 54.90 -12.28 -89.38
N ILE D 8 54.45 -13.12 -90.31
CA ILE D 8 53.03 -13.33 -90.60
C ILE D 8 52.31 -13.91 -89.37
N ILE D 9 52.90 -14.92 -88.73
CA ILE D 9 52.30 -15.54 -87.55
C ILE D 9 52.24 -14.55 -86.39
N LEU D 10 53.29 -13.73 -86.23
CA LEU D 10 53.31 -12.65 -85.26
C LEU D 10 52.14 -11.68 -85.48
N ILE D 11 51.94 -11.19 -86.71
CA ILE D 11 50.82 -10.34 -87.08
C ILE D 11 49.49 -10.96 -86.63
N ALA D 12 49.27 -12.23 -86.98
CA ALA D 12 48.05 -12.96 -86.67
C ALA D 12 47.82 -13.11 -85.16
N PHE D 13 48.88 -13.44 -84.40
CA PHE D 13 48.81 -13.64 -82.96
C PHE D 13 48.54 -12.31 -82.24
N ILE D 14 49.11 -11.20 -82.73
CA ILE D 14 48.83 -9.86 -82.20
C ILE D 14 47.34 -9.56 -82.36
N ILE D 15 46.81 -9.71 -83.57
CA ILE D 15 45.40 -9.46 -83.87
C ILE D 15 44.50 -10.32 -82.98
N THR D 16 44.86 -11.60 -82.80
CA THR D 16 44.14 -12.54 -81.95
C THR D 16 44.07 -12.05 -80.50
N ALA D 17 45.20 -11.60 -79.95
CA ALA D 17 45.27 -11.04 -78.60
C ALA D 17 44.48 -9.72 -78.49
N ALA D 18 44.59 -8.84 -79.50
CA ALA D 18 43.87 -7.58 -79.56
C ALA D 18 42.36 -7.79 -79.54
N VAL D 19 41.87 -8.83 -80.24
CA VAL D 19 40.46 -9.23 -80.25
C VAL D 19 40.00 -9.64 -78.84
N LEU D 20 40.78 -10.47 -78.12
CA LEU D 20 40.44 -10.81 -76.75
C LEU D 20 40.45 -9.57 -75.85
N ALA D 21 41.45 -8.70 -76.00
CA ALA D 21 41.56 -7.46 -75.27
C ALA D 21 40.30 -6.60 -75.44
N TYR D 22 39.88 -6.40 -76.69
CA TYR D 22 38.69 -5.65 -77.09
C TYR D 22 37.44 -6.17 -76.36
N VAL D 23 37.22 -7.50 -76.42
CA VAL D 23 36.07 -8.15 -75.81
C VAL D 23 36.11 -8.06 -74.28
N ALA D 24 37.27 -8.40 -73.68
CA ALA D 24 37.43 -8.42 -72.23
C ALA D 24 37.16 -7.05 -71.59
N VAL D 25 37.69 -5.97 -72.19
CA VAL D 25 37.51 -4.63 -71.66
C VAL D 25 36.04 -4.21 -71.77
N ASN D 26 35.43 -4.39 -72.94
CA ASN D 26 34.03 -4.09 -73.19
C ASN D 26 33.13 -4.81 -72.17
N MET D 27 33.36 -6.10 -71.99
CA MET D 27 32.53 -6.92 -71.12
C MET D 27 32.76 -6.59 -69.63
N GLY D 28 33.99 -6.22 -69.25
CA GLY D 28 34.29 -5.69 -67.92
C GLY D 28 33.54 -4.39 -67.63
N LEU D 29 33.56 -3.44 -68.58
CA LEU D 29 32.79 -2.20 -68.47
C LEU D 29 31.30 -2.50 -68.30
N PHE D 30 30.76 -3.42 -69.10
CA PHE D 30 29.37 -3.85 -69.01
C PHE D 30 29.03 -4.41 -67.63
N VAL D 31 29.73 -5.48 -67.20
CA VAL D 31 29.40 -6.20 -65.99
C VAL D 31 29.56 -5.32 -64.74
N THR D 32 30.61 -4.49 -64.69
CA THR D 32 30.83 -3.60 -63.56
C THR D 32 29.71 -2.57 -63.43
N GLN D 33 29.12 -2.13 -64.54
CA GLN D 33 27.97 -1.24 -64.50
C GLN D 33 26.71 -1.96 -64.00
N LYS D 34 26.50 -3.23 -64.41
CA LYS D 34 25.44 -4.07 -63.87
C LYS D 34 25.57 -4.21 -62.35
N ALA D 35 26.81 -4.41 -61.87
CA ALA D 35 27.13 -4.43 -60.44
C ALA D 35 26.77 -3.12 -59.76
N LYS D 36 27.18 -1.96 -60.32
CA LYS D 36 26.83 -0.64 -59.80
C LYS D 36 25.32 -0.49 -59.63
N THR D 37 24.56 -0.80 -60.69
CA THR D 37 23.10 -0.74 -60.71
C THR D 37 22.50 -1.63 -59.61
N THR D 38 23.01 -2.87 -59.48
CA THR D 38 22.57 -3.83 -58.49
C THR D 38 22.78 -3.30 -57.06
N ILE D 39 23.97 -2.75 -56.79
CA ILE D 39 24.30 -2.20 -55.47
C ILE D 39 23.32 -1.08 -55.10
N ASN D 40 23.00 -0.20 -56.05
CA ASN D 40 22.02 0.85 -55.86
C ASN D 40 20.64 0.27 -55.53
N LYS D 41 20.17 -0.71 -56.32
CA LYS D 41 18.88 -1.37 -56.11
C LYS D 41 18.81 -2.11 -54.76
N GLY D 42 19.94 -2.68 -54.31
CA GLY D 42 20.05 -3.32 -53.00
C GLY D 42 19.85 -2.32 -51.86
N GLU D 43 20.48 -1.14 -51.97
CA GLU D 43 20.34 -0.08 -50.98
C GLU D 43 18.92 0.50 -50.97
N GLU D 44 18.34 0.72 -52.15
CA GLU D 44 16.94 1.14 -52.28
C GLU D 44 16.00 0.12 -51.61
N THR D 45 16.24 -1.18 -51.83
CA THR D 45 15.44 -2.26 -51.27
C THR D 45 15.53 -2.30 -49.74
N ALA D 46 16.72 -2.09 -49.18
CA ALA D 46 16.93 -2.11 -47.74
C ALA D 46 16.34 -0.86 -47.06
N SER D 47 16.39 0.30 -47.74
CA SER D 47 15.96 1.57 -47.17
C SER D 47 14.44 1.78 -47.26
N THR D 48 13.83 1.51 -48.43
CA THR D 48 12.43 1.84 -48.69
C THR D 48 11.46 0.93 -47.91
N ALA D 49 10.56 1.55 -47.13
CA ALA D 49 9.55 0.84 -46.35
C ALA D 49 8.43 1.80 -45.92
N LEU D 50 7.24 1.26 -45.64
CA LEU D 50 6.12 2.01 -45.08
C LEU D 50 5.87 1.58 -43.63
N SER D 51 5.59 2.56 -42.76
CA SER D 51 5.11 2.32 -41.41
C SER D 51 3.62 2.68 -41.32
N LEU D 52 2.87 1.88 -40.57
CA LEU D 52 1.55 2.29 -40.10
C LEU D 52 1.73 3.46 -39.12
N SER D 53 1.15 4.62 -39.44
CA SER D 53 1.41 5.85 -38.71
C SER D 53 0.12 6.52 -38.19
N GLY D 54 -0.90 5.71 -37.93
CA GLY D 54 -2.12 6.10 -37.24
C GLY D 54 -2.88 4.87 -36.78
N ASN D 55 -4.00 5.07 -36.08
CA ASN D 55 -4.87 3.95 -35.74
C ASN D 55 -5.62 3.47 -36.99
N VAL D 56 -6.08 2.20 -36.94
CA VAL D 56 -6.92 1.62 -37.98
C VAL D 56 -8.38 1.77 -37.55
N LEU D 57 -9.18 2.43 -38.40
CA LEU D 57 -10.58 2.71 -38.15
C LEU D 57 -11.45 1.81 -39.02
N TYR D 58 -12.57 1.35 -38.47
CA TYR D 58 -13.48 0.42 -39.13
C TYR D 58 -14.92 0.94 -38.99
N ALA D 59 -15.73 0.88 -40.05
CA ALA D 59 -17.07 1.44 -40.07
C ALA D 59 -18.12 0.39 -40.49
N VAL D 60 -19.26 0.38 -39.79
CA VAL D 60 -20.32 -0.61 -39.95
C VAL D 60 -21.69 0.06 -39.79
N ASN D 61 -22.77 -0.66 -40.15
CA ASN D 61 -24.15 -0.17 -39.98
C ASN D 61 -24.62 -0.27 -38.53
N TYR D 62 -23.85 0.34 -37.63
CA TYR D 62 -24.10 0.36 -36.20
C TYR D 62 -25.43 1.06 -35.90
N PRO D 63 -26.22 0.60 -34.88
CA PRO D 63 -25.90 -0.55 -34.02
C PRO D 63 -26.27 -1.93 -34.58
N THR D 64 -26.95 -1.97 -35.73
CA THR D 64 -27.53 -3.20 -36.27
C THR D 64 -26.48 -4.26 -36.64
N ASN D 65 -25.27 -3.81 -37.03
CA ASN D 65 -24.09 -4.64 -37.25
C ASN D 65 -24.30 -5.79 -38.25
N THR D 66 -25.22 -5.63 -39.21
CA THR D 66 -25.41 -6.64 -40.25
C THR D 66 -24.52 -6.40 -41.47
N LYS D 67 -23.88 -5.22 -41.59
CA LYS D 67 -23.19 -4.85 -42.82
C LYS D 67 -21.96 -3.98 -42.57
N SER D 68 -20.96 -4.13 -43.44
CA SER D 68 -19.62 -3.54 -43.30
C SER D 68 -19.38 -2.48 -44.38
N TYR D 69 -18.84 -1.31 -44.02
CA TYR D 69 -18.79 -0.16 -44.93
C TYR D 69 -17.38 0.14 -45.44
N TRP D 70 -16.46 0.49 -44.54
CA TRP D 70 -15.10 0.84 -44.91
C TRP D 70 -14.10 0.66 -43.78
N MET D 71 -12.81 0.61 -44.15
CA MET D 71 -11.70 0.74 -43.22
C MET D 71 -10.81 1.90 -43.67
N TYR D 72 -10.25 2.62 -42.70
CA TYR D 72 -9.33 3.73 -42.95
C TYR D 72 -8.10 3.56 -42.08
N PHE D 73 -6.91 3.84 -42.63
CA PHE D 73 -5.68 3.93 -41.85
C PHE D 73 -4.71 4.86 -42.56
N THR D 74 -3.58 5.18 -41.89
CA THR D 74 -2.65 6.16 -42.40
C THR D 74 -1.25 5.54 -42.42
N VAL D 75 -0.47 5.84 -43.49
CA VAL D 75 0.88 5.31 -43.64
C VAL D 75 1.87 6.42 -43.97
N SER D 76 3.16 6.19 -43.66
CA SER D 76 4.23 7.10 -44.00
C SER D 76 5.53 6.32 -44.20
N PRO D 77 6.48 6.76 -45.06
CA PRO D 77 7.79 6.10 -45.16
C PRO D 77 8.52 6.00 -43.82
N SER D 78 9.09 4.82 -43.56
CA SER D 78 9.69 4.45 -42.28
C SER D 78 10.93 5.31 -41.97
N SER D 79 10.96 5.89 -40.76
CA SER D 79 12.13 6.56 -40.19
C SER D 79 12.64 7.70 -41.08
N GLY D 80 11.83 8.17 -42.04
CA GLY D 80 12.16 9.29 -42.92
C GLY D 80 13.35 9.05 -43.85
N VAL D 81 13.64 7.79 -44.20
CA VAL D 81 14.90 7.47 -44.88
C VAL D 81 14.86 7.72 -46.39
N SER D 82 13.75 7.35 -47.06
CA SER D 82 13.61 7.46 -48.51
C SER D 82 12.13 7.43 -48.94
N SER D 83 11.86 7.83 -50.19
CA SER D 83 10.51 7.92 -50.76
C SER D 83 9.96 6.56 -51.19
N VAL D 84 8.62 6.45 -51.31
CA VAL D 84 7.95 5.22 -51.74
C VAL D 84 7.02 5.51 -52.92
N ASP D 85 7.16 4.75 -54.02
CA ASP D 85 6.25 4.79 -55.16
C ASP D 85 4.94 4.10 -54.78
N LEU D 86 3.81 4.83 -54.86
CA LEU D 86 2.50 4.29 -54.52
C LEU D 86 1.56 4.26 -55.72
N SER D 87 2.08 4.24 -56.97
CA SER D 87 1.19 4.22 -58.11
C SER D 87 0.39 2.92 -58.16
N PRO D 88 -0.96 2.97 -58.34
CA PRO D 88 -1.80 1.77 -58.30
C PRO D 88 -1.61 0.78 -59.45
N SER D 89 -0.89 1.17 -60.52
CA SER D 89 -0.54 0.21 -61.55
C SER D 89 0.60 -0.72 -61.12
N THR D 90 1.46 -0.25 -60.21
CA THR D 90 2.66 -0.98 -59.79
C THR D 90 2.47 -1.62 -58.41
N THR D 91 1.84 -0.89 -57.47
CA THR D 91 1.62 -1.32 -56.09
C THR D 91 0.42 -2.26 -56.00
N ALA D 92 0.47 -3.25 -55.09
CA ALA D 92 -0.72 -4.02 -54.74
C ALA D 92 -1.12 -3.75 -53.29
N ILE D 93 -2.44 -3.77 -53.02
CA ILE D 93 -2.93 -3.88 -51.65
C ILE D 93 -3.79 -5.13 -51.59
N SER D 94 -3.40 -6.11 -50.76
CA SER D 94 -4.17 -7.33 -50.56
C SER D 94 -5.00 -7.24 -49.28
N PHE D 95 -6.11 -7.98 -49.24
CA PHE D 95 -6.98 -8.02 -48.08
C PHE D 95 -7.43 -9.46 -47.83
N THR D 96 -7.20 -9.97 -46.62
CA THR D 96 -7.62 -11.33 -46.28
C THR D 96 -8.33 -11.38 -44.93
N ALA D 97 -9.40 -12.19 -44.86
CA ALA D 97 -10.06 -12.53 -43.62
C ALA D 97 -10.15 -14.06 -43.58
N ALA D 98 -9.09 -14.68 -43.06
CA ALA D 98 -8.79 -16.10 -43.22
C ALA D 98 -9.91 -16.99 -42.69
N SER D 99 -10.49 -16.62 -41.53
CA SER D 99 -11.54 -17.35 -40.84
C SER D 99 -12.75 -17.64 -41.74
N ARG D 100 -13.11 -16.66 -42.60
CA ARG D 100 -14.25 -16.76 -43.50
C ARG D 100 -13.84 -17.03 -44.96
N GLY D 101 -12.54 -17.27 -45.20
CA GLY D 101 -12.05 -17.66 -46.52
C GLY D 101 -12.04 -16.54 -47.55
N VAL D 102 -12.16 -15.28 -47.11
CA VAL D 102 -12.02 -14.14 -48.01
C VAL D 102 -10.54 -13.88 -48.23
N SER D 103 -10.13 -13.82 -49.51
CA SER D 103 -8.75 -13.54 -49.87
C SER D 103 -8.72 -12.79 -51.19
N LEU D 104 -8.37 -11.51 -51.13
CA LEU D 104 -8.27 -10.64 -52.30
C LEU D 104 -6.80 -10.30 -52.51
N SER D 105 -6.28 -10.62 -53.70
CA SER D 105 -4.86 -10.47 -53.98
C SER D 105 -4.49 -9.01 -54.28
N ASN D 106 -5.39 -8.24 -54.91
CA ASN D 106 -5.13 -6.84 -55.16
C ASN D 106 -6.43 -6.03 -55.32
N ILE D 107 -6.65 -5.08 -54.39
CA ILE D 107 -7.83 -4.22 -54.38
C ILE D 107 -7.48 -2.76 -54.68
N TYR D 108 -6.19 -2.43 -54.84
CA TYR D 108 -5.77 -1.04 -55.03
C TYR D 108 -6.07 -0.59 -56.47
N GLN D 109 -6.75 0.56 -56.62
CA GLN D 109 -7.22 0.98 -57.95
C GLN D 109 -6.90 2.44 -58.27
N PHE D 110 -7.00 3.34 -57.27
CA PHE D 110 -6.97 4.77 -57.52
C PHE D 110 -6.12 5.52 -56.50
N SER D 111 -5.56 6.65 -56.91
CA SER D 111 -4.86 7.53 -55.98
C SER D 111 -5.15 8.99 -56.29
N LEU D 112 -5.42 9.78 -55.23
CA LEU D 112 -5.54 11.22 -55.38
C LEU D 112 -4.17 11.92 -55.33
N LEU D 113 -3.08 11.18 -55.09
CA LEU D 113 -1.72 11.73 -55.19
C LEU D 113 -1.45 12.22 -56.63
N SER D 114 -2.11 11.62 -57.62
CA SER D 114 -2.04 11.96 -59.04
C SER D 114 -2.71 13.30 -59.37
N VAL D 115 -3.53 13.85 -58.46
CA VAL D 115 -4.52 14.87 -58.79
C VAL D 115 -4.10 16.24 -58.26
N LEU D 116 -4.10 17.25 -59.14
CA LEU D 116 -3.83 18.63 -58.75
C LEU D 116 -5.11 19.26 -58.18
N PRO D 117 -5.02 20.17 -57.17
CA PRO D 117 -6.21 20.81 -56.59
C PRO D 117 -7.19 21.43 -57.59
N SER D 118 -6.67 22.04 -58.67
CA SER D 118 -7.48 22.68 -59.70
C SER D 118 -8.39 21.70 -60.46
N GLN D 119 -8.14 20.39 -60.33
CA GLN D 119 -8.94 19.36 -60.99
C GLN D 119 -10.17 18.98 -60.16
N VAL D 120 -10.23 19.38 -58.87
CA VAL D 120 -11.30 18.96 -57.96
C VAL D 120 -12.00 20.14 -57.29
N ASN D 121 -11.24 21.19 -56.92
CA ASN D 121 -11.81 22.37 -56.28
C ASN D 121 -12.74 23.11 -57.24
N ASN D 122 -13.88 23.60 -56.72
CA ASN D 122 -14.90 24.35 -57.45
C ASN D 122 -15.58 23.52 -58.56
N LYS D 123 -15.50 22.18 -58.48
CA LYS D 123 -16.00 21.32 -59.56
C LYS D 123 -17.14 20.38 -59.12
N VAL D 124 -17.38 20.27 -57.81
CA VAL D 124 -18.62 19.71 -57.29
C VAL D 124 -19.35 20.77 -56.48
N GLN D 125 -20.68 20.77 -56.55
CA GLN D 125 -21.48 21.89 -56.05
C GLN D 125 -22.77 21.39 -55.41
N VAL D 126 -23.26 22.18 -54.44
CA VAL D 126 -24.43 21.85 -53.63
C VAL D 126 -25.51 22.89 -53.91
N LYS D 127 -26.76 22.43 -54.08
CA LYS D 127 -27.90 23.30 -54.26
C LYS D 127 -28.70 23.38 -52.95
N LEU D 128 -28.84 24.60 -52.42
CA LEU D 128 -29.63 24.88 -51.22
C LEU D 128 -30.71 25.90 -51.56
N GLY D 129 -31.91 25.40 -51.88
CA GLY D 129 -32.94 26.20 -52.51
C GLY D 129 -32.47 26.73 -53.87
N THR D 130 -32.59 28.05 -54.07
CA THR D 130 -32.14 28.74 -55.28
C THR D 130 -30.61 28.81 -55.34
N SER D 131 -29.97 28.93 -54.17
CA SER D 131 -28.53 29.17 -54.06
C SER D 131 -27.70 27.92 -54.41
N ILE D 132 -26.52 28.14 -55.02
CA ILE D 132 -25.61 27.06 -55.40
C ILE D 132 -24.19 27.39 -54.92
N ILE D 133 -23.56 26.42 -54.22
CA ILE D 133 -22.28 26.62 -53.57
C ILE D 133 -21.23 25.63 -54.13
N ASN D 134 -20.09 26.16 -54.57
CA ASN D 134 -18.99 25.32 -55.03
C ASN D 134 -18.17 24.89 -53.82
N LEU D 135 -17.76 23.62 -53.79
CA LEU D 135 -16.97 23.06 -52.69
C LEU D 135 -15.46 23.15 -52.96
N THR D 136 -14.70 23.38 -51.88
CA THR D 136 -13.25 23.20 -51.84
C THR D 136 -12.96 21.90 -51.09
N LEU D 137 -12.17 21.00 -51.72
CA LEU D 137 -11.96 19.65 -51.20
C LEU D 137 -10.49 19.39 -50.91
N ALA D 138 -9.62 19.78 -51.86
CA ALA D 138 -8.17 19.73 -51.68
C ALA D 138 -7.70 21.05 -51.05
N PHE D 139 -7.18 20.97 -49.82
CA PHE D 139 -6.58 22.13 -49.17
C PHE D 139 -5.11 22.21 -49.54
N SER D 140 -4.53 23.42 -49.40
CA SER D 140 -3.15 23.66 -49.79
C SER D 140 -2.50 24.74 -48.95
N SER D 141 -1.16 24.63 -48.78
CA SER D 141 -0.33 25.63 -48.11
C SER D 141 1.05 25.70 -48.76
N ASN D 142 1.75 26.82 -48.57
CA ASN D 142 3.05 27.07 -49.19
C ASN D 142 4.17 27.09 -48.15
N SER D 143 5.24 26.31 -48.39
CA SER D 143 6.50 26.43 -47.68
C SER D 143 7.66 26.33 -48.68
N ALA D 144 8.64 27.24 -48.57
CA ALA D 144 9.86 27.24 -49.38
C ALA D 144 9.57 27.09 -50.88
N GLY D 145 8.50 27.75 -51.37
CA GLY D 145 8.17 27.79 -52.79
C GLY D 145 7.50 26.52 -53.33
N GLN D 146 7.23 25.55 -52.46
CA GLN D 146 6.47 24.35 -52.80
C GLN D 146 5.03 24.47 -52.29
N THR D 147 4.06 24.01 -53.09
CA THR D 147 2.68 23.89 -52.65
C THR D 147 2.42 22.48 -52.12
N TYR D 148 2.12 22.38 -50.82
CA TYR D 148 1.69 21.13 -50.19
C TYR D 148 0.18 20.96 -50.43
N VAL D 149 -0.27 19.71 -50.58
CA VAL D 149 -1.67 19.42 -50.90
C VAL D 149 -2.16 18.30 -49.98
N TYR D 150 -3.40 18.41 -49.47
CA TYR D 150 -3.98 17.37 -48.64
C TYR D 150 -5.51 17.47 -48.59
N TYR D 151 -6.14 16.39 -48.11
CA TYR D 151 -7.57 16.36 -47.82
C TYR D 151 -7.74 16.29 -46.30
N SER D 152 -8.61 17.15 -45.76
CA SER D 152 -8.75 17.30 -44.32
C SER D 152 -9.42 16.08 -43.68
N ASP D 153 -10.26 15.36 -44.45
CA ASP D 153 -10.97 14.19 -43.95
C ASP D 153 -11.26 13.18 -45.07
N PRO D 154 -11.65 11.92 -44.74
CA PRO D 154 -12.08 10.95 -45.75
C PRO D 154 -13.29 11.38 -46.58
N ASN D 155 -14.18 12.22 -46.03
CA ASN D 155 -15.39 12.64 -46.74
C ASN D 155 -15.06 13.51 -47.96
N TYR D 156 -14.19 14.51 -47.79
CA TYR D 156 -13.73 15.32 -48.90
C TYR D 156 -12.90 14.52 -49.89
N ALA D 157 -12.12 13.54 -49.40
CA ALA D 157 -11.39 12.63 -50.28
C ALA D 157 -12.35 11.79 -51.14
N LEU D 158 -13.43 11.26 -50.55
CA LEU D 158 -14.45 10.50 -51.28
C LEU D 158 -15.11 11.33 -52.38
N LEU D 159 -15.51 12.57 -52.06
CA LEU D 159 -16.13 13.46 -53.04
C LEU D 159 -15.18 13.78 -54.20
N ALA D 160 -13.91 14.07 -53.87
CA ALA D 160 -12.86 14.31 -54.86
C ALA D 160 -12.61 13.09 -55.76
N LEU D 161 -12.62 11.89 -55.16
CA LEU D 161 -12.47 10.65 -55.91
C LEU D 161 -13.68 10.41 -56.82
N ASN D 162 -14.89 10.54 -56.26
CA ASN D 162 -16.10 10.38 -57.06
C ASN D 162 -16.01 11.22 -58.33
N TYR D 163 -15.72 12.52 -58.19
CA TYR D 163 -15.60 13.44 -59.31
C TYR D 163 -14.55 12.98 -60.31
N THR D 164 -13.34 12.68 -59.81
CA THR D 164 -12.21 12.21 -60.62
C THR D 164 -12.59 11.00 -61.47
N LEU D 165 -13.22 9.99 -60.86
CA LEU D 165 -13.62 8.78 -61.55
C LEU D 165 -14.74 9.05 -62.56
N GLY D 166 -15.75 9.86 -62.19
CA GLY D 166 -16.79 10.28 -63.12
C GLY D 166 -16.22 10.96 -64.36
N GLN D 167 -15.20 11.80 -64.16
CA GLN D 167 -14.51 12.51 -65.22
C GLN D 167 -13.69 11.58 -66.11
N GLU D 168 -13.02 10.58 -65.52
CA GLU D 168 -12.28 9.55 -66.25
C GLU D 168 -13.19 8.67 -67.10
N VAL D 169 -14.38 8.34 -66.60
CA VAL D 169 -15.40 7.61 -67.37
C VAL D 169 -15.89 8.46 -68.55
N LYS D 170 -16.18 9.74 -68.30
CA LYS D 170 -16.63 10.69 -69.33
C LYS D 170 -15.58 10.86 -70.42
N GLY D 171 -14.30 10.88 -70.05
CA GLY D 171 -13.18 10.96 -70.99
C GLY D 171 -12.81 9.63 -71.65
N GLY D 172 -13.52 8.54 -71.32
CA GLY D 172 -13.30 7.23 -71.92
C GLY D 172 -12.05 6.50 -71.43
N GLN D 173 -11.38 7.04 -70.41
CA GLN D 173 -10.15 6.47 -69.85
C GLN D 173 -10.45 5.28 -68.93
N LEU D 174 -11.68 5.21 -68.42
CA LEU D 174 -12.13 4.18 -67.48
C LEU D 174 -13.51 3.66 -67.94
N THR D 175 -13.76 2.35 -67.84
CA THR D 175 -14.98 1.76 -68.38
C THR D 175 -16.21 2.09 -67.54
N SER D 176 -16.09 1.92 -66.22
CA SER D 176 -17.10 2.25 -65.21
C SER D 176 -16.43 2.68 -63.91
N SER D 177 -17.07 3.60 -63.18
CA SER D 177 -16.66 3.91 -61.83
C SER D 177 -17.22 2.87 -60.85
N PRO D 178 -16.42 2.28 -59.93
CA PRO D 178 -16.98 1.43 -58.88
C PRO D 178 -17.65 2.20 -57.75
N LEU D 179 -17.46 3.54 -57.73
CA LEU D 179 -18.00 4.42 -56.71
C LEU D 179 -18.97 5.42 -57.36
N TYR D 180 -20.13 5.62 -56.72
CA TYR D 180 -21.09 6.61 -57.18
C TYR D 180 -21.74 7.31 -55.99
N ILE D 181 -21.53 8.63 -55.86
CA ILE D 181 -22.01 9.40 -54.72
C ILE D 181 -23.11 10.38 -55.16
N ILE D 182 -24.24 10.38 -54.42
CA ILE D 182 -25.38 11.26 -54.67
C ILE D 182 -25.95 11.80 -53.35
N SER D 183 -26.59 12.96 -53.40
CA SER D 183 -27.32 13.52 -52.26
C SER D 183 -28.82 13.20 -52.36
N ASN D 184 -29.29 13.12 -53.62
CA ASN D 184 -30.68 12.86 -53.96
C ASN D 184 -30.89 11.36 -54.04
N THR D 185 -31.74 10.81 -53.17
CA THR D 185 -32.07 9.39 -53.22
C THR D 185 -33.11 9.04 -54.27
N SER D 186 -33.89 10.03 -54.74
CA SER D 186 -34.97 9.82 -55.70
C SER D 186 -34.49 9.19 -57.01
N ILE D 187 -33.22 9.48 -57.38
CA ILE D 187 -32.58 9.04 -58.61
C ILE D 187 -32.53 7.52 -58.71
N VAL D 188 -32.39 6.84 -57.57
CA VAL D 188 -32.08 5.42 -57.45
C VAL D 188 -33.11 4.54 -58.16
N ALA D 189 -34.40 4.93 -58.13
CA ALA D 189 -35.48 4.19 -58.77
C ALA D 189 -35.24 4.00 -60.28
N SER D 190 -34.57 4.98 -60.91
CA SER D 190 -34.29 4.99 -62.34
C SER D 190 -32.99 4.27 -62.71
N LYS D 191 -32.21 3.83 -61.70
CA LYS D 191 -30.88 3.26 -61.85
C LYS D 191 -30.78 1.94 -61.07
N PRO D 192 -31.45 0.86 -61.53
CA PRO D 192 -31.63 -0.35 -60.73
C PRO D 192 -30.35 -1.09 -60.35
N TRP D 193 -29.24 -0.86 -61.06
CA TRP D 193 -27.94 -1.39 -60.68
C TRP D 193 -27.47 -0.89 -59.31
N LEU D 194 -27.93 0.30 -58.88
CA LEU D 194 -27.63 0.84 -57.56
C LEU D 194 -28.38 0.15 -56.43
N LYS D 195 -29.40 -0.67 -56.73
CA LYS D 195 -30.26 -1.27 -55.72
C LYS D 195 -29.52 -2.35 -54.91
N ASN D 196 -28.55 -3.03 -55.54
CA ASN D 196 -28.01 -4.29 -55.05
C ASN D 196 -26.58 -4.17 -54.51
N ASP D 197 -25.85 -3.10 -54.89
CA ASP D 197 -24.48 -2.90 -54.40
C ASP D 197 -24.47 -2.24 -53.00
N ASN D 198 -23.28 -2.14 -52.39
CA ASN D 198 -23.15 -1.71 -51.00
C ASN D 198 -23.34 -0.20 -50.88
N VAL D 199 -24.08 0.26 -49.85
CA VAL D 199 -24.32 1.69 -49.66
C VAL D 199 -24.06 2.11 -48.21
N PHE D 200 -23.34 3.24 -48.05
CA PHE D 200 -23.13 3.91 -46.79
C PHE D 200 -23.34 5.41 -46.96
N THR D 201 -23.49 6.14 -45.84
CA THR D 201 -23.71 7.58 -45.92
C THR D 201 -22.69 8.36 -45.10
N PHE D 202 -22.51 9.63 -45.48
CA PHE D 202 -21.69 10.57 -44.73
C PHE D 202 -22.27 11.97 -44.88
N ASN D 203 -21.93 12.85 -43.92
CA ASN D 203 -22.48 14.20 -43.88
C ASN D 203 -21.38 15.26 -43.88
N ILE D 204 -21.55 16.31 -44.70
CA ILE D 204 -20.70 17.49 -44.68
C ILE D 204 -21.54 18.72 -44.33
N SER D 205 -20.90 19.77 -43.81
CA SER D 205 -21.57 21.03 -43.53
C SER D 205 -21.28 22.05 -44.64
N VAL D 206 -22.33 22.54 -45.30
CA VAL D 206 -22.22 23.56 -46.35
C VAL D 206 -23.19 24.67 -45.99
N ASN D 207 -22.67 25.91 -45.92
CA ASN D 207 -23.53 27.01 -45.53
C ASN D 207 -24.24 26.63 -44.21
N GLY D 208 -23.43 26.16 -43.25
CA GLY D 208 -23.90 25.77 -41.93
C GLY D 208 -24.99 24.70 -41.89
N THR D 209 -25.32 24.12 -43.05
CA THR D 209 -26.39 23.15 -43.22
C THR D 209 -25.79 21.75 -43.41
N GLU D 210 -26.36 20.74 -42.73
CA GLU D 210 -25.96 19.35 -42.93
C GLU D 210 -26.46 18.83 -44.28
N VAL D 211 -25.52 18.36 -45.12
CA VAL D 211 -25.82 17.71 -46.37
C VAL D 211 -25.43 16.24 -46.23
N GLU D 212 -26.38 15.33 -46.49
CA GLU D 212 -26.10 13.90 -46.46
C GLU D 212 -25.86 13.37 -47.86
N TYR D 213 -24.76 12.61 -48.01
CA TYR D 213 -24.41 11.93 -49.24
C TYR D 213 -24.47 10.43 -49.04
N TYR D 214 -24.95 9.74 -50.08
CA TYR D 214 -25.07 8.29 -50.16
C TYR D 214 -24.02 7.81 -51.16
N ALA D 215 -23.11 6.94 -50.69
CA ALA D 215 -22.03 6.40 -51.50
C ALA D 215 -22.33 4.96 -51.86
N TYR D 216 -22.46 4.68 -53.17
CA TYR D 216 -22.75 3.36 -53.71
C TYR D 216 -21.45 2.74 -54.20
N VAL D 217 -21.10 1.56 -53.67
CA VAL D 217 -19.84 0.90 -54.00
C VAL D 217 -20.13 -0.41 -54.72
N ASN D 218 -19.44 -0.66 -55.84
CA ASN D 218 -19.64 -1.86 -56.65
C ASN D 218 -18.90 -3.06 -56.09
N LYS D 219 -17.58 -2.92 -55.98
CA LYS D 219 -16.71 -4.00 -55.56
C LYS D 219 -15.77 -3.45 -54.51
N THR D 220 -15.22 -4.35 -53.67
CA THR D 220 -14.23 -3.95 -52.68
C THR D 220 -13.01 -3.36 -53.39
N PHE D 221 -12.64 -2.13 -53.02
CA PHE D 221 -11.47 -1.47 -53.59
C PHE D 221 -10.80 -0.56 -52.56
N ALA D 222 -9.54 -0.21 -52.83
CA ALA D 222 -8.78 0.70 -52.01
C ALA D 222 -8.30 1.90 -52.83
N PHE D 223 -8.20 3.05 -52.17
CA PHE D 223 -7.57 4.23 -52.76
C PHE D 223 -6.72 4.95 -51.73
N THR D 224 -5.78 5.77 -52.21
CA THR D 224 -4.89 6.54 -51.35
C THR D 224 -5.03 8.04 -51.61
N TYR D 225 -4.78 8.85 -50.57
CA TYR D 225 -4.85 10.30 -50.69
C TYR D 225 -3.85 10.96 -49.75
N PRO D 226 -3.35 12.18 -50.07
CA PRO D 226 -2.41 12.87 -49.19
C PRO D 226 -3.05 13.48 -47.96
N VAL D 227 -2.36 13.38 -46.81
CA VAL D 227 -2.82 13.87 -45.52
C VAL D 227 -1.94 15.00 -45.00
N SER D 228 -0.61 14.88 -45.13
CA SER D 228 0.33 15.98 -44.87
C SER D 228 1.69 15.72 -45.52
N GLY D 229 2.52 16.77 -45.63
CA GLY D 229 3.90 16.64 -46.04
C GLY D 229 4.07 16.16 -47.48
N PHE D 230 3.07 16.43 -48.33
CA PHE D 230 3.04 15.99 -49.71
C PHE D 230 3.10 17.18 -50.68
N PRO D 231 4.30 17.61 -51.12
CA PRO D 231 4.43 18.65 -52.15
C PRO D 231 4.43 18.13 -53.59
N LEU D 232 4.45 16.80 -53.77
CA LEU D 232 4.65 16.18 -55.08
C LEU D 232 3.34 15.89 -55.81
N ALA D 233 2.36 16.81 -55.73
CA ALA D 233 1.07 16.62 -56.38
C ALA D 233 1.24 16.35 -57.88
N GLY D 234 0.60 15.27 -58.36
CA GLY D 234 0.73 14.79 -59.73
C GLY D 234 1.53 13.50 -59.90
N SER D 235 2.20 13.00 -58.84
CA SER D 235 3.31 12.05 -59.02
C SER D 235 3.07 10.60 -58.58
N ASP D 236 2.13 10.35 -57.65
CA ASP D 236 1.98 9.06 -56.96
C ASP D 236 3.17 8.67 -56.07
N ILE D 237 4.12 9.58 -55.79
CA ILE D 237 5.27 9.25 -54.94
C ILE D 237 5.06 9.86 -53.55
N ALA D 238 5.12 9.04 -52.50
CA ALA D 238 5.12 9.53 -51.13
C ALA D 238 6.55 9.86 -50.72
N PRO D 239 6.93 11.16 -50.55
CA PRO D 239 8.29 11.48 -50.12
C PRO D 239 8.48 11.19 -48.64
N ALA D 240 9.74 11.07 -48.22
CA ALA D 240 10.07 10.90 -46.81
C ALA D 240 9.53 12.08 -45.99
N GLY D 241 8.81 11.78 -44.91
CA GLY D 241 8.17 12.79 -44.08
C GLY D 241 6.80 13.25 -44.60
N SER D 242 6.17 12.47 -45.51
CA SER D 242 4.77 12.64 -45.89
C SER D 242 3.88 11.69 -45.09
N VAL D 243 2.56 11.94 -45.11
CA VAL D 243 1.56 11.10 -44.46
C VAL D 243 0.45 10.85 -45.48
N ILE D 244 0.12 9.57 -45.72
CA ILE D 244 -0.79 9.14 -46.78
C ILE D 244 -1.97 8.41 -46.14
N GLY D 245 -3.20 8.85 -46.46
CA GLY D 245 -4.38 8.11 -46.03
C GLY D 245 -4.66 6.95 -46.99
N VAL D 246 -4.97 5.78 -46.41
CA VAL D 246 -5.39 4.61 -47.18
C VAL D 246 -6.82 4.28 -46.76
N MET D 247 -7.72 4.20 -47.74
CA MET D 247 -9.11 3.88 -47.44
C MET D 247 -9.57 2.69 -48.27
N ILE D 248 -10.15 1.69 -47.60
CA ILE D 248 -10.71 0.50 -48.22
C ILE D 248 -12.23 0.59 -48.12
N LEU D 249 -12.93 0.55 -49.26
CA LEU D 249 -14.39 0.51 -49.28
C LEU D 249 -14.83 -0.92 -49.63
N PHE D 250 -15.77 -1.47 -48.87
CA PHE D 250 -16.24 -2.84 -49.11
C PHE D 250 -17.39 -2.85 -50.10
N GLY D 251 -17.34 -3.77 -51.07
CA GLY D 251 -18.45 -4.03 -51.99
C GLY D 251 -19.44 -5.05 -51.42
N PRO D 252 -20.51 -5.42 -52.16
CA PRO D 252 -21.56 -6.28 -51.65
C PRO D 252 -21.11 -7.69 -51.27
N GLY D 253 -20.02 -8.19 -51.89
CA GLY D 253 -19.42 -9.47 -51.55
C GLY D 253 -18.87 -9.51 -50.13
N GLU D 254 -17.90 -8.64 -49.83
CA GLU D 254 -17.22 -8.63 -48.54
C GLU D 254 -18.03 -7.94 -47.43
N ALA D 255 -19.02 -7.11 -47.80
CA ALA D 255 -19.83 -6.35 -46.85
C ALA D 255 -20.80 -7.22 -46.05
N THR D 256 -21.07 -8.46 -46.51
CA THR D 256 -22.30 -9.22 -46.23
C THR D 256 -22.60 -9.44 -44.74
N ASN D 257 -21.57 -9.63 -43.90
CA ASN D 257 -21.71 -9.50 -42.45
C ASN D 257 -20.41 -9.02 -41.80
N VAL D 258 -20.55 -8.41 -40.62
CA VAL D 258 -19.51 -7.67 -39.92
C VAL D 258 -18.39 -8.61 -39.45
N PHE D 259 -17.15 -8.10 -39.36
CA PHE D 259 -16.04 -8.85 -38.78
C PHE D 259 -16.19 -8.94 -37.26
N GLN D 260 -16.30 -10.17 -36.73
CA GLN D 260 -16.37 -10.42 -35.29
C GLN D 260 -15.61 -11.70 -34.94
N TYR D 261 -14.76 -11.65 -33.91
CA TYR D 261 -14.02 -12.81 -33.42
C TYR D 261 -13.17 -13.40 -34.57
N GLU D 262 -12.53 -12.52 -35.33
CA GLU D 262 -11.86 -12.86 -36.58
C GLU D 262 -10.56 -12.06 -36.72
N THR D 263 -9.58 -12.64 -37.44
CA THR D 263 -8.39 -11.89 -37.81
C THR D 263 -8.55 -11.36 -39.23
N VAL D 264 -8.26 -10.06 -39.40
CA VAL D 264 -8.18 -9.42 -40.71
C VAL D 264 -6.73 -9.00 -40.97
N THR D 265 -6.25 -9.23 -42.20
CA THR D 265 -4.89 -8.87 -42.62
C THR D 265 -4.95 -8.01 -43.89
N ILE D 266 -4.17 -6.93 -43.91
CA ILE D 266 -3.98 -6.07 -45.07
C ILE D 266 -2.48 -6.03 -45.35
N GLN D 267 -2.10 -6.09 -46.63
CA GLN D 267 -0.69 -5.91 -46.98
C GLN D 267 -0.55 -4.93 -48.14
N ILE D 268 0.36 -3.97 -47.99
CA ILE D 268 0.70 -3.04 -49.06
C ILE D 268 2.08 -3.43 -49.60
N THR D 269 2.17 -3.67 -50.90
CA THR D 269 3.43 -4.11 -51.52
C THR D 269 3.79 -3.19 -52.68
N PRO D 270 4.64 -2.15 -52.45
CA PRO D 270 5.16 -1.32 -53.55
C PRO D 270 6.19 -2.07 -54.39
N ASN D 271 6.56 -1.49 -55.54
CA ASN D 271 7.41 -2.14 -56.53
C ASN D 271 8.88 -2.24 -56.11
N ILE D 272 9.29 -1.44 -55.11
CA ILE D 272 10.64 -1.45 -54.54
C ILE D 272 10.46 -1.44 -53.01
N GLY D 273 11.31 -2.19 -52.30
CA GLY D 273 11.32 -2.18 -50.86
C GLY D 273 10.39 -3.21 -50.24
N SER D 274 10.43 -3.30 -48.90
CA SER D 274 9.68 -4.31 -48.17
C SER D 274 8.21 -3.92 -48.04
N PRO D 275 7.27 -4.90 -48.08
CA PRO D 275 5.85 -4.61 -47.89
C PRO D 275 5.50 -4.34 -46.44
N LEU D 276 4.40 -3.61 -46.23
CA LEU D 276 3.85 -3.37 -44.91
C LEU D 276 2.69 -4.34 -44.68
N THR D 277 2.79 -5.15 -43.61
CA THR D 277 1.76 -6.12 -43.26
C THR D 277 1.06 -5.68 -41.97
N ILE D 278 -0.28 -5.56 -42.05
CA ILE D 278 -1.15 -5.07 -40.99
C ILE D 278 -2.08 -6.21 -40.60
N SER D 279 -2.15 -6.59 -39.29
CA SER D 279 -3.04 -7.64 -38.80
C SER D 279 -3.74 -7.24 -37.51
N GLN D 280 -5.06 -7.45 -37.45
CA GLN D 280 -5.87 -7.18 -36.26
C GLN D 280 -6.81 -8.35 -35.97
N TYR D 281 -6.88 -8.78 -34.71
CA TYR D 281 -8.01 -9.57 -34.25
C TYR D 281 -9.13 -8.62 -33.87
N ILE D 282 -10.27 -8.73 -34.58
CA ILE D 282 -11.38 -7.80 -34.43
C ILE D 282 -12.42 -8.40 -33.49
N TYR D 283 -12.53 -7.80 -32.30
CA TYR D 283 -13.71 -7.97 -31.45
C TYR D 283 -14.89 -7.21 -32.06
N GLN D 284 -16.09 -7.44 -31.51
CA GLN D 284 -17.31 -6.75 -31.90
C GLN D 284 -17.10 -5.22 -32.04
N PRO D 285 -17.66 -4.57 -33.10
CA PRO D 285 -17.57 -3.12 -33.25
C PRO D 285 -18.51 -2.39 -32.31
N ASP D 286 -18.03 -1.27 -31.76
CA ASP D 286 -18.62 -0.63 -30.58
C ASP D 286 -19.30 0.71 -30.86
N GLY D 287 -19.17 1.22 -32.11
CA GLY D 287 -19.76 2.48 -32.55
C GLY D 287 -19.82 2.60 -34.08
N LYS D 288 -20.34 3.72 -34.59
CA LYS D 288 -20.43 4.00 -36.01
C LYS D 288 -19.07 3.83 -36.69
N VAL D 289 -18.02 4.32 -36.03
CA VAL D 289 -16.64 3.98 -36.32
C VAL D 289 -16.08 3.30 -35.07
N THR D 290 -15.23 2.28 -35.28
CA THR D 290 -14.57 1.58 -34.19
C THR D 290 -13.07 1.54 -34.44
N VAL D 291 -12.27 1.64 -33.38
CA VAL D 291 -10.81 1.61 -33.48
C VAL D 291 -10.36 0.15 -33.32
N ILE D 292 -9.78 -0.43 -34.38
CA ILE D 292 -9.45 -1.86 -34.38
C ILE D 292 -7.95 -2.12 -34.23
N GLY D 293 -7.10 -1.11 -34.47
CA GLY D 293 -5.66 -1.31 -34.47
C GLY D 293 -4.88 -0.03 -34.25
N LEU E 1 57.91 -23.12 -91.96
CA LEU E 1 58.68 -23.52 -90.73
C LEU E 1 57.88 -23.23 -89.45
N ALA E 2 57.64 -21.95 -89.13
CA ALA E 2 57.04 -21.55 -87.87
C ALA E 2 55.55 -21.89 -87.79
N GLY E 3 54.91 -22.19 -88.94
CA GLY E 3 53.49 -22.49 -89.00
C GLY E 3 53.10 -23.86 -88.43
N LEU E 4 54.04 -24.52 -87.73
CA LEU E 4 53.85 -25.87 -87.22
C LEU E 4 54.23 -25.99 -85.74
N ASP E 5 55.45 -25.58 -85.37
CA ASP E 5 55.93 -25.66 -83.99
C ASP E 5 55.02 -24.84 -83.05
N THR E 6 54.61 -23.63 -83.50
CA THR E 6 53.66 -22.78 -82.80
C THR E 6 52.29 -23.46 -82.60
N ALA E 7 51.81 -24.19 -83.61
CA ALA E 7 50.53 -24.87 -83.57
C ALA E 7 50.50 -25.97 -82.50
N ILE E 8 51.61 -26.71 -82.38
CA ILE E 8 51.78 -27.76 -81.38
C ILE E 8 51.71 -27.18 -79.97
N ILE E 9 52.43 -26.08 -79.73
CA ILE E 9 52.44 -25.42 -78.41
C ILE E 9 51.05 -24.89 -78.07
N LEU E 10 50.34 -24.32 -79.06
CA LEU E 10 48.96 -23.89 -78.90
C LEU E 10 48.07 -25.05 -78.45
N ILE E 11 48.13 -26.20 -79.15
CA ILE E 11 47.38 -27.41 -78.76
C ILE E 11 47.62 -27.76 -77.29
N ALA E 12 48.90 -27.81 -76.89
CA ALA E 12 49.31 -28.17 -75.54
C ALA E 12 48.80 -27.18 -74.49
N PHE E 13 48.89 -25.87 -74.78
CA PHE E 13 48.46 -24.82 -73.86
C PHE E 13 46.93 -24.81 -73.71
N ILE E 14 46.19 -25.10 -74.79
CA ILE E 14 44.73 -25.25 -74.73
C ILE E 14 44.37 -26.39 -73.78
N ILE E 15 44.97 -27.58 -73.99
CA ILE E 15 44.72 -28.75 -73.15
C ILE E 15 45.05 -28.44 -71.69
N THR E 16 46.17 -27.74 -71.44
CA THR E 16 46.59 -27.33 -70.10
C THR E 16 45.53 -26.46 -69.42
N ALA E 17 45.00 -25.45 -70.14
CA ALA E 17 43.94 -24.58 -69.65
C ALA E 17 42.64 -25.35 -69.42
N ALA E 18 42.27 -26.24 -70.34
CA ALA E 18 41.08 -27.08 -70.25
C ALA E 18 41.11 -27.97 -69.00
N VAL E 19 42.29 -28.50 -68.66
CA VAL E 19 42.53 -29.29 -67.46
C VAL E 19 42.28 -28.46 -66.19
N LEU E 20 42.79 -27.22 -66.13
CA LEU E 20 42.50 -26.35 -65.00
C LEU E 20 41.00 -26.02 -64.93
N ALA E 21 40.37 -25.72 -66.08
CA ALA E 21 38.95 -25.46 -66.17
C ALA E 21 38.13 -26.61 -65.59
N TYR E 22 38.42 -27.83 -66.02
CA TYR E 22 37.80 -29.08 -65.57
C TYR E 22 37.86 -29.20 -64.04
N VAL E 23 39.05 -29.02 -63.46
CA VAL E 23 39.28 -29.15 -62.02
C VAL E 23 38.57 -28.03 -61.25
N ALA E 24 38.72 -26.77 -61.69
CA ALA E 24 38.16 -25.61 -61.02
C ALA E 24 36.64 -25.68 -60.92
N VAL E 25 35.96 -26.06 -62.02
CA VAL E 25 34.51 -26.15 -62.04
C VAL E 25 34.01 -27.27 -61.12
N ASN E 26 34.61 -28.46 -61.23
CA ASN E 26 34.30 -29.61 -60.38
C ASN E 26 34.44 -29.25 -58.90
N MET E 27 35.56 -28.62 -58.55
CA MET E 27 35.85 -28.31 -57.16
C MET E 27 34.96 -27.17 -56.63
N GLY E 28 34.59 -26.21 -57.48
CA GLY E 28 33.59 -25.19 -57.16
C GLY E 28 32.22 -25.80 -56.86
N LEU E 29 31.75 -26.73 -57.72
CA LEU E 29 30.52 -27.46 -57.49
C LEU E 29 30.56 -28.20 -56.15
N PHE E 30 31.68 -28.88 -55.86
CA PHE E 30 31.88 -29.60 -54.62
C PHE E 30 31.79 -28.66 -53.40
N VAL E 31 32.65 -27.62 -53.34
CA VAL E 31 32.77 -26.75 -52.19
C VAL E 31 31.47 -25.98 -51.93
N THR E 32 30.80 -25.49 -52.98
CA THR E 32 29.55 -24.76 -52.83
C THR E 32 28.45 -25.65 -52.24
N GLN E 33 28.45 -26.95 -52.55
CA GLN E 33 27.52 -27.88 -51.93
C GLN E 33 27.84 -28.14 -50.46
N LYS E 34 29.13 -28.22 -50.11
CA LYS E 34 29.57 -28.29 -48.70
C LYS E 34 29.07 -27.06 -47.93
N ALA E 35 29.18 -25.87 -48.55
CA ALA E 35 28.65 -24.63 -48.00
C ALA E 35 27.13 -24.70 -47.79
N LYS E 36 26.36 -25.15 -48.80
CA LYS E 36 24.91 -25.35 -48.70
C LYS E 36 24.56 -26.22 -47.49
N THR E 37 25.21 -27.38 -47.38
CA THR E 37 25.01 -28.35 -46.30
C THR E 37 25.31 -27.69 -44.94
N THR E 38 26.42 -26.96 -44.85
CA THR E 38 26.84 -26.25 -43.63
C THR E 38 25.79 -25.22 -43.21
N ILE E 39 25.29 -24.41 -44.15
CA ILE E 39 24.29 -23.39 -43.86
C ILE E 39 23.02 -24.03 -43.28
N ASN E 40 22.58 -25.16 -43.86
CA ASN E 40 21.46 -25.92 -43.34
C ASN E 40 21.70 -26.41 -41.91
N LYS E 41 22.87 -27.02 -41.66
CA LYS E 41 23.25 -27.50 -40.33
C LYS E 41 23.36 -26.38 -39.30
N GLY E 42 23.81 -25.19 -39.72
CA GLY E 42 23.84 -24.00 -38.87
C GLY E 42 22.45 -23.55 -38.43
N GLU E 43 21.49 -23.54 -39.37
CA GLU E 43 20.11 -23.19 -39.08
C GLU E 43 19.44 -24.24 -38.17
N GLU E 44 19.66 -25.53 -38.45
CA GLU E 44 19.21 -26.62 -37.59
C GLU E 44 19.76 -26.46 -36.17
N THR E 45 21.05 -26.13 -36.03
CA THR E 45 21.71 -25.93 -34.75
C THR E 45 21.13 -24.76 -33.97
N ALA E 46 20.82 -23.65 -34.65
CA ALA E 46 20.26 -22.46 -34.01
C ALA E 46 18.80 -22.67 -33.60
N SER E 47 18.03 -23.43 -34.40
CA SER E 47 16.60 -23.64 -34.19
C SER E 47 16.30 -24.73 -33.14
N THR E 48 16.97 -25.89 -33.23
CA THR E 48 16.63 -27.04 -32.40
C THR E 48 17.04 -26.85 -30.93
N ALA E 49 16.06 -27.01 -30.02
CA ALA E 49 16.28 -26.92 -28.58
C ALA E 49 15.12 -27.57 -27.81
N LEU E 50 15.38 -27.98 -26.56
CA LEU E 50 14.36 -28.47 -25.65
C LEU E 50 14.12 -27.46 -24.52
N SER E 51 12.84 -27.27 -24.16
CA SER E 51 12.45 -26.53 -22.97
C SER E 51 11.95 -27.50 -21.91
N LEU E 52 12.28 -27.21 -20.64
CA LEU E 52 11.57 -27.81 -19.52
C LEU E 52 10.14 -27.30 -19.52
N SER E 53 9.16 -28.21 -19.62
CA SER E 53 7.76 -27.84 -19.84
C SER E 53 6.82 -28.45 -18.79
N GLY E 54 7.35 -28.70 -17.59
CA GLY E 54 6.58 -29.07 -16.42
C GLY E 54 7.43 -28.89 -15.16
N ASN E 55 6.85 -29.15 -13.99
CA ASN E 55 7.63 -29.16 -12.77
C ASN E 55 8.51 -30.41 -12.70
N VAL E 56 9.60 -30.34 -11.91
CA VAL E 56 10.47 -31.47 -11.64
C VAL E 56 10.01 -32.13 -10.33
N LEU E 57 9.68 -33.42 -10.41
CA LEU E 57 9.19 -34.22 -9.28
C LEU E 57 10.28 -35.15 -8.79
N TYR E 58 10.35 -35.34 -7.48
CA TYR E 58 11.37 -36.16 -6.83
C TYR E 58 10.69 -37.09 -5.82
N ALA E 59 11.12 -38.37 -5.77
CA ALA E 59 10.48 -39.39 -4.92
C ALA E 59 11.50 -40.07 -4.01
N VAL E 60 11.11 -40.29 -2.74
CA VAL E 60 11.97 -40.81 -1.69
C VAL E 60 11.15 -41.73 -0.77
N ASN E 61 11.84 -42.50 0.10
CA ASN E 61 11.21 -43.37 1.08
C ASN E 61 10.63 -42.59 2.27
N TYR E 62 9.78 -41.62 1.97
CA TYR E 62 9.15 -40.75 2.94
C TYR E 62 8.26 -41.54 3.90
N PRO E 63 8.17 -41.18 5.21
CA PRO E 63 8.89 -40.07 5.83
C PRO E 63 10.33 -40.33 6.26
N THR E 64 10.77 -41.59 6.16
CA THR E 64 12.05 -42.02 6.73
C THR E 64 13.27 -41.34 6.07
N ASN E 65 13.16 -40.99 4.78
CA ASN E 65 14.12 -40.17 4.04
C ASN E 65 15.55 -40.73 4.03
N THR E 66 15.71 -42.05 4.16
CA THR E 66 17.03 -42.68 4.08
C THR E 66 17.41 -43.06 2.65
N LYS E 67 16.47 -43.05 1.70
CA LYS E 67 16.70 -43.60 0.37
C LYS E 67 15.93 -42.86 -0.73
N SER E 68 16.53 -42.82 -1.93
CA SER E 68 16.07 -42.03 -3.08
C SER E 68 15.59 -42.95 -4.21
N TYR E 69 14.43 -42.65 -4.82
CA TYR E 69 13.77 -43.58 -5.73
C TYR E 69 13.85 -43.15 -7.20
N TRP E 70 13.25 -41.98 -7.52
CA TRP E 70 13.22 -41.49 -8.89
C TRP E 70 13.03 -39.98 -8.98
N MET E 71 13.35 -39.43 -10.16
CA MET E 71 12.96 -38.08 -10.54
C MET E 71 12.19 -38.14 -11.86
N TYR E 72 11.18 -37.27 -12.00
CA TYR E 72 10.38 -37.18 -13.21
C TYR E 72 10.29 -35.71 -13.62
N PHE E 73 10.39 -35.43 -14.92
CA PHE E 73 10.11 -34.11 -15.47
C PHE E 73 9.65 -34.25 -16.93
N THR E 74 9.20 -33.14 -17.52
CA THR E 74 8.62 -33.17 -18.85
C THR E 74 9.33 -32.14 -19.73
N VAL E 75 9.58 -32.49 -21.01
CA VAL E 75 10.27 -31.61 -21.95
C VAL E 75 9.49 -31.52 -23.26
N SER E 76 9.70 -30.42 -24.00
CA SER E 76 9.12 -30.23 -25.32
C SER E 76 10.04 -29.34 -26.16
N PRO E 77 10.08 -29.48 -27.50
CA PRO E 77 10.85 -28.55 -28.35
C PRO E 77 10.46 -27.09 -28.14
N SER E 78 11.49 -26.22 -28.03
CA SER E 78 11.34 -24.81 -27.67
C SER E 78 10.56 -24.03 -28.73
N SER E 79 9.54 -23.27 -28.30
CA SER E 79 8.82 -22.31 -29.11
C SER E 79 8.20 -22.92 -30.37
N GLY E 80 8.09 -24.26 -30.43
CA GLY E 80 7.48 -24.99 -31.54
C GLY E 80 8.19 -24.85 -32.89
N VAL E 81 9.51 -24.59 -32.88
CA VAL E 81 10.21 -24.19 -34.11
C VAL E 81 10.61 -25.39 -34.98
N SER E 82 11.11 -26.47 -34.37
CA SER E 82 11.59 -27.65 -35.09
C SER E 82 11.66 -28.89 -34.19
N SER E 83 11.78 -30.09 -34.80
CA SER E 83 11.79 -31.37 -34.10
C SER E 83 13.16 -31.67 -33.46
N VAL E 84 13.18 -32.59 -32.46
CA VAL E 84 14.40 -33.00 -31.77
C VAL E 84 14.53 -34.53 -31.81
N ASP E 85 15.70 -35.02 -32.26
CA ASP E 85 16.03 -36.44 -32.20
C ASP E 85 16.37 -36.82 -30.75
N LEU E 86 15.63 -37.79 -30.17
CA LEU E 86 15.84 -38.23 -28.80
C LEU E 86 16.28 -39.69 -28.74
N SER E 87 16.86 -40.26 -29.80
CA SER E 87 17.28 -41.66 -29.74
C SER E 87 18.39 -41.85 -28.71
N PRO E 88 18.28 -42.86 -27.80
CA PRO E 88 19.27 -43.04 -26.73
C PRO E 88 20.65 -43.49 -27.17
N SER E 89 20.81 -43.91 -28.44
CA SER E 89 22.15 -44.20 -28.96
C SER E 89 22.93 -42.92 -29.28
N THR E 90 22.21 -41.83 -29.60
CA THR E 90 22.81 -40.57 -30.04
C THR E 90 22.80 -39.52 -28.93
N THR E 91 21.69 -39.42 -28.18
CA THR E 91 21.49 -38.45 -27.11
C THR E 91 22.18 -38.90 -25.82
N ALA E 92 22.70 -37.94 -25.03
CA ALA E 92 23.14 -38.25 -23.67
C ALA E 92 22.25 -37.52 -22.66
N ILE E 93 22.02 -38.14 -21.49
CA ILE E 93 21.51 -37.44 -20.33
C ILE E 93 22.52 -37.61 -19.21
N SER E 94 23.11 -36.49 -18.74
CA SER E 94 24.04 -36.53 -17.62
C SER E 94 23.35 -36.14 -16.32
N PHE E 95 23.89 -36.62 -15.19
CA PHE E 95 23.36 -36.32 -13.88
C PHE E 95 24.52 -36.04 -12.93
N THR E 96 24.51 -34.87 -12.26
CA THR E 96 25.56 -34.54 -11.29
C THR E 96 24.96 -34.00 -9.99
N ALA E 97 25.56 -34.40 -8.87
CA ALA E 97 25.29 -33.84 -7.56
C ALA E 97 26.64 -33.47 -6.96
N ALA E 98 27.09 -32.25 -7.28
CA ALA E 98 28.47 -31.80 -7.12
C ALA E 98 28.95 -31.90 -5.67
N SER E 99 28.08 -31.52 -4.73
CA SER E 99 28.36 -31.49 -3.29
C SER E 99 28.86 -32.83 -2.76
N ARG E 100 28.30 -33.95 -3.28
CA ARG E 100 28.64 -35.29 -2.87
C ARG E 100 29.53 -36.03 -3.89
N GLY E 101 29.98 -35.32 -4.94
CA GLY E 101 30.93 -35.86 -5.90
C GLY E 101 30.34 -36.90 -6.85
N VAL E 102 29.01 -36.98 -6.94
CA VAL E 102 28.36 -37.85 -7.92
C VAL E 102 28.37 -37.14 -9.28
N SER E 103 28.89 -37.82 -10.29
CA SER E 103 28.92 -37.29 -11.64
C SER E 103 28.79 -38.43 -12.65
N LEU E 104 27.64 -38.49 -13.32
CA LEU E 104 27.35 -39.51 -14.32
C LEU E 104 27.28 -38.82 -15.68
N SER E 105 28.12 -39.28 -16.62
CA SER E 105 28.23 -38.62 -17.91
C SER E 105 27.08 -38.98 -18.86
N ASN E 106 26.56 -40.22 -18.76
CA ASN E 106 25.42 -40.61 -19.57
C ASN E 106 24.63 -41.76 -18.94
N ILE E 107 23.36 -41.47 -18.58
CA ILE E 107 22.45 -42.44 -17.96
C ILE E 107 21.30 -42.82 -18.88
N TYR E 108 21.19 -42.20 -20.06
CA TYR E 108 20.05 -42.44 -20.96
C TYR E 108 20.21 -43.79 -21.66
N GLN E 109 19.17 -44.65 -21.61
CA GLN E 109 19.29 -46.02 -22.11
C GLN E 109 18.13 -46.43 -23.02
N PHE E 110 16.90 -46.00 -22.70
CA PHE E 110 15.71 -46.55 -23.34
C PHE E 110 14.70 -45.46 -23.69
N SER E 111 13.90 -45.69 -24.73
CA SER E 111 12.79 -44.81 -25.04
C SER E 111 11.57 -45.61 -25.48
N LEU E 112 10.39 -45.21 -24.96
CA LEU E 112 9.13 -45.77 -25.43
C LEU E 112 8.62 -45.06 -26.69
N LEU E 113 9.30 -43.98 -27.15
CA LEU E 113 8.97 -43.36 -28.43
C LEU E 113 9.14 -44.35 -29.60
N SER E 114 10.04 -45.33 -29.42
CA SER E 114 10.32 -46.41 -30.36
C SER E 114 9.18 -47.43 -30.48
N VAL E 115 8.24 -47.43 -29.54
CA VAL E 115 7.35 -48.58 -29.29
C VAL E 115 5.92 -48.28 -29.79
N LEU E 116 5.38 -49.19 -30.63
CA LEU E 116 4.00 -49.11 -31.07
C LEU E 116 3.06 -49.66 -29.99
N PRO E 117 1.83 -49.10 -29.80
CA PRO E 117 0.90 -49.61 -28.79
C PRO E 117 0.65 -51.12 -28.80
N SER E 118 0.61 -51.74 -29.99
CA SER E 118 0.37 -53.16 -30.16
C SER E 118 1.47 -54.04 -29.53
N GLN E 119 2.63 -53.44 -29.23
CA GLN E 119 3.75 -54.15 -28.62
C GLN E 119 3.63 -54.24 -27.09
N VAL E 120 2.73 -53.44 -26.48
CA VAL E 120 2.63 -53.34 -25.03
C VAL E 120 1.21 -53.60 -24.52
N ASN E 121 0.19 -53.13 -25.24
CA ASN E 121 -1.20 -53.35 -24.85
C ASN E 121 -1.57 -54.83 -24.92
N ASN E 122 -2.34 -55.30 -23.92
CA ASN E 122 -2.81 -56.67 -23.78
C ASN E 122 -1.68 -57.70 -23.59
N LYS E 123 -0.49 -57.24 -23.16
CA LYS E 123 0.69 -58.11 -23.07
C LYS E 123 1.25 -58.26 -21.65
N VAL E 124 0.78 -57.43 -20.71
CA VAL E 124 0.95 -57.69 -19.28
C VAL E 124 -0.43 -57.84 -18.64
N GLN E 125 -0.53 -58.74 -17.66
CA GLN E 125 -1.83 -59.17 -17.15
C GLN E 125 -1.78 -59.40 -15.63
N VAL E 126 -2.94 -59.21 -15.00
CA VAL E 126 -3.09 -59.28 -13.56
C VAL E 126 -4.03 -60.44 -13.22
N LYS E 127 -3.66 -61.23 -12.21
CA LYS E 127 -4.49 -62.32 -11.72
C LYS E 127 -5.18 -61.89 -10.41
N LEU E 128 -6.52 -61.92 -10.43
CA LEU E 128 -7.35 -61.62 -9.27
C LEU E 128 -8.24 -62.82 -8.96
N GLY E 129 -7.77 -63.69 -8.04
CA GLY E 129 -8.35 -65.01 -7.86
C GLY E 129 -8.21 -65.83 -9.15
N THR E 130 -9.33 -66.42 -9.61
CA THR E 130 -9.41 -67.19 -10.84
C THR E 130 -9.29 -66.27 -12.08
N SER E 131 -9.82 -65.05 -11.98
CA SER E 131 -9.94 -64.11 -13.09
C SER E 131 -8.58 -63.52 -13.50
N ILE E 132 -8.41 -63.27 -14.82
CA ILE E 132 -7.19 -62.69 -15.36
C ILE E 132 -7.54 -61.53 -16.30
N ILE E 133 -6.89 -60.37 -16.08
CA ILE E 133 -7.22 -59.12 -16.77
C ILE E 133 -5.99 -58.62 -17.54
N ASN E 134 -6.17 -58.35 -18.84
CA ASN E 134 -5.11 -57.77 -19.65
C ASN E 134 -5.14 -56.25 -19.47
N LEU E 135 -3.96 -55.63 -19.35
CA LEU E 135 -3.83 -54.19 -19.16
C LEU E 135 -3.65 -53.45 -20.50
N THR E 136 -4.22 -52.23 -20.56
CA THR E 136 -3.94 -51.25 -21.60
C THR E 136 -3.04 -50.17 -20.98
N LEU E 137 -1.90 -49.89 -21.61
CA LEU E 137 -0.87 -49.03 -21.04
C LEU E 137 -0.60 -47.82 -21.94
N ALA E 138 -0.47 -48.06 -23.25
CA ALA E 138 -0.37 -47.00 -24.24
C ALA E 138 -1.77 -46.58 -24.70
N PHE E 139 -2.15 -45.34 -24.39
CA PHE E 139 -3.41 -44.80 -24.88
C PHE E 139 -3.19 -44.15 -26.25
N SER E 140 -4.28 -44.00 -27.03
CA SER E 140 -4.20 -43.48 -28.38
C SER E 140 -5.46 -42.73 -28.78
N SER E 141 -5.31 -41.74 -29.68
CA SER E 141 -6.40 -40.98 -30.28
C SER E 141 -6.05 -40.59 -31.72
N ASN E 142 -7.08 -40.32 -32.53
CA ASN E 142 -6.91 -40.00 -33.94
C ASN E 142 -7.25 -38.54 -34.24
N SER E 143 -6.33 -37.84 -34.93
CA SER E 143 -6.62 -36.55 -35.55
C SER E 143 -5.99 -36.51 -36.94
N ALA E 144 -6.76 -36.06 -37.95
CA ALA E 144 -6.31 -35.87 -39.33
C ALA E 144 -5.58 -37.11 -39.89
N GLY E 145 -6.08 -38.32 -39.54
CA GLY E 145 -5.56 -39.56 -40.09
C GLY E 145 -4.26 -40.05 -39.45
N GLN E 146 -3.77 -39.34 -38.43
CA GLN E 146 -2.61 -39.75 -37.63
C GLN E 146 -3.09 -40.32 -36.29
N THR E 147 -2.43 -41.39 -35.83
CA THR E 147 -2.64 -41.91 -34.49
C THR E 147 -1.61 -41.32 -33.53
N TYR E 148 -2.09 -40.54 -32.55
CA TYR E 148 -1.27 -40.04 -31.46
C TYR E 148 -1.16 -41.12 -30.38
N VAL E 149 -0.01 -41.19 -29.70
CA VAL E 149 0.24 -42.22 -28.69
C VAL E 149 0.83 -41.57 -27.44
N TYR E 150 0.40 -42.02 -26.25
CA TYR E 150 0.93 -41.50 -25.00
C TYR E 150 0.67 -42.46 -23.83
N TYR E 151 1.38 -42.22 -22.72
CA TYR E 151 1.15 -42.92 -21.46
C TYR E 151 0.56 -41.91 -20.47
N SER E 152 -0.52 -42.29 -19.80
CA SER E 152 -1.27 -41.37 -18.96
C SER E 152 -0.50 -41.01 -17.69
N ASP E 153 0.38 -41.91 -17.21
CA ASP E 153 1.17 -41.69 -16.01
C ASP E 153 2.52 -42.43 -16.06
N PRO E 154 3.48 -42.09 -15.16
CA PRO E 154 4.73 -42.85 -15.06
C PRO E 154 4.56 -44.32 -14.72
N ASN E 155 3.49 -44.71 -14.02
CA ASN E 155 3.28 -46.11 -13.62
C ASN E 155 3.04 -47.02 -14.83
N TYR E 156 2.15 -46.61 -15.74
CA TYR E 156 1.92 -47.33 -16.98
C TYR E 156 3.14 -47.31 -17.90
N ALA E 157 3.90 -46.21 -17.89
CA ALA E 157 5.16 -46.15 -18.62
C ALA E 157 6.18 -47.16 -18.07
N LEU E 158 6.30 -47.28 -16.75
CA LEU E 158 7.20 -48.24 -16.12
C LEU E 158 6.83 -49.69 -16.48
N LEU E 159 5.54 -50.04 -16.42
CA LEU E 159 5.09 -51.38 -16.78
C LEU E 159 5.37 -51.69 -18.24
N ALA E 160 5.10 -50.73 -19.15
CA ALA E 160 5.39 -50.85 -20.56
C ALA E 160 6.89 -51.03 -20.83
N LEU E 161 7.74 -50.27 -20.10
CA LEU E 161 9.19 -50.41 -20.22
C LEU E 161 9.64 -51.77 -19.70
N ASN E 162 9.18 -52.17 -18.51
CA ASN E 162 9.54 -53.47 -17.97
C ASN E 162 9.30 -54.56 -19.01
N TYR E 163 8.10 -54.62 -19.60
CA TYR E 163 7.74 -55.60 -20.60
C TYR E 163 8.69 -55.53 -21.81
N THR E 164 8.88 -54.32 -22.37
CA THR E 164 9.74 -54.08 -23.52
C THR E 164 11.16 -54.62 -23.28
N LEU E 165 11.75 -54.31 -22.12
CA LEU E 165 13.10 -54.75 -21.79
C LEU E 165 13.16 -56.26 -21.57
N GLY E 166 12.16 -56.84 -20.87
CA GLY E 166 12.06 -58.29 -20.72
C GLY E 166 12.02 -59.01 -22.06
N GLN E 167 11.28 -58.44 -23.01
CA GLN E 167 11.15 -58.96 -24.37
C GLN E 167 12.46 -58.84 -25.17
N GLU E 168 13.18 -57.72 -25.01
CA GLU E 168 14.48 -57.52 -25.66
C GLU E 168 15.54 -58.48 -25.12
N VAL E 169 15.51 -58.80 -23.82
CA VAL E 169 16.38 -59.80 -23.21
C VAL E 169 16.05 -61.18 -23.78
N LYS E 170 14.76 -61.53 -23.85
CA LYS E 170 14.29 -62.81 -24.37
C LYS E 170 14.69 -62.99 -25.85
N GLY E 171 14.64 -61.91 -26.63
CA GLY E 171 15.07 -61.89 -28.03
C GLY E 171 16.59 -61.78 -28.23
N GLY E 172 17.37 -61.72 -27.13
CA GLY E 172 18.83 -61.68 -27.19
C GLY E 172 19.41 -60.34 -27.64
N GLN E 173 18.56 -59.31 -27.78
CA GLN E 173 18.97 -57.98 -28.23
C GLN E 173 19.63 -57.18 -27.10
N LEU E 174 19.36 -57.57 -25.83
CA LEU E 174 19.86 -56.90 -24.64
C LEU E 174 20.38 -57.96 -23.66
N THR E 175 21.50 -57.71 -22.96
CA THR E 175 22.14 -58.73 -22.13
C THR E 175 21.37 -58.98 -20.84
N SER E 176 20.98 -57.90 -20.15
CA SER E 176 20.17 -57.89 -18.94
C SER E 176 19.31 -56.63 -18.88
N SER E 177 18.11 -56.75 -18.29
CA SER E 177 17.30 -55.58 -17.98
C SER E 177 17.78 -54.97 -16.66
N PRO E 178 18.02 -53.64 -16.58
CA PRO E 178 18.30 -52.99 -15.30
C PRO E 178 17.06 -52.80 -14.42
N LEU E 179 15.86 -53.02 -14.99
CA LEU E 179 14.59 -52.86 -14.31
C LEU E 179 13.86 -54.20 -14.26
N TYR E 180 13.29 -54.54 -13.10
CA TYR E 180 12.50 -55.74 -12.94
C TYR E 180 11.31 -55.46 -12.03
N ILE E 181 10.08 -55.58 -12.56
CA ILE E 181 8.86 -55.26 -11.83
C ILE E 181 8.05 -56.53 -11.56
N ILE E 182 7.63 -56.71 -10.28
CA ILE E 182 6.82 -57.85 -9.84
C ILE E 182 5.74 -57.39 -8.86
N SER E 183 4.63 -58.14 -8.79
CA SER E 183 3.59 -57.92 -7.79
C SER E 183 3.76 -58.86 -6.60
N ASN E 184 4.31 -60.05 -6.89
CA ASN E 184 4.55 -61.11 -5.92
C ASN E 184 5.93 -60.91 -5.30
N THR E 185 5.98 -60.67 -3.99
CA THR E 185 7.25 -60.54 -3.30
C THR E 185 7.90 -61.88 -2.95
N SER E 186 7.12 -62.97 -2.94
CA SER E 186 7.60 -64.30 -2.56
C SER E 186 8.76 -64.78 -3.45
N ILE E 187 8.77 -64.32 -4.71
CA ILE E 187 9.74 -64.69 -5.73
C ILE E 187 11.18 -64.33 -5.32
N VAL E 188 11.32 -63.23 -4.56
CA VAL E 188 12.59 -62.58 -4.26
C VAL E 188 13.58 -63.52 -3.56
N ALA E 189 13.08 -64.41 -2.68
CA ALA E 189 13.91 -65.37 -1.97
C ALA E 189 14.73 -66.27 -2.90
N SER E 190 14.18 -66.56 -4.09
CA SER E 190 14.79 -67.43 -5.10
C SER E 190 15.73 -66.68 -6.06
N LYS E 191 15.77 -65.34 -5.96
CA LYS E 191 16.50 -64.45 -6.87
C LYS E 191 17.36 -63.47 -6.08
N PRO E 192 18.48 -63.95 -5.45
CA PRO E 192 19.22 -63.16 -4.47
C PRO E 192 19.85 -61.87 -5.00
N TRP E 193 20.05 -61.75 -6.32
CA TRP E 193 20.51 -60.51 -6.92
C TRP E 193 19.53 -59.35 -6.71
N LEU E 194 18.23 -59.64 -6.51
CA LEU E 194 17.22 -58.64 -6.21
C LEU E 194 17.30 -58.10 -4.77
N LYS E 195 18.06 -58.76 -3.88
CA LYS E 195 18.12 -58.40 -2.47
C LYS E 195 18.81 -57.07 -2.23
N ASN E 196 19.79 -56.73 -3.10
CA ASN E 196 20.78 -55.69 -2.81
C ASN E 196 20.59 -54.43 -3.66
N ASP E 197 19.86 -54.52 -4.78
CA ASP E 197 19.61 -53.35 -5.62
C ASP E 197 18.44 -52.51 -5.10
N ASN E 198 18.21 -51.33 -5.71
CA ASN E 198 17.26 -50.34 -5.19
C ASN E 198 15.82 -50.78 -5.48
N VAL E 199 14.90 -50.62 -4.51
CA VAL E 199 13.51 -51.01 -4.70
C VAL E 199 12.55 -49.91 -4.25
N PHE E 200 11.54 -49.64 -5.09
CA PHE E 200 10.43 -48.75 -4.77
C PHE E 200 9.12 -49.41 -5.22
N THR E 201 7.98 -48.89 -4.75
CA THR E 201 6.69 -49.46 -5.09
C THR E 201 5.74 -48.42 -5.69
N PHE E 202 4.77 -48.91 -6.47
CA PHE E 202 3.70 -48.10 -7.00
C PHE E 202 2.43 -48.94 -7.12
N ASN E 203 1.27 -48.26 -7.14
CA ASN E 203 -0.03 -48.94 -7.14
C ASN E 203 -0.87 -48.52 -8.34
N ILE E 204 -1.50 -49.50 -9.01
CA ILE E 204 -2.49 -49.25 -10.05
C ILE E 204 -3.82 -49.87 -9.63
N SER E 205 -4.93 -49.35 -10.18
CA SER E 205 -6.26 -49.91 -9.95
C SER E 205 -6.69 -50.79 -11.12
N VAL E 206 -6.97 -52.08 -10.83
CA VAL E 206 -7.43 -53.03 -11.82
C VAL E 206 -8.69 -53.68 -11.27
N ASN E 207 -9.78 -53.64 -12.04
CA ASN E 207 -11.03 -54.18 -11.54
C ASN E 207 -11.30 -53.57 -10.15
N GLY E 208 -11.20 -52.24 -10.07
CA GLY E 208 -11.44 -51.45 -8.86
C GLY E 208 -10.60 -51.85 -7.66
N THR E 209 -9.62 -52.76 -7.84
CA THR E 209 -8.78 -53.29 -6.78
C THR E 209 -7.38 -52.69 -6.89
N GLU E 210 -6.80 -52.29 -5.74
CA GLU E 210 -5.42 -51.81 -5.68
C GLU E 210 -4.45 -52.97 -5.87
N VAL E 211 -3.58 -52.86 -6.88
CA VAL E 211 -2.49 -53.80 -7.13
C VAL E 211 -1.18 -53.06 -6.86
N GLU E 212 -0.35 -53.60 -5.96
CA GLU E 212 0.96 -53.03 -5.67
C GLU E 212 2.05 -53.76 -6.46
N TYR E 213 2.89 -52.96 -7.12
CA TYR E 213 4.06 -53.46 -7.84
C TYR E 213 5.34 -52.95 -7.17
N TYR E 214 6.34 -53.84 -7.14
CA TYR E 214 7.67 -53.60 -6.62
C TYR E 214 8.62 -53.53 -7.81
N ALA E 215 9.31 -52.39 -7.95
CA ALA E 215 10.23 -52.14 -9.04
C ALA E 215 11.66 -52.22 -8.52
N TYR E 216 12.44 -53.18 -9.05
CA TYR E 216 13.83 -53.40 -8.68
C TYR E 216 14.73 -52.77 -9.74
N VAL E 217 15.62 -51.85 -9.32
CA VAL E 217 16.46 -51.12 -10.25
C VAL E 217 17.92 -51.49 -9.98
N ASN E 218 18.68 -51.79 -11.04
CA ASN E 218 20.08 -52.20 -10.92
C ASN E 218 21.01 -51.00 -10.79
N LYS E 219 20.97 -50.12 -11.79
CA LYS E 219 21.86 -48.98 -11.86
C LYS E 219 21.03 -47.76 -12.19
N THR E 220 21.53 -46.57 -11.84
CA THR E 220 20.86 -45.33 -12.19
C THR E 220 20.75 -45.22 -13.72
N PHE E 221 19.51 -45.04 -14.22
CA PHE E 221 19.28 -44.89 -15.64
C PHE E 221 18.10 -43.96 -15.90
N ALA E 222 18.02 -43.45 -17.14
CA ALA E 222 16.92 -42.61 -17.57
C ALA E 222 16.24 -43.22 -18.79
N PHE E 223 14.93 -42.98 -18.90
CA PHE E 223 14.17 -43.33 -20.09
C PHE E 223 13.16 -42.22 -20.43
N THR E 224 12.72 -42.19 -21.70
CA THR E 224 11.76 -41.19 -22.16
C THR E 224 10.51 -41.88 -22.69
N TYR E 225 9.36 -41.17 -22.58
CA TYR E 225 8.10 -41.69 -23.09
C TYR E 225 7.20 -40.54 -23.55
N PRO E 226 6.28 -40.78 -24.52
CA PRO E 226 5.40 -39.72 -25.00
C PRO E 226 4.25 -39.40 -24.03
N VAL E 227 3.94 -38.10 -23.91
CA VAL E 227 2.92 -37.58 -23.01
C VAL E 227 1.77 -36.93 -23.78
N SER E 228 2.07 -36.15 -24.84
CA SER E 228 1.05 -35.67 -25.78
C SER E 228 1.69 -35.21 -27.08
N GLY E 229 0.87 -35.04 -28.13
CA GLY E 229 1.30 -34.43 -29.39
C GLY E 229 2.35 -35.24 -30.13
N PHE E 230 2.35 -36.57 -29.92
CA PHE E 230 3.32 -37.47 -30.51
C PHE E 230 2.66 -38.45 -31.47
N PRO E 231 2.57 -38.13 -32.80
CA PRO E 231 2.06 -39.07 -33.80
C PRO E 231 3.13 -39.98 -34.41
N LEU E 232 4.42 -39.74 -34.08
CA LEU E 232 5.53 -40.41 -34.75
C LEU E 232 5.97 -41.69 -34.05
N ALA E 233 5.01 -42.50 -33.56
CA ALA E 233 5.32 -43.74 -32.86
C ALA E 233 6.20 -44.66 -33.71
N GLY E 234 7.32 -45.12 -33.13
CA GLY E 234 8.32 -45.91 -33.82
C GLY E 234 9.65 -45.18 -34.09
N SER E 235 9.74 -43.86 -33.85
CA SER E 235 10.77 -43.03 -34.49
C SER E 235 11.88 -42.48 -33.57
N ASP E 236 11.63 -42.34 -32.26
CA ASP E 236 12.49 -41.58 -31.33
C ASP E 236 12.59 -40.09 -31.64
N ILE E 237 11.75 -39.52 -32.52
CA ILE E 237 11.81 -38.09 -32.82
C ILE E 237 10.66 -37.37 -32.12
N ALA E 238 10.98 -36.36 -31.30
CA ALA E 238 9.97 -35.50 -30.71
C ALA E 238 9.63 -34.37 -31.70
N PRO E 239 8.43 -34.33 -32.33
CA PRO E 239 8.09 -33.26 -33.26
C PRO E 239 7.77 -31.98 -32.49
N ALA E 240 7.83 -30.84 -33.19
CA ALA E 240 7.43 -29.57 -32.60
C ALA E 240 5.96 -29.62 -32.15
N GLY E 241 5.72 -29.21 -30.89
CA GLY E 241 4.40 -29.29 -30.29
C GLY E 241 4.06 -30.65 -29.68
N SER E 242 5.07 -31.50 -29.43
CA SER E 242 4.94 -32.71 -28.62
C SER E 242 5.38 -32.45 -27.18
N VAL E 243 5.03 -33.36 -26.27
CA VAL E 243 5.42 -33.31 -24.86
C VAL E 243 5.96 -34.68 -24.49
N ILE E 244 7.19 -34.73 -23.94
CA ILE E 244 7.92 -35.96 -23.67
C ILE E 244 8.20 -36.06 -22.18
N GLY E 245 7.82 -37.17 -21.55
CA GLY E 245 8.18 -37.43 -20.16
C GLY E 245 9.60 -37.99 -20.08
N VAL E 246 10.40 -37.47 -19.14
CA VAL E 246 11.74 -37.98 -18.84
C VAL E 246 11.71 -38.50 -17.41
N MET E 247 12.10 -39.76 -17.22
CA MET E 247 12.13 -40.34 -15.89
C MET E 247 13.51 -40.92 -15.59
N ILE E 248 14.07 -40.55 -14.44
CA ILE E 248 15.35 -41.03 -13.96
C ILE E 248 15.07 -41.94 -12.76
N LEU E 249 15.51 -43.20 -12.83
CA LEU E 249 15.41 -44.14 -11.71
C LEU E 249 16.80 -44.29 -11.09
N PHE E 250 16.89 -44.18 -9.76
CA PHE E 250 18.18 -44.30 -9.09
C PHE E 250 18.49 -45.75 -8.73
N GLY E 251 19.74 -46.18 -8.99
CA GLY E 251 20.23 -47.48 -8.55
C GLY E 251 20.82 -47.42 -7.15
N PRO E 252 21.35 -48.55 -6.60
CA PRO E 252 21.82 -48.61 -5.23
C PRO E 252 22.99 -47.68 -4.89
N GLY E 253 23.79 -47.32 -5.90
CA GLY E 253 24.88 -46.35 -5.75
C GLY E 253 24.38 -44.95 -5.38
N GLU E 254 23.56 -44.35 -6.25
CA GLU E 254 23.09 -42.98 -6.08
C GLU E 254 21.93 -42.87 -5.07
N ALA E 255 21.23 -43.98 -4.80
CA ALA E 255 20.07 -44.01 -3.91
C ALA E 255 20.42 -43.81 -2.43
N THR E 256 21.70 -43.98 -2.06
CA THR E 256 22.15 -44.36 -0.71
C THR E 256 21.71 -43.42 0.41
N ASN E 257 21.63 -42.11 0.13
CA ASN E 257 20.91 -41.17 1.00
C ASN E 257 20.33 -40.00 0.19
N VAL E 258 19.27 -39.39 0.74
CA VAL E 258 18.42 -38.41 0.08
C VAL E 258 19.18 -37.11 -0.20
N PHE E 259 18.81 -36.39 -1.28
CA PHE E 259 19.36 -35.08 -1.56
C PHE E 259 18.79 -34.04 -0.58
N GLN E 260 19.67 -33.41 0.20
CA GLN E 260 19.30 -32.34 1.12
C GLN E 260 20.38 -31.27 1.17
N TYR E 261 20.00 -29.99 1.06
CA TYR E 261 20.93 -28.86 1.15
C TYR E 261 22.02 -29.00 0.07
N GLU E 262 21.59 -29.37 -1.14
CA GLU E 262 22.49 -29.78 -2.23
C GLU E 262 21.96 -29.27 -3.56
N THR E 263 22.87 -29.01 -4.51
CA THR E 263 22.47 -28.72 -5.88
C THR E 263 22.55 -29.99 -6.72
N VAL E 264 21.48 -30.28 -7.47
CA VAL E 264 21.46 -31.36 -8.46
C VAL E 264 21.32 -30.73 -9.85
N THR E 265 22.09 -31.25 -10.82
CA THR E 265 22.07 -30.80 -12.21
C THR E 265 21.84 -31.98 -13.15
N ILE E 266 20.93 -31.79 -14.12
CA ILE E 266 20.66 -32.74 -15.19
C ILE E 266 20.89 -32.01 -16.51
N GLN E 267 21.51 -32.68 -17.49
CA GLN E 267 21.63 -32.08 -18.80
C GLN E 267 21.23 -33.09 -19.87
N ILE E 268 20.40 -32.67 -20.83
CA ILE E 268 20.04 -33.47 -21.98
C ILE E 268 20.75 -32.89 -23.20
N THR E 269 21.52 -33.71 -23.91
CA THR E 269 22.30 -33.25 -25.06
C THR E 269 21.97 -34.11 -26.28
N PRO E 270 21.03 -33.68 -27.16
CA PRO E 270 20.78 -34.36 -28.42
C PRO E 270 21.91 -34.12 -29.43
N ASN E 271 21.90 -34.87 -30.54
CA ASN E 271 22.99 -34.88 -31.51
C ASN E 271 23.05 -33.62 -32.37
N ILE E 272 21.96 -32.85 -32.41
CA ILE E 272 21.86 -31.57 -33.12
C ILE E 272 21.19 -30.57 -32.17
N GLY E 273 21.67 -29.33 -32.18
CA GLY E 273 21.06 -28.27 -31.39
C GLY E 273 21.64 -28.14 -29.98
N SER E 274 21.18 -27.12 -29.26
CA SER E 274 21.71 -26.79 -27.95
C SER E 274 21.16 -27.73 -26.88
N PRO E 275 21.96 -28.10 -25.86
CA PRO E 275 21.48 -28.94 -24.76
C PRO E 275 20.60 -28.18 -23.78
N LEU E 276 19.75 -28.92 -23.07
CA LEU E 276 18.92 -28.37 -22.01
C LEU E 276 19.59 -28.68 -20.67
N THR E 277 19.89 -27.64 -19.89
CA THR E 277 20.52 -27.77 -18.58
C THR E 277 19.52 -27.39 -17.49
N ILE E 278 19.31 -28.33 -16.55
CA ILE E 278 18.34 -28.23 -15.46
C ILE E 278 19.12 -28.24 -14.15
N SER E 279 18.91 -27.25 -13.26
CA SER E 279 19.56 -27.17 -11.96
C SER E 279 18.60 -26.78 -10.84
N GLN E 280 18.64 -27.52 -9.72
CA GLN E 280 17.83 -27.23 -8.54
C GLN E 280 18.66 -27.32 -7.27
N TYR E 281 18.53 -26.33 -6.38
CA TYR E 281 18.93 -26.50 -5.00
C TYR E 281 17.80 -27.20 -4.25
N ILE E 282 18.08 -28.39 -3.74
CA ILE E 282 17.07 -29.24 -3.11
C ILE E 282 17.12 -29.05 -1.60
N TYR E 283 16.07 -28.41 -1.06
CA TYR E 283 15.76 -28.50 0.36
C TYR E 283 15.20 -29.89 0.69
N GLN E 284 15.06 -30.20 1.98
CA GLN E 284 14.47 -31.44 2.48
C GLN E 284 13.18 -31.81 1.72
N PRO E 285 12.97 -33.10 1.35
CA PRO E 285 11.74 -33.54 0.71
C PRO E 285 10.58 -33.64 1.70
N ASP E 286 9.39 -33.22 1.27
CA ASP E 286 8.27 -32.91 2.16
C ASP E 286 7.10 -33.91 2.06
N GLY E 287 7.17 -34.87 1.12
CA GLY E 287 6.16 -35.89 0.90
C GLY E 287 6.68 -37.07 0.07
N LYS E 288 5.82 -38.06 -0.19
CA LYS E 288 6.14 -39.24 -0.99
C LYS E 288 6.72 -38.82 -2.35
N VAL E 289 6.11 -37.80 -2.95
CA VAL E 289 6.68 -37.04 -4.06
C VAL E 289 6.83 -35.60 -3.58
N THR E 290 7.92 -34.95 -4.00
CA THR E 290 8.17 -33.54 -3.68
C THR E 290 8.46 -32.77 -4.96
N VAL E 291 8.00 -31.51 -5.02
CA VAL E 291 8.22 -30.67 -6.18
C VAL E 291 9.52 -29.88 -5.96
N ILE E 292 10.54 -30.12 -6.79
CA ILE E 292 11.86 -29.54 -6.55
C ILE E 292 12.19 -28.41 -7.53
N GLY E 293 11.46 -28.32 -8.66
CA GLY E 293 11.79 -27.34 -9.70
C GLY E 293 10.61 -27.03 -10.60
N LEU F 1 61.73 -23.14 -82.61
CA LEU F 1 61.67 -21.65 -82.40
C LEU F 1 60.80 -21.30 -81.19
N ALA F 2 59.48 -21.55 -81.26
CA ALA F 2 58.54 -21.10 -80.25
C ALA F 2 58.65 -21.91 -78.94
N GLY F 3 59.33 -23.07 -78.99
CA GLY F 3 59.48 -23.94 -77.82
C GLY F 3 60.45 -23.42 -76.76
N LEU F 4 60.86 -22.13 -76.88
CA LEU F 4 61.85 -21.54 -75.99
C LEU F 4 61.38 -20.19 -75.44
N ASP F 5 60.99 -19.24 -76.31
CA ASP F 5 60.53 -17.92 -75.88
C ASP F 5 59.31 -18.03 -74.95
N THR F 6 58.37 -18.92 -75.30
CA THR F 6 57.21 -19.25 -74.47
C THR F 6 57.60 -19.79 -73.08
N ALA F 7 58.64 -20.64 -73.02
CA ALA F 7 59.10 -21.26 -71.78
C ALA F 7 59.65 -20.21 -70.81
N ILE F 8 60.39 -19.22 -71.35
CA ILE F 8 60.94 -18.11 -70.58
C ILE F 8 59.83 -17.28 -69.94
N ILE F 9 58.80 -16.94 -70.73
CA ILE F 9 57.67 -16.15 -70.24
C ILE F 9 56.90 -16.93 -69.17
N LEU F 10 56.73 -18.24 -69.36
CA LEU F 10 56.13 -19.11 -68.36
C LEU F 10 56.89 -19.05 -67.04
N ILE F 11 58.23 -19.21 -67.07
CA ILE F 11 59.09 -19.10 -65.89
C ILE F 11 58.82 -17.77 -65.16
N ALA F 12 58.83 -16.66 -65.89
CA ALA F 12 58.64 -15.32 -65.34
C ALA F 12 57.25 -15.14 -64.71
N PHE F 13 56.20 -15.65 -65.38
CA PHE F 13 54.83 -15.52 -64.91
C PHE F 13 54.60 -16.38 -63.64
N ILE F 14 55.23 -17.56 -63.57
CA ILE F 14 55.19 -18.41 -62.39
C ILE F 14 55.80 -17.65 -61.20
N ILE F 15 57.01 -17.11 -61.36
CA ILE F 15 57.71 -16.35 -60.33
C ILE F 15 56.86 -15.16 -59.88
N THR F 16 56.23 -14.45 -60.83
CA THR F 16 55.35 -13.32 -60.56
C THR F 16 54.17 -13.73 -59.68
N ALA F 17 53.51 -14.84 -60.00
CA ALA F 17 52.41 -15.38 -59.22
C ALA F 17 52.87 -15.85 -57.82
N ALA F 18 54.03 -16.52 -57.76
CA ALA F 18 54.63 -16.99 -56.51
C ALA F 18 54.93 -15.83 -55.55
N VAL F 19 55.39 -14.68 -56.09
CA VAL F 19 55.63 -13.46 -55.34
C VAL F 19 54.33 -12.92 -54.73
N LEU F 20 53.23 -12.86 -55.52
CA LEU F 20 51.94 -12.46 -54.96
C LEU F 20 51.47 -13.44 -53.89
N ALA F 21 51.61 -14.75 -54.15
CA ALA F 21 51.26 -15.80 -53.19
C ALA F 21 51.97 -15.58 -51.85
N TYR F 22 53.30 -15.39 -51.91
CA TYR F 22 54.16 -15.14 -50.76
C TYR F 22 53.66 -13.97 -49.92
N VAL F 23 53.38 -12.83 -50.57
CA VAL F 23 52.92 -11.61 -49.93
C VAL F 23 51.51 -11.79 -49.34
N ALA F 24 50.58 -12.33 -50.12
CA ALA F 24 49.19 -12.50 -49.71
C ALA F 24 49.05 -13.39 -48.46
N VAL F 25 49.78 -14.52 -48.42
CA VAL F 25 49.72 -15.43 -47.28
C VAL F 25 50.31 -14.77 -46.02
N ASN F 26 51.50 -14.17 -46.14
CA ASN F 26 52.16 -13.45 -45.06
C ASN F 26 51.23 -12.37 -44.48
N MET F 27 50.63 -11.57 -45.35
CA MET F 27 49.80 -10.47 -44.92
C MET F 27 48.47 -10.94 -44.33
N GLY F 28 47.91 -12.05 -44.83
CA GLY F 28 46.76 -12.72 -44.23
C GLY F 28 47.04 -13.21 -42.82
N LEU F 29 48.19 -13.88 -42.62
CA LEU F 29 48.63 -14.31 -41.29
C LEU F 29 48.75 -13.11 -40.34
N PHE F 30 49.36 -12.01 -40.82
CA PHE F 30 49.51 -10.78 -40.06
C PHE F 30 48.15 -10.21 -39.63
N VAL F 31 47.28 -9.89 -40.60
CA VAL F 31 46.02 -9.21 -40.36
C VAL F 31 45.09 -10.05 -39.47
N THR F 32 45.02 -11.37 -39.71
CA THR F 32 44.17 -12.23 -38.91
C THR F 32 44.61 -12.28 -37.44
N GLN F 33 45.92 -12.16 -37.18
CA GLN F 33 46.42 -12.06 -35.81
C GLN F 33 46.07 -10.70 -35.17
N LYS F 34 46.13 -9.61 -35.94
CA LYS F 34 45.65 -8.30 -35.48
C LYS F 34 44.16 -8.38 -35.09
N ALA F 35 43.35 -9.07 -35.91
CA ALA F 35 41.95 -9.33 -35.62
C ALA F 35 41.78 -10.13 -34.32
N LYS F 36 42.53 -11.23 -34.12
CA LYS F 36 42.52 -12.02 -32.90
C LYS F 36 42.77 -11.13 -31.67
N THR F 37 43.85 -10.35 -31.72
CA THR F 37 44.25 -9.43 -30.65
C THR F 37 43.12 -8.43 -30.35
N THR F 38 42.53 -7.84 -31.41
CA THR F 38 41.43 -6.88 -31.30
C THR F 38 40.22 -7.50 -30.61
N ILE F 39 39.83 -8.72 -31.00
CA ILE F 39 38.68 -9.42 -30.42
C ILE F 39 38.90 -9.63 -28.92
N ASN F 40 40.11 -10.03 -28.53
CA ASN F 40 40.48 -10.17 -27.12
C ASN F 40 40.35 -8.84 -26.36
N LYS F 41 40.92 -7.75 -26.91
CA LYS F 41 40.84 -6.42 -26.32
C LYS F 41 39.40 -5.90 -26.22
N GLY F 42 38.55 -6.23 -27.19
CA GLY F 42 37.12 -5.91 -27.15
C GLY F 42 36.40 -6.59 -25.98
N GLU F 43 36.68 -7.88 -25.76
CA GLU F 43 36.10 -8.65 -24.66
C GLU F 43 36.62 -8.13 -23.31
N GLU F 44 37.92 -7.85 -23.21
CA GLU F 44 38.50 -7.22 -22.01
C GLU F 44 37.82 -5.88 -21.71
N THR F 45 37.59 -5.06 -22.74
CA THR F 45 36.96 -3.74 -22.61
C THR F 45 35.51 -3.86 -22.13
N ALA F 46 34.76 -4.84 -22.65
CA ALA F 46 33.36 -5.05 -22.25
C ALA F 46 33.23 -5.63 -20.85
N SER F 47 34.18 -6.49 -20.43
CA SER F 47 34.13 -7.18 -19.15
C SER F 47 34.65 -6.33 -17.98
N THR F 48 35.80 -5.67 -18.16
CA THR F 48 36.47 -4.97 -17.05
C THR F 48 35.73 -3.70 -16.63
N ALA F 49 35.41 -3.60 -15.33
CA ALA F 49 34.75 -2.45 -14.74
C ALA F 49 34.89 -2.45 -13.22
N LEU F 50 34.77 -1.27 -12.59
CA LEU F 50 34.74 -1.12 -11.14
C LEU F 50 33.34 -0.73 -10.68
N SER F 51 32.89 -1.32 -9.57
CA SER F 51 31.68 -0.90 -8.87
C SER F 51 32.07 -0.18 -7.57
N LEU F 52 31.33 0.87 -7.23
CA LEU F 52 31.34 1.41 -5.87
C LEU F 52 30.72 0.36 -4.95
N SER F 53 31.49 -0.11 -3.94
CA SER F 53 31.10 -1.24 -3.12
C SER F 53 31.14 -0.93 -1.62
N GLY F 54 30.91 0.35 -1.28
CA GLY F 54 30.69 0.82 0.07
C GLY F 54 30.08 2.22 0.05
N ASN F 55 29.79 2.77 1.23
CA ASN F 55 29.35 4.17 1.30
C ASN F 55 30.55 5.10 1.07
N VAL F 56 30.26 6.34 0.66
CA VAL F 56 31.27 7.39 0.52
C VAL F 56 31.27 8.22 1.80
N LEU F 57 32.44 8.30 2.45
CA LEU F 57 32.65 9.00 3.70
C LEU F 57 33.40 10.30 3.44
N TYR F 58 33.03 11.37 4.18
CA TYR F 58 33.60 12.69 4.02
C TYR F 58 33.96 13.25 5.41
N ALA F 59 35.14 13.89 5.54
CA ALA F 59 35.64 14.37 6.83
C ALA F 59 35.99 15.85 6.78
N VAL F 60 35.62 16.58 7.85
CA VAL F 60 35.74 18.03 7.95
C VAL F 60 36.12 18.43 9.38
N ASN F 61 36.51 19.70 9.58
CA ASN F 61 36.83 20.24 10.90
C ASN F 61 35.59 20.54 11.73
N TYR F 62 34.73 19.52 11.88
CA TYR F 62 33.48 19.60 12.61
C TYR F 62 33.71 19.94 14.09
N PRO F 63 32.85 20.74 14.75
CA PRO F 63 31.65 21.35 14.16
C PRO F 63 31.85 22.66 13.38
N THR F 64 33.07 23.20 13.41
CA THR F 64 33.36 24.53 12.89
C THR F 64 33.14 24.64 11.37
N ASN F 65 33.34 23.55 10.63
CA ASN F 65 33.01 23.39 9.21
C ASN F 65 33.66 24.44 8.29
N THR F 66 34.82 25.00 8.69
CA THR F 66 35.54 25.93 7.84
C THR F 66 36.52 25.23 6.89
N LYS F 67 36.82 23.93 7.10
CA LYS F 67 37.89 23.26 6.37
C LYS F 67 37.61 21.78 6.11
N SER F 68 38.12 21.28 4.98
CA SER F 68 37.83 19.95 4.45
C SER F 68 39.08 19.07 4.50
N TYR F 69 38.95 17.81 4.96
CA TYR F 69 40.10 16.97 5.27
C TYR F 69 40.32 15.84 4.26
N TRP F 70 39.35 14.91 4.15
CA TRP F 70 39.47 13.77 3.27
C TRP F 70 38.12 13.19 2.86
N MET F 71 38.14 12.38 1.78
CA MET F 71 37.04 11.51 1.42
C MET F 71 37.57 10.08 1.32
N TYR F 72 36.73 9.11 1.72
CA TYR F 72 37.07 7.69 1.64
C TYR F 72 35.91 6.96 0.98
N PHE F 73 36.20 5.99 0.10
CA PHE F 73 35.20 5.07 -0.43
C PHE F 73 35.88 3.76 -0.82
N THR F 74 35.09 2.76 -1.18
CA THR F 74 35.60 1.42 -1.44
C THR F 74 35.12 0.97 -2.82
N VAL F 75 35.99 0.29 -3.59
CA VAL F 75 35.65 -0.21 -4.92
C VAL F 75 36.02 -1.68 -5.08
N SER F 76 35.36 -2.36 -6.01
CA SER F 76 35.67 -3.75 -6.36
C SER F 76 35.31 -4.01 -7.82
N PRO F 77 36.00 -4.92 -8.54
CA PRO F 77 35.59 -5.29 -9.90
C PRO F 77 34.14 -5.77 -9.98
N SER F 78 33.41 -5.28 -10.99
CA SER F 78 31.97 -5.48 -11.16
C SER F 78 31.63 -6.94 -11.41
N SER F 79 30.66 -7.47 -10.63
CA SER F 79 30.04 -8.77 -10.85
C SER F 79 31.06 -9.93 -10.86
N GLY F 80 32.29 -9.68 -10.37
CA GLY F 80 33.34 -10.68 -10.26
C GLY F 80 33.85 -11.25 -11.59
N VAL F 81 33.74 -10.47 -12.69
CA VAL F 81 33.96 -11.03 -14.02
C VAL F 81 35.45 -11.10 -14.41
N SER F 82 36.23 -10.05 -14.09
CA SER F 82 37.64 -9.96 -14.46
C SER F 82 38.39 -8.94 -13.60
N SER F 83 39.73 -8.99 -13.63
CA SER F 83 40.61 -8.13 -12.83
C SER F 83 40.77 -6.72 -13.42
N VAL F 84 41.17 -5.74 -12.59
CA VAL F 84 41.39 -4.36 -13.01
C VAL F 84 42.79 -3.90 -12.61
N ASP F 85 43.54 -3.35 -13.58
CA ASP F 85 44.84 -2.73 -13.33
C ASP F 85 44.62 -1.36 -12.67
N LEU F 86 45.17 -1.16 -11.46
CA LEU F 86 45.03 0.10 -10.73
C LEU F 86 46.37 0.80 -10.54
N SER F 87 47.37 0.54 -11.38
CA SER F 87 48.66 1.22 -11.19
C SER F 87 48.52 2.73 -11.41
N PRO F 88 49.04 3.58 -10.50
CA PRO F 88 48.86 5.03 -10.62
C PRO F 88 49.60 5.71 -11.77
N SER F 89 50.51 5.00 -12.44
CA SER F 89 51.12 5.55 -13.65
C SER F 89 50.18 5.47 -14.86
N THR F 90 49.25 4.49 -14.85
CA THR F 90 48.35 4.23 -15.97
C THR F 90 46.94 4.75 -15.70
N THR F 91 46.45 4.56 -14.48
CA THR F 91 45.09 4.95 -14.07
C THR F 91 45.04 6.45 -13.75
N ALA F 92 43.89 7.11 -14.02
CA ALA F 92 43.64 8.45 -13.52
C ALA F 92 42.48 8.44 -12.52
N ILE F 93 42.53 9.31 -11.50
CA ILE F 93 41.37 9.63 -10.70
C ILE F 93 41.16 11.14 -10.83
N SER F 94 40.01 11.56 -11.38
CA SER F 94 39.67 12.97 -11.48
C SER F 94 38.71 13.38 -10.37
N PHE F 95 38.73 14.67 -10.01
CA PHE F 95 37.86 15.21 -8.98
C PHE F 95 37.33 16.57 -9.43
N THR F 96 36.00 16.74 -9.45
CA THR F 96 35.42 18.01 -9.84
C THR F 96 34.31 18.44 -8.86
N ALA F 97 34.28 19.75 -8.56
CA ALA F 97 33.20 20.37 -7.83
C ALA F 97 32.75 21.57 -8.66
N ALA F 98 31.83 21.30 -9.59
CA ALA F 98 31.49 22.17 -10.71
C ALA F 98 31.03 23.56 -10.25
N SER F 99 30.21 23.60 -9.19
CA SER F 99 29.61 24.81 -8.64
C SER F 99 30.66 25.86 -8.28
N ARG F 100 31.82 25.42 -7.75
CA ARG F 100 32.91 26.29 -7.35
C ARG F 100 34.08 26.31 -8.34
N GLY F 101 33.92 25.65 -9.50
CA GLY F 101 34.90 25.69 -10.57
C GLY F 101 36.18 24.90 -10.30
N VAL F 102 36.16 24.02 -9.29
CA VAL F 102 37.28 23.11 -9.04
C VAL F 102 37.20 21.95 -10.02
N SER F 103 38.30 21.71 -10.75
CA SER F 103 38.38 20.61 -11.69
C SER F 103 39.81 20.10 -11.76
N LEU F 104 40.04 18.89 -11.23
CA LEU F 104 41.34 18.26 -11.21
C LEU F 104 41.27 17.04 -12.12
N SER F 105 42.15 17.00 -13.13
CA SER F 105 42.10 15.97 -14.15
C SER F 105 42.71 14.65 -13.66
N ASN F 106 43.74 14.71 -12.79
CA ASN F 106 44.32 13.50 -12.23
C ASN F 106 45.01 13.75 -10.89
N ILE F 107 44.48 13.14 -9.82
CA ILE F 107 45.00 13.28 -8.46
C ILE F 107 45.61 11.97 -7.95
N TYR F 108 45.54 10.88 -8.72
CA TYR F 108 46.01 9.57 -8.25
C TYR F 108 47.54 9.51 -8.31
N GLN F 109 48.19 9.12 -7.20
CA GLN F 109 49.64 9.19 -7.11
C GLN F 109 50.27 7.90 -6.58
N PHE F 110 49.64 7.25 -5.60
CA PHE F 110 50.28 6.16 -4.86
C PHE F 110 49.33 4.99 -4.63
N SER F 111 49.90 3.79 -4.51
CA SER F 111 49.12 2.63 -4.12
C SER F 111 49.90 1.73 -3.16
N LEU F 112 49.21 1.27 -2.11
CA LEU F 112 49.78 0.27 -1.21
C LEU F 112 49.61 -1.15 -1.75
N LEU F 113 48.90 -1.34 -2.88
CA LEU F 113 48.83 -2.64 -3.53
C LEU F 113 50.22 -3.12 -3.97
N SER F 114 51.13 -2.17 -4.24
CA SER F 114 52.53 -2.39 -4.61
C SER F 114 53.38 -2.94 -3.46
N VAL F 115 52.89 -2.84 -2.21
CA VAL F 115 53.74 -2.93 -1.02
C VAL F 115 53.54 -4.27 -0.30
N LEU F 116 54.65 -4.98 -0.03
CA LEU F 116 54.61 -6.21 0.76
C LEU F 116 54.58 -5.87 2.26
N PRO F 117 53.88 -6.65 3.11
CA PRO F 117 53.82 -6.38 4.56
C PRO F 117 55.16 -6.15 5.25
N SER F 118 56.21 -6.88 4.83
CA SER F 118 57.55 -6.77 5.40
C SER F 118 58.19 -5.39 5.18
N GLN F 119 57.64 -4.59 4.27
CA GLN F 119 58.15 -3.25 3.98
C GLN F 119 57.58 -2.20 4.93
N VAL F 120 56.51 -2.53 5.69
CA VAL F 120 55.81 -1.56 6.53
C VAL F 120 55.69 -2.02 7.99
N ASN F 121 55.47 -3.32 8.22
CA ASN F 121 55.36 -3.86 9.57
C ASN F 121 56.70 -3.75 10.31
N ASN F 122 56.63 -3.39 11.60
CA ASN F 122 57.77 -3.24 12.51
C ASN F 122 58.73 -2.11 12.09
N LYS F 123 58.25 -1.16 11.25
CA LYS F 123 59.13 -0.12 10.70
C LYS F 123 58.72 1.30 11.09
N VAL F 124 57.54 1.47 11.69
CA VAL F 124 57.20 2.70 12.43
C VAL F 124 56.94 2.32 13.88
N GLN F 125 57.34 3.21 14.81
CA GLN F 125 57.37 2.88 16.22
C GLN F 125 56.97 4.07 17.09
N VAL F 126 56.40 3.75 18.26
CA VAL F 126 55.86 4.72 19.20
C VAL F 126 56.67 4.67 20.48
N LYS F 127 57.02 5.86 21.01
CA LYS F 127 57.71 5.97 22.29
C LYS F 127 56.72 6.36 23.39
N LEU F 128 56.61 5.51 24.42
CA LEU F 128 55.77 5.75 25.59
C LEU F 128 56.65 5.73 26.84
N GLY F 129 57.09 6.92 27.28
CA GLY F 129 58.16 7.03 28.25
C GLY F 129 59.45 6.40 27.72
N THR F 130 60.06 5.51 28.53
CA THR F 130 61.26 4.76 28.17
C THR F 130 60.96 3.70 27.10
N SER F 131 59.75 3.12 27.14
CA SER F 131 59.36 1.98 26.32
C SER F 131 59.13 2.39 24.85
N ILE F 132 59.47 1.48 23.92
CA ILE F 132 59.28 1.70 22.48
C ILE F 132 58.58 0.49 21.86
N ILE F 133 57.51 0.76 21.09
CA ILE F 133 56.64 -0.28 20.54
C ILE F 133 56.62 -0.19 19.01
N ASN F 134 56.90 -1.32 18.35
CA ASN F 134 56.81 -1.40 16.90
C ASN F 134 55.36 -1.68 16.51
N LEU F 135 54.87 -1.00 15.46
CA LEU F 135 53.51 -1.18 14.97
C LEU F 135 53.41 -2.22 13.87
N THR F 136 52.28 -2.96 13.87
CA THR F 136 51.84 -3.79 12.75
C THR F 136 50.70 -3.04 12.04
N LEU F 137 50.83 -2.86 10.71
CA LEU F 137 49.91 -2.02 9.95
C LEU F 137 49.21 -2.81 8.86
N ALA F 138 49.98 -3.63 8.11
CA ALA F 138 49.45 -4.56 7.13
C ALA F 138 49.12 -5.89 7.82
N PHE F 139 47.83 -6.24 7.86
CA PHE F 139 47.42 -7.54 8.38
C PHE F 139 47.42 -8.56 7.25
N SER F 140 47.50 -9.85 7.62
CA SER F 140 47.59 -10.91 6.63
C SER F 140 46.96 -12.22 7.14
N SER F 141 46.45 -13.03 6.19
CA SER F 141 45.91 -14.36 6.44
C SER F 141 46.19 -15.29 5.25
N ASN F 142 46.16 -16.61 5.52
CA ASN F 142 46.49 -17.60 4.50
C ASN F 142 45.26 -18.42 4.12
N SER F 143 45.00 -18.52 2.80
CA SER F 143 44.06 -19.50 2.24
C SER F 143 44.67 -20.13 0.99
N ALA F 144 44.61 -21.48 0.89
CA ALA F 144 45.07 -22.24 -0.27
C ALA F 144 46.49 -21.85 -0.73
N GLY F 145 47.38 -21.59 0.24
CA GLY F 145 48.79 -21.33 -0.03
C GLY F 145 49.09 -19.91 -0.52
N GLN F 146 48.06 -19.05 -0.58
CA GLN F 146 48.22 -17.63 -0.90
C GLN F 146 48.13 -16.81 0.39
N THR F 147 48.97 -15.77 0.49
CA THR F 147 48.87 -14.79 1.57
C THR F 147 48.04 -13.59 1.11
N TYR F 148 46.88 -13.39 1.75
CA TYR F 148 46.05 -12.21 1.54
C TYR F 148 46.59 -11.08 2.42
N VAL F 149 46.49 -9.83 1.93
CA VAL F 149 47.03 -8.67 2.63
C VAL F 149 45.98 -7.56 2.64
N TYR F 150 45.85 -6.85 3.78
CA TYR F 150 44.92 -5.73 3.88
C TYR F 150 45.28 -4.80 5.04
N TYR F 151 44.68 -3.60 5.03
CA TYR F 151 44.75 -2.65 6.12
C TYR F 151 43.37 -2.56 6.77
N SER F 152 43.34 -2.67 8.10
CA SER F 152 42.07 -2.76 8.83
C SER F 152 41.29 -1.45 8.81
N ASP F 153 42.02 -0.32 8.70
CA ASP F 153 41.39 1.01 8.68
C ASP F 153 42.21 2.02 7.87
N PRO F 154 41.63 3.19 7.51
CA PRO F 154 42.40 4.26 6.86
C PRO F 154 43.58 4.79 7.66
N ASN F 155 43.54 4.72 9.01
CA ASN F 155 44.61 5.24 9.85
C ASN F 155 45.92 4.45 9.68
N TYR F 156 45.83 3.11 9.72
CA TYR F 156 46.97 2.26 9.47
C TYR F 156 47.45 2.36 8.02
N ALA F 157 46.53 2.56 7.07
CA ALA F 157 46.91 2.81 5.69
C ALA F 157 47.70 4.11 5.54
N LEU F 158 47.27 5.19 6.22
CA LEU F 158 47.97 6.47 6.20
C LEU F 158 49.39 6.35 6.76
N LEU F 159 49.55 5.67 7.91
CA LEU F 159 50.86 5.48 8.50
C LEU F 159 51.79 4.68 7.59
N ALA F 160 51.27 3.60 6.98
CA ALA F 160 51.99 2.77 6.02
C ALA F 160 52.40 3.58 4.78
N LEU F 161 51.52 4.45 4.28
CA LEU F 161 51.83 5.32 3.15
C LEU F 161 52.89 6.35 3.54
N ASN F 162 52.70 7.02 4.68
CA ASN F 162 53.69 7.98 5.14
C ASN F 162 55.10 7.36 5.12
N TYR F 163 55.25 6.19 5.73
CA TYR F 163 56.53 5.49 5.79
C TYR F 163 57.07 5.19 4.38
N THR F 164 56.23 4.59 3.53
CA THR F 164 56.57 4.24 2.15
C THR F 164 57.10 5.45 1.38
N LEU F 165 56.39 6.59 1.45
CA LEU F 165 56.79 7.80 0.76
C LEU F 165 58.07 8.39 1.33
N GLY F 166 58.21 8.43 2.67
CA GLY F 166 59.45 8.85 3.31
C GLY F 166 60.66 8.04 2.85
N GLN F 167 60.46 6.72 2.71
CA GLN F 167 61.48 5.79 2.24
C GLN F 167 61.82 6.01 0.77
N GLU F 168 60.83 6.29 -0.08
CA GLU F 168 61.04 6.58 -1.49
C GLU F 168 61.79 7.90 -1.70
N VAL F 169 61.52 8.92 -0.86
CA VAL F 169 62.28 10.17 -0.86
C VAL F 169 63.74 9.92 -0.45
N LYS F 170 63.95 9.15 0.62
CA LYS F 170 65.27 8.79 1.12
C LYS F 170 66.08 8.03 0.07
N GLY F 171 65.42 7.15 -0.69
CA GLY F 171 66.04 6.40 -1.78
C GLY F 171 66.17 7.18 -3.09
N GLY F 172 65.73 8.46 -3.11
CA GLY F 172 65.86 9.32 -4.29
C GLY F 172 64.90 9.01 -5.42
N GLN F 173 63.93 8.11 -5.19
CA GLN F 173 62.96 7.69 -6.19
C GLN F 173 61.84 8.72 -6.35
N LEU F 174 61.64 9.57 -5.33
CA LEU F 174 60.59 10.59 -5.27
C LEU F 174 61.21 11.90 -4.78
N THR F 175 60.80 13.05 -5.35
CA THR F 175 61.44 14.32 -5.04
C THR F 175 61.05 14.85 -3.66
N SER F 176 59.74 14.82 -3.34
CA SER F 176 59.16 15.18 -2.06
C SER F 176 57.91 14.34 -1.79
N SER F 177 57.65 14.04 -0.52
CA SER F 177 56.39 13.45 -0.10
C SER F 177 55.34 14.55 0.03
N PRO F 178 54.12 14.41 -0.54
CA PRO F 178 53.03 15.36 -0.28
C PRO F 178 52.37 15.16 1.10
N LEU F 179 52.69 14.03 1.76
CA LEU F 179 52.13 13.68 3.05
C LEU F 179 53.26 13.61 4.10
N TYR F 180 53.02 14.18 5.28
CA TYR F 180 53.96 14.12 6.38
C TYR F 180 53.21 13.95 7.71
N ILE F 181 53.42 12.81 8.39
CA ILE F 181 52.70 12.49 9.62
C ILE F 181 53.66 12.52 10.82
N ILE F 182 53.26 13.21 11.89
CA ILE F 182 54.03 13.33 13.14
C ILE F 182 53.09 13.23 14.36
N SER F 183 53.62 12.78 15.50
CA SER F 183 52.91 12.79 16.77
C SER F 183 53.29 14.02 17.60
N ASN F 184 54.54 14.46 17.42
CA ASN F 184 55.11 15.59 18.12
C ASN F 184 54.82 16.86 17.34
N THR F 185 54.06 17.79 17.94
CA THR F 185 53.78 19.07 17.29
C THR F 185 54.91 20.08 17.44
N SER F 186 55.82 19.89 18.40
CA SER F 186 56.92 20.81 18.69
C SER F 186 57.83 21.03 17.47
N ILE F 187 57.94 19.99 16.63
CA ILE F 187 58.80 19.96 15.44
C ILE F 187 58.44 21.08 14.46
N VAL F 188 57.15 21.43 14.38
CA VAL F 188 56.56 22.28 13.35
C VAL F 188 57.22 23.66 13.30
N ALA F 189 57.62 24.22 14.45
CA ALA F 189 58.26 25.52 14.54
C ALA F 189 59.55 25.60 13.69
N SER F 190 60.25 24.46 13.56
CA SER F 190 61.51 24.34 12.83
C SER F 190 61.32 24.03 11.34
N LYS F 191 60.08 23.80 10.90
CA LYS F 191 59.72 23.35 9.56
C LYS F 191 58.60 24.23 9.01
N PRO F 192 58.88 25.51 8.65
CA PRO F 192 57.84 26.49 8.35
C PRO F 192 56.95 26.17 7.15
N TRP F 193 57.40 25.30 6.24
CA TRP F 193 56.58 24.83 5.14
C TRP F 193 55.34 24.06 5.62
N LEU F 194 55.41 23.46 6.82
CA LEU F 194 54.27 22.77 7.41
C LEU F 194 53.20 23.72 7.96
N LYS F 195 53.49 25.03 8.08
CA LYS F 195 52.58 25.99 8.70
C LYS F 195 51.36 26.25 7.84
N ASN F 196 51.51 26.15 6.51
CA ASN F 196 50.56 26.72 5.56
C ASN F 196 49.75 25.66 4.81
N ASP F 197 50.21 24.40 4.79
CA ASP F 197 49.48 23.32 4.14
C ASP F 197 48.38 22.73 5.04
N ASN F 198 47.54 21.83 4.48
CA ASN F 198 46.35 21.35 5.16
C ASN F 198 46.72 20.34 6.24
N VAL F 199 46.08 20.43 7.43
CA VAL F 199 46.37 19.50 8.53
C VAL F 199 45.09 18.93 9.14
N PHE F 200 45.09 17.61 9.36
CA PHE F 200 44.05 16.90 10.09
C PHE F 200 44.70 15.93 11.07
N THR F 201 43.91 15.41 12.03
CA THR F 201 44.45 14.49 13.02
C THR F 201 43.67 13.19 13.08
N PHE F 202 44.34 12.13 13.56
CA PHE F 202 43.71 10.85 13.82
C PHE F 202 44.39 10.19 15.02
N ASN F 203 43.68 9.25 15.66
CA ASN F 203 44.16 8.60 16.88
C ASN F 203 44.19 7.09 16.73
N ILE F 204 45.29 6.47 17.18
CA ILE F 204 45.40 5.01 17.29
C ILE F 204 45.64 4.64 18.74
N SER F 205 45.29 3.39 19.12
CA SER F 205 45.57 2.87 20.45
C SER F 205 46.81 1.98 20.43
N VAL F 206 47.83 2.35 21.23
CA VAL F 206 49.06 1.57 21.36
C VAL F 206 49.29 1.36 22.86
N ASN F 207 49.45 0.09 23.26
CA ASN F 207 49.61 -0.19 24.67
C ASN F 207 48.47 0.48 25.43
N GLY F 208 47.24 0.26 24.95
CA GLY F 208 46.01 0.77 25.54
C GLY F 208 45.94 2.30 25.69
N THR F 209 46.94 3.02 25.13
CA THR F 209 47.07 4.46 25.25
C THR F 209 46.70 5.12 23.92
N GLU F 210 45.92 6.20 23.97
CA GLU F 210 45.61 7.00 22.78
C GLU F 210 46.83 7.79 22.31
N VAL F 211 47.24 7.57 21.06
CA VAL F 211 48.30 8.33 20.41
C VAL F 211 47.64 9.16 19.31
N GLU F 212 47.85 10.49 19.33
CA GLU F 212 47.34 11.37 18.30
C GLU F 212 48.43 11.68 17.28
N TYR F 213 48.08 11.53 16.00
CA TYR F 213 48.94 11.88 14.88
C TYR F 213 48.34 13.04 14.10
N TYR F 214 49.22 13.92 13.64
CA TYR F 214 48.92 15.09 12.83
C TYR F 214 49.44 14.81 11.42
N ALA F 215 48.54 14.83 10.43
CA ALA F 215 48.87 14.57 9.04
C ALA F 215 48.87 15.88 8.26
N TYR F 216 50.02 16.23 7.69
CA TYR F 216 50.21 17.44 6.91
C TYR F 216 50.17 17.07 5.43
N VAL F 217 49.26 17.70 4.67
CA VAL F 217 49.07 17.37 3.26
C VAL F 217 49.42 18.59 2.41
N ASN F 218 50.22 18.38 1.35
CA ASN F 218 50.68 19.45 0.49
C ASN F 218 49.64 19.83 -0.55
N LYS F 219 49.25 18.84 -1.36
CA LYS F 219 48.34 19.05 -2.48
C LYS F 219 47.28 17.96 -2.42
N THR F 220 46.12 18.22 -3.03
CA THR F 220 45.07 17.21 -3.12
C THR F 220 45.60 16.00 -3.90
N PHE F 221 45.52 14.82 -3.28
CA PHE F 221 45.94 13.59 -3.94
C PHE F 221 45.09 12.40 -3.49
N ALA F 222 45.14 11.33 -4.27
CA ALA F 222 44.45 10.10 -3.95
C ALA F 222 45.44 8.93 -3.88
N PHE F 223 45.12 7.96 -3.02
CA PHE F 223 45.86 6.70 -2.98
C PHE F 223 44.90 5.53 -2.77
N THR F 224 45.35 4.32 -3.12
CA THR F 224 44.56 3.12 -2.97
C THR F 224 45.26 2.11 -2.07
N TYR F 225 44.47 1.28 -1.37
CA TYR F 225 45.01 0.25 -0.50
C TYR F 225 44.08 -0.96 -0.46
N PRO F 226 44.60 -2.19 -0.20
CA PRO F 226 43.76 -3.37 -0.14
C PRO F 226 42.95 -3.48 1.16
N VAL F 227 41.69 -3.93 1.02
CA VAL F 227 40.75 -4.05 2.13
C VAL F 227 40.37 -5.52 2.38
N SER F 228 40.13 -6.30 1.31
CA SER F 228 39.97 -7.75 1.41
C SER F 228 40.17 -8.43 0.05
N GLY F 229 40.37 -9.75 0.05
CA GLY F 229 40.38 -10.55 -1.17
C GLY F 229 41.53 -10.22 -2.11
N PHE F 230 42.64 -9.71 -1.55
CA PHE F 230 43.80 -9.28 -2.32
C PHE F 230 45.02 -10.15 -2.00
N PRO F 231 45.26 -11.25 -2.77
CA PRO F 231 46.48 -12.05 -2.61
C PRO F 231 47.66 -11.58 -3.47
N LEU F 232 47.44 -10.60 -4.35
CA LEU F 232 48.42 -10.20 -5.35
C LEU F 232 49.34 -9.07 -4.87
N ALA F 233 49.77 -9.11 -3.60
CA ALA F 233 50.64 -8.08 -3.04
C ALA F 233 51.91 -7.91 -3.87
N GLY F 234 52.20 -6.65 -4.25
CA GLY F 234 53.30 -6.31 -5.13
C GLY F 234 52.88 -5.85 -6.54
N SER F 235 51.59 -5.98 -6.92
CA SER F 235 51.21 -6.01 -8.34
C SER F 235 50.45 -4.78 -8.88
N ASP F 236 49.75 -4.02 -8.02
CA ASP F 236 48.78 -2.99 -8.42
C ASP F 236 47.56 -3.55 -9.18
N ILE F 237 47.32 -4.87 -9.19
CA ILE F 237 46.16 -5.43 -9.88
C ILE F 237 45.10 -5.82 -8.85
N ALA F 238 43.88 -5.30 -9.00
CA ALA F 238 42.76 -5.75 -8.19
C ALA F 238 42.11 -6.97 -8.85
N PRO F 239 42.22 -8.19 -8.28
CA PRO F 239 41.59 -9.37 -8.89
C PRO F 239 40.09 -9.35 -8.65
N ALA F 240 39.36 -10.12 -9.46
CA ALA F 240 37.92 -10.29 -9.26
C ALA F 240 37.63 -10.86 -7.87
N GLY F 241 36.72 -10.23 -7.14
CA GLY F 241 36.41 -10.60 -5.76
C GLY F 241 37.35 -10.00 -4.71
N SER F 242 38.12 -8.96 -5.08
CA SER F 242 38.87 -8.14 -4.11
C SER F 242 38.08 -6.88 -3.76
N VAL F 243 38.49 -6.19 -2.69
CA VAL F 243 37.90 -4.94 -2.24
C VAL F 243 39.05 -3.97 -1.98
N ILE F 244 38.98 -2.78 -2.61
CA ILE F 244 40.06 -1.80 -2.61
C ILE F 244 39.56 -0.51 -1.98
N GLY F 245 40.27 0.00 -0.96
CA GLY F 245 39.96 1.31 -0.40
C GLY F 245 40.58 2.42 -1.25
N VAL F 246 39.79 3.47 -1.52
CA VAL F 246 40.26 4.67 -2.21
C VAL F 246 40.14 5.83 -1.24
N MET F 247 41.25 6.55 -1.01
CA MET F 247 41.21 7.69 -0.11
C MET F 247 41.75 8.92 -0.81
N ILE F 248 40.99 10.02 -0.74
CA ILE F 248 41.36 11.32 -1.30
C ILE F 248 41.66 12.24 -0.13
N LEU F 249 42.88 12.81 -0.07
CA LEU F 249 43.24 13.80 0.93
C LEU F 249 43.27 15.18 0.26
N PHE F 250 42.63 16.17 0.88
CA PHE F 250 42.59 17.52 0.30
C PHE F 250 43.78 18.35 0.74
N GLY F 251 44.39 19.05 -0.21
CA GLY F 251 45.44 20.03 0.07
C GLY F 251 44.87 21.41 0.38
N PRO F 252 45.72 22.44 0.64
CA PRO F 252 45.26 23.76 1.06
C PRO F 252 44.39 24.48 0.03
N GLY F 253 44.55 24.18 -1.26
CA GLY F 253 43.73 24.72 -2.32
C GLY F 253 42.25 24.31 -2.21
N GLU F 254 41.99 22.99 -2.26
CA GLU F 254 40.63 22.47 -2.26
C GLU F 254 40.01 22.43 -0.87
N ALA F 255 40.82 22.48 0.20
CA ALA F 255 40.36 22.40 1.58
C ALA F 255 39.60 23.65 2.05
N THR F 256 39.74 24.77 1.33
CA THR F 256 39.58 26.13 1.85
C THR F 256 38.21 26.42 2.49
N ASN F 257 37.13 25.82 1.96
CA ASN F 257 35.85 25.75 2.68
C ASN F 257 35.07 24.49 2.29
N VAL F 258 34.18 24.05 3.19
CA VAL F 258 33.49 22.78 3.15
C VAL F 258 32.50 22.71 1.98
N PHE F 259 32.27 21.50 1.44
CA PHE F 259 31.24 21.30 0.41
C PHE F 259 29.85 21.38 1.04
N GLN F 260 29.03 22.34 0.58
CA GLN F 260 27.64 22.49 1.02
C GLN F 260 26.77 22.94 -0.16
N TYR F 261 25.61 22.28 -0.34
CA TYR F 261 24.66 22.63 -1.38
C TYR F 261 25.33 22.58 -2.77
N GLU F 262 26.14 21.53 -2.98
CA GLU F 262 27.03 21.40 -4.13
C GLU F 262 27.08 19.97 -4.62
N THR F 263 27.33 19.79 -5.93
CA THR F 263 27.59 18.47 -6.47
C THR F 263 29.10 18.24 -6.56
N VAL F 264 29.56 17.10 -6.05
CA VAL F 264 30.94 16.64 -6.22
C VAL F 264 30.94 15.37 -7.08
N THR F 265 31.89 15.29 -8.02
CA THR F 265 32.05 14.15 -8.92
C THR F 265 33.49 13.62 -8.86
N ILE F 266 33.63 12.30 -8.76
CA ILE F 266 34.91 11.60 -8.82
C ILE F 266 34.81 10.60 -9.97
N GLN F 267 35.88 10.45 -10.75
CA GLN F 267 35.90 9.41 -11.76
C GLN F 267 37.23 8.65 -11.70
N ILE F 268 37.14 7.31 -11.73
CA ILE F 268 38.32 6.46 -11.81
C ILE F 268 38.36 5.87 -13.21
N THR F 269 39.48 6.06 -13.93
CA THR F 269 39.62 5.59 -15.30
C THR F 269 40.87 4.72 -15.44
N PRO F 270 40.74 3.37 -15.34
CA PRO F 270 41.87 2.48 -15.62
C PRO F 270 42.18 2.40 -17.11
N ASN F 271 43.31 1.78 -17.45
CA ASN F 271 43.84 1.76 -18.81
C ASN F 271 43.05 0.85 -19.77
N ILE F 272 42.26 -0.08 -19.20
CA ILE F 272 41.40 -1.00 -19.94
C ILE F 272 40.03 -0.98 -19.25
N GLY F 273 38.95 -1.01 -20.04
CA GLY F 273 37.60 -1.11 -19.48
C GLY F 273 36.97 0.25 -19.21
N SER F 274 35.70 0.21 -18.80
CA SER F 274 34.91 1.42 -18.60
C SER F 274 35.28 2.09 -17.27
N PRO F 275 35.25 3.45 -17.21
CA PRO F 275 35.52 4.16 -15.96
C PRO F 275 34.33 4.11 -15.00
N LEU F 276 34.62 4.29 -13.71
CA LEU F 276 33.60 4.39 -12.69
C LEU F 276 33.40 5.87 -12.35
N THR F 277 32.16 6.35 -12.52
CA THR F 277 31.80 7.74 -12.23
C THR F 277 30.91 7.80 -10.99
N ILE F 278 31.34 8.59 -10.01
CA ILE F 278 30.71 8.75 -8.70
C ILE F 278 30.25 10.21 -8.57
N SER F 279 28.96 10.44 -8.27
CA SER F 279 28.42 11.80 -8.08
C SER F 279 27.50 11.89 -6.86
N GLN F 280 27.71 12.93 -6.03
CA GLN F 280 26.89 13.19 -4.85
C GLN F 280 26.52 14.68 -4.78
N TYR F 281 25.24 14.96 -4.52
CA TYR F 281 24.87 16.28 -4.01
C TYR F 281 25.06 16.29 -2.51
N ILE F 282 25.97 17.16 -2.03
CA ILE F 282 26.37 17.18 -0.63
C ILE F 282 25.58 18.27 0.09
N TYR F 283 24.68 17.83 0.98
CA TYR F 283 24.14 18.69 2.03
C TYR F 283 25.20 18.94 3.09
N GLN F 284 24.93 19.87 4.01
CA GLN F 284 25.79 20.18 5.16
C GLN F 284 26.30 18.92 5.86
N PRO F 285 27.61 18.86 6.25
CA PRO F 285 28.15 17.71 6.99
C PRO F 285 27.71 17.74 8.45
N ASP F 286 27.39 16.55 8.99
CA ASP F 286 26.64 16.40 10.22
C ASP F 286 27.46 15.86 11.41
N GLY F 287 28.72 15.47 11.16
CA GLY F 287 29.64 14.94 12.16
C GLY F 287 31.10 14.98 11.70
N LYS F 288 32.02 14.50 12.56
CA LYS F 288 33.45 14.43 12.26
C LYS F 288 33.69 13.70 10.94
N VAL F 289 32.96 12.61 10.74
CA VAL F 289 32.79 11.96 9.44
C VAL F 289 31.31 12.04 9.09
N THR F 290 30.99 12.24 7.81
CA THR F 290 29.62 12.27 7.33
C THR F 290 29.48 11.31 6.14
N VAL F 291 28.32 10.66 6.03
CA VAL F 291 28.05 9.73 4.95
C VAL F 291 27.37 10.50 3.82
N ILE F 292 28.04 10.61 2.66
CA ILE F 292 27.55 11.46 1.58
C ILE F 292 26.96 10.66 0.42
N GLY F 293 27.28 9.36 0.32
CA GLY F 293 26.85 8.56 -0.82
C GLY F 293 26.84 7.07 -0.52
N LEU G 1 58.26 -13.91 -80.41
CA LEU G 1 56.82 -14.18 -80.75
C LEU G 1 55.92 -13.94 -79.53
N ALA G 2 56.04 -14.78 -78.48
CA ALA G 2 55.13 -14.75 -77.34
C ALA G 2 55.34 -13.52 -76.46
N GLY G 3 56.46 -12.81 -76.61
CA GLY G 3 56.79 -11.65 -75.79
C GLY G 3 55.97 -10.40 -76.13
N LEU G 4 54.90 -10.56 -76.93
CA LEU G 4 54.09 -9.44 -77.40
C LEU G 4 52.59 -9.69 -77.20
N ASP G 5 52.07 -10.82 -77.68
CA ASP G 5 50.65 -11.14 -77.55
C ASP G 5 50.23 -11.22 -76.07
N THR G 6 51.09 -11.83 -75.23
CA THR G 6 50.92 -11.88 -73.79
C THR G 6 50.88 -10.49 -73.15
N ALA G 7 51.73 -9.57 -73.61
CA ALA G 7 51.82 -8.21 -73.08
C ALA G 7 50.52 -7.42 -73.33
N ILE G 8 49.93 -7.60 -74.52
CA ILE G 8 48.66 -6.98 -74.89
C ILE G 8 47.53 -7.45 -73.97
N ILE G 9 47.45 -8.77 -73.73
CA ILE G 9 46.42 -9.33 -72.86
C ILE G 9 46.59 -8.83 -71.42
N LEU G 10 47.84 -8.74 -70.96
CA LEU G 10 48.16 -8.17 -69.66
C LEU G 10 47.64 -6.73 -69.55
N ILE G 11 47.93 -5.87 -70.53
CA ILE G 11 47.42 -4.49 -70.58
C ILE G 11 45.90 -4.48 -70.41
N ALA G 12 45.19 -5.28 -71.21
CA ALA G 12 43.74 -5.37 -71.20
C ALA G 12 43.17 -5.84 -69.85
N PHE G 13 43.80 -6.86 -69.25
CA PHE G 13 43.35 -7.41 -67.97
C PHE G 13 43.58 -6.42 -66.83
N ILE G 14 44.68 -5.65 -66.87
CA ILE G 14 44.95 -4.59 -65.91
C ILE G 14 43.84 -3.54 -65.98
N ILE G 15 43.54 -3.04 -67.18
CA ILE G 15 42.50 -2.05 -67.41
C ILE G 15 41.14 -2.57 -66.90
N THR G 16 40.84 -3.85 -67.19
CA THR G 16 39.61 -4.50 -66.75
C THR G 16 39.48 -4.50 -65.21
N ALA G 17 40.56 -4.86 -64.51
CA ALA G 17 40.62 -4.85 -63.05
C ALA G 17 40.52 -3.43 -62.50
N ALA G 18 41.21 -2.46 -63.12
CA ALA G 18 41.18 -1.05 -62.73
C ALA G 18 39.76 -0.47 -62.83
N VAL G 19 39.00 -0.87 -63.86
CA VAL G 19 37.60 -0.50 -64.05
C VAL G 19 36.73 -1.02 -62.90
N LEU G 20 36.90 -2.30 -62.51
CA LEU G 20 36.17 -2.82 -61.36
C LEU G 20 36.57 -2.08 -60.07
N ALA G 21 37.87 -1.83 -59.88
CA ALA G 21 38.39 -1.08 -58.74
C ALA G 21 37.72 0.28 -58.62
N TYR G 22 37.69 1.03 -59.73
CA TYR G 22 37.08 2.35 -59.86
C TYR G 22 35.62 2.33 -59.40
N VAL G 23 34.83 1.38 -59.93
CA VAL G 23 33.41 1.24 -59.63
C VAL G 23 33.19 0.83 -58.17
N ALA G 24 33.91 -0.20 -57.69
CA ALA G 24 33.76 -0.73 -56.35
C ALA G 24 34.03 0.33 -55.27
N VAL G 25 35.11 1.12 -55.43
CA VAL G 25 35.46 2.14 -54.46
C VAL G 25 34.40 3.26 -54.44
N ASN G 26 34.01 3.76 -55.61
CA ASN G 26 32.99 4.78 -55.77
C ASN G 26 31.68 4.34 -55.10
N MET G 27 31.25 3.10 -55.39
CA MET G 27 29.98 2.60 -54.88
C MET G 27 30.04 2.31 -53.38
N GLY G 28 31.20 1.88 -52.86
CA GLY G 28 31.44 1.77 -51.42
C GLY G 28 31.32 3.11 -50.69
N LEU G 29 31.97 4.16 -51.24
CA LEU G 29 31.85 5.51 -50.72
C LEU G 29 30.38 5.96 -50.70
N PHE G 30 29.66 5.72 -51.79
CA PHE G 30 28.24 6.05 -51.89
C PHE G 30 27.41 5.34 -50.82
N VAL G 31 27.43 4.00 -50.79
CA VAL G 31 26.58 3.20 -49.91
C VAL G 31 26.88 3.47 -48.43
N THR G 32 28.16 3.60 -48.06
CA THR G 32 28.54 3.88 -46.68
C THR G 32 28.01 5.23 -46.21
N GLN G 33 27.93 6.23 -47.11
CA GLN G 33 27.32 7.50 -46.77
C GLN G 33 25.80 7.40 -46.60
N LYS G 34 25.12 6.59 -47.44
CA LYS G 34 23.71 6.28 -47.25
C LYS G 34 23.46 5.63 -45.89
N ALA G 35 24.35 4.71 -45.48
CA ALA G 35 24.33 4.10 -44.16
C ALA G 35 24.49 5.15 -43.05
N LYS G 36 25.49 6.05 -43.15
CA LYS G 36 25.69 7.15 -42.20
C LYS G 36 24.41 7.97 -42.02
N THR G 37 23.81 8.40 -43.15
CA THR G 37 22.59 9.19 -43.17
C THR G 37 21.44 8.44 -42.48
N THR G 38 21.29 7.14 -42.79
CA THR G 38 20.26 6.27 -42.22
C THR G 38 20.42 6.17 -40.70
N ILE G 39 21.64 5.95 -40.21
CA ILE G 39 21.93 5.83 -38.78
C ILE G 39 21.52 7.12 -38.05
N ASN G 40 21.84 8.28 -38.63
CA ASN G 40 21.42 9.57 -38.10
C ASN G 40 19.89 9.69 -38.04
N LYS G 41 19.19 9.36 -39.13
CA LYS G 41 17.73 9.40 -39.20
C LYS G 41 17.07 8.43 -38.21
N GLY G 42 17.69 7.26 -37.97
CA GLY G 42 17.23 6.31 -36.97
C GLY G 42 17.30 6.87 -35.55
N GLU G 43 18.40 7.55 -35.22
CA GLU G 43 18.59 8.18 -33.92
C GLU G 43 17.61 9.36 -33.73
N GLU G 44 17.44 10.19 -34.77
CA GLU G 44 16.44 11.25 -34.78
C GLU G 44 15.04 10.69 -34.54
N THR G 45 14.69 9.58 -35.20
CA THR G 45 13.38 8.93 -35.08
C THR G 45 13.14 8.39 -33.67
N ALA G 46 14.17 7.80 -33.04
CA ALA G 46 14.05 7.25 -31.70
C ALA G 46 13.98 8.35 -30.63
N SER G 47 14.68 9.47 -30.85
CA SER G 47 14.78 10.56 -29.88
C SER G 47 13.58 11.51 -29.93
N THR G 48 13.16 11.95 -31.12
CA THR G 48 12.14 12.99 -31.27
C THR G 48 10.74 12.49 -30.89
N ALA G 49 10.08 13.21 -29.96
CA ALA G 49 8.72 12.91 -29.52
C ALA G 49 8.12 14.12 -28.81
N LEU G 50 6.77 14.19 -28.76
CA LEU G 50 6.03 15.18 -27.99
C LEU G 50 5.35 14.52 -26.80
N SER G 51 5.37 15.20 -25.65
CA SER G 51 4.58 14.85 -24.48
C SER G 51 3.44 15.84 -24.31
N LEU G 52 2.27 15.34 -23.91
CA LEU G 52 1.23 16.19 -23.35
C LEU G 52 1.73 16.76 -22.01
N SER G 53 1.82 18.09 -21.91
CA SER G 53 2.46 18.75 -20.78
C SER G 53 1.55 19.78 -20.09
N GLY G 54 0.24 19.54 -20.16
CA GLY G 54 -0.78 20.26 -19.40
C GLY G 54 -2.09 19.49 -19.43
N ASN G 55 -3.11 20.01 -18.73
CA ASN G 55 -4.44 19.42 -18.83
C ASN G 55 -5.07 19.78 -20.19
N VAL G 56 -6.05 18.96 -20.61
CA VAL G 56 -6.85 19.22 -21.81
C VAL G 56 -8.13 19.94 -21.39
N LEU G 57 -8.35 21.13 -21.96
CA LEU G 57 -9.48 21.99 -21.67
C LEU G 57 -10.48 21.94 -22.82
N TYR G 58 -11.77 21.96 -22.49
CA TYR G 58 -12.86 21.86 -23.47
C TYR G 58 -13.89 22.95 -23.17
N ALA G 59 -14.42 23.62 -24.21
CA ALA G 59 -15.33 24.76 -24.06
C ALA G 59 -16.62 24.55 -24.84
N VAL G 60 -17.76 24.90 -24.22
CA VAL G 60 -19.10 24.67 -24.75
C VAL G 60 -20.01 25.84 -24.39
N ASN G 61 -21.21 25.91 -25.01
CA ASN G 61 -22.21 26.93 -24.71
C ASN G 61 -22.95 26.66 -23.40
N TYR G 62 -22.17 26.51 -22.32
CA TYR G 62 -22.67 26.21 -20.99
C TYR G 62 -23.57 27.34 -20.49
N PRO G 63 -24.65 27.06 -19.71
CA PRO G 63 -25.09 25.72 -19.32
C PRO G 63 -25.92 24.95 -20.34
N THR G 64 -26.30 25.59 -21.45
CA THR G 64 -27.26 25.03 -22.41
C THR G 64 -26.75 23.77 -23.10
N ASN G 65 -25.43 23.65 -23.29
CA ASN G 65 -24.74 22.45 -23.76
C ASN G 65 -25.25 21.92 -25.12
N THR G 66 -25.79 22.79 -25.97
CA THR G 66 -26.22 22.39 -27.30
C THR G 66 -25.09 22.50 -28.34
N LYS G 67 -23.98 23.18 -28.01
CA LYS G 67 -22.97 23.50 -29.01
C LYS G 67 -21.54 23.53 -28.44
N SER G 68 -20.57 23.17 -29.28
CA SER G 68 -19.18 22.94 -28.91
C SER G 68 -18.26 24.01 -29.54
N TYR G 69 -17.33 24.58 -28.76
CA TYR G 69 -16.59 25.76 -29.20
C TYR G 69 -15.13 25.47 -29.54
N TRP G 70 -14.34 25.02 -28.55
CA TRP G 70 -12.93 24.75 -28.74
C TRP G 70 -12.37 23.75 -27.73
N MET G 71 -11.20 23.19 -28.06
CA MET G 71 -10.36 22.45 -27.12
C MET G 71 -8.97 23.09 -27.11
N TYR G 72 -8.34 23.11 -25.93
CA TYR G 72 -7.00 23.63 -25.75
C TYR G 72 -6.17 22.61 -24.96
N PHE G 73 -4.90 22.42 -25.36
CA PHE G 73 -3.95 21.64 -24.57
C PHE G 73 -2.54 22.13 -24.87
N THR G 74 -1.56 21.63 -24.11
CA THR G 74 -0.20 22.11 -24.20
C THR G 74 0.74 20.93 -24.43
N VAL G 75 1.76 21.09 -25.29
CA VAL G 75 2.72 20.03 -25.59
C VAL G 75 4.16 20.56 -25.49
N SER G 76 5.11 19.63 -25.25
CA SER G 76 6.52 19.94 -25.21
C SER G 76 7.32 18.72 -25.65
N PRO G 77 8.52 18.86 -26.26
CA PRO G 77 9.38 17.71 -26.57
C PRO G 77 9.70 16.86 -25.34
N SER G 78 9.60 15.54 -25.51
CA SER G 78 9.71 14.56 -24.42
C SER G 78 11.09 14.54 -23.80
N SER G 79 11.16 14.64 -22.46
CA SER G 79 12.36 14.43 -21.67
C SER G 79 13.52 15.37 -22.06
N GLY G 80 13.22 16.44 -22.82
CA GLY G 80 14.18 17.45 -23.23
C GLY G 80 15.30 16.95 -24.16
N VAL G 81 15.04 15.88 -24.93
CA VAL G 81 16.12 15.20 -25.65
C VAL G 81 16.49 15.87 -26.97
N SER G 82 15.49 16.32 -27.75
CA SER G 82 15.70 16.93 -29.07
C SER G 82 14.49 17.75 -29.52
N SER G 83 14.68 18.60 -30.55
CA SER G 83 13.67 19.51 -31.07
C SER G 83 12.65 18.81 -31.98
N VAL G 84 11.46 19.42 -32.17
CA VAL G 84 10.41 18.89 -33.02
C VAL G 84 9.97 19.94 -34.05
N ASP G 85 9.95 19.58 -35.34
CA ASP G 85 9.41 20.40 -36.41
C ASP G 85 7.88 20.39 -36.32
N LEU G 86 7.26 21.56 -36.16
CA LEU G 86 5.80 21.67 -36.08
C LEU G 86 5.21 22.48 -37.24
N SER G 87 5.90 22.58 -38.38
CA SER G 87 5.34 23.35 -39.49
C SER G 87 4.06 22.70 -40.00
N PRO G 88 2.95 23.48 -40.19
CA PRO G 88 1.67 22.90 -40.61
C PRO G 88 1.61 22.34 -42.02
N SER G 89 2.61 22.62 -42.86
CA SER G 89 2.69 21.98 -44.17
C SER G 89 3.16 20.52 -44.08
N THR G 90 3.94 20.20 -43.03
CA THR G 90 4.56 18.89 -42.87
C THR G 90 3.84 18.05 -41.82
N THR G 91 3.44 18.67 -40.71
CA THR G 91 2.79 18.01 -39.58
C THR G 91 1.30 17.81 -39.86
N ALA G 92 0.71 16.72 -39.36
CA ALA G 92 -0.75 16.58 -39.33
C ALA G 92 -1.26 16.57 -37.89
N ILE G 93 -2.46 17.11 -37.67
CA ILE G 93 -3.21 16.87 -36.45
C ILE G 93 -4.54 16.25 -36.86
N SER G 94 -4.81 15.01 -36.42
CA SER G 94 -6.08 14.35 -36.70
C SER G 94 -7.01 14.45 -35.49
N PHE G 95 -8.32 14.39 -35.74
CA PHE G 95 -9.32 14.44 -34.69
C PHE G 95 -10.41 13.42 -34.99
N THR G 96 -10.69 12.51 -34.03
CA THR G 96 -11.75 11.53 -34.22
C THR G 96 -12.65 11.43 -32.97
N ALA G 97 -13.95 11.28 -33.23
CA ALA G 97 -14.94 10.96 -32.21
C ALA G 97 -15.72 9.76 -32.72
N ALA G 98 -15.18 8.57 -32.43
CA ALA G 98 -15.53 7.31 -33.08
C ALA G 98 -17.03 6.99 -32.94
N SER G 99 -17.58 7.23 -31.74
CA SER G 99 -18.97 6.94 -31.38
C SER G 99 -19.97 7.59 -32.35
N ARG G 100 -19.67 8.81 -32.81
CA ARG G 100 -20.52 9.58 -33.71
C ARG G 100 -20.01 9.59 -35.16
N GLY G 101 -18.94 8.82 -35.45
CA GLY G 101 -18.44 8.64 -36.80
C GLY G 101 -17.71 9.87 -37.36
N VAL G 102 -17.33 10.82 -36.50
CA VAL G 102 -16.51 11.95 -36.92
C VAL G 102 -15.06 11.49 -37.00
N SER G 103 -14.43 11.72 -38.16
CA SER G 103 -13.03 11.38 -38.37
C SER G 103 -12.39 12.36 -39.35
N LEU G 104 -11.51 13.21 -38.82
CA LEU G 104 -10.80 14.22 -39.59
C LEU G 104 -9.33 13.83 -39.64
N SER G 105 -8.80 13.66 -40.86
CA SER G 105 -7.44 13.16 -41.03
C SER G 105 -6.39 14.25 -40.78
N ASN G 106 -6.70 15.52 -41.11
CA ASN G 106 -5.78 16.62 -40.84
C ASN G 106 -6.50 17.96 -40.73
N ILE G 107 -6.44 18.56 -39.53
CA ILE G 107 -7.07 19.84 -39.23
C ILE G 107 -6.03 20.95 -38.98
N TYR G 108 -4.74 20.63 -38.98
CA TYR G 108 -3.71 21.61 -38.65
C TYR G 108 -3.47 22.55 -39.83
N GLN G 109 -3.51 23.87 -39.59
CA GLN G 109 -3.47 24.84 -40.68
C GLN G 109 -2.47 25.97 -40.45
N PHE G 110 -2.33 26.45 -39.19
CA PHE G 110 -1.60 27.68 -38.92
C PHE G 110 -0.72 27.55 -37.68
N SER G 111 0.37 28.32 -37.64
CA SER G 111 1.18 28.41 -36.45
C SER G 111 1.67 29.84 -36.22
N LEU G 112 1.58 30.30 -34.96
CA LEU G 112 2.18 31.57 -34.57
C LEU G 112 3.67 31.44 -34.25
N LEU G 113 4.23 30.22 -34.27
CA LEU G 113 5.68 30.04 -34.14
C LEU G 113 6.42 30.73 -35.28
N SER G 114 5.77 30.86 -36.44
CA SER G 114 6.26 31.53 -37.64
C SER G 114 6.36 33.06 -37.49
N VAL G 115 5.71 33.63 -36.46
CA VAL G 115 5.39 35.06 -36.43
C VAL G 115 6.28 35.81 -35.43
N LEU G 116 6.92 36.89 -35.89
CA LEU G 116 7.69 37.77 -35.03
C LEU G 116 6.76 38.75 -34.30
N PRO G 117 7.06 39.14 -33.02
CA PRO G 117 6.21 40.08 -32.28
C PRO G 117 5.84 41.37 -33.01
N SER G 118 6.78 41.93 -33.80
CA SER G 118 6.58 43.16 -34.55
C SER G 118 5.49 43.05 -35.62
N GLN G 119 5.08 41.81 -35.97
CA GLN G 119 4.05 41.58 -36.96
C GLN G 119 2.64 41.63 -36.36
N VAL G 120 2.52 41.59 -35.02
CA VAL G 120 1.22 41.51 -34.35
C VAL G 120 1.02 42.61 -33.30
N ASN G 121 2.08 42.98 -32.57
CA ASN G 121 2.01 44.03 -31.56
C ASN G 121 1.73 45.39 -32.21
N ASN G 122 0.86 46.20 -31.58
CA ASN G 122 0.46 47.53 -32.01
C ASN G 122 -0.29 47.53 -33.36
N LYS G 123 -0.85 46.38 -33.77
CA LYS G 123 -1.48 46.25 -35.09
C LYS G 123 -2.97 45.91 -35.05
N VAL G 124 -3.49 45.55 -33.86
CA VAL G 124 -4.93 45.55 -33.61
C VAL G 124 -5.22 46.55 -32.48
N GLN G 125 -6.36 47.24 -32.59
CA GLN G 125 -6.64 48.37 -31.73
C GLN G 125 -8.12 48.44 -31.35
N VAL G 126 -8.37 49.02 -30.17
CA VAL G 126 -9.70 49.10 -29.56
C VAL G 126 -10.10 50.56 -29.47
N LYS G 127 -11.36 50.86 -29.83
CA LYS G 127 -11.93 52.19 -29.71
C LYS G 127 -12.83 52.25 -28.48
N LEU G 128 -12.51 53.17 -27.55
CA LEU G 128 -13.29 53.42 -26.34
C LEU G 128 -13.70 54.89 -26.33
N GLY G 129 -14.91 55.17 -26.82
CA GLY G 129 -15.31 56.54 -27.15
C GLY G 129 -14.39 57.13 -28.21
N THR G 130 -13.85 58.34 -27.95
CA THR G 130 -12.91 59.03 -28.81
C THR G 130 -11.54 58.35 -28.81
N SER G 131 -11.15 57.78 -27.66
CA SER G 131 -9.82 57.21 -27.43
C SER G 131 -9.61 55.90 -28.19
N ILE G 132 -8.36 55.67 -28.66
CA ILE G 132 -7.99 54.46 -29.37
C ILE G 132 -6.70 53.87 -28.78
N ILE G 133 -6.73 52.56 -28.46
CA ILE G 133 -5.65 51.88 -27.75
C ILE G 133 -5.10 50.73 -28.60
N ASN G 134 -3.78 50.73 -28.80
CA ASN G 134 -3.12 49.64 -29.49
C ASN G 134 -2.84 48.51 -28.50
N LEU G 135 -3.07 47.26 -28.92
CA LEU G 135 -2.85 46.08 -28.08
C LEU G 135 -1.45 45.48 -28.26
N THR G 136 -0.90 44.96 -27.16
CA THR G 136 0.26 44.09 -27.15
C THR G 136 -0.22 42.66 -26.91
N LEU G 137 0.17 41.72 -27.80
CA LEU G 137 -0.37 40.37 -27.80
C LEU G 137 0.74 39.34 -27.59
N ALA G 138 1.86 39.50 -28.31
CA ALA G 138 3.05 38.70 -28.13
C ALA G 138 3.93 39.33 -27.06
N PHE G 139 4.11 38.65 -25.92
CA PHE G 139 5.02 39.10 -24.88
C PHE G 139 6.43 38.55 -25.16
N SER G 140 7.44 39.20 -24.59
CA SER G 140 8.83 38.83 -24.85
C SER G 140 9.73 39.13 -23.65
N SER G 141 10.79 38.34 -23.50
CA SER G 141 11.84 38.52 -22.50
C SER G 141 13.20 38.09 -23.05
N ASN G 142 14.29 38.61 -22.45
CA ASN G 142 15.64 38.34 -22.92
C ASN G 142 16.42 37.49 -21.92
N SER G 143 17.04 36.40 -22.40
CA SER G 143 18.05 35.65 -21.66
C SER G 143 19.21 35.29 -22.59
N ALA G 144 20.46 35.53 -22.16
CA ALA G 144 21.67 35.18 -22.89
C ALA G 144 21.65 35.64 -24.35
N GLY G 145 21.11 36.85 -24.59
CA GLY G 145 21.13 37.47 -25.91
C GLY G 145 20.08 36.93 -26.88
N GLN G 146 19.22 36.01 -26.41
CA GLN G 146 18.08 35.51 -27.18
C GLN G 146 16.79 36.17 -26.69
N THR G 147 15.89 36.52 -27.63
CA THR G 147 14.55 36.98 -27.29
C THR G 147 13.58 35.80 -27.32
N TYR G 148 13.02 35.47 -26.14
CA TYR G 148 11.95 34.49 -26.01
C TYR G 148 10.61 35.16 -26.33
N VAL G 149 9.68 34.42 -26.94
CA VAL G 149 8.40 34.97 -27.36
C VAL G 149 7.28 34.03 -26.92
N TYR G 150 6.15 34.59 -26.44
CA TYR G 150 5.01 33.77 -26.05
C TYR G 150 3.72 34.59 -26.00
N TYR G 151 2.58 33.89 -25.94
CA TYR G 151 1.27 34.49 -25.72
C TYR G 151 0.79 34.06 -24.33
N SER G 152 0.33 35.03 -23.54
CA SER G 152 -0.02 34.79 -22.14
C SER G 152 -1.27 33.94 -22.01
N ASP G 153 -2.18 34.02 -22.99
CA ASP G 153 -3.43 33.26 -22.96
C ASP G 153 -3.92 32.92 -24.39
N PRO G 154 -4.90 31.98 -24.53
CA PRO G 154 -5.52 31.71 -25.83
C PRO G 154 -6.21 32.92 -26.48
N ASN G 155 -6.70 33.88 -25.69
CA ASN G 155 -7.42 35.03 -26.22
C ASN G 155 -6.50 35.94 -27.05
N TYR G 156 -5.32 36.26 -26.51
CA TYR G 156 -4.33 37.05 -27.24
C TYR G 156 -3.78 36.26 -28.43
N ALA G 157 -3.65 34.93 -28.31
CA ALA G 157 -3.27 34.10 -29.44
C ALA G 157 -4.31 34.15 -30.56
N LEU G 158 -5.61 34.09 -30.23
CA LEU G 158 -6.70 34.18 -31.21
C LEU G 158 -6.67 35.52 -31.94
N LEU G 159 -6.52 36.64 -31.21
CA LEU G 159 -6.46 37.95 -31.84
C LEU G 159 -5.25 38.08 -32.77
N ALA G 160 -4.09 37.59 -32.34
CA ALA G 160 -2.87 37.57 -33.15
C ALA G 160 -3.04 36.72 -34.42
N LEU G 161 -3.71 35.57 -34.30
CA LEU G 161 -4.00 34.71 -35.44
C LEU G 161 -4.98 35.39 -36.39
N ASN G 162 -6.08 35.93 -35.86
CA ASN G 162 -7.04 36.64 -36.67
C ASN G 162 -6.33 37.67 -37.57
N TYR G 163 -5.51 38.54 -36.95
CA TYR G 163 -4.78 39.57 -37.67
C TYR G 163 -3.86 38.96 -38.75
N THR G 164 -3.05 37.96 -38.36
CA THR G 164 -2.13 37.27 -39.26
C THR G 164 -2.85 36.73 -40.50
N LEU G 165 -3.98 36.03 -40.30
CA LEU G 165 -4.75 35.46 -41.40
C LEU G 165 -5.39 36.54 -42.26
N GLY G 166 -5.97 37.59 -41.64
CA GLY G 166 -6.50 38.73 -42.38
C GLY G 166 -5.45 39.38 -43.29
N GLN G 167 -4.22 39.49 -42.78
CA GLN G 167 -3.08 40.05 -43.50
C GLN G 167 -2.63 39.14 -44.65
N GLU G 168 -2.63 37.81 -44.43
CA GLU G 168 -2.30 36.84 -45.48
C GLU G 168 -3.33 36.82 -46.60
N VAL G 169 -4.62 37.00 -46.29
CA VAL G 169 -5.68 37.14 -47.28
C VAL G 169 -5.48 38.43 -48.09
N LYS G 170 -5.20 39.55 -47.41
CA LYS G 170 -4.96 40.84 -48.04
C LYS G 170 -3.75 40.80 -48.97
N GLY G 171 -2.70 40.06 -48.58
CA GLY G 171 -1.51 39.85 -49.41
C GLY G 171 -1.67 38.77 -50.48
N GLY G 172 -2.85 38.15 -50.60
CA GLY G 172 -3.13 37.15 -51.62
C GLY G 172 -2.48 35.79 -51.40
N GLN G 173 -1.85 35.59 -50.23
CA GLN G 173 -1.15 34.35 -49.89
C GLN G 173 -2.13 33.25 -49.46
N LEU G 174 -3.35 33.65 -49.03
CA LEU G 174 -4.39 32.76 -48.55
C LEU G 174 -5.72 33.16 -49.18
N THR G 175 -6.57 32.19 -49.56
CA THR G 175 -7.79 32.47 -50.32
C THR G 175 -8.87 33.10 -49.44
N SER G 176 -9.11 32.50 -48.26
CA SER G 176 -10.03 32.97 -47.23
C SER G 176 -9.50 32.60 -45.84
N SER G 177 -9.79 33.44 -44.85
CA SER G 177 -9.55 33.09 -43.46
C SER G 177 -10.72 32.24 -42.94
N PRO G 178 -10.46 31.08 -42.27
CA PRO G 178 -11.53 30.34 -41.61
C PRO G 178 -11.99 30.98 -40.29
N LEU G 179 -11.22 31.95 -39.79
CA LEU G 179 -11.49 32.64 -38.53
C LEU G 179 -11.75 34.12 -38.81
N TYR G 180 -12.78 34.69 -38.16
CA TYR G 180 -13.08 36.10 -38.27
C TYR G 180 -13.55 36.63 -36.92
N ILE G 181 -12.79 37.56 -36.32
CA ILE G 181 -13.08 38.08 -34.99
C ILE G 181 -13.49 39.56 -35.07
N ILE G 182 -14.61 39.91 -34.40
CA ILE G 182 -15.15 41.27 -34.35
C ILE G 182 -15.67 41.58 -32.95
N SER G 183 -15.67 42.88 -32.58
CA SER G 183 -16.29 43.34 -31.33
C SER G 183 -17.71 43.87 -31.58
N ASN G 184 -17.91 44.40 -32.78
CA ASN G 184 -19.16 44.98 -33.22
C ASN G 184 -20.02 43.89 -33.85
N THR G 185 -21.18 43.61 -33.25
CA THR G 185 -22.09 42.62 -33.81
C THR G 185 -22.96 43.18 -34.95
N SER G 186 -23.09 44.52 -35.05
CA SER G 186 -23.93 45.17 -36.04
C SER G 186 -23.54 44.81 -37.48
N ILE G 187 -22.25 44.54 -37.69
CA ILE G 187 -21.64 44.23 -38.98
C ILE G 187 -22.27 42.98 -39.62
N VAL G 188 -22.69 42.02 -38.80
CA VAL G 188 -23.09 40.68 -39.19
C VAL G 188 -24.26 40.69 -40.19
N ALA G 189 -25.20 41.64 -40.05
CA ALA G 189 -26.35 41.77 -40.94
C ALA G 189 -25.93 41.95 -42.41
N SER G 190 -24.78 42.60 -42.63
CA SER G 190 -24.25 42.90 -43.96
C SER G 190 -23.37 41.77 -44.53
N LYS G 191 -23.10 40.73 -43.72
CA LYS G 191 -22.17 39.64 -44.04
C LYS G 191 -22.85 38.29 -43.78
N PRO G 192 -23.83 37.88 -44.63
CA PRO G 192 -24.71 36.74 -44.31
C PRO G 192 -24.00 35.38 -44.18
N TRP G 193 -22.79 35.24 -44.73
CA TRP G 193 -21.99 34.05 -44.55
C TRP G 193 -21.63 33.81 -43.08
N LEU G 194 -21.57 34.88 -42.27
CA LEU G 194 -21.30 34.77 -40.83
C LEU G 194 -22.51 34.25 -40.04
N LYS G 195 -23.70 34.18 -40.64
CA LYS G 195 -24.92 33.80 -39.93
C LYS G 195 -24.92 32.33 -39.54
N ASN G 196 -24.28 31.47 -40.35
CA ASN G 196 -24.48 30.03 -40.32
C ASN G 196 -23.29 29.25 -39.76
N ASP G 197 -22.10 29.87 -39.71
CA ASP G 197 -20.92 29.21 -39.15
C ASP G 197 -20.88 29.32 -37.61
N ASN G 198 -19.92 28.63 -36.97
CA ASN G 198 -19.88 28.49 -35.52
C ASN G 198 -19.38 29.78 -34.88
N VAL G 199 -20.01 30.21 -33.76
CA VAL G 199 -19.60 31.44 -33.07
C VAL G 199 -19.47 31.22 -31.57
N PHE G 200 -18.36 31.73 -31.01
CA PHE G 200 -18.13 31.79 -29.57
C PHE G 200 -17.58 33.17 -29.20
N THR G 201 -17.59 33.50 -27.90
CA THR G 201 -17.13 34.81 -27.46
C THR G 201 -16.04 34.69 -26.39
N PHE G 202 -15.22 35.75 -26.30
CA PHE G 202 -14.23 35.87 -25.23
C PHE G 202 -14.06 37.35 -24.89
N ASN G 203 -13.55 37.62 -23.67
CA ASN G 203 -13.42 38.97 -23.15
C ASN G 203 -11.98 39.28 -22.75
N ILE G 204 -11.50 40.47 -23.14
CA ILE G 204 -10.22 41.00 -22.67
C ILE G 204 -10.46 42.32 -21.94
N SER G 205 -9.53 42.70 -21.05
CA SER G 205 -9.57 43.98 -20.35
C SER G 205 -8.64 44.99 -21.03
N VAL G 206 -9.20 46.11 -21.49
CA VAL G 206 -8.44 47.19 -22.10
C VAL G 206 -8.84 48.48 -21.40
N ASN G 207 -7.84 49.21 -20.88
CA ASN G 207 -8.15 50.42 -20.12
C ASN G 207 -9.20 50.07 -19.06
N GLY G 208 -8.92 48.99 -18.30
CA GLY G 208 -9.75 48.51 -17.21
C GLY G 208 -11.20 48.17 -17.59
N THR G 209 -11.51 48.22 -18.89
CA THR G 209 -12.86 48.00 -19.41
C THR G 209 -12.94 46.63 -20.08
N GLU G 210 -14.01 45.87 -19.83
CA GLU G 210 -14.26 44.61 -20.50
C GLU G 210 -14.68 44.83 -21.96
N VAL G 211 -13.91 44.24 -22.88
CA VAL G 211 -14.22 44.24 -24.31
C VAL G 211 -14.58 42.80 -24.69
N GLU G 212 -15.77 42.61 -25.28
CA GLU G 212 -16.19 41.29 -25.74
C GLU G 212 -15.95 41.17 -27.25
N TYR G 213 -15.31 40.06 -27.63
CA TYR G 213 -15.08 39.69 -29.01
C TYR G 213 -15.87 38.43 -29.36
N TYR G 214 -16.39 38.44 -30.59
CA TYR G 214 -17.13 37.35 -31.20
C TYR G 214 -16.25 36.73 -32.28
N ALA G 215 -15.95 35.43 -32.14
CA ALA G 215 -15.10 34.69 -33.06
C ALA G 215 -15.96 33.77 -33.92
N TYR G 216 -15.94 34.00 -35.24
CA TYR G 216 -16.69 33.23 -36.22
C TYR G 216 -15.75 32.23 -36.87
N VAL G 217 -16.08 30.94 -36.79
CA VAL G 217 -15.22 29.88 -37.31
C VAL G 217 -15.94 29.17 -38.46
N ASN G 218 -15.23 28.96 -39.58
CA ASN G 218 -15.80 28.33 -40.76
C ASN G 218 -15.81 26.81 -40.66
N LYS G 219 -14.62 26.24 -40.47
CA LYS G 219 -14.44 24.80 -40.46
C LYS G 219 -13.58 24.46 -39.25
N THR G 220 -13.69 23.21 -38.77
CA THR G 220 -12.84 22.74 -37.68
C THR G 220 -11.37 22.82 -38.11
N PHE G 221 -10.56 23.54 -37.32
CA PHE G 221 -9.13 23.66 -37.58
C PHE G 221 -8.33 23.75 -36.29
N ALA G 222 -7.03 23.49 -36.39
CA ALA G 222 -6.11 23.62 -35.27
C ALA G 222 -4.99 24.59 -35.60
N PHE G 223 -4.50 25.28 -34.57
CA PHE G 223 -3.31 26.11 -34.68
C PHE G 223 -2.43 25.96 -33.44
N THR G 224 -1.15 26.30 -33.58
CA THR G 224 -0.20 26.22 -32.48
C THR G 224 0.41 27.60 -32.19
N TYR G 225 0.79 27.82 -30.92
CA TYR G 225 1.43 29.07 -30.52
C TYR G 225 2.40 28.83 -29.38
N PRO G 226 3.45 29.68 -29.22
CA PRO G 226 4.42 29.49 -28.14
C PRO G 226 3.90 29.95 -26.77
N VAL G 227 4.23 29.17 -25.73
CA VAL G 227 3.80 29.42 -24.36
C VAL G 227 4.98 29.74 -23.44
N SER G 228 6.11 29.01 -23.58
CA SER G 228 7.36 29.37 -22.92
C SER G 228 8.55 28.68 -23.59
N GLY G 229 9.77 29.15 -23.30
CA GLY G 229 11.00 28.48 -23.70
C GLY G 229 11.21 28.44 -25.22
N PHE G 230 10.63 29.42 -25.92
CA PHE G 230 10.68 29.48 -27.38
C PHE G 230 11.46 30.71 -27.85
N PRO G 231 12.79 30.60 -28.09
CA PRO G 231 13.57 31.69 -28.67
C PRO G 231 13.62 31.70 -30.20
N LEU G 232 13.07 30.66 -30.84
CA LEU G 232 13.22 30.45 -32.28
C LEU G 232 12.09 31.09 -33.10
N ALA G 233 11.65 32.29 -32.72
CA ALA G 233 10.57 32.98 -33.42
C ALA G 233 10.89 33.13 -34.91
N GLY G 234 9.94 32.71 -35.77
CA GLY G 234 10.10 32.67 -37.20
C GLY G 234 10.23 31.26 -37.81
N SER G 235 10.37 30.20 -36.99
CA SER G 235 10.95 28.93 -37.47
C SER G 235 9.99 27.75 -37.59
N ASP G 236 8.87 27.72 -36.83
CA ASP G 236 8.02 26.54 -36.65
C ASP G 236 8.70 25.37 -35.94
N ILE G 237 9.88 25.56 -35.33
CA ILE G 237 10.55 24.47 -34.63
C ILE G 237 10.39 24.65 -33.12
N ALA G 238 9.85 23.62 -32.43
CA ALA G 238 9.80 23.62 -30.98
C ALA G 238 11.11 23.05 -30.43
N PRO G 239 12.01 23.86 -29.80
CA PRO G 239 13.26 23.33 -29.26
C PRO G 239 12.99 22.54 -27.98
N ALA G 240 13.95 21.70 -27.60
CA ALA G 240 13.87 20.97 -26.34
C ALA G 240 13.79 21.95 -25.17
N GLY G 241 12.81 21.75 -24.27
CA GLY G 241 12.56 22.64 -23.16
C GLY G 241 11.68 23.85 -23.50
N SER G 242 10.96 23.80 -24.64
CA SER G 242 9.90 24.75 -24.97
C SER G 242 8.53 24.18 -24.59
N VAL G 243 7.50 25.04 -24.54
CA VAL G 243 6.12 24.66 -24.27
C VAL G 243 5.25 25.31 -25.33
N ILE G 244 4.42 24.50 -26.03
CA ILE G 244 3.65 24.94 -27.18
C ILE G 244 2.17 24.74 -26.88
N GLY G 245 1.36 25.79 -27.05
CA GLY G 245 -0.08 25.67 -26.94
C GLY G 245 -0.67 25.15 -28.25
N VAL G 246 -1.59 24.18 -28.15
CA VAL G 246 -2.34 23.65 -29.29
C VAL G 246 -3.81 23.98 -29.06
N MET G 247 -4.44 24.65 -30.01
CA MET G 247 -5.85 24.99 -29.87
C MET G 247 -6.62 24.50 -31.10
N ILE G 248 -7.72 23.77 -30.84
CA ILE G 248 -8.62 23.28 -31.86
C ILE G 248 -9.92 24.07 -31.76
N LEU G 249 -10.32 24.73 -32.85
CA LEU G 249 -11.61 25.42 -32.92
C LEU G 249 -12.57 24.60 -33.77
N PHE G 250 -13.80 24.38 -33.28
CA PHE G 250 -14.77 23.58 -34.00
C PHE G 250 -15.59 24.43 -34.96
N GLY G 251 -15.77 23.94 -36.20
CA GLY G 251 -16.67 24.57 -37.16
C GLY G 251 -18.11 24.06 -37.02
N PRO G 252 -19.05 24.52 -37.87
CA PRO G 252 -20.47 24.18 -37.73
C PRO G 252 -20.80 22.69 -37.87
N GLY G 253 -19.96 21.94 -38.61
CA GLY G 253 -20.09 20.49 -38.74
C GLY G 253 -19.92 19.76 -37.40
N GLU G 254 -18.73 19.90 -36.79
CA GLU G 254 -18.39 19.18 -35.56
C GLU G 254 -18.99 19.81 -34.31
N ALA G 255 -19.40 21.09 -34.38
CA ALA G 255 -19.94 21.82 -33.23
C ALA G 255 -21.34 21.36 -32.82
N THR G 256 -22.05 20.61 -33.70
CA THR G 256 -23.51 20.53 -33.74
C THR G 256 -24.17 20.06 -32.44
N ASN G 257 -23.53 19.14 -31.70
CA ASN G 257 -23.88 18.87 -30.31
C ASN G 257 -22.66 18.42 -29.50
N VAL G 258 -22.74 18.64 -28.18
CA VAL G 258 -21.63 18.51 -27.23
C VAL G 258 -21.18 17.04 -27.09
N PHE G 259 -19.88 16.82 -26.80
CA PHE G 259 -19.38 15.48 -26.51
C PHE G 259 -19.86 15.02 -25.13
N GLN G 260 -20.62 13.91 -25.08
CA GLN G 260 -21.07 13.32 -23.83
C GLN G 260 -21.08 11.80 -23.94
N TYR G 261 -20.51 11.10 -22.93
CA TYR G 261 -20.50 9.64 -22.90
C TYR G 261 -19.81 9.09 -24.15
N GLU G 262 -18.70 9.72 -24.53
CA GLU G 262 -18.03 9.49 -25.80
C GLU G 262 -16.50 9.53 -25.63
N THR G 263 -15.78 8.78 -26.47
CA THR G 263 -14.34 8.90 -26.52
C THR G 263 -13.95 9.85 -27.66
N VAL G 264 -13.06 10.81 -27.35
CA VAL G 264 -12.45 11.68 -28.34
C VAL G 264 -10.94 11.38 -28.40
N THR G 265 -10.39 11.33 -29.62
CA THR G 265 -8.98 11.08 -29.85
C THR G 265 -8.37 12.17 -30.73
N ILE G 266 -7.20 12.68 -30.34
CA ILE G 266 -6.42 13.63 -31.11
C ILE G 266 -5.04 13.00 -31.33
N GLN G 267 -4.48 13.14 -32.53
CA GLN G 267 -3.11 12.69 -32.76
C GLN G 267 -2.32 13.77 -33.49
N ILE G 268 -1.11 14.06 -32.99
CA ILE G 268 -0.19 14.97 -33.65
C ILE G 268 0.94 14.12 -34.25
N THR G 269 1.17 14.27 -35.57
CA THR G 269 2.17 13.47 -36.27
C THR G 269 3.15 14.40 -37.01
N PRO G 270 4.31 14.74 -36.40
CA PRO G 270 5.35 15.50 -37.12
C PRO G 270 6.07 14.62 -38.14
N ASN G 271 6.89 15.25 -38.99
CA ASN G 271 7.52 14.60 -40.14
C ASN G 271 8.66 13.66 -39.74
N ILE G 272 9.19 13.81 -38.52
CA ILE G 272 10.24 12.97 -37.95
C ILE G 272 9.80 12.59 -36.53
N GLY G 273 10.05 11.35 -36.12
CA GLY G 273 9.77 10.93 -34.76
C GLY G 273 8.36 10.36 -34.57
N SER G 274 8.10 9.86 -33.37
CA SER G 274 6.85 9.19 -33.06
C SER G 274 5.72 10.21 -32.83
N PRO G 275 4.46 9.89 -33.24
CA PRO G 275 3.34 10.77 -33.00
C PRO G 275 2.86 10.73 -31.55
N LEU G 276 2.20 11.82 -31.13
CA LEU G 276 1.57 11.89 -29.81
C LEU G 276 0.08 11.60 -29.97
N THR G 277 -0.41 10.58 -29.27
CA THR G 277 -1.82 10.19 -29.31
C THR G 277 -2.48 10.51 -27.97
N ILE G 278 -3.57 11.29 -28.03
CA ILE G 278 -4.31 11.80 -26.88
C ILE G 278 -5.72 11.22 -26.95
N SER G 279 -6.20 10.56 -25.87
CA SER G 279 -7.55 10.00 -25.80
C SER G 279 -8.24 10.29 -24.47
N GLN G 280 -9.49 10.76 -24.52
CA GLN G 280 -10.30 11.02 -23.33
C GLN G 280 -11.71 10.46 -23.51
N TYR G 281 -12.22 9.75 -22.48
CA TYR G 281 -13.64 9.54 -22.37
C TYR G 281 -14.27 10.76 -21.69
N ILE G 282 -15.15 11.45 -22.42
CA ILE G 282 -15.72 12.71 -21.97
C ILE G 282 -17.08 12.45 -21.33
N TYR G 283 -17.15 12.64 -20.01
CA TYR G 283 -18.41 12.83 -19.30
C TYR G 283 -18.97 14.22 -19.63
N GLN G 284 -20.22 14.47 -19.22
CA GLN G 284 -20.88 15.77 -19.36
C GLN G 284 -19.97 16.94 -18.95
N PRO G 285 -19.96 18.06 -19.72
CA PRO G 285 -19.18 19.24 -19.34
C PRO G 285 -19.85 20.03 -18.22
N ASP G 286 -19.02 20.52 -17.28
CA ASP G 286 -19.49 20.99 -15.97
C ASP G 286 -19.39 22.51 -15.77
N GLY G 287 -18.81 23.23 -16.75
CA GLY G 287 -18.66 24.68 -16.73
C GLY G 287 -18.35 25.25 -18.11
N LYS G 288 -18.18 26.59 -18.19
CA LYS G 288 -17.85 27.30 -19.42
C LYS G 288 -16.62 26.68 -20.09
N VAL G 289 -15.62 26.36 -19.27
CA VAL G 289 -14.52 25.47 -19.63
C VAL G 289 -14.59 24.27 -18.70
N THR G 290 -14.27 23.08 -19.23
CA THR G 290 -14.24 21.85 -18.46
C THR G 290 -12.91 21.15 -18.67
N VAL G 291 -12.37 20.51 -17.63
CA VAL G 291 -11.11 19.80 -17.70
C VAL G 291 -11.42 18.34 -18.06
N ILE G 292 -10.97 17.89 -19.24
CA ILE G 292 -11.34 16.57 -19.74
C ILE G 292 -10.19 15.56 -19.66
N GLY G 293 -8.94 16.03 -19.51
CA GLY G 293 -7.79 15.14 -19.54
C GLY G 293 -6.56 15.74 -18.87
N LEU H 1 48.63 -16.95 -79.64
CA LEU H 1 48.87 -18.03 -78.63
C LEU H 1 48.06 -17.79 -77.35
N ALA H 2 48.39 -16.73 -76.58
CA ALA H 2 47.81 -16.49 -75.28
C ALA H 2 46.34 -16.03 -75.36
N GLY H 3 45.88 -15.61 -76.55
CA GLY H 3 44.52 -15.11 -76.74
C GLY H 3 43.45 -16.21 -76.72
N LEU H 4 43.82 -17.43 -76.28
CA LEU H 4 42.92 -18.58 -76.29
C LEU H 4 42.91 -19.32 -74.95
N ASP H 5 44.09 -19.71 -74.43
CA ASP H 5 44.17 -20.42 -73.16
C ASP H 5 43.59 -19.60 -72.01
N THR H 6 43.89 -18.28 -72.01
CA THR H 6 43.31 -17.32 -71.06
C THR H 6 41.78 -17.25 -71.15
N ALA H 7 41.23 -17.29 -72.38
CA ALA H 7 39.79 -17.21 -72.60
C ALA H 7 39.06 -18.41 -72.01
N ILE H 8 39.64 -19.60 -72.14
CA ILE H 8 39.11 -20.85 -71.59
C ILE H 8 39.04 -20.76 -70.06
N ILE H 9 40.12 -20.30 -69.42
CA ILE H 9 40.16 -20.18 -67.96
C ILE H 9 39.14 -19.15 -67.48
N LEU H 10 38.99 -18.03 -68.21
CA LEU H 10 37.97 -17.04 -67.93
C LEU H 10 36.57 -17.67 -67.95
N ILE H 11 36.22 -18.42 -69.01
CA ILE H 11 34.95 -19.14 -69.10
C ILE H 11 34.71 -20.00 -67.86
N ALA H 12 35.71 -20.80 -67.47
CA ALA H 12 35.63 -21.71 -66.32
C ALA H 12 35.44 -20.95 -65.00
N PHE H 13 36.17 -19.86 -64.80
CA PHE H 13 36.11 -19.06 -63.58
C PHE H 13 34.76 -18.34 -63.46
N ILE H 14 34.20 -17.88 -64.58
CA ILE H 14 32.86 -17.28 -64.61
C ILE H 14 31.82 -18.32 -64.15
N ILE H 15 31.85 -19.51 -64.75
CA ILE H 15 30.92 -20.60 -64.41
C ILE H 15 31.06 -20.96 -62.92
N THR H 16 32.30 -21.02 -62.41
CA THR H 16 32.59 -21.30 -61.01
C THR H 16 31.94 -20.27 -60.08
N ALA H 17 32.08 -18.97 -60.40
CA ALA H 17 31.47 -17.89 -59.65
C ALA H 17 29.95 -17.92 -59.74
N ALA H 18 29.40 -18.18 -60.94
CA ALA H 18 27.96 -18.30 -61.18
C ALA H 18 27.33 -19.42 -60.34
N VAL H 19 28.05 -20.55 -60.18
CA VAL H 19 27.65 -21.67 -59.34
C VAL H 19 27.56 -21.25 -57.87
N LEU H 20 28.57 -20.52 -57.35
CA LEU H 20 28.49 -20.00 -55.99
C LEU H 20 27.34 -19.01 -55.84
N ALA H 21 27.15 -18.11 -56.81
CA ALA H 21 26.06 -17.15 -56.84
C ALA H 21 24.70 -17.85 -56.72
N TYR H 22 24.48 -18.87 -57.56
CA TYR H 22 23.28 -19.69 -57.60
C TYR H 22 22.97 -20.28 -56.22
N VAL H 23 23.97 -20.91 -55.59
CA VAL H 23 23.82 -21.56 -54.29
C VAL H 23 23.57 -20.53 -53.18
N ALA H 24 24.37 -19.46 -53.13
CA ALA H 24 24.29 -18.44 -52.10
C ALA H 24 22.91 -17.76 -52.07
N VAL H 25 22.37 -17.40 -53.24
CA VAL H 25 21.07 -16.74 -53.33
C VAL H 25 19.95 -17.69 -52.88
N ASN H 26 19.95 -18.92 -53.41
CA ASN H 26 18.98 -19.95 -53.04
C ASN H 26 18.97 -20.18 -51.51
N MET H 27 20.16 -20.34 -50.94
CA MET H 27 20.28 -20.64 -49.53
C MET H 27 19.93 -19.43 -48.64
N GLY H 28 20.22 -18.20 -49.10
CA GLY H 28 19.75 -16.98 -48.46
C GLY H 28 18.23 -16.87 -48.44
N LEU H 29 17.57 -17.14 -49.57
CA LEU H 29 16.11 -17.19 -49.65
C LEU H 29 15.55 -18.22 -48.67
N PHE H 30 16.15 -19.41 -48.62
CA PHE H 30 15.76 -20.48 -47.70
C PHE H 30 15.86 -20.03 -46.24
N VAL H 31 17.06 -19.64 -45.79
CA VAL H 31 17.34 -19.33 -44.39
C VAL H 31 16.52 -18.14 -43.91
N THR H 32 16.38 -17.09 -44.73
CA THR H 32 15.59 -15.92 -44.35
C THR H 32 14.12 -16.27 -44.15
N GLN H 33 13.58 -17.24 -44.91
CA GLN H 33 12.23 -17.71 -44.69
C GLN H 33 12.10 -18.53 -43.39
N LYS H 34 13.11 -19.34 -43.05
CA LYS H 34 13.18 -20.03 -41.77
C LYS H 34 13.16 -19.02 -40.62
N ALA H 35 13.92 -17.92 -40.77
CA ALA H 35 13.92 -16.81 -39.82
C ALA H 35 12.53 -16.17 -39.69
N LYS H 36 11.86 -15.85 -40.81
CA LYS H 36 10.50 -15.33 -40.82
C LYS H 36 9.54 -16.22 -40.01
N THR H 37 9.55 -17.53 -40.31
CA THR H 37 8.73 -18.54 -39.64
C THR H 37 9.02 -18.56 -38.14
N THR H 38 10.30 -18.54 -37.77
CA THR H 38 10.75 -18.54 -36.37
C THR H 38 10.23 -17.31 -35.63
N ILE H 39 10.35 -16.11 -36.23
CA ILE H 39 9.89 -14.87 -35.62
C ILE H 39 8.38 -14.94 -35.33
N ASN H 40 7.60 -15.47 -36.28
CA ASN H 40 6.18 -15.68 -36.10
C ASN H 40 5.88 -16.63 -34.94
N LYS H 41 6.57 -17.79 -34.89
CA LYS H 41 6.41 -18.77 -33.82
C LYS H 41 6.82 -18.22 -32.45
N GLY H 42 7.84 -17.34 -32.41
CA GLY H 42 8.25 -16.65 -31.18
C GLY H 42 7.15 -15.73 -30.65
N GLU H 43 6.51 -14.96 -31.54
CA GLU H 43 5.41 -14.07 -31.17
C GLU H 43 4.19 -14.87 -30.73
N GLU H 44 3.84 -15.94 -31.44
CA GLU H 44 2.78 -16.86 -31.03
C GLU H 44 3.05 -17.43 -29.64
N THR H 45 4.30 -17.84 -29.36
CA THR H 45 4.71 -18.40 -28.08
C THR H 45 4.58 -17.39 -26.94
N ALA H 46 4.95 -16.13 -27.18
CA ALA H 46 4.88 -15.09 -26.17
C ALA H 46 3.44 -14.64 -25.90
N SER H 47 2.58 -14.65 -26.94
CA SER H 47 1.21 -14.17 -26.85
C SER H 47 0.25 -15.21 -26.27
N THR H 48 0.31 -16.47 -26.75
CA THR H 48 -0.67 -17.49 -26.40
C THR H 48 -0.51 -17.98 -24.95
N ALA H 49 -1.61 -17.90 -24.18
CA ALA H 49 -1.67 -18.37 -22.80
C ALA H 49 -3.12 -18.54 -22.34
N LEU H 50 -3.33 -19.38 -21.31
CA LEU H 50 -4.62 -19.55 -20.66
C LEU H 50 -4.59 -18.94 -19.25
N SER H 51 -5.68 -18.26 -18.88
CA SER H 51 -5.92 -17.83 -17.51
C SER H 51 -7.00 -18.68 -16.88
N LEU H 52 -6.83 -19.01 -15.59
CA LEU H 52 -7.93 -19.48 -14.77
C LEU H 52 -8.95 -18.34 -14.61
N SER H 53 -10.19 -18.57 -15.07
CA SER H 53 -11.19 -17.51 -15.16
C SER H 53 -12.50 -17.84 -14.43
N GLY H 54 -12.39 -18.67 -13.39
CA GLY H 54 -13.46 -18.95 -12.44
C GLY H 54 -12.88 -19.60 -11.19
N ASN H 55 -13.74 -19.87 -10.20
CA ASN H 55 -13.31 -20.64 -9.04
C ASN H 55 -13.12 -22.11 -9.41
N VAL H 56 -12.31 -22.83 -8.62
CA VAL H 56 -12.13 -24.27 -8.75
C VAL H 56 -13.08 -24.97 -7.78
N LEU H 57 -13.95 -25.83 -8.33
CA LEU H 57 -14.95 -26.57 -7.58
C LEU H 57 -14.54 -28.03 -7.43
N TYR H 58 -14.82 -28.61 -6.26
CA TYR H 58 -14.44 -29.98 -5.93
C TYR H 58 -15.65 -30.70 -5.34
N ALA H 59 -15.88 -31.98 -5.74
CA ALA H 59 -17.05 -32.73 -5.33
C ALA H 59 -16.68 -34.07 -4.70
N VAL H 60 -17.36 -34.43 -3.60
CA VAL H 60 -17.07 -35.61 -2.78
C VAL H 60 -18.38 -36.23 -2.28
N ASN H 61 -18.29 -37.45 -1.72
CA ASN H 61 -19.44 -38.15 -1.13
C ASN H 61 -19.82 -37.59 0.24
N TYR H 62 -20.04 -36.27 0.29
CA TYR H 62 -20.38 -35.54 1.49
C TYR H 62 -21.71 -36.03 2.09
N PRO H 63 -21.88 -36.09 3.43
CA PRO H 63 -20.87 -35.72 4.43
C PRO H 63 -19.83 -36.79 4.77
N THR H 64 -20.00 -38.01 4.24
CA THR H 64 -19.20 -39.17 4.64
C THR H 64 -17.71 -39.01 4.30
N ASN H 65 -17.39 -38.28 3.21
CA ASN H 65 -16.03 -37.88 2.83
C ASN H 65 -15.05 -39.04 2.66
N THR H 66 -15.54 -40.24 2.31
CA THR H 66 -14.66 -41.38 2.05
C THR H 66 -14.23 -41.45 0.57
N LYS H 67 -14.86 -40.68 -0.32
CA LYS H 67 -14.64 -40.85 -1.76
C LYS H 67 -14.76 -39.54 -2.55
N SER H 68 -13.98 -39.44 -3.63
CA SER H 68 -13.79 -38.23 -4.42
C SER H 68 -14.41 -38.39 -5.82
N TYR H 69 -15.15 -37.39 -6.31
CA TYR H 69 -15.97 -37.54 -7.51
C TYR H 69 -15.41 -36.78 -8.71
N TRP H 70 -15.33 -35.44 -8.62
CA TRP H 70 -14.86 -34.63 -9.72
C TRP H 70 -14.33 -33.27 -9.27
N MET H 71 -13.57 -32.62 -10.16
CA MET H 71 -13.21 -31.21 -10.04
C MET H 71 -13.64 -30.49 -11.31
N TYR H 72 -14.09 -29.24 -11.16
CA TYR H 72 -14.51 -28.40 -12.27
C TYR H 72 -13.83 -27.04 -12.13
N PHE H 73 -13.36 -26.47 -13.25
CA PHE H 73 -12.88 -25.08 -13.29
C PHE H 73 -13.06 -24.54 -14.70
N THR H 74 -12.83 -23.23 -14.87
CA THR H 74 -13.08 -22.56 -16.13
C THR H 74 -11.83 -21.82 -16.58
N VAL H 75 -11.52 -21.85 -17.88
CA VAL H 75 -10.34 -21.18 -18.43
C VAL H 75 -10.71 -20.32 -19.65
N SER H 76 -9.88 -19.31 -19.93
CA SER H 76 -10.04 -18.47 -21.11
C SER H 76 -8.67 -17.96 -21.55
N PRO H 77 -8.43 -17.68 -22.86
CA PRO H 77 -7.18 -17.06 -23.29
C PRO H 77 -6.88 -15.74 -22.58
N SER H 78 -5.62 -15.58 -22.15
CA SER H 78 -5.17 -14.46 -21.31
C SER H 78 -5.27 -13.12 -22.04
N SER H 79 -5.91 -12.13 -21.38
CA SER H 79 -5.93 -10.74 -21.80
C SER H 79 -6.50 -10.55 -23.22
N GLY H 80 -7.18 -11.57 -23.76
CA GLY H 80 -7.83 -11.52 -25.06
C GLY H 80 -6.88 -11.36 -26.27
N VAL H 81 -5.62 -11.80 -26.13
CA VAL H 81 -4.61 -11.46 -27.12
C VAL H 81 -4.62 -12.36 -28.36
N SER H 82 -4.81 -13.69 -28.16
CA SER H 82 -4.79 -14.67 -29.25
C SER H 82 -5.48 -15.98 -28.85
N SER H 83 -5.80 -16.83 -29.84
CA SER H 83 -6.50 -18.10 -29.65
C SER H 83 -5.59 -19.21 -29.13
N VAL H 84 -6.19 -20.26 -28.53
CA VAL H 84 -5.45 -21.41 -28.00
C VAL H 84 -6.03 -22.71 -28.59
N ASP H 85 -5.16 -23.56 -29.15
CA ASP H 85 -5.53 -24.90 -29.60
C ASP H 85 -5.70 -25.81 -28.38
N LEU H 86 -6.89 -26.41 -28.20
CA LEU H 86 -7.18 -27.29 -27.08
C LEU H 86 -7.48 -28.71 -27.53
N SER H 87 -7.03 -29.14 -28.72
CA SER H 87 -7.32 -30.50 -29.15
C SER H 87 -6.66 -31.52 -28.23
N PRO H 88 -7.38 -32.56 -27.75
CA PRO H 88 -6.81 -33.52 -26.79
C PRO H 88 -5.74 -34.45 -27.33
N SER H 89 -5.55 -34.50 -28.66
CA SER H 89 -4.41 -35.23 -29.22
C SER H 89 -3.09 -34.48 -29.04
N THR H 90 -3.15 -33.14 -28.96
CA THR H 90 -1.97 -32.28 -28.91
C THR H 90 -1.71 -31.76 -27.49
N THR H 91 -2.78 -31.36 -26.80
CA THR H 91 -2.72 -30.79 -25.46
C THR H 91 -2.57 -31.88 -24.40
N ALA H 92 -1.85 -31.60 -23.30
CA ALA H 92 -1.87 -32.47 -22.12
C ALA H 92 -2.51 -31.74 -20.94
N ILE H 93 -3.21 -32.49 -20.08
CA ILE H 93 -3.57 -32.00 -18.76
C ILE H 93 -2.99 -32.99 -17.75
N SER H 94 -2.07 -32.51 -16.90
CA SER H 94 -1.48 -33.34 -15.85
C SER H 94 -2.17 -33.07 -14.51
N PHE H 95 -2.13 -34.07 -13.62
CA PHE H 95 -2.72 -33.96 -12.30
C PHE H 95 -1.78 -34.60 -11.28
N THR H 96 -1.39 -33.84 -10.24
CA THR H 96 -0.52 -34.39 -9.19
C THR H 96 -1.04 -34.03 -7.80
N ALA H 97 -0.93 -35.00 -6.89
CA ALA H 97 -1.16 -34.80 -5.46
C ALA H 97 0.06 -35.35 -4.74
N ALA H 98 1.07 -34.49 -4.60
CA ALA H 98 2.45 -34.85 -4.24
C ALA H 98 2.52 -35.61 -2.93
N SER H 99 1.76 -35.16 -1.93
CA SER H 99 1.73 -35.70 -0.57
C SER H 99 1.44 -37.20 -0.55
N ARG H 100 0.55 -37.66 -1.45
CA ARG H 100 0.15 -39.07 -1.53
C ARG H 100 0.80 -39.79 -2.73
N GLY H 101 1.71 -39.13 -3.45
CA GLY H 101 2.48 -39.75 -4.51
C GLY H 101 1.68 -40.02 -5.79
N VAL H 102 0.50 -39.41 -5.93
CA VAL H 102 -0.27 -39.48 -7.17
C VAL H 102 0.32 -38.50 -8.17
N SER H 103 0.67 -39.01 -9.37
CA SER H 103 1.20 -38.18 -10.44
C SER H 103 0.77 -38.75 -11.78
N LEU H 104 -0.12 -38.03 -12.46
CA LEU H 104 -0.64 -38.41 -13.76
C LEU H 104 -0.12 -37.41 -14.79
N SER H 105 0.58 -37.91 -15.81
CA SER H 105 1.24 -37.05 -16.77
C SER H 105 0.26 -36.48 -17.81
N ASN H 106 -0.78 -37.26 -18.18
CA ASN H 106 -1.79 -36.76 -19.10
C ASN H 106 -3.12 -37.49 -18.94
N ILE H 107 -4.16 -36.73 -18.53
CA ILE H 107 -5.51 -37.25 -18.32
C ILE H 107 -6.51 -36.71 -19.34
N TYR H 108 -6.09 -35.80 -20.23
CA TYR H 108 -7.00 -35.17 -21.18
C TYR H 108 -7.35 -36.13 -22.31
N GLN H 109 -8.65 -36.33 -22.59
CA GLN H 109 -9.07 -37.35 -23.55
C GLN H 109 -10.09 -36.83 -24.57
N PHE H 110 -11.03 -35.97 -24.14
CA PHE H 110 -12.18 -35.63 -24.97
C PHE H 110 -12.48 -34.13 -24.92
N SER H 111 -13.08 -33.61 -26.00
CA SER H 111 -13.58 -32.25 -26.00
C SER H 111 -14.92 -32.15 -26.72
N LEU H 112 -15.86 -31.41 -26.12
CA LEU H 112 -17.12 -31.09 -26.79
C LEU H 112 -16.98 -29.88 -27.72
N LEU H 113 -15.82 -29.21 -27.74
CA LEU H 113 -15.56 -28.14 -28.73
C LEU H 113 -15.64 -28.69 -30.15
N SER H 114 -15.34 -29.98 -30.33
CA SER H 114 -15.40 -30.72 -31.58
C SER H 114 -16.84 -30.95 -32.09
N VAL H 115 -17.85 -30.77 -31.23
CA VAL H 115 -19.18 -31.32 -31.44
C VAL H 115 -20.18 -30.22 -31.83
N LEU H 116 -20.91 -30.44 -32.94
CA LEU H 116 -21.98 -29.55 -33.35
C LEU H 116 -23.27 -29.86 -32.57
N PRO H 117 -24.11 -28.85 -32.22
CA PRO H 117 -25.35 -29.10 -31.48
C PRO H 117 -26.25 -30.20 -32.03
N SER H 118 -26.35 -30.33 -33.37
CA SER H 118 -27.17 -31.32 -34.04
C SER H 118 -26.73 -32.77 -33.74
N GLN H 119 -25.52 -32.96 -33.21
CA GLN H 119 -24.99 -34.27 -32.89
C GLN H 119 -25.44 -34.74 -31.50
N VAL H 120 -25.97 -33.83 -30.65
CA VAL H 120 -26.30 -34.13 -29.26
C VAL H 120 -27.75 -33.79 -28.91
N ASN H 121 -28.28 -32.68 -29.45
CA ASN H 121 -29.66 -32.28 -29.19
C ASN H 121 -30.64 -33.28 -29.79
N ASN H 122 -31.72 -33.58 -29.04
CA ASN H 122 -32.79 -34.51 -29.42
C ASN H 122 -32.31 -35.96 -29.58
N LYS H 123 -31.15 -36.31 -28.99
CA LYS H 123 -30.55 -37.62 -29.19
C LYS H 123 -30.41 -38.46 -27.91
N VAL H 124 -30.63 -37.83 -26.74
CA VAL H 124 -30.88 -38.56 -25.50
C VAL H 124 -32.27 -38.19 -24.99
N GLN H 125 -32.97 -39.17 -24.40
CA GLN H 125 -34.38 -39.03 -24.10
C GLN H 125 -34.75 -39.70 -22.78
N VAL H 126 -35.78 -39.15 -22.14
CA VAL H 126 -36.24 -39.57 -20.81
C VAL H 126 -37.65 -40.14 -20.95
N LYS H 127 -37.88 -41.27 -20.28
CA LYS H 127 -39.20 -41.90 -20.23
C LYS H 127 -39.86 -41.59 -18.88
N LEU H 128 -41.04 -40.95 -18.92
CA LEU H 128 -41.85 -40.63 -17.74
C LEU H 128 -43.22 -41.27 -17.92
N GLY H 129 -43.40 -42.47 -17.36
CA GLY H 129 -44.53 -43.32 -17.69
C GLY H 129 -44.54 -43.67 -19.18
N THR H 130 -45.69 -43.45 -19.84
CA THR H 130 -45.86 -43.66 -21.27
C THR H 130 -45.11 -42.61 -22.09
N SER H 131 -45.03 -41.38 -21.57
CA SER H 131 -44.48 -40.23 -22.28
C SER H 131 -42.95 -40.29 -22.42
N ILE H 132 -42.43 -39.78 -23.55
CA ILE H 132 -40.99 -39.75 -23.82
C ILE H 132 -40.59 -38.35 -24.28
N ILE H 133 -39.53 -37.79 -23.64
CA ILE H 133 -39.10 -36.41 -23.86
C ILE H 133 -37.65 -36.38 -24.36
N ASN H 134 -37.44 -35.69 -25.48
CA ASN H 134 -36.10 -35.49 -26.01
C ASN H 134 -35.46 -34.29 -25.30
N LEU H 135 -34.18 -34.43 -24.93
CA LEU H 135 -33.44 -33.36 -24.24
C LEU H 135 -32.68 -32.45 -25.22
N THR H 136 -32.62 -31.16 -24.85
CA THR H 136 -31.71 -30.20 -25.46
C THR H 136 -30.57 -29.94 -24.48
N LEU H 137 -29.31 -30.10 -24.95
CA LEU H 137 -28.14 -30.08 -24.08
C LEU H 137 -27.18 -28.96 -24.47
N ALA H 138 -26.92 -28.82 -25.78
CA ALA H 138 -26.14 -27.72 -26.33
C ALA H 138 -27.08 -26.55 -26.64
N PHE H 139 -26.91 -25.43 -25.91
CA PHE H 139 -27.66 -24.22 -26.20
C PHE H 139 -26.90 -23.38 -27.24
N SER H 140 -27.62 -22.49 -27.93
CA SER H 140 -27.04 -21.70 -29.01
C SER H 140 -27.73 -20.34 -29.14
N SER H 141 -26.95 -19.34 -29.61
CA SER H 141 -27.44 -18.01 -29.94
C SER H 141 -26.68 -17.44 -31.14
N ASN H 142 -27.28 -16.43 -31.81
CA ASN H 142 -26.72 -15.85 -33.02
C ASN H 142 -26.28 -14.40 -32.77
N SER H 143 -25.04 -14.08 -33.15
CA SER H 143 -24.57 -12.70 -33.28
C SER H 143 -23.74 -12.56 -34.55
N ALA H 144 -24.01 -11.52 -35.34
CA ALA H 144 -23.26 -11.18 -36.56
C ALA H 144 -23.08 -12.38 -37.51
N GLY H 145 -24.12 -13.21 -37.63
CA GLY H 145 -24.14 -14.33 -38.56
C GLY H 145 -23.36 -15.56 -38.12
N GLN H 146 -22.81 -15.52 -36.89
CA GLN H 146 -22.15 -16.67 -36.27
C GLN H 146 -23.08 -17.30 -35.24
N THR H 147 -23.09 -18.65 -35.17
CA THR H 147 -23.78 -19.36 -34.11
C THR H 147 -22.81 -19.69 -32.98
N TYR H 148 -23.05 -19.11 -31.81
CA TYR H 148 -22.32 -19.43 -30.59
C TYR H 148 -22.94 -20.68 -29.96
N VAL H 149 -22.10 -21.53 -29.32
CA VAL H 149 -22.55 -22.80 -28.75
C VAL H 149 -21.99 -22.94 -27.34
N TYR H 150 -22.81 -23.45 -26.40
CA TYR H 150 -22.35 -23.67 -25.03
C TYR H 150 -23.25 -24.67 -24.30
N TYR H 151 -22.75 -25.16 -23.16
CA TYR H 151 -23.51 -25.99 -22.23
C TYR H 151 -23.75 -25.17 -20.97
N SER H 152 -25.00 -25.14 -20.50
CA SER H 152 -25.39 -24.28 -19.40
C SER H 152 -24.79 -24.75 -18.06
N ASP H 153 -24.55 -26.06 -17.92
CA ASP H 153 -24.01 -26.64 -16.70
C ASP H 153 -23.16 -27.89 -16.99
N PRO H 154 -22.35 -28.37 -16.01
CA PRO H 154 -21.64 -29.64 -16.15
C PRO H 154 -22.52 -30.86 -16.37
N ASN H 155 -23.77 -30.86 -15.89
CA ASN H 155 -24.67 -32.00 -16.02
C ASN H 155 -25.06 -32.26 -17.48
N TYR H 156 -25.46 -31.21 -18.20
CA TYR H 156 -25.75 -31.31 -19.62
C TYR H 156 -24.50 -31.63 -20.43
N ALA H 157 -23.33 -31.11 -20.02
CA ALA H 157 -22.08 -31.46 -20.65
C ALA H 157 -21.76 -32.96 -20.49
N LEU H 158 -21.96 -33.52 -19.29
CA LEU H 158 -21.77 -34.94 -19.02
C LEU H 158 -22.66 -35.82 -19.89
N LEU H 159 -23.96 -35.48 -19.99
CA LEU H 159 -24.89 -36.24 -20.81
C LEU H 159 -24.50 -36.20 -22.29
N ALA H 160 -24.12 -35.01 -22.78
CA ALA H 160 -23.64 -34.82 -24.15
C ALA H 160 -22.36 -35.63 -24.43
N LEU H 161 -21.44 -35.67 -23.47
CA LEU H 161 -20.22 -36.45 -23.58
C LEU H 161 -20.55 -37.94 -23.58
N ASN H 162 -21.36 -38.40 -22.62
CA ASN H 162 -21.76 -39.79 -22.57
C ASN H 162 -22.25 -40.26 -23.95
N TYR H 163 -23.21 -39.53 -24.53
CA TYR H 163 -23.76 -39.85 -25.84
C TYR H 163 -22.68 -39.90 -26.91
N THR H 164 -21.86 -38.85 -26.99
CA THR H 164 -20.77 -38.73 -27.96
C THR H 164 -19.84 -39.94 -27.91
N LEU H 165 -19.40 -40.33 -26.70
CA LEU H 165 -18.50 -41.46 -26.51
C LEU H 165 -19.19 -42.79 -26.86
N GLY H 166 -20.45 -42.98 -26.42
CA GLY H 166 -21.23 -44.15 -26.80
C GLY H 166 -21.34 -44.32 -28.32
N GLN H 167 -21.53 -43.20 -29.02
CA GLN H 167 -21.62 -43.14 -30.48
C GLN H 167 -20.28 -43.46 -31.15
N GLU H 168 -19.17 -42.95 -30.59
CA GLU H 168 -17.82 -43.24 -31.09
C GLU H 168 -17.44 -44.71 -30.91
N VAL H 169 -17.86 -45.34 -29.80
CA VAL H 169 -17.70 -46.77 -29.58
C VAL H 169 -18.50 -47.57 -30.61
N LYS H 170 -19.76 -47.19 -30.83
CA LYS H 170 -20.65 -47.84 -31.79
C LYS H 170 -20.10 -47.74 -33.21
N GLY H 171 -19.49 -46.60 -33.56
CA GLY H 171 -18.84 -46.39 -34.85
C GLY H 171 -17.44 -46.99 -34.96
N GLY H 172 -16.94 -47.66 -33.91
CA GLY H 172 -15.65 -48.33 -33.91
C GLY H 172 -14.44 -47.39 -33.84
N GLN H 173 -14.67 -46.09 -33.62
CA GLN H 173 -13.63 -45.08 -33.55
C GLN H 173 -12.91 -45.10 -32.19
N LEU H 174 -13.57 -45.65 -31.16
CA LEU H 174 -13.07 -45.73 -29.79
C LEU H 174 -13.30 -47.14 -29.25
N THR H 175 -12.34 -47.70 -28.48
CA THR H 175 -12.42 -49.10 -28.06
C THR H 175 -13.46 -49.31 -26.96
N SER H 176 -13.43 -48.44 -25.93
CA SER H 176 -14.37 -48.40 -24.82
C SER H 176 -14.55 -46.96 -24.34
N SER H 177 -15.76 -46.64 -23.86
CA SER H 177 -15.99 -45.38 -23.16
C SER H 177 -15.56 -45.52 -21.70
N PRO H 178 -14.75 -44.57 -21.14
CA PRO H 178 -14.47 -44.58 -19.71
C PRO H 178 -15.63 -44.07 -18.85
N LEU H 179 -16.65 -43.48 -19.50
CA LEU H 179 -17.82 -42.91 -18.83
C LEU H 179 -19.07 -43.66 -19.29
N TYR H 180 -19.95 -44.00 -18.32
CA TYR H 180 -21.22 -44.63 -18.63
C TYR H 180 -22.30 -44.09 -17.70
N ILE H 181 -23.32 -43.41 -18.27
CA ILE H 181 -24.37 -42.77 -17.50
C ILE H 181 -25.72 -43.48 -17.72
N ILE H 182 -26.41 -43.79 -16.61
CA ILE H 182 -27.72 -44.45 -16.62
C ILE H 182 -28.64 -43.84 -15.57
N SER H 183 -29.96 -43.91 -15.79
CA SER H 183 -30.96 -43.52 -14.81
C SER H 183 -31.48 -44.73 -14.02
N ASN H 184 -31.49 -45.88 -14.71
CA ASN H 184 -31.95 -47.14 -14.19
C ASN H 184 -30.79 -47.86 -13.50
N THR H 185 -30.89 -48.09 -12.19
CA THR H 185 -29.86 -48.82 -11.46
C THR H 185 -29.98 -50.33 -11.60
N SER H 186 -31.16 -50.84 -12.00
CA SER H 186 -31.43 -52.28 -12.12
C SER H 186 -30.47 -52.98 -13.09
N ILE H 187 -30.00 -52.24 -14.11
CA ILE H 187 -29.13 -52.71 -15.18
C ILE H 187 -27.81 -53.25 -14.62
N VAL H 188 -27.32 -52.65 -13.53
CA VAL H 188 -25.98 -52.85 -12.98
C VAL H 188 -25.69 -54.32 -12.63
N ALA H 189 -26.70 -55.06 -12.16
CA ALA H 189 -26.57 -56.47 -11.81
C ALA H 189 -26.09 -57.32 -12.99
N SER H 190 -26.45 -56.93 -14.21
CA SER H 190 -26.13 -57.63 -15.45
C SER H 190 -24.79 -57.20 -16.06
N LYS H 191 -24.15 -56.17 -15.48
CA LYS H 191 -22.95 -55.53 -16.00
C LYS H 191 -21.90 -55.42 -14.89
N PRO H 192 -21.27 -56.54 -14.45
CA PRO H 192 -20.46 -56.55 -13.23
C PRO H 192 -19.22 -55.67 -13.24
N TRP H 193 -18.74 -55.26 -14.42
CA TRP H 193 -17.65 -54.30 -14.53
C TRP H 193 -18.01 -52.94 -13.93
N LEU H 194 -19.31 -52.60 -13.90
CA LEU H 194 -19.78 -51.36 -13.28
C LEU H 194 -19.75 -51.41 -11.74
N LYS H 195 -19.56 -52.58 -11.13
CA LYS H 195 -19.64 -52.74 -9.68
C LYS H 195 -18.46 -52.08 -8.96
N ASN H 196 -17.28 -52.03 -9.62
CA ASN H 196 -16.02 -51.76 -8.97
C ASN H 196 -15.43 -50.39 -9.32
N ASP H 197 -15.89 -49.75 -10.41
CA ASP H 197 -15.40 -48.43 -10.78
C ASP H 197 -16.14 -47.31 -10.01
N ASN H 198 -15.67 -46.06 -10.17
CA ASN H 198 -16.16 -44.94 -9.36
C ASN H 198 -17.54 -44.49 -9.82
N VAL H 199 -18.45 -44.20 -8.87
CA VAL H 199 -19.80 -43.77 -9.22
C VAL H 199 -20.22 -42.52 -8.43
N PHE H 200 -20.79 -41.55 -9.14
CA PHE H 200 -21.42 -40.37 -8.55
C PHE H 200 -22.77 -40.12 -9.22
N THR H 201 -23.61 -39.27 -8.62
CA THR H 201 -24.93 -38.99 -9.18
C THR H 201 -25.16 -37.49 -9.39
N PHE H 202 -26.07 -37.18 -10.31
CA PHE H 202 -26.52 -35.82 -10.54
C PHE H 202 -27.99 -35.84 -10.98
N ASN H 203 -28.68 -34.71 -10.79
CA ASN H 203 -30.10 -34.60 -11.05
C ASN H 203 -30.41 -33.48 -12.04
N ILE H 204 -31.27 -33.77 -13.03
CA ILE H 204 -31.81 -32.76 -13.93
C ILE H 204 -33.33 -32.72 -13.79
N SER H 205 -33.95 -31.58 -14.15
CA SER H 205 -35.40 -31.45 -14.16
C SER H 205 -35.95 -31.61 -15.58
N VAL H 206 -36.83 -32.60 -15.78
CA VAL H 206 -37.48 -32.85 -17.06
C VAL H 206 -38.97 -32.91 -16.81
N ASN H 207 -39.75 -32.11 -17.53
CA ASN H 207 -41.18 -32.07 -17.29
C ASN H 207 -41.42 -31.86 -15.78
N GLY H 208 -40.72 -30.85 -15.22
CA GLY H 208 -40.83 -30.46 -13.82
C GLY H 208 -40.51 -31.57 -12.80
N THR H 209 -40.03 -32.72 -13.29
CA THR H 209 -39.76 -33.90 -12.48
C THR H 209 -38.24 -34.08 -12.32
N GLU H 210 -37.78 -34.38 -11.09
CA GLU H 210 -36.39 -34.69 -10.85
C GLU H 210 -36.03 -36.07 -11.41
N VAL H 211 -35.03 -36.10 -12.30
CA VAL H 211 -34.47 -37.34 -12.84
C VAL H 211 -33.05 -37.47 -12.28
N GLU H 212 -32.75 -38.60 -11.63
CA GLU H 212 -31.41 -38.86 -11.13
C GLU H 212 -30.65 -39.76 -12.10
N TYR H 213 -29.42 -39.34 -12.42
CA TYR H 213 -28.50 -40.11 -13.23
C TYR H 213 -27.30 -40.53 -12.41
N TYR H 214 -26.83 -41.76 -12.67
CA TYR H 214 -25.67 -42.39 -12.07
C TYR H 214 -24.58 -42.45 -13.13
N ALA H 215 -23.43 -41.81 -12.84
CA ALA H 215 -22.30 -41.75 -13.76
C ALA H 215 -21.20 -42.68 -13.26
N TYR H 216 -20.86 -43.69 -14.07
CA TYR H 216 -19.83 -44.67 -13.78
C TYR H 216 -18.56 -44.28 -14.52
N VAL H 217 -17.46 -44.10 -13.79
CA VAL H 217 -16.20 -43.66 -14.38
C VAL H 217 -15.16 -44.76 -14.21
N ASN H 218 -14.43 -45.07 -15.30
CA ASN H 218 -13.43 -46.13 -15.30
C ASN H 218 -12.10 -45.66 -14.73
N LYS H 219 -11.53 -44.62 -15.34
CA LYS H 219 -10.23 -44.12 -14.99
C LYS H 219 -10.33 -42.61 -14.88
N THR H 220 -9.40 -42.00 -14.12
CA THR H 220 -9.34 -40.54 -14.01
C THR H 220 -9.10 -39.94 -15.40
N PHE H 221 -9.99 -39.05 -15.83
CA PHE H 221 -9.84 -38.36 -17.11
C PHE H 221 -10.39 -36.95 -17.05
N ALA H 222 -9.98 -36.12 -18.02
CA ALA H 222 -10.46 -34.76 -18.14
C ALA H 222 -11.09 -34.55 -19.52
N PHE H 223 -12.10 -33.66 -19.56
CA PHE H 223 -12.68 -33.21 -20.81
C PHE H 223 -12.97 -31.71 -20.75
N THR H 224 -13.09 -31.08 -21.93
CA THR H 224 -13.38 -29.66 -22.03
C THR H 224 -14.68 -29.43 -22.80
N TYR H 225 -15.36 -28.32 -22.48
CA TYR H 225 -16.60 -27.96 -23.15
C TYR H 225 -16.77 -26.43 -23.20
N PRO H 226 -17.48 -25.88 -24.21
CA PRO H 226 -17.67 -24.44 -24.29
C PRO H 226 -18.70 -23.90 -23.30
N VAL H 227 -18.40 -22.72 -22.73
CA VAL H 227 -19.23 -22.07 -21.72
C VAL H 227 -19.78 -20.73 -22.24
N SER H 228 -18.96 -19.92 -22.94
CA SER H 228 -19.43 -18.74 -23.66
C SER H 228 -18.41 -18.29 -24.71
N GLY H 229 -18.84 -17.43 -25.65
CA GLY H 229 -17.93 -16.77 -26.58
C GLY H 229 -17.25 -17.74 -27.56
N PHE H 230 -17.90 -18.87 -27.82
CA PHE H 230 -17.35 -19.92 -28.67
C PHE H 230 -18.19 -20.09 -29.95
N PRO H 231 -17.86 -19.40 -31.06
CA PRO H 231 -18.53 -19.60 -32.34
C PRO H 231 -17.90 -20.69 -33.22
N LEU H 232 -16.75 -21.24 -32.80
CA LEU H 232 -15.94 -22.12 -33.64
C LEU H 232 -16.30 -23.60 -33.42
N ALA H 233 -17.59 -23.93 -33.29
CA ALA H 233 -18.03 -25.31 -33.08
C ALA H 233 -17.52 -26.23 -34.18
N GLY H 234 -16.87 -27.34 -33.78
CA GLY H 234 -16.23 -28.27 -34.68
C GLY H 234 -14.69 -28.27 -34.64
N SER H 235 -14.06 -27.29 -33.95
CA SER H 235 -12.66 -26.95 -34.22
C SER H 235 -11.63 -27.33 -33.15
N ASP H 236 -12.03 -27.48 -31.87
CA ASP H 236 -11.13 -27.58 -30.72
C ASP H 236 -10.28 -26.32 -30.46
N ILE H 237 -10.59 -25.17 -31.10
CA ILE H 237 -9.83 -23.96 -30.86
C ILE H 237 -10.63 -23.01 -29.96
N ALA H 238 -10.04 -22.58 -28.84
CA ALA H 238 -10.64 -21.55 -28.01
C ALA H 238 -10.23 -20.17 -28.53
N PRO H 239 -11.12 -19.37 -29.14
CA PRO H 239 -10.75 -18.04 -29.61
C PRO H 239 -10.59 -17.07 -28.46
N ALA H 240 -9.89 -15.95 -28.70
CA ALA H 240 -9.76 -14.90 -27.70
C ALA H 240 -11.15 -14.36 -27.34
N GLY H 241 -11.42 -14.27 -26.02
CA GLY H 241 -12.72 -13.86 -25.51
C GLY H 241 -13.76 -14.99 -25.43
N SER H 242 -13.31 -16.26 -25.49
CA SER H 242 -14.15 -17.41 -25.17
C SER H 242 -13.92 -17.85 -23.72
N VAL H 243 -14.83 -18.70 -23.20
CA VAL H 243 -14.74 -19.28 -21.87
C VAL H 243 -14.98 -20.78 -22.00
N ILE H 244 -14.03 -21.59 -21.47
CA ILE H 244 -14.03 -23.04 -21.65
C ILE H 244 -14.12 -23.70 -20.29
N GLY H 245 -15.08 -24.62 -20.11
CA GLY H 245 -15.16 -25.42 -18.91
C GLY H 245 -14.20 -26.60 -19.00
N VAL H 246 -13.46 -26.86 -17.91
CA VAL H 246 -12.59 -28.02 -17.79
C VAL H 246 -13.13 -28.87 -16.64
N MET H 247 -13.41 -30.15 -16.90
CA MET H 247 -13.90 -31.03 -15.86
C MET H 247 -13.04 -32.28 -15.77
N ILE H 248 -12.60 -32.60 -14.54
CA ILE H 248 -11.81 -33.78 -14.24
C ILE H 248 -12.70 -34.73 -13.45
N LEU H 249 -12.89 -35.97 -13.96
CA LEU H 249 -13.62 -37.00 -13.25
C LEU H 249 -12.62 -38.01 -12.70
N PHE H 250 -12.75 -38.38 -11.42
CA PHE H 250 -11.82 -39.32 -10.80
C PHE H 250 -12.28 -40.76 -10.98
N GLY H 251 -11.35 -41.63 -11.35
CA GLY H 251 -11.59 -43.07 -11.40
C GLY H 251 -11.34 -43.76 -10.05
N PRO H 252 -11.50 -45.10 -9.94
CA PRO H 252 -11.39 -45.79 -8.67
C PRO H 252 -10.03 -45.71 -8.00
N GLY H 253 -8.95 -45.51 -8.79
CA GLY H 253 -7.61 -45.31 -8.27
C GLY H 253 -7.47 -44.05 -7.43
N GLU H 254 -7.73 -42.88 -8.05
CA GLU H 254 -7.55 -41.59 -7.40
C GLU H 254 -8.70 -41.23 -6.46
N ALA H 255 -9.87 -41.86 -6.62
CA ALA H 255 -11.06 -41.57 -5.83
C ALA H 255 -10.95 -42.03 -4.37
N THR H 256 -10.00 -42.92 -4.05
CA THR H 256 -10.05 -43.85 -2.93
C THR H 256 -10.22 -43.21 -1.55
N ASN H 257 -9.64 -42.01 -1.34
CA ASN H 257 -10.01 -41.15 -0.22
C ASN H 257 -9.81 -39.68 -0.56
N VAL H 258 -10.56 -38.82 0.15
CA VAL H 258 -10.71 -37.39 -0.13
C VAL H 258 -9.41 -36.63 0.08
N PHE H 259 -9.19 -35.54 -0.67
CA PHE H 259 -8.05 -34.65 -0.45
C PHE H 259 -8.27 -33.83 0.83
N GLN H 260 -7.36 -33.98 1.81
CA GLN H 260 -7.38 -33.21 3.04
C GLN H 260 -5.95 -32.90 3.49
N TYR H 261 -5.69 -31.63 3.84
CA TYR H 261 -4.39 -31.20 4.35
C TYR H 261 -3.30 -31.53 3.32
N GLU H 262 -3.59 -31.26 2.04
CA GLU H 262 -2.79 -31.70 0.91
C GLU H 262 -2.75 -30.62 -0.17
N THR H 263 -1.65 -30.59 -0.94
CA THR H 263 -1.60 -29.74 -2.13
C THR H 263 -1.94 -30.57 -3.36
N VAL H 264 -2.85 -30.04 -4.19
CA VAL H 264 -3.17 -30.60 -5.50
C VAL H 264 -2.73 -29.61 -6.57
N THR H 265 -2.11 -30.13 -7.66
CA THR H 265 -1.65 -29.33 -8.79
C THR H 265 -2.20 -29.89 -10.09
N ILE H 266 -2.72 -28.99 -10.95
CA ILE H 266 -3.18 -29.31 -12.30
C ILE H 266 -2.38 -28.43 -13.26
N GLN H 267 -1.95 -28.98 -14.39
CA GLN H 267 -1.31 -28.17 -15.41
C GLN H 267 -1.91 -28.47 -16.79
N ILE H 268 -2.25 -27.43 -17.53
CA ILE H 268 -2.71 -27.56 -18.91
C ILE H 268 -1.59 -27.06 -19.82
N THR H 269 -1.14 -27.91 -20.76
CA THR H 269 -0.04 -27.58 -21.65
C THR H 269 -0.48 -27.74 -23.11
N PRO H 270 -0.92 -26.65 -23.80
CA PRO H 270 -1.20 -26.71 -25.23
C PRO H 270 0.09 -26.77 -26.05
N ASN H 271 -0.05 -27.04 -27.36
CA ASN H 271 1.08 -27.30 -28.25
C ASN H 271 1.88 -26.04 -28.59
N ILE H 272 1.29 -24.86 -28.38
CA ILE H 272 1.92 -23.55 -28.59
C ILE H 272 1.63 -22.70 -27.35
N GLY H 273 2.61 -21.92 -26.90
CA GLY H 273 2.41 -20.98 -25.80
C GLY H 273 2.70 -21.60 -24.43
N SER H 274 2.63 -20.75 -23.40
CA SER H 274 2.97 -21.15 -22.04
C SER H 274 1.85 -21.96 -21.40
N PRO H 275 2.18 -22.97 -20.56
CA PRO H 275 1.16 -23.75 -19.85
C PRO H 275 0.56 -22.98 -18.68
N LEU H 276 -0.66 -23.37 -18.30
CA LEU H 276 -1.34 -22.83 -17.13
C LEU H 276 -1.16 -23.82 -15.97
N THR H 277 -0.57 -23.36 -14.87
CA THR H 277 -0.36 -24.17 -13.68
C THR H 277 -1.26 -23.71 -12.55
N ILE H 278 -2.05 -24.64 -12.01
CA ILE H 278 -3.07 -24.40 -10.99
C ILE H 278 -2.65 -25.20 -9.74
N SER H 279 -2.55 -24.54 -8.57
CA SER H 279 -2.21 -25.20 -7.30
C SER H 279 -3.09 -24.74 -6.14
N GLN H 280 -3.62 -25.70 -5.36
CA GLN H 280 -4.42 -25.42 -4.18
C GLN H 280 -3.98 -26.29 -3.01
N TYR H 281 -3.82 -25.67 -1.83
CA TYR H 281 -3.83 -26.45 -0.59
C TYR H 281 -5.27 -26.67 -0.16
N ILE H 282 -5.68 -27.94 -0.10
CA ILE H 282 -7.06 -28.30 0.15
C ILE H 282 -7.23 -28.63 1.64
N TYR H 283 -7.95 -27.76 2.34
CA TYR H 283 -8.54 -28.09 3.63
C TYR H 283 -9.73 -29.05 3.42
N GLN H 284 -10.24 -29.61 4.52
CA GLN H 284 -11.42 -30.48 4.52
C GLN H 284 -12.57 -29.92 3.66
N PRO H 285 -13.26 -30.75 2.84
CA PRO H 285 -14.41 -30.29 2.05
C PRO H 285 -15.65 -30.10 2.92
N ASP H 286 -16.41 -29.03 2.63
CA ASP H 286 -17.41 -28.49 3.55
C ASP H 286 -18.86 -28.70 3.07
N GLY H 287 -19.05 -29.22 1.85
CA GLY H 287 -20.36 -29.48 1.26
C GLY H 287 -20.27 -30.45 0.08
N LYS H 288 -21.43 -30.76 -0.54
CA LYS H 288 -21.53 -31.63 -1.71
C LYS H 288 -20.57 -31.18 -2.81
N VAL H 289 -20.52 -29.85 -3.03
CA VAL H 289 -19.46 -29.20 -3.77
C VAL H 289 -18.76 -28.24 -2.80
N THR H 290 -17.43 -28.12 -2.93
CA THR H 290 -16.64 -27.21 -2.13
C THR H 290 -15.78 -26.34 -3.04
N VAL H 291 -15.58 -25.07 -2.65
CA VAL H 291 -14.78 -24.13 -3.43
C VAL H 291 -13.35 -24.21 -2.90
N ILE H 292 -12.40 -24.67 -3.74
CA ILE H 292 -11.04 -24.92 -3.29
C ILE H 292 -10.04 -23.86 -3.78
N GLY H 293 -10.41 -23.10 -4.81
CA GLY H 293 -9.47 -22.15 -5.43
C GLY H 293 -10.16 -21.04 -6.20
N LEU I 1 50.92 -13.13 -65.48
CA LEU I 1 49.62 -12.52 -65.93
C LEU I 1 48.69 -12.25 -64.74
N ALA I 2 48.22 -13.30 -64.06
CA ALA I 2 47.21 -13.16 -63.01
C ALA I 2 47.78 -12.53 -61.73
N GLY I 3 49.11 -12.47 -61.60
CA GLY I 3 49.76 -11.93 -60.41
C GLY I 3 49.69 -10.41 -60.29
N LEU I 4 48.85 -9.75 -61.13
CA LEU I 4 48.76 -8.31 -61.19
C LEU I 4 47.30 -7.82 -61.11
N ASP I 5 46.42 -8.33 -61.99
CA ASP I 5 45.01 -7.93 -62.00
C ASP I 5 44.33 -8.23 -60.66
N THR I 6 44.64 -9.41 -60.08
CA THR I 6 44.18 -9.80 -58.75
C THR I 6 44.65 -8.83 -57.66
N ALA I 7 45.91 -8.37 -57.75
CA ALA I 7 46.49 -7.47 -56.76
C ALA I 7 45.79 -6.11 -56.74
N ILE I 8 45.42 -5.60 -57.93
CA ILE I 8 44.68 -4.35 -58.08
C ILE I 8 43.31 -4.46 -57.41
N ILE I 9 42.58 -5.55 -57.66
CA ILE I 9 41.25 -5.75 -57.08
C ILE I 9 41.35 -5.87 -55.56
N LEU I 10 42.39 -6.56 -55.05
CA LEU I 10 42.66 -6.64 -53.63
C LEU I 10 42.84 -5.25 -53.03
N ILE I 11 43.70 -4.40 -53.62
CA ILE I 11 43.89 -3.01 -53.18
C ILE I 11 42.55 -2.28 -53.06
N ALA I 12 41.72 -2.36 -54.11
CA ALA I 12 40.42 -1.69 -54.17
C ALA I 12 39.45 -2.20 -53.09
N PHE I 13 39.40 -3.53 -52.88
CA PHE I 13 38.51 -4.14 -51.91
C PHE I 13 38.93 -3.79 -50.47
N ILE I 14 40.25 -3.71 -50.21
CA ILE I 14 40.78 -3.27 -48.92
C ILE I 14 40.31 -1.84 -48.63
N ILE I 15 40.52 -0.92 -49.58
CA ILE I 15 40.12 0.48 -49.45
C ILE I 15 38.60 0.57 -49.21
N THR I 16 37.81 -0.22 -49.94
CA THR I 16 36.36 -0.28 -49.79
C THR I 16 35.95 -0.67 -48.36
N ALA I 17 36.57 -1.73 -47.81
CA ALA I 17 36.33 -2.18 -46.45
C ALA I 17 36.79 -1.14 -45.42
N ALA I 18 37.96 -0.52 -45.63
CA ALA I 18 38.50 0.53 -44.77
C ALA I 18 37.56 1.74 -44.69
N VAL I 19 36.92 2.10 -45.81
CA VAL I 19 35.92 3.16 -45.88
C VAL I 19 34.70 2.82 -45.02
N LEU I 20 34.17 1.59 -45.11
CA LEU I 20 33.09 1.17 -44.23
C LEU I 20 33.51 1.19 -42.77
N ALA I 21 34.72 0.68 -42.46
CA ALA I 21 35.28 0.69 -41.12
C ALA I 21 35.31 2.10 -40.54
N TYR I 22 35.84 3.06 -41.30
CA TYR I 22 35.94 4.47 -40.96
C TYR I 22 34.58 5.05 -40.58
N VAL I 23 33.56 4.82 -41.43
CA VAL I 23 32.21 5.33 -41.23
C VAL I 23 31.55 4.67 -40.03
N ALA I 24 31.60 3.34 -39.93
CA ALA I 24 30.95 2.57 -38.87
C ALA I 24 31.46 2.97 -37.48
N VAL I 25 32.78 3.12 -37.32
CA VAL I 25 33.37 3.49 -36.03
C VAL I 25 32.96 4.92 -35.64
N ASN I 26 33.10 5.87 -36.57
CA ASN I 26 32.70 7.26 -36.36
C ASN I 26 31.23 7.36 -35.92
N MET I 27 30.36 6.65 -36.65
CA MET I 27 28.94 6.72 -36.39
C MET I 27 28.54 6.01 -35.09
N GLY I 28 29.25 4.92 -34.73
CA GLY I 28 29.12 4.28 -33.43
C GLY I 28 29.50 5.21 -32.27
N LEU I 29 30.64 5.90 -32.39
CA LEU I 29 31.05 6.90 -31.42
C LEU I 29 29.99 8.00 -31.26
N PHE I 30 29.46 8.49 -32.39
CA PHE I 30 28.41 9.49 -32.40
C PHE I 30 27.15 9.00 -31.66
N VAL I 31 26.55 7.89 -32.12
CA VAL I 31 25.28 7.40 -31.60
C VAL I 31 25.37 7.02 -30.13
N THR I 32 26.46 6.39 -29.71
CA THR I 32 26.64 6.01 -28.31
C THR I 32 26.72 7.23 -27.40
N GLN I 33 27.27 8.35 -27.88
CA GLN I 33 27.28 9.59 -27.12
C GLN I 33 25.87 10.22 -27.04
N LYS I 34 25.08 10.14 -28.11
CA LYS I 34 23.67 10.53 -28.10
C LYS I 34 22.89 9.72 -27.05
N ALA I 35 23.16 8.41 -26.98
CA ALA I 35 22.60 7.52 -25.97
C ALA I 35 23.01 7.96 -24.55
N LYS I 36 24.30 8.24 -24.30
CA LYS I 36 24.79 8.74 -23.03
C LYS I 36 24.02 9.99 -22.59
N THR I 37 23.92 10.98 -23.49
CA THR I 37 23.22 12.23 -23.26
C THR I 37 21.76 11.98 -22.91
N THR I 38 21.09 11.10 -23.68
CA THR I 38 19.69 10.73 -23.47
C THR I 38 19.48 10.11 -22.09
N ILE I 39 20.34 9.17 -21.68
CA ILE I 39 20.26 8.51 -20.38
C ILE I 39 20.34 9.54 -19.25
N ASN I 40 21.26 10.50 -19.37
CA ASN I 40 21.39 11.60 -18.42
C ASN I 40 20.09 12.44 -18.35
N LYS I 41 19.56 12.84 -19.51
CA LYS I 41 18.32 13.63 -19.59
C LYS I 41 17.11 12.86 -19.04
N GLY I 42 17.08 11.54 -19.21
CA GLY I 42 16.05 10.69 -18.63
C GLY I 42 16.08 10.69 -17.10
N GLU I 43 17.28 10.58 -16.52
CA GLU I 43 17.46 10.62 -15.08
C GLU I 43 17.13 12.01 -14.51
N GLU I 44 17.55 13.08 -15.18
CA GLU I 44 17.18 14.45 -14.83
C GLU I 44 15.66 14.63 -14.85
N THR I 45 14.98 14.09 -15.87
CA THR I 45 13.53 14.16 -16.03
C THR I 45 12.80 13.42 -14.90
N ALA I 46 13.29 12.24 -14.51
CA ALA I 46 12.67 11.45 -13.44
C ALA I 46 12.90 12.06 -12.06
N SER I 47 14.07 12.69 -11.84
CA SER I 47 14.45 13.24 -10.55
C SER I 47 13.86 14.62 -10.27
N THR I 48 13.93 15.54 -11.25
CA THR I 48 13.56 16.94 -11.04
C THR I 48 12.03 17.13 -10.90
N ALA I 49 11.61 17.75 -9.79
CA ALA I 49 10.21 18.06 -9.51
C ALA I 49 10.10 19.12 -8.42
N LEU I 50 8.95 19.83 -8.39
CA LEU I 50 8.62 20.78 -7.33
C LEU I 50 7.49 20.23 -6.48
N SER I 51 7.60 20.41 -5.15
CA SER I 51 6.51 20.17 -4.21
C SER I 51 5.94 21.50 -3.72
N LEU I 52 4.62 21.55 -3.55
CA LEU I 52 4.00 22.59 -2.75
C LEU I 52 4.42 22.40 -1.29
N SER I 53 5.09 23.42 -0.71
CA SER I 53 5.72 23.29 0.60
C SER I 53 5.27 24.37 1.60
N GLY I 54 4.04 24.85 1.40
CA GLY I 54 3.35 25.71 2.36
C GLY I 54 1.86 25.75 2.03
N ASN I 55 1.08 26.47 2.84
CA ASN I 55 -0.32 26.69 2.51
C ASN I 55 -0.45 27.69 1.35
N VAL I 56 -1.59 27.65 0.64
CA VAL I 56 -1.92 28.61 -0.40
C VAL I 56 -2.78 29.71 0.22
N LEU I 57 -2.32 30.95 0.11
CA LEU I 57 -2.97 32.13 0.66
C LEU I 57 -3.63 32.93 -0.45
N TYR I 58 -4.80 33.49 -0.16
CA TYR I 58 -5.60 34.25 -1.13
C TYR I 58 -6.05 35.56 -0.49
N ALA I 59 -6.00 36.68 -1.24
CA ALA I 59 -6.30 38.01 -0.70
C ALA I 59 -7.36 38.72 -1.53
N VAL I 60 -8.31 39.38 -0.86
CA VAL I 60 -9.48 40.02 -1.47
C VAL I 60 -9.80 41.33 -0.73
N ASN I 61 -10.68 42.16 -1.31
CA ASN I 61 -11.14 43.40 -0.68
C ASN I 61 -12.18 43.15 0.43
N TYR I 62 -11.79 42.31 1.39
CA TYR I 62 -12.61 41.92 2.52
C TYR I 62 -12.97 43.13 3.38
N PRO I 63 -14.20 43.22 3.98
CA PRO I 63 -15.26 42.22 3.84
C PRO I 63 -16.14 42.31 2.59
N THR I 64 -15.96 43.36 1.79
CA THR I 64 -16.85 43.68 0.68
C THR I 64 -16.85 42.60 -0.41
N ASN I 65 -15.72 41.90 -0.61
CA ASN I 65 -15.58 40.72 -1.47
C ASN I 65 -15.99 40.95 -2.93
N THR I 66 -15.90 42.19 -3.42
CA THR I 66 -16.19 42.47 -4.82
C THR I 66 -14.96 42.32 -5.72
N LYS I 67 -13.75 42.21 -5.15
CA LYS I 67 -12.52 42.27 -5.94
C LYS I 67 -11.39 41.41 -5.37
N SER I 68 -10.55 40.89 -6.26
CA SER I 68 -9.51 39.90 -5.97
C SER I 68 -8.12 40.51 -6.16
N TYR I 69 -7.18 40.28 -5.20
CA TYR I 69 -5.92 41.00 -5.16
C TYR I 69 -4.72 40.14 -5.55
N TRP I 70 -4.45 39.08 -4.78
CA TRP I 70 -3.30 38.21 -5.02
C TRP I 70 -3.48 36.82 -4.43
N MET I 71 -2.65 35.89 -4.91
CA MET I 71 -2.44 34.58 -4.28
C MET I 71 -0.95 34.41 -4.01
N TYR I 72 -0.63 33.75 -2.88
CA TYR I 72 0.75 33.47 -2.51
C TYR I 72 0.84 31.98 -2.12
N PHE I 73 1.92 31.31 -2.53
CA PHE I 73 2.24 29.97 -2.05
C PHE I 73 3.74 29.76 -2.12
N THR I 74 4.22 28.63 -1.57
CA THR I 74 5.64 28.37 -1.46
C THR I 74 5.95 27.01 -2.07
N VAL I 75 7.09 26.90 -2.79
CA VAL I 75 7.50 25.65 -3.43
C VAL I 75 8.95 25.33 -3.11
N SER I 76 9.31 24.04 -3.20
CA SER I 76 10.67 23.57 -3.03
C SER I 76 10.89 22.31 -3.85
N PRO I 77 12.12 22.02 -4.34
CA PRO I 77 12.39 20.75 -5.02
C PRO I 77 12.04 19.52 -4.17
N SER I 78 11.38 18.55 -4.81
CA SER I 78 10.81 17.37 -4.14
C SER I 78 11.89 16.48 -3.54
N SER I 79 11.72 16.12 -2.25
CA SER I 79 12.52 15.12 -1.55
C SER I 79 14.02 15.43 -1.56
N GLY I 80 14.40 16.68 -1.90
CA GLY I 80 15.79 17.14 -1.89
C GLY I 80 16.70 16.46 -2.92
N VAL I 81 16.15 15.95 -4.02
CA VAL I 81 16.91 15.07 -4.90
C VAL I 81 17.80 15.83 -5.90
N SER I 82 17.29 16.93 -6.48
CA SER I 82 18.01 17.72 -7.49
C SER I 82 17.44 19.13 -7.64
N SER I 83 18.18 20.03 -8.29
CA SER I 83 17.82 21.43 -8.48
C SER I 83 16.80 21.64 -9.60
N VAL I 84 16.09 22.78 -9.58
CA VAL I 84 15.09 23.13 -10.60
C VAL I 84 15.40 24.52 -11.18
N ASP I 85 15.47 24.61 -12.52
CA ASP I 85 15.59 25.88 -13.23
C ASP I 85 14.24 26.60 -13.20
N LEU I 86 14.20 27.82 -12.64
CA LEU I 86 12.97 28.61 -12.55
C LEU I 86 13.06 29.91 -13.36
N SER I 87 13.93 29.99 -14.37
CA SER I 87 14.02 31.22 -15.14
C SER I 87 12.70 31.50 -15.89
N PRO I 88 12.14 32.73 -15.82
CA PRO I 88 10.85 33.02 -16.43
C PRO I 88 10.82 33.03 -17.96
N SER I 89 11.99 33.01 -18.62
CA SER I 89 12.01 32.84 -20.07
C SER I 89 11.74 31.39 -20.49
N THR I 90 12.07 30.42 -19.62
CA THR I 90 11.97 29.00 -19.92
C THR I 90 10.75 28.36 -19.26
N THR I 91 10.47 28.73 -18.01
CA THR I 91 9.38 28.18 -17.20
C THR I 91 8.05 28.85 -17.57
N ALA I 92 6.94 28.09 -17.51
CA ALA I 92 5.61 28.70 -17.57
C ALA I 92 4.88 28.51 -16.24
N ILE I 93 4.04 29.49 -15.87
CA ILE I 93 3.04 29.29 -14.84
C ILE I 93 1.68 29.58 -15.46
N SER I 94 0.80 28.57 -15.51
CA SER I 94 -0.55 28.75 -16.02
C SER I 94 -1.54 28.92 -14.89
N PHE I 95 -2.66 29.60 -15.17
CA PHE I 95 -3.71 29.83 -14.19
C PHE I 95 -5.08 29.63 -14.87
N THR I 96 -5.92 28.75 -14.30
CA THR I 96 -7.25 28.52 -14.85
C THR I 96 -8.31 28.52 -13.75
N ALA I 97 -9.46 29.13 -14.07
CA ALA I 97 -10.67 29.05 -13.25
C ALA I 97 -11.80 28.61 -14.18
N ALA I 98 -11.93 27.29 -14.32
CA ALA I 98 -12.68 26.63 -15.39
C ALA I 98 -14.15 27.08 -15.40
N SER I 99 -14.76 27.18 -14.20
CA SER I 99 -16.17 27.53 -14.02
C SER I 99 -16.55 28.84 -14.71
N ARG I 100 -15.63 29.83 -14.69
CA ARG I 100 -15.85 31.15 -15.27
C ARG I 100 -15.12 31.34 -16.60
N GLY I 101 -14.48 30.27 -17.12
CA GLY I 101 -13.86 30.29 -18.44
C GLY I 101 -12.56 31.09 -18.51
N VAL I 102 -11.96 31.41 -17.36
CA VAL I 102 -10.65 32.05 -17.33
C VAL I 102 -9.58 30.98 -17.54
N SER I 103 -8.71 31.20 -18.53
CA SER I 103 -7.61 30.29 -18.81
C SER I 103 -6.42 31.07 -19.35
N LEU I 104 -5.37 31.16 -18.53
CA LEU I 104 -4.15 31.86 -18.88
C LEU I 104 -3.04 30.82 -19.04
N SER I 105 -2.41 30.79 -20.21
CA SER I 105 -1.42 29.76 -20.52
C SER I 105 -0.06 30.05 -19.87
N ASN I 106 0.31 31.33 -19.75
CA ASN I 106 1.56 31.68 -19.08
C ASN I 106 1.53 33.10 -18.51
N ILE I 107 1.61 33.20 -17.16
CA ILE I 107 1.61 34.47 -16.45
C ILE I 107 2.95 34.79 -15.79
N TYR I 108 3.93 33.88 -15.88
CA TYR I 108 5.21 34.06 -15.20
C TYR I 108 6.08 35.07 -15.96
N GLN I 109 6.59 36.09 -15.25
CA GLN I 109 7.30 37.19 -15.92
C GLN I 109 8.64 37.53 -15.27
N PHE I 110 8.73 37.48 -13.94
CA PHE I 110 9.87 38.03 -13.21
C PHE I 110 10.33 37.12 -12.09
N SER I 111 11.62 37.19 -11.75
CA SER I 111 12.12 36.50 -10.59
C SER I 111 13.16 37.35 -9.84
N LEU I 112 13.04 37.39 -8.51
CA LEU I 112 14.06 38.01 -7.68
C LEU I 112 15.23 37.08 -7.39
N LEU I 113 15.16 35.80 -7.83
CA LEU I 113 16.31 34.89 -7.74
C LEU I 113 17.50 35.43 -8.54
N SER I 114 17.22 36.21 -9.59
CA SER I 114 18.19 36.88 -10.47
C SER I 114 18.95 38.02 -9.77
N VAL I 115 18.45 38.50 -8.62
CA VAL I 115 18.81 39.81 -8.09
C VAL I 115 19.72 39.68 -6.86
N LEU I 116 20.87 40.38 -6.89
CA LEU I 116 21.77 40.45 -5.75
C LEU I 116 21.28 41.49 -4.74
N PRO I 117 21.45 41.28 -3.41
CA PRO I 117 21.00 42.24 -2.40
C PRO I 117 21.41 43.69 -2.63
N SER I 118 22.64 43.92 -3.13
CA SER I 118 23.18 45.25 -3.40
C SER I 118 22.38 46.02 -4.46
N GLN I 119 21.54 45.32 -5.24
CA GLN I 119 20.73 45.94 -6.28
C GLN I 119 19.41 46.51 -5.72
N VAL I 120 19.03 46.13 -4.49
CA VAL I 120 17.73 46.51 -3.91
C VAL I 120 17.86 47.19 -2.55
N ASN I 121 18.81 46.75 -1.72
CA ASN I 121 19.02 47.34 -0.39
C ASN I 121 19.54 48.77 -0.53
N ASN I 122 19.02 49.67 0.33
CA ASN I 122 19.37 51.09 0.39
C ASN I 122 18.98 51.86 -0.87
N LYS I 123 18.05 51.32 -1.68
CA LYS I 123 17.71 51.92 -2.97
C LYS I 123 16.25 52.39 -3.10
N VAL I 124 15.40 52.00 -2.13
CA VAL I 124 14.10 52.63 -1.93
C VAL I 124 14.08 53.25 -0.53
N GLN I 125 13.42 54.41 -0.40
CA GLN I 125 13.54 55.22 0.80
C GLN I 125 12.20 55.89 1.16
N VAL I 126 12.02 56.13 2.46
CA VAL I 126 10.79 56.67 3.02
C VAL I 126 11.08 58.04 3.63
N LYS I 127 10.20 59.01 3.37
CA LYS I 127 10.30 60.34 3.94
C LYS I 127 9.30 60.48 5.09
N LEU I 128 9.83 60.78 6.30
CA LEU I 128 9.01 61.00 7.49
C LEU I 128 9.33 62.40 8.03
N GLY I 129 8.51 63.39 7.64
CA GLY I 129 8.85 64.79 7.81
C GLY I 129 10.13 65.14 7.05
N THR I 130 11.09 65.77 7.75
CA THR I 130 12.39 66.13 7.21
C THR I 130 13.27 64.89 7.01
N SER I 131 13.12 63.88 7.87
CA SER I 131 13.97 62.70 7.92
C SER I 131 13.71 61.75 6.74
N ILE I 132 14.78 61.08 6.26
CA ILE I 132 14.69 60.12 5.15
C ILE I 132 15.41 58.82 5.54
N ILE I 133 14.73 57.68 5.36
CA ILE I 133 15.21 56.38 5.81
C ILE I 133 15.33 55.43 4.61
N ASN I 134 16.51 54.82 4.46
CA ASN I 134 16.73 53.81 3.43
C ASN I 134 16.26 52.47 3.96
N LEU I 135 15.57 51.69 3.10
CA LEU I 135 15.06 50.37 3.47
C LEU I 135 16.04 49.24 3.12
N THR I 136 16.05 48.21 3.98
CA THR I 136 16.66 46.92 3.70
C THR I 136 15.55 45.92 3.40
N LEU I 137 15.63 45.24 2.25
CA LEU I 137 14.54 44.40 1.75
C LEU I 137 15.00 42.94 1.60
N ALA I 138 16.18 42.75 1.00
CA ALA I 138 16.81 41.44 0.91
C ALA I 138 17.66 41.20 2.17
N PHE I 139 17.27 40.22 2.98
CA PHE I 139 18.06 39.81 4.13
C PHE I 139 19.08 38.75 3.70
N SER I 140 20.15 38.60 4.49
CA SER I 140 21.23 37.68 4.15
C SER I 140 21.92 37.12 5.39
N SER I 141 22.46 35.89 5.28
CA SER I 141 23.25 35.23 6.30
C SER I 141 24.33 34.36 5.67
N ASN I 142 25.39 34.06 6.43
CA ASN I 142 26.54 33.32 5.93
C ASN I 142 26.63 31.93 6.58
N SER I 143 26.76 30.89 5.76
CA SER I 143 27.15 29.55 6.19
C SER I 143 28.17 28.96 5.22
N ALA I 144 29.27 28.40 5.75
CA ALA I 144 30.31 27.73 4.96
C ALA I 144 30.80 28.56 3.77
N GLY I 145 30.93 29.88 3.96
CA GLY I 145 31.49 30.78 2.96
C GLY I 145 30.52 31.16 1.83
N GLN I 146 29.27 30.70 1.91
CA GLN I 146 28.20 31.09 0.99
C GLN I 146 27.29 32.12 1.66
N THR I 147 26.85 33.13 0.88
CA THR I 147 25.84 34.07 1.34
C THR I 147 24.45 33.60 0.87
N TYR I 148 23.59 33.26 1.83
CA TYR I 148 22.19 32.95 1.58
C TYR I 148 21.40 34.26 1.50
N VAL I 149 20.37 34.31 0.64
CA VAL I 149 19.59 35.52 0.41
C VAL I 149 18.10 35.17 0.46
N TYR I 150 17.29 36.04 1.08
CA TYR I 150 15.85 35.83 1.13
C TYR I 150 15.10 37.13 1.45
N TYR I 151 13.77 37.11 1.21
CA TYR I 151 12.87 38.17 1.60
C TYR I 151 11.98 37.64 2.74
N SER I 152 11.87 38.43 3.81
CA SER I 152 11.19 37.97 5.02
C SER I 152 9.68 37.86 4.82
N ASP I 153 9.12 38.69 3.91
CA ASP I 153 7.68 38.68 3.63
C ASP I 153 7.39 39.08 2.18
N PRO I 154 6.15 38.85 1.68
CA PRO I 154 5.74 39.33 0.36
C PRO I 154 5.81 40.84 0.17
N ASN I 155 5.66 41.63 1.24
CA ASN I 155 5.68 43.09 1.14
C ASN I 155 7.06 43.62 0.72
N TYR I 156 8.12 43.14 1.36
CA TYR I 156 9.47 43.50 0.98
C TYR I 156 9.83 42.95 -0.40
N ALA I 157 9.31 41.77 -0.76
CA ALA I 157 9.49 41.23 -2.10
C ALA I 157 8.83 42.13 -3.16
N LEU I 158 7.61 42.62 -2.90
CA LEU I 158 6.90 43.54 -3.80
C LEU I 158 7.68 44.83 -4.01
N LEU I 159 8.17 45.45 -2.92
CA LEU I 159 8.96 46.68 -3.03
C LEU I 159 10.24 46.47 -3.82
N ALA I 160 10.95 45.35 -3.57
CA ALA I 160 12.15 44.98 -4.31
C ALA I 160 11.87 44.75 -5.80
N LEU I 161 10.73 44.11 -6.12
CA LEU I 161 10.31 43.90 -7.50
C LEU I 161 9.96 45.23 -8.16
N ASN I 162 9.15 46.05 -7.49
CA ASN I 162 8.80 47.36 -8.03
C ASN I 162 10.06 48.11 -8.47
N TYR I 163 11.05 48.23 -7.57
CA TYR I 163 12.30 48.92 -7.86
C TYR I 163 13.02 48.29 -9.06
N THR I 164 13.20 46.97 -9.04
CA THR I 164 13.86 46.22 -10.11
C THR I 164 13.23 46.49 -11.47
N LEU I 165 11.89 46.43 -11.55
CA LEU I 165 11.18 46.68 -12.81
C LEU I 165 11.28 48.14 -13.23
N GLY I 166 11.14 49.09 -12.30
CA GLY I 166 11.35 50.50 -12.59
C GLY I 166 12.74 50.78 -13.18
N GLN I 167 13.75 50.11 -12.63
CA GLN I 167 15.13 50.21 -13.08
C GLN I 167 15.33 49.60 -14.47
N GLU I 168 14.69 48.45 -14.75
CA GLU I 168 14.74 47.81 -16.06
C GLU I 168 14.06 48.65 -17.15
N VAL I 169 12.96 49.34 -16.81
CA VAL I 169 12.30 50.29 -17.71
C VAL I 169 13.22 51.47 -18.00
N LYS I 170 13.84 52.03 -16.95
CA LYS I 170 14.77 53.15 -17.06
C LYS I 170 15.98 52.80 -17.94
N GLY I 171 16.48 51.56 -17.82
CA GLY I 171 17.57 51.04 -18.63
C GLY I 171 17.15 50.58 -20.03
N GLY I 172 15.86 50.68 -20.37
CA GLY I 172 15.36 50.33 -21.70
C GLY I 172 15.27 48.82 -21.97
N GLN I 173 15.49 48.00 -20.94
CA GLN I 173 15.45 46.55 -21.05
C GLN I 173 14.01 46.01 -21.06
N LEU I 174 13.06 46.80 -20.55
CA LEU I 174 11.65 46.45 -20.43
C LEU I 174 10.81 47.63 -20.92
N THR I 175 9.70 47.38 -21.65
CA THR I 175 8.93 48.44 -22.27
C THR I 175 8.11 49.23 -21.25
N SER I 176 7.40 48.50 -20.37
CA SER I 176 6.61 49.03 -19.25
C SER I 176 6.62 48.06 -18.09
N SER I 177 6.56 48.58 -16.86
CA SER I 177 6.33 47.76 -15.69
C SER I 177 4.83 47.48 -15.53
N PRO I 178 4.39 46.22 -15.33
CA PRO I 178 2.99 45.95 -15.00
C PRO I 178 2.63 46.29 -13.55
N LEU I 179 3.64 46.55 -12.71
CA LEU I 179 3.47 46.88 -11.30
C LEU I 179 3.99 48.30 -11.02
N TYR I 180 3.22 49.07 -10.25
CA TYR I 180 3.63 50.39 -9.84
C TYR I 180 3.20 50.66 -8.40
N ILE I 181 4.17 50.86 -7.49
CA ILE I 181 3.89 51.03 -6.06
C ILE I 181 4.22 52.46 -5.62
N ILE I 182 3.28 53.09 -4.91
CA ILE I 182 3.41 54.45 -4.39
C ILE I 182 2.84 54.55 -2.96
N SER I 183 3.35 55.48 -2.15
CA SER I 183 2.79 55.80 -0.85
C SER I 183 1.85 57.00 -0.92
N ASN I 184 2.16 57.91 -1.85
CA ASN I 184 1.43 59.14 -2.08
C ASN I 184 0.31 58.86 -3.08
N THR I 185 -0.95 59.03 -2.65
CA THR I 185 -2.08 58.85 -3.55
C THR I 185 -2.36 60.08 -4.43
N SER I 186 -1.84 61.25 -4.05
CA SER I 186 -2.08 62.51 -4.76
C SER I 186 -1.62 62.45 -6.22
N ILE I 187 -0.58 61.64 -6.48
CA ILE I 187 0.06 61.47 -7.78
C ILE I 187 -0.93 60.98 -8.85
N VAL I 188 -1.90 60.15 -8.43
CA VAL I 188 -2.79 59.38 -9.28
C VAL I 188 -3.59 60.27 -10.24
N ALA I 189 -4.00 61.47 -9.78
CA ALA I 189 -4.76 62.40 -10.60
C ALA I 189 -4.03 62.79 -11.89
N SER I 190 -2.69 62.82 -11.85
CA SER I 190 -1.83 63.20 -12.97
C SER I 190 -1.47 62.02 -13.89
N LYS I 191 -1.87 60.79 -13.50
CA LYS I 191 -1.50 59.54 -14.16
C LYS I 191 -2.76 58.69 -14.43
N PRO I 192 -3.64 59.10 -15.38
CA PRO I 192 -4.97 58.51 -15.51
C PRO I 192 -5.01 57.03 -15.86
N TRP I 193 -3.92 56.47 -16.41
CA TRP I 193 -3.80 55.04 -16.64
C TRP I 193 -3.88 54.23 -15.35
N LEU I 194 -3.50 54.83 -14.21
CA LEU I 194 -3.61 54.18 -12.90
C LEU I 194 -5.05 54.11 -12.37
N LYS I 195 -6.00 54.83 -12.98
CA LYS I 195 -7.36 54.92 -12.48
C LYS I 195 -8.13 53.60 -12.65
N ASN I 196 -7.79 52.82 -13.70
CA ASN I 196 -8.63 51.75 -14.19
C ASN I 196 -8.07 50.35 -13.91
N ASP I 197 -6.77 50.24 -13.62
CA ASP I 197 -6.15 48.95 -13.31
C ASP I 197 -6.36 48.56 -11.83
N ASN I 198 -5.97 47.32 -11.47
CA ASN I 198 -6.29 46.77 -10.17
C ASN I 198 -5.40 47.37 -9.08
N VAL I 199 -5.96 47.70 -7.90
CA VAL I 199 -5.19 48.28 -6.82
C VAL I 199 -5.47 47.59 -5.48
N PHE I 200 -4.38 47.28 -4.75
CA PHE I 200 -4.44 46.78 -3.38
C PHE I 200 -3.40 47.53 -2.53
N THR I 201 -3.52 47.41 -1.20
CA THR I 201 -2.59 48.10 -0.31
C THR I 201 -1.92 47.15 0.67
N PHE I 202 -0.75 47.57 1.16
CA PHE I 202 -0.04 46.86 2.21
C PHE I 202 0.72 47.88 3.07
N ASN I 203 1.04 47.48 4.31
CA ASN I 203 1.67 48.36 5.28
C ASN I 203 2.98 47.78 5.80
N ILE I 204 4.03 48.61 5.88
CA ILE I 204 5.28 48.27 6.52
C ILE I 204 5.53 49.24 7.69
N SER I 205 6.34 48.81 8.67
CA SER I 205 6.74 49.68 9.77
C SER I 205 8.15 50.23 9.53
N VAL I 206 8.26 51.57 9.50
CA VAL I 206 9.55 52.25 9.32
C VAL I 206 9.65 53.28 10.45
N ASN I 207 10.74 53.23 11.21
CA ASN I 207 10.88 54.14 12.33
C ASN I 207 9.61 54.05 13.18
N GLY I 208 9.21 52.81 13.50
CA GLY I 208 8.05 52.50 14.33
C GLY I 208 6.71 53.06 13.82
N THR I 209 6.71 53.65 12.61
CA THR I 209 5.55 54.30 12.02
C THR I 209 4.98 53.42 10.90
N GLU I 210 3.66 53.27 10.85
CA GLU I 210 3.00 52.57 9.76
C GLU I 210 3.03 53.40 8.48
N VAL I 211 3.60 52.81 7.42
CA VAL I 211 3.61 53.39 6.08
C VAL I 211 2.71 52.51 5.20
N GLU I 212 1.71 53.12 4.55
CA GLU I 212 0.84 52.40 3.63
C GLU I 212 1.29 52.64 2.20
N TYR I 213 1.40 51.53 1.45
CA TYR I 213 1.72 51.53 0.04
C TYR I 213 0.53 51.00 -0.76
N TYR I 214 0.31 51.63 -1.92
CA TYR I 214 -0.71 51.30 -2.89
C TYR I 214 -0.02 50.68 -4.10
N ALA I 215 -0.39 49.43 -4.42
CA ALA I 215 0.21 48.68 -5.52
C ALA I 215 -0.79 48.63 -6.68
N TYR I 216 -0.40 49.20 -7.83
CA TYR I 216 -1.21 49.24 -9.04
C TYR I 216 -0.73 48.15 -9.99
N VAL I 217 -1.62 47.24 -10.38
CA VAL I 217 -1.25 46.11 -11.22
C VAL I 217 -1.98 46.23 -12.57
N ASN I 218 -1.24 46.05 -13.68
CA ASN I 218 -1.78 46.18 -15.02
C ASN I 218 -2.51 44.91 -15.47
N LYS I 219 -1.78 43.80 -15.47
CA LYS I 219 -2.28 42.54 -15.98
C LYS I 219 -1.93 41.47 -14.94
N THR I 220 -2.69 40.36 -14.95
CA THR I 220 -2.38 39.23 -14.08
C THR I 220 -0.99 38.70 -14.42
N PHE I 221 -0.11 38.63 -13.40
CA PHE I 221 1.23 38.10 -13.59
C PHE I 221 1.71 37.40 -12.32
N ALA I 222 2.75 36.57 -12.48
CA ALA I 222 3.37 35.87 -11.38
C ALA I 222 4.86 36.21 -11.30
N PHE I 223 5.39 36.22 -10.08
CA PHE I 223 6.83 36.33 -9.87
C PHE I 223 7.27 35.40 -8.75
N THR I 224 8.58 35.08 -8.72
CA THR I 224 9.15 34.21 -7.70
C THR I 224 10.24 34.94 -6.93
N TYR I 225 10.43 34.55 -5.65
CA TYR I 225 11.46 35.13 -4.81
C TYR I 225 11.99 34.10 -3.81
N PRO I 226 13.25 34.23 -3.33
CA PRO I 226 13.79 33.27 -2.37
C PRO I 226 13.28 33.48 -0.95
N VAL I 227 13.01 32.37 -0.24
CA VAL I 227 12.48 32.38 1.11
C VAL I 227 13.47 31.77 2.12
N SER I 228 14.14 30.67 1.75
CA SER I 228 15.26 30.14 2.52
C SER I 228 16.11 29.18 1.68
N GLY I 229 17.33 28.88 2.15
CA GLY I 229 18.17 27.84 1.56
C GLY I 229 18.63 28.16 0.13
N PHE I 230 18.70 29.45 -0.19
CA PHE I 230 19.07 29.91 -1.53
C PHE I 230 20.40 30.68 -1.50
N PRO I 231 21.55 29.99 -1.73
CA PRO I 231 22.84 30.67 -1.87
C PRO I 231 23.18 31.12 -3.29
N LEU I 232 22.36 30.73 -4.28
CA LEU I 232 22.68 30.92 -5.69
C LEU I 232 22.15 32.25 -6.25
N ALA I 233 22.24 33.33 -5.47
CA ALA I 233 21.75 34.65 -5.91
C ALA I 233 22.40 35.06 -7.24
N GLY I 234 21.54 35.44 -8.21
CA GLY I 234 21.96 35.76 -9.56
C GLY I 234 21.54 34.73 -10.62
N SER I 235 21.02 33.55 -10.24
CA SER I 235 21.02 32.38 -11.12
C SER I 235 19.67 31.93 -11.68
N ASP I 236 18.55 32.23 -11.02
CA ASP I 236 17.23 31.65 -11.29
C ASP I 236 17.15 30.14 -11.03
N ILE I 237 18.14 29.51 -10.37
CA ILE I 237 18.09 28.08 -10.08
C ILE I 237 17.73 27.86 -8.61
N ALA I 238 16.66 27.09 -8.35
CA ALA I 238 16.33 26.67 -7.00
C ALA I 238 17.11 25.39 -6.67
N PRO I 239 18.12 25.41 -5.77
CA PRO I 239 18.86 24.19 -5.43
C PRO I 239 18.02 23.31 -4.52
N ALA I 240 18.39 22.03 -4.44
CA ALA I 240 17.74 21.10 -3.53
C ALA I 240 17.88 21.57 -2.09
N GLY I 241 16.76 21.63 -1.35
CA GLY I 241 16.72 22.15 0.01
C GLY I 241 16.59 23.68 0.10
N SER I 242 16.16 24.33 -1.00
CA SER I 242 15.75 25.73 -0.99
C SER I 242 14.23 25.84 -0.87
N VAL I 243 13.72 27.03 -0.54
CA VAL I 243 12.30 27.32 -0.45
C VAL I 243 12.05 28.62 -1.23
N ILE I 244 11.11 28.57 -2.18
CA ILE I 244 10.85 29.66 -3.13
C ILE I 244 9.41 30.14 -2.96
N GLY I 245 9.23 31.45 -2.75
CA GLY I 245 7.90 32.03 -2.73
C GLY I 245 7.41 32.30 -4.16
N VAL I 246 6.14 31.93 -4.43
CA VAL I 246 5.48 32.22 -5.69
C VAL I 246 4.31 33.15 -5.39
N MET I 247 4.26 34.30 -6.06
CA MET I 247 3.17 35.24 -5.84
C MET I 247 2.52 35.59 -7.17
N ILE I 248 1.17 35.47 -7.21
CA ILE I 248 0.36 35.82 -8.37
C ILE I 248 -0.41 37.08 -8.02
N LEU I 249 -0.25 38.15 -8.81
CA LEU I 249 -1.03 39.37 -8.65
C LEU I 249 -2.07 39.43 -9.76
N PHE I 250 -3.33 39.72 -9.41
CA PHE I 250 -4.40 39.77 -10.40
C PHE I 250 -4.53 41.16 -11.00
N GLY I 251 -4.67 41.23 -12.33
CA GLY I 251 -4.97 42.46 -13.03
C GLY I 251 -6.48 42.72 -13.12
N PRO I 252 -6.92 43.83 -13.76
CA PRO I 252 -8.34 44.21 -13.78
C PRO I 252 -9.27 43.20 -14.45
N GLY I 253 -8.75 42.40 -15.39
CA GLY I 253 -9.50 41.33 -16.03
C GLY I 253 -9.94 40.24 -15.05
N GLU I 254 -8.98 39.58 -14.40
CA GLU I 254 -9.24 38.45 -13.51
C GLU I 254 -9.73 38.89 -12.13
N ALA I 255 -9.48 40.16 -11.74
CA ALA I 255 -9.84 40.67 -10.43
C ALA I 255 -11.35 40.86 -10.24
N THR I 256 -12.13 40.88 -11.33
CA THR I 256 -13.43 41.56 -11.43
C THR I 256 -14.48 41.10 -10.40
N ASN I 257 -14.48 39.81 -10.03
CA ASN I 257 -15.18 39.36 -8.83
C ASN I 257 -14.48 38.14 -8.20
N VAL I 258 -14.71 37.95 -6.91
CA VAL I 258 -14.01 37.01 -6.04
C VAL I 258 -14.31 35.55 -6.44
N PHE I 259 -13.35 34.65 -6.21
CA PHE I 259 -13.58 33.22 -6.41
C PHE I 259 -14.47 32.67 -5.29
N GLN I 260 -15.65 32.13 -5.66
CA GLN I 260 -16.56 31.49 -4.71
C GLN I 260 -17.24 30.29 -5.37
N TYR I 261 -17.27 29.14 -4.67
CA TYR I 261 -17.93 27.94 -5.15
C TYR I 261 -17.34 27.52 -6.51
N GLU I 262 -16.00 27.59 -6.61
CA GLU I 262 -15.28 27.45 -7.87
C GLU I 262 -13.98 26.68 -7.66
N THR I 263 -13.53 25.96 -8.70
CA THR I 263 -12.20 25.36 -8.67
C THR I 263 -11.21 26.28 -9.38
N VAL I 264 -10.07 26.54 -8.73
CA VAL I 264 -8.94 27.24 -9.33
C VAL I 264 -7.76 26.26 -9.45
N THR I 265 -7.07 26.31 -10.60
CA THR I 265 -5.91 25.47 -10.87
C THR I 265 -4.72 26.33 -11.30
N ILE I 266 -3.55 26.04 -10.72
CA ILE I 266 -2.28 26.65 -11.08
C ILE I 266 -1.33 25.52 -11.48
N GLN I 267 -0.53 25.71 -12.54
CA GLN I 267 0.49 24.74 -12.88
C GLN I 267 1.81 25.45 -13.16
N ILE I 268 2.89 24.91 -12.57
CA ILE I 268 4.24 25.40 -12.83
C ILE I 268 4.94 24.34 -13.67
N THR I 269 5.47 24.74 -14.84
CA THR I 269 6.12 23.81 -15.75
C THR I 269 7.53 24.29 -16.08
N PRO I 270 8.58 23.81 -15.37
CA PRO I 270 9.97 24.12 -15.75
C PRO I 270 10.39 23.35 -17.00
N ASN I 271 11.56 23.72 -17.55
CA ASN I 271 12.03 23.22 -18.84
C ASN I 271 12.51 21.77 -18.78
N ILE I 272 12.80 21.26 -17.57
CA ILE I 272 13.21 19.88 -17.32
C ILE I 272 12.38 19.37 -16.15
N GLY I 273 11.94 18.11 -16.21
CA GLY I 273 11.24 17.49 -15.09
C GLY I 273 9.73 17.67 -15.15
N SER I 274 9.03 17.03 -14.21
CA SER I 274 7.58 17.03 -14.19
C SER I 274 7.02 18.34 -13.65
N PRO I 275 5.87 18.83 -14.16
CA PRO I 275 5.25 20.04 -13.64
C PRO I 275 4.53 19.80 -12.31
N LEU I 276 4.37 20.88 -11.55
CA LEU I 276 3.61 20.86 -10.31
C LEU I 276 2.21 21.43 -10.61
N THR I 277 1.17 20.62 -10.32
CA THR I 277 -0.21 21.02 -10.53
C THR I 277 -0.91 21.21 -9.18
N ILE I 278 -1.48 22.41 -8.98
CA ILE I 278 -2.11 22.84 -7.74
C ILE I 278 -3.59 23.09 -8.04
N SER I 279 -4.52 22.47 -7.28
CA SER I 279 -5.95 22.67 -7.45
C SER I 279 -6.68 22.84 -6.11
N GLN I 280 -7.56 23.86 -6.03
CA GLN I 280 -8.37 24.12 -4.84
C GLN I 280 -9.81 24.41 -5.24
N TYR I 281 -10.77 23.78 -4.54
CA TYR I 281 -12.14 24.28 -4.54
C TYR I 281 -12.25 25.38 -3.49
N ILE I 282 -12.55 26.60 -3.94
CA ILE I 282 -12.56 27.78 -3.08
C ILE I 282 -13.99 28.04 -2.61
N TYR I 283 -14.22 27.84 -1.31
CA TYR I 283 -15.36 28.42 -0.61
C TYR I 283 -15.15 29.92 -0.43
N GLN I 284 -16.20 30.61 0.02
CA GLN I 284 -16.15 32.05 0.33
C GLN I 284 -14.92 32.42 1.16
N PRO I 285 -14.23 33.55 0.84
CA PRO I 285 -13.09 34.02 1.64
C PRO I 285 -13.53 34.65 2.95
N ASP I 286 -12.78 34.36 4.02
CA ASP I 286 -13.22 34.58 5.40
C ASP I 286 -12.48 35.71 6.13
N GLY I 287 -11.46 36.30 5.49
CA GLY I 287 -10.67 37.40 6.05
C GLY I 287 -9.86 38.13 4.96
N LYS I 288 -9.09 39.16 5.37
CA LYS I 288 -8.24 39.94 4.48
C LYS I 288 -7.33 39.03 3.66
N VAL I 289 -6.76 38.02 4.33
CA VAL I 289 -6.14 36.87 3.70
C VAL I 289 -6.94 35.64 4.14
N THR I 290 -7.11 34.68 3.22
CA THR I 290 -7.79 33.42 3.51
C THR I 290 -6.90 32.25 3.08
N VAL I 291 -6.95 31.15 3.84
CA VAL I 291 -6.16 29.96 3.54
C VAL I 291 -7.02 29.04 2.68
N ILE I 292 -6.60 28.81 1.42
CA ILE I 292 -7.44 28.07 0.47
C ILE I 292 -6.92 26.65 0.22
N GLY I 293 -5.65 26.37 0.55
CA GLY I 293 -5.04 25.09 0.23
C GLY I 293 -3.84 24.75 1.10
N LEU J 1 41.01 -10.94 -66.12
CA LEU J 1 40.52 -12.26 -65.56
C LEU J 1 39.67 -12.04 -64.30
N ALA J 2 40.29 -11.57 -63.20
CA ALA J 2 39.63 -11.49 -61.91
C ALA J 2 38.59 -10.36 -61.85
N GLY J 3 38.62 -9.43 -62.81
CA GLY J 3 37.70 -8.30 -62.84
C GLY J 3 36.27 -8.66 -63.25
N LEU J 4 35.95 -9.97 -63.27
CA LEU J 4 34.65 -10.45 -63.71
C LEU J 4 34.03 -11.45 -62.73
N ASP J 5 34.77 -12.50 -62.36
CA ASP J 5 34.27 -13.51 -61.43
C ASP J 5 33.92 -12.90 -60.07
N THR J 6 34.77 -11.97 -59.58
CA THR J 6 34.53 -11.20 -58.38
C THR J 6 33.25 -10.35 -58.47
N ALA J 7 32.99 -9.74 -59.63
CA ALA J 7 31.83 -8.88 -59.85
C ALA J 7 30.52 -9.67 -59.74
N ILE J 8 30.51 -10.89 -60.28
CA ILE J 8 29.37 -11.81 -60.22
C ILE J 8 29.06 -12.17 -58.77
N ILE J 9 30.07 -12.52 -57.98
CA ILE J 9 29.88 -12.88 -56.58
C ILE J 9 29.38 -11.69 -55.78
N LEU J 10 29.89 -10.49 -56.06
CA LEU J 10 29.41 -9.26 -55.47
C LEU J 10 27.91 -9.07 -55.73
N ILE J 11 27.47 -9.18 -57.00
CA ILE J 11 26.07 -9.10 -57.38
C ILE J 11 25.21 -10.06 -56.53
N ALA J 12 25.63 -11.32 -56.45
CA ALA J 12 24.93 -12.36 -55.70
C ALA J 12 24.84 -12.06 -54.20
N PHE J 13 25.95 -11.59 -53.61
CA PHE J 13 26.01 -11.28 -52.17
C PHE J 13 25.15 -10.07 -51.83
N ILE J 14 25.10 -9.07 -52.73
CA ILE J 14 24.22 -7.91 -52.58
C ILE J 14 22.76 -8.37 -52.54
N ILE J 15 22.34 -9.16 -53.53
CA ILE J 15 20.98 -9.69 -53.61
C ILE J 15 20.64 -10.50 -52.35
N THR J 16 21.59 -11.33 -51.88
CA THR J 16 21.43 -12.13 -50.66
C THR J 16 21.16 -11.24 -49.44
N ALA J 17 21.94 -10.17 -49.27
CA ALA J 17 21.77 -9.21 -48.18
C ALA J 17 20.44 -8.45 -48.32
N ALA J 18 20.09 -8.03 -49.54
CA ALA J 18 18.84 -7.33 -49.83
C ALA J 18 17.61 -8.18 -49.47
N VAL J 19 17.68 -9.50 -49.71
CA VAL J 19 16.65 -10.46 -49.34
C VAL J 19 16.48 -10.52 -47.82
N LEU J 20 17.59 -10.59 -47.05
CA LEU J 20 17.48 -10.54 -45.59
C LEU J 20 16.90 -9.20 -45.12
N ALA J 21 17.36 -8.09 -45.72
CA ALA J 21 16.86 -6.76 -45.42
C ALA J 21 15.33 -6.69 -45.59
N TYR J 22 14.84 -7.15 -46.75
CA TYR J 22 13.43 -7.21 -47.10
C TYR J 22 12.61 -7.95 -46.04
N VAL J 23 13.07 -9.16 -45.65
CA VAL J 23 12.39 -10.00 -44.68
C VAL J 23 12.42 -9.37 -43.29
N ALA J 24 13.60 -8.91 -42.83
CA ALA J 24 13.79 -8.36 -41.50
C ALA J 24 12.90 -7.13 -41.27
N VAL J 25 12.82 -6.21 -42.24
CA VAL J 25 12.01 -5.00 -42.11
C VAL J 25 10.53 -5.34 -42.06
N ASN J 26 10.06 -6.19 -42.99
CA ASN J 26 8.68 -6.65 -43.04
C ASN J 26 8.27 -7.29 -41.70
N MET J 27 9.12 -8.19 -41.20
CA MET J 27 8.79 -8.92 -39.98
C MET J 27 8.87 -8.03 -38.73
N GLY J 28 9.78 -7.04 -38.71
CA GLY J 28 9.81 -6.00 -37.69
C GLY J 28 8.52 -5.16 -37.65
N LEU J 29 8.07 -4.71 -38.83
CA LEU J 29 6.79 -4.01 -38.95
C LEU J 29 5.64 -4.85 -38.42
N PHE J 30 5.60 -6.14 -38.79
CA PHE J 30 4.59 -7.08 -38.32
C PHE J 30 4.60 -7.21 -36.80
N VAL J 31 5.74 -7.63 -36.21
CA VAL J 31 5.84 -7.93 -34.79
C VAL J 31 5.57 -6.70 -33.92
N THR J 32 6.10 -5.53 -34.32
CA THR J 32 5.88 -4.30 -33.57
C THR J 32 4.40 -3.91 -33.54
N GLN J 33 3.65 -4.20 -34.60
CA GLN J 33 2.20 -3.98 -34.60
C GLN J 33 1.46 -4.97 -33.69
N LYS J 34 1.90 -6.24 -33.64
CA LYS J 34 1.39 -7.22 -32.69
C LYS J 34 1.62 -6.74 -31.25
N ALA J 35 2.81 -6.18 -30.98
CA ALA J 35 3.13 -5.56 -29.70
C ALA J 35 2.19 -4.39 -29.38
N LYS J 36 1.97 -3.46 -30.33
CA LYS J 36 1.03 -2.35 -30.17
C LYS J 36 -0.36 -2.85 -29.76
N THR J 37 -0.89 -3.83 -30.51
CA THR J 37 -2.19 -4.43 -30.27
C THR J 37 -2.25 -5.05 -28.86
N THR J 38 -1.21 -5.79 -28.47
CA THR J 38 -1.09 -6.43 -27.17
C THR J 38 -1.12 -5.39 -26.04
N ILE J 39 -0.36 -4.30 -26.18
CA ILE J 39 -0.31 -3.24 -25.17
C ILE J 39 -1.70 -2.63 -24.96
N ASN J 40 -2.43 -2.38 -26.06
CA ASN J 40 -3.80 -1.91 -26.00
C ASN J 40 -4.72 -2.89 -25.26
N LYS J 41 -4.66 -4.19 -25.61
CA LYS J 41 -5.46 -5.23 -24.97
C LYS J 41 -5.11 -5.39 -23.48
N GLY J 42 -3.84 -5.21 -23.11
CA GLY J 42 -3.42 -5.21 -21.71
C GLY J 42 -4.05 -4.07 -20.90
N GLU J 43 -4.07 -2.86 -21.47
CA GLU J 43 -4.70 -1.70 -20.84
C GLU J 43 -6.22 -1.87 -20.73
N GLU J 44 -6.87 -2.37 -21.79
CA GLU J 44 -8.29 -2.71 -21.76
C GLU J 44 -8.59 -3.73 -20.66
N THR J 45 -7.74 -4.76 -20.52
CA THR J 45 -7.90 -5.81 -19.52
C THR J 45 -7.77 -5.27 -18.10
N ALA J 46 -6.82 -4.36 -17.86
CA ALA J 46 -6.60 -3.77 -16.54
C ALA J 46 -7.70 -2.77 -16.16
N SER J 47 -8.24 -2.05 -17.15
CA SER J 47 -9.24 -1.00 -16.92
C SER J 47 -10.66 -1.54 -16.78
N THR J 48 -11.08 -2.46 -17.68
CA THR J 48 -12.48 -2.90 -17.74
C THR J 48 -12.85 -3.81 -16.56
N ALA J 49 -13.92 -3.44 -15.84
CA ALA J 49 -14.45 -4.20 -14.72
C ALA J 49 -15.88 -3.76 -14.38
N LEU J 50 -16.65 -4.65 -13.73
CA LEU J 50 -17.98 -4.34 -13.22
C LEU J 50 -17.94 -4.29 -11.70
N SER J 51 -18.66 -3.31 -11.11
CA SER J 51 -18.93 -3.25 -9.68
C SER J 51 -20.39 -3.60 -9.42
N LEU J 52 -20.64 -4.33 -8.34
CA LEU J 52 -21.98 -4.41 -7.77
C LEU J 52 -22.37 -3.03 -7.24
N SER J 53 -23.45 -2.45 -7.77
CA SER J 53 -23.81 -1.07 -7.50
C SER J 53 -25.25 -0.91 -6.97
N GLY J 54 -25.74 -1.95 -6.29
CA GLY J 54 -26.98 -1.93 -5.53
C GLY J 54 -27.02 -3.12 -4.58
N ASN J 55 -28.08 -3.22 -3.77
CA ASN J 55 -28.28 -4.40 -2.95
C ASN J 55 -28.72 -5.58 -3.83
N VAL J 56 -28.51 -6.81 -3.33
CA VAL J 56 -28.99 -8.03 -3.97
C VAL J 56 -30.32 -8.42 -3.33
N LEU J 57 -31.36 -8.53 -4.17
CA LEU J 57 -32.71 -8.85 -3.76
C LEU J 57 -33.05 -10.29 -4.13
N TYR J 58 -33.79 -10.97 -3.26
CA TYR J 58 -34.15 -12.37 -3.43
C TYR J 58 -35.65 -12.55 -3.17
N ALA J 59 -36.34 -13.34 -4.00
CA ALA J 59 -37.80 -13.49 -3.92
C ALA J 59 -38.21 -14.97 -3.80
N VAL J 60 -39.18 -15.25 -2.91
CA VAL J 60 -39.63 -16.59 -2.57
C VAL J 60 -41.14 -16.60 -2.35
N ASN J 61 -41.74 -17.81 -2.26
CA ASN J 61 -43.17 -17.97 -1.99
C ASN J 61 -43.51 -17.75 -0.51
N TYR J 62 -43.11 -16.58 -0.01
CA TYR J 62 -43.31 -16.18 1.38
C TYR J 62 -44.79 -16.10 1.72
N PRO J 63 -45.25 -16.46 2.95
CA PRO J 63 -44.39 -16.97 4.03
C PRO J 63 -44.04 -18.46 4.00
N THR J 64 -44.64 -19.20 3.06
CA THR J 64 -44.56 -20.67 3.03
C THR J 64 -43.14 -21.18 2.80
N ASN J 65 -42.31 -20.42 2.07
CA ASN J 65 -40.87 -20.64 1.87
C ASN J 65 -40.51 -22.03 1.32
N THR J 66 -41.42 -22.66 0.56
CA THR J 66 -41.13 -23.94 -0.08
C THR J 66 -40.50 -23.77 -1.46
N LYS J 67 -40.51 -22.56 -2.05
CA LYS J 67 -40.12 -22.37 -3.44
C LYS J 67 -39.47 -21.01 -3.70
N SER J 68 -38.53 -21.00 -4.67
CA SER J 68 -37.66 -19.86 -4.97
C SER J 68 -37.99 -19.27 -6.35
N TYR J 69 -38.08 -17.93 -6.46
CA TYR J 69 -38.63 -17.29 -7.65
C TYR J 69 -37.56 -16.59 -8.49
N TRP J 70 -36.90 -15.57 -7.92
CA TRP J 70 -35.90 -14.80 -8.65
C TRP J 70 -34.90 -14.10 -7.72
N MET J 71 -33.77 -13.69 -8.31
CA MET J 71 -32.84 -12.75 -7.69
C MET J 71 -32.64 -11.57 -8.62
N TYR J 72 -32.48 -10.38 -8.04
CA TYR J 72 -32.24 -9.15 -8.78
C TYR J 72 -31.05 -8.42 -8.15
N PHE J 73 -30.16 -7.86 -8.97
CA PHE J 73 -29.11 -6.96 -8.51
C PHE J 73 -28.74 -5.99 -9.63
N THR J 74 -27.91 -5.00 -9.32
CA THR J 74 -27.57 -3.95 -10.26
C THR J 74 -26.06 -3.84 -10.38
N VAL J 75 -25.54 -3.62 -11.61
CA VAL J 75 -24.11 -3.49 -11.86
C VAL J 75 -23.80 -2.25 -12.68
N SER J 76 -22.56 -1.76 -12.57
CA SER J 76 -22.09 -0.64 -13.37
C SER J 76 -20.57 -0.77 -13.57
N PRO J 77 -19.98 -0.27 -14.68
CA PRO J 77 -18.53 -0.26 -14.83
C PRO J 77 -17.80 0.46 -13.69
N SER J 78 -16.71 -0.16 -13.20
CA SER J 78 -15.99 0.27 -12.01
C SER J 78 -15.33 1.62 -12.21
N SER J 79 -15.55 2.55 -11.26
CA SER J 79 -14.85 3.82 -11.15
C SER J 79 -14.97 4.69 -12.41
N GLY J 80 -15.94 4.36 -13.30
CA GLY J 80 -16.22 5.11 -14.52
C GLY J 80 -15.09 5.14 -15.55
N VAL J 81 -14.23 4.10 -15.56
CA VAL J 81 -12.99 4.18 -16.34
C VAL J 81 -13.18 3.82 -17.82
N SER J 82 -13.99 2.78 -18.12
CA SER J 82 -14.20 2.30 -19.48
C SER J 82 -15.47 1.45 -19.59
N SER J 83 -15.94 1.22 -20.83
CA SER J 83 -17.18 0.49 -21.12
C SER J 83 -17.00 -1.04 -21.02
N VAL J 84 -18.10 -1.77 -20.85
CA VAL J 84 -18.10 -3.24 -20.76
C VAL J 84 -19.09 -3.82 -21.77
N ASP J 85 -18.61 -4.78 -22.60
CA ASP J 85 -19.45 -5.56 -23.49
C ASP J 85 -20.25 -6.58 -22.68
N LEU J 86 -21.60 -6.52 -22.76
CA LEU J 86 -22.47 -7.43 -22.04
C LEU J 86 -23.30 -8.31 -22.98
N SER J 87 -22.86 -8.52 -24.23
CA SER J 87 -23.65 -9.35 -25.13
C SER J 87 -23.72 -10.80 -24.62
N PRO J 88 -24.92 -11.43 -24.56
CA PRO J 88 -25.06 -12.77 -24.00
C PRO J 88 -24.44 -13.90 -24.82
N SER J 89 -24.02 -13.64 -26.07
CA SER J 89 -23.28 -14.63 -26.82
C SER J 89 -21.82 -14.72 -26.36
N THR J 90 -21.27 -13.62 -25.82
CA THR J 90 -19.87 -13.54 -25.43
C THR J 90 -19.68 -13.67 -23.91
N THR J 91 -20.56 -13.02 -23.14
CA THR J 91 -20.51 -12.98 -21.68
C THR J 91 -21.10 -14.28 -21.08
N ALA J 92 -20.55 -14.73 -19.94
CA ALA J 92 -21.20 -15.78 -19.16
C ALA J 92 -21.66 -15.24 -17.81
N ILE J 93 -22.78 -15.74 -17.29
CA ILE J 93 -23.13 -15.57 -15.89
C ILE J 93 -23.26 -16.97 -15.29
N SER J 94 -22.43 -17.30 -14.30
CA SER J 94 -22.50 -18.57 -13.61
C SER J 94 -23.24 -18.42 -12.28
N PHE J 95 -23.84 -19.51 -11.81
CA PHE J 95 -24.55 -19.53 -10.54
C PHE J 95 -24.24 -20.82 -9.80
N THR J 96 -23.75 -20.71 -8.54
CA THR J 96 -23.46 -21.90 -7.75
C THR J 96 -24.02 -21.78 -6.33
N ALA J 97 -24.55 -22.90 -5.82
CA ALA J 97 -24.94 -23.04 -4.43
C ALA J 97 -24.27 -24.32 -3.92
N ALA J 98 -23.02 -24.16 -3.46
CA ALA J 98 -22.08 -25.25 -3.24
C ALA J 98 -22.61 -26.30 -2.27
N SER J 99 -23.26 -25.84 -1.19
CA SER J 99 -23.80 -26.69 -0.12
C SER J 99 -24.75 -27.77 -0.65
N ARG J 100 -25.55 -27.44 -1.67
CA ARG J 100 -26.52 -28.35 -2.26
C ARG J 100 -26.06 -28.90 -3.62
N GLY J 101 -24.82 -28.60 -4.03
CA GLY J 101 -24.24 -29.17 -5.24
C GLY J 101 -24.80 -28.61 -6.54
N VAL J 102 -25.51 -27.47 -6.48
CA VAL J 102 -25.97 -26.78 -7.68
C VAL J 102 -24.80 -25.98 -8.26
N SER J 103 -24.51 -26.20 -9.54
CA SER J 103 -23.45 -25.48 -10.22
C SER J 103 -23.82 -25.33 -11.70
N LEU J 104 -24.13 -24.08 -12.09
CA LEU J 104 -24.50 -23.74 -13.46
C LEU J 104 -23.39 -22.88 -14.04
N SER J 105 -22.81 -23.33 -15.16
CA SER J 105 -21.65 -22.66 -15.74
C SER J 105 -22.04 -21.40 -16.52
N ASN J 106 -23.22 -21.42 -17.17
CA ASN J 106 -23.69 -20.23 -17.88
C ASN J 106 -25.21 -20.20 -18.02
N ILE J 107 -25.84 -19.20 -17.39
CA ILE J 107 -27.30 -19.02 -17.41
C ILE J 107 -27.72 -17.77 -18.19
N TYR J 108 -26.76 -16.97 -18.68
CA TYR J 108 -27.08 -15.71 -19.35
C TYR J 108 -27.59 -15.98 -20.77
N GLN J 109 -28.76 -15.40 -21.13
CA GLN J 109 -29.40 -15.74 -22.40
C GLN J 109 -29.84 -14.51 -23.18
N PHE J 110 -30.35 -13.47 -22.51
CA PHE J 110 -31.03 -12.37 -23.18
C PHE J 110 -30.63 -11.01 -22.60
N SER J 111 -30.70 -9.96 -23.43
CA SER J 111 -30.50 -8.61 -22.95
C SER J 111 -31.47 -7.65 -23.62
N LEU J 112 -32.07 -6.75 -22.82
CA LEU J 112 -32.88 -5.68 -23.35
C LEU J 112 -32.03 -4.48 -23.78
N LEU J 113 -30.71 -4.50 -23.55
CA LEU J 113 -29.81 -3.47 -24.06
C LEU J 113 -29.84 -3.44 -25.60
N SER J 114 -30.14 -4.59 -26.23
CA SER J 114 -30.28 -4.78 -27.67
C SER J 114 -31.54 -4.10 -28.24
N VAL J 115 -32.49 -3.70 -27.40
CA VAL J 115 -33.87 -3.42 -27.82
C VAL J 115 -34.16 -1.92 -27.81
N LEU J 116 -34.67 -1.40 -28.93
CA LEU J 116 -35.11 -0.01 -29.03
C LEU J 116 -36.52 0.13 -28.44
N PRO J 117 -36.86 1.27 -27.77
CA PRO J 117 -38.20 1.46 -27.19
C PRO J 117 -39.38 1.18 -28.13
N SER J 118 -39.24 1.52 -29.42
CA SER J 118 -40.29 1.32 -30.43
C SER J 118 -40.62 -0.15 -30.66
N GLN J 119 -39.76 -1.07 -30.20
CA GLN J 119 -39.97 -2.50 -30.35
C GLN J 119 -40.84 -3.09 -29.24
N VAL J 120 -41.05 -2.33 -28.14
CA VAL J 120 -41.75 -2.83 -26.96
C VAL J 120 -42.92 -1.93 -26.54
N ASN J 121 -42.78 -0.61 -26.66
CA ASN J 121 -43.83 0.32 -26.30
C ASN J 121 -45.03 0.18 -27.24
N ASN J 122 -46.25 0.24 -26.68
CA ASN J 122 -47.53 0.13 -27.38
C ASN J 122 -47.73 -1.23 -28.04
N LYS J 123 -47.01 -2.27 -27.59
CA LYS J 123 -47.06 -3.58 -28.24
C LYS J 123 -47.57 -4.72 -27.34
N VAL J 124 -47.70 -4.45 -26.03
CA VAL J 124 -48.49 -5.29 -25.14
C VAL J 124 -49.63 -4.45 -24.56
N GLN J 125 -50.79 -5.08 -24.38
CA GLN J 125 -52.01 -4.35 -24.07
C GLN J 125 -52.89 -5.11 -23.08
N VAL J 126 -53.67 -4.34 -22.32
CA VAL J 126 -54.52 -4.85 -21.24
C VAL J 126 -55.97 -4.58 -21.60
N LYS J 127 -56.84 -5.59 -21.38
CA LYS J 127 -58.28 -5.46 -21.59
C LYS J 127 -58.97 -5.29 -20.24
N LEU J 128 -59.69 -4.17 -20.08
CA LEU J 128 -60.47 -3.86 -18.88
C LEU J 128 -61.92 -3.64 -19.31
N GLY J 129 -62.74 -4.71 -19.22
CA GLY J 129 -64.04 -4.73 -19.85
C GLY J 129 -63.92 -4.56 -21.37
N THR J 130 -64.68 -3.61 -21.94
CA THR J 130 -64.65 -3.27 -23.35
C THR J 130 -63.36 -2.54 -23.72
N SER J 131 -62.82 -1.74 -22.79
CA SER J 131 -61.68 -0.86 -23.02
C SER J 131 -60.36 -1.63 -23.15
N ILE J 132 -59.45 -1.13 -24.00
CA ILE J 132 -58.14 -1.74 -24.22
C ILE J 132 -57.05 -0.66 -24.14
N ILE J 133 -56.01 -0.93 -23.32
CA ILE J 133 -54.96 0.05 -23.01
C ILE J 133 -53.60 -0.49 -23.43
N ASN J 134 -52.86 0.30 -24.23
CA ASN J 134 -51.51 -0.05 -24.62
C ASN J 134 -50.55 0.40 -23.52
N LEU J 135 -49.57 -0.45 -23.19
CA LEU J 135 -48.58 -0.17 -22.15
C LEU J 135 -47.32 0.49 -22.72
N THR J 136 -46.74 1.40 -21.91
CA THR J 136 -45.39 1.91 -22.11
C THR J 136 -44.48 1.25 -21.08
N LEU J 137 -43.37 0.64 -21.55
CA LEU J 137 -42.52 -0.18 -20.71
C LEU J 137 -41.09 0.38 -20.66
N ALA J 138 -40.54 0.74 -21.81
CA ALA J 138 -39.26 1.42 -21.91
C ALA J 138 -39.48 2.93 -21.80
N PHE J 139 -38.96 3.54 -20.73
CA PHE J 139 -38.99 4.99 -20.57
C PHE J 139 -37.75 5.60 -21.23
N SER J 140 -37.84 6.89 -21.57
CA SER J 140 -36.76 7.57 -22.27
C SER J 140 -36.70 9.06 -21.93
N SER J 141 -35.48 9.63 -22.00
CA SER J 141 -35.23 11.06 -21.82
C SER J 141 -34.07 11.51 -22.72
N ASN J 142 -34.01 12.82 -23.00
CA ASN J 142 -33.01 13.37 -23.91
C ASN J 142 -32.03 14.27 -23.15
N SER J 143 -30.72 14.02 -23.36
CA SER J 143 -29.65 14.94 -22.97
C SER J 143 -28.62 15.04 -24.09
N ALA J 144 -28.22 16.26 -24.45
CA ALA J 144 -27.18 16.52 -25.46
C ALA J 144 -27.40 15.75 -26.76
N GLY J 145 -28.65 15.63 -27.20
CA GLY J 145 -28.99 15.01 -28.48
C GLY J 145 -28.96 13.49 -28.49
N GLN J 146 -28.71 12.87 -27.32
CA GLN J 146 -28.79 11.41 -27.14
C GLN J 146 -30.09 11.06 -26.42
N THR J 147 -30.73 9.95 -26.84
CA THR J 147 -31.86 9.39 -26.12
C THR J 147 -31.38 8.30 -25.17
N TYR J 148 -31.57 8.54 -23.87
CA TYR J 148 -31.32 7.55 -22.83
C TYR J 148 -32.54 6.65 -22.71
N VAL J 149 -32.34 5.35 -22.40
CA VAL J 149 -33.42 4.37 -22.34
C VAL J 149 -33.28 3.56 -21.05
N TYR J 150 -34.39 3.26 -20.38
CA TYR J 150 -34.37 2.44 -19.17
C TYR J 150 -35.75 1.86 -18.87
N TYR J 151 -35.77 0.86 -17.97
CA TYR J 151 -36.98 0.29 -17.42
C TYR J 151 -37.07 0.69 -15.95
N SER J 152 -38.23 1.20 -15.52
CA SER J 152 -38.39 1.76 -14.19
C SER J 152 -38.36 0.68 -13.10
N ASP J 153 -38.77 -0.56 -13.45
CA ASP J 153 -38.80 -1.66 -12.50
C ASP J 153 -38.59 -3.01 -13.19
N PRO J 154 -38.30 -4.10 -12.43
CA PRO J 154 -38.23 -5.44 -13.00
C PRO J 154 -39.51 -5.93 -13.68
N ASN J 155 -40.69 -5.44 -13.24
CA ASN J 155 -41.96 -5.89 -13.80
C ASN J 155 -42.13 -5.48 -15.26
N TYR J 156 -41.86 -4.20 -15.57
CA TYR J 156 -41.88 -3.72 -16.93
C TYR J 156 -40.78 -4.35 -17.78
N ALA J 157 -39.61 -4.63 -17.19
CA ALA J 157 -38.55 -5.36 -17.87
C ALA J 157 -39.00 -6.78 -18.25
N LEU J 158 -39.68 -7.50 -17.33
CA LEU J 158 -40.20 -8.83 -17.59
C LEU J 158 -41.21 -8.84 -18.73
N LEU J 159 -42.16 -7.89 -18.73
CA LEU J 159 -43.16 -7.80 -19.79
C LEU J 159 -42.50 -7.51 -21.14
N ALA J 160 -41.54 -6.59 -21.18
CA ALA J 160 -40.77 -6.26 -22.37
C ALA J 160 -39.98 -7.46 -22.90
N LEU J 161 -39.37 -8.25 -21.99
CA LEU J 161 -38.66 -9.45 -22.36
C LEU J 161 -39.62 -10.51 -22.89
N ASN J 162 -40.73 -10.76 -22.18
CA ASN J 162 -41.72 -11.71 -22.64
C ASN J 162 -42.09 -11.44 -24.10
N TYR J 163 -42.47 -10.19 -24.41
CA TYR J 163 -42.84 -9.78 -25.76
C TYR J 163 -41.71 -10.03 -26.76
N THR J 164 -40.50 -9.56 -26.44
CA THR J 164 -39.32 -9.72 -27.27
C THR J 164 -39.07 -11.18 -27.63
N LEU J 165 -39.11 -12.08 -26.63
CA LEU J 165 -38.89 -13.50 -26.84
C LEU J 165 -40.02 -14.14 -27.66
N GLY J 166 -41.28 -13.80 -27.35
CA GLY J 166 -42.42 -14.24 -28.15
C GLY J 166 -42.29 -13.87 -29.62
N GLN J 167 -41.80 -12.65 -29.88
CA GLN J 167 -41.58 -12.12 -31.22
C GLN J 167 -40.42 -12.85 -31.93
N GLU J 168 -39.34 -13.16 -31.20
CA GLU J 168 -38.21 -13.91 -31.74
C GLU J 168 -38.59 -15.35 -32.09
N VAL J 169 -39.46 -15.99 -31.30
CA VAL J 169 -40.01 -17.31 -31.60
C VAL J 169 -40.87 -17.25 -32.87
N LYS J 170 -41.75 -16.24 -32.96
CA LYS J 170 -42.63 -16.03 -34.10
C LYS J 170 -41.82 -15.80 -35.40
N GLY J 171 -40.71 -15.07 -35.29
CA GLY J 171 -39.79 -14.84 -36.40
C GLY J 171 -38.83 -16.00 -36.70
N GLY J 172 -38.91 -17.09 -35.93
CA GLY J 172 -38.09 -18.28 -36.14
C GLY J 172 -36.62 -18.14 -35.72
N GLN J 173 -36.29 -17.03 -35.05
CA GLN J 173 -34.93 -16.76 -34.59
C GLN J 173 -34.58 -17.53 -33.32
N LEU J 174 -35.61 -17.97 -32.58
CA LEU J 174 -35.48 -18.69 -31.31
C LEU J 174 -36.43 -19.89 -31.33
N THR J 175 -36.01 -21.05 -30.79
CA THR J 175 -36.80 -22.28 -30.89
C THR J 175 -38.01 -22.26 -29.97
N SER J 176 -37.79 -21.88 -28.70
CA SER J 176 -38.81 -21.72 -27.67
C SER J 176 -38.41 -20.60 -26.70
N SER J 177 -39.40 -19.87 -26.17
CA SER J 177 -39.16 -18.95 -25.07
C SER J 177 -39.12 -19.72 -23.75
N PRO J 178 -38.11 -19.52 -22.86
CA PRO J 178 -38.15 -20.09 -21.52
C PRO J 178 -39.09 -19.36 -20.57
N LEU J 179 -39.58 -18.18 -20.98
CA LEU J 179 -40.46 -17.35 -20.19
C LEU J 179 -41.80 -17.19 -20.90
N TYR J 180 -42.90 -17.32 -20.14
CA TYR J 180 -44.24 -17.11 -20.69
C TYR J 180 -45.12 -16.40 -19.65
N ILE J 181 -45.57 -15.18 -19.97
CA ILE J 181 -46.34 -14.36 -19.03
C ILE J 181 -47.79 -14.21 -19.52
N ILE J 182 -48.76 -14.45 -18.61
CA ILE J 182 -50.19 -14.33 -18.89
C ILE J 182 -50.91 -13.69 -17.71
N SER J 183 -52.05 -13.03 -17.97
CA SER J 183 -52.93 -12.51 -16.94
C SER J 183 -54.09 -13.48 -16.66
N ASN J 184 -54.49 -14.20 -17.71
CA ASN J 184 -55.57 -15.15 -17.68
C ASN J 184 -55.03 -16.52 -17.26
N THR J 185 -55.48 -17.04 -16.13
CA THR J 185 -55.06 -18.37 -15.69
C THR J 185 -55.83 -19.50 -16.37
N SER J 186 -57.00 -19.21 -16.95
CA SER J 186 -57.87 -20.21 -17.59
C SER J 186 -57.17 -20.96 -18.73
N ILE J 187 -56.23 -20.28 -19.39
CA ILE J 187 -55.47 -20.78 -20.54
C ILE J 187 -54.68 -22.05 -20.19
N VAL J 188 -54.20 -22.14 -18.94
CA VAL J 188 -53.24 -23.13 -18.46
C VAL J 188 -53.72 -24.56 -18.67
N ALA J 189 -55.04 -24.81 -18.51
CA ALA J 189 -55.63 -26.13 -18.69
C ALA J 189 -55.37 -26.70 -20.08
N SER J 190 -55.28 -25.83 -21.10
CA SER J 190 -55.07 -26.20 -22.49
C SER J 190 -53.58 -26.33 -22.88
N LYS J 191 -52.67 -25.98 -21.95
CA LYS J 191 -51.24 -25.91 -22.17
C LYS J 191 -50.49 -26.67 -21.07
N PRO J 192 -50.55 -28.02 -21.05
CA PRO J 192 -50.09 -28.81 -19.91
C PRO J 192 -48.61 -28.70 -19.58
N TRP J 193 -47.77 -28.26 -20.53
CA TRP J 193 -46.37 -27.99 -20.26
C TRP J 193 -46.18 -26.88 -19.22
N LEU J 194 -47.15 -25.96 -19.09
CA LEU J 194 -47.12 -24.91 -18.07
C LEU J 194 -47.42 -25.41 -16.66
N LYS J 195 -47.91 -26.65 -16.50
CA LYS J 195 -48.33 -27.18 -15.21
C LYS J 195 -47.15 -27.43 -14.27
N ASN J 196 -45.98 -27.79 -14.85
CA ASN J 196 -44.89 -28.40 -14.11
C ASN J 196 -43.69 -27.47 -13.93
N ASP J 197 -43.57 -26.40 -14.72
CA ASP J 197 -42.48 -25.44 -14.60
C ASP J 197 -42.75 -24.40 -13.50
N ASN J 198 -41.74 -23.58 -13.18
CA ASN J 198 -41.81 -22.68 -12.03
C ASN J 198 -42.72 -21.47 -12.33
N VAL J 199 -43.56 -21.06 -11.36
CA VAL J 199 -44.46 -19.94 -11.57
C VAL J 199 -44.41 -18.96 -10.38
N PHE J 200 -44.33 -17.67 -10.71
CA PHE J 200 -44.45 -16.57 -9.76
C PHE J 200 -45.36 -15.49 -10.33
N THR J 201 -45.82 -14.56 -9.47
CA THR J 201 -46.73 -13.52 -9.93
C THR J 201 -46.21 -12.12 -9.59
N PHE J 202 -46.67 -11.14 -10.36
CA PHE J 202 -46.40 -9.73 -10.09
C PHE J 202 -47.59 -8.89 -10.54
N ASN J 203 -47.71 -7.68 -9.97
CA ASN J 203 -48.85 -6.81 -10.22
C ASN J 203 -48.40 -5.45 -10.75
N ILE J 204 -49.09 -4.95 -11.79
CA ILE J 204 -48.92 -3.59 -12.28
C ILE J 204 -50.25 -2.84 -12.17
N SER J 205 -50.20 -1.50 -12.11
CA SER J 205 -51.38 -0.67 -12.10
C SER J 205 -51.65 -0.10 -13.49
N VAL J 206 -52.83 -0.41 -14.05
CA VAL J 206 -53.26 0.10 -15.36
C VAL J 206 -54.63 0.72 -15.17
N ASN J 207 -54.80 1.98 -15.58
CA ASN J 207 -56.07 2.63 -15.37
C ASN J 207 -56.47 2.48 -13.89
N GLY J 208 -55.53 2.78 -13.00
CA GLY J 208 -55.70 2.73 -11.55
C GLY J 208 -56.13 1.37 -10.99
N THR J 209 -56.16 0.34 -11.85
CA THR J 209 -56.62 -1.00 -11.51
C THR J 209 -55.42 -1.95 -11.39
N GLU J 210 -55.40 -2.78 -10.35
CA GLU J 210 -54.37 -3.82 -10.19
C GLU J 210 -54.58 -4.94 -11.21
N VAL J 211 -53.56 -5.19 -12.02
CA VAL J 211 -53.53 -6.32 -12.96
C VAL J 211 -52.47 -7.30 -12.47
N GLU J 212 -52.85 -8.56 -12.25
CA GLU J 212 -51.92 -9.59 -11.84
C GLU J 212 -51.48 -10.41 -13.06
N TYR J 213 -50.15 -10.60 -13.18
CA TYR J 213 -49.54 -11.43 -14.20
C TYR J 213 -48.85 -12.62 -13.55
N TYR J 214 -48.96 -13.77 -14.22
CA TYR J 214 -48.36 -15.03 -13.85
C TYR J 214 -47.23 -15.31 -14.84
N ALA J 215 -46.01 -15.45 -14.32
CA ALA J 215 -44.82 -15.69 -15.13
C ALA J 215 -44.38 -17.15 -14.97
N TYR J 216 -44.39 -17.89 -16.09
CA TYR J 216 -44.00 -19.29 -16.15
C TYR J 216 -42.58 -19.38 -16.68
N VAL J 217 -41.69 -20.01 -15.89
CA VAL J 217 -40.28 -20.09 -16.26
C VAL J 217 -39.91 -21.56 -16.48
N ASN J 218 -39.21 -21.85 -17.59
CA ASN J 218 -38.82 -23.20 -17.95
C ASN J 218 -37.56 -23.65 -17.22
N LYS J 219 -36.48 -22.91 -17.41
CA LYS J 219 -35.18 -23.25 -16.87
C LYS J 219 -34.60 -22.00 -16.22
N THR J 220 -33.68 -22.20 -15.27
CA THR J 220 -32.98 -21.07 -14.65
C THR J 220 -32.22 -20.29 -15.73
N PHE J 221 -32.49 -18.99 -15.82
CA PHE J 221 -31.80 -18.13 -16.78
C PHE J 221 -31.63 -16.71 -16.21
N ALA J 222 -30.72 -15.96 -16.81
CA ALA J 222 -30.48 -14.57 -16.46
C ALA J 222 -30.66 -13.67 -17.68
N PHE J 223 -31.13 -12.44 -17.42
CA PHE J 223 -31.17 -11.41 -18.44
C PHE J 223 -30.75 -10.06 -17.86
N THR J 224 -30.34 -9.14 -18.74
CA THR J 224 -29.92 -7.81 -18.32
C THR J 224 -30.79 -6.73 -18.98
N TYR J 225 -30.95 -5.58 -18.29
CA TYR J 225 -31.71 -4.47 -18.83
C TYR J 225 -31.15 -3.15 -18.34
N PRO J 226 -31.33 -2.03 -19.09
CA PRO J 226 -30.81 -0.73 -18.66
C PRO J 226 -31.65 -0.08 -17.56
N VAL J 227 -30.96 0.55 -16.59
CA VAL J 227 -31.58 1.20 -15.44
C VAL J 227 -31.35 2.72 -15.46
N SER J 228 -30.13 3.16 -15.80
CA SER J 228 -29.85 4.58 -16.06
C SER J 228 -28.55 4.76 -16.85
N GLY J 229 -28.35 5.95 -17.43
CA GLY J 229 -27.09 6.32 -18.04
C GLY J 229 -26.74 5.50 -19.28
N PHE J 230 -27.77 4.96 -19.95
CA PHE J 230 -27.60 4.10 -21.11
C PHE J 230 -28.16 4.76 -22.38
N PRO J 231 -27.34 5.51 -23.16
CA PRO J 231 -27.76 6.05 -24.45
C PRO J 231 -27.54 5.11 -25.64
N LEU J 232 -26.86 3.98 -25.42
CA LEU J 232 -26.42 3.10 -26.51
C LEU J 232 -27.44 2.01 -26.84
N ALA J 233 -28.74 2.35 -26.85
CA ALA J 233 -29.79 1.38 -27.16
C ALA J 233 -29.55 0.70 -28.52
N GLY J 234 -29.58 -0.63 -28.52
CA GLY J 234 -29.27 -1.44 -29.69
C GLY J 234 -27.94 -2.21 -29.61
N SER J 235 -27.09 -1.95 -28.60
CA SER J 235 -25.66 -2.28 -28.70
C SER J 235 -25.15 -3.43 -27.81
N ASP J 236 -25.83 -3.73 -26.68
CA ASP J 236 -25.31 -4.62 -25.63
C ASP J 236 -24.06 -4.07 -24.91
N ILE J 237 -23.68 -2.81 -25.10
CA ILE J 237 -22.49 -2.26 -24.43
C ILE J 237 -22.93 -1.37 -23.27
N ALA J 238 -22.45 -1.65 -22.06
CA ALA J 238 -22.67 -0.76 -20.93
C ALA J 238 -21.58 0.31 -20.91
N PRO J 239 -21.87 1.60 -21.20
CA PRO J 239 -20.83 2.63 -21.17
C PRO J 239 -20.48 3.00 -19.73
N ALA J 240 -19.32 3.62 -19.55
CA ALA J 240 -18.92 4.12 -18.24
C ALA J 240 -19.94 5.14 -17.71
N GLY J 241 -20.40 4.95 -16.47
CA GLY J 241 -21.44 5.77 -15.88
C GLY J 241 -22.87 5.36 -16.24
N SER J 242 -23.05 4.11 -16.72
CA SER J 242 -24.37 3.49 -16.87
C SER J 242 -24.66 2.58 -15.68
N VAL J 243 -25.93 2.19 -15.51
CA VAL J 243 -26.38 1.27 -14.47
C VAL J 243 -27.25 0.22 -15.14
N ILE J 244 -26.91 -1.07 -14.92
CA ILE J 244 -27.52 -2.20 -15.60
C ILE J 244 -28.18 -3.12 -14.57
N GLY J 245 -29.47 -3.42 -14.75
CA GLY J 245 -30.14 -4.41 -13.92
C GLY J 245 -29.83 -5.82 -14.41
N VAL J 246 -29.52 -6.73 -13.47
CA VAL J 246 -29.32 -8.14 -13.75
C VAL J 246 -30.39 -8.91 -12.99
N MET J 247 -31.17 -9.72 -13.71
CA MET J 247 -32.22 -10.51 -13.06
C MET J 247 -32.05 -11.99 -13.40
N ILE J 248 -32.07 -12.83 -12.37
CA ILE J 248 -31.98 -14.28 -12.49
C ILE J 248 -33.34 -14.85 -12.13
N LEU J 249 -33.96 -15.60 -13.04
CA LEU J 249 -35.22 -16.29 -12.77
C LEU J 249 -34.92 -17.78 -12.59
N PHE J 250 -35.45 -18.40 -11.53
CA PHE J 250 -35.19 -19.81 -11.26
C PHE J 250 -36.22 -20.69 -11.97
N GLY J 251 -35.73 -21.77 -12.61
CA GLY J 251 -36.60 -22.80 -13.17
C GLY J 251 -36.95 -23.88 -12.15
N PRO J 252 -37.72 -24.93 -12.53
CA PRO J 252 -38.21 -25.93 -11.58
C PRO J 252 -37.11 -26.75 -10.91
N GLY J 253 -35.94 -26.89 -11.54
CA GLY J 253 -34.78 -27.55 -10.96
C GLY J 253 -34.25 -26.83 -9.72
N GLU J 254 -33.83 -25.58 -9.89
CA GLU J 254 -33.20 -24.80 -8.82
C GLU J 254 -34.22 -24.21 -7.83
N ALA J 255 -35.49 -24.11 -8.23
CA ALA J 255 -36.54 -23.52 -7.41
C ALA J 255 -36.95 -24.39 -6.22
N THR J 256 -36.59 -25.68 -6.22
CA THR J 256 -37.29 -26.75 -5.51
C THR J 256 -37.42 -26.55 -3.99
N ASN J 257 -36.40 -25.94 -3.36
CA ASN J 257 -36.55 -25.39 -2.00
C ASN J 257 -35.64 -24.18 -1.80
N VAL J 258 -36.03 -23.33 -0.84
CA VAL J 258 -35.46 -22.00 -0.60
C VAL J 258 -34.01 -22.11 -0.09
N PHE J 259 -33.19 -21.09 -0.41
CA PHE J 259 -31.83 -21.00 0.15
C PHE J 259 -31.89 -20.62 1.63
N GLN J 260 -31.37 -21.49 2.51
CA GLN J 260 -31.27 -21.21 3.94
C GLN J 260 -29.98 -21.79 4.51
N TYR J 261 -29.24 -21.00 5.29
CA TYR J 261 -28.00 -21.46 5.94
C TYR J 261 -27.01 -21.96 4.89
N GLU J 262 -26.90 -21.21 3.79
CA GLU J 262 -26.18 -21.63 2.59
C GLU J 262 -25.44 -20.45 1.97
N THR J 263 -24.32 -20.73 1.30
CA THR J 263 -23.65 -19.71 0.50
C THR J 263 -24.09 -19.84 -0.96
N VAL J 264 -24.47 -18.72 -1.57
CA VAL J 264 -24.75 -18.61 -3.00
C VAL J 264 -23.70 -17.71 -3.64
N THR J 265 -23.19 -18.11 -4.82
CA THR J 265 -22.21 -17.35 -5.58
C THR J 265 -22.69 -17.13 -7.01
N ILE J 266 -22.54 -15.90 -7.50
CA ILE J 266 -22.82 -15.52 -8.89
C ILE J 266 -21.53 -14.91 -9.45
N GLN J 267 -21.20 -15.23 -10.70
CA GLN J 267 -20.08 -14.58 -11.34
C GLN J 267 -20.47 -14.12 -12.74
N ILE J 268 -20.13 -12.87 -13.08
CA ILE J 268 -20.32 -12.34 -14.42
C ILE J 268 -18.95 -12.22 -15.06
N THR J 269 -18.76 -12.83 -16.24
CA THR J 269 -17.48 -12.85 -16.91
C THR J 269 -17.64 -12.33 -18.35
N PRO J 270 -17.40 -11.02 -18.60
CA PRO J 270 -17.38 -10.49 -19.97
C PRO J 270 -16.13 -10.93 -20.73
N ASN J 271 -16.11 -10.68 -22.05
CA ASN J 271 -15.08 -11.19 -22.95
C ASN J 271 -13.75 -10.46 -22.80
N ILE J 272 -13.75 -9.27 -22.19
CA ILE J 272 -12.56 -8.47 -21.90
C ILE J 272 -12.68 -8.00 -20.45
N GLY J 273 -11.56 -7.99 -19.73
CA GLY J 273 -11.52 -7.46 -18.37
C GLY J 273 -11.81 -8.51 -17.30
N SER J 274 -11.70 -8.10 -16.03
CA SER J 274 -11.84 -9.00 -14.91
C SER J 274 -13.32 -9.30 -14.62
N PRO J 275 -13.66 -10.54 -14.19
CA PRO J 275 -15.04 -10.87 -13.84
C PRO J 275 -15.44 -10.30 -12.48
N LEU J 276 -16.75 -10.13 -12.30
CA LEU J 276 -17.32 -9.72 -11.03
C LEU J 276 -17.85 -10.96 -10.31
N THR J 277 -17.35 -11.20 -9.09
CA THR J 277 -17.75 -12.33 -8.27
C THR J 277 -18.55 -11.83 -7.06
N ILE J 278 -19.77 -12.37 -6.91
CA ILE J 278 -20.75 -11.99 -5.90
C ILE J 278 -21.00 -13.21 -5.01
N SER J 279 -20.85 -13.07 -3.68
CA SER J 279 -21.09 -14.17 -2.73
C SER J 279 -21.87 -13.69 -1.50
N GLN J 280 -22.92 -14.45 -1.12
CA GLN J 280 -23.72 -14.18 0.07
C GLN J 280 -23.97 -15.45 0.85
N TYR J 281 -23.79 -15.39 2.18
CA TYR J 281 -24.38 -16.38 3.05
C TYR J 281 -25.82 -15.98 3.35
N ILE J 282 -26.76 -16.82 2.93
CA ILE J 282 -28.19 -16.50 3.01
C ILE J 282 -28.77 -17.14 4.27
N TYR J 283 -29.13 -16.28 5.23
CA TYR J 283 -30.06 -16.64 6.30
C TYR J 283 -31.48 -16.78 5.73
N GLN J 284 -32.41 -17.31 6.55
CA GLN J 284 -33.82 -17.43 6.21
C GLN J 284 -34.38 -16.14 5.58
N PRO J 285 -35.21 -16.23 4.50
CA PRO J 285 -35.84 -15.05 3.91
C PRO J 285 -37.00 -14.53 4.75
N ASP J 286 -37.11 -13.20 4.86
CA ASP J 286 -37.91 -12.54 5.88
C ASP J 286 -39.17 -11.84 5.34
N GLY J 287 -39.33 -11.81 4.00
CA GLY J 287 -40.48 -11.19 3.33
C GLY J 287 -40.61 -11.67 1.88
N LYS J 288 -41.63 -11.15 1.16
CA LYS J 288 -41.88 -11.46 -0.24
C LYS J 288 -40.63 -11.24 -1.09
N VAL J 289 -39.94 -10.12 -0.81
CA VAL J 289 -38.57 -9.88 -1.25
C VAL J 289 -37.72 -9.76 0.02
N THR J 290 -36.49 -10.28 -0.04
CA THR J 290 -35.54 -10.18 1.07
C THR J 290 -34.22 -9.61 0.55
N VAL J 291 -33.55 -8.80 1.37
CA VAL J 291 -32.27 -8.21 0.99
C VAL J 291 -31.16 -9.14 1.49
N ILE J 292 -30.39 -9.73 0.56
CA ILE J 292 -29.42 -10.75 0.93
C ILE J 292 -27.97 -10.23 0.87
N GLY J 293 -27.72 -9.12 0.17
CA GLY J 293 -26.37 -8.63 -0.04
C GLY J 293 -26.31 -7.15 -0.38
N LEU K 1 38.29 -18.29 -59.58
CA LEU K 1 39.19 -17.85 -58.46
C LEU K 1 38.40 -17.52 -57.21
N ALA K 2 37.58 -16.45 -57.24
CA ALA K 2 36.89 -15.95 -56.05
C ALA K 2 35.75 -16.86 -55.60
N GLY K 3 35.31 -17.80 -56.46
CA GLY K 3 34.20 -18.68 -56.15
C GLY K 3 34.55 -19.78 -55.15
N LEU K 4 35.71 -19.67 -54.47
CA LEU K 4 36.20 -20.69 -53.56
C LEU K 4 36.64 -20.10 -52.20
N ASP K 5 37.52 -19.09 -52.22
CA ASP K 5 37.99 -18.47 -50.99
C ASP K 5 36.84 -17.86 -50.18
N THR K 6 35.89 -17.21 -50.89
CA THR K 6 34.66 -16.69 -50.30
C THR K 6 33.80 -17.78 -49.65
N ALA K 7 33.71 -18.96 -50.30
CA ALA K 7 32.90 -20.08 -49.80
C ALA K 7 33.45 -20.63 -48.49
N ILE K 8 34.78 -20.70 -48.36
CA ILE K 8 35.46 -21.14 -47.15
C ILE K 8 35.16 -20.19 -45.98
N ILE K 9 35.26 -18.87 -46.22
CA ILE K 9 34.98 -17.88 -45.19
C ILE K 9 33.51 -17.94 -44.76
N LEU K 10 32.60 -18.12 -45.71
CA LEU K 10 31.19 -18.33 -45.43
C LEU K 10 30.98 -19.52 -44.49
N ILE K 11 31.57 -20.69 -44.81
CA ILE K 11 31.50 -21.88 -43.96
C ILE K 11 31.93 -21.54 -42.52
N ALA K 12 33.08 -20.89 -42.37
CA ALA K 12 33.65 -20.52 -41.07
C ALA K 12 32.74 -19.56 -40.29
N PHE K 13 32.18 -18.55 -40.97
CA PHE K 13 31.33 -17.55 -40.34
C PHE K 13 29.99 -18.17 -39.90
N ILE K 14 29.45 -19.11 -40.69
CA ILE K 14 28.26 -19.86 -40.31
C ILE K 14 28.51 -20.63 -39.02
N ILE K 15 29.59 -21.41 -38.97
CA ILE K 15 29.97 -22.19 -37.80
C ILE K 15 30.15 -21.28 -36.58
N THR K 16 30.79 -20.12 -36.77
CA THR K 16 31.00 -19.13 -35.72
C THR K 16 29.67 -18.64 -35.13
N ALA K 17 28.70 -18.29 -36.00
CA ALA K 17 27.36 -17.88 -35.60
C ALA K 17 26.60 -19.02 -34.91
N ALA K 18 26.69 -20.24 -35.45
CA ALA K 18 26.05 -21.42 -34.88
C ALA K 18 26.55 -21.71 -33.46
N VAL K 19 27.85 -21.50 -33.20
CA VAL K 19 28.47 -21.63 -31.89
C VAL K 19 27.87 -20.61 -30.90
N LEU K 20 27.73 -19.33 -31.31
CA LEU K 20 27.08 -18.35 -30.45
C LEU K 20 25.62 -18.73 -30.19
N ALA K 21 24.90 -19.16 -31.24
CA ALA K 21 23.51 -19.62 -31.14
C ALA K 21 23.36 -20.72 -30.09
N TYR K 22 24.21 -21.75 -30.19
CA TYR K 22 24.28 -22.90 -29.28
C TYR K 22 24.42 -22.44 -27.82
N VAL K 23 25.39 -21.56 -27.56
CA VAL K 23 25.69 -21.06 -26.22
C VAL K 23 24.55 -20.19 -25.69
N ALA K 24 24.07 -19.23 -26.50
CA ALA K 24 23.03 -18.29 -26.11
C ALA K 24 21.74 -19.00 -25.70
N VAL K 25 21.29 -19.99 -26.49
CA VAL K 25 20.07 -20.73 -26.20
C VAL K 25 20.21 -21.55 -24.92
N ASN K 26 21.31 -22.31 -24.80
CA ASN K 26 21.61 -23.10 -23.60
C ASN K 26 21.60 -22.21 -22.34
N MET K 27 22.29 -21.07 -22.41
CA MET K 27 22.42 -20.20 -21.26
C MET K 27 21.10 -19.48 -20.92
N GLY K 28 20.29 -19.15 -21.94
CA GLY K 28 18.93 -18.65 -21.75
C GLY K 28 18.02 -19.66 -21.03
N LEU K 29 18.06 -20.93 -21.47
CA LEU K 29 17.34 -22.01 -20.80
C LEU K 29 17.78 -22.13 -19.33
N PHE K 30 19.09 -22.08 -19.08
CA PHE K 30 19.65 -22.14 -17.74
C PHE K 30 19.13 -20.99 -16.87
N VAL K 31 19.38 -19.74 -17.28
CA VAL K 31 19.08 -18.55 -16.48
C VAL K 31 17.58 -18.41 -16.22
N THR K 32 16.74 -18.68 -17.22
CA THR K 32 15.29 -18.59 -17.05
C THR K 32 14.78 -19.61 -16.03
N GLN K 33 15.41 -20.78 -15.94
CA GLN K 33 15.06 -21.76 -14.90
C GLN K 33 15.50 -21.31 -13.51
N LYS K 34 16.68 -20.66 -13.39
CA LYS K 34 17.12 -20.03 -12.16
C LYS K 34 16.11 -18.97 -11.70
N ALA K 35 15.61 -18.16 -12.65
CA ALA K 35 14.55 -17.19 -12.41
C ALA K 35 13.26 -17.85 -11.91
N LYS K 36 12.79 -18.93 -12.57
CA LYS K 36 11.63 -19.70 -12.13
C LYS K 36 11.78 -20.15 -10.68
N THR K 37 12.91 -20.78 -10.35
CA THR K 37 13.23 -21.26 -9.02
C THR K 37 13.21 -20.13 -8.00
N THR K 38 13.82 -18.98 -8.35
CA THR K 38 13.87 -17.80 -7.50
C THR K 38 12.46 -17.26 -7.20
N ILE K 39 11.60 -17.16 -8.23
CA ILE K 39 10.24 -16.68 -8.07
C ILE K 39 9.46 -17.57 -7.10
N ASN K 40 9.61 -18.90 -7.21
CA ASN K 40 9.02 -19.84 -6.29
C ASN K 40 9.51 -19.63 -4.85
N LYS K 41 10.83 -19.51 -4.66
CA LYS K 41 11.44 -19.26 -3.35
C LYS K 41 11.00 -17.93 -2.74
N GLY K 42 10.80 -16.90 -3.57
CA GLY K 42 10.27 -15.61 -3.13
C GLY K 42 8.85 -15.72 -2.59
N GLU K 43 7.98 -16.47 -3.28
CA GLU K 43 6.61 -16.70 -2.85
C GLU K 43 6.57 -17.55 -1.57
N GLU K 44 7.39 -18.60 -1.48
CA GLU K 44 7.54 -19.39 -0.27
C GLU K 44 7.98 -18.51 0.91
N THR K 45 8.95 -17.60 0.69
CA THR K 45 9.47 -16.70 1.71
C THR K 45 8.39 -15.72 2.20
N ALA K 46 7.57 -15.19 1.28
CA ALA K 46 6.52 -14.24 1.64
C ALA K 46 5.35 -14.92 2.36
N SER K 47 5.04 -16.18 2.01
CA SER K 47 3.90 -16.92 2.54
C SER K 47 4.19 -17.58 3.89
N THR K 48 5.34 -18.25 4.03
CA THR K 48 5.64 -19.06 5.21
C THR K 48 5.94 -18.20 6.44
N ALA K 49 5.20 -18.45 7.53
CA ALA K 49 5.37 -17.78 8.82
C ALA K 49 4.69 -18.55 9.94
N LEU K 50 5.15 -18.33 11.18
CA LEU K 50 4.52 -18.88 12.38
C LEU K 50 3.84 -17.76 13.18
N SER K 51 2.65 -18.05 13.70
CA SER K 51 1.97 -17.20 14.68
C SER K 51 2.04 -17.84 16.06
N LEU K 52 2.22 -17.02 17.10
CA LEU K 52 1.93 -17.42 18.46
C LEU K 52 0.43 -17.65 18.59
N SER K 53 0.01 -18.88 18.94
CA SER K 53 -1.40 -19.27 18.90
C SER K 53 -1.90 -19.84 20.23
N GLY K 54 -1.28 -19.39 21.33
CA GLY K 54 -1.74 -19.62 22.69
C GLY K 54 -1.07 -18.64 23.65
N ASN K 55 -1.42 -18.71 24.93
CA ASN K 55 -0.71 -17.92 25.93
C ASN K 55 0.68 -18.53 26.19
N VAL K 56 1.61 -17.70 26.70
CA VAL K 56 2.92 -18.15 27.13
C VAL K 56 2.87 -18.43 28.63
N LEU K 57 3.23 -19.67 29.00
CA LEU K 57 3.21 -20.15 30.38
C LEU K 57 4.63 -20.25 30.91
N TYR K 58 4.81 -19.90 32.19
CA TYR K 58 6.12 -19.89 32.84
C TYR K 58 6.01 -20.60 34.19
N ALA K 59 7.00 -21.44 34.54
CA ALA K 59 6.96 -22.26 35.75
C ALA K 59 8.21 -22.05 36.62
N VAL K 60 8.00 -21.94 37.95
CA VAL K 60 9.04 -21.62 38.93
C VAL K 60 8.79 -22.42 40.21
N ASN K 61 9.79 -22.43 41.12
CA ASN K 61 9.68 -23.08 42.42
C ASN K 61 8.83 -22.28 43.42
N TYR K 62 7.61 -21.96 43.00
CA TYR K 62 6.65 -21.19 43.77
C TYR K 62 6.29 -21.90 45.08
N PRO K 63 6.06 -21.20 46.22
CA PRO K 63 6.15 -19.74 46.32
C PRO K 63 7.56 -19.15 46.53
N THR K 64 8.55 -20.02 46.73
CA THR K 64 9.89 -19.60 47.14
C THR K 64 10.61 -18.73 46.09
N ASN K 65 10.31 -18.94 44.80
CA ASN K 65 10.73 -18.11 43.67
C ASN K 65 12.25 -17.92 43.55
N THR K 66 13.04 -18.88 44.05
CA THR K 66 14.50 -18.83 43.91
C THR K 66 14.98 -19.48 42.61
N LYS K 67 14.12 -20.23 41.89
CA LYS K 67 14.57 -21.04 40.77
C LYS K 67 13.51 -21.18 39.66
N SER K 68 13.99 -21.30 38.42
CA SER K 68 13.18 -21.26 37.21
C SER K 68 13.18 -22.63 36.51
N TYR K 69 12.01 -23.12 36.06
CA TYR K 69 11.87 -24.50 35.61
C TYR K 69 11.69 -24.63 34.09
N TRP K 70 10.60 -24.06 33.57
CA TRP K 70 10.30 -24.16 32.15
C TRP K 70 9.39 -23.04 31.66
N MET K 71 9.36 -22.85 30.32
CA MET K 71 8.36 -22.06 29.64
C MET K 71 7.68 -22.92 28.57
N TYR K 72 6.39 -22.71 28.37
CA TYR K 72 5.61 -23.42 27.37
C TYR K 72 4.81 -22.40 26.56
N PHE K 73 4.73 -22.58 25.24
CA PHE K 73 3.82 -21.82 24.39
C PHE K 73 3.46 -22.65 23.16
N THR K 74 2.51 -22.16 22.36
CA THR K 74 1.98 -22.91 21.24
C THR K 74 2.09 -22.06 19.97
N VAL K 75 2.44 -22.69 18.84
CA VAL K 75 2.58 -22.00 17.56
C VAL K 75 1.82 -22.73 16.45
N SER K 76 1.45 -21.99 15.40
CA SER K 76 0.82 -22.57 14.21
C SER K 76 1.17 -21.72 13.00
N PRO K 77 1.24 -22.29 11.77
CA PRO K 77 1.44 -21.48 10.55
C PRO K 77 0.39 -20.38 10.39
N SER K 78 0.86 -19.17 10.03
CA SER K 78 0.05 -17.96 9.98
C SER K 78 -1.04 -18.04 8.91
N SER K 79 -2.29 -17.73 9.30
CA SER K 79 -3.41 -17.53 8.39
C SER K 79 -3.68 -18.78 7.51
N GLY K 80 -3.12 -19.93 7.87
CA GLY K 80 -3.32 -21.20 7.16
C GLY K 80 -2.80 -21.24 5.72
N VAL K 81 -1.77 -20.43 5.40
CA VAL K 81 -1.41 -20.23 4.00
C VAL K 81 -0.48 -21.34 3.46
N SER K 82 0.50 -21.78 4.26
CA SER K 82 1.48 -22.79 3.85
C SER K 82 2.17 -23.45 5.04
N SER K 83 2.84 -24.60 4.81
CA SER K 83 3.50 -25.39 5.83
C SER K 83 4.86 -24.81 6.26
N VAL K 84 5.34 -25.19 7.46
CA VAL K 84 6.62 -24.74 7.99
C VAL K 84 7.49 -25.95 8.39
N ASP K 85 8.73 -25.99 7.90
CA ASP K 85 9.73 -26.98 8.31
C ASP K 85 10.24 -26.62 9.70
N LEU K 86 10.08 -27.54 10.68
CA LEU K 86 10.52 -27.33 12.05
C LEU K 86 11.61 -28.32 12.46
N SER K 87 12.37 -28.88 11.52
CA SER K 87 13.41 -29.82 11.91
C SER K 87 14.51 -29.13 12.72
N PRO K 88 14.92 -29.67 13.89
CA PRO K 88 15.91 -29.01 14.75
C PRO K 88 17.32 -28.90 14.20
N SER K 89 17.64 -29.63 13.12
CA SER K 89 18.94 -29.44 12.46
C SER K 89 18.97 -28.16 11.62
N THR K 90 17.80 -27.70 11.14
CA THR K 90 17.71 -26.55 10.24
C THR K 90 17.21 -25.29 10.97
N THR K 91 16.21 -25.46 11.86
CA THR K 91 15.59 -24.37 12.61
C THR K 91 16.45 -23.97 13.80
N ALA K 92 16.45 -22.68 14.17
CA ALA K 92 17.01 -22.24 15.45
C ALA K 92 15.90 -21.69 16.35
N ILE K 93 16.04 -21.89 17.67
CA ILE K 93 15.27 -21.14 18.65
C ILE K 93 16.28 -20.42 19.55
N SER K 94 16.25 -19.09 19.54
CA SER K 94 17.11 -18.29 20.42
C SER K 94 16.34 -17.83 21.66
N PHE K 95 17.08 -17.58 22.74
CA PHE K 95 16.50 -17.11 23.99
C PHE K 95 17.39 -16.02 24.58
N THR K 96 16.82 -14.83 24.86
CA THR K 96 17.59 -13.76 25.47
C THR K 96 16.83 -13.11 26.63
N ALA K 97 17.58 -12.78 27.69
CA ALA K 97 17.11 -11.98 28.80
C ALA K 97 18.12 -10.85 28.99
N ALA K 98 17.91 -9.77 28.24
CA ALA K 98 18.89 -8.72 27.99
C ALA K 98 19.39 -8.07 29.29
N SER K 99 18.46 -7.82 30.23
CA SER K 99 18.72 -7.16 31.50
C SER K 99 19.84 -7.86 32.30
N ARG K 100 19.87 -9.19 32.25
CA ARG K 100 20.85 -10.01 32.97
C ARG K 100 21.96 -10.56 32.07
N GLY K 101 21.98 -10.15 30.79
CA GLY K 101 23.05 -10.51 29.87
C GLY K 101 23.03 -11.96 29.40
N VAL K 102 21.90 -12.67 29.61
CA VAL K 102 21.74 -14.01 29.06
C VAL K 102 21.36 -13.90 27.59
N SER K 103 22.13 -14.59 26.73
CA SER K 103 21.86 -14.61 25.30
C SER K 103 22.29 -15.96 24.73
N LEU K 104 21.30 -16.77 24.34
CA LEU K 104 21.52 -18.09 23.76
C LEU K 104 21.09 -18.04 22.30
N SER K 105 22.02 -18.36 21.40
CA SER K 105 21.78 -18.22 19.96
C SER K 105 20.93 -19.37 19.42
N ASN K 106 21.08 -20.60 19.97
CA ASN K 106 20.25 -21.72 19.54
C ASN K 106 20.13 -22.79 20.63
N ILE K 107 18.91 -23.00 21.13
CA ILE K 107 18.60 -23.97 22.17
C ILE K 107 17.76 -25.14 21.64
N TYR K 108 17.32 -25.11 20.37
CA TYR K 108 16.44 -26.13 19.82
C TYR K 108 17.21 -27.40 19.54
N GLN K 109 16.73 -28.56 20.04
CA GLN K 109 17.49 -29.80 19.96
C GLN K 109 16.66 -30.98 19.45
N PHE K 110 15.39 -31.08 19.86
CA PHE K 110 14.60 -32.29 19.64
C PHE K 110 13.18 -31.96 19.19
N SER K 111 12.57 -32.89 18.45
CA SER K 111 11.16 -32.77 18.11
C SER K 111 10.46 -34.13 18.16
N LEU K 112 9.27 -34.16 18.77
CA LEU K 112 8.43 -35.34 18.73
C LEU K 112 7.61 -35.43 17.44
N LEU K 113 7.66 -34.42 16.56
CA LEU K 113 7.04 -34.50 15.24
C LEU K 113 7.64 -35.65 14.42
N SER K 114 8.91 -35.99 14.69
CA SER K 114 9.67 -37.08 14.09
C SER K 114 9.17 -38.47 14.49
N VAL K 115 8.36 -38.56 15.56
CA VAL K 115 8.15 -39.82 16.29
C VAL K 115 6.75 -40.39 16.02
N LEU K 116 6.69 -41.66 15.62
CA LEU K 116 5.43 -42.38 15.44
C LEU K 116 4.92 -42.87 16.80
N PRO K 117 3.58 -42.91 17.05
CA PRO K 117 3.03 -43.38 18.32
C PRO K 117 3.56 -44.73 18.81
N SER K 118 3.79 -45.68 17.89
CA SER K 118 4.28 -47.02 18.20
C SER K 118 5.69 -47.02 18.83
N GLN K 119 6.42 -45.89 18.72
CA GLN K 119 7.75 -45.77 19.28
C GLN K 119 7.73 -45.36 20.76
N VAL K 120 6.56 -44.88 21.27
CA VAL K 120 6.47 -44.34 22.62
C VAL K 120 5.36 -45.01 23.45
N ASN K 121 4.23 -45.35 22.83
CA ASN K 121 3.12 -46.00 23.51
C ASN K 121 3.53 -47.41 23.97
N ASN K 122 3.12 -47.79 25.19
CA ASN K 122 3.38 -49.08 25.82
C ASN K 122 4.87 -49.33 26.09
N LYS K 123 5.70 -48.28 26.12
CA LYS K 123 7.15 -48.43 26.24
C LYS K 123 7.75 -47.80 27.50
N VAL K 124 6.95 -47.00 28.23
CA VAL K 124 7.26 -46.63 29.61
C VAL K 124 6.15 -47.15 30.52
N GLN K 125 6.53 -47.59 31.72
CA GLN K 125 5.62 -48.34 32.58
C GLN K 125 5.81 -47.97 34.05
N VAL K 126 4.72 -48.11 34.81
CA VAL K 126 4.65 -47.72 36.22
C VAL K 126 4.41 -48.98 37.05
N LYS K 127 5.14 -49.11 38.16
CA LYS K 127 4.97 -50.20 39.11
C LYS K 127 4.19 -49.70 40.32
N LEU K 128 3.03 -50.34 40.59
CA LEU K 128 2.18 -50.05 41.74
C LEU K 128 2.01 -51.33 42.55
N GLY K 129 2.86 -51.50 43.58
CA GLY K 129 3.01 -52.79 44.24
C GLY K 129 3.50 -53.85 43.26
N THR K 130 2.81 -54.99 43.22
CA THR K 130 3.07 -56.10 42.31
C THR K 130 2.70 -55.74 40.87
N SER K 131 1.64 -54.93 40.70
CA SER K 131 1.05 -54.61 39.40
C SER K 131 1.93 -53.66 38.58
N ILE K 132 1.93 -53.85 37.25
CA ILE K 132 2.70 -53.00 36.32
C ILE K 132 1.80 -52.54 35.17
N ILE K 133 1.81 -51.21 34.91
CA ILE K 133 0.90 -50.58 33.95
C ILE K 133 1.70 -49.88 32.85
N ASN K 134 1.39 -50.21 31.59
CA ASN K 134 2.00 -49.54 30.45
C ASN K 134 1.24 -48.25 30.17
N LEU K 135 1.98 -47.17 29.88
CA LEU K 135 1.39 -45.87 29.59
C LEU K 135 1.14 -45.64 28.09
N THR K 136 0.06 -44.94 27.78
CA THR K 136 -0.20 -44.36 26.47
C THR K 136 0.06 -42.85 26.55
N LEU K 137 0.92 -42.34 25.65
CA LEU K 137 1.40 -40.96 25.73
C LEU K 137 1.02 -40.17 24.48
N ALA K 138 1.21 -40.77 23.30
CA ALA K 138 0.77 -40.21 22.04
C ALA K 138 -0.66 -40.66 21.76
N PHE K 139 -1.61 -39.71 21.74
CA PHE K 139 -2.98 -40.00 21.37
C PHE K 139 -3.14 -39.85 19.85
N SER K 140 -4.18 -40.48 19.30
CA SER K 140 -4.39 -40.50 17.86
C SER K 140 -5.87 -40.60 17.51
N SER K 141 -6.24 -40.03 16.34
CA SER K 141 -7.58 -40.11 15.77
C SER K 141 -7.50 -40.16 14.24
N ASN K 142 -8.56 -40.66 13.60
CA ASN K 142 -8.59 -40.84 12.14
C ASN K 142 -9.61 -39.90 11.51
N SER K 143 -9.16 -39.16 10.47
CA SER K 143 -10.06 -38.44 9.56
C SER K 143 -9.57 -38.62 8.12
N ALA K 144 -10.50 -38.96 7.20
CA ALA K 144 -10.22 -39.10 5.77
C ALA K 144 -8.99 -39.98 5.47
N GLY K 145 -8.83 -41.07 6.25
CA GLY K 145 -7.78 -42.05 6.02
C GLY K 145 -6.39 -41.63 6.50
N GLN K 146 -6.29 -40.46 7.15
CA GLN K 146 -5.06 -40.00 7.80
C GLN K 146 -5.16 -40.20 9.31
N THR K 147 -4.05 -40.62 9.94
CA THR K 147 -3.95 -40.68 11.39
C THR K 147 -3.31 -39.39 11.91
N TYR K 148 -4.09 -38.63 12.68
CA TYR K 148 -3.60 -37.44 13.39
C TYR K 148 -2.94 -37.90 14.70
N VAL K 149 -1.89 -37.21 15.15
CA VAL K 149 -1.14 -37.58 16.34
C VAL K 149 -0.91 -36.35 17.20
N TYR K 150 -1.03 -36.49 18.53
CA TYR K 150 -0.80 -35.38 19.44
C TYR K 150 -0.53 -35.88 20.87
N TYR K 151 0.00 -34.98 21.70
CA TYR K 151 0.17 -35.19 23.14
C TYR K 151 -0.81 -34.27 23.87
N SER K 152 -1.56 -34.84 24.82
CA SER K 152 -2.64 -34.13 25.48
C SER K 152 -2.11 -33.02 26.41
N ASP K 153 -0.90 -33.22 26.95
CA ASP K 153 -0.29 -32.25 27.87
C ASP K 153 1.24 -32.26 27.77
N PRO K 154 1.95 -31.25 28.33
CA PRO K 154 3.41 -31.26 28.41
C PRO K 154 4.00 -32.44 29.20
N ASN K 155 3.27 -32.99 30.17
CA ASN K 155 3.77 -34.09 31.00
C ASN K 155 3.98 -35.37 30.18
N TYR K 156 2.98 -35.75 29.38
CA TYR K 156 3.10 -36.89 28.49
C TYR K 156 4.14 -36.64 27.39
N ALA K 157 4.26 -35.39 26.92
CA ALA K 157 5.31 -35.03 25.98
C ALA K 157 6.71 -35.22 26.59
N LEU K 158 6.91 -34.79 27.85
CA LEU K 158 8.17 -34.96 28.55
C LEU K 158 8.55 -36.43 28.71
N LEU K 159 7.59 -37.28 29.13
CA LEU K 159 7.85 -38.71 29.28
C LEU K 159 8.21 -39.36 27.94
N ALA K 160 7.49 -39.01 26.86
CA ALA K 160 7.76 -39.48 25.51
C ALA K 160 9.15 -39.04 25.03
N LEU K 161 9.54 -37.80 25.32
CA LEU K 161 10.87 -37.29 24.98
C LEU K 161 11.94 -38.01 25.78
N ASN K 162 11.76 -38.13 27.09
CA ASN K 162 12.72 -38.84 27.93
C ASN K 162 13.03 -40.21 27.32
N TYR K 163 12.00 -41.00 27.02
CA TYR K 163 12.14 -42.32 26.44
C TYR K 163 12.90 -42.27 25.11
N THR K 164 12.46 -41.39 24.19
CA THR K 164 13.06 -41.21 22.87
C THR K 164 14.57 -40.93 23.00
N LEU K 165 14.96 -40.00 23.87
CA LEU K 165 16.36 -39.64 24.05
C LEU K 165 17.15 -40.77 24.69
N GLY K 166 16.59 -41.45 25.71
CA GLY K 166 17.22 -42.63 26.30
C GLY K 166 17.49 -43.72 25.27
N GLN K 167 16.55 -43.92 24.34
CA GLN K 167 16.66 -44.89 23.27
C GLN K 167 17.72 -44.48 22.24
N GLU K 168 17.81 -43.18 21.90
CA GLU K 168 18.82 -42.65 21.00
C GLU K 168 20.23 -42.77 21.58
N VAL K 169 20.39 -42.58 22.89
CA VAL K 169 21.66 -42.80 23.59
C VAL K 169 22.04 -44.29 23.53
N LYS K 170 21.08 -45.17 23.83
CA LYS K 170 21.28 -46.62 23.80
C LYS K 170 21.68 -47.11 22.40
N GLY K 171 21.09 -46.51 21.36
CA GLY K 171 21.43 -46.81 19.97
C GLY K 171 22.69 -46.11 19.45
N GLY K 172 23.37 -45.32 20.31
CA GLY K 172 24.61 -44.64 19.96
C GLY K 172 24.46 -43.44 19.02
N GLN K 173 23.21 -43.02 18.76
CA GLN K 173 22.91 -41.91 17.87
C GLN K 173 23.12 -40.56 18.56
N LEU K 174 23.11 -40.55 19.90
CA LEU K 174 23.25 -39.36 20.74
C LEU K 174 24.24 -39.66 21.86
N THR K 175 25.11 -38.70 22.22
CA THR K 175 26.19 -38.95 23.17
C THR K 175 25.66 -39.05 24.61
N SER K 176 24.81 -38.09 25.00
CA SER K 176 24.14 -38.02 26.29
C SER K 176 22.77 -37.37 26.13
N SER K 177 21.79 -37.79 26.96
CA SER K 177 20.52 -37.08 27.05
C SER K 177 20.68 -35.89 28.01
N PRO K 178 20.23 -34.67 27.65
CA PRO K 178 20.19 -33.56 28.60
C PRO K 178 19.04 -33.65 29.61
N LEU K 179 18.09 -34.57 29.35
CA LEU K 179 16.91 -34.78 30.19
C LEU K 179 16.94 -36.19 30.78
N TYR K 180 16.63 -36.30 32.08
CA TYR K 180 16.53 -37.60 32.74
C TYR K 180 15.37 -37.58 33.74
N ILE K 181 14.36 -38.42 33.50
CA ILE K 181 13.15 -38.45 34.33
C ILE K 181 13.07 -39.75 35.12
N ILE K 182 12.82 -39.64 36.44
CA ILE K 182 12.68 -40.79 37.35
C ILE K 182 11.54 -40.55 38.34
N SER K 183 10.94 -41.63 38.84
CA SER K 183 9.95 -41.57 39.92
C SER K 183 10.60 -41.85 41.28
N ASN K 184 11.64 -42.68 41.25
CA ASN K 184 12.38 -43.10 42.42
C ASN K 184 13.50 -42.09 42.69
N THR K 185 13.46 -41.41 43.83
CA THR K 185 14.52 -40.48 44.19
C THR K 185 15.75 -41.16 44.80
N SER K 186 15.62 -42.41 45.27
CA SER K 186 16.69 -43.16 45.93
C SER K 186 17.92 -43.33 45.02
N ILE K 187 17.67 -43.40 43.70
CA ILE K 187 18.68 -43.63 42.67
C ILE K 187 19.75 -42.54 42.68
N VAL K 188 19.37 -41.31 43.02
CA VAL K 188 20.16 -40.09 42.87
C VAL K 188 21.50 -40.17 43.62
N ALA K 189 21.52 -40.83 44.79
CA ALA K 189 22.73 -40.98 45.59
C ALA K 189 23.86 -41.68 44.82
N SER K 190 23.49 -42.59 43.90
CA SER K 190 24.42 -43.38 43.11
C SER K 190 24.85 -42.68 41.79
N LYS K 191 24.24 -41.52 41.49
CA LYS K 191 24.41 -40.79 40.24
C LYS K 191 24.72 -39.32 40.52
N PRO K 192 25.93 -38.99 41.03
CA PRO K 192 26.22 -37.66 41.57
C PRO K 192 26.13 -36.50 40.58
N TRP K 193 26.21 -36.78 39.27
CA TRP K 193 25.99 -35.77 38.25
C TRP K 193 24.57 -35.18 38.30
N LEU K 194 23.59 -35.94 38.81
CA LEU K 194 22.22 -35.46 38.99
C LEU K 194 22.07 -34.48 40.15
N LYS K 195 23.08 -34.36 41.03
CA LYS K 195 22.97 -33.54 42.24
C LYS K 195 22.94 -32.05 41.93
N ASN K 196 23.60 -31.64 40.84
CA ASN K 196 23.96 -30.25 40.61
C ASN K 196 23.16 -29.59 39.48
N ASP K 197 22.54 -30.39 38.59
CA ASP K 197 21.73 -29.85 37.51
C ASP K 197 20.31 -29.50 37.97
N ASN K 198 19.52 -28.85 37.09
CA ASN K 198 18.23 -28.29 37.47
C ASN K 198 17.18 -29.40 37.60
N VAL K 199 16.33 -29.33 38.63
CA VAL K 199 15.30 -30.34 38.84
C VAL K 199 13.94 -29.71 39.12
N PHE K 200 12.89 -30.24 38.44
CA PHE K 200 11.51 -29.91 38.69
C PHE K 200 10.67 -31.19 38.72
N THR K 201 9.43 -31.11 39.22
CA THR K 201 8.59 -32.28 39.33
C THR K 201 7.23 -32.06 38.64
N PHE K 202 6.62 -33.18 38.25
CA PHE K 202 5.26 -33.19 37.71
C PHE K 202 4.56 -34.49 38.10
N ASN K 203 3.22 -34.47 38.10
CA ASN K 203 2.42 -35.60 38.55
C ASN K 203 1.45 -36.06 37.45
N ILE K 204 1.36 -37.38 37.25
CA ILE K 204 0.36 -37.99 36.39
C ILE K 204 -0.50 -38.95 37.23
N SER K 205 -1.72 -39.21 36.76
CA SER K 205 -2.60 -40.19 37.41
C SER K 205 -2.57 -41.52 36.66
N VAL K 206 -2.18 -42.60 37.36
CA VAL K 206 -2.14 -43.95 36.81
C VAL K 206 -2.91 -44.85 37.76
N ASN K 207 -3.90 -45.58 37.24
CA ASN K 207 -4.72 -46.40 38.10
C ASN K 207 -5.22 -45.54 39.28
N GLY K 208 -5.77 -44.37 38.94
CA GLY K 208 -6.34 -43.42 39.88
C GLY K 208 -5.39 -42.93 40.97
N THR K 209 -4.10 -43.30 40.87
CA THR K 209 -3.07 -42.99 41.86
C THR K 209 -2.15 -41.89 41.32
N GLU K 210 -1.82 -40.89 42.16
CA GLU K 210 -0.85 -39.87 41.80
C GLU K 210 0.57 -40.44 41.79
N VAL K 211 1.25 -40.33 40.63
CA VAL K 211 2.64 -40.69 40.48
C VAL K 211 3.43 -39.40 40.26
N GLU K 212 4.45 -39.15 41.10
CA GLU K 212 5.31 -37.99 40.94
C GLU K 212 6.60 -38.38 40.22
N TYR K 213 6.94 -37.59 39.19
CA TYR K 213 8.18 -37.71 38.45
C TYR K 213 9.06 -36.49 38.68
N TYR K 214 10.36 -36.75 38.77
CA TYR K 214 11.42 -35.77 38.94
C TYR K 214 12.19 -35.70 37.63
N ALA K 215 12.23 -34.52 37.02
CA ALA K 215 12.89 -34.29 35.75
C ALA K 215 14.19 -33.51 35.98
N TYR K 216 15.32 -34.13 35.62
CA TYR K 216 16.66 -33.57 35.77
C TYR K 216 17.10 -33.02 34.42
N VAL K 217 17.43 -31.73 34.36
CA VAL K 217 17.80 -31.07 33.12
C VAL K 217 19.25 -30.62 33.20
N ASN K 218 20.04 -30.90 32.15
CA ASN K 218 21.46 -30.57 32.11
C ASN K 218 21.69 -29.11 31.71
N LYS K 219 21.20 -28.77 30.52
CA LYS K 219 21.42 -27.46 29.93
C LYS K 219 20.08 -26.95 29.43
N THR K 220 19.96 -25.62 29.29
CA THR K 220 18.76 -25.03 28.72
C THR K 220 18.57 -25.53 27.29
N PHE K 221 17.40 -26.12 27.00
CA PHE K 221 17.08 -26.60 25.67
C PHE K 221 15.59 -26.46 25.39
N ALA K 222 15.24 -26.52 24.08
CA ALA K 222 13.86 -26.48 23.64
C ALA K 222 13.54 -27.71 22.81
N PHE K 223 12.28 -28.14 22.89
CA PHE K 223 11.75 -29.19 22.03
C PHE K 223 10.33 -28.85 21.57
N THR K 224 9.91 -29.46 20.47
CA THR K 224 8.56 -29.25 19.92
C THR K 224 7.78 -30.57 19.87
N TYR K 225 6.45 -30.47 19.98
CA TYR K 225 5.59 -31.63 19.91
C TYR K 225 4.23 -31.27 19.30
N PRO K 226 3.53 -32.22 18.65
CA PRO K 226 2.22 -31.92 18.06
C PRO K 226 1.10 -31.82 19.08
N VAL K 227 0.19 -30.85 18.87
CA VAL K 227 -0.93 -30.58 19.75
C VAL K 227 -2.27 -30.83 19.06
N SER K 228 -2.42 -30.43 17.79
CA SER K 228 -3.56 -30.82 16.97
C SER K 228 -3.27 -30.61 15.48
N GLY K 229 -4.09 -31.22 14.60
CA GLY K 229 -4.04 -30.96 13.17
C GLY K 229 -2.75 -31.42 12.51
N PHE K 230 -2.10 -32.43 13.10
CA PHE K 230 -0.81 -32.94 12.62
C PHE K 230 -0.94 -34.39 12.15
N PRO K 231 -1.21 -34.63 10.85
CA PRO K 231 -1.22 -35.98 10.27
C PRO K 231 0.15 -36.47 9.77
N LEU K 232 1.16 -35.58 9.76
CA LEU K 232 2.45 -35.85 9.11
C LEU K 232 3.46 -36.47 10.08
N ALA K 233 3.04 -37.38 10.95
CA ALA K 233 3.93 -38.02 11.92
C ALA K 233 5.13 -38.67 11.21
N GLY K 234 6.33 -38.34 11.69
CA GLY K 234 7.59 -38.78 11.09
C GLY K 234 8.38 -37.68 10.37
N SER K 235 7.81 -36.47 10.18
CA SER K 235 8.29 -35.56 9.14
C SER K 235 9.02 -34.28 9.62
N ASP K 236 8.76 -33.81 10.86
CA ASP K 236 9.17 -32.49 11.33
C ASP K 236 8.52 -31.31 10.58
N ILE K 237 7.48 -31.54 9.75
CA ILE K 237 6.83 -30.45 9.03
C ILE K 237 5.49 -30.12 9.70
N ALA K 238 5.29 -28.85 10.09
CA ALA K 238 4.00 -28.41 10.58
C ALA K 238 3.14 -27.98 9.39
N PRO K 239 2.06 -28.72 9.01
CA PRO K 239 1.21 -28.31 7.90
C PRO K 239 0.32 -27.14 8.29
N ALA K 240 -0.20 -26.43 7.29
CA ALA K 240 -1.16 -25.35 7.54
C ALA K 240 -2.39 -25.89 8.27
N GLY K 241 -2.77 -25.22 9.36
CA GLY K 241 -3.88 -25.67 10.21
C GLY K 241 -3.49 -26.72 11.25
N SER K 242 -2.19 -26.88 11.53
CA SER K 242 -1.69 -27.65 12.68
C SER K 242 -1.40 -26.72 13.86
N VAL K 243 -1.24 -27.31 15.06
CA VAL K 243 -0.89 -26.59 16.27
C VAL K 243 0.27 -27.35 16.93
N ILE K 244 1.37 -26.63 17.22
CA ILE K 244 2.62 -27.22 17.69
C ILE K 244 2.95 -26.65 19.07
N GLY K 245 3.17 -27.52 20.06
CA GLY K 245 3.65 -27.07 21.36
C GLY K 245 5.17 -26.86 21.33
N VAL K 246 5.63 -25.75 21.90
CA VAL K 246 7.05 -25.45 22.07
C VAL K 246 7.31 -25.38 23.58
N MET K 247 8.27 -26.18 24.05
CA MET K 247 8.61 -26.17 25.47
C MET K 247 10.11 -25.93 25.65
N ILE K 248 10.44 -24.95 26.50
CA ILE K 248 11.80 -24.60 26.86
C ILE K 248 12.03 -25.06 28.30
N LEU K 249 13.03 -25.92 28.52
CA LEU K 249 13.42 -26.33 29.87
C LEU K 249 14.72 -25.62 30.24
N PHE K 250 14.79 -25.02 31.43
CA PHE K 250 15.99 -24.29 31.85
C PHE K 250 16.97 -25.22 32.55
N GLY K 251 18.26 -25.10 32.18
CA GLY K 251 19.33 -25.79 32.89
C GLY K 251 19.86 -24.98 34.08
N PRO K 252 20.88 -25.47 34.81
CA PRO K 252 21.36 -24.83 36.04
C PRO K 252 21.93 -23.42 35.85
N GLY K 253 22.43 -23.11 34.64
CA GLY K 253 22.91 -21.78 34.30
C GLY K 253 21.79 -20.72 34.33
N GLU K 254 20.76 -20.91 33.49
CA GLU K 254 19.69 -19.94 33.33
C GLU K 254 18.65 -20.02 34.45
N ALA K 255 18.59 -21.14 35.18
CA ALA K 255 17.60 -21.37 36.23
C ALA K 255 17.85 -20.53 37.49
N THR K 256 19.06 -19.96 37.65
CA THR K 256 19.67 -19.61 38.93
C THR K 256 18.85 -18.63 39.78
N ASN K 257 18.13 -17.69 39.16
CA ASN K 257 17.07 -16.95 39.82
C ASN K 257 15.97 -16.53 38.83
N VAL K 258 14.76 -16.30 39.37
CA VAL K 258 13.53 -16.12 38.62
C VAL K 258 13.55 -14.81 37.83
N PHE K 259 12.85 -14.78 36.68
CA PHE K 259 12.67 -13.54 35.91
C PHE K 259 11.71 -12.60 36.64
N GLN K 260 12.18 -11.41 37.01
CA GLN K 260 11.34 -10.38 37.62
C GLN K 260 11.78 -9.00 37.13
N TYR K 261 10.80 -8.16 36.74
CA TYR K 261 11.07 -6.79 36.30
C TYR K 261 12.06 -6.79 35.13
N GLU K 262 11.85 -7.72 34.18
CA GLU K 262 12.80 -8.02 33.12
C GLU K 262 12.05 -8.32 31.81
N THR K 263 12.71 -8.02 30.68
CA THR K 263 12.18 -8.46 29.38
C THR K 263 12.87 -9.76 28.97
N VAL K 264 12.05 -10.75 28.56
CA VAL K 264 12.53 -11.98 27.95
C VAL K 264 12.07 -12.03 26.49
N THR K 265 12.98 -12.46 25.60
CA THR K 265 12.71 -12.58 24.17
C THR K 265 13.06 -13.98 23.68
N ILE K 266 12.14 -14.58 22.89
CA ILE K 266 12.35 -15.86 22.22
C ILE K 266 12.16 -15.62 20.73
N GLN K 267 13.02 -16.23 19.90
CA GLN K 267 12.80 -16.15 18.45
C GLN K 267 12.93 -17.54 17.83
N ILE K 268 11.96 -17.90 16.97
CA ILE K 268 12.01 -19.13 16.21
C ILE K 268 12.31 -18.76 14.76
N THR K 269 13.37 -19.34 14.19
CA THR K 269 13.80 -19.02 12.83
C THR K 269 13.90 -20.30 12.01
N PRO K 270 12.85 -20.68 11.24
CA PRO K 270 12.94 -21.80 10.30
C PRO K 270 13.78 -21.45 9.07
N ASN K 271 14.10 -22.46 8.26
CA ASN K 271 15.03 -22.33 7.14
C ASN K 271 14.45 -21.56 5.94
N ILE K 272 13.11 -21.44 5.90
CA ILE K 272 12.39 -20.69 4.88
C ILE K 272 11.35 -19.82 5.59
N GLY K 273 11.15 -18.59 5.12
CA GLY K 273 10.12 -17.72 5.66
C GLY K 273 10.60 -16.86 6.82
N SER K 274 9.71 -15.97 7.29
CA SER K 274 10.05 -15.01 8.32
C SER K 274 10.06 -15.65 9.71
N PRO K 275 10.97 -15.22 10.62
CA PRO K 275 10.98 -15.75 11.98
C PRO K 275 9.87 -15.17 12.84
N LEU K 276 9.50 -15.91 13.89
CA LEU K 276 8.54 -15.46 14.88
C LEU K 276 9.30 -14.94 16.09
N THR K 277 9.07 -13.67 16.46
CA THR K 277 9.72 -13.04 17.60
C THR K 277 8.69 -12.79 18.71
N ILE K 278 9.00 -13.32 19.90
CA ILE K 278 8.12 -13.30 21.08
C ILE K 278 8.84 -12.49 22.16
N SER K 279 8.18 -11.45 22.73
CA SER K 279 8.75 -10.64 23.81
C SER K 279 7.75 -10.36 24.91
N GLN K 280 8.17 -10.55 26.18
CA GLN K 280 7.35 -10.27 27.35
C GLN K 280 8.15 -9.51 28.40
N TYR K 281 7.56 -8.45 28.96
CA TYR K 281 8.04 -7.92 30.24
C TYR K 281 7.40 -8.72 31.36
N ILE K 282 8.24 -9.41 32.14
CA ILE K 282 7.79 -10.34 33.17
C ILE K 282 7.77 -9.63 34.52
N TYR K 283 6.57 -9.38 35.04
CA TYR K 283 6.37 -9.10 36.45
C TYR K 283 6.58 -10.37 37.28
N GLN K 284 6.62 -10.22 38.60
CA GLN K 284 6.72 -11.34 39.55
C GLN K 284 5.77 -12.49 39.20
N PRO K 285 6.21 -13.77 39.28
CA PRO K 285 5.33 -14.91 39.04
C PRO K 285 4.40 -15.17 40.23
N ASP K 286 3.14 -15.51 39.92
CA ASP K 286 2.04 -15.45 40.87
C ASP K 286 1.51 -16.83 41.31
N GLY K 287 2.01 -17.91 40.70
CA GLY K 287 1.62 -19.29 40.99
C GLY K 287 2.63 -20.31 40.47
N LYS K 288 2.36 -21.61 40.69
CA LYS K 288 3.20 -22.70 40.22
C LYS K 288 3.46 -22.59 38.72
N VAL K 289 2.42 -22.25 37.96
CA VAL K 289 2.52 -21.76 36.60
C VAL K 289 1.96 -20.33 36.59
N THR K 290 2.58 -19.45 35.79
CA THR K 290 2.12 -18.08 35.63
C THR K 290 1.97 -17.76 34.14
N VAL K 291 0.96 -16.95 33.80
CA VAL K 291 0.70 -16.57 32.42
C VAL K 291 1.44 -15.26 32.15
N ILE K 292 2.44 -15.30 31.25
CA ILE K 292 3.32 -14.15 31.04
C ILE K 292 3.02 -13.40 29.73
N GLY K 293 2.32 -14.05 28.78
CA GLY K 293 2.10 -13.48 27.46
C GLY K 293 0.91 -14.07 26.75
N LEU L 1 41.99 -13.33 -51.46
CA LEU L 1 41.22 -12.06 -51.69
C LEU L 1 40.31 -11.73 -50.50
N ALA L 2 39.27 -12.55 -50.26
CA ALA L 2 38.27 -12.25 -49.25
C ALA L 2 38.78 -12.41 -47.82
N GLY L 3 39.94 -13.07 -47.64
CA GLY L 3 40.51 -13.31 -46.32
C GLY L 3 41.14 -12.07 -45.67
N LEU L 4 40.87 -10.88 -46.23
CA LEU L 4 41.46 -9.63 -45.76
C LEU L 4 40.41 -8.54 -45.55
N ASP L 5 39.59 -8.25 -46.57
CA ASP L 5 38.56 -7.22 -46.48
C ASP L 5 37.57 -7.52 -45.35
N THR L 6 37.18 -8.80 -45.22
CA THR L 6 36.33 -9.29 -44.13
C THR L 6 36.96 -9.08 -42.76
N ALA L 7 38.29 -9.30 -42.63
CA ALA L 7 39.02 -9.16 -41.39
C ALA L 7 39.01 -7.71 -40.89
N ILE L 8 39.16 -6.75 -41.82
CA ILE L 8 39.13 -5.33 -41.54
C ILE L 8 37.76 -4.92 -40.98
N ILE L 9 36.68 -5.37 -41.62
CA ILE L 9 35.32 -5.06 -41.18
C ILE L 9 35.05 -5.66 -39.81
N LEU L 10 35.53 -6.89 -39.56
CA LEU L 10 35.45 -7.52 -38.25
C LEU L 10 36.12 -6.65 -37.18
N ILE L 11 37.37 -6.21 -37.41
CA ILE L 11 38.09 -5.32 -36.51
C ILE L 11 37.23 -4.09 -36.16
N ALA L 12 36.69 -3.42 -37.18
CA ALA L 12 35.88 -2.22 -37.03
C ALA L 12 34.59 -2.47 -36.23
N PHE L 13 33.91 -3.58 -36.51
CA PHE L 13 32.66 -3.93 -35.85
C PHE L 13 32.90 -4.30 -34.37
N ILE L 14 34.03 -4.96 -34.07
CA ILE L 14 34.43 -5.25 -32.70
C ILE L 14 34.61 -3.95 -31.92
N ILE L 15 35.41 -3.02 -32.47
CA ILE L 15 35.67 -1.72 -31.86
C ILE L 15 34.35 -0.97 -31.63
N THR L 16 33.45 -0.99 -32.62
CA THR L 16 32.14 -0.36 -32.53
C THR L 16 31.32 -0.91 -31.36
N ALA L 17 31.27 -2.23 -31.21
CA ALA L 17 30.59 -2.90 -30.10
C ALA L 17 31.25 -2.59 -28.76
N ALA L 18 32.60 -2.61 -28.71
CA ALA L 18 33.37 -2.27 -27.51
C ALA L 18 33.09 -0.85 -27.02
N VAL L 19 32.93 0.10 -27.95
CA VAL L 19 32.56 1.48 -27.66
C VAL L 19 31.17 1.56 -27.01
N LEU L 20 30.18 0.84 -27.55
CA LEU L 20 28.85 0.79 -26.90
C LEU L 20 28.95 0.15 -25.52
N ALA L 21 29.70 -0.96 -25.40
CA ALA L 21 29.93 -1.64 -24.12
C ALA L 21 30.48 -0.68 -23.07
N TYR L 22 31.54 0.05 -23.43
CA TYR L 22 32.21 1.05 -22.60
C TYR L 22 31.21 2.09 -22.06
N VAL L 23 30.40 2.67 -22.96
CA VAL L 23 29.42 3.69 -22.63
C VAL L 23 28.30 3.13 -21.75
N ALA L 24 27.72 1.98 -22.15
CA ALA L 24 26.60 1.37 -21.45
C ALA L 24 26.94 1.02 -19.99
N VAL L 25 28.13 0.43 -19.75
CA VAL L 25 28.55 0.05 -18.41
C VAL L 25 28.77 1.29 -17.54
N ASN L 26 29.51 2.29 -18.06
CA ASN L 26 29.76 3.56 -17.39
C ASN L 26 28.45 4.22 -16.98
N MET L 27 27.52 4.32 -17.93
CA MET L 27 26.26 5.01 -17.68
C MET L 27 25.33 4.22 -16.74
N GLY L 28 25.37 2.88 -16.77
CA GLY L 28 24.72 2.03 -15.80
C GLY L 28 25.24 2.25 -14.37
N LEU L 29 26.57 2.28 -14.20
CA LEU L 29 27.19 2.60 -12.93
C LEU L 29 26.75 3.97 -12.43
N PHE L 30 26.73 4.97 -13.31
CA PHE L 30 26.28 6.31 -12.98
C PHE L 30 24.83 6.33 -12.50
N VAL L 31 23.89 5.85 -13.34
CA VAL L 31 22.45 5.93 -13.06
C VAL L 31 22.07 5.14 -11.81
N THR L 32 22.64 3.94 -11.63
CA THR L 32 22.35 3.13 -10.46
C THR L 32 22.79 3.81 -9.16
N GLN L 33 23.89 4.59 -9.20
CA GLN L 33 24.30 5.37 -8.05
C GLN L 33 23.35 6.55 -7.77
N LYS L 34 22.85 7.21 -8.83
CA LYS L 34 21.80 8.23 -8.70
C LYS L 34 20.55 7.63 -8.04
N ALA L 35 20.16 6.42 -8.43
CA ALA L 35 19.08 5.67 -7.82
C ALA L 35 19.35 5.40 -6.34
N LYS L 36 20.55 4.90 -5.98
CA LYS L 36 20.95 4.69 -4.59
C LYS L 36 20.76 5.95 -3.74
N THR L 37 21.32 7.08 -4.24
CA THR L 37 21.23 8.38 -3.59
C THR L 37 19.78 8.80 -3.39
N THR L 38 18.94 8.64 -4.43
CA THR L 38 17.53 8.97 -4.41
C THR L 38 16.79 8.16 -3.34
N ILE L 39 17.03 6.84 -3.29
CA ILE L 39 16.40 5.96 -2.31
C ILE L 39 16.71 6.41 -0.88
N ASN L 40 17.98 6.77 -0.62
CA ASN L 40 18.40 7.32 0.66
C ASN L 40 17.65 8.62 0.99
N LYS L 41 17.60 9.57 0.04
CA LYS L 41 16.90 10.84 0.22
C LYS L 41 15.39 10.65 0.43
N GLY L 42 14.78 9.65 -0.21
CA GLY L 42 13.39 9.29 0.00
C GLY L 42 13.11 8.82 1.43
N GLU L 43 14.00 7.96 1.97
CA GLU L 43 13.90 7.47 3.33
C GLU L 43 14.12 8.59 4.35
N GLU L 44 15.12 9.46 4.12
CA GLU L 44 15.35 10.65 4.93
C GLU L 44 14.11 11.55 4.94
N THR L 45 13.48 11.76 3.78
CA THR L 45 12.28 12.59 3.64
C THR L 45 11.09 12.01 4.40
N ALA L 46 10.90 10.69 4.36
CA ALA L 46 9.79 10.04 5.04
C ALA L 46 9.99 10.00 6.56
N SER L 47 11.25 9.87 7.02
CA SER L 47 11.58 9.73 8.44
C SER L 47 11.64 11.08 9.16
N THR L 48 12.32 12.08 8.59
CA THR L 48 12.59 13.34 9.28
C THR L 48 11.34 14.20 9.44
N ALA L 49 11.04 14.60 10.69
CA ALA L 49 9.90 15.45 11.02
C ALA L 49 10.07 16.05 12.43
N LEU L 50 9.40 17.18 12.68
CA LEU L 50 9.34 17.81 14.01
C LEU L 50 7.94 17.66 14.58
N SER L 51 7.85 17.36 15.88
CA SER L 51 6.62 17.42 16.65
C SER L 51 6.63 18.63 17.57
N LEU L 52 5.48 19.28 17.71
CA LEU L 52 5.26 20.20 18.82
C LEU L 52 5.25 19.40 20.12
N SER L 53 6.17 19.71 21.05
CA SER L 53 6.41 18.90 22.23
C SER L 53 6.31 19.70 23.54
N GLY L 54 5.50 20.77 23.51
CA GLY L 54 5.11 21.53 24.69
C GLY L 54 3.90 22.39 24.36
N ASN L 55 3.40 23.12 25.36
CA ASN L 55 2.35 24.10 25.09
C ASN L 55 2.93 25.33 24.37
N VAL L 56 2.07 26.07 23.68
CA VAL L 56 2.42 27.33 23.04
C VAL L 56 2.04 28.47 23.99
N LEU L 57 3.05 29.28 24.35
CA LEU L 57 2.90 30.40 25.28
C LEU L 57 2.92 31.72 24.51
N TYR L 58 2.09 32.67 24.95
CA TYR L 58 1.94 33.97 24.30
C TYR L 58 2.02 35.07 25.36
N ALA L 59 2.73 36.17 25.07
CA ALA L 59 2.97 37.25 26.04
C ALA L 59 2.54 38.60 25.48
N VAL L 60 1.89 39.41 26.34
CA VAL L 60 1.29 40.70 25.98
C VAL L 60 1.45 41.70 27.12
N ASN L 61 1.18 42.98 26.86
CA ASN L 61 1.22 44.04 27.87
C ASN L 61 0.01 44.01 28.81
N TYR L 62 -0.23 42.85 29.41
CA TYR L 62 -1.35 42.60 30.30
C TYR L 62 -1.28 43.51 31.54
N PRO L 63 -2.42 44.00 32.10
CA PRO L 63 -3.77 43.76 31.59
C PRO L 63 -4.24 44.65 30.44
N THR L 64 -3.45 45.65 30.07
CA THR L 64 -3.86 46.69 29.12
C THR L 64 -4.15 46.15 27.71
N ASN L 65 -3.44 45.07 27.31
CA ASN L 65 -3.69 44.30 26.09
C ASN L 65 -3.65 45.13 24.80
N THR L 66 -2.91 46.24 24.77
CA THR L 66 -2.75 47.04 23.57
C THR L 66 -1.58 46.57 22.70
N LYS L 67 -0.69 45.71 23.23
CA LYS L 67 0.56 45.40 22.54
C LYS L 67 1.03 43.96 22.79
N SER L 68 1.70 43.38 21.79
CA SER L 68 2.09 41.98 21.74
C SER L 68 3.62 41.83 21.81
N TYR L 69 4.13 40.89 22.63
CA TYR L 69 5.55 40.84 22.96
C TYR L 69 6.27 39.65 22.30
N TRP L 70 5.87 38.43 22.66
CA TRP L 70 6.51 37.23 22.15
C TRP L 70 5.62 36.00 22.19
N MET L 71 5.99 34.97 21.42
CA MET L 71 5.45 33.63 21.55
C MET L 71 6.62 32.66 21.78
N TYR L 72 6.38 31.62 22.60
CA TYR L 72 7.36 30.59 22.88
C TYR L 72 6.68 29.22 22.72
N PHE L 73 7.40 28.26 22.11
CA PHE L 73 6.96 26.87 22.08
C PHE L 73 8.19 25.97 21.97
N THR L 74 7.97 24.65 22.10
CA THR L 74 9.07 23.69 22.15
C THR L 74 8.84 22.62 21.09
N VAL L 75 9.91 22.19 20.40
CA VAL L 75 9.82 21.16 19.37
C VAL L 75 10.88 20.06 19.58
N SER L 76 10.61 18.87 19.05
CA SER L 76 11.55 17.76 19.08
C SER L 76 11.32 16.88 17.85
N PRO L 77 12.35 16.17 17.31
CA PRO L 77 12.14 15.20 16.24
C PRO L 77 11.11 14.13 16.58
N SER L 78 10.21 13.85 15.62
CA SER L 78 9.05 12.98 15.82
C SER L 78 9.46 11.53 16.08
N SER L 79 8.89 10.94 17.14
CA SER L 79 8.99 9.52 17.45
C SER L 79 10.44 9.03 17.60
N GLY L 80 11.41 9.96 17.74
CA GLY L 80 12.82 9.65 17.94
C GLY L 80 13.50 8.94 16.76
N VAL L 81 13.00 9.13 15.53
CA VAL L 81 13.45 8.31 14.41
C VAL L 81 14.76 8.78 13.79
N SER L 82 14.94 10.11 13.61
CA SER L 82 16.11 10.69 12.97
C SER L 82 16.28 12.17 13.33
N SER L 83 17.49 12.72 13.06
CA SER L 83 17.85 14.10 13.38
C SER L 83 17.27 15.11 12.38
N VAL L 84 17.18 16.39 12.79
CA VAL L 84 16.67 17.48 11.95
C VAL L 84 17.69 18.62 11.91
N ASP L 85 18.05 19.08 10.70
CA ASP L 85 18.88 20.27 10.49
C ASP L 85 18.04 21.51 10.75
N LEU L 86 18.44 22.35 11.71
CA LEU L 86 17.73 23.59 12.05
C LEU L 86 18.55 24.84 11.76
N SER L 87 19.53 24.77 10.86
CA SER L 87 20.33 25.97 10.59
C SER L 87 19.48 27.07 9.96
N PRO L 88 19.53 28.33 10.46
CA PRO L 88 18.67 29.40 9.95
C PRO L 88 18.94 29.87 8.54
N SER L 89 20.07 29.47 7.94
CA SER L 89 20.31 29.76 6.53
C SER L 89 19.49 28.85 5.60
N THR L 90 19.16 27.63 6.09
CA THR L 90 18.49 26.61 5.29
C THR L 90 17.00 26.51 5.65
N THR L 91 16.68 26.57 6.94
CA THR L 91 15.33 26.42 7.47
C THR L 91 14.56 27.73 7.34
N ALA L 92 13.23 27.66 7.10
CA ALA L 92 12.37 28.83 7.22
C ALA L 92 11.39 28.64 8.38
N ILE L 93 11.04 29.74 9.06
CA ILE L 93 9.87 29.77 9.93
C ILE L 93 8.94 30.87 9.42
N SER L 94 7.73 30.50 8.98
CA SER L 94 6.74 31.47 8.54
C SER L 94 5.74 31.77 9.64
N PHE L 95 5.13 32.96 9.59
CA PHE L 95 4.13 33.37 10.57
C PHE L 95 3.00 34.09 9.84
N THR L 96 1.75 33.62 10.03
CA THR L 96 0.60 34.26 9.40
C THR L 96 -0.54 34.47 10.41
N ALA L 97 -1.20 35.62 10.30
CA ALA L 97 -2.44 35.90 11.01
C ALA L 97 -3.43 36.39 9.96
N ALA L 98 -4.12 35.42 9.35
CA ALA L 98 -4.87 35.59 8.10
C ALA L 98 -5.94 36.69 8.21
N SER L 99 -6.65 36.71 9.35
CA SER L 99 -7.75 37.63 9.63
C SER L 99 -7.34 39.10 9.45
N ARG L 100 -6.11 39.44 9.84
CA ARG L 100 -5.58 40.80 9.76
C ARG L 100 -4.59 40.99 8.60
N GLY L 101 -4.43 39.97 7.75
CA GLY L 101 -3.62 40.07 6.54
C GLY L 101 -2.11 40.09 6.78
N VAL L 102 -1.67 39.71 8.00
CA VAL L 102 -0.25 39.57 8.28
C VAL L 102 0.23 38.23 7.73
N SER L 103 1.29 38.27 6.90
CA SER L 103 1.87 37.07 6.33
C SER L 103 3.37 37.28 6.14
N LEU L 104 4.17 36.59 6.96
CA LEU L 104 5.62 36.65 6.92
C LEU L 104 6.13 35.30 6.42
N SER L 105 6.89 35.32 5.32
CA SER L 105 7.34 34.08 4.69
C SER L 105 8.52 33.45 5.43
N ASN L 106 9.42 34.27 6.02
CA ASN L 106 10.53 33.73 6.80
C ASN L 106 11.03 34.72 7.84
N ILE L 107 10.89 34.36 9.13
CA ILE L 107 11.31 35.19 10.26
C ILE L 107 12.49 34.57 11.01
N TYR L 108 12.95 33.37 10.63
CA TYR L 108 14.01 32.68 11.35
C TYR L 108 15.37 33.29 11.03
N GLN L 109 16.15 33.66 12.06
CA GLN L 109 17.39 34.40 11.85
C GLN L 109 18.58 33.81 12.60
N PHE L 110 18.37 33.34 13.84
CA PHE L 110 19.48 33.00 14.73
C PHE L 110 19.23 31.68 15.47
N SER L 111 20.32 30.99 15.84
CA SER L 111 20.21 29.83 16.70
C SER L 111 21.34 29.79 17.71
N LEU L 112 21.00 29.47 18.97
CA LEU L 112 22.00 29.23 19.99
C LEU L 112 22.53 27.79 19.95
N LEU L 113 21.99 26.92 19.09
CA LEU L 113 22.54 25.58 18.86
C LEU L 113 23.98 25.67 18.34
N SER L 114 24.30 26.77 17.63
CA SER L 114 25.62 27.08 17.08
C SER L 114 26.66 27.42 18.16
N VAL L 115 26.22 27.73 19.39
CA VAL L 115 27.03 28.45 20.36
C VAL L 115 27.51 27.52 21.48
N LEU L 116 28.84 27.53 21.74
CA LEU L 116 29.43 26.79 22.85
C LEU L 116 29.26 27.58 24.15
N PRO L 117 29.06 26.92 25.32
CA PRO L 117 28.91 27.62 26.60
C PRO L 117 29.98 28.67 26.92
N SER L 118 31.24 28.39 26.55
CA SER L 118 32.38 29.28 26.80
C SER L 118 32.25 30.62 26.06
N GLN L 119 31.35 30.72 25.07
CA GLN L 119 31.13 31.94 24.30
C GLN L 119 30.15 32.89 24.99
N VAL L 120 29.40 32.40 26.00
CA VAL L 120 28.34 33.17 26.64
C VAL L 120 28.49 33.26 28.16
N ASN L 121 28.94 32.18 28.81
CA ASN L 121 29.14 32.16 30.25
C ASN L 121 30.26 33.11 30.65
N ASN L 122 30.05 33.83 31.77
CA ASN L 122 30.99 34.79 32.35
C ASN L 122 31.26 35.99 31.44
N LYS L 123 30.37 36.27 30.47
CA LYS L 123 30.61 37.32 29.47
C LYS L 123 29.57 38.44 29.49
N VAL L 124 28.47 38.26 30.23
CA VAL L 124 27.59 39.37 30.62
C VAL L 124 27.58 39.46 32.14
N GLN L 125 27.51 40.69 32.66
CA GLN L 125 27.75 40.93 34.08
C GLN L 125 26.82 42.03 34.62
N VAL L 126 26.51 41.93 35.91
CA VAL L 126 25.59 42.80 36.61
C VAL L 126 26.35 43.59 37.67
N LYS L 127 26.08 44.90 37.75
CA LYS L 127 26.66 45.77 38.77
C LYS L 127 25.63 46.02 39.87
N LEU L 128 25.98 45.65 41.11
CA LEU L 128 25.15 45.87 42.29
C LEU L 128 25.96 46.69 43.30
N GLY L 129 25.78 48.02 43.27
CA GLY L 129 26.67 48.94 43.95
C GLY L 129 28.10 48.82 43.39
N THR L 130 29.08 48.64 44.30
CA THR L 130 30.48 48.44 43.95
C THR L 130 30.72 47.06 43.33
N SER L 131 29.95 46.05 43.78
CA SER L 131 30.14 44.66 43.41
C SER L 131 29.71 44.37 41.96
N ILE L 132 30.43 43.44 41.30
CA ILE L 132 30.12 43.04 39.93
C ILE L 132 30.09 41.51 39.83
N ILE L 133 29.01 40.97 39.24
CA ILE L 133 28.74 39.54 39.20
C ILE L 133 28.64 39.06 37.75
N ASN L 134 29.43 38.03 37.41
CA ASN L 134 29.35 37.41 36.09
C ASN L 134 28.23 36.39 36.09
N LEU L 135 27.44 36.35 35.00
CA LEU L 135 26.33 35.43 34.86
C LEU L 135 26.72 34.13 34.15
N THR L 136 26.10 33.02 34.59
CA THR L 136 26.10 31.76 33.87
C THR L 136 24.72 31.59 33.20
N LEU L 137 24.72 31.34 31.88
CA LEU L 137 23.49 31.34 31.10
C LEU L 137 23.25 29.98 30.44
N ALA L 138 24.30 29.41 29.85
CA ALA L 138 24.26 28.06 29.30
C ALA L 138 24.65 27.07 30.41
N PHE L 139 23.70 26.21 30.80
CA PHE L 139 23.98 25.14 31.75
C PHE L 139 24.46 23.90 30.99
N SER L 140 25.16 23.01 31.70
CA SER L 140 25.74 21.83 31.08
C SER L 140 25.84 20.66 32.06
N SER L 141 25.76 19.43 31.51
CA SER L 141 25.94 18.19 32.25
C SER L 141 26.62 17.12 31.37
N ASN L 142 27.24 16.12 32.00
CA ASN L 142 28.00 15.09 31.29
C ASN L 142 27.31 13.74 31.40
N SER L 143 27.11 13.06 30.25
CA SER L 143 26.75 11.66 30.20
C SER L 143 27.56 10.97 29.10
N ALA L 144 28.15 9.79 29.41
CA ALA L 144 28.89 8.97 28.47
C ALA L 144 29.94 9.76 27.66
N GLY L 145 30.62 10.72 28.33
CA GLY L 145 31.71 11.47 27.72
C GLY L 145 31.28 12.59 26.78
N GLN L 146 29.95 12.82 26.67
CA GLN L 146 29.39 13.95 25.92
C GLN L 146 28.95 15.04 26.90
N THR L 147 29.17 16.32 26.53
CA THR L 147 28.63 17.45 27.26
C THR L 147 27.32 17.89 26.63
N TYR L 148 26.22 17.75 27.38
CA TYR L 148 24.92 18.28 27.01
C TYR L 148 24.85 19.76 27.37
N VAL L 149 24.14 20.56 26.57
CA VAL L 149 24.06 22.01 26.77
C VAL L 149 22.61 22.45 26.65
N TYR L 150 22.18 23.38 27.53
CA TYR L 150 20.82 23.91 27.47
C TYR L 150 20.71 25.25 28.21
N TYR L 151 19.59 25.96 27.96
CA TYR L 151 19.22 27.16 28.69
C TYR L 151 17.99 26.83 29.53
N SER L 152 18.04 27.20 30.82
CA SER L 152 17.00 26.81 31.76
C SER L 152 15.68 27.53 31.50
N ASP L 153 15.73 28.74 30.93
CA ASP L 153 14.55 29.54 30.64
C ASP L 153 14.76 30.44 29.41
N PRO L 154 13.67 31.02 28.84
CA PRO L 154 13.79 32.02 27.77
C PRO L 154 14.59 33.27 28.14
N ASN L 155 14.62 33.66 29.42
CA ASN L 155 15.32 34.87 29.85
C ASN L 155 16.84 34.75 29.68
N TYR L 156 17.41 33.63 30.13
CA TYR L 156 18.83 33.36 29.94
C TYR L 156 19.16 33.15 28.46
N ALA L 157 18.24 32.56 27.68
CA ALA L 157 18.41 32.44 26.25
C ALA L 157 18.47 33.82 25.57
N LEU L 158 17.57 34.75 25.95
CA LEU L 158 17.56 36.11 25.43
C LEU L 158 18.87 36.85 25.72
N LEU L 159 19.37 36.77 26.97
CA LEU L 159 20.63 37.42 27.33
C LEU L 159 21.80 36.85 26.54
N ALA L 160 21.86 35.51 26.39
CA ALA L 160 22.87 34.83 25.59
C ALA L 160 22.81 35.24 24.12
N LEU L 161 21.60 35.37 23.56
CA LEU L 161 21.42 35.82 22.19
C LEU L 161 21.85 37.28 22.04
N ASN L 162 21.40 38.16 22.94
CA ASN L 162 21.79 39.56 22.90
C ASN L 162 23.31 39.67 22.79
N TYR L 163 24.05 39.01 23.68
CA TYR L 163 25.50 39.03 23.69
C TYR L 163 26.08 38.52 22.37
N THR L 164 25.62 37.35 21.91
CA THR L 164 26.06 36.72 20.68
C THR L 164 25.91 37.68 19.49
N LEU L 165 24.74 38.32 19.35
CA LEU L 165 24.48 39.25 18.25
C LEU L 165 25.32 40.52 18.38
N GLY L 166 25.45 41.08 19.59
CA GLY L 166 26.34 42.22 19.83
C GLY L 166 27.78 41.94 19.42
N GLN L 167 28.25 40.72 19.70
CA GLN L 167 29.58 40.24 19.35
C GLN L 167 29.75 40.06 17.84
N GLU L 168 28.72 39.53 17.16
CA GLU L 168 28.72 39.37 15.71
C GLU L 168 28.73 40.73 14.98
N VAL L 169 28.03 41.74 15.51
CA VAL L 169 28.07 43.10 14.99
C VAL L 169 29.46 43.70 15.17
N LYS L 170 30.06 43.53 16.37
CA LYS L 170 31.40 44.02 16.69
C LYS L 170 32.46 43.39 15.77
N GLY L 171 32.29 42.10 15.46
CA GLY L 171 33.17 41.37 14.54
C GLY L 171 32.87 41.62 13.05
N GLY L 172 31.87 42.46 12.74
CA GLY L 172 31.52 42.82 11.36
C GLY L 172 30.81 41.72 10.57
N GLN L 173 30.42 40.63 11.24
CA GLN L 173 29.75 39.50 10.61
C GLN L 173 28.26 39.78 10.38
N LEU L 174 27.70 40.74 11.12
CA LEU L 174 26.30 41.13 11.07
C LEU L 174 26.20 42.66 11.02
N THR L 175 25.27 43.21 10.23
CA THR L 175 25.20 44.66 10.01
C THR L 175 24.65 45.40 11.23
N SER L 176 23.53 44.89 11.77
CA SER L 176 22.87 45.38 12.97
C SER L 176 22.20 44.22 13.71
N SER L 177 22.15 44.32 15.05
CA SER L 177 21.34 43.41 15.85
C SER L 177 19.89 43.89 15.86
N PRO L 178 18.88 43.01 15.58
CA PRO L 178 17.48 43.39 15.77
C PRO L 178 17.03 43.41 17.23
N LEU L 179 17.87 42.87 18.12
CA LEU L 179 17.60 42.79 19.56
C LEU L 179 18.63 43.61 20.33
N TYR L 180 18.16 44.38 21.32
CA TYR L 180 19.05 45.15 22.19
C TYR L 180 18.51 45.14 23.62
N ILE L 181 19.26 44.54 24.55
CA ILE L 181 18.82 44.39 25.94
C ILE L 181 19.67 45.25 26.87
N ILE L 182 19.00 46.03 27.75
CA ILE L 182 19.64 46.90 28.73
C ILE L 182 18.91 46.84 30.07
N SER L 183 19.62 47.11 31.17
CA SER L 183 19.01 47.24 32.50
C SER L 183 18.77 48.71 32.85
N ASN L 184 19.63 49.58 32.31
CA ASN L 184 19.60 51.01 32.52
C ASN L 184 18.70 51.64 31.46
N THR L 185 17.61 52.28 31.88
CA THR L 185 16.72 52.96 30.96
C THR L 185 17.21 54.36 30.57
N SER L 186 18.12 54.95 31.36
CA SER L 186 18.63 56.31 31.15
C SER L 186 19.29 56.46 29.77
N ILE L 187 19.88 55.37 29.25
CA ILE L 187 20.62 55.31 28.00
C ILE L 187 19.73 55.72 26.81
N VAL L 188 18.43 55.40 26.88
CA VAL L 188 17.48 55.47 25.78
C VAL L 188 17.38 56.88 25.20
N ALA L 189 17.48 57.92 26.04
CA ALA L 189 17.41 59.31 25.60
C ALA L 189 18.48 59.65 24.54
N SER L 190 19.65 58.99 24.63
CA SER L 190 20.78 59.20 23.74
C SER L 190 20.73 58.34 22.47
N LYS L 191 19.75 57.43 22.38
CA LYS L 191 19.63 56.44 21.31
C LYS L 191 18.20 56.45 20.75
N PRO L 192 17.82 57.50 19.98
CA PRO L 192 16.42 57.72 19.62
C PRO L 192 15.77 56.65 18.75
N TRP L 193 16.58 55.81 18.07
CA TRP L 193 16.07 54.67 17.33
C TRP L 193 15.37 53.65 18.25
N LEU L 194 15.75 53.60 19.53
CA LEU L 194 15.10 52.74 20.52
C LEU L 194 13.72 53.23 20.96
N LYS L 195 13.34 54.48 20.63
CA LYS L 195 12.10 55.07 21.09
C LYS L 195 10.87 54.44 20.45
N ASN L 196 11.02 53.96 19.20
CA ASN L 196 9.89 53.65 18.33
C ASN L 196 9.68 52.15 18.10
N ASP L 197 10.71 51.32 18.37
CA ASP L 197 10.58 49.87 18.21
C ASP L 197 9.94 49.21 19.44
N ASN L 198 9.63 47.91 19.34
CA ASN L 198 8.85 47.22 20.35
C ASN L 198 9.69 46.93 21.60
N VAL L 199 9.11 47.13 22.80
CA VAL L 199 9.85 46.90 24.05
C VAL L 199 9.02 46.07 25.04
N PHE L 200 9.67 45.06 25.62
CA PHE L 200 9.13 44.26 26.73
C PHE L 200 10.19 44.10 27.81
N THR L 201 9.78 43.67 29.01
CA THR L 201 10.72 43.50 30.11
C THR L 201 10.68 42.10 30.70
N PHE L 202 11.79 41.71 31.33
CA PHE L 202 11.88 40.47 32.08
C PHE L 202 12.82 40.64 33.27
N ASN L 203 12.67 39.78 34.29
CA ASN L 203 13.43 39.91 35.52
C ASN L 203 14.20 38.63 35.83
N ILE L 204 15.47 38.77 36.22
CA ILE L 204 16.27 37.66 36.73
C ILE L 204 16.71 37.98 38.16
N SER L 205 17.02 36.94 38.95
CA SER L 205 17.55 37.10 40.30
C SER L 205 19.07 36.93 40.30
N VAL L 206 19.79 37.97 40.75
CA VAL L 206 21.24 37.94 40.87
C VAL L 206 21.59 38.39 42.28
N ASN L 207 22.36 37.57 43.00
CA ASN L 207 22.66 37.91 44.38
C ASN L 207 21.36 38.22 45.12
N GLY L 208 20.38 37.30 44.96
CA GLY L 208 19.07 37.38 45.60
C GLY L 208 18.27 38.65 45.30
N THR L 209 18.78 39.49 44.38
CA THR L 209 18.19 40.78 44.03
C THR L 209 17.52 40.69 42.66
N GLU L 210 16.31 41.24 42.53
CA GLU L 210 15.62 41.32 41.24
C GLU L 210 16.28 42.37 40.33
N VAL L 211 16.72 41.93 39.15
CA VAL L 211 17.26 42.80 38.11
C VAL L 211 16.26 42.79 36.95
N GLU L 212 15.79 43.98 36.55
CA GLU L 212 14.89 44.11 35.42
C GLU L 212 15.67 44.51 34.16
N TYR L 213 15.41 43.77 33.08
CA TYR L 213 15.96 44.04 31.76
C TYR L 213 14.85 44.44 30.80
N TYR L 214 15.18 45.41 29.94
CA TYR L 214 14.32 45.94 28.89
C TYR L 214 14.88 45.46 27.56
N ALA L 215 14.06 44.72 26.80
CA ALA L 215 14.45 44.15 25.52
C ALA L 215 13.79 44.95 24.40
N TYR L 216 14.61 45.56 23.54
CA TYR L 216 14.16 46.37 22.40
C TYR L 216 14.28 45.53 21.14
N VAL L 217 13.15 45.35 20.43
CA VAL L 217 13.12 44.50 19.24
C VAL L 217 12.82 45.37 18.02
N ASN L 218 13.59 45.19 16.93
CA ASN L 218 13.45 45.97 15.72
C ASN L 218 12.33 45.43 14.83
N LYS L 219 12.45 44.17 14.44
CA LYS L 219 11.53 43.54 13.50
C LYS L 219 11.14 42.18 14.09
N THR L 220 9.99 41.65 13.66
CA THR L 220 9.57 40.33 14.07
C THR L 220 10.60 39.30 13.60
N PHE L 221 11.13 38.50 14.54
CA PHE L 221 12.09 37.46 14.22
C PHE L 221 11.93 36.27 15.15
N ALA L 222 12.48 35.13 14.73
CA ALA L 222 12.49 33.91 15.53
C ALA L 222 13.92 33.43 15.74
N PHE L 223 14.16 32.80 16.90
CA PHE L 223 15.40 32.11 17.18
C PHE L 223 15.13 30.79 17.90
N THR L 224 16.12 29.88 17.84
CA THR L 224 16.01 28.59 18.50
C THR L 224 17.15 28.40 19.51
N TYR L 225 16.87 27.60 20.56
CA TYR L 225 17.87 27.31 21.58
C TYR L 225 17.66 25.92 22.15
N PRO L 226 18.72 25.24 22.66
CA PRO L 226 18.56 23.90 23.23
C PRO L 226 17.94 23.91 24.63
N VAL L 227 17.06 22.93 24.88
CA VAL L 227 16.32 22.79 26.13
C VAL L 227 16.71 21.50 26.87
N SER L 228 16.86 20.37 26.15
CA SER L 228 17.44 19.15 26.71
C SER L 228 17.89 18.21 25.60
N GLY L 229 18.72 17.20 25.96
CA GLY L 229 19.09 16.12 25.05
C GLY L 229 19.92 16.59 23.84
N PHE L 230 20.65 17.70 24.02
CA PHE L 230 21.43 18.30 22.94
C PHE L 230 22.93 18.25 23.26
N PRO L 231 23.67 17.19 22.83
CA PRO L 231 25.12 17.14 22.98
C PRO L 231 25.89 17.76 21.82
N LEU L 232 25.20 18.15 20.74
CA LEU L 232 25.85 18.56 19.49
C LEU L 232 26.10 20.07 19.44
N ALA L 233 26.53 20.68 20.55
CA ALA L 233 26.79 22.12 20.61
C ALA L 233 27.79 22.54 19.53
N GLY L 234 27.42 23.57 18.75
CA GLY L 234 28.20 24.03 17.61
C GLY L 234 27.58 23.73 16.24
N SER L 235 26.50 22.90 16.17
CA SER L 235 26.15 22.22 14.92
C SER L 235 24.88 22.69 14.20
N ASP L 236 23.91 23.30 14.91
CA ASP L 236 22.56 23.56 14.42
C ASP L 236 21.74 22.28 14.11
N ILE L 237 22.19 21.09 14.53
CA ILE L 237 21.43 19.87 14.27
C ILE L 237 20.73 19.42 15.55
N ALA L 238 19.40 19.25 15.50
CA ALA L 238 18.65 18.66 16.60
C ALA L 238 18.68 17.14 16.48
N PRO L 239 19.40 16.38 17.34
CA PRO L 239 19.41 14.92 17.24
C PRO L 239 18.08 14.34 17.75
N ALA L 240 17.80 13.09 17.37
CA ALA L 240 16.63 12.38 17.88
C ALA L 240 16.70 12.27 19.40
N GLY L 241 15.61 12.65 20.07
CA GLY L 241 15.54 12.69 21.53
C GLY L 241 16.10 13.96 22.15
N SER L 242 16.26 15.04 21.36
CA SER L 242 16.54 16.38 21.86
C SER L 242 15.23 17.19 21.97
N VAL L 243 15.29 18.31 22.70
CA VAL L 243 14.17 19.24 22.86
C VAL L 243 14.69 20.65 22.59
N ILE L 244 14.05 21.37 21.66
CA ILE L 244 14.51 22.66 21.16
C ILE L 244 13.45 23.72 21.46
N GLY L 245 13.85 24.81 22.13
CA GLY L 245 12.95 25.94 22.33
C GLY L 245 12.93 26.82 21.08
N VAL L 246 11.73 27.24 20.66
CA VAL L 246 11.53 28.18 19.57
C VAL L 246 10.87 29.43 20.15
N MET L 247 11.49 30.59 19.95
CA MET L 247 10.93 31.83 20.46
C MET L 247 10.79 32.85 19.33
N ILE L 248 9.58 33.42 19.22
CA ILE L 248 9.26 34.46 18.25
C ILE L 248 9.10 35.78 19.01
N LEU L 249 9.88 36.79 18.65
CA LEU L 249 9.74 38.12 19.22
C LEU L 249 9.08 39.03 18.19
N PHE L 250 8.04 39.78 18.60
CA PHE L 250 7.33 40.65 17.66
C PHE L 250 7.97 42.03 17.60
N GLY L 251 8.15 42.55 16.38
CA GLY L 251 8.59 43.93 16.16
C GLY L 251 7.41 44.91 16.14
N PRO L 252 7.66 46.23 15.92
CA PRO L 252 6.62 47.25 16.01
C PRO L 252 5.48 47.10 15.00
N GLY L 253 5.74 46.46 13.85
CA GLY L 253 4.73 46.16 12.86
C GLY L 253 3.65 45.19 13.37
N GLU L 254 4.07 43.98 13.76
CA GLU L 254 3.15 42.93 14.17
C GLU L 254 2.65 43.12 15.61
N ALA L 255 3.36 43.90 16.43
CA ALA L 255 3.03 44.10 17.84
C ALA L 255 1.78 44.95 18.05
N THR L 256 1.32 45.69 17.03
CA THR L 256 0.52 46.91 17.13
C THR L 256 -0.78 46.76 17.91
N ASN L 257 -1.46 45.60 17.80
CA ASN L 257 -2.51 45.21 18.73
C ASN L 257 -2.59 43.69 18.89
N VAL L 258 -3.13 43.25 20.04
CA VAL L 258 -3.11 41.87 20.52
C VAL L 258 -3.97 40.97 19.63
N PHE L 259 -3.60 39.68 19.52
CA PHE L 259 -4.41 38.68 18.83
C PHE L 259 -5.65 38.35 19.65
N GLN L 260 -6.85 38.61 19.09
CA GLN L 260 -8.12 38.25 19.72
C GLN L 260 -9.12 37.81 18.66
N TYR L 261 -9.81 36.69 18.90
CA TYR L 261 -10.85 36.18 18.00
C TYR L 261 -10.25 35.95 16.60
N GLU L 262 -9.05 35.38 16.56
CA GLU L 262 -8.23 35.28 15.35
C GLU L 262 -7.50 33.94 15.31
N THR L 263 -7.23 33.45 14.09
CA THR L 263 -6.36 32.29 13.93
C THR L 263 -4.94 32.76 13.61
N VAL L 264 -3.97 32.21 14.34
CA VAL L 264 -2.54 32.39 14.06
C VAL L 264 -1.94 31.05 13.62
N THR L 265 -1.09 31.09 12.58
CA THR L 265 -0.42 29.90 12.05
C THR L 265 1.09 30.14 11.99
N ILE L 266 1.86 29.15 12.45
CA ILE L 266 3.31 29.13 12.36
C ILE L 266 3.71 27.86 11.60
N GLN L 267 4.69 27.95 10.70
CA GLN L 267 5.19 26.75 10.06
C GLN L 267 6.72 26.74 10.09
N ILE L 268 7.30 25.60 10.48
CA ILE L 268 8.74 25.40 10.42
C ILE L 268 9.03 24.43 9.29
N THR L 269 9.90 24.85 8.34
CA THR L 269 10.21 24.05 7.17
C THR L 269 11.73 23.84 7.07
N PRO L 270 12.28 22.71 7.58
CA PRO L 270 13.69 22.39 7.39
C PRO L 270 13.96 21.93 5.94
N ASN L 271 15.25 21.81 5.60
CA ASN L 271 15.68 21.56 4.23
C ASN L 271 15.42 20.11 3.76
N ILE L 272 15.20 19.20 4.72
CA ILE L 272 14.87 17.79 4.46
C ILE L 272 13.69 17.44 5.37
N GLY L 273 12.74 16.65 4.85
CA GLY L 273 11.63 16.15 5.64
C GLY L 273 10.42 17.08 5.62
N SER L 274 9.34 16.62 6.26
CA SER L 274 8.07 17.33 6.23
C SER L 274 8.09 18.52 7.21
N PRO L 275 7.41 19.64 6.87
CA PRO L 275 7.33 20.79 7.77
C PRO L 275 6.33 20.55 8.91
N LEU L 276 6.53 21.28 10.00
CA LEU L 276 5.61 21.27 11.14
C LEU L 276 4.72 22.50 11.03
N THR L 277 3.39 22.29 10.98
CA THR L 277 2.42 23.36 10.91
C THR L 277 1.64 23.46 12.22
N ILE L 278 1.65 24.64 12.82
CA ILE L 278 1.06 24.95 14.12
C ILE L 278 -0.05 25.98 13.89
N SER L 279 -1.29 25.70 14.36
CA SER L 279 -2.41 26.63 14.24
C SER L 279 -3.22 26.72 15.53
N GLN L 280 -3.53 27.97 15.96
CA GLN L 280 -4.36 28.22 17.14
C GLN L 280 -5.40 29.29 16.84
N TYR L 281 -6.65 29.05 17.24
CA TYR L 281 -7.61 30.15 17.39
C TYR L 281 -7.40 30.77 18.77
N ILE L 282 -7.03 32.05 18.78
CA ILE L 282 -6.67 32.75 20.00
C ILE L 282 -7.87 33.54 20.51
N TYR L 283 -8.43 33.09 21.64
CA TYR L 283 -9.29 33.92 22.47
C TYR L 283 -8.45 34.97 23.19
N GLN L 284 -9.14 35.95 23.83
CA GLN L 284 -8.51 36.99 24.64
C GLN L 284 -7.42 36.43 25.57
N PRO L 285 -6.25 37.11 25.70
CA PRO L 285 -5.20 36.68 26.64
C PRO L 285 -5.56 37.01 28.08
N ASP L 286 -5.24 36.07 28.99
CA ASP L 286 -5.80 36.06 30.34
C ASP L 286 -4.79 36.40 31.45
N GLY L 287 -3.51 36.56 31.09
CA GLY L 287 -2.42 36.89 32.01
C GLY L 287 -1.18 37.41 31.29
N LYS L 288 -0.12 37.75 32.05
CA LYS L 288 1.15 38.23 31.52
C LYS L 288 1.69 37.27 30.46
N VAL L 289 1.58 35.96 30.73
CA VAL L 289 1.72 34.91 29.75
C VAL L 289 0.38 34.18 29.68
N THR L 290 -0.03 33.75 28.48
CA THR L 290 -1.25 32.99 28.28
C THR L 290 -0.93 31.73 27.49
N VAL L 291 -1.62 30.62 27.81
CA VAL L 291 -1.42 29.36 27.12
C VAL L 291 -2.42 29.29 25.96
N ILE L 292 -1.92 29.27 24.71
CA ILE L 292 -2.79 29.37 23.54
C ILE L 292 -2.93 28.04 22.80
N GLY L 293 -2.04 27.08 23.04
CA GLY L 293 -2.02 25.83 22.29
C GLY L 293 -1.32 24.70 23.02
N LEU M 1 34.50 -6.34 -51.51
CA LEU M 1 33.36 -7.33 -51.49
C LEU M 1 32.49 -7.13 -50.24
N ALA M 2 33.02 -7.39 -49.04
CA ALA M 2 32.23 -7.39 -47.81
C ALA M 2 31.83 -5.97 -47.38
N GLY M 3 32.47 -4.94 -47.93
CA GLY M 3 32.20 -3.55 -47.57
C GLY M 3 30.87 -3.00 -48.12
N LEU M 4 30.00 -3.89 -48.61
CA LEU M 4 28.74 -3.51 -49.23
C LEU M 4 27.55 -4.30 -48.68
N ASP M 5 27.63 -5.64 -48.71
CA ASP M 5 26.55 -6.49 -48.21
C ASP M 5 26.27 -6.22 -46.73
N THR M 6 27.33 -6.05 -45.93
CA THR M 6 27.24 -5.66 -44.52
C THR M 6 26.54 -4.31 -44.33
N ALA M 7 26.83 -3.33 -45.20
CA ALA M 7 26.25 -1.99 -45.12
C ALA M 7 24.73 -2.01 -45.34
N ILE M 8 24.27 -2.85 -46.28
CA ILE M 8 22.86 -3.04 -46.58
C ILE M 8 22.12 -3.61 -45.36
N ILE M 9 22.69 -4.65 -44.73
CA ILE M 9 22.08 -5.27 -43.55
C ILE M 9 22.03 -4.28 -42.39
N LEU M 10 23.08 -3.48 -42.22
CA LEU M 10 23.11 -2.41 -41.22
C LEU M 10 21.95 -1.43 -41.44
N ILE M 11 21.77 -0.92 -42.67
CA ILE M 11 20.67 -0.04 -43.03
C ILE M 11 19.32 -0.65 -42.60
N ALA M 12 19.08 -1.92 -42.97
CA ALA M 12 17.85 -2.64 -42.66
C ALA M 12 17.62 -2.80 -41.15
N PHE M 13 18.68 -3.15 -40.40
CA PHE M 13 18.59 -3.37 -38.96
C PHE M 13 18.33 -2.05 -38.22
N ILE M 14 18.93 -0.94 -38.70
CA ILE M 14 18.67 0.39 -38.16
C ILE M 14 17.18 0.72 -38.31
N ILE M 15 16.65 0.59 -39.54
CA ILE M 15 15.25 0.86 -39.83
C ILE M 15 14.33 0.00 -38.96
N THR M 16 14.68 -1.29 -38.79
CA THR M 16 13.93 -2.23 -37.95
C THR M 16 13.86 -1.74 -36.50
N ALA M 17 14.99 -1.32 -35.93
CA ALA M 17 15.07 -0.77 -34.59
C ALA M 17 14.30 0.55 -34.46
N ALA M 18 14.43 1.43 -35.46
CA ALA M 18 13.72 2.71 -35.50
C ALA M 18 12.20 2.52 -35.50
N VAL M 19 11.71 1.49 -36.21
CA VAL M 19 10.29 1.11 -36.23
C VAL M 19 9.82 0.69 -34.83
N LEU M 20 10.59 -0.15 -34.12
CA LEU M 20 10.24 -0.51 -32.75
C LEU M 20 10.26 0.72 -31.83
N ALA M 21 11.28 1.58 -31.98
CA ALA M 21 11.39 2.83 -31.22
C ALA M 21 10.14 3.69 -31.40
N TYR M 22 9.74 3.91 -32.65
CA TYR M 22 8.55 4.67 -33.04
C TYR M 22 7.30 4.16 -32.33
N VAL M 23 7.06 2.84 -32.40
CA VAL M 23 5.90 2.19 -31.80
C VAL M 23 5.93 2.27 -30.28
N ALA M 24 7.07 1.92 -29.67
CA ALA M 24 7.23 1.87 -28.22
C ALA M 24 6.97 3.24 -27.57
N VAL M 25 7.52 4.32 -28.15
CA VAL M 25 7.36 5.67 -27.61
C VAL M 25 5.89 6.11 -27.72
N ASN M 26 5.29 5.95 -28.91
CA ASN M 26 3.88 6.27 -29.16
C ASN M 26 2.98 5.55 -28.15
N MET M 27 3.20 4.24 -27.98
CA MET M 27 2.34 3.44 -27.11
C MET M 27 2.57 3.75 -25.63
N GLY M 28 3.80 4.10 -25.23
CA GLY M 28 4.10 4.62 -23.91
C GLY M 28 3.37 5.92 -23.60
N LEU M 29 3.40 6.88 -24.54
CA LEU M 29 2.66 8.13 -24.42
C LEU M 29 1.15 7.85 -24.26
N PHE M 30 0.62 6.93 -25.08
CA PHE M 30 -0.79 6.53 -25.00
C PHE M 30 -1.14 5.96 -23.62
N VAL M 31 -0.45 4.88 -23.20
CA VAL M 31 -0.79 4.15 -21.98
C VAL M 31 -0.63 5.03 -20.74
N THR M 32 0.44 5.84 -20.68
CA THR M 32 0.66 6.72 -19.54
C THR M 32 -0.45 7.76 -19.40
N GLN M 33 -1.02 8.22 -20.52
CA GLN M 33 -2.17 9.11 -20.47
C GLN M 33 -3.44 8.40 -19.98
N LYS M 34 -3.65 7.14 -20.39
CA LYS M 34 -4.74 6.31 -19.86
C LYS M 34 -4.60 6.15 -18.34
N ALA M 35 -3.37 5.94 -17.86
CA ALA M 35 -3.06 5.90 -16.44
C ALA M 35 -3.40 7.21 -15.74
N LYS M 36 -2.98 8.37 -16.30
CA LYS M 36 -3.31 9.70 -15.77
C LYS M 36 -4.83 9.85 -15.60
N THR M 37 -5.59 9.55 -16.66
CA THR M 37 -7.05 9.63 -16.68
C THR M 37 -7.66 8.74 -15.60
N THR M 38 -7.16 7.49 -15.48
CA THR M 38 -7.61 6.53 -14.49
C THR M 38 -7.40 7.04 -13.06
N ILE M 39 -6.19 7.59 -12.78
CA ILE M 39 -5.87 8.12 -11.46
C ILE M 39 -6.84 9.24 -11.08
N ASN M 40 -7.14 10.14 -12.03
CA ASN M 40 -8.13 11.19 -11.83
C ASN M 40 -9.52 10.63 -11.51
N LYS M 41 -9.99 9.66 -12.31
CA LYS M 41 -11.28 9.00 -12.10
C LYS M 41 -11.35 8.26 -10.76
N GLY M 42 -10.25 7.66 -10.31
CA GLY M 42 -10.15 7.03 -9.01
C GLY M 42 -10.33 8.01 -7.85
N GLU M 43 -9.69 9.19 -7.95
CA GLU M 43 -9.82 10.24 -6.96
C GLU M 43 -11.24 10.83 -6.95
N GLU M 44 -11.82 11.07 -8.14
CA GLU M 44 -13.22 11.50 -8.26
C GLU M 44 -14.16 10.48 -7.61
N THR M 45 -13.93 9.18 -7.83
CA THR M 45 -14.74 8.10 -7.28
C THR M 45 -14.66 8.04 -5.75
N ALA M 46 -13.46 8.25 -5.18
CA ALA M 46 -13.26 8.22 -3.74
C ALA M 46 -13.84 9.46 -3.05
N SER M 47 -13.78 10.62 -3.73
CA SER M 47 -14.21 11.90 -3.15
C SER M 47 -15.72 12.12 -3.24
N THR M 48 -16.32 11.86 -4.42
CA THR M 48 -17.73 12.21 -4.67
C THR M 48 -18.70 11.30 -3.91
N ALA M 49 -19.60 11.91 -3.13
CA ALA M 49 -20.63 11.22 -2.37
C ALA M 49 -21.73 12.19 -1.93
N LEU M 50 -22.93 11.65 -1.66
CA LEU M 50 -24.05 12.41 -1.09
C LEU M 50 -24.29 11.97 0.34
N SER M 51 -24.57 12.95 1.22
CA SER M 51 -25.07 12.71 2.57
C SER M 51 -26.54 13.07 2.66
N LEU M 52 -27.31 12.27 3.40
CA LEU M 52 -28.62 12.70 3.87
C LEU M 52 -28.43 13.85 4.86
N SER M 53 -29.00 15.02 4.54
CA SER M 53 -28.74 16.25 5.29
C SER M 53 -30.01 16.93 5.80
N GLY M 54 -31.05 16.12 6.06
CA GLY M 54 -32.26 16.53 6.75
C GLY M 54 -33.03 15.30 7.20
N ASN M 55 -34.15 15.51 7.90
CA ASN M 55 -35.03 14.39 8.23
C ASN M 55 -35.78 13.92 6.98
N VAL M 56 -36.25 12.67 7.01
CA VAL M 56 -37.10 12.10 5.97
C VAL M 56 -38.56 12.26 6.39
N LEU M 57 -39.35 12.93 5.54
CA LEU M 57 -40.75 13.23 5.79
C LEU M 57 -41.62 12.34 4.91
N TYR M 58 -42.76 11.89 5.47
CA TYR M 58 -43.67 10.97 4.80
C TYR M 58 -45.10 11.50 4.94
N ALA M 59 -45.91 11.45 3.87
CA ALA M 59 -47.25 12.03 3.85
C ALA M 59 -48.30 10.99 3.43
N VAL M 60 -49.45 10.98 4.13
CA VAL M 60 -50.51 10.00 3.96
C VAL M 60 -51.89 10.69 4.12
N ASN M 61 -52.97 9.99 3.76
CA ASN M 61 -54.34 10.47 3.93
C ASN M 61 -54.82 10.38 5.38
N TYR M 62 -54.04 10.97 6.28
CA TYR M 62 -54.30 10.98 7.71
C TYR M 62 -55.62 11.69 8.03
N PRO M 63 -56.42 11.24 9.03
CA PRO M 63 -56.12 10.08 9.87
C PRO M 63 -56.49 8.71 9.32
N THR M 64 -57.17 8.68 8.16
CA THR M 64 -57.76 7.46 7.62
C THR M 64 -56.71 6.40 7.24
N ASN M 65 -55.51 6.84 6.85
CA ASN M 65 -54.33 5.99 6.63
C ASN M 65 -54.54 4.85 5.61
N THR M 66 -55.46 5.02 4.66
CA THR M 66 -55.68 4.03 3.61
C THR M 66 -54.78 4.26 2.39
N LYS M 67 -54.13 5.43 2.29
CA LYS M 67 -53.42 5.81 1.06
C LYS M 67 -52.18 6.67 1.32
N SER M 68 -51.18 6.51 0.44
CA SER M 68 -49.84 7.09 0.59
C SER M 68 -49.58 8.15 -0.49
N TYR M 69 -49.03 9.32 -0.12
CA TYR M 69 -48.98 10.47 -1.01
C TYR M 69 -47.56 10.77 -1.53
N TRP M 70 -46.64 11.09 -0.61
CA TRP M 70 -45.27 11.44 -0.99
C TRP M 70 -44.27 11.24 0.14
N MET M 71 -42.98 11.18 -0.23
CA MET M 71 -41.88 11.29 0.71
C MET M 71 -40.97 12.44 0.27
N TYR M 72 -40.40 13.16 1.25
CA TYR M 72 -39.49 14.26 1.00
C TYR M 72 -38.25 14.07 1.88
N PHE M 73 -37.06 14.33 1.32
CA PHE M 73 -35.83 14.41 2.10
C PHE M 73 -34.84 15.34 1.41
N THR M 74 -33.73 15.63 2.09
CA THR M 74 -32.77 16.61 1.60
C THR M 74 -31.38 15.99 1.55
N VAL M 75 -30.60 16.28 0.50
CA VAL M 75 -29.25 15.74 0.35
C VAL M 75 -28.25 16.85 0.02
N SER M 76 -26.97 16.60 0.34
CA SER M 76 -25.88 17.51 0.00
C SER M 76 -24.60 16.71 -0.20
N PRO M 77 -23.64 17.16 -1.05
CA PRO M 77 -22.34 16.49 -1.15
C PRO M 77 -21.60 16.37 0.19
N SER M 78 -21.05 15.18 0.45
CA SER M 78 -20.47 14.81 1.73
C SER M 78 -19.23 15.64 2.05
N SER M 79 -19.19 16.21 3.27
CA SER M 79 -18.01 16.87 3.84
C SER M 79 -17.48 18.02 2.97
N GLY M 80 -18.28 18.49 2.00
CA GLY M 80 -17.94 19.62 1.13
C GLY M 80 -16.75 19.38 0.20
N VAL M 81 -16.47 18.12 -0.16
CA VAL M 81 -15.21 17.80 -0.83
C VAL M 81 -15.25 18.05 -2.34
N SER M 82 -16.37 17.69 -3.01
CA SER M 82 -16.50 17.81 -4.46
C SER M 82 -17.97 17.80 -4.90
N SER M 83 -18.24 18.22 -6.15
CA SER M 83 -19.59 18.32 -6.72
C SER M 83 -20.15 16.96 -7.17
N VAL M 84 -21.49 16.87 -7.30
CA VAL M 84 -22.16 15.65 -7.74
C VAL M 84 -23.08 15.97 -8.91
N ASP M 85 -22.95 15.20 -10.01
CA ASP M 85 -23.86 15.25 -11.16
C ASP M 85 -25.18 14.58 -10.78
N LEU M 86 -26.31 15.32 -10.86
CA LEU M 86 -27.62 14.79 -10.53
C LEU M 86 -28.55 14.78 -11.74
N SER M 87 -28.03 14.76 -12.97
CA SER M 87 -28.92 14.75 -14.13
C SER M 87 -29.74 13.46 -14.19
N PRO M 88 -31.08 13.52 -14.38
CA PRO M 88 -31.93 12.34 -14.35
C PRO M 88 -31.74 11.35 -15.51
N SER M 89 -31.02 11.74 -16.56
CA SER M 89 -30.67 10.79 -17.61
C SER M 89 -29.54 9.84 -17.18
N THR M 90 -28.68 10.30 -16.26
CA THR M 90 -27.49 9.56 -15.83
C THR M 90 -27.70 8.91 -14.46
N THR M 91 -28.31 9.63 -13.53
CA THR M 91 -28.54 9.19 -12.16
C THR M 91 -29.75 8.26 -12.07
N ALA M 92 -29.72 7.27 -11.17
CA ALA M 92 -30.91 6.50 -10.83
C ALA M 92 -31.32 6.76 -9.37
N ILE M 93 -32.63 6.76 -9.10
CA ILE M 93 -33.13 6.64 -7.74
C ILE M 93 -34.01 5.40 -7.69
N SER M 94 -33.61 4.41 -6.87
CA SER M 94 -34.41 3.21 -6.68
C SER M 94 -35.23 3.29 -5.39
N PHE M 95 -36.36 2.56 -5.37
CA PHE M 95 -37.23 2.52 -4.21
C PHE M 95 -37.69 1.09 -3.97
N THR M 96 -37.47 0.56 -2.75
CA THR M 96 -37.92 -0.79 -2.42
C THR M 96 -38.63 -0.84 -1.07
N ALA M 97 -39.69 -1.64 -1.01
CA ALA M 97 -40.37 -1.98 0.22
C ALA M 97 -40.47 -3.51 0.26
N ALA M 98 -39.41 -4.14 0.78
CA ALA M 98 -39.12 -5.56 0.61
C ALA M 98 -40.26 -6.44 1.12
N SER M 99 -40.83 -6.08 2.28
CA SER M 99 -41.89 -6.81 2.97
C SER M 99 -43.10 -7.07 2.07
N ARG M 100 -43.45 -6.09 1.22
CA ARG M 100 -44.59 -6.17 0.31
C ARG M 100 -44.19 -6.44 -1.14
N GLY M 101 -42.89 -6.68 -1.39
CA GLY M 101 -42.40 -7.07 -2.71
C GLY M 101 -42.38 -5.94 -3.74
N VAL M 102 -42.50 -4.69 -3.28
CA VAL M 102 -42.33 -3.54 -4.17
C VAL M 102 -40.84 -3.29 -4.39
N SER M 103 -40.43 -3.24 -5.67
CA SER M 103 -39.05 -2.96 -6.03
C SER M 103 -39.02 -2.21 -7.35
N LEU M 104 -38.63 -0.92 -7.28
CA LEU M 104 -38.54 -0.06 -8.44
C LEU M 104 -37.06 0.27 -8.65
N SER M 105 -36.55 -0.05 -9.85
CA SER M 105 -35.12 0.10 -10.12
C SER M 105 -34.74 1.54 -10.41
N ASN M 106 -35.63 2.33 -11.04
CA ASN M 106 -35.35 3.74 -11.29
C ASN M 106 -36.63 4.56 -11.44
N ILE M 107 -36.85 5.50 -10.51
CA ILE M 107 -38.02 6.37 -10.49
C ILE M 107 -37.65 7.83 -10.78
N TYR M 108 -36.37 8.15 -10.93
CA TYR M 108 -35.94 9.54 -11.11
C TYR M 108 -36.22 10.00 -12.54
N GLN M 109 -36.90 11.15 -12.69
CA GLN M 109 -37.37 11.59 -14.01
C GLN M 109 -37.03 13.05 -14.32
N PHE M 110 -37.12 13.94 -13.31
CA PHE M 110 -37.08 15.39 -13.56
C PHE M 110 -36.22 16.10 -12.53
N SER M 111 -35.63 17.24 -12.93
CA SER M 111 -34.95 18.10 -11.99
C SER M 111 -35.22 19.58 -12.29
N LEU M 112 -35.48 20.35 -11.23
CA LEU M 112 -35.59 21.80 -11.36
C LEU M 112 -34.22 22.48 -11.31
N LEU M 113 -33.13 21.73 -11.07
CA LEU M 113 -31.78 22.27 -11.16
C LEU M 113 -31.49 22.78 -12.59
N SER M 114 -32.15 22.19 -13.59
CA SER M 114 -32.08 22.53 -15.00
C SER M 114 -32.74 23.88 -15.33
N VAL M 115 -33.55 24.43 -14.42
CA VAL M 115 -34.54 25.46 -14.74
C VAL M 115 -34.11 26.83 -14.20
N LEU M 116 -34.08 27.85 -15.08
CA LEU M 116 -33.81 29.22 -14.67
C LEU M 116 -35.08 29.86 -14.10
N PRO M 117 -34.99 30.76 -13.08
CA PRO M 117 -36.18 31.41 -12.50
C PRO M 117 -37.15 32.05 -13.49
N SER M 118 -36.62 32.65 -14.57
CA SER M 118 -37.42 33.31 -15.60
C SER M 118 -38.34 32.34 -16.37
N GLN M 119 -38.10 31.02 -16.24
CA GLN M 119 -38.91 30.01 -16.91
C GLN M 119 -40.15 29.64 -16.09
N VAL M 120 -40.20 30.03 -14.80
CA VAL M 120 -41.28 29.61 -13.90
C VAL M 120 -41.96 30.80 -13.21
N ASN M 121 -41.21 31.84 -12.84
CA ASN M 121 -41.77 33.02 -12.20
C ASN M 121 -42.69 33.77 -13.15
N ASN M 122 -43.82 34.27 -12.63
CA ASN M 122 -44.83 35.02 -13.35
C ASN M 122 -45.52 34.21 -14.46
N LYS M 123 -45.46 32.87 -14.40
CA LYS M 123 -45.96 32.03 -15.49
C LYS M 123 -47.11 31.09 -15.06
N VAL M 124 -47.36 30.97 -13.75
CA VAL M 124 -48.60 30.41 -13.23
C VAL M 124 -49.31 31.49 -12.42
N GLN M 125 -50.65 31.50 -12.50
CA GLN M 125 -51.44 32.61 -11.98
C GLN M 125 -52.74 32.13 -11.35
N VAL M 126 -53.21 32.91 -10.37
CA VAL M 126 -54.39 32.60 -9.56
C VAL M 126 -55.46 33.64 -9.84
N LYS M 127 -56.71 33.19 -10.02
CA LYS M 127 -57.86 34.07 -10.20
C LYS M 127 -58.65 34.15 -8.89
N LEU M 128 -58.78 35.37 -8.35
CA LEU M 128 -59.57 35.65 -7.15
C LEU M 128 -60.65 36.68 -7.49
N GLY M 129 -61.85 36.18 -7.81
CA GLY M 129 -62.87 37.02 -8.44
C GLY M 129 -62.39 37.54 -9.79
N THR M 130 -62.50 38.86 -9.99
CA THR M 130 -62.04 39.56 -11.19
C THR M 130 -60.51 39.62 -11.25
N SER M 131 -59.86 39.72 -10.07
CA SER M 131 -58.43 39.95 -9.95
C SER M 131 -57.61 38.70 -10.32
N ILE M 132 -56.42 38.91 -10.92
CA ILE M 132 -55.52 37.83 -11.30
C ILE M 132 -54.10 38.13 -10.82
N ILE M 133 -53.48 37.16 -10.13
CA ILE M 133 -52.19 37.33 -9.46
C ILE M 133 -51.16 36.34 -10.03
N ASN M 134 -50.02 36.86 -10.47
CA ASN M 134 -48.92 36.02 -10.93
C ASN M 134 -48.11 35.58 -9.72
N LEU M 135 -47.71 34.29 -9.70
CA LEU M 135 -46.92 33.73 -8.61
C LEU M 135 -45.41 33.80 -8.87
N THR M 136 -44.65 34.01 -7.79
CA THR M 136 -43.21 33.82 -7.75
C THR M 136 -42.93 32.52 -7.01
N LEU M 137 -42.15 31.61 -7.63
CA LEU M 137 -41.95 30.26 -7.12
C LEU M 137 -40.48 29.98 -6.85
N ALA M 138 -39.60 30.37 -7.79
CA ALA M 138 -38.16 30.31 -7.61
C ALA M 138 -37.69 31.61 -6.96
N PHE M 139 -37.16 31.52 -5.73
CA PHE M 139 -36.55 32.67 -5.07
C PHE M 139 -35.08 32.74 -5.43
N SER M 140 -34.49 33.94 -5.29
CA SER M 140 -33.10 34.17 -5.67
C SER M 140 -32.44 35.25 -4.82
N SER M 141 -31.11 35.13 -4.65
CA SER M 141 -30.27 36.11 -3.97
C SER M 141 -28.88 36.17 -4.61
N ASN M 142 -28.18 37.30 -4.41
CA ASN M 142 -26.88 37.52 -5.03
C ASN M 142 -25.76 37.53 -3.98
N SER M 143 -24.70 36.74 -4.23
CA SER M 143 -23.44 36.84 -3.52
C SER M 143 -22.28 36.74 -4.51
N ALA M 144 -21.29 37.65 -4.39
CA ALA M 144 -20.07 37.65 -5.21
C ALA M 144 -20.36 37.51 -6.71
N GLY M 145 -21.42 38.18 -7.19
CA GLY M 145 -21.74 38.24 -8.61
C GLY M 145 -22.42 36.98 -9.16
N GLN M 146 -22.71 36.00 -8.30
CA GLN M 146 -23.48 34.81 -8.66
C GLN M 146 -24.91 34.94 -8.14
N THR M 147 -25.89 34.49 -8.95
CA THR M 147 -27.27 34.38 -8.51
C THR M 147 -27.54 32.97 -8.00
N TYR M 148 -27.85 32.86 -6.70
CA TYR M 148 -28.28 31.62 -6.08
C TYR M 148 -29.80 31.46 -6.33
N VAL M 149 -30.26 30.21 -6.50
CA VAL M 149 -31.66 29.93 -6.82
C VAL M 149 -32.16 28.81 -5.91
N TYR M 150 -33.40 28.92 -5.41
CA TYR M 150 -33.99 27.89 -4.58
C TYR M 150 -35.51 28.00 -4.53
N TYR M 151 -36.16 26.92 -4.05
CA TYR M 151 -37.60 26.89 -3.76
C TYR M 151 -37.77 26.81 -2.26
N SER M 152 -38.63 27.69 -1.71
CA SER M 152 -38.77 27.83 -0.26
C SER M 152 -39.45 26.61 0.37
N ASP M 153 -40.30 25.91 -0.41
CA ASP M 153 -41.03 24.73 0.08
C ASP M 153 -41.31 23.73 -1.05
N PRO M 154 -41.72 22.48 -0.74
CA PRO M 154 -42.16 21.52 -1.75
C PRO M 154 -43.36 21.97 -2.57
N ASN M 155 -44.24 22.81 -2.02
CA ASN M 155 -45.44 23.25 -2.73
C ASN M 155 -45.11 24.12 -3.94
N TYR M 156 -44.23 25.11 -3.77
CA TYR M 156 -43.76 25.93 -4.87
C TYR M 156 -42.93 25.13 -5.87
N ALA M 157 -42.17 24.14 -5.38
CA ALA M 157 -41.45 23.22 -6.26
C ALA M 157 -42.40 22.40 -7.13
N LEU M 158 -43.50 21.87 -6.55
CA LEU M 158 -44.52 21.13 -7.28
C LEU M 158 -45.17 21.98 -8.37
N LEU M 159 -45.56 23.22 -8.05
CA LEU M 159 -46.18 24.11 -9.03
C LEU M 159 -45.21 24.43 -10.18
N ALA M 160 -43.94 24.71 -9.86
CA ALA M 160 -42.88 24.95 -10.83
C ALA M 160 -42.65 23.73 -11.74
N LEU M 161 -42.67 22.52 -11.15
CA LEU M 161 -42.52 21.29 -11.92
C LEU M 161 -43.74 21.08 -12.82
N ASN M 162 -44.95 21.21 -12.27
CA ASN M 162 -46.16 21.07 -13.07
C ASN M 162 -46.06 21.92 -14.34
N TYR M 163 -45.76 23.21 -14.19
CA TYR M 163 -45.64 24.14 -15.30
C TYR M 163 -44.58 23.67 -16.29
N THR M 164 -43.37 23.36 -15.80
CA THR M 164 -42.25 22.89 -16.61
C THR M 164 -42.64 21.69 -17.47
N LEU M 165 -43.28 20.68 -16.86
CA LEU M 165 -43.69 19.48 -17.57
C LEU M 165 -44.81 19.77 -18.58
N GLY M 166 -45.80 20.57 -18.20
CA GLY M 166 -46.84 21.02 -19.12
C GLY M 166 -46.26 21.71 -20.36
N GLN M 167 -45.24 22.54 -20.15
CA GLN M 167 -44.53 23.25 -21.21
C GLN M 167 -43.72 22.30 -22.11
N GLU M 168 -43.07 21.29 -21.51
CA GLU M 168 -42.32 20.28 -22.26
C GLU M 168 -43.25 19.40 -23.12
N VAL M 169 -44.45 19.07 -22.63
CA VAL M 169 -45.47 18.37 -23.39
C VAL M 169 -45.94 19.23 -24.57
N LYS M 170 -46.22 20.52 -24.31
CA LYS M 170 -46.66 21.47 -25.33
C LYS M 170 -45.61 21.64 -26.43
N GLY M 171 -44.33 21.64 -26.05
CA GLY M 171 -43.20 21.72 -26.97
C GLY M 171 -42.84 20.39 -27.64
N GLY M 172 -43.57 19.30 -27.33
CA GLY M 172 -43.36 18.00 -27.94
C GLY M 172 -42.11 17.25 -27.47
N GLN M 173 -41.44 17.78 -26.43
CA GLN M 173 -40.22 17.20 -25.87
C GLN M 173 -40.53 16.01 -24.96
N LEU M 174 -41.77 15.93 -24.45
CA LEU M 174 -42.24 14.91 -23.53
C LEU M 174 -43.61 14.41 -23.99
N THR M 175 -43.87 13.09 -23.89
CA THR M 175 -45.09 12.51 -24.46
C THR M 175 -46.33 12.86 -23.61
N SER M 176 -46.21 12.67 -22.28
CA SER M 176 -47.22 13.01 -21.28
C SER M 176 -46.55 13.42 -19.97
N SER M 177 -47.19 14.33 -19.23
CA SER M 177 -46.77 14.64 -17.87
C SER M 177 -47.35 13.61 -16.92
N PRO M 178 -46.56 12.99 -16.00
CA PRO M 178 -47.11 12.14 -14.95
C PRO M 178 -47.79 12.92 -13.82
N LEU M 179 -47.58 14.24 -13.79
CA LEU M 179 -48.13 15.12 -12.76
C LEU M 179 -49.08 16.13 -13.41
N TYR M 180 -50.24 16.35 -12.77
CA TYR M 180 -51.19 17.35 -13.23
C TYR M 180 -51.84 18.04 -12.03
N ILE M 181 -51.61 19.36 -11.89
CA ILE M 181 -52.08 20.13 -10.75
C ILE M 181 -53.17 21.11 -11.18
N ILE M 182 -54.30 21.13 -10.44
CA ILE M 182 -55.43 22.02 -10.69
C ILE M 182 -56.00 22.55 -9.37
N SER M 183 -56.63 23.73 -9.41
CA SER M 183 -57.37 24.28 -8.26
C SER M 183 -58.86 23.98 -8.37
N ASN M 184 -59.34 23.91 -9.63
CA ASN M 184 -60.72 23.67 -9.97
C ASN M 184 -60.95 22.16 -10.07
N THR M 185 -61.81 21.62 -9.20
CA THR M 185 -62.13 20.20 -9.26
C THR M 185 -63.19 19.86 -10.32
N SER M 186 -63.96 20.86 -10.78
CA SER M 186 -65.04 20.66 -11.75
C SER M 186 -64.55 20.05 -13.06
N ILE M 187 -63.30 20.32 -13.42
CA ILE M 187 -62.64 19.90 -14.65
C ILE M 187 -62.61 18.37 -14.77
N VAL M 188 -62.48 17.68 -13.63
CA VAL M 188 -62.18 16.25 -13.52
C VAL M 188 -63.23 15.39 -14.23
N ALA M 189 -64.51 15.79 -14.20
CA ALA M 189 -65.59 15.07 -14.86
C ALA M 189 -65.36 14.89 -16.36
N SER M 190 -64.67 15.86 -16.99
CA SER M 190 -64.39 15.88 -18.42
C SER M 190 -63.09 15.16 -18.79
N LYS M 191 -62.32 14.70 -17.79
CA LYS M 191 -60.99 14.11 -17.93
C LYS M 191 -60.91 12.79 -17.17
N PRO M 192 -61.59 11.72 -17.64
CA PRO M 192 -61.78 10.50 -16.84
C PRO M 192 -60.50 9.75 -16.46
N TRP M 193 -59.39 9.98 -17.16
CA TRP M 193 -58.10 9.42 -16.79
C TRP M 193 -57.63 9.92 -15.41
N LEU M 194 -58.08 11.10 -14.98
CA LEU M 194 -57.77 11.64 -13.66
C LEU M 194 -58.54 10.95 -12.53
N LYS M 195 -59.56 10.14 -12.84
CA LYS M 195 -60.43 9.53 -11.83
C LYS M 195 -59.70 8.45 -11.03
N ASN M 196 -58.74 7.77 -11.66
CA ASN M 196 -58.21 6.49 -11.17
C ASN M 196 -56.78 6.60 -10.64
N ASP M 197 -56.04 7.65 -11.00
CA ASP M 197 -54.68 7.85 -10.51
C ASP M 197 -54.65 8.50 -9.11
N ASN M 198 -53.46 8.58 -8.49
CA ASN M 198 -53.33 9.00 -7.10
C ASN M 198 -53.51 10.51 -6.98
N VAL M 199 -54.24 10.98 -5.94
CA VAL M 199 -54.48 12.40 -5.74
C VAL M 199 -54.21 12.81 -4.29
N PHE M 200 -53.48 13.93 -4.13
CA PHE M 200 -53.27 14.59 -2.85
C PHE M 200 -53.47 16.09 -3.01
N THR M 201 -53.61 16.82 -1.90
CA THR M 201 -53.82 18.26 -1.96
C THR M 201 -52.80 19.03 -1.13
N PHE M 202 -52.60 20.29 -1.50
CA PHE M 202 -51.78 21.22 -0.75
C PHE M 202 -52.33 22.64 -0.88
N ASN M 203 -51.99 23.50 0.08
CA ASN M 203 -52.54 24.85 0.14
C ASN M 203 -51.42 25.90 0.15
N ILE M 204 -51.60 26.96 -0.67
CA ILE M 204 -50.72 28.13 -0.63
C ILE M 204 -51.56 29.36 -0.29
N SER M 205 -50.90 30.41 0.25
CA SER M 205 -51.56 31.67 0.53
C SER M 205 -51.26 32.69 -0.57
N VAL M 206 -52.31 33.20 -1.23
CA VAL M 206 -52.19 34.22 -2.27
C VAL M 206 -53.14 35.34 -1.91
N ASN M 207 -52.63 36.57 -1.84
CA ASN M 207 -53.47 37.69 -1.43
C ASN M 207 -54.18 37.31 -0.12
N GLY M 208 -53.40 36.81 0.84
CA GLY M 208 -53.85 36.42 2.18
C GLY M 208 -54.96 35.36 2.19
N THR M 209 -55.29 34.80 1.02
CA THR M 209 -56.37 33.83 0.85
C THR M 209 -55.78 32.43 0.65
N GLU M 210 -56.36 31.42 1.32
CA GLU M 210 -55.97 30.03 1.11
C GLU M 210 -56.47 29.52 -0.24
N VAL M 211 -55.53 29.05 -1.08
CA VAL M 211 -55.84 28.41 -2.34
C VAL M 211 -55.46 26.93 -2.21
N GLU M 212 -56.41 26.03 -2.48
CA GLU M 212 -56.15 24.60 -2.45
C GLU M 212 -55.91 24.08 -3.87
N TYR M 213 -54.82 23.31 -4.02
CA TYR M 213 -54.47 22.64 -5.24
C TYR M 213 -54.55 21.13 -5.06
N TYR M 214 -55.04 20.46 -6.11
CA TYR M 214 -55.17 19.02 -6.20
C TYR M 214 -54.12 18.53 -7.20
N ALA M 215 -53.22 17.65 -6.74
CA ALA M 215 -52.14 17.11 -7.54
C ALA M 215 -52.46 15.67 -7.92
N TYR M 216 -52.58 15.39 -9.23
CA TYR M 216 -52.88 14.08 -9.78
C TYR M 216 -51.59 13.46 -10.27
N VAL M 217 -51.25 12.27 -9.75
CA VAL M 217 -49.99 11.61 -10.09
C VAL M 217 -50.30 10.30 -10.81
N ASN M 218 -49.61 10.05 -11.93
CA ASN M 218 -49.82 8.87 -12.75
C ASN M 218 -49.09 7.65 -12.19
N LYS M 219 -47.77 7.77 -12.09
CA LYS M 219 -46.90 6.69 -11.68
C LYS M 219 -45.96 7.21 -10.61
N THR M 220 -45.42 6.31 -9.78
CA THR M 220 -44.43 6.70 -8.78
C THR M 220 -43.20 7.27 -9.49
N PHE M 221 -42.82 8.50 -9.11
CA PHE M 221 -41.64 9.14 -9.68
C PHE M 221 -40.97 10.05 -8.64
N ALA M 222 -39.70 10.39 -8.91
CA ALA M 222 -38.93 11.29 -8.08
C ALA M 222 -38.45 12.48 -8.89
N PHE M 223 -38.33 13.63 -8.23
CA PHE M 223 -37.70 14.81 -8.80
C PHE M 223 -36.84 15.52 -7.76
N THR M 224 -35.88 16.33 -8.24
CA THR M 224 -34.99 17.08 -7.37
C THR M 224 -35.12 18.58 -7.62
N TYR M 225 -34.87 19.38 -6.58
CA TYR M 225 -34.92 20.83 -6.68
C TYR M 225 -33.93 21.48 -5.74
N PRO M 226 -33.42 22.70 -6.04
CA PRO M 226 -32.46 23.37 -5.16
C PRO M 226 -33.11 23.98 -3.93
N VAL M 227 -32.41 23.87 -2.78
CA VAL M 227 -32.88 24.36 -1.48
C VAL M 227 -31.98 25.47 -0.94
N SER M 228 -30.64 25.34 -1.08
CA SER M 228 -29.71 26.43 -0.81
C SER M 228 -28.35 26.17 -1.45
N GLY M 229 -27.51 27.21 -1.55
CA GLY M 229 -26.12 27.07 -1.96
C GLY M 229 -25.96 26.60 -3.41
N PHE M 230 -26.96 26.89 -4.25
CA PHE M 230 -26.98 26.45 -5.64
C PHE M 230 -26.92 27.64 -6.59
N PRO M 231 -25.71 28.08 -7.04
CA PRO M 231 -25.57 29.12 -8.05
C PRO M 231 -25.58 28.60 -9.50
N LEU M 232 -25.55 27.28 -9.68
CA LEU M 232 -25.35 26.67 -11.00
C LEU M 232 -26.67 26.39 -11.73
N ALA M 233 -27.64 27.32 -11.65
CA ALA M 233 -28.93 27.15 -12.31
C ALA M 233 -28.77 26.89 -13.81
N GLY M 234 -29.41 25.81 -14.30
CA GLY M 234 -29.28 25.36 -15.67
C GLY M 234 -28.49 24.04 -15.84
N SER M 235 -27.83 23.53 -14.79
CA SER M 235 -26.73 22.58 -14.97
C SER M 235 -26.98 21.12 -14.54
N ASP M 236 -27.93 20.87 -13.62
CA ASP M 236 -28.10 19.58 -12.94
C ASP M 236 -26.90 19.17 -12.04
N ILE M 237 -25.94 20.08 -11.76
CA ILE M 237 -24.81 19.73 -10.91
C ILE M 237 -25.01 20.33 -9.52
N ALA M 238 -24.96 19.50 -8.48
CA ALA M 238 -24.96 19.98 -7.10
C ALA M 238 -23.52 20.30 -6.68
N PRO M 239 -23.13 21.59 -6.49
CA PRO M 239 -21.77 21.90 -6.07
C PRO M 239 -21.59 21.59 -4.59
N ALA M 240 -20.32 21.47 -4.17
CA ALA M 240 -20.01 21.27 -2.75
C ALA M 240 -20.54 22.45 -1.93
N GLY M 241 -21.27 22.14 -0.84
CA GLY M 241 -21.90 23.16 -0.02
C GLY M 241 -23.26 23.64 -0.54
N SER M 242 -23.89 22.87 -1.45
CA SER M 242 -25.29 23.06 -1.83
C SER M 242 -26.19 22.11 -1.04
N VAL M 243 -27.51 22.38 -1.06
CA VAL M 243 -28.52 21.54 -0.43
C VAL M 243 -29.63 21.31 -1.46
N ILE M 244 -29.96 20.03 -1.70
CA ILE M 244 -30.88 19.62 -2.77
C ILE M 244 -32.07 18.89 -2.14
N GLY M 245 -33.29 19.34 -2.46
CA GLY M 245 -34.49 18.62 -2.04
C GLY M 245 -34.77 17.46 -3.00
N VAL M 246 -35.10 16.29 -2.45
CA VAL M 246 -35.51 15.13 -3.21
C VAL M 246 -36.95 14.81 -2.81
N MET M 247 -37.86 14.74 -3.78
CA MET M 247 -39.25 14.44 -3.48
C MET M 247 -39.72 13.25 -4.33
N ILE M 248 -40.32 12.26 -3.67
CA ILE M 248 -40.87 11.07 -4.30
C ILE M 248 -42.40 11.18 -4.19
N LEU M 249 -43.09 11.15 -5.33
CA LEU M 249 -44.55 11.13 -5.35
C LEU M 249 -45.01 9.72 -5.72
N PHE M 250 -45.96 9.16 -4.96
CA PHE M 250 -46.44 7.80 -5.22
C PHE M 250 -47.59 7.80 -6.21
N GLY M 251 -47.54 6.89 -7.19
CA GLY M 251 -48.65 6.64 -8.10
C GLY M 251 -49.65 5.63 -7.54
N PRO M 252 -50.73 5.28 -8.28
CA PRO M 252 -51.79 4.42 -7.78
C PRO M 252 -51.35 3.00 -7.42
N GLY M 253 -50.27 2.50 -8.03
CA GLY M 253 -49.68 1.21 -7.70
C GLY M 253 -49.14 1.16 -6.27
N GLU M 254 -48.16 2.02 -5.97
CA GLU M 254 -47.47 2.02 -4.67
C GLU M 254 -48.28 2.70 -3.57
N ALA M 255 -49.26 3.54 -3.93
CA ALA M 255 -50.06 4.30 -2.98
C ALA M 255 -51.04 3.44 -2.18
N THR M 256 -51.33 2.21 -2.65
CA THR M 256 -52.56 1.47 -2.38
C THR M 256 -52.88 1.23 -0.90
N ASN M 257 -51.84 1.03 -0.06
CA ASN M 257 -52.00 1.15 1.39
C ASN M 257 -50.68 1.61 2.04
N VAL M 258 -50.82 2.22 3.24
CA VAL M 258 -49.76 2.94 3.95
C VAL M 258 -48.66 1.99 4.42
N PHE M 259 -47.42 2.49 4.51
CA PHE M 259 -46.32 1.72 5.08
C PHE M 259 -46.48 1.61 6.60
N GLN M 260 -46.60 0.39 7.12
CA GLN M 260 -46.67 0.13 8.56
C GLN M 260 -45.92 -1.16 8.90
N TYR M 261 -45.07 -1.12 9.94
CA TYR M 261 -44.34 -2.30 10.41
C TYR M 261 -43.50 -2.89 9.27
N GLU M 262 -42.85 -2.00 8.51
CA GLU M 262 -42.18 -2.34 7.26
C GLU M 262 -40.88 -1.55 7.12
N THR M 263 -39.89 -2.14 6.42
CA THR M 263 -38.70 -1.40 6.04
C THR M 263 -38.85 -0.86 4.63
N VAL M 264 -38.55 0.44 4.46
CA VAL M 264 -38.46 1.09 3.15
C VAL M 264 -37.01 1.50 2.91
N THR M 265 -36.53 1.28 1.67
CA THR M 265 -35.17 1.63 1.25
C THR M 265 -35.20 2.48 -0.01
N ILE M 266 -34.42 3.57 -0.02
CA ILE M 266 -34.22 4.42 -1.18
C ILE M 266 -32.72 4.44 -1.46
N GLN M 267 -32.32 4.39 -2.73
CA GLN M 267 -30.92 4.56 -3.07
C GLN M 267 -30.78 5.55 -4.22
N ILE M 268 -29.84 6.50 -4.08
CA ILE M 268 -29.50 7.43 -5.14
C ILE M 268 -28.12 7.04 -5.67
N THR M 269 -28.02 6.80 -6.98
CA THR M 269 -26.77 6.36 -7.60
C THR M 269 -26.40 7.30 -8.74
N PRO M 270 -25.54 8.31 -8.51
CA PRO M 270 -25.01 9.15 -9.59
C PRO M 270 -23.98 8.40 -10.43
N ASN M 271 -23.59 8.99 -11.57
CA ASN M 271 -22.75 8.34 -12.56
C ASN M 271 -21.29 8.22 -12.14
N ILE M 272 -20.87 9.00 -11.14
CA ILE M 272 -19.53 8.98 -10.56
C ILE M 272 -19.70 8.98 -9.03
N GLY M 273 -18.86 8.21 -8.34
CA GLY M 273 -18.86 8.22 -6.88
C GLY M 273 -19.81 7.18 -6.27
N SER M 274 -19.76 7.08 -4.94
CA SER M 274 -20.53 6.08 -4.21
C SER M 274 -22.00 6.48 -4.09
N PRO M 275 -22.94 5.52 -4.14
CA PRO M 275 -24.37 5.81 -3.96
C PRO M 275 -24.73 6.07 -2.50
N LEU M 276 -25.82 6.81 -2.29
CA LEU M 276 -26.37 7.05 -0.97
C LEU M 276 -27.53 6.09 -0.75
N THR M 277 -27.45 5.27 0.31
CA THR M 277 -28.49 4.32 0.65
C THR M 277 -29.19 4.75 1.95
N ILE M 278 -30.52 4.88 1.86
CA ILE M 278 -31.39 5.37 2.92
C ILE M 278 -32.34 4.23 3.30
N SER M 279 -32.41 3.86 4.61
CA SER M 279 -33.31 2.81 5.09
C SER M 279 -34.01 3.21 6.38
N GLN M 280 -35.34 3.00 6.44
CA GLN M 280 -36.14 3.27 7.63
C GLN M 280 -37.10 2.11 7.90
N TYR M 281 -37.16 1.68 9.17
CA TYR M 281 -38.31 0.89 9.62
C TYR M 281 -39.43 1.86 10.01
N ILE M 282 -40.55 1.77 9.29
CA ILE M 282 -41.66 2.70 9.44
C ILE M 282 -42.70 2.10 10.39
N TYR M 283 -42.81 2.69 11.59
CA TYR M 283 -43.99 2.54 12.42
C TYR M 283 -45.17 3.31 11.82
N GLN M 284 -46.37 3.08 12.37
CA GLN M 284 -47.59 3.80 11.98
C GLN M 284 -47.37 5.31 11.84
N PRO M 285 -47.92 5.97 10.79
CA PRO M 285 -47.80 7.42 10.64
C PRO M 285 -48.74 8.16 11.59
N ASP M 286 -48.24 9.27 12.16
CA ASP M 286 -48.84 9.90 13.34
C ASP M 286 -49.50 11.27 13.05
N GLY M 287 -49.37 11.78 11.82
CA GLY M 287 -49.95 13.04 11.38
C GLY M 287 -50.00 13.16 9.86
N LYS M 288 -50.51 14.30 9.36
CA LYS M 288 -50.60 14.60 7.93
C LYS M 288 -49.24 14.42 7.25
N VAL M 289 -48.18 14.89 7.92
CA VAL M 289 -46.81 14.54 7.63
C VAL M 289 -46.25 13.84 8.87
N THR M 290 -45.40 12.82 8.66
CA THR M 290 -44.76 12.10 9.75
C THR M 290 -43.25 12.05 9.49
N VAL M 291 -42.46 12.14 10.57
CA VAL M 291 -41.01 12.09 10.45
C VAL M 291 -40.56 10.64 10.61
N ILE M 292 -39.98 10.05 9.55
CA ILE M 292 -39.68 8.63 9.55
C ILE M 292 -38.18 8.34 9.71
N GLY M 293 -37.31 9.35 9.47
CA GLY M 293 -35.88 9.13 9.47
C GLY M 293 -35.09 10.40 9.70
N LEU N 1 27.44 -12.97 -48.12
CA LEU N 1 28.21 -13.40 -46.91
C LEU N 1 27.42 -13.11 -45.63
N ALA N 2 27.21 -11.82 -45.29
CA ALA N 2 26.62 -11.43 -44.02
C ALA N 2 25.12 -11.74 -43.95
N GLY N 3 24.48 -12.02 -45.09
CA GLY N 3 23.05 -12.29 -45.15
C GLY N 3 22.65 -13.66 -44.62
N LEU N 4 23.58 -14.35 -43.92
CA LEU N 4 23.35 -15.70 -43.42
C LEU N 4 23.73 -15.85 -41.94
N ASP N 5 24.95 -15.45 -41.57
CA ASP N 5 25.42 -15.55 -40.18
C ASP N 5 24.53 -14.73 -39.24
N THR N 6 24.14 -13.52 -39.69
CA THR N 6 23.21 -12.66 -38.97
C THR N 6 21.83 -13.32 -38.78
N ALA N 7 21.34 -14.03 -39.80
CA ALA N 7 20.03 -14.69 -39.77
C ALA N 7 19.99 -15.80 -38.72
N ILE N 8 21.08 -16.57 -38.60
CA ILE N 8 21.24 -17.62 -37.62
C ILE N 8 21.18 -17.06 -36.20
N ILE N 9 21.92 -15.96 -35.94
CA ILE N 9 21.92 -15.33 -34.62
C ILE N 9 20.55 -14.77 -34.28
N LEU N 10 19.86 -14.19 -35.26
CA LEU N 10 18.48 -13.73 -35.09
C LEU N 10 17.57 -14.88 -34.65
N ILE N 11 17.60 -16.03 -35.37
CA ILE N 11 16.84 -17.22 -35.00
C ILE N 11 17.08 -17.59 -33.53
N ALA N 12 18.36 -17.67 -33.12
CA ALA N 12 18.76 -18.05 -31.77
C ALA N 12 18.25 -17.06 -30.71
N PHE N 13 18.37 -15.75 -30.99
CA PHE N 13 17.96 -14.70 -30.07
C PHE N 13 16.43 -14.67 -29.91
N ILE N 14 15.69 -14.93 -30.99
CA ILE N 14 14.23 -15.06 -30.94
C ILE N 14 13.84 -16.19 -30.00
N ILE N 15 14.42 -17.38 -30.22
CA ILE N 15 14.16 -18.57 -29.40
C ILE N 15 14.49 -18.28 -27.92
N THR N 16 15.62 -17.61 -27.67
CA THR N 16 16.04 -17.21 -26.33
C THR N 16 15.00 -16.33 -25.63
N ALA N 17 14.49 -15.30 -26.34
CA ALA N 17 13.44 -14.43 -25.84
C ALA N 17 12.11 -15.17 -25.63
N ALA N 18 11.75 -16.05 -26.57
CA ALA N 18 10.54 -16.87 -26.48
C ALA N 18 10.56 -17.78 -25.24
N VAL N 19 11.73 -18.33 -24.91
CA VAL N 19 11.95 -19.14 -23.70
C VAL N 19 11.71 -18.32 -22.44
N LEU N 20 12.25 -17.08 -22.36
CA LEU N 20 11.96 -16.21 -21.23
C LEU N 20 10.47 -15.87 -21.15
N ALA N 21 9.86 -15.54 -22.30
CA ALA N 21 8.43 -15.26 -22.39
C ALA N 21 7.59 -16.40 -21.81
N TYR N 22 7.87 -17.63 -22.27
CA TYR N 22 7.23 -18.86 -21.82
C TYR N 22 7.27 -19.00 -20.30
N VAL N 23 8.46 -18.86 -19.72
CA VAL N 23 8.69 -19.00 -18.28
C VAL N 23 7.99 -17.88 -17.50
N ALA N 24 8.18 -16.62 -17.92
CA ALA N 24 7.63 -15.46 -17.23
C ALA N 24 6.10 -15.51 -17.15
N VAL N 25 5.42 -15.86 -18.24
CA VAL N 25 3.96 -15.93 -18.27
C VAL N 25 3.45 -17.06 -17.36
N ASN N 26 4.04 -18.26 -17.48
CA ASN N 26 3.71 -19.41 -16.66
C ASN N 26 3.85 -19.07 -15.17
N MET N 27 4.98 -18.46 -14.81
CA MET N 27 5.25 -18.16 -13.41
C MET N 27 4.39 -17.01 -12.87
N GLY N 28 4.03 -16.03 -13.72
CA GLY N 28 3.04 -15.02 -13.40
C GLY N 28 1.66 -15.60 -13.11
N LEU N 29 1.19 -16.51 -13.96
CA LEU N 29 -0.06 -17.24 -13.75
C LEU N 29 -0.02 -18.00 -12.42
N PHE N 30 1.08 -18.69 -12.14
CA PHE N 30 1.28 -19.42 -10.89
C PHE N 30 1.19 -18.48 -9.67
N VAL N 31 2.06 -17.47 -9.60
CA VAL N 31 2.18 -16.60 -8.43
C VAL N 31 0.89 -15.82 -8.17
N THR N 32 0.25 -15.31 -9.23
CA THR N 32 -1.01 -14.57 -9.07
C THR N 32 -2.12 -15.44 -8.49
N GLN N 33 -2.13 -16.75 -8.82
CA GLN N 33 -3.08 -17.68 -8.21
C GLN N 33 -2.76 -17.94 -6.72
N LYS N 34 -1.47 -18.04 -6.37
CA LYS N 34 -1.04 -18.12 -4.97
C LYS N 34 -1.51 -16.89 -4.19
N ALA N 35 -1.40 -15.70 -4.81
CA ALA N 35 -1.92 -14.46 -4.25
C ALA N 35 -3.43 -14.51 -4.05
N LYS N 36 -4.21 -14.95 -5.06
CA LYS N 36 -5.65 -15.13 -4.96
C LYS N 36 -6.03 -16.00 -3.75
N THR N 37 -5.38 -17.18 -3.66
CA THR N 37 -5.59 -18.13 -2.57
C THR N 37 -5.29 -17.50 -1.21
N THR N 38 -4.17 -16.77 -1.11
CA THR N 38 -3.75 -16.09 0.10
C THR N 38 -4.79 -15.05 0.54
N ILE N 39 -5.27 -14.23 -0.40
CA ILE N 39 -6.27 -13.20 -0.11
C ILE N 39 -7.55 -13.83 0.46
N ASN N 40 -7.99 -14.94 -0.12
CA ASN N 40 -9.13 -15.70 0.38
C ASN N 40 -8.88 -16.21 1.82
N LYS N 41 -7.72 -16.83 2.07
CA LYS N 41 -7.35 -17.33 3.39
C LYS N 41 -7.23 -16.20 4.43
N GLY N 42 -6.77 -15.01 4.02
CA GLY N 42 -6.73 -13.84 4.88
C GLY N 42 -8.12 -13.37 5.32
N GLU N 43 -9.08 -13.35 4.38
CA GLU N 43 -10.46 -12.99 4.67
C GLU N 43 -11.14 -14.03 5.56
N GLU N 44 -10.92 -15.33 5.28
CA GLU N 44 -11.38 -16.41 6.14
C GLU N 44 -10.83 -16.27 7.56
N THR N 45 -9.54 -15.95 7.70
CA THR N 45 -8.88 -15.77 8.98
C THR N 45 -9.45 -14.59 9.77
N ALA N 46 -9.75 -13.47 9.10
CA ALA N 46 -10.30 -12.29 9.75
C ALA N 46 -11.76 -12.48 10.15
N SER N 47 -12.54 -13.24 9.35
CA SER N 47 -13.97 -13.43 9.57
C SER N 47 -14.27 -14.52 10.59
N THR N 48 -13.62 -15.69 10.50
CA THR N 48 -13.97 -16.85 11.32
C THR N 48 -13.56 -16.67 12.79
N ALA N 49 -14.53 -16.83 13.70
CA ALA N 49 -14.32 -16.74 15.15
C ALA N 49 -15.49 -17.38 15.90
N LEU N 50 -15.23 -17.81 17.16
CA LEU N 50 -16.27 -18.30 18.06
C LEU N 50 -16.49 -17.29 19.19
N SER N 51 -17.77 -17.09 19.55
CA SER N 51 -18.16 -16.36 20.75
C SER N 51 -18.67 -17.33 21.81
N LEU N 52 -18.34 -17.06 23.07
CA LEU N 52 -19.04 -17.66 24.19
C LEU N 52 -20.48 -17.13 24.20
N SER N 53 -21.47 -18.03 24.07
CA SER N 53 -22.86 -17.64 23.86
C SER N 53 -23.82 -18.25 24.90
N GLY N 54 -23.29 -18.51 26.09
CA GLY N 54 -24.06 -18.88 27.27
C GLY N 54 -23.22 -18.71 28.52
N ASN N 55 -23.81 -18.97 29.69
CA ASN N 55 -23.03 -19.00 30.92
C ASN N 55 -22.15 -20.26 30.98
N VAL N 56 -21.08 -20.20 31.78
CA VAL N 56 -20.22 -21.35 32.04
C VAL N 56 -20.68 -22.01 33.34
N LEU N 57 -21.02 -23.30 33.26
CA LEU N 57 -21.53 -24.09 34.37
C LEU N 57 -20.45 -25.05 34.86
N TYR N 58 -20.39 -25.24 36.18
CA TYR N 58 -19.38 -26.07 36.82
C TYR N 58 -20.06 -27.01 37.82
N ALA N 59 -19.65 -28.28 37.87
CA ALA N 59 -20.30 -29.30 38.70
C ALA N 59 -19.29 -30.00 39.62
N VAL N 60 -19.69 -30.21 40.89
CA VAL N 60 -18.84 -30.76 41.94
C VAL N 60 -19.66 -31.69 42.85
N ASN N 61 -18.98 -32.45 43.72
CA ASN N 61 -19.63 -33.33 44.70
C ASN N 61 -20.19 -32.56 45.89
N TYR N 62 -21.03 -31.56 45.59
CA TYR N 62 -21.66 -30.69 46.56
C TYR N 62 -22.56 -31.47 47.52
N PRO N 63 -22.65 -31.13 48.82
CA PRO N 63 -21.92 -30.02 49.46
C PRO N 63 -20.48 -30.30 49.90
N THR N 64 -20.05 -31.57 49.79
CA THR N 64 -18.78 -32.02 50.36
C THR N 64 -17.56 -31.35 49.70
N ASN N 65 -17.66 -30.99 48.41
CA ASN N 65 -16.69 -30.18 47.68
C ASN N 65 -15.26 -30.74 47.67
N THR N 66 -15.11 -32.07 47.79
CA THR N 66 -13.81 -32.71 47.71
C THR N 66 -13.42 -33.09 46.28
N LYS N 67 -14.37 -33.06 45.33
CA LYS N 67 -14.13 -33.61 43.99
C LYS N 67 -14.89 -32.86 42.89
N SER N 68 -14.29 -32.82 41.69
CA SER N 68 -14.74 -32.02 40.56
C SER N 68 -15.23 -32.92 39.42
N TYR N 69 -16.39 -32.61 38.80
CA TYR N 69 -17.05 -33.53 37.88
C TYR N 69 -16.96 -33.08 36.42
N TRP N 70 -17.54 -31.91 36.10
CA TRP N 70 -17.56 -31.42 34.73
C TRP N 70 -17.74 -29.91 34.65
N MET N 71 -17.41 -29.34 33.48
CA MET N 71 -17.79 -27.99 33.10
C MET N 71 -18.56 -28.05 31.78
N TYR N 72 -19.55 -27.16 31.64
CA TYR N 72 -20.35 -27.05 30.44
C TYR N 72 -20.42 -25.58 30.03
N PHE N 73 -20.31 -25.29 28.73
CA PHE N 73 -20.58 -23.96 28.19
C PHE N 73 -21.03 -24.09 26.73
N THR N 74 -21.47 -22.97 26.15
CA THR N 74 -22.06 -22.98 24.82
C THR N 74 -21.33 -21.96 23.94
N VAL N 75 -21.08 -22.31 22.67
CA VAL N 75 -20.40 -21.43 21.72
C VAL N 75 -21.16 -21.32 20.41
N SER N 76 -20.94 -20.22 19.68
CA SER N 76 -21.52 -20.00 18.36
C SER N 76 -20.59 -19.13 17.53
N PRO N 77 -20.54 -19.25 16.18
CA PRO N 77 -19.76 -18.33 15.35
C PRO N 77 -20.14 -16.87 15.56
N SER N 78 -19.12 -16.01 15.68
CA SER N 78 -19.24 -14.60 16.05
C SER N 78 -20.01 -13.80 15.00
N SER N 79 -21.03 -13.05 15.44
CA SER N 79 -21.74 -12.06 14.63
C SER N 79 -22.37 -12.66 13.37
N GLY N 80 -22.48 -13.99 13.29
CA GLY N 80 -23.09 -14.71 12.18
C GLY N 80 -22.38 -14.56 10.83
N VAL N 81 -21.06 -14.32 10.85
CA VAL N 81 -20.36 -13.92 9.62
C VAL N 81 -19.97 -15.12 8.74
N SER N 82 -19.48 -16.22 9.34
CA SER N 82 -19.01 -17.40 8.61
C SER N 82 -18.96 -18.63 9.52
N SER N 83 -18.84 -19.83 8.90
CA SER N 83 -18.84 -21.12 9.59
C SER N 83 -17.48 -21.44 10.23
N VAL N 84 -17.48 -22.36 11.21
CA VAL N 84 -16.26 -22.79 11.90
C VAL N 84 -16.15 -24.32 11.86
N ASP N 85 -14.99 -24.83 11.41
CA ASP N 85 -14.66 -26.25 11.46
C ASP N 85 -14.33 -26.64 12.91
N LEU N 86 -15.09 -27.60 13.48
CA LEU N 86 -14.88 -28.06 14.85
C LEU N 86 -14.45 -29.53 14.91
N SER N 87 -13.87 -30.09 13.83
CA SER N 87 -13.47 -31.49 13.88
C SER N 87 -12.36 -31.71 14.92
N PRO N 88 -12.48 -32.72 15.82
CA PRO N 88 -11.50 -32.92 16.89
C PRO N 88 -10.12 -33.39 16.44
N SER N 89 -9.96 -33.80 15.17
CA SER N 89 -8.63 -34.10 14.66
C SER N 89 -7.83 -32.82 14.34
N THR N 90 -8.54 -31.71 14.03
CA THR N 90 -7.92 -30.46 13.60
C THR N 90 -7.92 -29.42 14.72
N THR N 91 -9.03 -29.32 15.47
CA THR N 91 -9.22 -28.35 16.54
C THR N 91 -8.54 -28.81 17.83
N ALA N 92 -8.01 -27.87 18.63
CA ALA N 92 -7.58 -28.18 19.99
C ALA N 92 -8.46 -27.45 21.01
N ILE N 93 -8.70 -28.08 22.16
CA ILE N 93 -9.21 -27.38 23.33
C ILE N 93 -8.19 -27.57 24.45
N SER N 94 -7.60 -26.46 24.93
CA SER N 94 -6.67 -26.51 26.04
C SER N 94 -7.36 -26.13 27.35
N PHE N 95 -6.82 -26.62 28.47
CA PHE N 95 -7.35 -26.32 29.79
C PHE N 95 -6.20 -26.05 30.75
N THR N 96 -6.21 -24.90 31.43
CA THR N 96 -5.16 -24.58 32.40
C THR N 96 -5.75 -24.04 33.70
N ALA N 97 -5.17 -24.46 34.82
CA ALA N 97 -5.42 -23.89 36.13
C ALA N 97 -4.07 -23.54 36.74
N ALA N 98 -3.61 -22.32 36.42
CA ALA N 98 -2.23 -21.88 36.59
C ALA N 98 -1.76 -22.00 38.04
N SER N 99 -2.63 -21.61 38.98
CA SER N 99 -2.35 -21.59 40.42
C SER N 99 -1.87 -22.95 40.94
N ARG N 100 -2.44 -24.05 40.42
CA ARG N 100 -2.10 -25.40 40.82
C ARG N 100 -1.22 -26.14 39.80
N GLY N 101 -0.76 -25.43 38.76
CA GLY N 101 0.20 -25.98 37.79
C GLY N 101 -0.41 -27.01 36.84
N VAL N 102 -1.74 -27.09 36.75
CA VAL N 102 -2.39 -27.93 35.76
C VAL N 102 -2.39 -27.21 34.41
N SER N 103 -1.87 -27.89 33.38
CA SER N 103 -1.82 -27.36 32.04
C SER N 103 -1.95 -28.50 31.03
N LEU N 104 -3.10 -28.54 30.34
CA LEU N 104 -3.40 -29.55 29.34
C LEU N 104 -3.46 -28.86 27.99
N SER N 105 -2.63 -29.31 27.05
CA SER N 105 -2.50 -28.65 25.76
C SER N 105 -3.65 -28.99 24.81
N ASN N 106 -4.18 -30.22 24.89
CA ASN N 106 -5.33 -30.60 24.07
C ASN N 106 -6.14 -31.74 24.70
N ILE N 107 -7.40 -31.44 25.06
CA ILE N 107 -8.32 -32.41 25.67
C ILE N 107 -9.48 -32.77 24.74
N TYR N 108 -9.58 -32.14 23.56
CA TYR N 108 -10.71 -32.37 22.67
C TYR N 108 -10.57 -33.72 21.95
N GLN N 109 -11.61 -34.55 22.01
CA GLN N 109 -11.51 -35.92 21.49
C GLN N 109 -12.67 -36.31 20.58
N PHE N 110 -13.90 -35.88 20.90
CA PHE N 110 -15.10 -36.41 20.25
C PHE N 110 -16.10 -35.31 19.91
N SER N 111 -16.89 -35.53 18.87
CA SER N 111 -18.00 -34.63 18.56
C SER N 111 -19.23 -35.41 18.11
N LEU N 112 -20.40 -35.02 18.63
CA LEU N 112 -21.67 -35.56 18.16
C LEU N 112 -22.16 -34.83 16.91
N LEU N 113 -21.48 -33.77 16.46
CA LEU N 113 -21.79 -33.12 15.18
C LEU N 113 -21.63 -34.11 14.01
N SER N 114 -20.75 -35.10 14.17
CA SER N 114 -20.47 -36.17 13.23
C SER N 114 -21.63 -37.18 13.10
N VAL N 115 -22.58 -37.18 14.05
CA VAL N 115 -23.47 -38.31 14.27
C VAL N 115 -24.90 -38.00 13.78
N LEU N 116 -25.45 -38.89 12.95
CA LEU N 116 -26.83 -38.80 12.50
C LEU N 116 -27.78 -39.35 13.58
N PRO N 117 -29.00 -38.79 13.76
CA PRO N 117 -29.94 -39.28 14.77
C PRO N 117 -30.21 -40.79 14.75
N SER N 118 -30.25 -41.40 13.56
CA SER N 118 -30.50 -42.83 13.39
C SER N 118 -29.41 -43.72 14.00
N GLN N 119 -28.24 -43.13 14.32
CA GLN N 119 -27.13 -43.86 14.91
C GLN N 119 -27.26 -43.95 16.44
N VAL N 120 -28.14 -43.15 17.05
CA VAL N 120 -28.25 -43.06 18.51
C VAL N 120 -29.68 -43.31 19.02
N ASN N 121 -30.70 -42.83 18.29
CA ASN N 121 -32.09 -43.02 18.68
C ASN N 121 -32.47 -44.50 18.60
N ASN N 122 -33.25 -44.97 19.60
CA ASN N 122 -33.73 -46.34 19.73
C ASN N 122 -32.61 -47.37 19.92
N LYS N 123 -31.41 -46.93 20.35
CA LYS N 123 -30.25 -47.82 20.44
C LYS N 123 -29.69 -47.98 21.85
N VAL N 124 -30.15 -47.16 22.80
CA VAL N 124 -29.99 -47.42 24.23
C VAL N 124 -31.37 -47.56 24.87
N GLN N 125 -31.48 -48.47 25.84
CA GLN N 125 -32.78 -48.89 26.35
C GLN N 125 -32.74 -49.13 27.86
N VAL N 126 -33.89 -48.92 28.49
CA VAL N 126 -34.05 -49.00 29.95
C VAL N 126 -35.00 -50.15 30.27
N LYS N 127 -34.64 -50.96 31.28
CA LYS N 127 -35.48 -52.05 31.77
C LYS N 127 -36.17 -51.62 33.06
N LEU N 128 -37.52 -51.63 33.05
CA LEU N 128 -38.34 -51.32 34.21
C LEU N 128 -39.24 -52.52 34.51
N GLY N 129 -38.78 -53.39 35.42
CA GLY N 129 -39.37 -54.71 35.59
C GLY N 129 -39.24 -55.53 34.30
N THR N 130 -40.36 -56.10 33.84
CA THR N 130 -40.45 -56.86 32.59
C THR N 130 -40.33 -55.94 31.37
N SER N 131 -40.85 -54.71 31.48
CA SER N 131 -40.94 -53.77 30.36
C SER N 131 -39.59 -53.18 29.96
N ILE N 132 -39.41 -52.94 28.65
CA ILE N 132 -38.18 -52.35 28.11
C ILE N 132 -38.52 -51.19 27.18
N ILE N 133 -37.86 -50.03 27.41
CA ILE N 133 -38.17 -48.78 26.72
C ILE N 133 -36.94 -48.28 25.96
N ASN N 134 -37.11 -48.00 24.66
CA ASN N 134 -36.05 -47.43 23.85
C ASN N 134 -36.06 -45.91 24.04
N LEU N 135 -34.87 -45.31 24.17
CA LEU N 135 -34.73 -43.87 24.36
C LEU N 135 -34.54 -43.12 23.03
N THR N 136 -35.10 -41.90 22.98
CA THR N 136 -34.80 -40.92 21.95
C THR N 136 -33.90 -39.85 22.57
N LEU N 137 -32.74 -39.58 21.94
CA LEU N 137 -31.71 -38.73 22.51
C LEU N 137 -31.43 -37.52 21.63
N ALA N 138 -31.30 -37.75 20.31
CA ALA N 138 -31.19 -36.68 19.33
C ALA N 138 -32.58 -36.26 18.87
N PHE N 139 -32.95 -35.01 19.18
CA PHE N 139 -34.21 -34.45 18.69
C PHE N 139 -33.98 -33.80 17.33
N SER N 140 -35.05 -33.64 16.56
CA SER N 140 -34.97 -33.10 15.21
C SER N 140 -36.23 -32.34 14.81
N SER N 141 -36.06 -31.34 13.92
CA SER N 141 -37.15 -30.58 13.32
C SER N 141 -36.79 -30.18 11.88
N ASN N 142 -37.82 -29.88 11.08
CA ASN N 142 -37.64 -29.57 9.66
C ASN N 142 -37.97 -28.10 9.38
N SER N 143 -37.04 -27.41 8.68
CA SER N 143 -37.31 -26.11 8.08
C SER N 143 -36.69 -26.06 6.68
N ALA N 144 -37.45 -25.60 5.69
CA ALA N 144 -37.00 -25.42 4.30
C ALA N 144 -36.29 -26.65 3.74
N GLY N 145 -36.79 -27.86 4.07
CA GLY N 145 -36.29 -29.10 3.52
C GLY N 145 -34.98 -29.61 4.16
N GLN N 146 -34.49 -28.91 5.19
CA GLN N 146 -33.34 -29.33 5.98
C GLN N 146 -33.82 -29.91 7.32
N THR N 147 -33.18 -30.99 7.78
CA THR N 147 -33.40 -31.52 9.12
C THR N 147 -32.36 -30.95 10.07
N TYR N 148 -32.83 -30.17 11.06
CA TYR N 148 -32.00 -29.67 12.15
C TYR N 148 -31.91 -30.76 13.22
N VAL N 149 -30.76 -30.85 13.91
CA VAL N 149 -30.51 -31.90 14.91
C VAL N 149 -29.92 -31.25 16.16
N TYR N 150 -30.35 -31.72 17.34
CA TYR N 150 -29.82 -31.21 18.60
C TYR N 150 -30.09 -32.17 19.75
N TYR N 151 -29.39 -31.95 20.87
CA TYR N 151 -29.62 -32.64 22.14
C TYR N 151 -30.20 -31.63 23.13
N SER N 152 -31.29 -32.01 23.80
CA SER N 152 -32.03 -31.09 24.64
C SER N 152 -31.26 -30.73 25.91
N ASP N 153 -30.39 -31.66 26.38
CA ASP N 153 -29.60 -31.45 27.59
C ASP N 153 -28.26 -32.19 27.54
N PRO N 154 -27.30 -31.88 28.44
CA PRO N 154 -26.06 -32.64 28.55
C PRO N 154 -26.23 -34.13 28.87
N ASN N 155 -27.31 -34.51 29.57
CA ASN N 155 -27.55 -35.90 29.95
C ASN N 155 -27.79 -36.81 28.74
N TYR N 156 -28.67 -36.37 27.83
CA TYR N 156 -28.91 -37.09 26.59
C TYR N 156 -27.68 -37.08 25.68
N ALA N 157 -26.92 -35.98 25.69
CA ALA N 157 -25.65 -35.93 24.96
C ALA N 157 -24.66 -36.96 25.50
N LEU N 158 -24.53 -37.09 26.83
CA LEU N 158 -23.64 -38.07 27.46
C LEU N 158 -24.03 -39.49 27.08
N LEU N 159 -25.32 -39.84 27.14
CA LEU N 159 -25.78 -41.17 26.77
C LEU N 159 -25.51 -41.48 25.31
N ALA N 160 -25.76 -40.51 24.41
CA ALA N 160 -25.47 -40.63 22.99
C ALA N 160 -23.97 -40.82 22.72
N LEU N 161 -23.12 -40.08 23.46
CA LEU N 161 -21.67 -40.22 23.35
C LEU N 161 -21.23 -41.59 23.86
N ASN N 162 -21.70 -41.99 25.04
CA ASN N 162 -21.36 -43.29 25.58
C ASN N 162 -21.60 -44.39 24.53
N TYR N 163 -22.80 -44.42 23.94
CA TYR N 163 -23.16 -45.40 22.93
C TYR N 163 -22.22 -45.33 21.72
N THR N 164 -22.02 -44.12 21.17
CA THR N 164 -21.14 -43.89 20.03
C THR N 164 -19.74 -44.44 20.26
N LEU N 165 -19.15 -44.13 21.43
CA LEU N 165 -17.81 -44.60 21.76
C LEU N 165 -17.76 -46.11 21.97
N GLY N 166 -18.75 -46.69 22.67
CA GLY N 166 -18.87 -48.12 22.81
C GLY N 166 -18.92 -48.85 21.45
N GLN N 167 -19.65 -48.26 20.50
CA GLN N 167 -19.80 -48.77 19.15
C GLN N 167 -18.48 -48.65 18.36
N GLU N 168 -17.75 -47.55 18.51
CA GLU N 168 -16.44 -47.36 17.88
C GLU N 168 -15.39 -48.33 18.41
N VAL N 169 -15.43 -48.65 19.71
CA VAL N 169 -14.57 -49.67 20.31
C VAL N 169 -14.90 -51.05 19.74
N LYS N 170 -16.20 -51.38 19.66
CA LYS N 170 -16.69 -52.64 19.13
C LYS N 170 -16.29 -52.83 17.66
N GLY N 171 -16.32 -51.74 16.88
CA GLY N 171 -15.88 -51.72 15.49
C GLY N 171 -14.37 -51.62 15.29
N GLY N 172 -13.59 -51.57 16.39
CA GLY N 172 -12.13 -51.55 16.33
C GLY N 172 -11.53 -50.20 15.89
N GLN N 173 -12.37 -49.17 15.76
CA GLN N 173 -11.96 -47.84 15.32
C GLN N 173 -11.28 -47.05 16.45
N LEU N 174 -11.56 -47.45 17.71
CA LEU N 174 -11.06 -46.80 18.91
C LEU N 174 -10.55 -47.88 19.89
N THR N 175 -9.43 -47.63 20.58
CA THR N 175 -8.79 -48.66 21.41
C THR N 175 -9.57 -48.92 22.70
N SER N 176 -9.95 -47.83 23.40
CA SER N 176 -10.77 -47.83 24.60
C SER N 176 -11.62 -46.56 24.66
N SER N 177 -12.81 -46.66 25.25
CA SER N 177 -13.61 -45.49 25.58
C SER N 177 -13.12 -44.90 26.89
N PRO N 178 -12.88 -43.56 26.99
CA PRO N 178 -12.59 -42.93 28.28
C PRO N 178 -13.83 -42.74 29.15
N LEU N 179 -15.02 -42.93 28.56
CA LEU N 179 -16.30 -42.76 29.24
C LEU N 179 -17.04 -44.09 29.28
N TYR N 180 -17.62 -44.42 30.45
CA TYR N 180 -18.43 -45.63 30.60
C TYR N 180 -19.61 -45.34 31.51
N ILE N 181 -20.84 -45.45 30.98
CA ILE N 181 -22.06 -45.12 31.70
C ILE N 181 -22.89 -46.38 31.98
N ILE N 182 -23.31 -46.57 33.24
CA ILE N 182 -24.12 -47.70 33.68
C ILE N 182 -25.21 -47.23 34.66
N SER N 183 -26.32 -47.97 34.73
CA SER N 183 -27.36 -47.75 35.73
C SER N 183 -27.20 -48.70 36.91
N ASN N 184 -26.67 -49.89 36.62
CA ASN N 184 -26.44 -50.95 37.57
C ASN N 184 -25.06 -50.77 38.20
N THR N 185 -25.02 -50.54 39.52
CA THR N 185 -23.74 -50.42 40.21
C THR N 185 -23.11 -51.77 40.56
N SER N 186 -23.89 -52.86 40.55
CA SER N 186 -23.43 -54.20 40.92
C SER N 186 -22.27 -54.68 40.03
N ILE N 187 -22.25 -54.22 38.78
CA ILE N 187 -21.29 -54.59 37.75
C ILE N 187 -19.85 -54.25 38.17
N VAL N 188 -19.69 -53.15 38.93
CA VAL N 188 -18.42 -52.51 39.24
C VAL N 188 -17.45 -53.47 39.94
N ALA N 189 -17.95 -54.36 40.81
CA ALA N 189 -17.13 -55.34 41.52
C ALA N 189 -16.33 -56.23 40.58
N SER N 190 -16.87 -56.51 39.39
CA SER N 190 -16.27 -57.38 38.38
C SER N 190 -15.32 -56.63 37.42
N LYS N 191 -15.26 -55.29 37.54
CA LYS N 191 -14.53 -54.41 36.63
C LYS N 191 -13.65 -53.45 37.43
N PRO N 192 -12.55 -53.94 38.06
CA PRO N 192 -11.80 -53.16 39.04
C PRO N 192 -11.15 -51.88 38.53
N TRP N 193 -10.96 -51.75 37.21
CA TRP N 193 -10.47 -50.51 36.62
C TRP N 193 -11.45 -49.34 36.84
N LEU N 194 -12.74 -49.63 37.02
CA LEU N 194 -13.74 -48.60 37.32
C LEU N 194 -13.67 -48.08 38.76
N LYS N 195 -12.91 -48.75 39.65
CA LYS N 195 -12.87 -48.40 41.07
C LYS N 195 -12.15 -47.08 41.32
N ASN N 196 -11.16 -46.74 40.46
CA ASN N 196 -10.16 -45.72 40.75
C ASN N 196 -10.34 -44.45 39.91
N ASP N 197 -11.07 -44.53 38.79
CA ASP N 197 -11.31 -43.35 37.94
C ASP N 197 -12.48 -42.50 38.47
N ASN N 198 -12.69 -41.31 37.87
CA ASN N 198 -13.63 -40.33 38.39
C ASN N 198 -15.06 -40.75 38.09
N VAL N 199 -15.98 -40.58 39.06
CA VAL N 199 -17.38 -40.96 38.88
C VAL N 199 -18.33 -39.84 39.32
N PHE N 200 -19.33 -39.55 38.48
CA PHE N 200 -20.44 -38.67 38.80
C PHE N 200 -21.75 -39.30 38.35
N THR N 201 -22.89 -38.77 38.83
CA THR N 201 -24.19 -39.34 38.48
C THR N 201 -25.12 -38.28 37.89
N PHE N 202 -26.10 -38.76 37.10
CA PHE N 202 -27.16 -37.93 36.57
C PHE N 202 -28.43 -38.76 36.45
N ASN N 203 -29.59 -38.07 36.42
CA ASN N 203 -30.89 -38.73 36.43
C ASN N 203 -31.73 -38.30 35.23
N ILE N 204 -32.37 -39.27 34.55
CA ILE N 204 -33.35 -39.00 33.50
C ILE N 204 -34.70 -39.61 33.93
N SER N 205 -35.79 -39.08 33.37
CA SER N 205 -37.13 -39.63 33.60
C SER N 205 -37.56 -40.50 32.43
N VAL N 206 -37.86 -41.78 32.70
CA VAL N 206 -38.33 -42.72 31.70
C VAL N 206 -39.59 -43.37 32.25
N ASN N 207 -40.69 -43.30 31.48
CA ASN N 207 -41.94 -43.83 31.98
C ASN N 207 -42.21 -43.24 33.37
N GLY N 208 -42.09 -41.90 33.45
CA GLY N 208 -42.33 -41.12 34.67
C GLY N 208 -41.49 -41.53 35.88
N THR N 209 -40.53 -42.45 35.68
CA THR N 209 -39.69 -43.00 36.74
C THR N 209 -38.28 -42.41 36.65
N GLU N 210 -37.70 -42.02 37.80
CA GLU N 210 -36.33 -41.56 37.85
C GLU N 210 -35.35 -42.72 37.67
N VAL N 211 -34.49 -42.62 36.64
CA VAL N 211 -33.41 -43.56 36.41
C VAL N 211 -32.09 -42.83 36.68
N GLU N 212 -31.26 -43.40 37.58
CA GLU N 212 -29.95 -42.83 37.86
C GLU N 212 -28.87 -43.58 37.08
N TYR N 213 -28.02 -42.79 36.42
CA TYR N 213 -26.85 -43.29 35.70
C TYR N 213 -25.57 -42.80 36.38
N TYR N 214 -24.58 -43.69 36.40
CA TYR N 214 -23.24 -43.47 36.93
C TYR N 214 -22.29 -43.40 35.74
N ALA N 215 -21.60 -42.27 35.60
CA ALA N 215 -20.66 -42.03 34.51
C ALA N 215 -19.23 -42.12 35.03
N TYR N 216 -18.46 -43.08 34.51
CA TYR N 216 -17.08 -43.33 34.88
C TYR N 216 -16.17 -42.70 33.83
N VAL N 217 -15.29 -41.79 34.24
CA VAL N 217 -14.42 -41.07 33.32
C VAL N 217 -12.97 -41.45 33.60
N ASN N 218 -12.21 -41.76 32.54
CA ASN N 218 -10.81 -42.17 32.65
C ASN N 218 -9.88 -40.99 32.80
N LYS N 219 -9.90 -40.10 31.80
CA LYS N 219 -8.99 -38.97 31.74
C LYS N 219 -9.82 -37.73 31.41
N THR N 220 -9.29 -36.56 31.77
CA THR N 220 -9.95 -35.30 31.42
C THR N 220 -10.06 -35.20 29.90
N PHE N 221 -11.29 -35.00 29.39
CA PHE N 221 -11.52 -34.83 27.96
C PHE N 221 -12.70 -33.89 27.71
N ALA N 222 -12.76 -33.37 26.47
CA ALA N 222 -13.85 -32.52 26.04
C ALA N 222 -14.55 -33.11 24.82
N PHE N 223 -15.85 -32.86 24.72
CA PHE N 223 -16.61 -33.20 23.51
C PHE N 223 -17.60 -32.07 23.19
N THR N 224 -18.04 -32.03 21.92
CA THR N 224 -18.99 -31.03 21.46
C THR N 224 -20.26 -31.69 20.92
N TYR N 225 -21.39 -30.98 21.04
CA TYR N 225 -22.66 -31.47 20.53
C TYR N 225 -23.55 -30.32 20.06
N PRO N 226 -24.47 -30.54 19.09
CA PRO N 226 -25.34 -29.47 18.62
C PRO N 226 -26.48 -29.14 19.59
N VAL N 227 -26.78 -27.84 19.71
CA VAL N 227 -27.80 -27.32 20.62
C VAL N 227 -28.94 -26.66 19.85
N SER N 228 -28.63 -25.87 18.80
CA SER N 228 -29.64 -25.36 17.87
C SER N 228 -29.01 -24.90 16.56
N GLY N 229 -29.82 -24.72 15.51
CA GLY N 229 -29.37 -24.10 14.26
C GLY N 229 -28.33 -24.93 13.50
N PHE N 230 -28.35 -26.25 13.71
CA PHE N 230 -27.38 -27.16 13.11
C PHE N 230 -28.06 -28.12 12.15
N PRO N 231 -28.14 -27.80 10.83
CA PRO N 231 -28.65 -28.72 9.82
C PRO N 231 -27.60 -29.65 9.21
N LEU N 232 -26.31 -29.42 9.53
CA LEU N 232 -25.20 -30.09 8.86
C LEU N 232 -24.77 -31.38 9.56
N ALA N 233 -25.74 -32.18 10.04
CA ALA N 233 -25.45 -33.44 10.73
C ALA N 233 -24.57 -34.35 9.88
N GLY N 234 -23.46 -34.83 10.46
CA GLY N 234 -22.47 -35.63 9.77
C GLY N 234 -21.13 -34.91 9.51
N SER N 235 -21.03 -33.58 9.75
CA SER N 235 -19.99 -32.77 9.12
C SER N 235 -18.88 -32.24 10.04
N ASP N 236 -19.12 -32.10 11.36
CA ASP N 236 -18.26 -31.36 12.29
C ASP N 236 -18.14 -29.86 11.99
N ILE N 237 -18.98 -29.28 11.12
CA ILE N 237 -18.90 -27.85 10.83
C ILE N 237 -20.04 -27.12 11.53
N ALA N 238 -19.71 -26.11 12.35
CA ALA N 238 -20.72 -25.25 12.94
C ALA N 238 -21.04 -24.11 11.96
N PRO N 239 -22.25 -24.07 11.32
CA PRO N 239 -22.56 -22.97 10.41
C PRO N 239 -22.88 -21.70 11.18
N ALA N 240 -22.82 -20.56 10.49
CA ALA N 240 -23.20 -19.29 11.09
C ALA N 240 -24.65 -19.32 11.54
N GLY N 241 -24.90 -18.93 12.80
CA GLY N 241 -26.23 -18.99 13.41
C GLY N 241 -26.58 -20.35 14.01
N SER N 242 -25.57 -21.21 14.25
CA SER N 242 -25.72 -22.43 15.04
C SER N 242 -25.28 -22.18 16.49
N VAL N 243 -25.64 -23.10 17.39
CA VAL N 243 -25.25 -23.05 18.80
C VAL N 243 -24.72 -24.45 19.16
N ILE N 244 -23.50 -24.50 19.71
CA ILE N 244 -22.79 -25.75 19.97
C ILE N 244 -22.50 -25.85 21.47
N GLY N 245 -22.90 -26.98 22.09
CA GLY N 245 -22.54 -27.24 23.47
C GLY N 245 -21.12 -27.82 23.55
N VAL N 246 -20.33 -27.31 24.50
CA VAL N 246 -19.00 -27.83 24.80
C VAL N 246 -19.03 -28.36 26.22
N MET N 247 -18.65 -29.62 26.41
CA MET N 247 -18.63 -30.21 27.74
C MET N 247 -17.26 -30.81 28.03
N ILE N 248 -16.70 -30.44 29.19
CA ILE N 248 -15.42 -30.95 29.67
C ILE N 248 -15.71 -31.86 30.85
N LEU N 249 -15.29 -33.13 30.78
CA LEU N 249 -15.40 -34.06 31.89
C LEU N 249 -14.02 -34.25 32.52
N PHE N 250 -13.92 -34.15 33.85
CA PHE N 250 -12.64 -34.27 34.53
C PHE N 250 -12.34 -35.72 34.88
N GLY N 251 -11.11 -36.16 34.61
CA GLY N 251 -10.62 -37.47 35.04
C GLY N 251 -10.03 -37.43 36.45
N PRO N 252 -9.52 -38.56 36.99
CA PRO N 252 -9.05 -38.64 38.37
C PRO N 252 -7.88 -37.72 38.71
N GLY N 253 -7.06 -37.35 37.71
CA GLY N 253 -5.97 -36.40 37.87
C GLY N 253 -6.45 -35.00 38.25
N GLU N 254 -7.27 -34.39 37.38
CA GLU N 254 -7.73 -33.01 37.56
C GLU N 254 -8.88 -32.90 38.56
N ALA N 255 -9.59 -34.00 38.83
CA ALA N 255 -10.76 -34.02 39.71
C ALA N 255 -10.41 -33.83 41.19
N THR N 256 -9.13 -34.03 41.57
CA THR N 256 -8.69 -34.42 42.91
C THR N 256 -9.13 -33.48 44.04
N ASN N 257 -9.20 -32.16 43.77
CA ASN N 257 -9.91 -31.23 44.64
C ASN N 257 -10.47 -30.05 43.84
N VAL N 258 -11.53 -29.43 44.39
CA VAL N 258 -12.36 -28.44 43.74
C VAL N 258 -11.59 -27.15 43.46
N PHE N 259 -11.96 -26.42 42.39
CA PHE N 259 -11.39 -25.11 42.11
C PHE N 259 -11.94 -24.07 43.10
N GLN N 260 -11.06 -23.44 43.89
CA GLN N 260 -11.43 -22.38 44.82
C GLN N 260 -10.33 -21.32 44.87
N TYR N 261 -10.71 -20.03 44.77
CA TYR N 261 -9.77 -18.92 44.85
C TYR N 261 -8.68 -19.06 43.78
N GLU N 262 -9.10 -19.43 42.57
CA GLU N 262 -8.21 -19.83 41.49
C GLU N 262 -8.73 -19.31 40.14
N THR N 263 -7.82 -19.05 39.20
CA THR N 263 -8.20 -18.75 37.83
C THR N 263 -8.13 -20.02 37.00
N VAL N 264 -9.20 -20.30 36.23
CA VAL N 264 -9.24 -21.36 35.24
C VAL N 264 -9.36 -20.73 33.85
N THR N 265 -8.59 -21.27 32.88
CA THR N 265 -8.60 -20.80 31.50
C THR N 265 -8.86 -21.98 30.55
N ILE N 266 -9.76 -21.77 29.57
CA ILE N 266 -10.03 -22.71 28.49
C ILE N 266 -9.78 -21.97 27.18
N GLN N 267 -9.17 -22.64 26.21
CA GLN N 267 -9.04 -22.04 24.89
C GLN N 267 -9.43 -23.04 23.81
N ILE N 268 -10.27 -22.59 22.86
CA ILE N 268 -10.64 -23.40 21.70
C ILE N 268 -9.93 -22.80 20.49
N THR N 269 -9.15 -23.63 19.78
CA THR N 269 -8.37 -23.18 18.63
C THR N 269 -8.71 -24.01 17.40
N PRO N 270 -9.64 -23.56 16.53
CA PRO N 270 -9.89 -24.25 15.25
C PRO N 270 -8.76 -24.00 14.25
N ASN N 271 -8.78 -24.74 13.13
CA ASN N 271 -7.70 -24.76 12.17
C ASN N 271 -7.62 -23.49 11.31
N ILE N 272 -8.71 -22.70 11.27
CA ILE N 272 -8.79 -21.43 10.58
C ILE N 272 -9.44 -20.42 11.54
N GLY N 273 -8.95 -19.18 11.53
CA GLY N 273 -9.56 -18.11 12.33
C GLY N 273 -8.97 -18.00 13.74
N SER N 274 -9.42 -16.99 14.46
CA SER N 274 -8.90 -16.67 15.78
C SER N 274 -9.45 -17.62 16.84
N PRO N 275 -8.65 -18.00 17.87
CA PRO N 275 -9.15 -18.85 18.95
C PRO N 275 -10.02 -18.09 19.93
N LEU N 276 -10.88 -18.82 20.64
CA LEU N 276 -11.70 -18.28 21.71
C LEU N 276 -11.04 -18.60 23.04
N THR N 277 -10.73 -17.56 23.83
CA THR N 277 -10.11 -17.71 25.14
C THR N 277 -11.11 -17.34 26.24
N ILE N 278 -11.33 -18.28 27.17
CA ILE N 278 -12.30 -18.17 28.25
C ILE N 278 -11.52 -18.21 29.57
N SER N 279 -11.73 -17.20 30.46
CA SER N 279 -11.07 -17.15 31.77
C SER N 279 -12.05 -16.75 32.88
N GLN N 280 -12.01 -17.50 33.99
CA GLN N 280 -12.83 -17.21 35.17
C GLN N 280 -11.99 -17.32 36.44
N TYR N 281 -12.13 -16.32 37.34
CA TYR N 281 -11.72 -16.51 38.72
C TYR N 281 -12.87 -17.19 39.47
N ILE N 282 -12.60 -18.41 39.97
CA ILE N 282 -13.62 -19.23 40.60
C ILE N 282 -13.57 -19.05 42.11
N TYR N 283 -14.61 -18.41 42.65
CA TYR N 283 -14.94 -18.50 44.07
C TYR N 283 -15.50 -19.89 44.38
N GLN N 284 -15.64 -20.19 45.69
CA GLN N 284 -16.25 -21.43 46.17
C GLN N 284 -17.54 -21.78 45.41
N PRO N 285 -17.76 -23.08 45.04
CA PRO N 285 -19.00 -23.49 44.38
C PRO N 285 -20.16 -23.59 45.38
N ASP N 286 -21.35 -23.15 44.93
CA ASP N 286 -22.46 -22.84 45.83
C ASP N 286 -23.64 -23.83 45.72
N GLY N 287 -23.58 -24.78 44.77
CA GLY N 287 -24.60 -25.80 44.55
C GLY N 287 -24.09 -26.97 43.71
N LYS N 288 -24.96 -27.95 43.44
CA LYS N 288 -24.65 -29.13 42.63
C LYS N 288 -24.06 -28.71 41.28
N VAL N 289 -24.66 -27.69 40.68
CA VAL N 289 -24.09 -26.93 39.58
C VAL N 289 -23.91 -25.50 40.07
N THR N 290 -22.82 -24.84 39.64
CA THR N 290 -22.56 -23.45 39.99
C THR N 290 -22.25 -22.67 38.71
N VAL N 291 -22.69 -21.41 38.66
CA VAL N 291 -22.47 -20.56 37.49
C VAL N 291 -21.17 -19.78 37.73
N ILE N 292 -20.15 -20.03 36.90
CA ILE N 292 -18.82 -19.46 37.14
C ILE N 292 -18.48 -18.32 36.17
N GLY N 293 -19.20 -18.22 35.05
CA GLY N 293 -18.86 -17.24 34.01
C GLY N 293 -20.04 -16.91 33.10
N LEU O 1 31.34 -13.25 -38.66
CA LEU O 1 31.31 -11.77 -38.44
C LEU O 1 30.43 -11.42 -37.24
N ALA O 2 29.11 -11.64 -37.32
CA ALA O 2 28.18 -11.18 -36.30
C ALA O 2 28.27 -12.01 -35.01
N GLY O 3 28.93 -13.18 -35.05
CA GLY O 3 29.04 -14.05 -33.89
C GLY O 3 30.03 -13.56 -32.83
N LEU O 4 30.46 -12.28 -32.92
CA LEU O 4 31.45 -11.71 -32.03
C LEU O 4 31.01 -10.35 -31.46
N ASP O 5 30.62 -9.41 -32.33
CA ASP O 5 30.19 -8.08 -31.90
C ASP O 5 28.97 -8.18 -30.97
N THR O 6 28.02 -9.06 -31.32
CA THR O 6 26.85 -9.36 -30.50
C THR O 6 27.23 -9.93 -29.13
N ALA O 7 28.24 -10.80 -29.07
CA ALA O 7 28.69 -11.42 -27.82
C ALA O 7 29.26 -10.39 -26.85
N ILE O 8 30.01 -9.41 -27.37
CA ILE O 8 30.58 -8.32 -26.59
C ILE O 8 29.47 -7.47 -25.95
N ILE O 9 28.45 -7.11 -26.74
CA ILE O 9 27.33 -6.30 -26.25
C ILE O 9 26.55 -7.07 -25.18
N LEU O 10 26.36 -8.38 -25.39
CA LEU O 10 25.73 -9.25 -24.40
C LEU O 10 26.51 -9.20 -23.08
N ILE O 11 27.83 -9.41 -23.10
CA ILE O 11 28.68 -9.30 -21.92
C ILE O 11 28.44 -7.99 -21.18
N ALA O 12 28.48 -6.86 -21.90
CA ALA O 12 28.29 -5.53 -21.34
C ALA O 12 26.91 -5.33 -20.72
N PHE O 13 25.86 -5.81 -21.40
CA PHE O 13 24.48 -5.67 -20.92
C PHE O 13 24.24 -6.52 -19.68
N ILE O 14 24.84 -7.72 -19.61
CA ILE O 14 24.78 -8.58 -18.42
C ILE O 14 25.40 -7.84 -17.23
N ILE O 15 26.62 -7.32 -17.38
CA ILE O 15 27.32 -6.57 -16.34
C ILE O 15 26.49 -5.37 -15.89
N THR O 16 25.88 -4.65 -16.84
CA THR O 16 25.01 -3.50 -16.56
C THR O 16 23.83 -3.90 -15.68
N ALA O 17 23.14 -5.00 -16.03
CA ALA O 17 22.03 -5.53 -15.25
C ALA O 17 22.48 -6.01 -13.86
N ALA O 18 23.62 -6.70 -13.79
CA ALA O 18 24.21 -7.20 -12.55
C ALA O 18 24.53 -6.04 -11.58
N VAL O 19 25.00 -4.90 -12.10
CA VAL O 19 25.26 -3.69 -11.35
C VAL O 19 23.96 -3.13 -10.74
N LEU O 20 22.87 -3.05 -11.53
CA LEU O 20 21.59 -2.64 -10.98
C LEU O 20 21.10 -3.62 -9.91
N ALA O 21 21.21 -4.92 -10.18
CA ALA O 21 20.85 -5.98 -9.23
C ALA O 21 21.56 -5.79 -7.89
N TYR O 22 22.89 -5.62 -7.93
CA TYR O 22 23.75 -5.37 -6.78
C TYR O 22 23.25 -4.20 -5.94
N VAL O 23 23.00 -3.06 -6.59
CA VAL O 23 22.56 -1.84 -5.93
C VAL O 23 21.15 -2.00 -5.34
N ALA O 24 20.20 -2.53 -6.13
CA ALA O 24 18.81 -2.68 -5.73
C ALA O 24 18.67 -3.56 -4.49
N VAL O 25 19.38 -4.71 -4.44
CA VAL O 25 19.31 -5.63 -3.33
C VAL O 25 19.90 -4.99 -2.07
N ASN O 26 21.09 -4.40 -2.17
CA ASN O 26 21.76 -3.70 -1.07
C ASN O 26 20.84 -2.62 -0.48
N MET O 27 20.27 -1.80 -1.36
CA MET O 27 19.44 -0.68 -0.92
C MET O 27 18.10 -1.14 -0.33
N GLY O 28 17.52 -2.24 -0.86
CA GLY O 28 16.37 -2.90 -0.26
C GLY O 28 16.64 -3.41 1.16
N LEU O 29 17.77 -4.10 1.35
CA LEU O 29 18.21 -4.54 2.68
C LEU O 29 18.35 -3.34 3.62
N PHE O 30 18.97 -2.26 3.16
CA PHE O 30 19.12 -1.04 3.94
C PHE O 30 17.78 -0.45 4.36
N VAL O 31 16.91 -0.12 3.39
CA VAL O 31 15.66 0.58 3.65
C VAL O 31 14.72 -0.25 4.51
N THR O 32 14.62 -1.57 4.27
CA THR O 32 13.76 -2.44 5.06
C THR O 32 14.21 -2.48 6.52
N GLN O 33 15.51 -2.39 6.79
CA GLN O 33 16.01 -2.31 8.16
C GLN O 33 15.67 -0.95 8.82
N LYS O 34 15.74 0.15 8.06
CA LYS O 34 15.29 1.46 8.52
C LYS O 34 13.79 1.40 8.90
N ALA O 35 12.98 0.72 8.07
CA ALA O 35 11.58 0.47 8.36
C ALA O 35 11.39 -0.34 9.65
N LYS O 36 12.13 -1.44 9.84
CA LYS O 36 12.10 -2.24 11.07
C LYS O 36 12.36 -1.37 12.29
N THR O 37 13.45 -0.59 12.26
CA THR O 37 13.85 0.32 13.33
C THR O 37 12.74 1.33 13.63
N THR O 38 12.15 1.93 12.58
CA THR O 38 11.07 2.90 12.70
C THR O 38 9.84 2.29 13.37
N ILE O 39 9.44 1.08 12.97
CA ILE O 39 8.29 0.39 13.54
C ILE O 39 8.49 0.16 15.05
N ASN O 40 9.70 -0.25 15.44
CA ASN O 40 10.07 -0.40 16.85
C ASN O 40 9.95 0.93 17.61
N LYS O 41 10.52 2.01 17.06
CA LYS O 41 10.46 3.34 17.67
C LYS O 41 9.03 3.88 17.77
N GLY O 42 8.17 3.55 16.79
CA GLY O 42 6.75 3.89 16.83
C GLY O 42 6.02 3.21 17.99
N GLU O 43 6.28 1.91 18.20
CA GLU O 43 5.70 1.15 19.30
C GLU O 43 6.21 1.66 20.66
N GLU O 44 7.52 1.93 20.77
CA GLU O 44 8.10 2.54 21.96
C GLU O 44 7.44 3.88 22.27
N THR O 45 7.22 4.73 21.24
CA THR O 45 6.60 6.04 21.38
C THR O 45 5.14 5.93 21.86
N ALA O 46 4.38 4.96 21.33
CA ALA O 46 2.99 4.77 21.71
C ALA O 46 2.84 4.19 23.12
N SER O 47 3.78 3.32 23.53
CA SER O 47 3.73 2.62 24.81
C SER O 47 4.25 3.45 25.98
N THR O 48 5.41 4.11 25.82
CA THR O 48 6.08 4.79 26.92
C THR O 48 5.36 6.07 27.36
N ALA O 49 5.03 6.16 28.65
CA ALA O 49 4.38 7.32 29.25
C ALA O 49 4.52 7.30 30.78
N LEU O 50 4.41 8.49 31.41
CA LEU O 50 4.38 8.62 32.85
C LEU O 50 2.98 9.03 33.31
N SER O 51 2.52 8.43 34.42
CA SER O 51 1.32 8.87 35.14
C SER O 51 1.72 9.56 36.42
N LEU O 52 0.98 10.63 36.77
CA LEU O 52 0.99 11.15 38.13
C LEU O 52 0.36 10.10 39.05
N SER O 53 1.13 9.63 40.04
CA SER O 53 0.72 8.49 40.86
C SER O 53 0.75 8.79 42.36
N GLY O 54 0.55 10.07 42.71
CA GLY O 54 0.32 10.53 44.07
C GLY O 54 -0.28 11.94 44.05
N ASN O 55 -0.58 12.49 45.23
CA ASN O 55 -0.98 13.88 45.31
C ASN O 55 0.22 14.80 45.09
N VAL O 56 -0.06 16.06 44.68
CA VAL O 56 0.96 17.09 44.56
C VAL O 56 0.97 17.91 45.85
N LEU O 57 2.14 17.98 46.49
CA LEU O 57 2.34 18.67 47.76
C LEU O 57 3.11 19.97 47.51
N TYR O 58 2.75 21.02 48.26
CA TYR O 58 3.33 22.34 48.11
C TYR O 58 3.70 22.89 49.49
N ALA O 59 4.88 23.52 49.64
CA ALA O 59 5.38 23.98 50.93
C ALA O 59 5.74 25.47 50.88
N VAL O 60 5.38 26.19 51.96
CA VAL O 60 5.52 27.64 52.07
C VAL O 60 5.89 28.02 53.50
N ASN O 61 6.29 29.28 53.72
CA ASN O 61 6.61 29.82 55.04
C ASN O 61 5.36 30.13 55.87
N TYR O 62 4.51 29.11 56.01
CA TYR O 62 3.24 29.20 56.74
C TYR O 62 3.48 29.53 58.21
N PRO O 63 2.61 30.33 58.89
CA PRO O 63 1.42 30.96 58.29
C PRO O 63 1.64 32.27 57.53
N THR O 64 2.87 32.79 57.56
CA THR O 64 3.18 34.13 57.04
C THR O 64 2.96 34.25 55.53
N ASN O 65 3.15 33.15 54.78
CA ASN O 65 2.83 33.02 53.36
C ASN O 65 3.49 34.06 52.46
N THR O 66 4.65 34.60 52.85
CA THR O 66 5.39 35.54 52.02
C THR O 66 6.36 34.84 51.07
N LYS O 67 6.64 33.53 51.26
CA LYS O 67 7.71 32.87 50.53
C LYS O 67 7.42 31.38 50.26
N SER O 68 7.93 30.88 49.14
CA SER O 68 7.63 29.56 48.59
C SER O 68 8.88 28.66 48.64
N TYR O 69 8.73 27.40 49.09
CA TYR O 69 9.87 26.55 49.40
C TYR O 69 10.08 25.42 48.38
N TRP O 70 9.10 24.52 48.27
CA TRP O 70 9.21 23.37 47.36
C TRP O 70 7.86 22.81 46.96
N MET O 71 7.87 22.02 45.88
CA MET O 71 6.77 21.15 45.50
C MET O 71 7.28 19.72 45.39
N TYR O 72 6.44 18.75 45.78
CA TYR O 72 6.77 17.33 45.69
C TYR O 72 5.58 16.61 45.03
N PHE O 73 5.88 15.66 44.13
CA PHE O 73 4.88 14.74 43.60
C PHE O 73 5.55 13.44 43.20
N THR O 74 4.74 12.44 42.83
CA THR O 74 5.23 11.10 42.57
C THR O 74 4.75 10.65 41.19
N VAL O 75 5.62 9.97 40.42
CA VAL O 75 5.28 9.49 39.07
C VAL O 75 5.65 8.02 38.91
N SER O 76 4.98 7.34 37.97
CA SER O 76 5.27 5.95 37.63
C SER O 76 4.91 5.72 36.16
N PRO O 77 5.59 4.79 35.43
CA PRO O 77 5.19 4.44 34.07
C PRO O 77 3.73 3.97 33.99
N SER O 78 3.01 4.48 32.97
CA SER O 78 1.57 4.30 32.80
C SER O 78 1.21 2.84 32.55
N SER O 79 0.24 2.32 33.32
CA SER O 79 -0.39 1.01 33.09
C SER O 79 0.62 -0.15 33.08
N GLY O 80 1.84 0.08 33.57
CA GLY O 80 2.89 -0.93 33.68
C GLY O 80 3.39 -1.50 32.35
N VAL O 81 3.29 -0.71 31.26
CA VAL O 81 3.51 -1.26 29.92
C VAL O 81 4.99 -1.35 29.53
N SER O 82 5.78 -0.31 29.86
CA SER O 82 7.20 -0.23 29.49
C SER O 82 7.96 0.79 30.35
N SER O 83 9.30 0.72 30.33
CA SER O 83 10.18 1.56 31.14
C SER O 83 10.35 2.97 30.56
N VAL O 84 10.77 3.93 31.40
CA VAL O 84 10.99 5.31 30.99
C VAL O 84 12.41 5.76 31.40
N ASP O 85 13.17 6.31 30.43
CA ASP O 85 14.47 6.92 30.69
C ASP O 85 14.26 8.29 31.35
N LEU O 86 14.80 8.48 32.56
CA LEU O 86 14.68 9.73 33.30
C LEU O 86 16.03 10.43 33.50
N SER O 87 17.03 10.16 32.67
CA SER O 87 18.32 10.82 32.86
C SER O 87 18.21 12.33 32.65
N PRO O 88 18.74 13.18 33.57
CA PRO O 88 18.57 14.63 33.46
C PRO O 88 19.32 15.30 32.32
N SER O 89 20.23 14.59 31.64
CA SER O 89 20.85 15.14 30.43
C SER O 89 19.90 15.07 29.23
N THR O 90 18.97 14.10 29.22
CA THR O 90 18.07 13.86 28.10
C THR O 90 16.66 14.40 28.35
N THR O 91 16.16 14.21 29.59
CA THR O 91 14.81 14.61 29.99
C THR O 91 14.76 16.11 30.32
N ALA O 92 13.64 16.78 30.05
CA ALA O 92 13.39 18.13 30.56
C ALA O 92 12.23 18.11 31.55
N ILE O 93 12.29 18.98 32.57
CA ILE O 93 11.13 19.31 33.37
C ILE O 93 10.93 20.82 33.26
N SER O 94 9.80 21.25 32.70
CA SER O 94 9.47 22.67 32.61
C SER O 94 8.51 23.09 33.73
N PHE O 95 8.55 24.37 34.10
CA PHE O 95 7.67 24.91 35.12
C PHE O 95 7.16 26.27 34.68
N THR O 96 5.82 26.45 34.66
CA THR O 96 5.24 27.74 34.29
C THR O 96 4.15 28.17 35.26
N ALA O 97 4.13 29.47 35.57
CA ALA O 97 3.05 30.11 36.30
C ALA O 97 2.60 31.31 35.48
N ALA O 98 1.69 31.06 34.53
CA ALA O 98 1.36 31.94 33.42
C ALA O 98 0.91 33.32 33.90
N SER O 99 0.09 33.36 34.95
CA SER O 99 -0.51 34.57 35.51
C SER O 99 0.56 35.61 35.88
N ARG O 100 1.71 35.16 36.40
CA ARG O 100 2.81 36.02 36.83
C ARG O 100 3.98 36.04 35.83
N GLY O 101 3.82 35.38 34.67
CA GLY O 101 4.81 35.42 33.59
C GLY O 101 6.08 34.62 33.88
N VAL O 102 6.05 33.73 34.88
CA VAL O 102 7.16 32.82 35.13
C VAL O 102 7.07 31.66 34.14
N SER O 103 8.17 31.42 33.41
CA SER O 103 8.24 30.32 32.46
C SER O 103 9.67 29.79 32.38
N LEU O 104 9.88 28.59 32.92
CA LEU O 104 11.19 27.94 32.93
C LEU O 104 11.11 26.73 32.00
N SER O 105 11.99 26.70 31.00
CA SER O 105 11.94 25.66 29.98
C SER O 105 12.53 24.34 30.45
N ASN O 106 13.56 24.37 31.32
CA ASN O 106 14.12 23.15 31.87
C ASN O 106 14.81 23.40 33.22
N ILE O 107 14.27 22.78 34.29
CA ILE O 107 14.79 22.91 35.65
C ILE O 107 15.39 21.58 36.15
N TYR O 108 15.30 20.49 35.38
CA TYR O 108 15.76 19.19 35.84
C TYR O 108 17.28 19.11 35.78
N GLN O 109 17.93 18.71 36.90
CA GLN O 109 19.38 18.76 37.00
C GLN O 109 20.01 17.46 37.52
N PHE O 110 19.35 16.80 38.49
CA PHE O 110 19.98 15.71 39.23
C PHE O 110 19.02 14.54 39.44
N SER O 111 19.58 13.33 39.56
CA SER O 111 18.78 12.18 39.94
C SER O 111 19.54 11.28 40.89
N LEU O 112 18.85 10.81 41.95
CA LEU O 112 19.41 9.80 42.84
C LEU O 112 19.22 8.39 42.29
N LEU O 113 18.51 8.21 41.16
CA LEU O 113 18.43 6.91 40.49
C LEU O 113 19.82 6.43 40.06
N SER O 114 20.74 7.36 39.80
CA SER O 114 22.14 7.13 39.43
C SER O 114 22.98 6.58 40.59
N VAL O 115 22.49 6.66 41.83
CA VAL O 115 23.33 6.55 43.03
C VAL O 115 23.11 5.21 43.74
N LEU O 116 24.21 4.50 44.01
CA LEU O 116 24.16 3.26 44.79
C LEU O 116 24.13 3.59 46.29
N PRO O 117 23.42 2.80 47.14
CA PRO O 117 23.36 3.07 48.59
C PRO O 117 24.70 3.28 49.28
N SER O 118 25.75 2.55 48.87
CA SER O 118 27.08 2.63 49.44
C SER O 118 27.73 4.01 49.23
N GLN O 119 27.19 4.83 48.32
CA GLN O 119 27.72 6.16 48.04
C GLN O 119 27.16 7.21 49.01
N VAL O 120 26.09 6.89 49.75
CA VAL O 120 25.40 7.85 50.60
C VAL O 120 25.27 7.39 52.05
N ASN O 121 25.03 6.09 52.27
CA ASN O 121 24.90 5.54 53.62
C ASN O 121 26.24 5.64 54.36
N ASN O 122 26.17 5.99 55.66
CA ASN O 122 27.31 6.14 56.58
C ASN O 122 28.28 7.25 56.16
N LYS O 123 27.82 8.21 55.32
CA LYS O 123 28.70 9.24 54.78
C LYS O 123 28.32 10.67 55.18
N VAL O 124 27.14 10.85 55.78
CA VAL O 124 26.80 12.07 56.52
C VAL O 124 26.53 11.68 57.97
N GLN O 125 26.93 12.57 58.90
CA GLN O 125 26.96 12.23 60.31
C GLN O 125 26.56 13.41 61.19
N VAL O 126 26.00 13.09 62.36
CA VAL O 126 25.45 14.06 63.30
C VAL O 126 26.27 14.00 64.58
N LYS O 127 26.61 15.18 65.13
CA LYS O 127 27.31 15.29 66.41
C LYS O 127 26.32 15.68 67.50
N LEU O 128 26.20 14.82 68.53
CA LEU O 128 25.35 15.06 69.69
C LEU O 128 26.24 15.02 70.95
N GLY O 129 26.69 16.21 71.39
CA GLY O 129 27.76 16.30 72.37
C GLY O 129 29.04 15.66 71.84
N THR O 130 29.63 14.76 72.65
CA THR O 130 30.83 14.01 72.29
C THR O 130 30.52 12.94 71.22
N SER O 131 29.30 12.38 71.26
CA SER O 131 28.90 11.26 70.41
C SER O 131 28.68 11.67 68.95
N ILE O 132 29.01 10.76 68.02
CA ILE O 132 28.84 10.99 66.58
C ILE O 132 28.12 9.80 65.94
N ILE O 133 27.06 10.07 65.18
CA ILE O 133 26.17 9.06 64.61
C ILE O 133 26.16 9.15 63.09
N ASN O 134 26.44 8.02 62.41
CA ASN O 134 26.35 7.95 60.97
C ASN O 134 24.90 7.68 60.57
N LEU O 135 24.42 8.38 59.53
CA LEU O 135 23.06 8.22 59.03
C LEU O 135 22.95 7.18 57.92
N THR O 136 21.81 6.46 57.91
CA THR O 136 21.37 5.65 56.79
C THR O 136 20.25 6.39 56.07
N LEU O 137 20.37 6.59 54.76
CA LEU O 137 19.47 7.44 54.00
C LEU O 137 18.77 6.66 52.89
N ALA O 138 19.53 5.85 52.14
CA ALA O 138 19.00 4.92 51.16
C ALA O 138 18.66 3.60 51.84
N PHE O 139 17.37 3.25 51.88
CA PHE O 139 16.93 1.95 52.38
C PHE O 139 16.93 0.94 51.24
N SER O 140 16.98 -0.35 51.60
CA SER O 140 17.08 -1.42 50.61
C SER O 140 16.43 -2.71 51.10
N SER O 141 15.91 -3.51 50.15
CA SER O 141 15.36 -4.84 50.40
C SER O 141 15.63 -5.75 49.21
N ASN O 142 15.59 -7.08 49.46
CA ASN O 142 15.91 -8.07 48.43
C ASN O 142 14.66 -8.88 48.04
N SER O 143 14.41 -8.97 46.73
CA SER O 143 13.46 -9.93 46.16
C SER O 143 14.06 -10.56 44.90
N ALA O 144 13.99 -11.89 44.79
CA ALA O 144 14.44 -12.66 43.63
C ALA O 144 15.86 -12.29 43.19
N GLY O 145 16.76 -12.05 44.16
CA GLY O 145 18.16 -11.80 43.89
C GLY O 145 18.49 -10.39 43.41
N GLN O 146 17.48 -9.51 43.36
CA GLN O 146 17.65 -8.09 43.05
C GLN O 146 17.57 -7.26 44.34
N THR O 147 18.43 -6.24 44.46
CA THR O 147 18.33 -5.27 45.54
C THR O 147 17.52 -4.06 45.08
N TYR O 148 16.36 -3.86 45.71
CA TYR O 148 15.54 -2.67 45.51
C TYR O 148 16.09 -1.54 46.39
N VAL O 149 16.00 -0.29 45.92
CA VAL O 149 16.56 0.86 46.62
C VAL O 149 15.52 1.98 46.64
N TYR O 150 15.40 2.69 47.78
CA TYR O 150 14.47 3.81 47.88
C TYR O 150 14.85 4.74 49.05
N TYR O 151 14.25 5.95 49.04
CA TYR O 151 14.33 6.88 50.14
C TYR O 151 12.95 6.98 50.78
N SER O 152 12.90 6.87 52.11
CA SER O 152 11.64 6.78 52.85
C SER O 152 10.87 8.11 52.82
N ASP O 153 11.60 9.24 52.73
CA ASP O 153 10.99 10.56 52.71
C ASP O 153 11.82 11.56 51.90
N PRO O 154 11.26 12.76 51.55
CA PRO O 154 12.04 13.82 50.91
C PRO O 154 13.23 14.32 51.73
N ASN O 155 13.18 14.25 53.06
CA ASN O 155 14.26 14.75 53.91
C ASN O 155 15.55 13.95 53.74
N TYR O 156 15.45 12.61 53.78
CA TYR O 156 16.59 11.75 53.53
C TYR O 156 17.07 11.87 52.08
N ALA O 157 16.16 12.07 51.13
CA ALA O 157 16.53 12.32 49.75
C ALA O 157 17.34 13.62 49.61
N LEU O 158 16.92 14.70 50.28
CA LEU O 158 17.64 15.98 50.28
C LEU O 158 19.05 15.84 50.85
N LEU O 159 19.20 15.15 51.99
CA LEU O 159 20.51 14.94 52.60
C LEU O 159 21.43 14.12 51.68
N ALA O 160 20.90 13.06 51.06
CA ALA O 160 21.61 12.24 50.10
C ALA O 160 22.04 13.05 48.86
N LEU O 161 21.17 13.93 48.37
CA LEU O 161 21.49 14.80 47.24
C LEU O 161 22.56 15.81 47.64
N ASN O 162 22.38 16.49 48.79
CA ASN O 162 23.38 17.43 49.26
C ASN O 162 24.77 16.81 49.23
N TYR O 163 24.93 15.62 49.84
CA TYR O 163 26.20 14.92 49.89
C TYR O 163 26.73 14.62 48.49
N THR O 164 25.87 14.03 47.63
CA THR O 164 26.22 13.68 46.26
C THR O 164 26.77 14.88 45.49
N LEU O 165 26.07 16.03 45.56
CA LEU O 165 26.48 17.24 44.88
C LEU O 165 27.77 17.82 45.46
N GLY O 166 27.90 17.85 46.81
CA GLY O 166 29.14 18.26 47.46
C GLY O 166 30.35 17.44 47.00
N GLN O 167 30.13 16.12 46.84
CA GLN O 167 31.15 15.18 46.37
C GLN O 167 31.51 15.40 44.90
N GLU O 168 30.51 15.69 44.05
CA GLU O 168 30.73 16.00 42.64
C GLU O 168 31.49 17.31 42.44
N VAL O 169 31.24 18.33 43.29
CA VAL O 169 32.01 19.57 43.30
C VAL O 169 33.44 19.30 43.71
N LYS O 170 33.65 18.52 44.78
CA LYS O 170 34.97 18.15 45.27
C LYS O 170 35.78 17.39 44.23
N GLY O 171 35.11 16.51 43.46
CA GLY O 171 35.72 15.77 42.37
C GLY O 171 35.86 16.56 41.06
N GLY O 172 35.45 17.83 41.04
CA GLY O 172 35.59 18.71 39.88
C GLY O 172 34.62 18.42 38.74
N GLN O 173 33.65 17.52 38.96
CA GLN O 173 32.68 17.12 37.95
C GLN O 173 31.56 18.16 37.79
N LEU O 174 31.38 19.00 38.82
CA LEU O 174 30.33 20.03 38.88
C LEU O 174 30.96 21.34 39.38
N THR O 175 30.57 22.49 38.82
CA THR O 175 31.21 23.76 39.14
C THR O 175 30.83 24.28 40.53
N SER O 176 29.53 24.26 40.83
CA SER O 176 28.94 24.62 42.12
C SER O 176 27.69 23.79 42.37
N SER O 177 27.41 23.49 43.65
CA SER O 177 26.14 22.91 44.04
C SER O 177 25.10 24.02 44.19
N PRO O 178 23.88 23.89 43.61
CA PRO O 178 22.80 24.85 43.88
C PRO O 178 22.14 24.65 45.24
N LEU O 179 22.44 23.51 45.91
CA LEU O 179 21.88 23.16 47.20
C LEU O 179 23.00 23.07 48.25
N TYR O 180 22.76 23.65 49.43
CA TYR O 180 23.70 23.55 50.53
C TYR O 180 22.94 23.39 51.85
N ILE O 181 23.14 22.25 52.54
CA ILE O 181 22.42 21.92 53.76
C ILE O 181 23.36 21.93 54.96
N ILE O 182 22.96 22.63 56.04
CA ILE O 182 23.72 22.72 57.28
C ILE O 182 22.79 22.64 58.49
N SER O 183 23.31 22.17 59.64
CA SER O 183 22.60 22.18 60.91
C SER O 183 22.99 23.39 61.76
N ASN O 184 24.24 23.83 61.58
CA ASN O 184 24.82 24.95 62.28
C ASN O 184 24.54 26.23 61.51
N THR O 185 23.79 27.16 62.11
CA THR O 185 23.52 28.44 61.48
C THR O 185 24.67 29.45 61.63
N SER O 186 25.57 29.23 62.60
CA SER O 186 26.68 30.15 62.89
C SER O 186 27.60 30.36 61.68
N ILE O 187 27.71 29.34 60.83
CA ILE O 187 28.56 29.30 59.65
C ILE O 187 28.22 30.43 58.66
N VAL O 188 26.93 30.80 58.59
CA VAL O 188 26.35 31.66 57.57
C VAL O 188 27.02 33.03 57.52
N ALA O 189 27.43 33.58 58.68
CA ALA O 189 28.09 34.88 58.77
C ALA O 189 29.37 34.93 57.94
N SER O 190 30.06 33.79 57.80
CA SER O 190 31.33 33.67 57.07
C SER O 190 31.15 33.37 55.58
N LYS O 191 29.89 33.15 55.14
CA LYS O 191 29.54 32.71 53.79
C LYS O 191 28.42 33.61 53.23
N PRO O 192 28.72 34.89 52.89
CA PRO O 192 27.68 35.88 52.60
C PRO O 192 26.80 35.57 51.39
N TRP O 193 27.25 34.71 50.47
CA TRP O 193 26.42 34.25 49.37
C TRP O 193 25.17 33.49 49.84
N LEU O 194 25.22 32.88 51.03
CA LEU O 194 24.08 32.20 51.62
C LEU O 194 23.02 33.17 52.17
N LYS O 195 23.33 34.46 52.30
CA LYS O 195 22.43 35.43 52.93
C LYS O 195 21.20 35.71 52.06
N ASN O 196 21.36 35.63 50.73
CA ASN O 196 20.41 36.19 49.78
C ASN O 196 19.59 35.14 49.03
N ASP O 197 20.05 33.89 49.00
CA ASP O 197 19.31 32.81 48.33
C ASP O 197 18.21 32.24 49.22
N ASN O 198 17.36 31.35 48.66
CA ASN O 198 16.16 30.87 49.34
C ASN O 198 16.52 29.85 50.42
N VAL O 199 15.87 29.93 51.60
CA VAL O 199 16.15 29.00 52.69
C VAL O 199 14.86 28.44 53.30
N PHE O 200 14.85 27.12 53.51
CA PHE O 200 13.80 26.42 54.23
C PHE O 200 14.44 25.43 55.21
N THR O 201 13.64 24.92 56.16
CA THR O 201 14.17 23.98 57.15
C THR O 201 13.37 22.69 57.19
N PHE O 202 14.03 21.63 57.67
CA PHE O 202 13.39 20.34 57.93
C PHE O 202 14.05 19.66 59.11
N ASN O 203 13.33 18.73 59.76
CA ASN O 203 13.79 18.08 60.97
C ASN O 203 13.81 16.56 60.81
N ILE O 204 14.90 15.93 61.26
CA ILE O 204 15.00 14.47 61.36
C ILE O 204 15.24 14.09 62.82
N SER O 205 14.88 12.85 63.18
CA SER O 205 15.14 12.31 64.51
C SER O 205 16.38 11.42 64.49
N VAL O 206 17.39 11.76 65.30
CA VAL O 206 18.62 10.98 65.43
C VAL O 206 18.84 10.75 66.92
N ASN O 207 19.00 9.48 67.32
CA ASN O 207 19.14 9.19 68.72
C ASN O 207 18.00 9.87 69.49
N GLY O 208 16.78 9.66 69.00
CA GLY O 208 15.55 10.19 69.59
C GLY O 208 15.49 11.71 69.74
N THR O 209 16.50 12.42 69.20
CA THR O 209 16.64 13.86 69.32
C THR O 209 16.29 14.53 68.00
N GLU O 210 15.52 15.63 68.04
CA GLU O 210 15.21 16.42 66.87
C GLU O 210 16.45 17.22 66.41
N VAL O 211 16.86 16.99 65.15
CA VAL O 211 17.93 17.74 64.51
C VAL O 211 17.29 18.59 63.41
N GLU O 212 17.51 19.92 63.45
CA GLU O 212 17.01 20.80 62.41
C GLU O 212 18.10 21.11 61.40
N TYR O 213 17.76 20.97 60.13
CA TYR O 213 18.62 21.32 59.01
C TYR O 213 18.03 22.49 58.23
N TYR O 214 18.93 23.37 57.78
CA TYR O 214 18.65 24.54 56.97
C TYR O 214 19.17 24.27 55.56
N ALA O 215 18.27 24.31 54.57
CA ALA O 215 18.60 24.04 53.18
C ALA O 215 18.61 25.35 52.40
N TYR O 216 19.78 25.70 51.85
CA TYR O 216 19.98 26.92 51.06
C TYR O 216 19.94 26.56 49.59
N VAL O 217 19.03 27.19 48.84
CA VAL O 217 18.85 26.88 47.42
C VAL O 217 19.22 28.10 46.58
N ASN O 218 20.02 27.90 45.52
CA ASN O 218 20.49 28.96 44.66
C ASN O 218 19.45 29.36 43.62
N LYS O 219 19.06 28.39 42.80
CA LYS O 219 18.16 28.61 41.68
C LYS O 219 17.09 27.53 41.73
N THR O 220 15.94 27.80 41.13
CA THR O 220 14.87 26.80 41.02
C THR O 220 15.39 25.60 40.23
N PHE O 221 15.30 24.41 40.84
CA PHE O 221 15.72 23.17 40.18
C PHE O 221 14.85 22.00 40.62
N ALA O 222 14.89 20.92 39.83
CA ALA O 222 14.19 19.69 40.14
C ALA O 222 15.16 18.52 40.20
N PHE O 223 14.85 17.55 41.06
CA PHE O 223 15.56 16.28 41.10
C PHE O 223 14.59 15.13 41.30
N THR O 224 15.03 13.92 40.93
CA THR O 224 14.21 12.71 41.08
C THR O 224 14.91 11.69 41.98
N TYR O 225 14.10 10.87 42.66
CA TYR O 225 14.63 9.83 43.53
C TYR O 225 13.70 8.62 43.57
N PRO O 226 14.21 7.39 43.82
CA PRO O 226 13.35 6.21 43.87
C PRO O 226 12.54 6.10 45.16
N VAL O 227 11.27 5.66 45.02
CA VAL O 227 10.33 5.54 46.13
C VAL O 227 9.93 4.08 46.37
N SER O 228 9.68 3.31 45.29
CA SER O 228 9.51 1.86 45.38
C SER O 228 9.70 1.19 44.02
N GLY O 229 9.89 -0.14 44.01
CA GLY O 229 9.89 -0.92 42.78
C GLY O 229 11.06 -0.60 41.85
N PHE O 230 12.16 -0.10 42.42
CA PHE O 230 13.33 0.31 41.65
C PHE O 230 14.54 -0.58 41.97
N PRO O 231 14.78 -1.67 41.20
CA PRO O 231 15.98 -2.49 41.35
C PRO O 231 17.17 -2.02 40.51
N LEU O 232 16.97 -1.03 39.63
CA LEU O 232 17.96 -0.63 38.63
C LEU O 232 18.88 0.48 39.13
N ALA O 233 19.31 0.44 40.39
CA ALA O 233 20.18 1.46 40.97
C ALA O 233 21.46 1.62 40.13
N GLY O 234 21.76 2.88 39.77
CA GLY O 234 22.87 3.21 38.89
C GLY O 234 22.46 3.68 37.48
N SER O 235 21.17 3.57 37.10
CA SER O 235 20.79 3.56 35.68
C SER O 235 20.05 4.79 35.15
N ASP O 236 19.35 5.55 36.01
CA ASP O 236 18.39 6.60 35.61
C ASP O 236 17.16 6.05 34.85
N ILE O 237 16.92 4.73 34.82
CA ILE O 237 15.75 4.19 34.13
C ILE O 237 14.69 3.80 35.14
N ALA O 238 13.48 4.33 35.00
CA ALA O 238 12.33 3.89 35.81
C ALA O 238 11.69 2.68 35.13
N PRO O 239 11.79 1.45 35.69
CA PRO O 239 11.14 0.29 35.07
C PRO O 239 9.64 0.32 35.31
N ALA O 240 8.90 -0.44 34.51
CA ALA O 240 7.47 -0.58 34.68
C ALA O 240 7.17 -1.17 36.07
N GLY O 241 6.26 -0.52 36.81
CA GLY O 241 5.93 -0.90 38.19
C GLY O 241 6.88 -0.33 39.24
N SER O 242 7.66 0.71 38.89
CA SER O 242 8.42 1.51 39.84
C SER O 242 7.64 2.79 40.21
N VAL O 243 8.06 3.46 41.29
CA VAL O 243 7.47 4.72 41.75
C VAL O 243 8.63 5.68 42.02
N ILE O 244 8.58 6.87 41.40
CA ILE O 244 9.68 7.84 41.40
C ILE O 244 9.18 9.14 42.05
N GLY O 245 9.89 9.63 43.06
CA GLY O 245 9.60 10.93 43.63
C GLY O 245 10.23 12.04 42.78
N VAL O 246 9.46 13.10 42.51
CA VAL O 246 9.94 14.29 41.83
C VAL O 246 9.82 15.46 42.81
N MET O 247 10.93 16.16 43.05
CA MET O 247 10.90 17.30 43.96
C MET O 247 11.47 18.53 43.27
N ILE O 248 10.71 19.64 43.34
CA ILE O 248 11.10 20.93 42.80
C ILE O 248 11.41 21.85 43.98
N LEU O 249 12.63 22.39 44.03
CA LEU O 249 13.00 23.38 45.04
C LEU O 249 13.04 24.76 44.38
N PHE O 250 12.41 25.76 45.01
CA PHE O 250 12.38 27.10 44.43
C PHE O 250 13.58 27.92 44.89
N GLY O 251 14.21 28.63 43.94
CA GLY O 251 15.26 29.59 44.24
C GLY O 251 14.69 30.98 44.55
N PRO O 252 15.55 31.99 44.82
CA PRO O 252 15.09 33.32 45.25
C PRO O 252 14.25 34.06 44.23
N GLY O 253 14.42 33.76 42.93
CA GLY O 253 13.58 34.32 41.86
C GLY O 253 12.11 33.92 41.98
N GLU O 254 11.84 32.61 41.92
CA GLU O 254 10.48 32.09 41.90
C GLU O 254 9.85 32.05 43.31
N ALA O 255 10.67 32.08 44.37
CA ALA O 255 10.19 31.99 45.75
C ALA O 255 9.45 33.25 46.22
N THR O 256 9.60 34.38 45.51
CA THR O 256 9.44 35.74 46.04
C THR O 256 8.08 36.03 46.67
N ASN O 257 6.99 35.45 46.14
CA ASN O 257 5.72 35.38 46.85
C ASN O 257 4.92 34.14 46.45
N VAL O 258 4.03 33.71 47.35
CA VAL O 258 3.32 32.44 47.30
C VAL O 258 2.34 32.38 46.12
N PHE O 259 2.09 31.19 45.58
CA PHE O 259 1.07 31.00 44.55
C PHE O 259 -0.33 31.10 45.16
N GLN O 260 -1.13 32.07 44.71
CA GLN O 260 -2.52 32.22 45.14
C GLN O 260 -3.39 32.69 43.97
N TYR O 261 -4.55 32.03 43.78
CA TYR O 261 -5.50 32.39 42.73
C TYR O 261 -4.82 32.34 41.36
N GLU O 262 -4.03 31.30 41.14
CA GLU O 262 -3.13 31.18 40.00
C GLU O 262 -3.09 29.73 39.49
N THR O 263 -2.84 29.57 38.19
CA THR O 263 -2.58 28.24 37.63
C THR O 263 -1.08 28.01 37.54
N VAL O 264 -0.62 26.85 38.04
CA VAL O 264 0.75 26.38 37.89
C VAL O 264 0.74 25.13 37.01
N THR O 265 1.70 25.04 36.07
CA THR O 265 1.85 23.91 35.17
C THR O 265 3.28 23.36 35.23
N ILE O 266 3.41 22.03 35.32
CA ILE O 266 4.67 21.32 35.26
C ILE O 266 4.57 20.33 34.10
N GLN O 267 5.64 20.18 33.32
CA GLN O 267 5.66 19.15 32.30
C GLN O 267 6.97 18.38 32.36
N ILE O 268 6.88 17.04 32.32
CA ILE O 268 8.05 16.18 32.24
C ILE O 268 8.09 15.60 30.83
N THR O 269 9.21 15.78 30.12
CA THR O 269 9.35 15.32 28.74
C THR O 269 10.58 14.43 28.61
N PRO O 270 10.45 13.08 28.71
CA PRO O 270 11.56 12.17 28.43
C PRO O 270 11.87 12.10 26.93
N ASN O 271 13.00 11.47 26.58
CA ASN O 271 13.53 11.46 25.22
C ASN O 271 12.74 10.56 24.28
N ILE O 272 11.94 9.63 24.83
CA ILE O 272 11.06 8.73 24.08
C ILE O 272 9.70 8.75 24.77
N GLY O 273 8.62 8.73 23.97
CA GLY O 273 7.27 8.65 24.52
C GLY O 273 6.64 10.01 24.80
N SER O 274 5.36 9.99 25.20
CA SER O 274 4.59 11.21 25.41
C SER O 274 4.96 11.87 26.74
N PRO O 275 4.96 13.22 26.81
CA PRO O 275 5.23 13.92 28.06
C PRO O 275 4.04 13.89 29.02
N LEU O 276 4.32 14.05 30.31
CA LEU O 276 3.30 14.15 31.34
C LEU O 276 3.11 15.63 31.67
N THR O 277 1.88 16.13 31.52
CA THR O 277 1.53 17.51 31.81
C THR O 277 0.65 17.58 33.05
N ILE O 278 1.09 18.37 34.04
CA ILE O 278 0.45 18.51 35.35
C ILE O 278 0.00 19.97 35.48
N SER O 279 -1.29 20.23 35.79
CA SER O 279 -1.82 21.58 35.98
C SER O 279 -2.73 21.67 37.20
N GLN O 280 -2.52 22.70 38.04
CA GLN O 280 -3.34 22.96 39.21
C GLN O 280 -3.69 24.45 39.30
N TYR O 281 -4.97 24.75 39.55
CA TYR O 281 -5.33 26.07 40.07
C TYR O 281 -5.14 26.07 41.59
N ILE O 282 -4.23 26.91 42.06
CA ILE O 282 -3.83 26.94 43.46
C ILE O 282 -4.62 28.03 44.19
N TYR O 283 -5.53 27.60 45.07
CA TYR O 283 -6.07 28.44 46.12
C TYR O 283 -5.00 28.68 47.19
N GLN O 284 -5.27 29.61 48.13
CA GLN O 284 -4.42 29.90 49.27
C GLN O 284 -3.91 28.63 49.96
N PRO O 285 -2.61 28.55 50.36
CA PRO O 285 -2.09 27.40 51.10
C PRO O 285 -2.53 27.42 52.56
N ASP O 286 -2.86 26.24 53.08
CA ASP O 286 -3.61 26.09 54.32
C ASP O 286 -2.80 25.53 55.50
N GLY O 287 -1.54 25.12 55.25
CA GLY O 287 -0.63 24.58 56.25
C GLY O 287 0.82 24.60 55.79
N LYS O 288 1.74 24.11 56.65
CA LYS O 288 3.17 24.04 56.35
C LYS O 288 3.41 23.31 55.03
N VAL O 289 2.67 22.22 54.82
CA VAL O 289 2.49 21.59 53.52
C VAL O 289 1.00 21.68 53.17
N THR O 290 0.70 21.89 51.89
CA THR O 290 -0.67 21.94 51.40
C THR O 290 -0.81 21.00 50.21
N VAL O 291 -1.98 20.35 50.09
CA VAL O 291 -2.25 19.42 49.00
C VAL O 291 -2.92 20.22 47.87
N ILE O 292 -2.24 20.33 46.71
CA ILE O 292 -2.72 21.19 45.64
C ILE O 292 -3.32 20.41 44.47
N GLY O 293 -3.02 19.10 44.37
CA GLY O 293 -3.44 18.30 43.22
C GLY O 293 -3.48 16.82 43.51
N LEU P 1 28.06 -3.82 -36.39
CA LEU P 1 26.62 -4.07 -36.73
C LEU P 1 25.71 -3.83 -35.52
N ALA P 2 25.82 -4.68 -34.47
CA ALA P 2 24.90 -4.65 -33.35
C ALA P 2 25.12 -3.43 -32.44
N GLY P 3 26.26 -2.73 -32.58
CA GLY P 3 26.58 -1.59 -31.74
C GLY P 3 25.79 -0.33 -32.08
N LEU P 4 24.73 -0.45 -32.88
CA LEU P 4 23.94 0.68 -33.36
C LEU P 4 22.43 0.46 -33.15
N ASP P 5 21.89 -0.67 -33.65
CA ASP P 5 20.47 -0.97 -33.53
C ASP P 5 20.04 -1.06 -32.05
N THR P 6 20.89 -1.68 -31.22
CA THR P 6 20.72 -1.74 -29.77
C THR P 6 20.70 -0.35 -29.12
N ALA P 7 21.57 0.56 -29.57
CA ALA P 7 21.66 1.91 -29.03
C ALA P 7 20.38 2.71 -29.28
N ILE P 8 19.79 2.56 -30.47
CA ILE P 8 18.53 3.19 -30.84
C ILE P 8 17.39 2.73 -29.93
N ILE P 9 17.29 1.41 -29.70
CA ILE P 9 16.24 0.86 -28.84
C ILE P 9 16.42 1.33 -27.40
N LEU P 10 17.66 1.40 -26.92
CA LEU P 10 17.99 1.96 -25.62
C LEU P 10 17.48 3.40 -25.49
N ILE P 11 17.79 4.27 -26.47
CA ILE P 11 17.30 5.65 -26.50
C ILE P 11 15.78 5.70 -26.34
N ALA P 12 15.06 4.89 -27.15
CA ALA P 12 13.60 4.83 -27.15
C ALA P 12 13.04 4.36 -25.81
N PHE P 13 13.64 3.32 -25.21
CA PHE P 13 13.18 2.75 -23.95
C PHE P 13 13.41 3.73 -22.79
N ILE P 14 14.52 4.48 -22.82
CA ILE P 14 14.81 5.53 -21.84
C ILE P 14 13.70 6.58 -21.91
N ILE P 15 13.42 7.11 -23.10
CA ILE P 15 12.39 8.13 -23.32
C ILE P 15 11.02 7.61 -22.83
N THR P 16 10.70 6.35 -23.13
CA THR P 16 9.46 5.70 -22.70
C THR P 16 9.33 5.69 -21.17
N ALA P 17 10.41 5.30 -20.47
CA ALA P 17 10.45 5.30 -19.00
C ALA P 17 10.36 6.71 -18.44
N ALA P 18 11.08 7.68 -19.05
CA ALA P 18 11.06 9.08 -18.64
C ALA P 18 9.65 9.68 -18.75
N VAL P 19 8.88 9.30 -19.79
CA VAL P 19 7.50 9.70 -19.97
C VAL P 19 6.62 9.16 -18.83
N LEU P 20 6.76 7.89 -18.45
CA LEU P 20 6.03 7.36 -17.31
C LEU P 20 6.42 8.08 -16.01
N ALA P 21 7.73 8.31 -15.82
CA ALA P 21 8.25 9.05 -14.66
C ALA P 21 7.59 10.42 -14.54
N TYR P 22 7.58 11.18 -15.64
CA TYR P 22 6.99 12.51 -15.76
C TYR P 22 5.52 12.50 -15.31
N VAL P 23 4.74 11.56 -15.85
CA VAL P 23 3.31 11.44 -15.56
C VAL P 23 3.07 11.02 -14.10
N ALA P 24 3.78 9.98 -13.64
CA ALA P 24 3.60 9.44 -12.29
C ALA P 24 3.89 10.48 -11.21
N VAL P 25 4.97 11.25 -11.35
CA VAL P 25 5.33 12.28 -10.37
C VAL P 25 4.29 13.40 -10.34
N ASN P 26 3.93 13.92 -11.52
CA ASN P 26 2.91 14.95 -11.67
C ASN P 26 1.60 14.53 -11.00
N MET P 27 1.15 13.30 -11.32
CA MET P 27 -0.12 12.81 -10.81
C MET P 27 -0.08 12.50 -9.31
N GLY P 28 1.07 12.05 -8.78
CA GLY P 28 1.31 11.92 -7.35
C GLY P 28 1.21 13.25 -6.61
N LEU P 29 1.87 14.30 -7.14
CA LEU P 29 1.76 15.65 -6.61
C LEU P 29 0.30 16.12 -6.59
N PHE P 30 -0.43 15.90 -7.68
CA PHE P 30 -1.84 16.24 -7.80
C PHE P 30 -2.68 15.53 -6.72
N VAL P 31 -2.67 14.20 -6.71
CA VAL P 31 -3.53 13.40 -5.84
C VAL P 31 -3.24 13.65 -4.36
N THR P 32 -1.95 13.76 -3.99
CA THR P 32 -1.57 14.02 -2.60
C THR P 32 -2.09 15.39 -2.12
N GLN P 33 -2.16 16.39 -3.01
CA GLN P 33 -2.76 17.67 -2.67
C GLN P 33 -4.28 17.58 -2.50
N LYS P 34 -4.96 16.78 -3.35
CA LYS P 34 -6.38 16.48 -3.17
C LYS P 34 -6.63 15.83 -1.81
N ALA P 35 -5.76 14.89 -1.40
CA ALA P 35 -5.79 14.27 -0.09
C ALA P 35 -5.62 15.31 1.03
N LYS P 36 -4.62 16.20 0.93
CA LYS P 36 -4.41 17.28 1.89
C LYS P 36 -5.68 18.12 2.08
N THR P 37 -6.27 18.57 0.97
CA THR P 37 -7.49 19.37 0.94
C THR P 37 -8.64 18.62 1.62
N THR P 38 -8.81 17.33 1.29
CA THR P 38 -9.83 16.46 1.86
C THR P 38 -9.69 16.35 3.38
N ILE P 39 -8.46 16.12 3.86
CA ILE P 39 -8.19 15.98 5.29
C ILE P 39 -8.59 17.27 6.03
N ASN P 40 -8.26 18.44 5.46
CA ASN P 40 -8.67 19.72 6.01
C ASN P 40 -10.20 19.85 6.06
N LYS P 41 -10.90 19.54 4.96
CA LYS P 41 -12.35 19.59 4.89
C LYS P 41 -13.02 18.62 5.86
N GLY P 42 -12.42 17.45 6.10
CA GLY P 42 -12.89 16.49 7.09
C GLY P 42 -12.82 17.04 8.52
N GLU P 43 -11.71 17.70 8.86
CA GLU P 43 -11.53 18.33 10.17
C GLU P 43 -12.49 19.51 10.35
N GLU P 44 -12.66 20.35 9.32
CA GLU P 44 -13.64 21.43 9.32
C GLU P 44 -15.06 20.88 9.55
N THR P 45 -15.41 19.77 8.88
CA THR P 45 -16.71 19.13 8.98
C THR P 45 -16.96 18.58 10.40
N ALA P 46 -15.95 17.98 11.02
CA ALA P 46 -16.08 17.42 12.36
C ALA P 46 -16.14 18.51 13.44
N SER P 47 -15.43 19.63 13.23
CA SER P 47 -15.33 20.72 14.22
C SER P 47 -16.53 21.68 14.17
N THR P 48 -16.93 22.12 12.97
CA THR P 48 -17.94 23.17 12.83
C THR P 48 -19.35 22.68 13.19
N ALA P 49 -19.99 23.40 14.12
CA ALA P 49 -21.36 23.11 14.56
C ALA P 49 -21.96 24.32 15.29
N LEU P 50 -23.29 24.40 15.33
CA LEU P 50 -24.02 25.41 16.10
C LEU P 50 -24.73 24.74 17.29
N SER P 51 -24.69 25.41 18.44
CA SER P 51 -25.49 25.05 19.61
C SER P 51 -26.62 26.06 19.78
N LEU P 52 -27.80 25.57 20.17
CA LEU P 52 -28.84 26.43 20.73
C LEU P 52 -28.34 26.97 22.07
N SER P 53 -28.24 28.31 22.19
CA SER P 53 -27.60 28.95 23.33
C SER P 53 -28.49 29.98 24.03
N GLY P 54 -29.80 29.76 23.95
CA GLY P 54 -30.81 30.48 24.71
C GLY P 54 -32.13 29.73 24.68
N ASN P 55 -33.14 30.26 25.37
CA ASN P 55 -34.48 29.69 25.27
C ASN P 55 -35.10 30.05 23.92
N VAL P 56 -36.09 29.25 23.48
CA VAL P 56 -36.88 29.53 22.29
C VAL P 56 -38.16 30.25 22.71
N LEU P 57 -38.36 31.45 22.14
CA LEU P 57 -39.49 32.32 22.44
C LEU P 57 -40.49 32.29 21.29
N TYR P 58 -41.78 32.32 21.62
CA TYR P 58 -42.86 32.23 20.64
C TYR P 58 -43.88 33.33 20.94
N ALA P 59 -44.40 34.02 19.90
CA ALA P 59 -45.30 35.16 20.06
C ALA P 59 -46.60 34.97 19.27
N VAL P 60 -47.73 35.32 19.90
CA VAL P 60 -49.08 35.11 19.36
C VAL P 60 -49.98 36.29 19.74
N ASN P 61 -51.17 36.37 19.12
CA ASN P 61 -52.17 37.40 19.42
C ASN P 61 -52.91 37.13 20.72
N TYR P 62 -52.14 36.95 21.80
CA TYR P 62 -52.64 36.65 23.13
C TYR P 62 -53.53 37.80 23.65
N PRO P 63 -54.62 37.52 24.41
CA PRO P 63 -55.07 36.17 24.79
C PRO P 63 -55.91 35.41 23.77
N THR P 64 -56.27 36.08 22.66
CA THR P 64 -57.24 35.54 21.71
C THR P 64 -56.74 34.27 21.00
N ASN P 65 -55.42 34.14 20.81
CA ASN P 65 -54.74 32.93 20.33
C ASN P 65 -55.25 32.42 18.98
N THR P 66 -55.79 33.30 18.12
CA THR P 66 -56.21 32.91 16.78
C THR P 66 -55.08 33.03 15.75
N LYS P 67 -53.97 33.69 16.08
CA LYS P 67 -52.95 34.01 15.09
C LYS P 67 -51.52 34.02 15.67
N SER P 68 -50.55 33.65 14.82
CA SER P 68 -49.16 33.41 15.19
C SER P 68 -48.24 34.48 14.57
N TYR P 69 -47.29 35.04 15.35
CA TYR P 69 -46.54 36.22 14.93
C TYR P 69 -45.08 35.91 14.58
N TRP P 70 -44.31 35.43 15.58
CA TRP P 70 -42.90 35.15 15.38
C TRP P 70 -42.35 34.14 16.39
N MET P 71 -41.18 33.57 16.05
CA MET P 71 -40.35 32.83 16.98
C MET P 71 -38.95 33.45 17.01
N TYR P 72 -38.33 33.46 18.19
CA TYR P 72 -36.99 33.97 18.37
C TYR P 72 -36.17 32.93 19.15
N PHE P 73 -34.91 32.72 18.76
CA PHE P 73 -33.96 31.93 19.54
C PHE P 73 -32.54 32.40 19.25
N THR P 74 -31.57 31.89 20.01
CA THR P 74 -30.20 32.36 19.92
C THR P 74 -29.28 31.17 19.69
N VAL P 75 -28.25 31.33 18.83
CA VAL P 75 -27.30 30.28 18.52
C VAL P 75 -25.86 30.77 18.64
N SER P 76 -24.93 29.84 18.87
CA SER P 76 -23.50 30.14 18.91
C SER P 76 -22.71 28.92 18.47
N PRO P 77 -21.51 29.05 17.86
CA PRO P 77 -20.66 27.90 17.55
C PRO P 77 -20.35 27.04 18.77
N SER P 78 -20.47 25.70 18.60
CA SER P 78 -20.38 24.72 19.68
C SER P 78 -18.98 24.68 20.30
N SER P 79 -18.92 24.77 21.64
CA SER P 79 -17.72 24.55 22.44
C SER P 79 -16.56 25.47 22.05
N GLY P 80 -16.85 26.56 21.30
CA GLY P 80 -15.87 27.56 20.90
C GLY P 80 -14.76 27.05 19.97
N VAL P 81 -15.02 26.00 19.19
CA VAL P 81 -13.95 25.31 18.48
C VAL P 81 -13.57 25.99 17.15
N SER P 82 -14.57 26.45 16.38
CA SER P 82 -14.35 27.07 15.07
C SER P 82 -15.55 27.91 14.61
N SER P 83 -15.34 28.76 13.60
CA SER P 83 -16.35 29.69 13.07
C SER P 83 -17.37 29.00 12.15
N VAL P 84 -18.55 29.62 11.97
CA VAL P 84 -19.61 29.11 11.11
C VAL P 84 -20.02 30.17 10.10
N ASP P 85 -20.05 29.81 8.80
CA ASP P 85 -20.58 30.66 7.74
C ASP P 85 -22.11 30.65 7.82
N LEU P 86 -22.73 31.84 7.99
CA LEU P 86 -24.19 31.96 8.07
C LEU P 86 -24.77 32.78 6.91
N SER P 87 -24.07 32.88 5.77
CA SER P 87 -24.61 33.66 4.67
C SER P 87 -25.91 33.04 4.13
N PRO P 88 -27.00 33.82 3.94
CA PRO P 88 -28.28 33.26 3.53
C PRO P 88 -28.35 32.71 2.11
N SER P 89 -27.33 32.99 1.27
CA SER P 89 -27.27 32.37 -0.04
C SER P 89 -26.80 30.90 0.04
N THR P 90 -26.02 30.56 1.09
CA THR P 90 -25.42 29.24 1.24
C THR P 90 -26.16 28.40 2.29
N THR P 91 -26.55 29.01 3.41
CA THR P 91 -27.22 28.36 4.52
C THR P 91 -28.71 28.17 4.23
N ALA P 92 -29.31 27.08 4.73
CA ALA P 92 -30.77 26.94 4.74
C ALA P 92 -31.28 26.93 6.18
N ILE P 93 -32.48 27.49 6.40
CA ILE P 93 -33.23 27.24 7.62
C ILE P 93 -34.57 26.65 7.20
N SER P 94 -34.85 25.40 7.63
CA SER P 94 -36.13 24.76 7.35
C SER P 94 -37.06 24.86 8.55
N PHE P 95 -38.37 24.81 8.30
CA PHE P 95 -39.37 24.87 9.35
C PHE P 95 -40.47 23.86 9.05
N THR P 96 -40.76 22.95 10.00
CA THR P 96 -41.83 21.97 9.81
C THR P 96 -42.73 21.88 11.04
N ALA P 97 -44.04 21.75 10.79
CA ALA P 97 -45.02 21.42 11.81
C ALA P 97 -45.82 20.22 11.29
N ALA P 98 -45.28 19.03 11.56
CA ALA P 98 -45.66 17.78 10.92
C ALA P 98 -47.15 17.48 11.05
N SER P 99 -47.71 17.71 12.25
CA SER P 99 -49.09 17.43 12.60
C SER P 99 -50.08 18.10 11.64
N ARG P 100 -49.77 19.32 11.20
CA ARG P 100 -50.62 20.10 10.29
C ARG P 100 -50.10 20.11 8.85
N GLY P 101 -49.04 19.34 8.56
CA GLY P 101 -48.54 19.17 7.20
C GLY P 101 -47.80 20.39 6.64
N VAL P 102 -47.42 21.34 7.51
CA VAL P 102 -46.58 22.46 7.10
C VAL P 102 -45.13 21.99 7.02
N SER P 103 -44.50 22.22 5.86
CA SER P 103 -43.11 21.86 5.65
C SER P 103 -42.47 22.86 4.68
N LEU P 104 -41.57 23.69 5.21
CA LEU P 104 -40.85 24.70 4.45
C LEU P 104 -39.38 24.29 4.40
N SER P 105 -38.85 24.12 3.18
CA SER P 105 -37.49 23.62 3.01
C SER P 105 -36.43 24.69 3.26
N ASN P 106 -36.73 25.96 2.94
CA ASN P 106 -35.80 27.05 3.22
C ASN P 106 -36.50 28.40 3.34
N ILE P 107 -36.44 28.99 4.55
CA ILE P 107 -37.06 30.28 4.84
C ILE P 107 -36.02 31.38 5.11
N TYR P 108 -34.72 31.04 5.13
CA TYR P 108 -33.67 32.00 5.45
C TYR P 108 -33.44 32.96 4.28
N GLN P 109 -33.47 34.28 4.54
CA GLN P 109 -33.41 35.26 3.45
C GLN P 109 -32.39 36.37 3.71
N PHE P 110 -32.26 36.84 4.95
CA PHE P 110 -31.51 38.07 5.24
C PHE P 110 -30.65 37.92 6.48
N SER P 111 -29.54 38.68 6.53
CA SER P 111 -28.73 38.74 7.73
C SER P 111 -28.23 40.16 7.97
N LEU P 112 -28.31 40.61 9.23
CA LEU P 112 -27.72 41.88 9.63
C LEU P 112 -26.23 41.74 9.96
N LEU P 113 -25.68 40.52 9.94
CA LEU P 113 -24.23 40.32 10.07
C LEU P 113 -23.47 41.01 8.93
N SER P 114 -24.12 41.15 7.76
CA SER P 114 -23.63 41.82 6.58
C SER P 114 -23.51 43.35 6.74
N VAL P 115 -24.15 43.92 7.77
CA VAL P 115 -24.46 45.36 7.81
C VAL P 115 -23.58 46.09 8.82
N LEU P 116 -22.91 47.17 8.36
CA LEU P 116 -22.13 48.04 9.25
C LEU P 116 -23.06 49.02 9.98
N PRO P 117 -22.76 49.39 11.25
CA PRO P 117 -23.60 50.33 12.00
C PRO P 117 -23.96 51.64 11.28
N SER P 118 -23.02 52.19 10.50
CA SER P 118 -23.21 53.43 9.76
C SER P 118 -24.30 53.33 8.68
N GLN P 119 -24.71 52.10 8.33
CA GLN P 119 -25.74 51.88 7.32
C GLN P 119 -27.15 51.95 7.92
N VAL P 120 -27.28 51.91 9.27
CA VAL P 120 -28.58 51.83 9.94
C VAL P 120 -28.76 52.93 10.99
N ASN P 121 -27.70 53.28 11.73
CA ASN P 121 -27.77 54.33 12.74
C ASN P 121 -28.04 55.69 12.09
N ASN P 122 -28.90 56.50 12.74
CA ASN P 122 -29.30 57.85 12.31
C ASN P 122 -30.04 57.86 10.97
N LYS P 123 -30.61 56.71 10.54
CA LYS P 123 -31.23 56.60 9.22
C LYS P 123 -32.72 56.28 9.25
N VAL P 124 -33.25 55.91 10.43
CA VAL P 124 -34.69 55.92 10.69
C VAL P 124 -34.98 56.91 11.82
N GLN P 125 -36.11 57.61 11.72
CA GLN P 125 -36.39 58.74 12.59
C GLN P 125 -37.87 58.81 12.97
N VAL P 126 -38.11 59.39 14.16
CA VAL P 126 -39.43 59.48 14.76
C VAL P 126 -39.83 60.95 14.86
N LYS P 127 -41.09 61.25 14.49
CA LYS P 127 -41.64 62.59 14.62
C LYS P 127 -42.54 62.66 15.85
N LEU P 128 -42.21 63.57 16.80
CA LEU P 128 -43.00 63.81 18.00
C LEU P 128 -43.39 65.28 18.02
N GLY P 129 -44.60 65.59 17.53
CA GLY P 129 -44.99 66.95 17.21
C GLY P 129 -44.06 67.55 16.15
N THR P 130 -43.51 68.74 16.43
CA THR P 130 -42.56 69.44 15.58
C THR P 130 -41.20 68.75 15.58
N SER P 131 -40.82 68.15 16.72
CA SER P 131 -39.49 67.58 16.95
C SER P 131 -39.29 66.27 16.18
N ILE P 132 -38.04 66.04 15.71
CA ILE P 132 -37.68 64.82 14.99
C ILE P 132 -36.41 64.22 15.59
N ILE P 133 -36.45 62.90 15.90
CA ILE P 133 -35.37 62.21 16.60
C ILE P 133 -34.83 61.07 15.74
N ASN P 134 -33.51 61.05 15.55
CA ASN P 134 -32.85 59.96 14.84
C ASN P 134 -32.59 58.82 15.83
N LEU P 135 -32.83 57.58 15.38
CA LEU P 135 -32.63 56.40 16.22
C LEU P 135 -31.23 55.78 16.04
N THR P 136 -30.70 55.25 17.15
CA THR P 136 -29.53 54.37 17.15
C THR P 136 -30.03 52.94 17.37
N LEU P 137 -29.65 52.01 16.48
CA LEU P 137 -30.20 50.66 16.47
C LEU P 137 -29.09 49.61 16.67
N ALA P 138 -27.97 49.77 15.95
CA ALA P 138 -26.80 48.96 16.13
C ALA P 138 -25.90 49.58 17.21
N PHE P 139 -25.74 48.88 18.34
CA PHE P 139 -24.82 49.32 19.38
C PHE P 139 -23.43 48.75 19.10
N SER P 140 -22.40 49.40 19.68
CA SER P 140 -21.02 49.00 19.42
C SER P 140 -20.12 49.29 20.62
N SER P 141 -19.06 48.48 20.77
CA SER P 141 -18.02 48.66 21.79
C SER P 141 -16.66 48.21 21.23
N ASN P 142 -15.57 48.71 21.84
CA ASN P 142 -14.21 48.43 21.37
C ASN P 142 -13.45 47.57 22.37
N SER P 143 -12.84 46.48 21.88
CA SER P 143 -11.84 45.71 22.62
C SER P 143 -10.69 45.34 21.68
N ALA P 144 -9.44 45.56 22.13
CA ALA P 144 -8.22 45.20 21.40
C ALA P 144 -8.23 45.69 19.94
N GLY P 145 -8.75 46.90 19.71
CA GLY P 145 -8.73 47.53 18.40
C GLY P 145 -9.78 47.02 17.41
N GLN P 146 -10.66 46.10 17.87
CA GLN P 146 -11.79 45.62 17.10
C GLN P 146 -13.08 46.29 17.59
N THR P 147 -13.96 46.65 16.65
CA THR P 147 -15.30 47.12 17.00
C THR P 147 -16.29 45.95 16.95
N TYR P 148 -16.85 45.62 18.12
CA TYR P 148 -17.93 44.65 18.24
C TYR P 148 -19.26 45.33 17.93
N VAL P 149 -20.21 44.60 17.31
CA VAL P 149 -21.49 45.17 16.89
C VAL P 149 -22.61 44.23 17.31
N TYR P 150 -23.74 44.80 17.79
CA TYR P 150 -24.89 43.99 18.18
C TYR P 150 -26.16 44.83 18.22
N TYR P 151 -27.31 44.14 18.27
CA TYR P 151 -28.62 44.74 18.50
C TYR P 151 -29.10 44.31 19.89
N SER P 152 -29.56 45.28 20.68
CA SER P 152 -29.91 45.03 22.07
C SER P 152 -31.17 44.19 22.21
N ASP P 153 -32.08 44.28 21.22
CA ASP P 153 -33.33 43.53 21.24
C ASP P 153 -33.83 43.21 19.82
N PRO P 154 -34.81 42.29 19.66
CA PRO P 154 -35.44 42.03 18.36
C PRO P 154 -36.10 43.24 17.72
N ASN P 155 -36.60 44.20 18.52
CA ASN P 155 -37.30 45.37 17.99
C ASN P 155 -36.37 46.27 17.17
N TYR P 156 -35.19 46.59 17.71
CA TYR P 156 -34.19 47.35 16.99
C TYR P 156 -33.65 46.58 15.79
N ALA P 157 -33.53 45.26 15.90
CA ALA P 157 -33.15 44.42 14.77
C ALA P 157 -34.19 44.49 13.65
N LEU P 158 -35.49 44.43 13.97
CA LEU P 158 -36.57 44.55 12.99
C LEU P 158 -36.53 45.90 12.27
N LEU P 159 -36.37 47.00 13.00
CA LEU P 159 -36.30 48.33 12.40
C LEU P 159 -35.09 48.46 11.47
N ALA P 160 -33.92 47.95 11.90
CA ALA P 160 -32.70 47.92 11.09
C ALA P 160 -32.88 47.09 9.81
N LEU P 161 -33.57 45.93 9.92
CA LEU P 161 -33.86 45.09 8.78
C LEU P 161 -34.83 45.79 7.83
N ASN P 162 -35.92 46.33 8.36
CA ASN P 162 -36.88 47.06 7.55
C ASN P 162 -36.17 48.09 6.67
N TYR P 163 -35.33 48.94 7.28
CA TYR P 163 -34.58 49.97 6.58
C TYR P 163 -33.68 49.36 5.49
N THR P 164 -32.87 48.35 5.87
CA THR P 164 -31.96 47.67 4.97
C THR P 164 -32.68 47.14 3.73
N LEU P 165 -33.82 46.45 3.92
CA LEU P 165 -34.59 45.89 2.82
C LEU P 165 -35.23 46.98 1.97
N GLY P 166 -35.79 48.03 2.59
CA GLY P 166 -36.30 49.18 1.86
C GLY P 166 -35.25 49.83 0.96
N GLN P 167 -34.01 49.93 1.47
CA GLN P 167 -32.88 50.48 0.76
C GLN P 167 -32.43 49.57 -0.39
N GLU P 168 -32.44 48.25 -0.19
CA GLU P 168 -32.11 47.27 -1.24
C GLU P 168 -33.14 47.27 -2.38
N VAL P 169 -34.43 47.46 -2.05
CA VAL P 169 -35.49 47.63 -3.05
C VAL P 169 -35.27 48.92 -3.85
N LYS P 170 -34.98 50.03 -3.15
CA LYS P 170 -34.73 51.32 -3.77
C LYS P 170 -33.52 51.27 -4.72
N GLY P 171 -32.48 50.53 -4.32
CA GLY P 171 -31.29 50.30 -5.14
C GLY P 171 -31.45 49.24 -6.24
N GLY P 172 -32.64 48.63 -6.35
CA GLY P 172 -32.94 47.64 -7.39
C GLY P 172 -32.29 46.27 -7.17
N GLN P 173 -31.67 46.06 -6.00
CA GLN P 173 -30.99 44.80 -5.66
C GLN P 173 -31.98 43.71 -5.25
N LEU P 174 -33.18 44.12 -4.82
CA LEU P 174 -34.24 43.24 -4.33
C LEU P 174 -35.57 43.66 -4.98
N THR P 175 -36.42 42.69 -5.37
CA THR P 175 -37.63 43.00 -6.13
C THR P 175 -38.71 43.63 -5.25
N SER P 176 -38.96 43.03 -4.07
CA SER P 176 -39.88 43.50 -3.04
C SER P 176 -39.36 43.11 -1.66
N SER P 177 -39.63 43.95 -0.65
CA SER P 177 -39.41 43.58 0.74
C SER P 177 -40.58 42.74 1.24
N PRO P 178 -40.35 41.57 1.90
CA PRO P 178 -41.43 40.84 2.56
C PRO P 178 -41.87 41.46 3.88
N LEU P 179 -41.09 42.43 4.39
CA LEU P 179 -41.37 43.12 5.65
C LEU P 179 -41.61 44.59 5.38
N TYR P 180 -42.64 45.17 6.03
CA TYR P 180 -42.92 46.59 5.94
C TYR P 180 -43.39 47.10 7.29
N ILE P 181 -42.62 48.03 7.90
CA ILE P 181 -42.91 48.55 9.23
C ILE P 181 -43.31 50.02 9.17
N ILE P 182 -44.43 50.37 9.83
CA ILE P 182 -44.96 51.73 9.89
C ILE P 182 -45.47 52.04 11.31
N SER P 183 -45.46 53.33 11.68
CA SER P 183 -46.08 53.80 12.92
C SER P 183 -47.49 54.34 12.68
N ASN P 184 -47.69 54.89 11.48
CA ASN P 184 -48.93 55.49 11.04
C ASN P 184 -49.80 54.41 10.41
N THR P 185 -50.96 54.13 11.00
CA THR P 185 -51.89 53.15 10.42
C THR P 185 -52.75 53.73 9.29
N SER P 186 -52.86 55.06 9.20
CA SER P 186 -53.70 55.73 8.21
C SER P 186 -53.30 55.38 6.77
N ILE P 187 -52.01 55.09 6.57
CA ILE P 187 -51.40 54.79 5.26
C ILE P 187 -52.05 53.56 4.62
N VAL P 188 -52.48 52.59 5.43
CA VAL P 188 -52.89 51.25 5.03
C VAL P 188 -54.05 51.28 4.04
N ALA P 189 -54.98 52.24 4.18
CA ALA P 189 -56.13 52.39 3.29
C ALA P 189 -55.71 52.58 1.82
N SER P 190 -54.54 53.22 1.60
CA SER P 190 -54.01 53.52 0.28
C SER P 190 -53.14 52.39 -0.30
N LYS P 191 -52.89 51.35 0.50
CA LYS P 191 -51.97 50.25 0.18
C LYS P 191 -52.66 48.90 0.43
N PRO P 192 -53.65 48.50 -0.42
CA PRO P 192 -54.53 47.37 -0.11
C PRO P 192 -53.84 46.01 0.00
N TRP P 193 -52.63 45.86 -0.56
CA TRP P 193 -51.83 44.65 -0.37
C TRP P 193 -51.48 44.40 1.09
N LEU P 194 -51.41 45.46 1.91
CA LEU P 194 -51.15 45.35 3.35
C LEU P 194 -52.36 44.82 4.15
N LYS P 195 -53.56 44.77 3.54
CA LYS P 195 -54.78 44.41 4.24
C LYS P 195 -54.80 42.92 4.61
N ASN P 196 -54.15 42.07 3.81
CA ASN P 196 -54.37 40.63 3.81
C ASN P 196 -53.19 39.84 4.38
N ASP P 197 -51.99 40.44 4.44
CA ASP P 197 -50.82 39.77 5.00
C ASP P 197 -50.78 39.87 6.53
N ASN P 198 -49.84 39.16 7.17
CA ASN P 198 -49.80 39.01 8.62
C ASN P 198 -49.29 40.30 9.27
N VAL P 199 -49.91 40.72 10.39
CA VAL P 199 -49.50 41.94 11.09
C VAL P 199 -49.37 41.71 12.59
N PHE P 200 -48.27 42.21 13.15
CA PHE P 200 -48.03 42.25 14.59
C PHE P 200 -47.48 43.62 14.97
N THR P 201 -47.48 43.95 16.28
CA THR P 201 -47.00 45.25 16.73
C THR P 201 -45.93 45.11 17.80
N PHE P 202 -45.10 46.15 17.91
CA PHE P 202 -44.10 46.28 18.97
C PHE P 202 -43.91 47.74 19.33
N ASN P 203 -43.41 47.99 20.55
CA ASN P 203 -43.28 49.34 21.08
C ASN P 203 -41.84 49.64 21.49
N ILE P 204 -41.34 50.82 21.11
CA ILE P 204 -40.05 51.33 21.57
C ILE P 204 -40.28 52.65 22.32
N SER P 205 -39.34 53.01 23.22
CA SER P 205 -39.39 54.29 23.92
C SER P 205 -38.44 55.29 23.26
N VAL P 206 -38.99 56.43 22.80
CA VAL P 206 -38.22 57.51 22.19
C VAL P 206 -38.60 58.79 22.91
N ASN P 207 -37.60 59.51 23.44
CA ASN P 207 -37.90 60.71 24.20
C ASN P 207 -38.95 60.37 25.27
N GLY P 208 -38.69 59.28 26.00
CA GLY P 208 -39.52 58.80 27.10
C GLY P 208 -40.97 58.48 26.72
N THR P 209 -41.29 58.53 25.41
CA THR P 209 -42.63 58.34 24.88
C THR P 209 -42.73 56.97 24.20
N GLU P 210 -43.81 56.23 24.45
CA GLU P 210 -44.07 54.96 23.77
C GLU P 210 -44.47 55.21 22.31
N VAL P 211 -43.72 54.61 21.39
CA VAL P 211 -44.02 54.62 19.96
C VAL P 211 -44.40 53.20 19.57
N GLU P 212 -45.59 53.01 18.98
CA GLU P 212 -46.02 51.71 18.50
C GLU P 212 -45.77 51.60 16.99
N TYR P 213 -45.14 50.48 16.60
CA TYR P 213 -44.91 50.12 15.21
C TYR P 213 -45.70 48.88 14.85
N TYR P 214 -46.23 48.88 13.62
CA TYR P 214 -46.98 47.81 13.01
C TYR P 214 -46.10 47.19 11.93
N ALA P 215 -45.82 45.89 12.07
CA ALA P 215 -44.97 45.15 11.14
C ALA P 215 -45.83 44.24 10.27
N TYR P 216 -45.80 44.49 8.95
CA TYR P 216 -46.56 43.73 7.96
C TYR P 216 -45.63 42.72 7.30
N VAL P 217 -45.97 41.43 7.37
CA VAL P 217 -45.12 40.37 6.84
C VAL P 217 -45.85 39.68 5.70
N ASN P 218 -45.14 39.47 4.57
CA ASN P 218 -45.70 38.86 3.38
C ASN P 218 -45.74 37.35 3.47
N LYS P 219 -44.56 36.75 3.65
CA LYS P 219 -44.39 35.31 3.66
C LYS P 219 -43.53 34.96 4.87
N THR P 220 -43.65 33.70 5.33
CA THR P 220 -42.81 33.22 6.42
C THR P 220 -41.34 33.29 6.00
N PHE P 221 -40.52 33.99 6.79
CA PHE P 221 -39.09 34.10 6.53
C PHE P 221 -38.30 34.18 7.83
N ALA P 222 -36.99 33.91 7.73
CA ALA P 222 -36.08 34.01 8.85
C ALA P 222 -34.94 34.97 8.52
N PHE P 223 -34.45 35.66 9.57
CA PHE P 223 -33.25 36.47 9.46
C PHE P 223 -32.38 36.31 10.70
N THR P 224 -31.09 36.64 10.57
CA THR P 224 -30.14 36.54 11.67
C THR P 224 -29.52 37.91 11.98
N TYR P 225 -29.15 38.11 13.25
CA TYR P 225 -28.50 39.35 13.66
C TYR P 225 -27.52 39.10 14.81
N PRO P 226 -26.47 39.93 14.97
CA PRO P 226 -25.51 39.73 16.05
C PRO P 226 -26.02 40.18 17.42
N VAL P 227 -25.70 39.40 18.45
CA VAL P 227 -26.14 39.64 19.83
C VAL P 227 -24.96 39.95 20.75
N SER P 228 -23.84 39.21 20.61
CA SER P 228 -22.58 39.54 21.28
C SER P 228 -21.39 38.85 20.62
N GLY P 229 -20.17 39.30 20.91
CA GLY P 229 -18.94 38.63 20.50
C GLY P 229 -18.73 38.60 18.99
N PHE P 230 -19.30 39.58 18.28
CA PHE P 230 -19.25 39.65 16.83
C PHE P 230 -18.46 40.89 16.37
N PRO P 231 -17.12 40.76 16.14
CA PRO P 231 -16.33 41.86 15.57
C PRO P 231 -16.29 41.87 14.04
N LEU P 232 -16.84 40.84 13.38
CA LEU P 232 -16.68 40.64 11.94
C LEU P 232 -17.81 41.29 11.13
N ALA P 233 -18.24 42.50 11.51
CA ALA P 233 -19.31 43.20 10.81
C ALA P 233 -18.99 43.37 9.32
N GLY P 234 -19.94 42.95 8.47
CA GLY P 234 -19.77 42.92 7.02
C GLY P 234 -19.65 41.52 6.41
N SER P 235 -19.53 40.45 7.23
CA SER P 235 -18.97 39.18 6.74
C SER P 235 -19.94 38.01 6.61
N ASP P 236 -21.06 37.98 7.36
CA ASP P 236 -21.93 36.82 7.54
C ASP P 236 -21.25 35.62 8.24
N ILE P 237 -20.07 35.80 8.86
CA ILE P 237 -19.41 34.70 9.55
C ILE P 237 -19.58 34.86 11.06
N ALA P 238 -20.12 33.84 11.74
CA ALA P 238 -20.17 33.83 13.19
C ALA P 238 -18.86 33.25 13.73
N PRO P 239 -17.97 34.04 14.38
CA PRO P 239 -16.72 33.50 14.92
C PRO P 239 -17.01 32.70 16.19
N ALA P 240 -16.05 31.85 16.57
CA ALA P 240 -16.15 31.10 17.82
C ALA P 240 -16.22 32.08 19.00
N GLY P 241 -17.21 31.87 19.89
CA GLY P 241 -17.46 32.76 21.01
C GLY P 241 -18.32 33.99 20.67
N SER P 242 -19.03 33.95 19.53
CA SER P 242 -20.09 34.92 19.20
C SER P 242 -21.46 34.36 19.58
N VAL P 243 -22.48 35.23 19.62
CA VAL P 243 -23.86 34.87 19.89
C VAL P 243 -24.73 35.54 18.82
N ILE P 244 -25.55 34.74 18.13
CA ILE P 244 -26.32 35.18 16.98
C ILE P 244 -27.82 34.99 17.26
N GLY P 245 -28.61 36.06 17.11
CA GLY P 245 -30.05 35.94 17.21
C GLY P 245 -30.64 35.43 15.89
N VAL P 246 -31.56 34.47 15.98
CA VAL P 246 -32.31 33.96 14.84
C VAL P 246 -33.79 34.30 15.08
N MET P 247 -34.41 34.99 14.12
CA MET P 247 -35.81 35.34 14.26
C MET P 247 -36.59 34.87 13.04
N ILE P 248 -37.69 34.16 13.28
CA ILE P 248 -38.60 33.67 12.25
C ILE P 248 -39.89 34.48 12.35
N LEU P 249 -40.28 35.14 11.26
CA LEU P 249 -41.56 35.85 11.21
C LEU P 249 -42.53 35.04 10.35
N PHE P 250 -43.76 34.83 10.84
CA PHE P 250 -44.74 34.04 10.10
C PHE P 250 -45.54 34.92 9.15
N GLY P 251 -45.73 34.45 7.92
CA GLY P 251 -46.62 35.08 6.95
C GLY P 251 -48.06 34.57 7.08
N PRO P 252 -49.01 35.06 6.24
CA PRO P 252 -50.42 34.73 6.38
C PRO P 252 -50.77 33.25 6.22
N GLY P 253 -49.93 32.49 5.49
CA GLY P 253 -50.08 31.04 5.35
C GLY P 253 -49.92 30.30 6.67
N GLU P 254 -48.73 30.43 7.29
CA GLU P 254 -48.39 29.70 8.51
C GLU P 254 -49.00 30.31 9.77
N ALA P 255 -49.39 31.59 9.71
CA ALA P 255 -49.92 32.33 10.85
C ALA P 255 -51.33 31.87 11.27
N THR P 256 -52.05 31.16 10.38
CA THR P 256 -53.52 31.08 10.34
C THR P 256 -54.17 30.61 11.64
N ASN P 257 -53.54 29.68 12.36
CA ASN P 257 -53.90 29.40 13.76
C ASN P 257 -52.68 28.94 14.56
N VAL P 258 -52.76 29.14 15.88
CA VAL P 258 -51.65 28.99 16.83
C VAL P 258 -51.22 27.53 16.96
N PHE P 259 -49.93 27.28 17.25
CA PHE P 259 -49.45 25.94 17.54
C PHE P 259 -49.93 25.48 18.92
N GLN P 260 -50.70 24.38 18.96
CA GLN P 260 -51.16 23.78 20.20
C GLN P 260 -51.18 22.25 20.07
N TYR P 261 -50.62 21.55 21.07
CA TYR P 261 -50.62 20.09 21.11
C TYR P 261 -49.94 19.53 19.85
N GLU P 262 -48.80 20.15 19.48
CA GLU P 262 -48.14 19.92 18.20
C GLU P 262 -46.63 19.96 18.38
N THR P 263 -45.91 19.20 17.53
CA THR P 263 -44.45 19.32 17.48
C THR P 263 -44.06 20.26 16.35
N VAL P 264 -43.17 21.21 16.67
CA VAL P 264 -42.54 22.10 15.68
C VAL P 264 -41.05 21.78 15.63
N THR P 265 -40.48 21.73 14.41
CA THR P 265 -39.07 21.47 14.18
C THR P 265 -38.46 22.56 13.30
N ILE P 266 -37.28 23.05 13.70
CA ILE P 266 -36.49 24.00 12.93
C ILE P 266 -35.12 23.36 12.71
N GLN P 267 -34.55 23.51 11.51
CA GLN P 267 -33.19 23.04 11.28
C GLN P 267 -32.39 24.12 10.56
N ILE P 268 -31.18 24.39 11.07
CA ILE P 268 -30.24 25.30 10.42
C ILE P 268 -29.13 24.44 9.81
N THR P 269 -28.88 24.60 8.50
CA THR P 269 -27.89 23.80 7.80
C THR P 269 -26.90 24.72 7.07
N PRO P 270 -25.74 25.05 7.68
CA PRO P 270 -24.69 25.80 6.98
C PRO P 270 -23.97 24.92 5.94
N ASN P 271 -23.14 25.55 5.11
CA ASN P 271 -22.51 24.90 3.96
C ASN P 271 -21.38 23.94 4.34
N ILE P 272 -20.86 24.08 5.57
CA ILE P 272 -19.82 23.22 6.14
C ILE P 272 -20.26 22.85 7.56
N GLY P 273 -20.03 21.59 7.96
CA GLY P 273 -20.31 21.15 9.31
C GLY P 273 -21.73 20.60 9.48
N SER P 274 -22.00 20.09 10.70
CA SER P 274 -23.26 19.44 10.99
C SER P 274 -24.38 20.46 11.22
N PRO P 275 -25.63 20.16 10.80
CA PRO P 275 -26.76 21.05 11.05
C PRO P 275 -27.24 21.00 12.50
N LEU P 276 -27.89 22.09 12.93
CA LEU P 276 -28.51 22.17 14.23
C LEU P 276 -30.02 21.90 14.07
N THR P 277 -30.51 20.88 14.77
CA THR P 277 -31.93 20.50 14.73
C THR P 277 -32.59 20.82 16.07
N ILE P 278 -33.67 21.62 16.01
CA ILE P 278 -34.40 22.13 17.16
C ILE P 278 -35.83 21.56 17.09
N SER P 279 -36.31 20.90 18.16
CA SER P 279 -37.66 20.35 18.21
C SER P 279 -38.35 20.63 19.56
N GLN P 280 -39.61 21.11 19.50
CA GLN P 280 -40.42 21.37 20.69
C GLN P 280 -41.82 20.82 20.51
N TYR P 281 -42.33 20.12 21.53
CA TYR P 281 -43.77 19.92 21.65
C TYR P 281 -44.38 21.14 22.33
N ILE P 282 -45.25 21.85 21.61
CA ILE P 282 -45.81 23.11 22.06
C ILE P 282 -47.18 22.85 22.71
N TYR P 283 -47.24 23.03 24.03
CA TYR P 283 -48.49 23.24 24.73
C TYR P 283 -49.04 24.63 24.41
N GLN P 284 -50.30 24.88 24.82
CA GLN P 284 -50.95 26.18 24.69
C GLN P 284 -50.05 27.35 25.11
N PRO P 285 -50.01 28.48 24.36
CA PRO P 285 -49.21 29.64 24.74
C PRO P 285 -49.88 30.42 25.87
N ASP P 286 -49.05 30.90 26.81
CA ASP P 286 -49.52 31.37 28.11
C ASP P 286 -49.42 32.89 28.33
N GLY P 287 -48.82 33.61 27.37
CA GLY P 287 -48.65 35.07 27.39
C GLY P 287 -48.33 35.65 26.01
N LYS P 288 -48.16 36.98 25.94
CA LYS P 288 -47.82 37.69 24.72
C LYS P 288 -46.59 37.07 24.04
N VAL P 289 -45.59 36.73 24.87
CA VAL P 289 -44.50 35.84 24.50
C VAL P 289 -44.59 34.62 25.42
N THR P 290 -44.28 33.44 24.88
CA THR P 290 -44.26 32.21 25.65
C THR P 290 -42.92 31.49 25.43
N VAL P 291 -42.41 30.84 26.47
CA VAL P 291 -41.15 30.12 26.39
C VAL P 291 -41.46 28.66 26.03
N ILE P 292 -41.02 28.22 24.84
CA ILE P 292 -41.40 26.91 24.32
C ILE P 292 -40.27 25.89 24.41
N GLY P 293 -39.01 26.34 24.55
CA GLY P 293 -37.86 25.44 24.52
C GLY P 293 -36.63 26.01 25.21
N LEU Q 1 18.23 -6.71 -35.79
CA LEU Q 1 18.46 -7.81 -34.79
C LEU Q 1 17.66 -7.56 -33.51
N ALA Q 2 18.00 -6.51 -32.74
CA ALA Q 2 17.42 -6.29 -31.42
C ALA Q 2 15.96 -5.81 -31.50
N GLY Q 3 15.51 -5.36 -32.69
CA GLY Q 3 14.14 -4.85 -32.86
C GLY Q 3 13.06 -5.93 -32.87
N LEU Q 4 13.41 -7.16 -32.44
CA LEU Q 4 12.50 -8.29 -32.48
C LEU Q 4 12.47 -9.05 -31.14
N ASP Q 5 13.64 -9.46 -30.62
CA ASP Q 5 13.72 -10.19 -29.36
C ASP Q 5 13.14 -9.36 -28.21
N THR Q 6 13.45 -8.05 -28.18
CA THR Q 6 12.88 -7.09 -27.23
C THR Q 6 11.36 -7.00 -27.33
N ALA Q 7 10.81 -7.02 -28.55
CA ALA Q 7 9.37 -6.92 -28.77
C ALA Q 7 8.62 -8.13 -28.20
N ILE Q 8 9.19 -9.32 -28.34
CA ILE Q 8 8.64 -10.56 -27.80
C ILE Q 8 8.57 -10.49 -26.27
N ILE Q 9 9.66 -10.05 -25.62
CA ILE Q 9 9.70 -9.93 -24.17
C ILE Q 9 8.69 -8.90 -23.67
N LEU Q 10 8.55 -7.78 -24.39
CA LEU Q 10 7.55 -6.78 -24.10
C LEU Q 10 6.14 -7.39 -24.12
N ILE Q 11 5.79 -8.12 -25.20
CA ILE Q 11 4.50 -8.82 -25.30
C ILE Q 11 4.24 -9.69 -24.06
N ALA Q 12 5.23 -10.51 -23.68
CA ALA Q 12 5.14 -11.43 -22.55
C ALA Q 12 4.95 -10.68 -21.21
N PHE Q 13 5.71 -9.60 -21.00
CA PHE Q 13 5.65 -8.82 -19.77
C PHE Q 13 4.32 -8.08 -19.64
N ILE Q 14 3.76 -7.59 -20.77
CA ILE Q 14 2.44 -6.98 -20.79
C ILE Q 14 1.39 -8.00 -20.33
N ILE Q 15 1.38 -9.19 -20.96
CA ILE Q 15 0.45 -10.26 -20.61
C ILE Q 15 0.58 -10.63 -19.14
N THR Q 16 1.82 -10.73 -18.63
CA THR Q 16 2.11 -11.03 -17.22
C THR Q 16 1.48 -9.99 -16.29
N ALA Q 17 1.63 -8.70 -16.59
CA ALA Q 17 1.04 -7.61 -15.83
C ALA Q 17 -0.49 -7.62 -15.92
N ALA Q 18 -1.04 -7.87 -17.12
CA ALA Q 18 -2.48 -7.95 -17.36
C ALA Q 18 -3.12 -9.08 -16.53
N VAL Q 19 -2.42 -10.22 -16.39
CA VAL Q 19 -2.84 -11.34 -15.56
C VAL Q 19 -2.92 -10.94 -14.09
N LEU Q 20 -1.91 -10.23 -13.56
CA LEU Q 20 -1.98 -9.73 -12.19
C LEU Q 20 -3.12 -8.72 -12.03
N ALA Q 21 -3.28 -7.80 -12.99
CA ALA Q 21 -4.36 -6.83 -13.01
C ALA Q 21 -5.73 -7.51 -12.91
N TYR Q 22 -5.97 -8.53 -13.75
CA TYR Q 22 -7.17 -9.33 -13.81
C TYR Q 22 -7.50 -9.93 -12.44
N VAL Q 23 -6.51 -10.59 -11.81
CA VAL Q 23 -6.66 -11.24 -10.51
C VAL Q 23 -6.90 -10.22 -9.40
N ALA Q 24 -6.09 -9.16 -9.34
CA ALA Q 24 -6.17 -8.15 -8.29
C ALA Q 24 -7.53 -7.46 -8.25
N VAL Q 25 -8.07 -7.07 -9.43
CA VAL Q 25 -9.35 -6.40 -9.51
C VAL Q 25 -10.49 -7.34 -9.07
N ASN Q 26 -10.51 -8.56 -9.61
CA ASN Q 26 -11.49 -9.59 -9.26
C ASN Q 26 -11.51 -9.82 -7.74
N MET Q 27 -10.32 -10.01 -7.16
CA MET Q 27 -10.21 -10.32 -5.74
C MET Q 27 -10.54 -9.12 -4.85
N GLY Q 28 -10.24 -7.90 -5.30
CA GLY Q 28 -10.68 -6.67 -4.65
C GLY Q 28 -12.22 -6.54 -4.62
N LEU Q 29 -12.87 -6.79 -5.76
CA LEU Q 29 -14.32 -6.82 -5.84
C LEU Q 29 -14.91 -7.85 -4.87
N PHE Q 30 -14.32 -9.06 -4.83
CA PHE Q 30 -14.74 -10.12 -3.92
C PHE Q 30 -14.62 -9.68 -2.46
N VAL Q 31 -13.41 -9.32 -2.01
CA VAL Q 31 -13.14 -9.02 -0.61
C VAL Q 31 -13.95 -7.81 -0.11
N THR Q 32 -14.07 -6.76 -0.93
CA THR Q 32 -14.85 -5.58 -0.54
C THR Q 32 -16.33 -5.92 -0.35
N GLN Q 33 -16.87 -6.87 -1.10
CA GLN Q 33 -18.24 -7.34 -0.89
C GLN Q 33 -18.37 -8.16 0.39
N LYS Q 34 -17.37 -8.99 0.72
CA LYS Q 34 -17.31 -9.70 2.01
C LYS Q 34 -17.31 -8.69 3.16
N ALA Q 35 -16.54 -7.59 3.03
CA ALA Q 35 -16.54 -6.49 3.98
C ALA Q 35 -17.91 -5.85 4.11
N LYS Q 36 -18.58 -5.51 2.99
CA LYS Q 36 -19.94 -4.96 2.99
C LYS Q 36 -20.90 -5.85 3.79
N THR Q 37 -20.90 -7.16 3.48
CA THR Q 37 -21.74 -8.16 4.14
C THR Q 37 -21.45 -8.20 5.64
N THR Q 38 -20.17 -8.20 6.02
CA THR Q 38 -19.73 -8.22 7.41
C THR Q 38 -20.24 -6.99 8.17
N ILE Q 39 -20.11 -5.79 7.58
CA ILE Q 39 -20.56 -4.55 8.19
C ILE Q 39 -22.06 -4.60 8.47
N ASN Q 40 -22.84 -5.11 7.52
CA ASN Q 40 -24.27 -5.32 7.70
C ASN Q 40 -24.57 -6.28 8.86
N LYS Q 41 -23.89 -7.43 8.90
CA LYS Q 41 -24.05 -8.42 9.96
C LYS Q 41 -23.65 -7.88 11.33
N GLY Q 42 -22.63 -7.03 11.39
CA GLY Q 42 -22.21 -6.35 12.61
C GLY Q 42 -23.30 -5.41 13.15
N GLU Q 43 -23.93 -4.62 12.26
CA GLU Q 43 -25.02 -3.73 12.64
C GLU Q 43 -26.26 -4.52 13.08
N GLU Q 44 -26.62 -5.58 12.36
CA GLU Q 44 -27.69 -6.50 12.76
C GLU Q 44 -27.42 -7.08 14.15
N THR Q 45 -26.18 -7.51 14.42
CA THR Q 45 -25.78 -8.08 15.70
C THR Q 45 -25.89 -7.08 16.84
N ALA Q 46 -25.50 -5.82 16.61
CA ALA Q 46 -25.56 -4.77 17.63
C ALA Q 46 -27.00 -4.32 17.90
N SER Q 47 -27.86 -4.31 16.87
CA SER Q 47 -29.23 -3.82 16.96
C SER Q 47 -30.20 -4.85 17.53
N THR Q 48 -30.15 -6.11 17.04
CA THR Q 48 -31.14 -7.13 17.38
C THR Q 48 -30.99 -7.63 18.82
N ALA Q 49 -32.10 -7.55 19.60
CA ALA Q 49 -32.16 -8.01 20.98
C ALA Q 49 -33.61 -8.18 21.42
N LEU Q 50 -33.83 -9.03 22.45
CA LEU Q 50 -35.13 -9.19 23.09
C LEU Q 50 -35.09 -8.60 24.50
N SER Q 51 -36.17 -7.90 24.89
CA SER Q 51 -36.41 -7.48 26.25
C SER Q 51 -37.51 -8.33 26.88
N LEU Q 52 -37.34 -8.67 28.16
CA LEU Q 52 -38.45 -9.14 28.97
C LEU Q 52 -39.44 -7.98 29.15
N SER Q 53 -40.70 -8.19 28.69
CA SER Q 53 -41.68 -7.11 28.60
C SER Q 53 -43.00 -7.44 29.33
N GLY Q 54 -42.89 -8.28 30.36
CA GLY Q 54 -43.96 -8.55 31.30
C GLY Q 54 -43.40 -9.21 32.56
N ASN Q 55 -44.26 -9.49 33.54
CA ASN Q 55 -43.84 -10.26 34.70
C ASN Q 55 -43.67 -11.73 34.31
N VAL Q 56 -42.87 -12.47 35.10
CA VAL Q 56 -42.71 -13.91 34.96
C VAL Q 56 -43.66 -14.60 35.93
N LEU Q 57 -44.53 -15.45 35.37
CA LEU Q 57 -45.56 -16.18 36.12
C LEU Q 57 -45.15 -17.64 36.26
N TYR Q 58 -45.44 -18.23 37.43
CA TYR Q 58 -45.08 -19.60 37.75
C TYR Q 58 -46.29 -20.33 38.32
N ALA Q 59 -46.54 -21.59 37.92
CA ALA Q 59 -47.72 -22.33 38.33
C ALA Q 59 -47.35 -23.69 38.94
N VAL Q 60 -48.04 -24.04 40.05
CA VAL Q 60 -47.76 -25.23 40.86
C VAL Q 60 -49.08 -25.84 41.35
N ASN Q 61 -49.02 -27.07 41.91
CA ASN Q 61 -50.17 -27.75 42.48
C ASN Q 61 -50.54 -27.19 43.87
N TYR Q 62 -50.75 -25.88 43.92
CA TYR Q 62 -51.08 -25.15 45.14
C TYR Q 62 -52.41 -25.63 45.72
N PRO Q 63 -52.59 -25.70 47.07
CA PRO Q 63 -51.57 -25.35 48.06
C PRO Q 63 -50.55 -26.42 48.40
N THR Q 64 -50.72 -27.64 47.86
CA THR Q 64 -49.94 -28.81 48.25
C THR Q 64 -48.45 -28.67 47.91
N ASN Q 65 -48.12 -27.93 46.83
CA ASN Q 65 -46.76 -27.54 46.46
C ASN Q 65 -45.79 -28.71 46.28
N THR Q 66 -46.29 -29.91 45.93
CA THR Q 66 -45.43 -31.05 45.65
C THR Q 66 -44.99 -31.13 44.19
N LYS Q 67 -45.62 -30.34 43.28
CA LYS Q 67 -45.39 -30.50 41.85
C LYS Q 67 -45.50 -29.18 41.08
N SER Q 68 -44.72 -29.09 39.99
CA SER Q 68 -44.51 -27.87 39.21
C SER Q 68 -45.13 -28.02 37.80
N TYR Q 69 -45.87 -27.00 37.32
CA TYR Q 69 -46.69 -27.14 36.11
C TYR Q 69 -46.11 -26.39 34.91
N TRP Q 70 -46.02 -25.05 35.02
CA TRP Q 70 -45.54 -24.23 33.92
C TRP Q 70 -44.99 -22.88 34.38
N MET Q 71 -44.22 -22.24 33.50
CA MET Q 71 -43.85 -20.83 33.62
C MET Q 71 -44.28 -20.10 32.36
N TYR Q 72 -44.71 -18.84 32.52
CA TYR Q 72 -45.11 -17.99 31.42
C TYR Q 72 -44.42 -16.64 31.57
N PHE Q 73 -43.93 -16.07 30.45
CA PHE Q 73 -43.45 -14.69 30.42
C PHE Q 73 -43.62 -14.14 29.01
N THR Q 74 -43.37 -12.83 28.86
CA THR Q 74 -43.63 -12.14 27.59
C THR Q 74 -42.35 -11.42 27.16
N VAL Q 75 -42.05 -11.43 25.85
CA VAL Q 75 -40.87 -10.78 25.30
C VAL Q 75 -41.23 -9.91 24.09
N SER Q 76 -40.38 -8.91 23.81
CA SER Q 76 -40.53 -8.05 22.65
C SER Q 76 -39.15 -7.55 22.21
N PRO Q 77 -38.90 -7.27 20.91
CA PRO Q 77 -37.64 -6.66 20.48
C PRO Q 77 -37.34 -5.35 21.20
N SER Q 78 -36.07 -5.19 21.63
CA SER Q 78 -35.62 -4.09 22.48
C SER Q 78 -35.71 -2.75 21.76
N SER Q 79 -36.34 -1.75 22.43
CA SER Q 79 -36.34 -0.36 22.02
C SER Q 79 -36.90 -0.15 20.60
N GLY Q 80 -37.61 -1.15 20.05
CA GLY Q 80 -38.24 -1.09 18.74
C GLY Q 80 -37.30 -0.94 17.56
N VAL Q 81 -36.04 -1.40 17.69
CA VAL Q 81 -35.02 -1.05 16.70
C VAL Q 81 -35.05 -1.95 15.46
N SER Q 82 -35.25 -3.27 15.64
CA SER Q 82 -35.24 -4.24 14.54
C SER Q 82 -35.93 -5.55 14.94
N SER Q 83 -36.27 -6.39 13.94
CA SER Q 83 -36.99 -7.66 14.12
C SER Q 83 -36.09 -8.79 14.63
N VAL Q 84 -36.69 -9.83 15.22
CA VAL Q 84 -35.97 -10.99 15.74
C VAL Q 84 -36.57 -12.28 15.15
N ASP Q 85 -35.71 -13.13 14.58
CA ASP Q 85 -36.08 -14.48 14.12
C ASP Q 85 -36.26 -15.38 15.34
N LEU Q 86 -37.46 -15.96 15.51
CA LEU Q 86 -37.75 -16.85 16.63
C LEU Q 86 -38.08 -18.28 16.17
N SER Q 87 -37.63 -18.69 14.98
CA SER Q 87 -37.93 -20.05 14.53
C SER Q 87 -37.27 -21.09 15.44
N PRO Q 88 -38.02 -22.13 15.92
CA PRO Q 88 -37.46 -23.09 16.86
C PRO Q 88 -36.39 -24.03 16.31
N SER Q 89 -36.19 -24.07 14.99
CA SER Q 89 -35.07 -24.81 14.42
C SER Q 89 -33.74 -24.07 14.60
N THR Q 90 -33.79 -22.73 14.69
CA THR Q 90 -32.60 -21.90 14.76
C THR Q 90 -32.33 -21.38 16.17
N THR Q 91 -33.40 -20.98 16.88
CA THR Q 91 -33.33 -20.41 18.23
C THR Q 91 -33.20 -21.52 19.28
N ALA Q 92 -32.47 -21.25 20.37
CA ALA Q 92 -32.50 -22.13 21.54
C ALA Q 92 -33.14 -21.41 22.73
N ILE Q 93 -33.85 -22.15 23.58
CA ILE Q 93 -34.21 -21.67 24.91
C ILE Q 93 -33.63 -22.67 25.91
N SER Q 94 -32.71 -22.21 26.77
CA SER Q 94 -32.14 -23.05 27.81
C SER Q 94 -32.83 -22.79 29.15
N PHE Q 95 -32.80 -23.79 30.03
CA PHE Q 95 -33.39 -23.68 31.35
C PHE Q 95 -32.45 -24.33 32.37
N THR Q 96 -32.06 -23.58 33.42
CA THR Q 96 -31.20 -24.14 34.47
C THR Q 96 -31.72 -23.80 35.87
N ALA Q 97 -31.63 -24.77 36.77
CA ALA Q 97 -31.85 -24.57 38.19
C ALA Q 97 -30.63 -25.14 38.92
N ALA Q 98 -29.60 -24.29 39.06
CA ALA Q 98 -28.25 -24.66 39.41
C ALA Q 98 -28.18 -25.44 40.73
N SER Q 99 -28.94 -24.97 41.74
CA SER Q 99 -28.97 -25.52 43.08
C SER Q 99 -29.27 -27.03 43.10
N ARG Q 100 -30.18 -27.47 42.20
CA ARG Q 100 -30.58 -28.86 42.10
C ARG Q 100 -29.95 -29.59 40.91
N GLY Q 101 -29.03 -28.93 40.19
CA GLY Q 101 -28.26 -29.56 39.12
C GLY Q 101 -29.06 -29.81 37.85
N VAL Q 102 -30.24 -29.19 37.70
CA VAL Q 102 -31.00 -29.26 36.47
C VAL Q 102 -30.39 -28.27 35.46
N SER Q 103 -30.06 -28.78 34.27
CA SER Q 103 -29.52 -27.96 33.21
C SER Q 103 -29.95 -28.51 31.85
N LEU Q 104 -30.83 -27.77 31.17
CA LEU Q 104 -31.35 -28.14 29.87
C LEU Q 104 -30.82 -27.14 28.85
N SER Q 105 -30.11 -27.65 27.83
CA SER Q 105 -29.45 -26.78 26.87
C SER Q 105 -30.42 -26.20 25.84
N ASN Q 106 -31.46 -26.97 25.45
CA ASN Q 106 -32.47 -26.45 24.53
C ASN Q 106 -33.82 -27.16 24.68
N ILE Q 107 -34.84 -26.40 25.11
CA ILE Q 107 -36.19 -26.91 25.31
C ILE Q 107 -37.19 -26.35 24.29
N TYR Q 108 -36.76 -25.43 23.41
CA TYR Q 108 -37.67 -24.78 22.47
C TYR Q 108 -38.02 -25.73 21.32
N GLN Q 109 -39.32 -25.91 21.04
CA GLN Q 109 -39.76 -26.93 20.08
C GLN Q 109 -40.76 -26.39 19.06
N PHE Q 110 -41.70 -25.52 19.48
CA PHE Q 110 -42.84 -25.15 18.66
C PHE Q 110 -43.14 -23.66 18.72
N SER Q 111 -43.73 -23.13 17.65
CA SER Q 111 -44.21 -21.76 17.66
C SER Q 111 -45.55 -21.64 16.93
N LEU Q 112 -46.48 -20.89 17.54
CA LEU Q 112 -47.74 -20.56 16.88
C LEU Q 112 -47.58 -19.35 15.95
N LEU Q 113 -46.42 -18.69 15.94
CA LEU Q 113 -46.15 -17.62 14.96
C LEU Q 113 -46.23 -18.15 13.52
N SER Q 114 -45.94 -19.45 13.34
CA SER Q 114 -46.02 -20.18 12.08
C SER Q 114 -47.45 -20.38 11.57
N VAL Q 115 -48.46 -20.19 12.44
CA VAL Q 115 -49.80 -20.74 12.22
C VAL Q 115 -50.79 -19.63 11.85
N LEU Q 116 -51.52 -19.83 10.73
CA LEU Q 116 -52.58 -18.92 10.32
C LEU Q 116 -53.87 -19.22 11.10
N PRO Q 117 -54.70 -18.22 11.45
CA PRO Q 117 -55.95 -18.45 12.19
C PRO Q 117 -56.86 -19.54 11.63
N SER Q 118 -56.95 -19.65 10.29
CA SER Q 118 -57.78 -20.63 9.61
C SER Q 118 -57.36 -22.08 9.90
N GLN Q 119 -56.15 -22.29 10.43
CA GLN Q 119 -55.64 -23.61 10.75
C GLN Q 119 -56.09 -24.09 12.13
N VAL Q 120 -56.61 -23.17 12.98
CA VAL Q 120 -56.95 -23.49 14.37
C VAL Q 120 -58.40 -23.14 14.72
N ASN Q 121 -58.92 -22.03 14.19
CA ASN Q 121 -60.29 -21.60 14.46
C ASN Q 121 -61.28 -22.59 13.84
N ASN Q 122 -62.36 -22.89 14.58
CA ASN Q 122 -63.45 -23.80 14.20
C ASN Q 122 -62.98 -25.25 14.03
N LYS Q 123 -61.83 -25.62 14.63
CA LYS Q 123 -61.24 -26.95 14.41
C LYS Q 123 -61.11 -27.78 15.68
N VAL Q 124 -61.31 -27.16 16.86
CA VAL Q 124 -61.58 -27.90 18.09
C VAL Q 124 -62.97 -27.51 18.60
N GLN Q 125 -63.67 -28.49 19.20
CA GLN Q 125 -65.09 -28.33 19.49
C GLN Q 125 -65.46 -29.00 20.81
N VAL Q 126 -66.49 -28.45 21.46
CA VAL Q 126 -66.95 -28.87 22.78
C VAL Q 126 -68.36 -29.43 22.64
N LYS Q 127 -68.62 -30.57 23.31
CA LYS Q 127 -69.94 -31.19 23.35
C LYS Q 127 -70.60 -30.88 24.69
N LEU Q 128 -71.77 -30.22 24.65
CA LEU Q 128 -72.57 -29.91 25.83
C LEU Q 128 -73.96 -30.53 25.66
N GLY Q 129 -74.14 -31.73 26.21
CA GLY Q 129 -75.29 -32.57 25.88
C GLY Q 129 -75.30 -32.91 24.38
N THR Q 130 -76.44 -32.67 23.72
CA THR Q 130 -76.62 -32.87 22.28
C THR Q 130 -75.85 -31.82 21.47
N SER Q 131 -75.75 -30.59 22.01
CA SER Q 131 -75.20 -29.44 21.31
C SER Q 131 -73.67 -29.51 21.16
N ILE Q 132 -73.14 -29.01 20.04
CA ILE Q 132 -71.71 -28.99 19.77
C ILE Q 132 -71.28 -27.58 19.31
N ILE Q 133 -70.23 -27.05 19.95
CA ILE Q 133 -69.78 -25.67 19.76
C ILE Q 133 -68.33 -25.65 19.26
N ASN Q 134 -68.11 -24.95 18.14
CA ASN Q 134 -66.76 -24.76 17.61
C ASN Q 134 -66.11 -23.58 18.32
N LEU Q 135 -64.83 -23.72 18.70
CA LEU Q 135 -64.08 -22.68 19.38
C LEU Q 135 -63.31 -21.77 18.42
N THR Q 136 -63.24 -20.48 18.79
CA THR Q 136 -62.32 -19.52 18.20
C THR Q 136 -61.18 -19.29 19.18
N LEU Q 137 -59.93 -19.46 18.71
CA LEU Q 137 -58.75 -19.45 19.58
C LEU Q 137 -57.78 -18.34 19.19
N ALA Q 138 -57.51 -18.20 17.88
CA ALA Q 138 -56.74 -17.10 17.35
C ALA Q 138 -57.66 -15.91 17.05
N PHE Q 139 -57.47 -14.81 17.78
CA PHE Q 139 -58.20 -13.58 17.50
C PHE Q 139 -57.43 -12.75 16.46
N SER Q 140 -58.15 -11.85 15.77
CA SER Q 140 -57.56 -11.06 14.70
C SER Q 140 -58.23 -9.69 14.58
N SER Q 141 -57.45 -8.69 14.11
CA SER Q 141 -57.93 -7.35 13.81
C SER Q 141 -57.15 -6.77 12.61
N ASN Q 142 -57.75 -5.77 11.95
CA ASN Q 142 -57.16 -5.18 10.74
C ASN Q 142 -56.72 -3.74 10.99
N SER Q 143 -55.47 -3.42 10.62
CA SER Q 143 -54.99 -2.05 10.51
C SER Q 143 -54.15 -1.91 9.24
N ALA Q 144 -54.40 -0.85 8.45
CA ALA Q 144 -53.66 -0.51 7.24
C ALA Q 144 -53.49 -1.71 6.28
N GLY Q 145 -54.54 -2.53 6.15
CA GLY Q 145 -54.57 -3.63 5.21
C GLY Q 145 -53.80 -4.88 5.65
N GLN Q 146 -53.25 -4.86 6.88
CA GLN Q 146 -52.61 -6.03 7.49
C GLN Q 146 -53.55 -6.65 8.52
N THR Q 147 -53.57 -8.00 8.57
CA THR Q 147 -54.28 -8.71 9.62
C THR Q 147 -53.30 -9.06 10.75
N TYR Q 148 -53.54 -8.49 11.93
CA TYR Q 148 -52.82 -8.82 13.15
C TYR Q 148 -53.45 -10.07 13.76
N VAL Q 149 -52.62 -10.93 14.40
CA VAL Q 149 -53.09 -12.19 14.96
C VAL Q 149 -52.53 -12.35 16.37
N TYR Q 150 -53.34 -12.87 17.30
CA TYR Q 150 -52.90 -13.09 18.67
C TYR Q 150 -53.80 -14.10 19.39
N TYR Q 151 -53.31 -14.60 20.53
CA TYR Q 151 -54.09 -15.43 21.46
C TYR Q 151 -54.32 -14.62 22.73
N SER Q 152 -55.57 -14.58 23.20
CA SER Q 152 -55.95 -13.72 24.30
C SER Q 152 -55.37 -14.21 25.64
N ASP Q 153 -55.13 -15.52 25.76
CA ASP Q 153 -54.59 -16.11 26.98
C ASP Q 153 -53.76 -17.37 26.69
N PRO Q 154 -52.95 -17.86 27.66
CA PRO Q 154 -52.25 -19.14 27.52
C PRO Q 154 -53.15 -20.34 27.28
N ASN Q 155 -54.39 -20.33 27.76
CA ASN Q 155 -55.31 -21.47 27.63
C ASN Q 155 -55.70 -21.71 26.17
N TYR Q 156 -56.09 -20.65 25.46
CA TYR Q 156 -56.38 -20.75 24.03
C TYR Q 156 -55.13 -21.07 23.21
N ALA Q 157 -53.96 -20.56 23.64
CA ALA Q 157 -52.70 -20.93 23.00
C ALA Q 157 -52.41 -22.43 23.16
N LEU Q 158 -52.62 -23.00 24.36
CA LEU Q 158 -52.43 -24.42 24.61
C LEU Q 158 -53.34 -25.28 23.73
N LEU Q 159 -54.63 -24.93 23.63
CA LEU Q 159 -55.57 -25.67 22.81
C LEU Q 159 -55.18 -25.62 21.34
N ALA Q 160 -54.78 -24.44 20.84
CA ALA Q 160 -54.30 -24.24 19.48
C ALA Q 160 -53.03 -25.07 19.19
N LEU Q 161 -52.11 -25.12 20.16
CA LEU Q 161 -50.90 -25.91 20.05
C LEU Q 161 -51.24 -27.40 20.04
N ASN Q 162 -52.06 -27.85 20.99
CA ASN Q 162 -52.48 -29.24 21.03
C ASN Q 162 -52.97 -29.70 19.65
N TYR Q 163 -53.91 -28.94 19.07
CA TYR Q 163 -54.47 -29.26 17.76
C TYR Q 163 -53.39 -29.31 16.68
N THR Q 164 -52.56 -28.27 16.61
CA THR Q 164 -51.47 -28.15 15.64
C THR Q 164 -50.55 -29.37 15.69
N LEU Q 165 -50.12 -29.78 16.90
CA LEU Q 165 -49.24 -30.92 17.07
C LEU Q 165 -49.93 -32.23 16.73
N GLY Q 166 -51.19 -32.41 17.15
CA GLY Q 166 -51.99 -33.57 16.76
C GLY Q 166 -52.10 -33.73 15.25
N GLN Q 167 -52.27 -32.60 14.55
CA GLN Q 167 -52.36 -32.54 13.10
C GLN Q 167 -51.02 -32.86 12.43
N GLU Q 168 -49.90 -32.37 12.99
CA GLU Q 168 -48.56 -32.67 12.49
C GLU Q 168 -48.20 -34.15 12.66
N VAL Q 169 -48.63 -34.79 13.77
CA VAL Q 169 -48.47 -36.22 13.97
C VAL Q 169 -49.28 -37.00 12.94
N LYS Q 170 -50.55 -36.61 12.73
CA LYS Q 170 -51.44 -37.23 11.76
C LYS Q 170 -50.88 -37.14 10.33
N GLY Q 171 -50.26 -36.00 10.00
CA GLY Q 171 -49.60 -35.78 8.71
C GLY Q 171 -48.20 -36.40 8.60
N GLY Q 172 -47.72 -37.08 9.65
CA GLY Q 172 -46.43 -37.76 9.65
C GLY Q 172 -45.21 -36.83 9.72
N GLN Q 173 -45.44 -35.53 9.96
CA GLN Q 173 -44.39 -34.54 10.04
C GLN Q 173 -43.66 -34.57 11.38
N LEU Q 174 -44.33 -35.12 12.41
CA LEU Q 174 -43.83 -35.21 13.78
C LEU Q 174 -44.08 -36.64 14.32
N THR Q 175 -43.13 -37.21 15.08
CA THR Q 175 -43.22 -38.60 15.49
C THR Q 175 -44.26 -38.81 16.58
N SER Q 176 -44.23 -37.96 17.62
CA SER Q 176 -45.17 -37.91 18.73
C SER Q 176 -45.34 -36.47 19.22
N SER Q 177 -46.55 -36.14 19.70
CA SER Q 177 -46.76 -34.89 20.41
C SER Q 177 -46.33 -35.04 21.86
N PRO Q 178 -45.52 -34.10 22.44
CA PRO Q 178 -45.24 -34.12 23.87
C PRO Q 178 -46.39 -33.60 24.73
N LEU Q 179 -47.40 -32.99 24.09
CA LEU Q 179 -48.56 -32.43 24.75
C LEU Q 179 -49.83 -33.16 24.29
N TYR Q 180 -50.71 -33.49 25.26
CA TYR Q 180 -51.99 -34.11 24.95
C TYR Q 180 -53.07 -33.57 25.87
N ILE Q 181 -54.07 -32.88 25.30
CA ILE Q 181 -55.13 -32.22 26.08
C ILE Q 181 -56.47 -32.92 25.86
N ILE Q 182 -57.17 -33.23 26.96
CA ILE Q 182 -58.48 -33.88 26.95
C ILE Q 182 -59.40 -33.26 28.01
N SER Q 183 -60.72 -33.32 27.78
CA SER Q 183 -61.72 -32.92 28.77
C SER Q 183 -62.25 -34.14 29.54
N ASN Q 184 -62.27 -35.28 28.85
CA ASN Q 184 -62.75 -36.54 29.36
C ASN Q 184 -61.59 -37.27 30.05
N THR Q 185 -61.71 -37.51 31.36
CA THR Q 185 -60.68 -38.25 32.08
C THR Q 185 -60.82 -39.77 31.92
N SER Q 186 -62.00 -40.26 31.52
CA SER Q 186 -62.28 -41.69 31.39
C SER Q 186 -61.33 -42.40 30.42
N ILE Q 187 -60.86 -41.65 29.41
CA ILE Q 187 -59.98 -42.13 28.34
C ILE Q 187 -58.66 -42.68 28.89
N VAL Q 188 -58.16 -42.11 29.99
CA VAL Q 188 -56.84 -42.32 30.53
C VAL Q 188 -56.57 -43.78 30.87
N ALA Q 189 -57.58 -44.52 31.34
CA ALA Q 189 -57.46 -45.93 31.68
C ALA Q 189 -56.98 -46.79 30.50
N SER Q 190 -57.36 -46.38 29.26
CA SER Q 190 -57.03 -47.08 28.03
C SER Q 190 -55.69 -46.65 27.43
N LYS Q 191 -55.04 -45.64 28.03
CA LYS Q 191 -53.82 -45.01 27.51
C LYS Q 191 -52.77 -44.91 28.62
N PRO Q 192 -52.16 -46.04 29.05
CA PRO Q 192 -51.35 -46.08 30.26
C PRO Q 192 -50.10 -45.20 30.26
N TRP Q 193 -49.61 -44.80 29.08
CA TRP Q 193 -48.51 -43.84 28.98
C TRP Q 193 -48.86 -42.48 29.59
N LEU Q 194 -50.15 -42.12 29.63
CA LEU Q 194 -50.61 -40.89 30.26
C LEU Q 194 -50.59 -40.94 31.79
N LYS Q 195 -50.41 -42.12 32.39
CA LYS Q 195 -50.49 -42.29 33.85
C LYS Q 195 -49.31 -41.64 34.56
N ASN Q 196 -48.14 -41.60 33.90
CA ASN Q 196 -46.87 -41.35 34.57
C ASN Q 196 -46.27 -39.98 34.23
N ASP Q 197 -46.72 -39.34 33.14
CA ASP Q 197 -46.22 -38.02 32.78
C ASP Q 197 -46.95 -36.89 33.55
N ASN Q 198 -46.46 -35.65 33.40
CA ASN Q 198 -46.93 -34.54 34.22
C ASN Q 198 -48.31 -34.06 33.76
N VAL Q 199 -49.22 -33.77 34.71
CA VAL Q 199 -50.58 -33.32 34.36
C VAL Q 199 -50.97 -32.08 35.17
N PHE Q 200 -51.54 -31.09 34.46
CA PHE Q 200 -52.15 -29.91 35.05
C PHE Q 200 -53.49 -29.65 34.37
N THR Q 201 -54.33 -28.79 34.98
CA THR Q 201 -55.64 -28.50 34.42
C THR Q 201 -55.86 -27.00 34.24
N PHE Q 202 -56.76 -26.67 33.30
CA PHE Q 202 -57.21 -25.30 33.08
C PHE Q 202 -58.66 -25.30 32.65
N ASN Q 203 -59.35 -24.16 32.84
CA ASN Q 203 -60.78 -24.04 32.58
C ASN Q 203 -61.07 -22.91 31.60
N ILE Q 204 -61.94 -23.18 30.60
CA ILE Q 204 -62.46 -22.17 29.71
C ILE Q 204 -63.99 -22.11 29.85
N SER Q 205 -64.58 -20.96 29.50
CA SER Q 205 -66.04 -20.82 29.49
C SER Q 205 -66.59 -20.95 28.07
N VAL Q 206 -67.48 -21.93 27.86
CA VAL Q 206 -68.13 -22.17 26.58
C VAL Q 206 -69.62 -22.22 26.83
N ASN Q 207 -70.39 -21.39 26.11
CA ASN Q 207 -71.82 -21.35 26.35
C ASN Q 207 -72.05 -21.15 27.86
N GLY Q 208 -71.35 -20.15 28.42
CA GLY Q 208 -71.44 -19.76 29.82
C GLY Q 208 -71.14 -20.87 30.83
N THR Q 209 -70.68 -22.04 30.35
CA THR Q 209 -70.42 -23.23 31.15
C THR Q 209 -68.92 -23.42 31.30
N GLU Q 210 -68.45 -23.73 32.53
CA GLU Q 210 -67.06 -24.07 32.78
C GLU Q 210 -66.71 -25.45 32.21
N VAL Q 211 -65.72 -25.48 31.32
CA VAL Q 211 -65.17 -26.72 30.77
C VAL Q 211 -63.75 -26.86 31.32
N GLU Q 212 -63.46 -28.00 31.97
CA GLU Q 212 -62.13 -28.28 32.47
C GLU Q 212 -61.37 -29.18 31.50
N TYR Q 213 -60.14 -28.78 31.18
CA TYR Q 213 -59.22 -29.54 30.36
C TYR Q 213 -58.02 -29.99 31.19
N TYR Q 214 -57.58 -31.22 30.91
CA TYR Q 214 -56.42 -31.86 31.52
C TYR Q 214 -55.32 -31.92 30.45
N ALA Q 215 -54.17 -31.31 30.75
CA ALA Q 215 -53.04 -31.25 29.83
C ALA Q 215 -51.95 -32.20 30.32
N TYR Q 216 -51.62 -33.20 29.51
CA TYR Q 216 -50.60 -34.20 29.80
C TYR Q 216 -49.33 -33.82 29.06
N VAL Q 217 -48.22 -33.65 29.80
CA VAL Q 217 -46.96 -33.22 29.21
C VAL Q 217 -45.93 -34.33 29.36
N ASN Q 218 -45.20 -34.65 28.28
CA ASN Q 218 -44.21 -35.71 28.26
C ASN Q 218 -42.88 -35.26 28.85
N LYS Q 219 -42.30 -34.23 28.24
CA LYS Q 219 -40.98 -33.74 28.60
C LYS Q 219 -41.07 -32.23 28.72
N THR Q 220 -40.15 -31.63 29.48
CA THR Q 220 -40.08 -30.18 29.59
C THR Q 220 -39.82 -29.59 28.21
N PHE Q 221 -40.70 -28.67 27.79
CA PHE Q 221 -40.54 -27.98 26.51
C PHE Q 221 -41.08 -26.56 26.58
N ALA Q 222 -40.66 -25.73 25.62
CA ALA Q 222 -41.12 -24.36 25.49
C ALA Q 222 -41.76 -24.13 24.12
N PHE Q 223 -42.75 -23.24 24.08
CA PHE Q 223 -43.32 -22.77 22.84
C PHE Q 223 -43.60 -21.27 22.91
N THR Q 224 -43.72 -20.64 21.73
CA THR Q 224 -43.99 -19.21 21.64
C THR Q 224 -45.29 -18.96 20.87
N TYR Q 225 -45.96 -17.84 21.21
CA TYR Q 225 -47.19 -17.45 20.53
C TYR Q 225 -47.34 -15.94 20.48
N PRO Q 226 -48.06 -15.37 19.49
CA PRO Q 226 -48.22 -13.91 19.41
C PRO Q 226 -49.25 -13.38 20.41
N VAL Q 227 -48.94 -12.20 20.98
CA VAL Q 227 -49.77 -11.54 21.99
C VAL Q 227 -50.30 -10.21 21.49
N SER Q 228 -49.47 -9.40 20.80
CA SER Q 228 -49.92 -8.22 20.08
C SER Q 228 -48.90 -7.76 19.04
N GLY Q 229 -49.32 -6.89 18.11
CA GLY Q 229 -48.42 -6.24 17.18
C GLY Q 229 -47.73 -7.20 16.20
N PHE Q 230 -48.39 -8.33 15.92
CA PHE Q 230 -47.86 -9.37 15.06
C PHE Q 230 -48.69 -9.53 13.79
N PRO Q 231 -48.36 -8.82 12.68
CA PRO Q 231 -49.03 -9.02 11.39
C PRO Q 231 -48.39 -10.11 10.51
N LEU Q 232 -47.25 -10.67 10.92
CA LEU Q 232 -46.47 -11.56 10.09
C LEU Q 232 -46.82 -13.03 10.29
N ALA Q 233 -48.13 -13.35 10.43
CA ALA Q 233 -48.58 -14.72 10.63
C ALA Q 233 -48.07 -15.65 9.52
N GLY Q 234 -47.45 -16.76 9.91
CA GLY Q 234 -46.81 -17.69 9.00
C GLY Q 234 -45.26 -17.70 9.05
N SER Q 235 -44.62 -16.74 9.75
CA SER Q 235 -43.22 -16.40 9.48
C SER Q 235 -42.20 -16.81 10.55
N ASP Q 236 -42.61 -16.97 11.83
CA ASP Q 236 -41.70 -17.09 12.98
C ASP Q 236 -40.86 -15.83 13.25
N ILE Q 237 -41.15 -14.68 12.62
CA ILE Q 237 -40.37 -13.47 12.86
C ILE Q 237 -41.16 -12.52 13.76
N ALA Q 238 -40.57 -12.11 14.89
CA ALA Q 238 -41.16 -11.08 15.73
C ALA Q 238 -40.74 -9.70 15.22
N PRO Q 239 -41.63 -8.88 14.61
CA PRO Q 239 -41.23 -7.55 14.15
C PRO Q 239 -41.07 -6.59 15.31
N ALA Q 240 -40.35 -5.48 15.08
CA ALA Q 240 -40.22 -4.44 16.08
C ALA Q 240 -41.59 -3.88 16.47
N GLY Q 241 -41.86 -3.81 17.77
CA GLY Q 241 -43.16 -3.39 18.28
C GLY Q 241 -44.21 -4.50 18.35
N SER Q 242 -43.79 -5.77 18.28
CA SER Q 242 -44.62 -6.93 18.58
C SER Q 242 -44.41 -7.38 20.04
N VAL Q 243 -45.33 -8.22 20.55
CA VAL Q 243 -45.25 -8.80 21.87
C VAL Q 243 -45.50 -10.31 21.74
N ILE Q 244 -44.57 -11.12 22.26
CA ILE Q 244 -44.57 -12.57 22.07
C ILE Q 244 -44.67 -13.26 23.43
N GLY Q 245 -45.64 -14.15 23.60
CA GLY Q 245 -45.73 -14.96 24.80
C GLY Q 245 -44.78 -16.15 24.70
N VAL Q 246 -44.04 -16.43 25.79
CA VAL Q 246 -43.18 -17.60 25.90
C VAL Q 246 -43.73 -18.45 27.05
N MET Q 247 -44.02 -19.72 26.77
CA MET Q 247 -44.54 -20.61 27.81
C MET Q 247 -43.68 -21.86 27.89
N ILE Q 248 -43.25 -22.20 29.11
CA ILE Q 248 -42.47 -23.39 29.41
C ILE Q 248 -43.37 -24.34 30.19
N LEU Q 249 -43.58 -25.56 29.66
CA LEU Q 249 -44.32 -26.60 30.38
C LEU Q 249 -43.32 -27.62 30.92
N PHE Q 250 -43.46 -27.99 32.21
CA PHE Q 250 -42.54 -28.95 32.81
C PHE Q 250 -43.02 -30.37 32.62
N GLY Q 251 -42.09 -31.27 32.25
CA GLY Q 251 -42.36 -32.71 32.20
C GLY Q 251 -42.11 -33.38 33.54
N PRO Q 252 -42.28 -34.72 33.64
CA PRO Q 252 -42.19 -35.43 34.92
C PRO Q 252 -40.82 -35.37 35.58
N GLY Q 253 -39.74 -35.18 34.80
CA GLY Q 253 -38.39 -35.00 35.32
C GLY Q 253 -38.25 -33.73 36.17
N GLU Q 254 -38.50 -32.57 35.56
CA GLU Q 254 -38.30 -31.27 36.20
C GLU Q 254 -39.45 -30.91 37.15
N ALA Q 255 -40.63 -31.53 36.99
CA ALA Q 255 -41.81 -31.23 37.78
C ALA Q 255 -41.72 -31.70 39.23
N THR Q 256 -40.77 -32.60 39.55
CA THR Q 256 -40.83 -33.54 40.66
C THR Q 256 -41.00 -32.91 42.04
N ASN Q 257 -40.41 -31.72 42.27
CA ASN Q 257 -40.77 -30.87 43.40
C ASN Q 257 -40.56 -29.38 43.06
N VAL Q 258 -41.30 -28.53 43.78
CA VAL Q 258 -41.44 -27.10 43.50
C VAL Q 258 -40.12 -26.35 43.72
N PHE Q 259 -39.90 -25.25 42.98
CA PHE Q 259 -38.75 -24.38 43.21
C PHE Q 259 -38.95 -23.56 44.49
N GLN Q 260 -38.05 -23.74 45.47
CA GLN Q 260 -38.06 -22.96 46.71
C GLN Q 260 -36.63 -22.66 47.15
N TYR Q 261 -36.35 -21.41 47.52
CA TYR Q 261 -35.05 -20.99 48.02
C TYR Q 261 -33.96 -21.32 47.00
N GLU Q 262 -34.25 -21.05 45.72
CA GLU Q 262 -33.45 -21.49 44.58
C GLU Q 262 -33.40 -20.42 43.50
N THR Q 263 -32.30 -20.37 42.74
CA THR Q 263 -32.24 -19.52 41.56
C THR Q 263 -32.58 -20.35 40.33
N VAL Q 264 -33.49 -19.80 39.50
CA VAL Q 264 -33.81 -20.35 38.18
C VAL Q 264 -33.36 -19.36 37.11
N THR Q 265 -32.75 -19.89 36.03
CA THR Q 265 -32.28 -19.08 34.90
C THR Q 265 -32.84 -19.63 33.59
N ILE Q 266 -33.34 -18.72 32.74
CA ILE Q 266 -33.80 -19.02 31.39
C ILE Q 266 -32.98 -18.15 30.44
N GLN Q 267 -32.56 -18.70 29.30
CA GLN Q 267 -31.91 -17.88 28.29
C GLN Q 267 -32.51 -18.17 26.91
N ILE Q 268 -32.84 -17.11 26.17
CA ILE Q 268 -33.30 -17.23 24.79
C ILE Q 268 -32.17 -16.74 23.89
N THR Q 269 -31.74 -17.58 22.94
CA THR Q 269 -30.63 -17.26 22.05
C THR Q 269 -31.07 -17.40 20.60
N PRO Q 270 -31.50 -16.31 19.92
CA PRO Q 270 -31.78 -16.35 18.48
C PRO Q 270 -30.49 -16.41 17.66
N ASN Q 271 -30.63 -16.68 16.36
CA ASN Q 271 -29.50 -16.94 15.46
C ASN Q 271 -28.68 -15.68 15.13
N ILE Q 272 -29.26 -14.49 15.35
CA ILE Q 272 -28.61 -13.20 15.15
C ILE Q 272 -28.90 -12.36 16.39
N GLY Q 273 -27.91 -11.58 16.85
CA GLY Q 273 -28.10 -10.66 17.96
C GLY Q 273 -27.81 -11.28 19.32
N SER Q 274 -27.89 -10.44 20.36
CA SER Q 274 -27.54 -10.85 21.72
C SER Q 274 -28.67 -11.66 22.36
N PRO Q 275 -28.35 -12.68 23.19
CA PRO Q 275 -29.38 -13.45 23.88
C PRO Q 275 -29.98 -12.69 25.07
N LEU Q 276 -31.20 -13.07 25.43
CA LEU Q 276 -31.88 -12.54 26.61
C LEU Q 276 -31.72 -13.53 27.75
N THR Q 277 -31.12 -13.08 28.87
CA THR Q 277 -30.92 -13.90 30.05
C THR Q 277 -31.83 -13.43 31.18
N ILE Q 278 -32.63 -14.37 31.71
CA ILE Q 278 -33.64 -14.13 32.74
C ILE Q 278 -33.24 -14.94 33.98
N SER Q 279 -33.14 -14.29 35.15
CA SER Q 279 -32.79 -14.96 36.41
C SER Q 279 -33.68 -14.49 37.57
N GLN Q 280 -34.21 -15.45 38.35
CA GLN Q 280 -35.02 -15.16 39.53
C GLN Q 280 -34.58 -16.05 40.71
N TYR Q 281 -34.42 -15.44 41.89
CA TYR Q 281 -34.44 -16.21 43.12
C TYR Q 281 -35.88 -16.43 43.54
N ILE Q 282 -36.31 -17.69 43.59
CA ILE Q 282 -37.69 -18.05 43.84
C ILE Q 282 -37.86 -18.38 45.33
N TYR Q 283 -38.58 -17.50 46.04
CA TYR Q 283 -39.18 -17.85 47.32
C TYR Q 283 -40.37 -18.79 47.10
N GLN Q 284 -40.89 -19.34 48.20
CA GLN Q 284 -42.07 -20.20 48.19
C GLN Q 284 -43.21 -19.61 47.34
N PRO Q 285 -43.92 -20.44 46.52
CA PRO Q 285 -45.06 -19.97 45.73
C PRO Q 285 -46.30 -19.77 46.60
N ASP Q 286 -47.04 -18.69 46.32
CA ASP Q 286 -48.04 -18.15 47.24
C ASP Q 286 -49.49 -18.33 46.76
N GLY Q 287 -49.69 -18.85 45.53
CA GLY Q 287 -51.00 -19.10 44.93
C GLY Q 287 -50.93 -20.06 43.74
N LYS Q 288 -52.08 -20.35 43.12
CA LYS Q 288 -52.19 -21.21 41.95
C LYS Q 288 -51.23 -20.76 40.85
N VAL Q 289 -51.16 -19.44 40.65
CA VAL Q 289 -50.09 -18.78 39.90
C VAL Q 289 -49.38 -17.84 40.88
N THR Q 290 -48.05 -17.74 40.75
CA THR Q 290 -47.26 -16.84 41.57
C THR Q 290 -46.38 -15.97 40.66
N VAL Q 291 -46.17 -14.70 41.06
CA VAL Q 291 -45.36 -13.78 40.29
C VAL Q 291 -43.92 -13.86 40.81
N ILE Q 292 -42.99 -14.34 39.97
CA ILE Q 292 -41.63 -14.60 40.43
C ILE Q 292 -40.62 -13.56 39.94
N GLY Q 293 -40.97 -12.77 38.91
CA GLY Q 293 -40.03 -11.83 38.30
C GLY Q 293 -40.72 -10.70 37.55
N LEU R 1 19.61 -11.73 -26.94
CA LEU R 1 20.22 -10.58 -26.20
C LEU R 1 19.39 -10.21 -24.97
N ALA R 2 18.16 -9.71 -25.15
CA ALA R 2 17.34 -9.19 -24.07
C ALA R 2 16.79 -10.29 -23.16
N GLY R 3 16.84 -11.55 -23.60
CA GLY R 3 16.30 -12.68 -22.83
C GLY R 3 17.18 -13.08 -21.64
N LEU R 4 18.15 -12.24 -21.26
CA LEU R 4 19.10 -12.53 -20.20
C LEU R 4 19.22 -11.40 -19.19
N ASP R 5 19.50 -10.17 -19.67
CA ASP R 5 19.65 -9.00 -18.79
C ASP R 5 18.36 -8.74 -18.00
N THR R 6 17.21 -8.88 -18.65
CA THR R 6 15.89 -8.79 -18.03
C THR R 6 15.69 -9.85 -16.95
N ALA R 7 16.15 -11.08 -17.18
CA ALA R 7 16.01 -12.19 -16.24
C ALA R 7 16.78 -11.94 -14.94
N ILE R 8 17.98 -11.36 -15.06
CA ILE R 8 18.82 -10.99 -13.92
C ILE R 8 18.12 -9.94 -13.05
N ILE R 9 17.56 -8.90 -13.68
CA ILE R 9 16.87 -7.83 -12.95
C ILE R 9 15.63 -8.39 -12.25
N LEU R 10 14.89 -9.29 -12.92
CA LEU R 10 13.76 -9.98 -12.33
C LEU R 10 14.19 -10.73 -11.06
N ILE R 11 15.26 -11.55 -11.13
CA ILE R 11 15.80 -12.25 -9.97
C ILE R 11 16.04 -11.28 -8.80
N ALA R 12 16.74 -10.17 -9.07
CA ALA R 12 17.08 -9.17 -8.07
C ALA R 12 15.85 -8.50 -7.45
N PHE R 13 14.86 -8.15 -8.28
CA PHE R 13 13.64 -7.49 -7.82
C PHE R 13 12.78 -8.44 -6.98
N ILE R 14 12.74 -9.74 -7.33
CA ILE R 14 12.06 -10.76 -6.54
C ILE R 14 12.69 -10.82 -5.14
N ILE R 15 14.02 -10.97 -5.07
CA ILE R 15 14.76 -11.03 -3.82
C ILE R 15 14.50 -9.77 -2.97
N THR R 16 14.50 -8.59 -3.62
CA THR R 16 14.23 -7.31 -2.96
C THR R 16 12.84 -7.30 -2.32
N ALA R 17 11.81 -7.76 -3.04
CA ALA R 17 10.45 -7.86 -2.53
C ALA R 17 10.34 -8.90 -1.41
N ALA R 18 11.00 -10.05 -1.56
CA ALA R 18 11.03 -11.12 -0.56
C ALA R 18 11.64 -10.63 0.76
N VAL R 19 12.68 -9.80 0.69
CA VAL R 19 13.32 -9.16 1.84
C VAL R 19 12.33 -8.24 2.57
N LEU R 20 11.57 -7.39 1.84
CA LEU R 20 10.55 -6.58 2.48
C LEU R 20 9.46 -7.45 3.11
N ALA R 21 9.01 -8.49 2.40
CA ALA R 21 8.03 -9.45 2.89
C ALA R 21 8.47 -10.06 4.23
N TYR R 22 9.70 -10.56 4.28
CA TYR R 22 10.34 -11.15 5.45
C TYR R 22 10.29 -10.20 6.66
N VAL R 23 10.72 -8.95 6.45
CA VAL R 23 10.76 -7.93 7.50
C VAL R 23 9.35 -7.54 7.96
N ALA R 24 8.45 -7.26 7.01
CA ALA R 24 7.10 -6.80 7.31
C ALA R 24 6.31 -7.83 8.14
N VAL R 25 6.40 -9.12 7.78
CA VAL R 25 5.69 -10.18 8.50
C VAL R 25 6.24 -10.34 9.92
N ASN R 26 7.57 -10.42 10.05
CA ASN R 26 8.26 -10.51 11.34
C ASN R 26 7.84 -9.35 12.26
N MET R 27 7.89 -8.13 11.72
CA MET R 27 7.60 -6.96 12.53
C MET R 27 6.11 -6.82 12.87
N GLY R 28 5.21 -7.28 11.98
CA GLY R 28 3.79 -7.41 12.26
C GLY R 28 3.52 -8.39 13.41
N LEU R 29 4.15 -9.58 13.37
CA LEU R 29 4.06 -10.55 14.45
C LEU R 29 4.54 -9.94 15.77
N PHE R 30 5.67 -9.22 15.75
CA PHE R 30 6.21 -8.55 16.92
C PHE R 30 5.22 -7.53 17.49
N VAL R 31 4.82 -6.53 16.68
CA VAL R 31 4.00 -5.41 17.14
C VAL R 31 2.62 -5.88 17.64
N THR R 32 2.00 -6.84 16.93
CA THR R 32 0.70 -7.34 17.34
C THR R 32 0.77 -8.05 18.70
N GLN R 33 1.89 -8.71 19.01
CA GLN R 33 2.09 -9.29 20.33
C GLN R 33 2.29 -8.22 21.42
N LYS R 34 3.01 -7.14 21.11
CA LYS R 34 3.11 -5.98 21.99
C LYS R 34 1.72 -5.40 22.30
N ALA R 35 0.87 -5.31 21.26
CA ALA R 35 -0.52 -4.89 21.41
C ALA R 35 -1.30 -5.85 22.32
N LYS R 36 -1.20 -7.17 22.12
CA LYS R 36 -1.83 -8.17 22.98
C LYS R 36 -1.46 -7.96 24.45
N THR R 37 -0.14 -7.85 24.71
CA THR R 37 0.41 -7.63 26.04
C THR R 37 -0.16 -6.36 26.67
N THR R 38 -0.19 -5.25 25.89
CA THR R 38 -0.71 -3.97 26.31
C THR R 38 -2.18 -4.06 26.70
N ILE R 39 -3.00 -4.73 25.88
CA ILE R 39 -4.43 -4.89 26.14
C ILE R 39 -4.64 -5.62 27.47
N ASN R 40 -3.86 -6.68 27.73
CA ASN R 40 -3.89 -7.41 28.99
C ASN R 40 -3.53 -6.49 30.17
N LYS R 41 -2.44 -5.73 30.06
CA LYS R 41 -2.00 -4.80 31.10
C LYS R 41 -3.02 -3.69 31.36
N GLY R 42 -3.72 -3.22 30.31
CA GLY R 42 -4.80 -2.25 30.44
C GLY R 42 -5.97 -2.78 31.26
N GLU R 43 -6.37 -4.04 31.00
CA GLU R 43 -7.45 -4.70 31.73
C GLU R 43 -7.04 -4.95 33.20
N GLU R 44 -5.81 -5.42 33.42
CA GLU R 44 -5.26 -5.57 34.77
C GLU R 44 -5.28 -4.24 35.52
N THR R 45 -4.89 -3.14 34.86
CA THR R 45 -4.85 -1.80 35.45
C THR R 45 -6.25 -1.31 35.83
N ALA R 46 -7.25 -1.56 34.98
CA ALA R 46 -8.62 -1.14 35.24
C ALA R 46 -9.30 -1.96 36.33
N SER R 47 -8.95 -3.26 36.42
CA SER R 47 -9.58 -4.19 37.36
C SER R 47 -8.97 -4.12 38.76
N THR R 48 -7.63 -4.11 38.87
CA THR R 48 -6.95 -4.22 40.17
C THR R 48 -7.08 -2.96 41.01
N ALA R 49 -7.59 -3.11 42.25
CA ALA R 49 -7.73 -2.02 43.20
C ALA R 49 -7.92 -2.57 44.62
N LEU R 50 -7.59 -1.75 45.64
CA LEU R 50 -7.85 -2.05 47.04
C LEU R 50 -8.96 -1.16 47.57
N SER R 51 -9.86 -1.75 48.39
CA SER R 51 -10.84 -1.02 49.18
C SER R 51 -10.43 -1.04 50.65
N LEU R 52 -10.64 0.10 51.33
CA LEU R 52 -10.66 0.10 52.79
C LEU R 52 -11.87 -0.70 53.27
N SER R 53 -11.62 -1.78 54.03
CA SER R 53 -12.66 -2.74 54.38
C SER R 53 -12.79 -2.97 55.90
N GLY R 54 -12.46 -1.93 56.67
CA GLY R 54 -12.70 -1.85 58.10
C GLY R 54 -12.57 -0.41 58.57
N ASN R 55 -12.81 -0.17 59.86
CA ASN R 55 -12.55 1.14 60.43
C ASN R 55 -11.04 1.36 60.59
N VAL R 56 -10.62 2.63 60.65
CA VAL R 56 -9.24 3.01 60.93
C VAL R 56 -9.11 3.29 62.42
N LEU R 57 -8.20 2.56 63.08
CA LEU R 57 -7.95 2.64 64.51
C LEU R 57 -6.64 3.38 64.77
N TYR R 58 -6.62 4.20 65.82
CA TYR R 58 -5.47 5.03 66.18
C TYR R 58 -5.18 4.87 67.67
N ALA R 59 -3.91 4.76 68.05
CA ALA R 59 -3.51 4.50 69.44
C ALA R 59 -2.51 5.54 69.95
N VAL R 60 -2.70 5.99 71.20
CA VAL R 60 -1.94 7.07 71.82
C VAL R 60 -1.73 6.76 73.32
N ASN R 61 -0.84 7.51 73.98
CA ASN R 61 -0.58 7.39 75.41
C ASN R 61 -1.68 8.01 76.26
N TYR R 62 -2.93 7.57 76.01
CA TYR R 62 -4.12 8.05 76.69
C TYR R 62 -4.05 7.76 78.19
N PRO R 63 -4.57 8.65 79.08
CA PRO R 63 -5.20 9.92 78.73
C PRO R 63 -4.26 11.11 78.48
N THR R 64 -2.96 10.92 78.73
CA THR R 64 -1.98 12.02 78.74
C THR R 64 -1.81 12.67 77.37
N ASN R 65 -2.00 11.91 76.28
CA ASN R 65 -2.07 12.38 74.90
C ASN R 65 -0.83 13.18 74.44
N THR R 66 0.34 12.92 75.03
CA THR R 66 1.58 13.57 74.60
C THR R 66 2.28 12.80 73.49
N LYS R 67 1.89 11.54 73.21
CA LYS R 67 2.66 10.68 72.32
C LYS R 67 1.77 9.70 71.53
N SER R 68 2.21 9.38 70.30
CA SER R 68 1.46 8.62 69.31
C SER R 68 2.12 7.25 69.07
N TYR R 69 1.32 6.17 69.03
CA TYR R 69 1.86 4.81 69.04
C TYR R 69 1.73 4.10 67.69
N TRP R 70 0.48 3.89 67.23
CA TRP R 70 0.24 3.17 65.99
C TRP R 70 -1.12 3.50 65.37
N MET R 71 -1.26 3.17 64.08
CA MET R 71 -2.53 3.13 63.39
C MET R 71 -2.72 1.75 62.78
N TYR R 72 -3.97 1.26 62.79
CA TYR R 72 -4.32 -0.02 62.20
C TYR R 72 -5.54 0.17 61.29
N PHE R 73 -5.55 -0.48 60.13
CA PHE R 73 -6.73 -0.56 59.27
C PHE R 73 -6.67 -1.84 58.44
N THR R 74 -7.76 -2.13 57.73
CA THR R 74 -7.89 -3.39 57.02
C THR R 74 -8.24 -3.10 55.56
N VAL R 75 -7.65 -3.86 54.61
CA VAL R 75 -7.90 -3.67 53.18
C VAL R 75 -8.23 -5.00 52.50
N SER R 76 -8.93 -4.93 51.37
CA SER R 76 -9.24 -6.11 50.55
C SER R 76 -9.37 -5.68 49.09
N PRO R 77 -9.05 -6.54 48.09
CA PRO R 77 -9.31 -6.22 46.69
C PRO R 77 -10.76 -5.85 46.41
N SER R 78 -10.96 -4.78 45.63
CA SER R 78 -12.26 -4.15 45.38
C SER R 78 -13.19 -5.08 44.60
N SER R 79 -14.41 -5.26 45.11
CA SER R 79 -15.51 -5.93 44.42
C SER R 79 -15.18 -7.37 44.01
N GLY R 80 -14.10 -7.95 44.58
CA GLY R 80 -13.69 -9.32 44.34
C GLY R 80 -13.25 -9.63 42.90
N VAL R 81 -12.75 -8.62 42.17
CA VAL R 81 -12.56 -8.78 40.73
C VAL R 81 -11.23 -9.46 40.37
N SER R 82 -10.13 -9.11 41.06
CA SER R 82 -8.79 -9.64 40.78
C SER R 82 -7.84 -9.46 41.98
N SER R 83 -6.71 -10.17 41.96
CA SER R 83 -5.71 -10.17 43.03
C SER R 83 -4.81 -8.93 43.00
N VAL R 84 -4.17 -8.60 44.15
CA VAL R 84 -3.26 -7.47 44.26
C VAL R 84 -1.91 -7.93 44.82
N ASP R 85 -0.81 -7.58 44.14
CA ASP R 85 0.55 -7.80 44.63
C ASP R 85 0.85 -6.79 45.74
N LEU R 86 1.19 -7.28 46.95
CA LEU R 86 1.50 -6.41 48.09
C LEU R 86 2.95 -6.59 48.55
N SER R 87 3.86 -7.05 47.69
CA SER R 87 5.24 -7.22 48.14
C SER R 87 5.87 -5.86 48.49
N PRO R 88 6.54 -5.72 49.66
CA PRO R 88 7.08 -4.42 50.08
C PRO R 88 8.26 -3.90 49.27
N SER R 89 8.87 -4.73 48.41
CA SER R 89 9.89 -4.23 47.49
C SER R 89 9.27 -3.45 46.31
N THR R 90 8.02 -3.76 45.95
CA THR R 90 7.35 -3.18 44.79
C THR R 90 6.33 -2.12 45.20
N THR R 91 5.56 -2.39 46.26
CA THR R 91 4.50 -1.52 46.76
C THR R 91 5.08 -0.38 47.60
N ALA R 92 4.46 0.82 47.55
CA ALA R 92 4.77 1.88 48.51
C ALA R 92 3.56 2.16 49.40
N ILE R 93 3.81 2.51 50.67
CA ILE R 93 2.79 3.13 51.51
C ILE R 93 3.34 4.48 51.94
N SER R 94 2.66 5.57 51.56
CA SER R 94 3.05 6.91 51.97
C SER R 94 2.19 7.38 53.14
N PHE R 95 2.73 8.30 53.95
CA PHE R 95 2.02 8.86 55.08
C PHE R 95 2.28 10.37 55.14
N THR R 96 1.22 11.19 55.16
CA THR R 96 1.38 12.63 55.26
C THR R 96 0.43 13.23 56.31
N ALA R 97 0.95 14.21 57.05
CA ALA R 97 0.15 15.05 57.94
C ALA R 97 0.49 16.50 57.59
N ALA R 98 -0.24 17.02 56.60
CA ALA R 98 0.10 18.24 55.87
C ALA R 98 0.25 19.44 56.80
N SER R 99 -0.66 19.57 57.78
CA SER R 99 -0.72 20.68 58.73
C SER R 99 0.60 20.89 59.47
N ARG R 100 1.29 19.78 59.82
CA ARG R 100 2.56 19.82 60.55
C ARG R 100 3.77 19.55 59.64
N GLY R 101 3.56 19.44 58.33
CA GLY R 101 4.65 19.31 57.37
C GLY R 101 5.32 17.94 57.36
N VAL R 102 4.70 16.93 57.98
CA VAL R 102 5.19 15.56 57.90
C VAL R 102 4.78 14.95 56.57
N SER R 103 5.77 14.43 55.83
CA SER R 103 5.52 13.79 54.55
C SER R 103 6.53 12.67 54.33
N LEU R 104 6.05 11.42 54.39
CA LEU R 104 6.89 10.24 54.20
C LEU R 104 6.45 9.58 52.90
N SER R 105 7.40 9.41 51.97
CA SER R 105 7.08 8.90 50.64
C SER R 105 6.89 7.39 50.63
N ASN R 106 7.64 6.65 51.47
CA ASN R 106 7.45 5.20 51.56
C ASN R 106 7.89 4.65 52.92
N ILE R 107 6.93 4.10 53.68
CA ILE R 107 7.17 3.54 55.01
C ILE R 107 6.98 2.00 55.02
N TYR R 108 6.57 1.40 53.90
CA TYR R 108 6.27 -0.03 53.87
C TYR R 108 7.57 -0.84 53.83
N GLN R 109 7.72 -1.82 54.73
CA GLN R 109 8.99 -2.52 54.88
C GLN R 109 8.82 -4.06 54.91
N PHE R 110 7.77 -4.56 55.57
CA PHE R 110 7.67 -5.98 55.88
C PHE R 110 6.26 -6.52 55.64
N SER R 111 6.15 -7.81 55.33
CA SER R 111 4.87 -8.47 55.25
C SER R 111 4.93 -9.87 55.83
N LEU R 112 3.91 -10.22 56.63
CA LEU R 112 3.75 -11.59 57.12
C LEU R 112 3.05 -12.48 56.09
N LEU R 113 2.58 -11.93 54.96
CA LEU R 113 2.05 -12.74 53.87
C LEU R 113 3.11 -13.70 53.31
N SER R 114 4.39 -13.32 53.43
CA SER R 114 5.57 -14.09 53.04
C SER R 114 5.81 -15.31 53.93
N VAL R 115 5.18 -15.38 55.11
CA VAL R 115 5.63 -16.24 56.21
C VAL R 115 4.69 -17.43 56.39
N LEU R 116 5.26 -18.65 56.41
CA LEU R 116 4.49 -19.86 56.69
C LEU R 116 4.33 -20.03 58.21
N PRO R 117 3.18 -20.57 58.70
CA PRO R 117 2.96 -20.76 60.14
C PRO R 117 4.08 -21.46 60.90
N SER R 118 4.73 -22.46 60.28
CA SER R 118 5.82 -23.22 60.87
C SER R 118 7.05 -22.37 61.19
N GLN R 119 7.14 -21.16 60.61
CA GLN R 119 8.26 -20.25 60.84
C GLN R 119 8.07 -19.41 62.11
N VAL R 120 6.85 -19.37 62.67
CA VAL R 120 6.52 -18.49 63.79
C VAL R 120 5.91 -19.24 64.98
N ASN R 121 5.07 -20.25 64.71
CA ASN R 121 4.44 -21.04 65.77
C ASN R 121 5.49 -21.85 66.53
N ASN R 122 5.34 -21.92 67.86
CA ASN R 122 6.21 -22.64 68.78
C ASN R 122 7.65 -22.09 68.82
N LYS R 123 7.85 -20.83 68.38
CA LYS R 123 9.20 -20.26 68.26
C LYS R 123 9.44 -19.04 69.15
N VAL R 124 8.38 -18.48 69.73
CA VAL R 124 8.50 -17.55 70.85
C VAL R 124 7.80 -18.16 72.07
N GLN R 125 8.37 -17.92 73.26
CA GLN R 125 7.96 -18.64 74.46
C GLN R 125 7.98 -17.74 75.68
N VAL R 126 7.12 -18.08 76.65
CA VAL R 126 6.90 -17.30 77.86
C VAL R 126 7.33 -18.15 79.06
N LYS R 127 8.06 -17.52 80.00
CA LYS R 127 8.46 -18.16 81.25
C LYS R 127 7.56 -17.68 82.38
N LEU R 128 6.87 -18.63 83.03
CA LEU R 128 6.02 -18.36 84.19
C LEU R 128 6.51 -19.21 85.37
N GLY R 129 7.36 -18.60 86.21
CA GLY R 129 8.14 -19.36 87.19
C GLY R 129 9.06 -20.36 86.49
N THR R 130 9.00 -21.62 86.93
CA THR R 130 9.76 -22.73 86.35
C THR R 130 9.22 -23.11 84.96
N SER R 131 7.90 -22.98 84.77
CA SER R 131 7.21 -23.44 83.57
C SER R 131 7.49 -22.55 82.35
N ILE R 132 7.55 -23.18 81.16
CA ILE R 132 7.78 -22.47 79.91
C ILE R 132 6.74 -22.89 78.86
N ILE R 133 6.10 -21.90 78.22
CA ILE R 133 4.98 -22.13 77.31
C ILE R 133 5.31 -21.59 75.92
N ASN R 134 5.17 -22.43 74.90
CA ASN R 134 5.34 -22.01 73.52
C ASN R 134 4.05 -21.39 73.02
N LEU R 135 4.16 -20.27 72.28
CA LEU R 135 3.00 -19.57 71.74
C LEU R 135 2.65 -20.02 70.32
N THR R 136 1.34 -20.04 70.02
CA THR R 136 0.80 -20.15 68.68
C THR R 136 0.31 -18.76 68.25
N LEU R 137 0.77 -18.27 67.10
CA LEU R 137 0.52 -16.89 66.67
C LEU R 137 -0.22 -16.86 65.35
N ALA R 138 0.22 -17.67 64.38
CA ALA R 138 -0.48 -17.85 63.11
C ALA R 138 -1.52 -18.97 63.26
N PHE R 139 -2.80 -18.61 63.15
CA PHE R 139 -3.87 -19.60 63.15
C PHE R 139 -4.11 -20.09 61.72
N SER R 140 -4.72 -21.28 61.58
CA SER R 140 -4.93 -21.89 60.28
C SER R 140 -6.18 -22.77 60.26
N SER R 141 -6.81 -22.87 59.07
CA SER R 141 -7.95 -23.75 58.82
C SER R 141 -7.91 -24.28 57.39
N ASN R 142 -8.59 -25.40 57.13
CA ASN R 142 -8.57 -26.07 55.84
C ASN R 142 -9.93 -25.98 55.15
N SER R 143 -9.94 -25.54 53.88
CA SER R 143 -11.08 -25.67 52.99
C SER R 143 -10.61 -26.11 51.61
N ALA R 144 -11.27 -27.12 51.02
CA ALA R 144 -10.99 -27.62 49.66
C ALA R 144 -9.50 -27.89 49.42
N GLY R 145 -8.81 -28.43 50.43
CA GLY R 145 -7.42 -28.86 50.30
C GLY R 145 -6.40 -27.72 50.38
N GLN R 146 -6.87 -26.48 50.61
CA GLN R 146 -6.00 -25.33 50.84
C GLN R 146 -5.95 -25.01 52.34
N THR R 147 -4.76 -24.63 52.84
CA THR R 147 -4.62 -24.12 54.19
C THR R 147 -4.67 -22.60 54.18
N TYR R 148 -5.71 -22.04 54.81
CA TYR R 148 -5.84 -20.60 55.04
C TYR R 148 -5.03 -20.22 56.28
N VAL R 149 -4.42 -19.02 56.29
CA VAL R 149 -3.56 -18.57 57.37
C VAL R 149 -3.95 -17.15 57.76
N TYR R 150 -3.95 -16.85 59.07
CA TYR R 150 -4.26 -15.52 59.56
C TYR R 150 -3.74 -15.30 60.98
N TYR R 151 -3.71 -14.02 61.40
CA TYR R 151 -3.43 -13.62 62.77
C TYR R 151 -4.71 -13.05 63.38
N SER R 152 -5.06 -13.53 64.58
CA SER R 152 -6.33 -13.19 65.19
C SER R 152 -6.39 -11.72 65.63
N ASP R 153 -5.22 -11.14 65.96
CA ASP R 153 -5.15 -9.75 66.41
C ASP R 153 -3.80 -9.10 66.04
N PRO R 154 -3.67 -7.75 66.13
CA PRO R 154 -2.39 -7.08 65.92
C PRO R 154 -1.29 -7.51 66.89
N ASN R 155 -1.63 -7.94 68.11
CA ASN R 155 -0.64 -8.32 69.11
C ASN R 155 0.15 -9.57 68.69
N TYR R 156 -0.56 -10.62 68.25
CA TYR R 156 0.10 -11.81 67.72
C TYR R 156 0.85 -11.53 66.42
N ALA R 157 0.34 -10.61 65.60
CA ALA R 157 1.06 -10.18 64.40
C ALA R 157 2.37 -9.49 64.76
N LEU R 158 2.37 -8.60 65.77
CA LEU R 158 3.58 -7.92 66.24
C LEU R 158 4.62 -8.91 66.74
N LEU R 159 4.22 -9.89 67.57
CA LEU R 159 5.14 -10.89 68.09
C LEU R 159 5.74 -11.74 66.96
N ALA R 160 4.91 -12.14 65.99
CA ALA R 160 5.35 -12.89 64.81
C ALA R 160 6.34 -12.07 63.95
N LEU R 161 6.07 -10.77 63.79
CA LEU R 161 6.97 -9.89 63.07
C LEU R 161 8.29 -9.71 63.82
N ASN R 162 8.22 -9.43 65.13
CA ASN R 162 9.42 -9.29 65.94
C ASN R 162 10.35 -10.49 65.71
N TYR R 163 9.82 -11.71 65.87
CA TYR R 163 10.58 -12.94 65.69
C TYR R 163 11.19 -13.01 64.28
N THR R 164 10.35 -12.81 63.25
CA THR R 164 10.76 -12.85 61.85
C THR R 164 11.94 -11.92 61.58
N LEU R 165 11.84 -10.66 62.04
CA LEU R 165 12.89 -9.67 61.84
C LEU R 165 14.16 -10.03 62.63
N GLY R 166 14.02 -10.47 63.89
CA GLY R 166 15.15 -10.95 64.67
C GLY R 166 15.91 -12.08 63.97
N GLN R 167 15.15 -12.99 63.35
CA GLN R 167 15.69 -14.12 62.61
C GLN R 167 16.40 -13.68 61.32
N GLU R 168 15.83 -12.69 60.61
CA GLU R 168 16.45 -12.12 59.41
C GLU R 168 17.75 -11.38 59.72
N VAL R 169 17.82 -10.68 60.86
CA VAL R 169 19.05 -10.05 61.34
C VAL R 169 20.10 -11.12 61.66
N LYS R 170 19.71 -12.18 62.37
CA LYS R 170 20.58 -13.28 62.74
C LYS R 170 21.14 -14.00 61.50
N GLY R 171 20.31 -14.15 60.46
CA GLY R 171 20.71 -14.72 59.18
C GLY R 171 21.47 -13.76 58.26
N GLY R 172 21.69 -12.50 58.69
CA GLY R 172 22.44 -11.51 57.92
C GLY R 172 21.69 -10.92 56.72
N GLN R 173 20.40 -11.24 56.58
CA GLN R 173 19.56 -10.77 55.48
C GLN R 173 19.11 -9.33 55.68
N LEU R 174 19.13 -8.86 56.95
CA LEU R 174 18.69 -7.53 57.34
C LEU R 174 19.73 -6.93 58.29
N THR R 175 20.02 -5.62 58.17
CA THR R 175 21.11 -4.99 58.94
C THR R 175 20.74 -4.81 60.41
N SER R 176 19.53 -4.27 60.66
CA SER R 176 18.94 -4.07 61.98
C SER R 176 17.42 -4.19 61.90
N SER R 177 16.80 -4.69 62.97
CA SER R 177 15.35 -4.64 63.11
C SER R 177 14.93 -3.27 63.61
N PRO R 178 13.92 -2.58 63.00
CA PRO R 178 13.38 -1.35 63.56
C PRO R 178 12.44 -1.60 64.75
N LEU R 179 12.05 -2.87 64.97
CA LEU R 179 11.15 -3.26 66.04
C LEU R 179 11.88 -4.21 67.00
N TYR R 180 11.70 -3.98 68.31
CA TYR R 180 12.25 -4.86 69.33
C TYR R 180 11.27 -5.01 70.49
N ILE R 181 10.78 -6.24 70.72
CA ILE R 181 9.77 -6.51 71.73
C ILE R 181 10.35 -7.34 72.87
N ILE R 182 10.11 -6.90 74.12
CA ILE R 182 10.57 -7.58 75.33
C ILE R 182 9.47 -7.55 76.41
N SER R 183 9.50 -8.53 77.32
CA SER R 183 8.62 -8.56 78.49
C SER R 183 9.35 -8.01 79.72
N ASN R 184 10.67 -8.23 79.74
CA ASN R 184 11.55 -7.82 80.82
C ASN R 184 12.04 -6.41 80.55
N THR R 185 11.70 -5.46 81.43
CA THR R 185 12.18 -4.09 81.30
C THR R 185 13.60 -3.89 81.83
N SER R 186 14.10 -4.80 82.67
CA SER R 186 15.41 -4.70 83.29
C SER R 186 16.55 -4.62 82.26
N ILE R 187 16.34 -5.25 81.10
CA ILE R 187 17.30 -5.35 80.01
C ILE R 187 17.72 -3.97 79.48
N VAL R 188 16.78 -3.00 79.52
CA VAL R 188 16.88 -1.71 78.86
C VAL R 188 18.10 -0.91 79.33
N ALA R 189 18.46 -1.01 80.62
CA ALA R 189 19.62 -0.33 81.18
C ALA R 189 20.92 -0.66 80.45
N SER R 190 21.03 -1.89 79.93
CA SER R 190 22.21 -2.40 79.23
C SER R 190 22.20 -2.11 77.72
N LYS R 191 21.10 -1.53 77.21
CA LYS R 191 20.87 -1.30 75.79
C LYS R 191 20.42 0.16 75.57
N PRO R 192 21.33 1.15 75.72
CA PRO R 192 20.95 2.56 75.77
C PRO R 192 20.28 3.12 74.51
N TRP R 193 20.45 2.46 73.36
CA TRP R 193 19.74 2.84 72.14
C TRP R 193 18.22 2.70 72.28
N LEU R 194 17.75 1.82 73.17
CA LEU R 194 16.32 1.65 73.45
C LEU R 194 15.74 2.80 74.29
N LYS R 195 16.58 3.66 74.88
CA LYS R 195 16.12 4.71 75.80
C LYS R 195 15.35 5.81 75.07
N ASN R 196 15.71 6.06 73.80
CA ASN R 196 15.33 7.29 73.10
C ASN R 196 14.29 7.07 71.99
N ASP R 197 14.12 5.82 71.53
CA ASP R 197 13.13 5.52 70.51
C ASP R 197 11.72 5.33 71.10
N ASN R 198 10.70 5.20 70.24
CA ASN R 198 9.31 5.21 70.67
C ASN R 198 8.93 3.88 71.32
N VAL R 199 8.18 3.91 72.44
CA VAL R 199 7.78 2.69 73.14
C VAL R 199 6.29 2.70 73.47
N PHE R 200 5.63 1.56 73.19
CA PHE R 200 4.25 1.29 73.58
C PHE R 200 4.16 -0.12 74.15
N THR R 201 3.05 -0.43 74.84
CA THR R 201 2.88 -1.76 75.44
C THR R 201 1.59 -2.42 75.00
N PHE R 202 1.58 -3.75 75.07
CA PHE R 202 0.39 -4.56 74.84
C PHE R 202 0.43 -5.80 75.72
N ASN R 203 -0.76 -6.38 75.97
CA ASN R 203 -0.89 -7.52 76.88
C ASN R 203 -1.54 -8.71 76.18
N ILE R 204 -0.98 -9.91 76.40
CA ILE R 204 -1.58 -11.17 75.97
C ILE R 204 -1.83 -12.04 77.20
N SER R 205 -2.79 -12.98 77.08
CA SER R 205 -3.06 -13.95 78.14
C SER R 205 -2.40 -15.28 77.83
N VAL R 206 -1.52 -15.75 78.73
CA VAL R 206 -0.84 -17.03 78.60
C VAL R 206 -1.05 -17.79 79.90
N ASN R 207 -1.57 -19.01 79.82
CA ASN R 207 -1.87 -19.75 81.04
C ASN R 207 -2.69 -18.85 81.97
N GLY R 208 -3.76 -18.26 81.41
CA GLY R 208 -4.70 -17.40 82.12
C GLY R 208 -4.08 -16.18 82.81
N THR R 209 -2.77 -15.94 82.58
CA THR R 209 -2.01 -14.88 83.23
C THR R 209 -1.74 -13.76 82.21
N GLU R 210 -1.92 -12.50 82.64
CA GLU R 210 -1.59 -11.35 81.82
C GLU R 210 -0.07 -11.18 81.70
N VAL R 211 0.43 -11.19 80.46
CA VAL R 211 1.83 -10.92 80.16
C VAL R 211 1.89 -9.58 79.42
N GLU R 212 2.68 -8.62 79.93
CA GLU R 212 2.85 -7.34 79.27
C GLU R 212 4.14 -7.32 78.47
N TYR R 213 4.03 -6.89 77.21
CA TYR R 213 5.16 -6.69 76.32
C TYR R 213 5.33 -5.22 76.00
N TYR R 214 6.61 -4.81 75.92
CA TYR R 214 7.05 -3.47 75.57
C TYR R 214 7.66 -3.54 74.18
N ALA R 215 7.10 -2.75 73.25
CA ALA R 215 7.54 -2.72 71.86
C ALA R 215 8.30 -1.42 71.61
N TYR R 216 9.58 -1.55 71.24
CA TYR R 216 10.46 -0.43 70.96
C TYR R 216 10.56 -0.26 69.44
N VAL R 217 10.21 0.94 68.95
CA VAL R 217 10.18 1.20 67.51
C VAL R 217 11.23 2.26 67.17
N ASN R 218 12.03 2.01 66.13
CA ASN R 218 13.11 2.91 65.72
C ASN R 218 12.60 4.06 64.87
N LYS R 219 11.97 3.71 63.74
CA LYS R 219 11.51 4.68 62.77
C LYS R 219 10.08 4.32 62.40
N THR R 220 9.32 5.30 61.90
CA THR R 220 7.97 5.05 61.42
C THR R 220 8.03 4.05 60.27
N PHE R 221 7.28 2.93 60.40
CA PHE R 221 7.20 1.92 59.36
C PHE R 221 5.82 1.27 59.32
N ALA R 222 5.52 0.61 58.20
CA ALA R 222 4.29 -0.13 58.03
C ALA R 222 4.58 -1.59 57.69
N PHE R 223 3.70 -2.48 58.13
CA PHE R 223 3.73 -3.88 57.74
C PHE R 223 2.32 -4.40 57.48
N THR R 224 2.22 -5.49 56.71
CA THR R 224 0.93 -6.10 56.40
C THR R 224 0.89 -7.55 56.89
N TYR R 225 -0.32 -8.02 57.22
CA TYR R 225 -0.51 -9.40 57.66
C TYR R 225 -1.88 -9.93 57.24
N PRO R 226 -2.05 -11.25 57.05
CA PRO R 226 -3.35 -11.80 56.65
C PRO R 226 -4.36 -11.87 57.80
N VAL R 227 -5.63 -11.55 57.49
CA VAL R 227 -6.72 -11.52 58.45
C VAL R 227 -7.78 -12.58 58.14
N SER R 228 -8.14 -12.75 56.85
CA SER R 228 -8.97 -13.88 56.42
C SER R 228 -8.84 -14.11 54.90
N GLY R 229 -9.29 -15.27 54.43
CA GLY R 229 -9.40 -15.55 53.00
C GLY R 229 -8.06 -15.59 52.27
N PHE R 230 -6.99 -15.91 53.00
CA PHE R 230 -5.63 -15.92 52.46
C PHE R 230 -5.05 -17.34 52.46
N PRO R 231 -5.20 -18.12 51.36
CA PRO R 231 -4.54 -19.43 51.24
C PRO R 231 -3.14 -19.38 50.65
N LEU R 232 -2.70 -18.21 50.17
CA LEU R 232 -1.46 -18.08 49.41
C LEU R 232 -0.24 -17.77 50.29
N ALA R 233 -0.14 -18.42 51.47
CA ALA R 233 0.96 -18.20 52.39
C ALA R 233 2.32 -18.45 51.70
N GLY R 234 3.22 -17.46 51.81
CA GLY R 234 4.51 -17.48 51.13
C GLY R 234 4.65 -16.47 49.98
N SER R 235 3.56 -15.80 49.55
CA SER R 235 3.50 -15.20 48.22
C SER R 235 3.53 -13.66 48.15
N ASP R 236 3.10 -12.95 49.22
CA ASP R 236 2.83 -11.51 49.19
C ASP R 236 1.66 -11.11 48.27
N ILE R 237 0.85 -12.06 47.77
CA ILE R 237 -0.26 -11.70 46.89
C ILE R 237 -1.58 -11.80 47.67
N ALA R 238 -2.36 -10.71 47.70
CA ALA R 238 -3.70 -10.75 48.26
C ALA R 238 -4.68 -11.21 47.20
N PRO R 239 -5.27 -12.43 47.27
CA PRO R 239 -6.23 -12.87 46.27
C PRO R 239 -7.58 -12.16 46.47
N ALA R 240 -8.41 -12.17 45.42
CA ALA R 240 -9.75 -11.63 45.51
C ALA R 240 -10.55 -12.37 46.59
N GLY R 241 -11.19 -11.61 47.50
CA GLY R 241 -11.91 -12.17 48.62
C GLY R 241 -11.03 -12.51 49.84
N SER R 242 -9.81 -11.94 49.90
CA SER R 242 -8.98 -11.96 51.10
C SER R 242 -9.15 -10.64 51.88
N VAL R 243 -8.69 -10.63 53.14
CA VAL R 243 -8.71 -9.45 54.00
C VAL R 243 -7.31 -9.33 54.62
N ILE R 244 -6.69 -8.14 54.47
CA ILE R 244 -5.31 -7.90 54.85
C ILE R 244 -5.27 -6.80 55.90
N GLY R 245 -4.62 -7.06 57.05
CA GLY R 245 -4.39 -6.02 58.03
C GLY R 245 -3.17 -5.18 57.66
N VAL R 246 -3.30 -3.85 57.77
CA VAL R 246 -2.20 -2.92 57.57
C VAL R 246 -1.96 -2.20 58.90
N MET R 247 -0.73 -2.25 59.40
CA MET R 247 -0.41 -1.60 60.66
C MET R 247 0.79 -0.66 60.47
N ILE R 248 0.62 0.60 60.92
CA ILE R 248 1.66 1.61 60.88
C ILE R 248 2.11 1.86 62.32
N LEU R 249 3.40 1.67 62.59
CA LEU R 249 3.98 1.99 63.90
C LEU R 249 4.78 3.29 63.79
N PHE R 250 4.57 4.23 64.71
CA PHE R 250 5.26 5.51 64.65
C PHE R 250 6.59 5.43 65.40
N GLY R 251 7.65 5.99 64.79
CA GLY R 251 8.94 6.16 65.44
C GLY R 251 9.03 7.47 66.21
N PRO R 252 10.19 7.78 66.85
CA PRO R 252 10.31 8.96 67.72
C PRO R 252 10.11 10.30 67.02
N GLY R 253 10.37 10.36 65.69
CA GLY R 253 10.13 11.54 64.88
C GLY R 253 8.65 11.92 64.81
N GLU R 254 7.82 11.01 64.28
CA GLU R 254 6.40 11.26 64.06
C GLU R 254 5.56 11.13 65.33
N ALA R 255 6.08 10.43 66.35
CA ALA R 255 5.35 10.18 67.59
C ALA R 255 5.19 11.43 68.46
N THR R 256 5.97 12.49 68.22
CA THR R 256 6.36 13.51 69.19
C THR R 256 5.18 14.24 69.87
N ASN R 257 4.08 14.47 69.12
CA ASN R 257 2.80 14.83 69.73
C ASN R 257 1.63 14.33 68.90
N VAL R 258 0.47 14.15 69.56
CA VAL R 258 -0.71 13.49 69.05
C VAL R 258 -1.36 14.29 67.91
N PHE R 259 -2.01 13.60 66.96
CA PHE R 259 -2.78 14.27 65.92
C PHE R 259 -4.07 14.86 66.49
N GLN R 260 -4.23 16.19 66.40
CA GLN R 260 -5.45 16.88 66.82
C GLN R 260 -5.75 18.04 65.88
N TYR R 261 -7.02 18.14 65.44
CA TYR R 261 -7.48 19.22 64.57
C TYR R 261 -6.63 19.26 63.28
N GLU R 262 -6.39 18.07 62.72
CA GLU R 262 -5.44 17.88 61.63
C GLU R 262 -5.96 16.84 60.64
N THR R 263 -5.57 16.96 59.37
CA THR R 263 -5.85 15.93 58.38
C THR R 263 -4.62 15.02 58.25
N VAL R 264 -4.86 13.71 58.31
CA VAL R 264 -3.86 12.69 58.03
C VAL R 264 -4.26 11.93 56.76
N THR R 265 -3.28 11.67 55.87
CA THR R 265 -3.50 10.94 54.63
C THR R 265 -2.52 9.76 54.53
N ILE R 266 -3.04 8.60 54.14
CA ILE R 266 -2.25 7.41 53.85
C ILE R 266 -2.56 6.99 52.41
N GLN R 267 -1.54 6.58 51.65
CA GLN R 267 -1.81 6.04 50.33
C GLN R 267 -1.03 4.75 50.14
N ILE R 268 -1.72 3.70 49.62
CA ILE R 268 -1.09 2.45 49.25
C ILE R 268 -1.05 2.38 47.74
N THR R 269 0.15 2.18 47.17
CA THR R 269 0.33 2.15 45.73
C THR R 269 1.03 0.85 45.30
N PRO R 270 0.27 -0.19 44.91
CA PRO R 270 0.87 -1.40 44.35
C PRO R 270 1.40 -1.18 42.92
N ASN R 271 2.16 -2.14 42.41
CA ASN R 271 2.88 -2.01 41.15
C ASN R 271 1.97 -2.06 39.91
N ILE R 272 0.74 -2.58 40.08
CA ILE R 272 -0.28 -2.65 39.04
C ILE R 272 -1.59 -2.16 39.66
N GLY R 273 -2.38 -1.39 38.89
CA GLY R 273 -3.69 -0.95 39.33
C GLY R 273 -3.66 0.38 40.07
N SER R 274 -4.86 0.88 40.40
CA SER R 274 -5.02 2.19 41.02
C SER R 274 -4.65 2.14 42.51
N PRO R 275 -4.05 3.23 43.06
CA PRO R 275 -3.74 3.28 44.50
C PRO R 275 -4.98 3.56 45.34
N LEU R 276 -4.91 3.14 46.61
CA LEU R 276 -5.95 3.44 47.59
C LEU R 276 -5.50 4.63 48.43
N THR R 277 -6.32 5.70 48.43
CA THR R 277 -6.03 6.91 49.19
C THR R 277 -7.03 7.04 50.36
N ILE R 278 -6.48 7.16 51.57
CA ILE R 278 -7.21 7.20 52.83
C ILE R 278 -6.96 8.56 53.47
N SER R 279 -8.03 9.32 53.82
CA SER R 279 -7.90 10.62 54.47
C SER R 279 -8.89 10.79 55.63
N GLN R 280 -8.40 11.27 56.79
CA GLN R 280 -9.22 11.54 57.95
C GLN R 280 -8.87 12.90 58.56
N TYR R 281 -9.89 13.71 58.88
CA TYR R 281 -9.71 14.79 59.81
C TYR R 281 -9.84 14.24 61.23
N ILE R 282 -8.75 14.33 62.00
CA ILE R 282 -8.67 13.74 63.33
C ILE R 282 -9.00 14.79 64.38
N TYR R 283 -10.16 14.63 65.02
CA TYR R 283 -10.44 15.27 66.30
C TYR R 283 -9.62 14.61 67.41
N GLN R 284 -9.62 15.23 68.60
CA GLN R 284 -8.97 14.69 69.80
C GLN R 284 -9.24 13.19 70.00
N PRO R 285 -8.23 12.36 70.37
CA PRO R 285 -8.45 10.95 70.65
C PRO R 285 -9.11 10.74 72.01
N ASP R 286 -10.04 9.78 72.07
CA ASP R 286 -11.02 9.67 73.16
C ASP R 286 -10.80 8.45 74.07
N GLY R 287 -9.84 7.57 73.72
CA GLY R 287 -9.51 6.37 74.49
C GLY R 287 -8.13 5.81 74.09
N LYS R 288 -7.73 4.70 74.75
CA LYS R 288 -6.47 4.00 74.47
C LYS R 288 -6.33 3.69 72.98
N VAL R 289 -7.44 3.24 72.38
CA VAL R 289 -7.62 3.20 70.93
C VAL R 289 -8.80 4.12 70.61
N THR R 290 -8.71 4.84 69.48
CA THR R 290 -9.78 5.70 69.01
C THR R 290 -10.11 5.37 67.56
N VAL R 291 -11.38 5.45 67.19
CA VAL R 291 -11.83 5.17 65.83
C VAL R 291 -11.83 6.48 65.05
N ILE R 292 -10.96 6.59 64.03
CA ILE R 292 -10.77 7.85 63.32
C ILE R 292 -11.41 7.86 61.94
N GLY R 293 -11.73 6.68 61.38
CA GLY R 293 -12.24 6.59 60.01
C GLY R 293 -13.01 5.31 59.74
N LEU S 1 20.66 -3.14 -21.46
CA LEU S 1 19.38 -2.52 -21.91
C LEU S 1 18.45 -2.24 -20.72
N ALA S 2 17.94 -3.30 -20.05
CA ALA S 2 16.94 -3.16 -19.00
C ALA S 2 17.51 -2.55 -17.71
N GLY S 3 18.84 -2.52 -17.56
CA GLY S 3 19.49 -1.99 -16.37
C GLY S 3 19.46 -0.46 -16.25
N LEU S 4 18.63 0.20 -17.07
CA LEU S 4 18.55 1.66 -17.11
C LEU S 4 17.11 2.17 -17.04
N ASP S 5 16.23 1.67 -17.92
CA ASP S 5 14.83 2.10 -17.95
C ASP S 5 14.14 1.79 -16.61
N THR S 6 14.41 0.61 -16.03
CA THR S 6 13.95 0.21 -14.72
C THR S 6 14.44 1.15 -13.61
N ALA S 7 15.70 1.60 -13.68
CA ALA S 7 16.30 2.48 -12.69
C ALA S 7 15.60 3.86 -12.66
N ILE S 8 15.25 4.38 -13.84
CA ILE S 8 14.54 5.64 -13.99
C ILE S 8 13.15 5.56 -13.33
N ILE S 9 12.41 4.48 -13.58
CA ILE S 9 11.08 4.29 -13.01
C ILE S 9 11.16 4.15 -11.50
N LEU S 10 12.19 3.44 -11.00
CA LEU S 10 12.45 3.33 -9.57
C LEU S 10 12.65 4.72 -8.95
N ILE S 11 13.52 5.57 -9.53
CA ILE S 11 13.73 6.94 -9.09
C ILE S 11 12.40 7.69 -8.96
N ALA S 12 11.57 7.64 -10.01
CA ALA S 12 10.29 8.32 -10.07
C ALA S 12 9.30 7.81 -9.00
N PHE S 13 9.24 6.49 -8.80
CA PHE S 13 8.33 5.88 -7.84
C PHE S 13 8.75 6.21 -6.40
N ILE S 14 10.06 6.27 -6.13
CA ILE S 14 10.59 6.68 -4.83
C ILE S 14 10.13 8.11 -4.54
N ILE S 15 10.37 9.05 -5.48
CA ILE S 15 9.97 10.44 -5.33
C ILE S 15 8.47 10.56 -5.10
N THR S 16 7.66 9.79 -5.84
CA THR S 16 6.21 9.74 -5.70
C THR S 16 5.78 9.34 -4.28
N ALA S 17 6.40 8.27 -3.74
CA ALA S 17 6.15 7.80 -2.38
C ALA S 17 6.61 8.83 -1.33
N ALA S 18 7.79 9.44 -1.54
CA ALA S 18 8.33 10.47 -0.66
C ALA S 18 7.41 11.69 -0.57
N VAL S 19 6.78 12.07 -1.69
CA VAL S 19 5.79 13.15 -1.76
C VAL S 19 4.56 12.82 -0.91
N LEU S 20 4.02 11.59 -1.01
CA LEU S 20 2.92 11.18 -0.15
C LEU S 20 3.34 11.19 1.32
N ALA S 21 4.53 10.65 1.62
CA ALA S 21 5.09 10.64 2.98
C ALA S 21 5.13 12.05 3.57
N TYR S 22 5.69 13.01 2.81
CA TYR S 22 5.80 14.41 3.17
C TYR S 22 4.44 15.00 3.55
N VAL S 23 3.43 14.80 2.70
CA VAL S 23 2.08 15.33 2.88
C VAL S 23 1.40 14.67 4.08
N ALA S 24 1.45 13.33 4.16
CA ALA S 24 0.78 12.57 5.21
C ALA S 24 1.28 12.95 6.61
N VAL S 25 2.61 13.08 6.79
CA VAL S 25 3.19 13.43 8.08
C VAL S 25 2.81 14.86 8.47
N ASN S 26 2.96 15.82 7.55
CA ASN S 26 2.58 17.21 7.78
C ASN S 26 1.11 17.32 8.21
N MET S 27 0.23 16.64 7.47
CA MET S 27 -1.19 16.72 7.73
C MET S 27 -1.60 16.00 9.01
N GLY S 28 -0.91 14.90 9.37
CA GLY S 28 -1.06 14.25 10.67
C GLY S 28 -0.67 15.16 11.83
N LEU S 29 0.47 15.84 11.72
CA LEU S 29 0.91 16.83 12.70
C LEU S 29 -0.15 17.94 12.86
N PHE S 30 -0.67 18.44 11.74
CA PHE S 30 -1.71 19.47 11.74
C PHE S 30 -2.97 18.98 12.46
N VAL S 31 -3.59 17.88 11.99
CA VAL S 31 -4.87 17.40 12.51
C VAL S 31 -4.79 17.01 13.98
N THR S 32 -3.70 16.35 14.40
CA THR S 32 -3.52 15.96 15.80
C THR S 32 -3.44 17.18 16.71
N GLN S 33 -2.87 18.29 16.24
CA GLN S 33 -2.86 19.53 17.01
C GLN S 33 -4.25 20.17 17.09
N LYS S 34 -5.04 20.10 16.01
CA LYS S 34 -6.45 20.53 16.03
C LYS S 34 -7.24 19.71 17.05
N ALA S 35 -6.98 18.39 17.12
CA ALA S 35 -7.56 17.50 18.13
C ALA S 35 -7.16 17.93 19.55
N LYS S 36 -5.85 18.19 19.81
CA LYS S 36 -5.36 18.67 21.09
C LYS S 36 -6.13 19.93 21.53
N THR S 37 -6.21 20.93 20.64
CA THR S 37 -6.90 22.19 20.87
C THR S 37 -8.37 21.95 21.21
N THR S 38 -9.04 21.08 20.45
CA THR S 38 -10.44 20.72 20.65
C THR S 38 -10.67 20.09 22.02
N ILE S 39 -9.81 19.14 22.42
CA ILE S 39 -9.91 18.48 23.72
C ILE S 39 -9.82 19.50 24.85
N ASN S 40 -8.89 20.45 24.75
CA ASN S 40 -8.76 21.55 25.70
C ASN S 40 -10.03 22.40 25.78
N LYS S 41 -10.57 22.81 24.62
CA LYS S 41 -11.79 23.61 24.53
C LYS S 41 -13.01 22.85 25.07
N GLY S 42 -13.07 21.53 24.89
CA GLY S 42 -14.11 20.68 25.46
C GLY S 42 -14.08 20.67 26.99
N GLU S 43 -12.88 20.56 27.58
CA GLU S 43 -12.70 20.58 29.03
C GLU S 43 -13.03 21.97 29.59
N GLU S 44 -12.59 23.05 28.93
CA GLU S 44 -12.95 24.41 29.30
C GLU S 44 -14.47 24.60 29.28
N THR S 45 -15.14 24.08 28.24
CA THR S 45 -16.59 24.17 28.08
C THR S 45 -17.34 23.43 29.20
N ALA S 46 -16.86 22.25 29.59
CA ALA S 46 -17.49 21.46 30.64
C ALA S 46 -17.26 22.04 32.03
N SER S 47 -16.09 22.67 32.25
CA SER S 47 -15.70 23.19 33.56
C SER S 47 -16.29 24.58 33.84
N THR S 48 -16.20 25.51 32.87
CA THR S 48 -16.56 26.92 33.09
C THR S 48 -18.08 27.11 33.22
N ALA S 49 -18.50 27.73 34.34
CA ALA S 49 -19.90 28.05 34.62
C ALA S 49 -20.00 29.11 35.71
N LEU S 50 -21.13 29.83 35.74
CA LEU S 50 -21.46 30.78 36.81
C LEU S 50 -22.61 30.23 37.66
N SER S 51 -22.50 30.40 38.99
CA SER S 51 -23.58 30.17 39.92
C SER S 51 -24.14 31.50 40.42
N LEU S 52 -25.46 31.57 40.58
CA LEU S 52 -26.08 32.61 41.38
C LEU S 52 -25.66 32.40 42.85
N SER S 53 -24.99 33.40 43.44
CA SER S 53 -24.36 33.26 44.75
C SER S 53 -24.80 34.33 45.75
N GLY S 54 -26.03 34.83 45.56
CA GLY S 54 -26.71 35.70 46.51
C GLY S 54 -28.20 35.75 46.19
N ASN S 55 -28.98 36.47 47.00
CA ASN S 55 -30.37 36.71 46.67
C ASN S 55 -30.48 37.71 45.52
N VAL S 56 -31.63 37.70 44.81
CA VAL S 56 -31.94 38.66 43.78
C VAL S 56 -32.80 39.77 44.40
N LEU S 57 -32.31 41.02 44.30
CA LEU S 57 -32.96 42.19 44.87
C LEU S 57 -33.60 43.01 43.76
N TYR S 58 -34.79 43.58 44.04
CA TYR S 58 -35.56 44.34 43.08
C TYR S 58 -36.01 45.65 43.73
N ALA S 59 -35.94 46.78 42.99
CA ALA S 59 -36.23 48.11 43.53
C ALA S 59 -37.28 48.84 42.69
N VAL S 60 -38.22 49.50 43.38
CA VAL S 60 -39.39 50.16 42.77
C VAL S 60 -39.70 51.46 43.53
N ASN S 61 -40.58 52.30 42.95
CA ASN S 61 -41.03 53.55 43.57
C ASN S 61 -42.06 53.30 44.68
N TYR S 62 -41.68 52.46 45.64
CA TYR S 62 -42.51 52.06 46.77
C TYR S 62 -42.86 53.27 47.63
N PRO S 63 -44.09 53.36 48.23
CA PRO S 63 -45.16 52.37 48.08
C PRO S 63 -46.04 52.47 46.84
N THR S 64 -45.84 53.54 46.04
CA THR S 64 -46.73 53.87 44.93
C THR S 64 -46.74 52.79 43.82
N ASN S 65 -45.61 52.09 43.63
CA ASN S 65 -45.48 50.91 42.76
C ASN S 65 -45.89 51.16 41.30
N THR S 66 -45.79 52.40 40.81
CA THR S 66 -46.07 52.71 39.41
C THR S 66 -44.84 52.55 38.52
N LYS S 67 -43.63 52.42 39.09
CA LYS S 67 -42.40 52.48 38.30
C LYS S 67 -41.27 51.60 38.87
N SER S 68 -40.44 51.08 37.97
CA SER S 68 -39.41 50.07 38.27
C SER S 68 -38.01 50.67 38.09
N TYR S 69 -37.09 50.43 39.04
CA TYR S 69 -35.81 51.14 39.09
C TYR S 69 -34.62 50.26 38.69
N TRP S 70 -34.36 49.19 39.46
CA TRP S 70 -33.22 48.32 39.21
C TRP S 70 -33.41 46.92 39.80
N MET S 71 -32.59 45.98 39.31
CA MET S 71 -32.39 44.68 39.93
C MET S 71 -30.91 44.48 40.21
N TYR S 72 -30.60 43.82 41.33
CA TYR S 72 -29.23 43.51 41.71
C TYR S 72 -29.15 42.03 42.09
N PHE S 73 -28.08 41.35 41.67
CA PHE S 73 -27.78 40.00 42.14
C PHE S 73 -26.27 39.76 42.06
N THR S 74 -25.81 38.63 42.61
CA THR S 74 -24.39 38.36 42.74
C THR S 74 -24.09 37.00 42.11
N VAL S 75 -22.95 36.89 41.40
CA VAL S 75 -22.56 35.64 40.75
C VAL S 75 -21.10 35.29 41.07
N SER S 76 -20.76 34.00 40.97
CA SER S 76 -19.40 33.52 41.15
C SER S 76 -19.19 32.26 40.31
N PRO S 77 -17.96 31.96 39.82
CA PRO S 77 -17.70 30.70 39.13
C PRO S 77 -18.07 29.47 39.98
N SER S 78 -18.74 28.50 39.33
CA SER S 78 -19.32 27.33 39.99
C SER S 78 -18.25 26.42 40.59
N SER S 79 -18.42 26.05 41.87
CA SER S 79 -17.65 25.03 42.56
C SER S 79 -16.14 25.32 42.56
N GLY S 80 -15.74 26.58 42.25
CA GLY S 80 -14.35 27.03 42.25
C GLY S 80 -13.44 26.34 41.23
N VAL S 81 -14.00 25.85 40.12
CA VAL S 81 -13.24 24.96 39.22
C VAL S 81 -12.34 25.73 38.24
N SER S 82 -12.84 26.84 37.66
CA SER S 82 -12.11 27.62 36.66
C SER S 82 -12.67 29.03 36.52
N SER S 83 -11.90 29.94 35.88
CA SER S 83 -12.26 31.35 35.70
C SER S 83 -13.27 31.57 34.58
N VAL S 84 -13.96 32.72 34.60
CA VAL S 84 -14.96 33.09 33.59
C VAL S 84 -14.63 34.47 33.01
N ASP S 85 -14.55 34.58 31.68
CA ASP S 85 -14.43 35.85 30.98
C ASP S 85 -15.77 36.59 31.01
N LEU S 86 -15.80 37.81 31.58
CA LEU S 86 -17.02 38.60 31.67
C LEU S 86 -16.92 39.90 30.88
N SER S 87 -16.05 39.98 29.85
CA SER S 87 -15.94 41.22 29.10
C SER S 87 -17.24 41.52 28.35
N PRO S 88 -17.79 42.76 28.43
CA PRO S 88 -19.08 43.07 27.81
C PRO S 88 -19.11 43.09 26.28
N SER S 89 -17.93 43.06 25.63
CA SER S 89 -17.90 42.91 24.18
C SER S 89 -18.19 41.46 23.74
N THR S 90 -17.87 40.48 24.62
CA THR S 90 -17.99 39.06 24.29
C THR S 90 -19.23 38.43 24.94
N THR S 91 -19.49 38.79 26.21
CA THR S 91 -20.60 38.24 27.00
C THR S 91 -21.91 38.93 26.63
N ALA S 92 -23.04 38.19 26.68
CA ALA S 92 -24.36 38.80 26.61
C ALA S 92 -25.11 38.62 27.94
N ILE S 93 -25.93 39.61 28.32
CA ILE S 93 -26.93 39.41 29.35
C ILE S 93 -28.29 39.71 28.72
N SER S 94 -29.18 38.72 28.66
CA SER S 94 -30.52 38.92 28.14
C SER S 94 -31.52 39.09 29.28
N PHE S 95 -32.63 39.79 29.00
CA PHE S 95 -33.69 40.01 29.98
C PHE S 95 -35.04 39.83 29.31
N THR S 96 -35.89 38.95 29.86
CA THR S 96 -37.23 38.74 29.31
C THR S 96 -38.29 38.75 30.40
N ALA S 97 -39.44 39.37 30.09
CA ALA S 97 -40.65 39.29 30.90
C ALA S 97 -41.77 38.86 29.96
N ALA S 98 -41.92 37.54 29.80
CA ALA S 98 -42.68 36.89 28.75
C ALA S 98 -44.14 37.36 28.73
N SER S 99 -44.75 37.46 29.92
CA SER S 99 -46.16 37.82 30.12
C SER S 99 -46.52 39.15 29.44
N ARG S 100 -45.60 40.12 29.47
CA ARG S 100 -45.81 41.44 28.88
C ARG S 100 -45.07 41.63 27.54
N GLY S 101 -44.44 40.56 27.02
CA GLY S 101 -43.81 40.58 25.71
C GLY S 101 -42.51 41.38 25.65
N VAL S 102 -41.91 41.69 26.80
CA VAL S 102 -40.59 42.32 26.84
C VAL S 102 -39.53 41.24 26.63
N SER S 103 -38.65 41.46 25.65
CA SER S 103 -37.57 40.54 25.36
C SER S 103 -36.36 41.32 24.82
N LEU S 104 -35.31 41.40 25.64
CA LEU S 104 -34.08 42.08 25.30
C LEU S 104 -32.98 41.04 25.15
N SER S 105 -32.35 41.01 23.97
CA SER S 105 -31.38 39.97 23.65
C SER S 105 -30.01 40.24 24.30
N ASN S 106 -29.62 41.52 24.44
CA ASN S 106 -28.37 41.85 25.11
C ASN S 106 -28.40 43.26 25.70
N ILE S 107 -28.31 43.35 27.04
CA ILE S 107 -28.32 44.62 27.77
C ILE S 107 -26.96 44.91 28.43
N TYR S 108 -25.99 43.98 28.34
CA TYR S 108 -24.71 44.16 29.03
C TYR S 108 -23.83 45.17 28.28
N GLN S 109 -23.30 46.18 28.99
CA GLN S 109 -22.60 47.27 28.34
C GLN S 109 -21.25 47.59 28.99
N PHE S 110 -21.17 47.53 30.33
CA PHE S 110 -20.01 48.07 31.06
C PHE S 110 -19.58 47.14 32.19
N SER S 111 -18.28 47.20 32.52
CA SER S 111 -17.79 46.49 33.69
C SER S 111 -16.75 47.32 34.43
N LEU S 112 -16.87 47.35 35.77
CA LEU S 112 -15.85 47.96 36.61
C LEU S 112 -14.69 47.01 36.89
N LEU S 113 -14.77 45.75 36.45
CA LEU S 113 -13.63 44.82 36.53
C LEU S 113 -12.43 45.35 35.73
N SER S 114 -12.69 46.14 34.69
CA SER S 114 -11.72 46.80 33.83
C SER S 114 -10.95 47.94 34.54
N VAL S 115 -11.45 48.41 35.69
CA VAL S 115 -11.08 49.71 36.23
C VAL S 115 -10.17 49.56 37.46
N LEU S 116 -9.02 50.25 37.44
CA LEU S 116 -8.11 50.30 38.58
C LEU S 116 -8.61 51.34 39.60
N PRO S 117 -8.44 51.12 40.93
CA PRO S 117 -8.89 52.08 41.95
C PRO S 117 -8.45 53.52 41.74
N SER S 118 -7.22 53.74 41.23
CA SER S 118 -6.68 55.07 40.97
C SER S 118 -7.45 55.86 39.91
N GLN S 119 -8.30 55.18 39.14
CA GLN S 119 -9.10 55.81 38.09
C GLN S 119 -10.41 56.38 38.65
N VAL S 120 -10.80 56.01 39.88
CA VAL S 120 -12.09 56.39 40.45
C VAL S 120 -11.97 57.06 41.82
N ASN S 121 -11.03 56.60 42.66
CA ASN S 121 -10.81 57.18 43.98
C ASN S 121 -10.29 58.61 43.86
N ASN S 122 -10.79 59.50 44.73
CA ASN S 122 -10.44 60.92 44.80
C ASN S 122 -10.81 61.71 43.54
N LYS S 123 -11.74 61.19 42.73
CA LYS S 123 -12.06 61.80 41.43
C LYS S 123 -13.52 62.28 41.32
N VAL S 124 -14.38 61.89 42.27
CA VAL S 124 -15.66 62.54 42.48
C VAL S 124 -15.68 63.14 43.88
N GLN S 125 -16.34 64.31 44.01
CA GLN S 125 -16.22 65.11 45.23
C GLN S 125 -17.55 65.77 45.58
N VAL S 126 -17.73 66.02 46.87
CA VAL S 126 -18.96 66.57 47.44
C VAL S 126 -18.65 67.92 48.05
N LYS S 127 -19.53 68.91 47.80
CA LYS S 127 -19.42 70.24 48.39
C LYS S 127 -20.42 70.37 49.54
N LEU S 128 -19.90 70.66 50.75
CA LEU S 128 -20.71 70.88 51.94
C LEU S 128 -20.38 72.28 52.49
N GLY S 129 -21.19 73.27 52.10
CA GLY S 129 -20.84 74.67 52.29
C GLY S 129 -19.55 75.01 51.53
N THR S 130 -18.59 75.63 52.24
CA THR S 130 -17.28 75.98 51.71
C THR S 130 -16.41 74.73 51.49
N SER S 131 -16.58 73.72 52.36
CA SER S 131 -15.74 72.52 52.39
C SER S 131 -16.01 71.58 51.21
N ILE S 132 -14.94 70.91 50.72
CA ILE S 132 -15.04 69.96 49.62
C ILE S 132 -14.32 68.66 49.99
N ILE S 133 -15.02 67.53 49.80
CA ILE S 133 -14.56 66.21 50.24
C ILE S 133 -14.43 65.27 49.04
N ASN S 134 -13.26 64.66 48.88
CA ASN S 134 -13.05 63.65 47.84
C ASN S 134 -13.54 62.30 48.36
N LEU S 135 -14.23 61.54 47.50
CA LEU S 135 -14.76 60.23 47.86
C LEU S 135 -13.80 59.09 47.50
N THR S 136 -13.79 58.05 48.35
CA THR S 136 -13.19 56.76 48.06
C THR S 136 -14.31 55.78 47.75
N LEU S 137 -14.24 55.10 46.59
CA LEU S 137 -15.33 54.27 46.09
C LEU S 137 -14.89 52.83 45.92
N ALA S 138 -13.70 52.61 45.33
CA ALA S 138 -13.09 51.30 45.24
C ALA S 138 -12.25 51.04 46.49
N PHE S 139 -12.65 50.05 47.29
CA PHE S 139 -11.85 49.63 48.44
C PHE S 139 -10.85 48.56 48.01
N SER S 140 -9.78 48.40 48.80
CA SER S 140 -8.70 47.48 48.45
C SER S 140 -8.03 46.90 49.70
N SER S 141 -7.51 45.67 49.57
CA SER S 141 -6.73 44.99 50.60
C SER S 141 -5.65 44.11 49.95
N ASN S 142 -4.60 43.79 50.73
CA ASN S 142 -3.45 43.03 50.22
C ASN S 142 -3.39 41.65 50.87
N SER S 143 -3.26 40.61 50.03
CA SER S 143 -2.89 39.26 50.46
C SER S 143 -1.87 38.67 49.49
N ALA S 144 -0.79 38.10 50.01
CA ALA S 144 0.25 37.41 49.22
C ALA S 144 0.75 38.25 48.04
N GLY S 145 0.90 39.57 48.25
CA GLY S 145 1.47 40.47 47.25
C GLY S 145 0.51 40.87 46.12
N GLN S 146 -0.75 40.42 46.20
CA GLN S 146 -1.80 40.83 45.28
C GLN S 146 -2.71 41.87 45.94
N THR S 147 -3.13 42.89 45.19
CA THR S 147 -4.14 43.83 45.64
C THR S 147 -5.52 43.38 45.16
N TYR S 148 -6.40 43.05 46.12
CA TYR S 148 -7.80 42.75 45.86
C TYR S 148 -8.57 44.06 45.78
N VAL S 149 -9.61 44.14 44.93
CA VAL S 149 -10.37 45.36 44.70
C VAL S 149 -11.86 45.02 44.74
N TYR S 150 -12.66 45.90 45.37
CA TYR S 150 -14.11 45.70 45.41
C TYR S 150 -14.84 47.01 45.73
N TYR S 151 -16.17 47.00 45.50
CA TYR S 151 -17.07 48.07 45.89
C TYR S 151 -17.96 47.55 47.02
N SER S 152 -18.07 48.33 48.10
CA SER S 152 -18.76 47.88 49.31
C SER S 152 -20.27 47.78 49.09
N ASP S 153 -20.82 48.59 48.19
CA ASP S 153 -22.25 48.62 47.90
C ASP S 153 -22.55 49.01 46.45
N PRO S 154 -23.79 48.80 45.95
CA PRO S 154 -24.19 49.30 44.63
C PRO S 154 -24.09 50.81 44.45
N ASN S 155 -24.23 51.60 45.52
CA ASN S 155 -24.21 53.06 45.44
C ASN S 155 -22.83 53.58 45.02
N TYR S 156 -21.76 53.08 45.68
CA TYR S 156 -20.41 53.43 45.30
C TYR S 156 -20.05 52.89 43.91
N ALA S 157 -20.58 51.71 43.54
CA ALA S 157 -20.40 51.18 42.19
C ALA S 157 -21.05 52.11 41.15
N LEU S 158 -22.28 52.60 41.40
CA LEU S 158 -22.96 53.53 40.51
C LEU S 158 -22.17 54.82 40.31
N LEU S 159 -21.67 55.41 41.40
CA LEU S 159 -20.88 56.65 41.31
C LEU S 159 -19.59 56.42 40.51
N ALA S 160 -18.90 55.31 40.76
CA ALA S 160 -17.69 54.92 40.03
C ALA S 160 -17.98 54.70 38.53
N LEU S 161 -19.12 54.08 38.21
CA LEU S 161 -19.54 53.89 36.83
C LEU S 161 -19.87 55.22 36.17
N ASN S 162 -20.68 56.05 36.84
CA ASN S 162 -21.01 57.37 36.32
C ASN S 162 -19.74 58.11 35.89
N TYR S 163 -18.76 58.21 36.78
CA TYR S 163 -17.50 58.88 36.50
C TYR S 163 -16.78 58.26 35.30
N THR S 164 -16.61 56.93 35.31
CA THR S 164 -15.96 56.17 34.24
C THR S 164 -16.58 56.49 32.88
N LEU S 165 -17.92 56.43 32.78
CA LEU S 165 -18.62 56.69 31.54
C LEU S 165 -18.51 58.16 31.11
N GLY S 166 -18.64 59.11 32.06
CA GLY S 166 -18.42 60.52 31.78
C GLY S 166 -17.02 60.79 31.20
N GLN S 167 -16.02 60.09 31.75
CA GLN S 167 -14.63 60.19 31.30
C GLN S 167 -14.44 59.58 29.90
N GLU S 168 -15.09 58.44 29.62
CA GLU S 168 -15.04 57.81 28.31
C GLU S 168 -15.72 58.66 27.22
N VAL S 169 -16.81 59.36 27.56
CA VAL S 169 -17.45 60.32 26.67
C VAL S 169 -16.52 61.50 26.39
N LYS S 170 -15.90 62.05 27.43
CA LYS S 170 -14.96 63.16 27.33
C LYS S 170 -13.75 62.80 26.47
N GLY S 171 -13.26 61.55 26.58
CA GLY S 171 -12.17 61.03 25.78
C GLY S 171 -12.59 60.58 24.37
N GLY S 172 -13.87 60.70 24.01
CA GLY S 172 -14.38 60.36 22.68
C GLY S 172 -14.49 58.86 22.41
N GLN S 173 -14.28 58.02 23.43
CA GLN S 173 -14.33 56.57 23.31
C GLN S 173 -15.77 56.05 23.29
N LEU S 174 -16.71 56.85 23.80
CA LEU S 174 -18.13 56.51 23.91
C LEU S 174 -18.96 57.70 23.43
N THR S 175 -20.06 57.47 22.70
CA THR S 175 -20.82 58.55 22.08
C THR S 175 -21.65 59.34 23.11
N SER S 176 -22.36 58.61 23.98
CA SER S 176 -23.15 59.15 25.09
C SER S 176 -23.16 58.16 26.24
N SER S 177 -23.21 58.67 27.49
CA SER S 177 -23.45 57.84 28.65
C SER S 177 -24.95 57.58 28.80
N PRO S 178 -25.41 56.32 28.99
CA PRO S 178 -26.81 56.07 29.32
C PRO S 178 -27.18 56.40 30.77
N LEU S 179 -26.17 56.65 31.61
CA LEU S 179 -26.33 56.96 33.02
C LEU S 179 -25.81 58.37 33.31
N TYR S 180 -26.57 59.14 34.09
CA TYR S 180 -26.15 60.47 34.51
C TYR S 180 -26.59 60.72 35.95
N ILE S 181 -25.62 60.90 36.86
CA ILE S 181 -25.89 61.07 38.28
C ILE S 181 -25.55 62.49 38.73
N ILE S 182 -26.49 63.13 39.46
CA ILE S 182 -26.34 64.48 39.99
C ILE S 182 -26.92 64.57 41.42
N SER S 183 -26.41 65.50 42.23
CA SER S 183 -26.96 65.81 43.54
C SER S 183 -27.89 67.03 43.48
N ASN S 184 -27.57 67.93 42.55
CA ASN S 184 -28.29 69.17 42.32
C ASN S 184 -29.41 68.91 41.32
N THR S 185 -30.67 69.09 41.75
CA THR S 185 -31.80 68.93 40.84
C THR S 185 -32.06 70.15 39.97
N SER S 186 -31.53 71.33 40.37
CA SER S 186 -31.75 72.59 39.67
C SER S 186 -31.28 72.55 38.20
N ILE S 187 -30.26 71.72 37.94
CA ILE S 187 -29.61 71.57 36.64
C ILE S 187 -30.60 71.08 35.57
N VAL S 188 -31.58 70.26 35.98
CA VAL S 188 -32.48 69.50 35.11
C VAL S 188 -33.27 70.41 34.17
N ALA S 189 -33.67 71.61 34.62
CA ALA S 189 -34.41 72.57 33.81
C ALA S 189 -33.68 72.95 32.52
N SER S 190 -32.33 72.96 32.57
CA SER S 190 -31.46 73.33 31.47
C SER S 190 -31.11 72.16 30.54
N LYS S 191 -31.53 70.93 30.91
CA LYS S 191 -31.18 69.69 30.24
C LYS S 191 -32.44 68.85 29.97
N PRO S 192 -33.31 69.28 29.02
CA PRO S 192 -34.65 68.70 28.87
C PRO S 192 -34.70 67.22 28.51
N TRP S 193 -33.61 66.66 27.96
CA TRP S 193 -33.52 65.23 27.72
C TRP S 193 -33.60 64.41 29.01
N LEU S 194 -33.22 64.99 30.15
CA LEU S 194 -33.34 64.34 31.46
C LEU S 194 -34.78 64.27 31.98
N LYS S 195 -35.72 65.01 31.37
CA LYS S 195 -37.09 65.11 31.87
C LYS S 195 -37.87 63.80 31.69
N ASN S 196 -37.53 63.03 30.64
CA ASN S 196 -38.39 61.97 30.12
C ASN S 196 -37.83 60.56 30.39
N ASP S 197 -36.53 60.44 30.70
CA ASP S 197 -35.93 59.14 31.00
C ASP S 197 -36.15 58.74 32.47
N ASN S 198 -35.78 57.50 32.83
CA ASN S 198 -36.11 56.93 34.13
C ASN S 198 -35.21 57.52 35.22
N VAL S 199 -35.77 57.85 36.39
CA VAL S 199 -34.99 58.42 37.49
C VAL S 199 -35.29 57.71 38.82
N PHE S 200 -34.21 57.39 39.55
CA PHE S 200 -34.27 56.88 40.91
C PHE S 200 -33.24 57.61 41.77
N THR S 201 -33.36 57.49 43.10
CA THR S 201 -32.42 58.16 44.00
C THR S 201 -31.77 57.19 44.97
N PHE S 202 -30.59 57.60 45.47
CA PHE S 202 -29.89 56.88 46.52
C PHE S 202 -29.12 57.87 47.40
N ASN S 203 -28.81 57.46 48.63
CA ASN S 203 -28.18 58.34 49.61
C ASN S 203 -26.89 57.74 50.14
N ILE S 204 -25.83 58.56 50.22
CA ILE S 204 -24.57 58.20 50.86
C ILE S 204 -24.31 59.17 52.03
N SER S 205 -23.52 58.72 53.02
CA SER S 205 -23.10 59.57 54.13
C SER S 205 -21.69 60.11 53.90
N VAL S 206 -21.57 61.44 53.88
CA VAL S 206 -20.27 62.12 53.71
C VAL S 206 -20.17 63.14 54.84
N ASN S 207 -19.08 63.07 55.61
CA ASN S 207 -18.94 63.96 56.74
C ASN S 207 -20.22 63.88 57.58
N GLY S 208 -20.62 62.64 57.89
CA GLY S 208 -21.79 62.33 58.71
C GLY S 208 -23.12 62.92 58.20
N THR S 209 -23.11 63.51 57.00
CA THR S 209 -24.26 64.18 56.41
C THR S 209 -24.82 63.32 55.27
N GLU S 210 -26.16 63.19 55.22
CA GLU S 210 -26.83 62.50 54.13
C GLU S 210 -26.78 63.34 52.85
N VAL S 211 -26.21 62.75 51.78
CA VAL S 211 -26.19 63.34 50.45
C VAL S 211 -27.09 62.48 49.56
N GLU S 212 -28.09 63.10 48.92
CA GLU S 212 -28.96 62.40 47.99
C GLU S 212 -28.51 62.63 46.56
N TYR S 213 -28.40 61.54 45.80
CA TYR S 213 -28.08 61.54 44.39
C TYR S 213 -29.28 61.03 43.58
N TYR S 214 -29.48 61.67 42.43
CA TYR S 214 -30.51 61.35 41.45
C TYR S 214 -29.81 60.74 40.24
N ALA S 215 -30.19 59.50 39.91
CA ALA S 215 -29.60 58.75 38.80
C ALA S 215 -30.59 58.71 37.64
N TYR S 216 -30.20 59.30 36.49
CA TYR S 216 -31.00 59.35 35.28
C TYR S 216 -30.53 58.26 34.33
N VAL S 217 -31.43 57.37 33.92
CA VAL S 217 -31.07 56.24 33.08
C VAL S 217 -31.79 56.38 31.73
N ASN S 218 -31.06 56.19 30.62
CA ASN S 218 -31.59 56.34 29.29
C ASN S 218 -32.33 55.10 28.82
N LYS S 219 -31.61 53.97 28.80
CA LYS S 219 -32.13 52.72 28.29
C LYS S 219 -31.79 51.63 29.31
N THR S 220 -32.55 50.53 29.29
CA THR S 220 -32.26 49.40 30.15
C THR S 220 -30.87 48.86 29.82
N PHE S 221 -30.00 48.77 30.83
CA PHE S 221 -28.66 48.22 30.66
C PHE S 221 -28.19 47.50 31.92
N ALA S 222 -27.16 46.67 31.76
CA ALA S 222 -26.54 45.96 32.86
C ALA S 222 -25.06 46.28 32.93
N PHE S 223 -24.52 46.28 34.16
CA PHE S 223 -23.08 46.37 34.38
C PHE S 223 -22.65 45.43 35.50
N THR S 224 -21.36 45.10 35.52
CA THR S 224 -20.80 44.21 36.55
C THR S 224 -19.70 44.92 37.33
N TYR S 225 -19.52 44.52 38.60
CA TYR S 225 -18.48 45.09 39.45
C TYR S 225 -17.98 44.05 40.45
N PRO S 226 -16.71 44.15 40.92
CA PRO S 226 -16.17 43.18 41.88
C PRO S 226 -16.69 43.40 43.30
N VAL S 227 -16.97 42.28 44.00
CA VAL S 227 -17.51 42.29 45.35
C VAL S 227 -16.53 41.67 46.36
N SER S 228 -15.87 40.55 45.99
CA SER S 228 -14.76 40.00 46.76
C SER S 228 -13.92 39.04 45.91
N GLY S 229 -12.70 38.72 46.39
CA GLY S 229 -11.87 37.68 45.78
C GLY S 229 -11.41 38.01 44.37
N PHE S 230 -11.31 39.31 44.05
CA PHE S 230 -10.95 39.77 42.72
C PHE S 230 -9.60 40.52 42.75
N PRO S 231 -8.46 39.83 42.52
CA PRO S 231 -7.16 40.49 42.39
C PRO S 231 -6.80 40.94 40.98
N LEU S 232 -7.63 40.57 39.98
CA LEU S 232 -7.31 40.76 38.57
C LEU S 232 -7.82 42.09 38.02
N ALA S 233 -7.72 43.19 38.80
CA ALA S 233 -8.19 44.50 38.39
C ALA S 233 -7.54 44.92 37.05
N GLY S 234 -8.39 45.31 36.08
CA GLY S 234 -7.97 45.64 34.74
C GLY S 234 -8.39 44.63 33.67
N SER S 235 -8.92 43.45 34.04
CA SER S 235 -8.92 42.28 33.14
C SER S 235 -10.29 41.84 32.58
N ASP S 236 -11.40 42.16 33.25
CA ASP S 236 -12.73 41.60 32.97
C ASP S 236 -12.82 40.07 33.22
N ILE S 237 -11.85 39.44 33.88
CA ILE S 237 -11.92 38.00 34.15
C ILE S 237 -12.28 37.77 35.61
N ALA S 238 -13.35 37.02 35.86
CA ALA S 238 -13.69 36.59 37.21
C ALA S 238 -12.93 35.30 37.53
N PRO S 239 -11.92 35.31 38.44
CA PRO S 239 -11.20 34.08 38.78
C PRO S 239 -12.05 33.19 39.68
N ALA S 240 -11.70 31.91 39.74
CA ALA S 240 -12.36 30.97 40.64
C ALA S 240 -12.22 31.44 42.09
N GLY S 241 -13.34 31.51 42.82
CA GLY S 241 -13.38 32.02 44.19
C GLY S 241 -13.49 33.54 44.29
N SER S 242 -13.90 34.21 43.19
CA SER S 242 -14.31 35.62 43.21
C SER S 242 -15.82 35.73 43.33
N VAL S 243 -16.31 36.93 43.67
CA VAL S 243 -17.74 37.25 43.76
C VAL S 243 -17.98 38.55 42.98
N ILE S 244 -18.92 38.52 42.03
CA ILE S 244 -19.16 39.61 41.09
C ILE S 244 -20.59 40.11 41.27
N GLY S 245 -20.76 41.42 41.48
CA GLY S 245 -22.09 42.01 41.50
C GLY S 245 -22.57 42.29 40.08
N VAL S 246 -23.83 41.94 39.79
CA VAL S 246 -24.48 42.24 38.52
C VAL S 246 -25.65 43.18 38.83
N MET S 247 -25.69 44.34 38.17
CA MET S 247 -26.78 45.28 38.39
C MET S 247 -27.42 45.65 37.06
N ILE S 248 -28.76 45.55 37.01
CA ILE S 248 -29.57 45.91 35.86
C ILE S 248 -30.33 47.17 36.22
N LEU S 249 -30.15 48.25 35.43
CA LEU S 249 -30.92 49.48 35.60
C LEU S 249 -31.97 49.56 34.49
N PHE S 250 -33.22 49.85 34.84
CA PHE S 250 -34.29 49.92 33.84
C PHE S 250 -34.40 51.32 33.26
N GLY S 251 -34.53 51.40 31.92
CA GLY S 251 -34.82 52.64 31.24
C GLY S 251 -36.33 52.92 31.15
N PRO S 252 -36.76 54.03 30.51
CA PRO S 252 -38.17 54.43 30.48
C PRO S 252 -39.11 53.44 29.80
N GLY S 253 -38.60 52.63 28.87
CA GLY S 253 -39.36 51.57 28.21
C GLY S 253 -39.81 50.48 29.19
N GLU S 254 -38.85 49.82 29.84
CA GLU S 254 -39.12 48.68 30.71
C GLU S 254 -39.62 49.11 32.10
N ALA S 255 -39.36 50.37 32.50
CA ALA S 255 -39.72 50.88 33.82
C ALA S 255 -41.22 51.09 34.00
N THR S 256 -42.00 51.12 32.91
CA THR S 256 -43.29 51.80 32.80
C THR S 256 -44.34 51.36 33.83
N ASN S 257 -44.36 50.07 34.20
CA ASN S 257 -45.07 49.60 35.38
C ASN S 257 -44.39 48.38 36.00
N VAL S 258 -44.63 48.18 37.30
CA VAL S 258 -43.93 47.22 38.16
C VAL S 258 -44.24 45.78 37.75
N PHE S 259 -43.29 44.85 37.97
CA PHE S 259 -43.54 43.43 37.76
C PHE S 259 -44.44 42.89 38.87
N GLN S 260 -45.62 42.36 38.50
CA GLN S 260 -46.54 41.72 39.43
C GLN S 260 -47.23 40.53 38.76
N TYR S 261 -47.27 39.38 39.46
CA TYR S 261 -47.94 38.17 38.97
C TYR S 261 -47.36 37.76 37.61
N GLU S 262 -46.02 37.82 37.51
CA GLU S 262 -45.30 37.69 36.26
C GLU S 262 -44.00 36.91 36.47
N THR S 263 -43.55 36.19 35.43
CA THR S 263 -42.23 35.58 35.44
C THR S 263 -41.23 36.49 34.74
N VAL S 264 -40.09 36.73 35.40
CA VAL S 264 -38.95 37.43 34.82
C VAL S 264 -37.78 36.44 34.68
N THR S 265 -37.08 36.50 33.54
CA THR S 265 -35.93 35.64 33.27
C THR S 265 -34.73 36.49 32.85
N ILE S 266 -33.56 36.19 33.43
CA ILE S 266 -32.28 36.79 33.07
C ILE S 266 -31.35 35.66 32.67
N GLN S 267 -30.56 35.86 31.61
CA GLN S 267 -29.54 34.86 31.26
C GLN S 267 -28.21 35.56 31.00
N ILE S 268 -27.14 35.02 31.59
CA ILE S 268 -25.78 35.48 31.32
C ILE S 268 -25.08 34.42 30.49
N THR S 269 -24.54 34.82 29.32
CA THR S 269 -23.91 33.89 28.40
C THR S 269 -22.49 34.37 28.08
N PRO S 270 -21.45 33.87 28.80
CA PRO S 270 -20.06 34.17 28.43
C PRO S 270 -19.63 33.40 27.16
N ASN S 271 -18.46 33.77 26.63
CA ASN S 271 -17.99 33.28 25.34
C ASN S 271 -17.52 31.81 25.38
N ILE S 272 -17.25 31.29 26.59
CA ILE S 272 -16.85 29.90 26.82
C ILE S 272 -17.69 29.40 28.00
N GLY S 273 -18.14 28.14 27.94
CA GLY S 273 -18.86 27.51 29.03
C GLY S 273 -20.36 27.72 28.97
N SER S 274 -21.08 27.07 29.91
CA SER S 274 -22.53 27.07 29.92
C SER S 274 -23.07 28.39 30.48
N PRO S 275 -24.22 28.90 29.94
CA PRO S 275 -24.83 30.12 30.48
C PRO S 275 -25.56 29.89 31.80
N LEU S 276 -25.70 30.96 32.58
CA LEU S 276 -26.47 30.93 33.81
C LEU S 276 -27.85 31.52 33.53
N THR S 277 -28.90 30.72 33.80
CA THR S 277 -30.29 31.14 33.60
C THR S 277 -30.98 31.32 34.94
N ILE S 278 -31.54 32.52 35.14
CA ILE S 278 -32.17 32.96 36.39
C ILE S 278 -33.65 33.23 36.08
N SER S 279 -34.58 32.60 36.84
CA SER S 279 -36.02 32.82 36.66
C SER S 279 -36.75 32.99 38.00
N GLN S 280 -37.61 34.02 38.10
CA GLN S 280 -38.42 34.27 39.28
C GLN S 280 -39.87 34.58 38.88
N TYR S 281 -40.83 33.95 39.57
CA TYR S 281 -42.19 34.47 39.57
C TYR S 281 -42.28 35.56 40.63
N ILE S 282 -42.58 36.78 40.18
CA ILE S 282 -42.59 37.95 41.05
C ILE S 282 -44.00 38.24 41.53
N TYR S 283 -44.24 38.01 42.82
CA TYR S 283 -45.38 38.60 43.53
C TYR S 283 -45.15 40.10 43.72
N GLN S 284 -46.21 40.81 44.16
CA GLN S 284 -46.16 42.23 44.49
C GLN S 284 -44.91 42.59 45.32
N PRO S 285 -44.21 43.72 45.02
CA PRO S 285 -43.07 44.17 45.82
C PRO S 285 -43.51 44.79 47.14
N ASP S 286 -42.75 44.49 48.22
CA ASP S 286 -43.21 44.70 49.59
C ASP S 286 -42.46 45.82 50.33
N GLY S 287 -41.42 46.41 49.70
CA GLY S 287 -40.63 47.49 50.26
C GLY S 287 -39.81 48.23 49.18
N LYS S 288 -39.04 49.24 49.60
CA LYS S 288 -38.17 50.02 48.72
C LYS S 288 -37.25 49.11 47.90
N VAL S 289 -36.71 48.08 48.57
CA VAL S 289 -36.09 46.93 47.93
C VAL S 289 -36.91 45.70 48.35
N THR S 290 -37.07 44.75 47.43
CA THR S 290 -37.77 43.50 47.70
C THR S 290 -36.90 42.32 47.28
N VAL S 291 -36.96 41.22 48.02
CA VAL S 291 -36.18 40.04 47.72
C VAL S 291 -37.04 39.12 46.85
N ILE S 292 -36.63 38.89 45.59
CA ILE S 292 -37.46 38.17 44.63
C ILE S 292 -36.96 36.75 44.37
N GLY S 293 -35.70 36.45 44.70
CA GLY S 293 -35.10 35.17 44.36
C GLY S 293 -33.91 34.82 45.25
N LEU T 1 10.73 -0.74 -22.15
CA LEU T 1 10.22 -2.05 -21.61
C LEU T 1 9.39 -1.83 -20.34
N ALA T 2 10.01 -1.39 -19.24
CA ALA T 2 9.35 -1.30 -17.94
C ALA T 2 8.33 -0.16 -17.87
N GLY T 3 8.37 0.78 -18.83
CA GLY T 3 7.46 1.93 -18.85
C GLY T 3 6.03 1.60 -19.26
N LEU T 4 5.68 0.29 -19.30
CA LEU T 4 4.37 -0.17 -19.76
C LEU T 4 3.74 -1.17 -18.78
N ASP T 5 4.47 -2.24 -18.42
CA ASP T 5 3.95 -3.25 -17.50
C ASP T 5 3.60 -2.64 -16.14
N THR T 6 4.46 -1.73 -15.64
CA THR T 6 4.23 -0.96 -14.43
C THR T 6 2.97 -0.09 -14.52
N ALA T 7 2.72 0.53 -15.68
CA ALA T 7 1.57 1.40 -15.89
C ALA T 7 0.25 0.63 -15.79
N ILE T 8 0.22 -0.59 -16.35
CA ILE T 8 -0.93 -1.49 -16.29
C ILE T 8 -1.26 -1.86 -14.85
N ILE T 9 -0.24 -2.24 -14.05
CA ILE T 9 -0.44 -2.61 -12.66
C ILE T 9 -0.94 -1.41 -11.85
N LEU T 10 -0.41 -0.22 -12.13
CA LEU T 10 -0.88 1.02 -11.52
C LEU T 10 -2.37 1.23 -11.79
N ILE T 11 -2.81 1.14 -13.06
CA ILE T 11 -4.21 1.23 -13.44
C ILE T 11 -5.08 0.28 -12.60
N ALA T 12 -4.68 -1.00 -12.53
CA ALA T 12 -5.39 -2.03 -11.79
C ALA T 12 -5.48 -1.74 -10.29
N PHE T 13 -4.37 -1.29 -9.68
CA PHE T 13 -4.30 -1.01 -8.26
C PHE T 13 -5.15 0.23 -7.90
N ILE T 14 -5.19 1.23 -8.79
CA ILE T 14 -6.06 2.41 -8.62
C ILE T 14 -7.52 1.96 -8.59
N ILE T 15 -7.94 1.18 -9.59
CA ILE T 15 -9.32 0.67 -9.68
C ILE T 15 -9.67 -0.15 -8.44
N THR T 16 -8.74 -0.99 -7.96
CA THR T 16 -8.90 -1.80 -6.76
C THR T 16 -9.16 -0.93 -5.52
N ALA T 17 -8.37 0.13 -5.34
CA ALA T 17 -8.53 1.09 -4.25
C ALA T 17 -9.84 1.87 -4.37
N ALA T 18 -10.19 2.30 -5.59
CA ALA T 18 -11.43 3.02 -5.88
C ALA T 18 -12.66 2.18 -5.52
N VAL T 19 -12.62 0.87 -5.79
CA VAL T 19 -13.66 -0.09 -5.43
C VAL T 19 -13.83 -0.17 -3.90
N LEU T 20 -12.73 -0.26 -3.13
CA LEU T 20 -12.83 -0.22 -1.68
C LEU T 20 -13.39 1.12 -1.20
N ALA T 21 -12.93 2.23 -1.78
CA ALA T 21 -13.42 3.57 -1.45
C ALA T 21 -14.93 3.67 -1.63
N TYR T 22 -15.42 3.22 -2.80
CA TYR T 22 -16.84 3.18 -3.16
C TYR T 22 -17.67 2.43 -2.11
N VAL T 23 -17.23 1.22 -1.73
CA VAL T 23 -17.92 0.38 -0.78
C VAL T 23 -17.89 0.99 0.63
N ALA T 24 -16.70 1.42 1.08
CA ALA T 24 -16.51 1.97 2.43
C ALA T 24 -17.39 3.20 2.68
N VAL T 25 -17.45 4.13 1.72
CA VAL T 25 -18.24 5.35 1.85
C VAL T 25 -19.73 5.02 1.89
N ASN T 26 -20.21 4.20 0.94
CA ASN T 26 -21.60 3.74 0.88
C ASN T 26 -22.02 3.11 2.21
N MET T 27 -21.18 2.19 2.71
CA MET T 27 -21.52 1.45 3.92
C MET T 27 -21.43 2.33 5.18
N GLY T 28 -20.53 3.31 5.21
CA GLY T 28 -20.48 4.33 6.25
C GLY T 28 -21.75 5.18 6.29
N LEU T 29 -22.21 5.65 5.12
CA LEU T 29 -23.46 6.38 5.00
C LEU T 29 -24.63 5.53 5.52
N PHE T 30 -24.68 4.25 5.14
CA PHE T 30 -25.70 3.32 5.59
C PHE T 30 -25.70 3.18 7.12
N VAL T 31 -24.57 2.74 7.70
CA VAL T 31 -24.47 2.42 9.12
C VAL T 31 -24.73 3.65 10.00
N THR T 32 -24.19 4.82 9.61
CA THR T 32 -24.39 6.05 10.38
C THR T 32 -25.87 6.45 10.41
N GLN T 33 -26.63 6.18 9.34
CA GLN T 33 -28.06 6.42 9.34
C GLN T 33 -28.82 5.43 10.24
N LYS T 34 -28.39 4.15 10.27
CA LYS T 34 -28.92 3.17 11.22
C LYS T 34 -28.69 3.63 12.66
N ALA T 35 -27.50 4.19 12.95
CA ALA T 35 -27.17 4.79 14.23
C ALA T 35 -28.10 5.97 14.55
N LYS T 36 -28.31 6.91 13.61
CA LYS T 36 -29.23 8.02 13.77
C LYS T 36 -30.63 7.53 14.18
N THR T 37 -31.17 6.57 13.42
CA THR T 37 -32.48 5.97 13.66
C THR T 37 -32.55 5.35 15.05
N THR T 38 -31.51 4.60 15.43
CA THR T 38 -31.41 3.95 16.74
C THR T 38 -31.43 4.97 17.88
N ILE T 39 -30.66 6.06 17.75
CA ILE T 39 -30.60 7.11 18.76
C ILE T 39 -31.98 7.73 18.97
N ASN T 40 -32.71 7.99 17.88
CA ASN T 40 -34.08 8.48 17.94
C ASN T 40 -35.01 7.50 18.67
N LYS T 41 -34.95 6.21 18.30
CA LYS T 41 -35.76 5.16 18.93
C LYS T 41 -35.43 4.98 20.42
N GLY T 42 -34.16 5.16 20.81
CA GLY T 42 -33.73 5.15 22.20
C GLY T 42 -34.35 6.28 23.01
N GLU T 43 -34.37 7.49 22.45
CA GLU T 43 -34.98 8.66 23.10
C GLU T 43 -36.50 8.50 23.20
N GLU T 44 -37.15 8.02 22.13
CA GLU T 44 -38.58 7.69 22.15
C GLU T 44 -38.90 6.67 23.25
N THR T 45 -38.06 5.62 23.38
CA THR T 45 -38.23 4.56 24.37
C THR T 45 -38.10 5.10 25.80
N ALA T 46 -37.14 6.00 26.04
CA ALA T 46 -36.91 6.56 27.37
C ALA T 46 -38.01 7.57 27.75
N SER T 47 -38.55 8.32 26.76
CA SER T 47 -39.52 9.37 27.01
C SER T 47 -40.96 8.84 27.14
N THR T 48 -41.39 7.94 26.24
CA THR T 48 -42.78 7.51 26.16
C THR T 48 -43.16 6.60 27.33
N ALA T 49 -44.23 6.98 28.05
CA ALA T 49 -44.78 6.21 29.18
C ALA T 49 -46.19 6.67 29.50
N LEU T 50 -46.98 5.78 30.14
CA LEU T 50 -48.31 6.10 30.66
C LEU T 50 -48.28 6.14 32.19
N SER T 51 -48.98 7.13 32.77
CA SER T 51 -49.26 7.18 34.19
C SER T 51 -50.72 6.84 34.45
N LEU T 52 -50.98 6.11 35.53
CA LEU T 52 -52.32 6.03 36.09
C LEU T 52 -52.70 7.40 36.64
N SER T 53 -53.78 8.00 36.11
CA SER T 53 -54.12 9.39 36.40
C SER T 53 -55.55 9.56 36.92
N GLY T 54 -56.05 8.52 37.59
CA GLY T 54 -57.30 8.55 38.34
C GLY T 54 -57.36 7.36 39.29
N ASN T 55 -58.42 7.26 40.09
CA ASN T 55 -58.64 6.07 40.90
C ASN T 55 -59.10 4.91 40.02
N VAL T 56 -58.90 3.67 40.51
CA VAL T 56 -59.38 2.47 39.86
C VAL T 56 -60.72 2.09 40.50
N LEU T 57 -61.76 2.00 39.65
CA LEU T 57 -63.13 1.69 40.06
C LEU T 57 -63.47 0.25 39.67
N TYR T 58 -64.23 -0.43 40.55
CA TYR T 58 -64.60 -1.83 40.36
C TYR T 58 -66.09 -1.98 40.61
N ALA T 59 -66.80 -2.78 39.78
CA ALA T 59 -68.25 -2.91 39.86
C ALA T 59 -68.68 -4.38 39.96
N VAL T 60 -69.66 -4.65 40.84
CA VAL T 60 -70.12 -6.00 41.17
C VAL T 60 -71.64 -5.99 41.39
N ASN T 61 -72.24 -7.19 41.47
CA ASN T 61 -73.68 -7.34 41.74
C ASN T 61 -74.02 -7.12 43.21
N TYR T 62 -73.61 -5.97 43.73
CA TYR T 62 -73.81 -5.57 45.12
C TYR T 62 -75.30 -5.48 45.46
N PRO T 63 -75.74 -5.85 46.68
CA PRO T 63 -74.90 -6.37 47.76
C PRO T 63 -74.56 -7.86 47.72
N THR T 64 -75.17 -8.60 46.77
CA THR T 64 -75.10 -10.06 46.74
C THR T 64 -73.68 -10.59 46.51
N ASN T 65 -72.85 -9.83 45.78
CA ASN T 65 -71.42 -10.07 45.60
C ASN T 65 -71.07 -11.45 45.03
N THR T 66 -71.98 -12.07 44.26
CA THR T 66 -71.70 -13.35 43.61
C THR T 66 -71.06 -13.18 42.23
N LYS T 67 -71.07 -11.95 41.66
CA LYS T 67 -70.66 -11.77 40.26
C LYS T 67 -70.00 -10.41 40.01
N SER T 68 -69.07 -10.39 39.05
CA SER T 68 -68.18 -9.27 38.76
C SER T 68 -68.50 -8.67 37.38
N TYR T 69 -68.58 -7.33 37.28
CA TYR T 69 -69.12 -6.67 36.09
C TYR T 69 -68.04 -5.98 35.25
N TRP T 70 -67.37 -4.97 35.83
CA TRP T 70 -66.35 -4.20 35.12
C TRP T 70 -65.36 -3.52 36.05
N MET T 71 -64.22 -3.12 35.47
CA MET T 71 -63.27 -2.21 36.09
C MET T 71 -63.07 -1.00 35.17
N TYR T 72 -62.90 0.18 35.77
CA TYR T 72 -62.64 1.41 35.03
C TYR T 72 -61.45 2.12 35.68
N PHE T 73 -60.55 2.67 34.85
CA PHE T 73 -59.49 3.56 35.33
C PHE T 73 -59.10 4.52 34.21
N THR T 74 -58.26 5.51 34.54
CA THR T 74 -57.92 6.57 33.61
C THR T 74 -56.40 6.67 33.49
N VAL T 75 -55.89 6.89 32.27
CA VAL T 75 -54.44 6.99 32.02
C VAL T 75 -54.12 8.25 31.20
N SER T 76 -52.88 8.73 31.31
CA SER T 76 -52.38 9.85 30.53
C SER T 76 -50.88 9.70 30.33
N PRO T 77 -50.27 10.20 29.23
CA PRO T 77 -48.81 10.20 29.07
C PRO T 77 -48.08 10.90 30.22
N SER T 78 -47.02 10.26 30.71
CA SER T 78 -46.29 10.67 31.91
C SER T 78 -45.60 12.03 31.72
N SER T 79 -45.83 12.95 32.68
CA SER T 79 -45.10 14.21 32.80
C SER T 79 -45.22 15.09 31.55
N GLY T 80 -46.18 14.78 30.65
CA GLY T 80 -46.45 15.54 29.44
C GLY T 80 -45.31 15.56 28.41
N VAL T 81 -44.46 14.52 28.40
CA VAL T 81 -43.22 14.58 27.62
C VAL T 81 -43.41 14.24 26.14
N SER T 82 -44.23 13.22 25.83
CA SER T 82 -44.44 12.75 24.47
C SER T 82 -45.72 11.91 24.34
N SER T 83 -46.20 11.70 23.10
CA SER T 83 -47.44 10.98 22.80
C SER T 83 -47.27 9.45 22.89
N VAL T 84 -48.40 8.73 23.05
CA VAL T 84 -48.41 7.27 23.14
C VAL T 84 -49.39 6.69 22.11
N ASP T 85 -48.93 5.74 21.28
CA ASP T 85 -49.78 4.98 20.37
C ASP T 85 -50.59 3.95 21.18
N LEU T 86 -51.94 4.04 21.10
CA LEU T 86 -52.82 3.13 21.82
C LEU T 86 -53.66 2.26 20.87
N SER T 87 -53.22 2.05 19.61
CA SER T 87 -54.01 1.24 18.71
C SER T 87 -54.11 -0.20 19.19
N PRO T 88 -55.31 -0.82 19.26
CA PRO T 88 -55.46 -2.17 19.80
C PRO T 88 -54.86 -3.30 18.97
N SER T 89 -54.44 -3.03 17.72
CA SER T 89 -53.71 -4.02 16.96
C SER T 89 -52.25 -4.14 17.42
N THR T 90 -51.69 -3.05 17.98
CA THR T 90 -50.28 -2.98 18.37
C THR T 90 -50.10 -3.13 19.89
N THR T 91 -50.98 -2.47 20.67
CA THR T 91 -50.92 -2.45 22.12
C THR T 91 -51.53 -3.74 22.71
N ALA T 92 -50.99 -4.22 23.84
CA ALA T 92 -51.65 -5.26 24.62
C ALA T 92 -52.10 -4.72 25.97
N ILE T 93 -53.23 -5.22 26.48
CA ILE T 93 -53.58 -5.06 27.89
C ILE T 93 -53.73 -6.46 28.47
N SER T 94 -52.90 -6.81 29.46
CA SER T 94 -52.99 -8.09 30.15
C SER T 94 -53.73 -7.94 31.48
N PHE T 95 -54.36 -9.03 31.93
CA PHE T 95 -55.07 -9.05 33.20
C PHE T 95 -54.76 -10.34 33.94
N THR T 96 -54.27 -10.25 35.19
CA THR T 96 -54.00 -11.44 35.99
C THR T 96 -54.56 -11.32 37.40
N ALA T 97 -55.10 -12.43 37.90
CA ALA T 97 -55.49 -12.59 39.29
C ALA T 97 -54.83 -13.88 39.79
N ALA T 98 -53.58 -13.73 40.25
CA ALA T 98 -52.65 -14.82 40.48
C ALA T 98 -53.21 -15.88 41.44
N SER T 99 -53.86 -15.43 42.52
CA SER T 99 -54.40 -16.27 43.59
C SER T 99 -55.35 -17.34 43.05
N ARG T 100 -56.16 -16.99 42.03
CA ARG T 100 -57.12 -17.89 41.42
C ARG T 100 -56.67 -18.45 40.07
N GLY T 101 -55.43 -18.15 39.66
CA GLY T 101 -54.84 -18.72 38.45
C GLY T 101 -55.40 -18.14 37.14
N VAL T 102 -56.11 -17.00 37.22
CA VAL T 102 -56.56 -16.30 36.02
C VAL T 102 -55.38 -15.50 35.45
N SER T 103 -55.09 -15.73 34.17
CA SER T 103 -54.03 -15.01 33.48
C SER T 103 -54.39 -14.84 32.01
N LEU T 104 -54.69 -13.59 31.62
CA LEU T 104 -55.05 -13.24 30.26
C LEU T 104 -53.93 -12.38 29.67
N SER T 105 -53.34 -12.83 28.56
CA SER T 105 -52.19 -12.17 27.99
C SER T 105 -52.55 -10.91 27.21
N ASN T 106 -53.73 -10.90 26.55
CA ASN T 106 -54.19 -9.70 25.86
C ASN T 106 -55.71 -9.65 25.71
N ILE T 107 -56.33 -8.65 26.35
CA ILE T 107 -57.78 -8.45 26.33
C ILE T 107 -58.19 -7.19 25.56
N TYR T 108 -57.22 -6.40 25.09
CA TYR T 108 -57.52 -5.13 24.42
C TYR T 108 -58.04 -5.39 23.00
N GLN T 109 -59.19 -4.80 22.64
CA GLN T 109 -59.84 -5.11 21.37
C GLN T 109 -60.27 -3.86 20.58
N PHE T 110 -60.76 -2.83 21.27
CA PHE T 110 -61.43 -1.71 20.61
C PHE T 110 -61.01 -0.37 21.19
N SER T 111 -61.08 0.68 20.37
CA SER T 111 -60.86 2.04 20.87
C SER T 111 -61.82 3.01 20.20
N LEU T 112 -62.41 3.91 21.01
CA LEU T 112 -63.22 5.00 20.49
C LEU T 112 -62.34 6.19 20.06
N LEU T 113 -61.02 6.15 20.31
CA LEU T 113 -60.11 7.17 19.80
C LEU T 113 -60.14 7.22 18.26
N SER T 114 -60.45 6.08 17.63
CA SER T 114 -60.59 5.89 16.18
C SER T 114 -61.83 6.61 15.61
N VAL T 115 -62.79 7.01 16.45
CA VAL T 115 -64.16 7.29 16.03
C VAL T 115 -64.44 8.80 16.05
N LEU T 116 -64.93 9.34 14.93
CA LEU T 116 -65.36 10.73 14.85
C LEU T 116 -66.77 10.88 15.43
N PRO T 117 -67.11 12.02 16.10
CA PRO T 117 -68.44 12.22 16.68
C PRO T 117 -69.62 11.96 15.74
N SER T 118 -69.48 12.31 14.46
CA SER T 118 -70.52 12.14 13.45
C SER T 118 -70.87 10.66 13.21
N GLN T 119 -70.01 9.73 13.65
CA GLN T 119 -70.24 8.30 13.49
C GLN T 119 -71.13 7.72 14.59
N VAL T 120 -71.33 8.47 15.71
CA VAL T 120 -72.04 7.97 16.87
C VAL T 120 -73.20 8.87 17.30
N ASN T 121 -73.04 10.20 17.19
CA ASN T 121 -74.09 11.14 17.56
C ASN T 121 -75.29 11.02 16.61
N ASN T 122 -76.50 11.09 17.17
CA ASN T 122 -77.78 11.00 16.47
C ASN T 122 -78.01 9.64 15.79
N LYS T 123 -77.29 8.58 16.24
CA LYS T 123 -77.35 7.28 15.58
C LYS T 123 -77.87 6.15 16.47
N VAL T 124 -78.00 6.40 17.78
CA VAL T 124 -78.81 5.56 18.67
C VAL T 124 -79.94 6.42 19.25
N GLN T 125 -81.11 5.80 19.42
CA GLN T 125 -82.32 6.54 19.73
C GLN T 125 -83.21 5.78 20.72
N VAL T 126 -83.98 6.55 21.50
CA VAL T 126 -84.83 6.03 22.56
C VAL T 126 -86.29 6.32 22.20
N LYS T 127 -87.16 5.32 22.40
CA LYS T 127 -88.60 5.47 22.19
C LYS T 127 -89.29 5.64 23.54
N LEU T 128 -90.00 6.78 23.72
CA LEU T 128 -90.78 7.07 24.90
C LEU T 128 -92.23 7.32 24.49
N GLY T 129 -93.06 6.26 24.57
CA GLY T 129 -94.36 6.25 23.93
C GLY T 129 -94.23 6.43 22.41
N THR T 130 -94.98 7.39 21.85
CA THR T 130 -94.94 7.74 20.44
C THR T 130 -93.65 8.46 20.08
N SER T 131 -93.11 9.25 21.02
CA SER T 131 -91.95 10.12 20.79
C SER T 131 -90.64 9.33 20.67
N ILE T 132 -89.73 9.83 19.81
CA ILE T 132 -88.41 9.21 19.60
C ILE T 132 -87.32 10.28 19.69
N ILE T 133 -86.29 10.00 20.51
CA ILE T 133 -85.23 10.96 20.83
C ILE T 133 -83.87 10.41 20.39
N ASN T 134 -83.12 11.20 19.61
CA ASN T 134 -81.77 10.84 19.22
C ASN T 134 -80.81 11.26 20.33
N LEU T 135 -79.84 10.39 20.64
CA LEU T 135 -78.85 10.67 21.69
C LEU T 135 -77.57 11.32 21.13
N THR T 136 -76.99 12.21 21.94
CA THR T 136 -75.64 12.72 21.76
C THR T 136 -74.73 12.04 22.78
N LEU T 137 -73.63 11.42 22.31
CA LEU T 137 -72.79 10.57 23.16
C LEU T 137 -71.36 11.11 23.22
N ALA T 138 -70.81 11.49 22.05
CA ALA T 138 -69.52 12.15 21.96
C ALA T 138 -69.72 13.67 22.08
N PHE T 139 -69.20 14.26 23.17
CA PHE T 139 -69.21 15.71 23.33
C PHE T 139 -67.97 16.31 22.68
N SER T 140 -68.04 17.61 22.35
CA SER T 140 -66.95 18.28 21.65
C SER T 140 -66.88 19.77 22.00
N SER T 141 -65.65 20.32 21.94
CA SER T 141 -65.39 21.75 22.13
C SER T 141 -64.22 22.18 21.24
N ASN T 142 -64.14 23.50 20.97
CA ASN T 142 -63.14 24.06 20.07
C ASN T 142 -62.14 24.93 20.83
N SER T 143 -60.83 24.68 20.63
CA SER T 143 -59.76 25.58 21.03
C SER T 143 -58.72 25.67 19.91
N ALA T 144 -58.31 26.89 19.56
CA ALA T 144 -57.26 27.15 18.56
C ALA T 144 -57.48 26.39 17.25
N GLY T 145 -58.74 26.28 16.81
CA GLY T 145 -59.09 25.68 15.52
C GLY T 145 -59.08 24.16 15.51
N GLN T 146 -58.83 23.53 16.67
CA GLN T 146 -58.93 22.08 16.83
C GLN T 146 -60.23 21.72 17.55
N THR T 147 -60.88 20.63 17.11
CA THR T 147 -62.03 20.08 17.82
C THR T 147 -61.56 18.97 18.77
N TYR T 148 -61.74 19.21 20.07
CA TYR T 148 -61.51 18.20 21.11
C TYR T 148 -62.75 17.31 21.21
N VAL T 149 -62.56 16.01 21.52
CA VAL T 149 -63.65 15.05 21.58
C VAL T 149 -63.51 14.22 22.85
N TYR T 150 -64.64 13.93 23.53
CA TYR T 150 -64.63 13.11 24.72
C TYR T 150 -66.01 12.52 25.02
N TYR T 151 -66.04 11.52 25.91
CA TYR T 151 -67.27 10.96 26.46
C TYR T 151 -67.35 11.35 27.94
N SER T 152 -68.52 11.86 28.35
CA SER T 152 -68.68 12.42 29.68
C SER T 152 -68.65 11.34 30.77
N ASP T 153 -69.06 10.11 30.41
CA ASP T 153 -69.12 9.00 31.35
C ASP T 153 -68.91 7.65 30.65
N PRO T 154 -68.64 6.55 31.40
CA PRO T 154 -68.58 5.21 30.82
C PRO T 154 -69.86 4.75 30.14
N ASN T 155 -71.03 5.23 30.57
CA ASN T 155 -72.32 4.80 30.02
C ASN T 155 -72.47 5.24 28.56
N TYR T 156 -72.19 6.51 28.27
CA TYR T 156 -72.20 7.00 26.90
C TYR T 156 -71.11 6.36 26.04
N ALA T 157 -69.95 6.07 26.65
CA ALA T 157 -68.89 5.33 25.95
C ALA T 157 -69.35 3.92 25.56
N LEU T 158 -70.04 3.21 26.48
CA LEU T 158 -70.58 1.87 26.20
C LEU T 158 -71.58 1.90 25.06
N LEU T 159 -72.52 2.85 25.07
CA LEU T 159 -73.52 2.96 24.01
C LEU T 159 -72.86 3.25 22.65
N ALA T 160 -71.88 4.16 22.63
CA ALA T 160 -71.10 4.49 21.44
C ALA T 160 -70.32 3.28 20.91
N LEU T 161 -69.74 2.49 21.82
CA LEU T 161 -69.03 1.27 21.45
C LEU T 161 -70.00 0.23 20.89
N ASN T 162 -71.12 -0.01 21.60
CA ASN T 162 -72.12 -0.95 21.14
C ASN T 162 -72.48 -0.66 19.67
N TYR T 163 -72.84 0.60 19.37
CA TYR T 163 -73.20 1.02 18.03
C TYR T 163 -72.08 0.76 17.02
N THR T 164 -70.87 1.22 17.36
CA THR T 164 -69.68 1.06 16.52
C THR T 164 -69.45 -0.41 16.15
N LEU T 165 -69.50 -1.31 17.14
CA LEU T 165 -69.30 -2.73 16.91
C LEU T 165 -70.43 -3.35 16.10
N GLY T 166 -71.68 -3.00 16.40
CA GLY T 166 -72.83 -3.42 15.61
C GLY T 166 -72.69 -3.04 14.13
N GLN T 167 -72.19 -1.83 13.88
CA GLN T 167 -71.95 -1.30 12.55
C GLN T 167 -70.81 -2.03 11.84
N GLU T 168 -69.72 -2.36 12.56
CA GLU T 168 -68.60 -3.11 12.02
C GLU T 168 -69.00 -4.55 11.66
N VAL T 169 -69.88 -5.19 12.45
CA VAL T 169 -70.43 -6.49 12.13
C VAL T 169 -71.29 -6.41 10.86
N LYS T 170 -72.17 -5.40 10.78
CA LYS T 170 -73.03 -5.17 9.63
C LYS T 170 -72.22 -4.94 8.35
N GLY T 171 -71.10 -4.22 8.46
CA GLY T 171 -70.18 -3.99 7.36
C GLY T 171 -69.23 -5.15 7.05
N GLY T 172 -69.32 -6.26 7.81
CA GLY T 172 -68.52 -7.45 7.58
C GLY T 172 -67.06 -7.33 8.01
N GLN T 173 -66.70 -6.23 8.70
CA GLN T 173 -65.34 -5.97 9.16
C GLN T 173 -65.01 -6.77 10.42
N LEU T 174 -66.04 -7.20 11.16
CA LEU T 174 -65.92 -7.93 12.42
C LEU T 174 -66.89 -9.12 12.40
N THR T 175 -66.48 -10.29 12.92
CA THR T 175 -67.28 -11.50 12.82
C THR T 175 -68.50 -11.48 13.73
N SER T 176 -68.28 -11.11 15.00
CA SER T 176 -69.30 -10.94 16.03
C SER T 176 -68.89 -9.84 17.00
N SER T 177 -69.87 -9.11 17.55
CA SER T 177 -69.62 -8.19 18.65
C SER T 177 -69.60 -8.97 19.97
N PRO T 178 -68.59 -8.79 20.85
CA PRO T 178 -68.63 -9.37 22.19
C PRO T 178 -69.57 -8.64 23.16
N LEU T 179 -70.03 -7.44 22.74
CA LEU T 179 -70.92 -6.60 23.55
C LEU T 179 -72.26 -6.44 22.83
N TYR T 180 -73.36 -6.56 23.58
CA TYR T 180 -74.70 -6.33 23.04
C TYR T 180 -75.56 -5.63 24.09
N ILE T 181 -76.01 -4.40 23.77
CA ILE T 181 -76.77 -3.57 24.71
C ILE T 181 -78.21 -3.40 24.22
N ILE T 182 -79.18 -3.65 25.13
CA ILE T 182 -80.62 -3.51 24.84
C ILE T 182 -81.34 -2.87 26.03
N SER T 183 -82.47 -2.19 25.77
CA SER T 183 -83.34 -1.67 26.82
C SER T 183 -84.51 -2.62 27.08
N ASN T 184 -84.91 -3.33 26.03
CA ASN T 184 -86.01 -4.28 26.04
C ASN T 184 -85.48 -5.65 26.44
N THR T 185 -85.94 -6.18 27.58
CA THR T 185 -85.53 -7.51 28.01
C THR T 185 -86.32 -8.63 27.32
N SER T 186 -87.49 -8.32 26.73
CA SER T 186 -88.37 -9.31 26.09
C SER T 186 -87.67 -10.06 24.96
N ILE T 187 -86.71 -9.39 24.29
CA ILE T 187 -85.96 -9.88 23.14
C ILE T 187 -85.19 -11.17 23.48
N VAL T 188 -84.71 -11.27 24.73
CA VAL T 188 -83.75 -12.27 25.20
C VAL T 188 -84.26 -13.70 24.99
N ALA T 189 -85.57 -13.93 25.14
CA ALA T 189 -86.18 -15.25 24.95
C ALA T 189 -85.92 -15.82 23.55
N SER T 190 -85.81 -14.94 22.54
CA SER T 190 -85.62 -15.29 21.14
C SER T 190 -84.13 -15.44 20.77
N LYS T 191 -83.22 -15.11 21.69
CA LYS T 191 -81.78 -15.05 21.47
C LYS T 191 -81.05 -15.83 22.57
N PRO T 192 -81.12 -17.18 22.58
CA PRO T 192 -80.67 -17.99 23.72
C PRO T 192 -79.18 -17.88 24.05
N TRP T 193 -78.34 -17.45 23.11
CA TRP T 193 -76.93 -17.19 23.38
C TRP T 193 -76.73 -16.10 24.44
N LEU T 194 -77.70 -15.17 24.57
CA LEU T 194 -77.65 -14.12 25.60
C LEU T 194 -77.97 -14.64 27.01
N LYS T 195 -78.47 -15.87 27.15
CA LYS T 195 -78.90 -16.40 28.44
C LYS T 195 -77.72 -16.68 29.38
N ASN T 196 -76.56 -17.03 28.80
CA ASN T 196 -75.47 -17.67 29.53
C ASN T 196 -74.26 -16.76 29.72
N ASP T 197 -74.13 -15.68 28.93
CA ASP T 197 -73.03 -14.74 29.08
C ASP T 197 -73.30 -13.70 30.18
N ASN T 198 -72.28 -12.87 30.50
CA ASN T 198 -72.34 -11.99 31.66
C ASN T 198 -73.23 -10.78 31.37
N VAL T 199 -74.07 -10.36 32.34
CA VAL T 199 -74.96 -9.22 32.14
C VAL T 199 -74.91 -8.26 33.33
N PHE T 200 -74.81 -6.96 33.01
CA PHE T 200 -74.92 -5.88 33.98
C PHE T 200 -75.83 -4.79 33.41
N THR T 201 -76.28 -3.86 34.27
CA THR T 201 -77.17 -2.80 33.82
C THR T 201 -76.63 -1.41 34.17
N PHE T 202 -77.08 -0.41 33.41
CA PHE T 202 -76.80 0.98 33.69
C PHE T 202 -77.98 1.84 33.25
N ASN T 203 -78.08 3.05 33.82
CA ASN T 203 -79.22 3.93 33.58
C ASN T 203 -78.75 5.30 33.06
N ILE T 204 -79.44 5.81 32.02
CA ILE T 204 -79.25 7.17 31.54
C ILE T 204 -80.57 7.93 31.65
N SER T 205 -80.50 9.27 31.72
CA SER T 205 -81.68 10.12 31.74
C SER T 205 -81.94 10.70 30.35
N VAL T 206 -83.12 10.42 29.78
CA VAL T 206 -83.54 10.93 28.49
C VAL T 206 -84.92 11.56 28.67
N ASN T 207 -85.06 12.83 28.28
CA ASN T 207 -86.33 13.50 28.49
C ASN T 207 -86.73 13.33 29.97
N GLY T 208 -85.77 13.62 30.86
CA GLY T 208 -85.96 13.56 32.30
C GLY T 208 -86.40 12.20 32.85
N THR T 209 -86.45 11.17 31.99
CA THR T 209 -86.93 9.83 32.31
C THR T 209 -85.73 8.88 32.43
N GLU T 210 -85.73 8.03 33.46
CA GLU T 210 -84.71 6.99 33.61
C GLU T 210 -84.93 5.86 32.60
N VAL T 211 -83.91 5.61 31.77
CA VAL T 211 -83.89 4.49 30.83
C VAL T 211 -82.84 3.51 31.32
N GLU T 212 -83.24 2.24 31.52
CA GLU T 212 -82.30 1.20 31.93
C GLU T 212 -81.87 0.38 30.70
N TYR T 213 -80.56 0.19 30.59
CA TYR T 213 -79.95 -0.64 29.57
C TYR T 213 -79.28 -1.86 30.21
N TYR T 214 -79.40 -2.99 29.53
CA TYR T 214 -78.81 -4.27 29.88
C TYR T 214 -77.68 -4.55 28.90
N ALA T 215 -76.46 -4.70 29.42
CA ALA T 215 -75.26 -4.95 28.61
C ALA T 215 -74.84 -6.41 28.76
N TYR T 216 -74.86 -7.14 27.63
CA TYR T 216 -74.49 -8.55 27.57
C TYR T 216 -73.06 -8.65 27.04
N VAL T 217 -72.18 -9.29 27.81
CA VAL T 217 -70.77 -9.39 27.46
C VAL T 217 -70.41 -10.85 27.22
N ASN T 218 -69.71 -11.15 26.12
CA ASN T 218 -69.34 -12.50 25.74
C ASN T 218 -68.10 -12.98 26.48
N LYS T 219 -67.00 -12.24 26.29
CA LYS T 219 -65.71 -12.61 26.83
C LYS T 219 -65.11 -11.37 27.49
N THR T 220 -64.20 -11.58 28.44
CA THR T 220 -63.49 -10.47 29.06
C THR T 220 -62.73 -9.69 28.00
N PHE T 221 -62.98 -8.38 27.91
CA PHE T 221 -62.28 -7.52 26.97
C PHE T 221 -62.10 -6.10 27.53
N ALA T 222 -61.17 -5.36 26.94
CA ALA T 222 -60.92 -3.97 27.31
C ALA T 222 -61.09 -3.07 26.10
N PHE T 223 -61.55 -1.83 26.36
CA PHE T 223 -61.58 -0.78 25.35
C PHE T 223 -61.14 0.54 25.95
N THR T 224 -60.72 1.47 25.08
CA THR T 224 -60.29 2.81 25.50
C THR T 224 -61.15 3.88 24.85
N TYR T 225 -61.29 5.03 25.55
CA TYR T 225 -62.04 6.15 25.02
C TYR T 225 -61.47 7.48 25.53
N PRO T 226 -61.63 8.60 24.78
CA PRO T 226 -61.10 9.88 25.22
C PRO T 226 -61.94 10.54 26.32
N VAL T 227 -61.24 11.16 27.29
CA VAL T 227 -61.86 11.81 28.45
C VAL T 227 -61.61 13.32 28.44
N SER T 228 -60.38 13.76 28.12
CA SER T 228 -60.09 15.18 27.87
C SER T 228 -58.79 15.34 27.08
N GLY T 229 -58.58 16.54 26.51
CA GLY T 229 -57.30 16.90 25.90
C GLY T 229 -56.96 16.08 24.65
N PHE T 230 -57.99 15.57 23.97
CA PHE T 230 -57.83 14.71 22.81
C PHE T 230 -58.38 15.38 21.54
N PRO T 231 -57.54 16.12 20.78
CA PRO T 231 -57.97 16.68 19.49
C PRO T 231 -57.75 15.75 18.29
N LEU T 232 -57.09 14.60 18.51
CA LEU T 232 -56.65 13.72 17.42
C LEU T 232 -57.68 12.65 17.06
N ALA T 233 -58.98 13.00 17.05
CA ALA T 233 -60.03 12.05 16.74
C ALA T 233 -59.80 11.38 15.38
N GLY T 234 -59.84 10.04 15.36
CA GLY T 234 -59.54 9.23 14.19
C GLY T 234 -58.21 8.45 14.27
N SER T 235 -57.37 8.70 15.28
CA SER T 235 -55.94 8.36 15.19
C SER T 235 -55.44 7.19 16.07
N ASP T 236 -56.12 6.88 17.19
CA ASP T 236 -55.62 6.00 18.24
C ASP T 236 -54.36 6.52 18.96
N ILE T 237 -53.97 7.78 18.78
CA ILE T 237 -52.78 8.31 19.45
C ILE T 237 -53.22 9.20 20.62
N ALA T 238 -52.74 8.91 21.83
CA ALA T 238 -52.95 9.79 22.97
C ALA T 238 -51.85 10.85 22.99
N PRO T 239 -52.12 12.15 22.71
CA PRO T 239 -51.08 13.17 22.76
C PRO T 239 -50.73 13.51 24.20
N ALA T 240 -49.56 14.13 24.39
CA ALA T 240 -49.15 14.60 25.71
C ALA T 240 -50.17 15.63 26.23
N GLY T 241 -50.63 15.42 27.48
CA GLY T 241 -51.66 16.26 28.08
C GLY T 241 -53.10 15.87 27.70
N SER T 242 -53.30 14.64 27.19
CA SER T 242 -54.62 14.03 27.05
C SER T 242 -54.92 13.12 28.24
N VAL T 243 -56.19 12.73 28.40
CA VAL T 243 -56.65 11.82 29.43
C VAL T 243 -57.54 10.77 28.75
N ILE T 244 -57.22 9.48 28.97
CA ILE T 244 -57.84 8.36 28.27
C ILE T 244 -58.51 7.44 29.30
N GLY T 245 -59.80 7.15 29.11
CA GLY T 245 -60.48 6.17 29.94
C GLY T 245 -60.19 4.76 29.44
N VAL T 246 -59.88 3.84 30.37
CA VAL T 246 -59.70 2.43 30.08
C VAL T 246 -60.79 1.66 30.82
N MET T 247 -61.57 0.85 30.10
CA MET T 247 -62.62 0.08 30.74
C MET T 247 -62.47 -1.40 30.39
N ILE T 248 -62.49 -2.25 31.42
CA ILE T 248 -62.42 -3.70 31.29
C ILE T 248 -63.79 -4.26 31.64
N LEU T 249 -64.42 -5.00 30.71
CA LEU T 249 -65.68 -5.68 30.98
C LEU T 249 -65.40 -7.16 31.15
N PHE T 250 -65.93 -7.79 32.21
CA PHE T 250 -65.70 -9.21 32.47
C PHE T 250 -66.73 -10.07 31.75
N GLY T 251 -66.26 -11.15 31.10
CA GLY T 251 -67.13 -12.16 30.54
C GLY T 251 -67.50 -13.25 31.54
N PRO T 252 -68.28 -14.28 31.15
CA PRO T 252 -68.78 -15.29 32.09
C PRO T 252 -67.69 -16.12 32.77
N GLY T 253 -66.52 -16.27 32.14
CA GLY T 253 -65.37 -16.96 32.72
C GLY T 253 -64.83 -16.25 33.97
N GLU T 254 -64.40 -14.98 33.80
CA GLU T 254 -63.77 -14.23 34.88
C GLU T 254 -64.77 -13.65 35.87
N ALA T 255 -66.05 -13.52 35.47
CA ALA T 255 -67.10 -12.93 36.29
C ALA T 255 -67.51 -13.79 37.48
N THR T 256 -67.17 -15.09 37.46
CA THR T 256 -67.87 -16.17 38.16
C THR T 256 -68.01 -15.96 39.68
N ASN T 257 -66.99 -15.37 40.33
CA ASN T 257 -67.13 -14.83 41.68
C ASN T 257 -66.20 -13.63 41.91
N VAL T 258 -66.59 -12.78 42.86
CA VAL T 258 -66.01 -11.46 43.11
C VAL T 258 -64.57 -11.59 43.62
N PHE T 259 -63.73 -10.59 43.32
CA PHE T 259 -62.38 -10.51 43.88
C PHE T 259 -62.43 -10.13 45.36
N GLN T 260 -61.92 -11.02 46.24
CA GLN T 260 -61.82 -10.75 47.67
C GLN T 260 -60.54 -11.36 48.23
N TYR T 261 -59.78 -10.58 49.03
CA TYR T 261 -58.56 -11.04 49.68
C TYR T 261 -57.57 -11.55 48.63
N GLU T 262 -57.45 -10.79 47.52
CA GLU T 262 -56.73 -11.21 46.32
C GLU T 262 -55.98 -10.03 45.71
N THR T 263 -54.86 -10.33 45.04
CA THR T 263 -54.18 -9.31 44.24
C THR T 263 -54.61 -9.42 42.78
N VAL T 264 -54.99 -8.29 42.19
CA VAL T 264 -55.26 -8.18 40.76
C VAL T 264 -54.21 -7.27 40.12
N THR T 265 -53.70 -7.68 38.94
CA THR T 265 -52.70 -6.92 38.19
C THR T 265 -53.18 -6.68 36.75
N ILE T 266 -53.03 -5.44 36.28
CA ILE T 266 -53.29 -5.05 34.90
C ILE T 266 -52.01 -4.47 34.34
N GLN T 267 -51.67 -4.79 33.09
CA GLN T 267 -50.53 -4.13 32.46
C GLN T 267 -50.91 -3.66 31.05
N ILE T 268 -50.56 -2.41 30.74
CA ILE T 268 -50.74 -1.87 29.40
C ILE T 268 -49.36 -1.76 28.76
N THR T 269 -49.18 -2.37 27.57
CA THR T 269 -47.89 -2.38 26.90
C THR T 269 -48.06 -1.85 25.47
N PRO T 270 -47.79 -0.54 25.23
CA PRO T 270 -47.77 0.00 23.86
C PRO T 270 -46.52 -0.45 23.11
N ASN T 271 -46.49 -0.20 21.80
CA ASN T 271 -45.46 -0.71 20.89
C ASN T 271 -44.12 0.00 21.04
N ILE T 272 -44.12 1.19 21.67
CA ILE T 272 -42.93 1.98 21.96
C ILE T 272 -43.04 2.45 23.42
N GLY T 273 -41.92 2.43 24.14
CA GLY T 273 -41.87 2.94 25.50
C GLY T 273 -42.18 1.89 26.56
N SER T 274 -42.07 2.29 27.83
CA SER T 274 -42.22 1.38 28.95
C SER T 274 -43.70 1.09 29.23
N PRO T 275 -44.06 -0.15 29.65
CA PRO T 275 -45.44 -0.47 30.00
C PRO T 275 -45.83 0.10 31.36
N LEU T 276 -47.15 0.28 31.54
CA LEU T 276 -47.72 0.71 32.81
C LEU T 276 -48.26 -0.53 33.52
N THR T 277 -47.76 -0.79 34.75
CA THR T 277 -48.19 -1.92 35.55
C THR T 277 -48.98 -1.44 36.76
N ILE T 278 -50.21 -1.96 36.90
CA ILE T 278 -51.19 -1.56 37.92
C ILE T 278 -51.45 -2.79 38.79
N SER T 279 -51.30 -2.67 40.12
CA SER T 279 -51.56 -3.76 41.07
C SER T 279 -52.34 -3.30 42.29
N GLN T 280 -53.39 -4.04 42.66
CA GLN T 280 -54.19 -3.77 43.85
C GLN T 280 -54.45 -5.05 44.64
N TYR T 281 -54.28 -4.99 45.96
CA TYR T 281 -54.87 -5.99 46.84
C TYR T 281 -56.32 -5.56 47.13
N ILE T 282 -57.27 -6.40 46.70
CA ILE T 282 -58.69 -6.08 46.77
C ILE T 282 -59.29 -6.71 48.04
N TYR T 283 -59.64 -5.85 49.00
CA TYR T 283 -60.56 -6.22 50.06
C TYR T 283 -61.99 -6.33 49.48
N GLN T 284 -62.91 -6.85 50.30
CA GLN T 284 -64.34 -6.96 49.96
C GLN T 284 -64.88 -5.66 49.35
N PRO T 285 -65.72 -5.73 48.27
CA PRO T 285 -66.33 -4.53 47.68
C PRO T 285 -67.48 -4.02 48.53
N ASP T 286 -67.58 -2.69 48.63
CA ASP T 286 -68.38 -2.03 49.66
C ASP T 286 -69.63 -1.31 49.12
N GLY T 287 -69.80 -1.26 47.79
CA GLY T 287 -70.93 -0.63 47.11
C GLY T 287 -71.06 -1.10 45.65
N LYS T 288 -72.08 -0.56 44.95
CA LYS T 288 -72.33 -0.87 43.53
C LYS T 288 -71.07 -0.64 42.70
N VAL T 289 -70.37 0.46 42.99
CA VAL T 289 -69.01 0.69 42.55
C VAL T 289 -68.14 0.80 43.82
N THR T 290 -66.91 0.27 43.76
CA THR T 290 -65.97 0.36 44.87
C THR T 290 -64.64 0.91 44.35
N VAL T 291 -63.96 1.71 45.18
CA VAL T 291 -62.67 2.29 44.82
C VAL T 291 -61.58 1.34 45.31
N ILE T 292 -60.82 0.75 44.38
CA ILE T 292 -59.85 -0.28 44.74
C ILE T 292 -58.40 0.21 44.68
N GLY T 293 -58.14 1.33 44.00
CA GLY T 293 -56.79 1.81 43.79
C GLY T 293 -56.71 3.29 43.47
#